data_8ZHJ
#
_entry.id   8ZHJ
#
_cell.length_a   1.00
_cell.length_b   1.00
_cell.length_c   1.00
_cell.angle_alpha   90.00
_cell.angle_beta   90.00
_cell.angle_gamma   90.00
#
_symmetry.space_group_name_H-M   'P 1'
#
loop_
_entity.id
_entity.type
_entity.pdbx_description
1 polymer 'Spike glycoprotein,Fibritin,Expression Tag'
2 polymer 'Light chain of H18 Fab'
3 polymer 'Heavy chain of H18 Fab'
4 branched 2-acetamido-2-deoxy-beta-D-glucopyranose-(1-4)-2-acetamido-2-deoxy-beta-D-glucopyranose
5 non-polymer 2-acetamido-2-deoxy-beta-D-glucopyranose
#
loop_
_entity_poly.entity_id
_entity_poly.type
_entity_poly.pdbx_seq_one_letter_code
_entity_poly.pdbx_strand_id
1 'polypeptide(L)'
;VSSQCVNLTTRTQLPPAYTNSFTRGVYYPDKVFRSSVLHSTQDLFLPFFSNVTWFHAIHVSGTNGTKRFDNPVLPFNDGV
YFASTEKSNIIRGWIFGTTLDSKTQSLLIVNNATNVVIKVCEFQFCNDPFLGVYYHKNNKSWMESEFRVYSSANNCTFEY
VSQPFLMDLEGKQGNFKNLREFVFKNIDGYFKIYSKHTPINLVRDLPQGFSALEPLVDLPIGINITRFQTLLALHRSYLT
PGDSSSGWTAGAAAYYVGYLQPRTFLLKYNENGTITDAVDCALDPLSETKCTLKSFTVEKGIYQTSNFRVQPTESIVRFP
NITNLCPFGEVFNATRFASVYAWNRKRISNCVADYSVLYNSASFSTFKCYGVSPTKLNDLCFTNVYADSFVIRGDEVRQI
APGQTGKIADYNYKLPDDFTGCVIAWNSNNLDSKVGGNYNYLYRLFRKSNLKPFERDISTEIYQAGSTPCNGVEGFNCYF
PLQSYGFQPTNGVGYQPYRVVVLSFELLHAPATVCGPKKSTNLVKNKCVNFNFNGLTGTGVLTESNKKFLPFQQFGRDIA
DTTDAVRDPQTLEILDITPCSFGGVSVITPGTNTSNQVAVLYQDVNCTEVPVAIHADQLTPTWRVYSTGSNVFQTRAGCL
IGAEHVNNSYECDIPIGAGICASYQTQTNSPGSASSVASQSIIAYTMSLGAENSVAYSNNSIAIPTNFTISVTTEILPVS
MTKTSVDCTMYICGDSTECSNLLLQYGSFCTQLNRALTGIAVEQDKNTQEVFAQVKQIYKTPPIKDFGGFNFSQILPDPS
KPSKRSPIEDLLFNKVTLADAGFIKQYGDCLGDIAARDLICAQKFNGLTVLPPLLTDEMIAQYTSALLAGTITSGWTFGA
GPALQIPFPMQMAYRFNGIGVTQNVLYENQKLIANQFNSAIGKIQDSLSSTPSALGKLQDVVNQNAQALNTLVKQLSSNF
GAISSVLNDILSRLDPPEAEVQIDRLITGRLQSLQTYVTQQLIRAAEIRASANLAATKMSECVLGQSKRVDFCGKGYHLM
SFPQSAPHGVVFLHVTYVPAQEKNFTTAPAICHDGKAHFPREGVFVSNGTHWFVTQRNFYEPQIITTDNTFVSGNCDVVI
GIVNNTVYDPLQPELDSFKEELDKYFKNHTSPDVDLGDISGINASVVNIQKEIDRLNEVAKNLNESLIDLQELGKYEQGS
GYIPEAPRDGQAYVRKDGEWVLLSTFLGRSLEVLFQGPGHHHHHHHHSAWSHPQFEKGGGSGGGGSGGSAWSHPQFEK
;
A,B,C,G,H,I
2 'polypeptide(L)'
;MGWSCIILFLVATATGVHSANFMLTQPHSVSESPGKTVTISCTGSSGSIASNYVQWYQQRPGSAPTTVIYEDNQRPSGVP
DRFSGSIDSSSNSASLTISGLKTEDEADYYCQSYDSSNVVFGGGTKLTVLGTKLTVLGQPKAAPSVTLFPPSSEELQANK
ATLVCLISDFYPGAVTVAWKADSSPVKAGVETTTPSKQSNNKYAASSYLSLTPEQWKSHRSYSCQVTHEGSTVEKTVAPT
ECS
;
D,F,K,L,O,Q
3 'polypeptide(L)'
;MGWSLILLFLVAVATRVLSQVQLQESGPGLVKPSETLSLTCTVSGGSVSSGGYFWSWIRQPPGKGLEWIGCIYYSGSTNY
NPSLKSRVTISVDTSKDQFSLKLSSVTAADTAVYYCARQLWLRGRFDYWGQGTLVTVSSASTKGPSVFPLAPSSKSTSGG
TAALGCLVKDYFPEPVTVSWNSGALTSGVHTFPAVLQSSGLYSLSSVVTVPSSSLGTQTYICNVNHKPSNTKVDKKVEPK
SCD
;
E,J,M,N,P,R
#
loop_
_chem_comp.id
_chem_comp.type
_chem_comp.name
_chem_comp.formula
NAG D-saccharide, beta linking 2-acetamido-2-deoxy-beta-D-glucopyranose 'C8 H15 N O6'
#
# COMPACT_ATOMS: atom_id res chain seq x y z
N GLN A 4 27.15 -46.80 -41.06
CA GLN A 4 26.86 -46.38 -42.43
C GLN A 4 26.10 -47.46 -43.18
N CYS A 5 25.45 -47.07 -44.28
CA CYS A 5 24.70 -48.01 -45.11
C CYS A 5 24.84 -47.61 -46.57
N VAL A 6 24.55 -48.58 -47.44
CA VAL A 6 24.60 -48.36 -48.88
C VAL A 6 23.24 -48.72 -49.47
N ASN A 7 22.96 -48.17 -50.65
CA ASN A 7 21.69 -48.40 -51.33
C ASN A 7 21.80 -49.61 -52.27
N LEU A 8 20.65 -50.20 -52.56
CA LEU A 8 20.56 -51.36 -53.43
C LEU A 8 20.19 -50.93 -54.84
N THR A 9 20.33 -51.87 -55.77
CA THR A 9 19.99 -51.66 -57.18
C THR A 9 18.73 -52.46 -57.51
N THR A 10 17.87 -51.87 -58.33
CA THR A 10 16.62 -52.53 -58.69
C THR A 10 16.89 -53.81 -59.49
N ARG A 11 16.03 -54.79 -59.27
CA ARG A 11 16.21 -56.11 -59.87
C ARG A 11 14.85 -56.81 -59.88
N THR A 12 14.83 -58.05 -60.39
CA THR A 12 13.62 -58.84 -60.44
C THR A 12 13.47 -59.61 -59.13
N GLN A 13 12.35 -59.38 -58.44
CA GLN A 13 12.05 -60.03 -57.19
C GLN A 13 10.85 -60.96 -57.35
N LEU A 14 10.41 -61.54 -56.24
CA LEU A 14 9.27 -62.42 -56.23
C LEU A 14 8.16 -61.83 -55.37
N PRO A 15 6.90 -61.94 -55.81
CA PRO A 15 5.80 -61.45 -54.97
C PRO A 15 5.66 -62.28 -53.71
N PRO A 16 5.18 -61.68 -52.62
CA PRO A 16 5.00 -62.46 -51.38
C PRO A 16 3.90 -63.51 -51.52
N ALA A 17 4.10 -64.62 -50.83
CA ALA A 17 3.15 -65.73 -50.85
C ALA A 17 2.31 -65.72 -49.57
N TYR A 18 1.16 -66.39 -49.65
CA TYR A 18 0.23 -66.49 -48.54
C TYR A 18 -0.01 -67.96 -48.24
N THR A 19 0.25 -68.36 -47.00
CA THR A 19 0.08 -69.74 -46.55
C THR A 19 -0.91 -69.78 -45.39
N ASN A 20 -1.20 -70.98 -44.91
CA ASN A 20 -2.19 -71.21 -43.86
C ASN A 20 -1.50 -71.79 -42.64
N SER A 21 -1.83 -71.25 -41.47
CA SER A 21 -1.31 -71.77 -40.21
C SER A 21 -2.10 -72.99 -39.77
N PHE A 22 -1.43 -73.86 -39.00
CA PHE A 22 -2.03 -75.10 -38.51
C PHE A 22 -1.65 -75.27 -37.04
N THR A 23 -2.50 -74.77 -36.15
CA THR A 23 -2.34 -74.85 -34.70
C THR A 23 -0.98 -74.32 -34.25
N ARG A 24 -0.72 -73.07 -34.62
CA ARG A 24 0.53 -72.40 -34.29
C ARG A 24 0.25 -71.07 -33.63
N GLY A 25 1.17 -70.64 -32.76
CA GLY A 25 1.05 -69.36 -32.09
C GLY A 25 0.39 -69.43 -30.74
N VAL A 26 0.70 -70.47 -29.96
CA VAL A 26 0.16 -70.65 -28.63
C VAL A 26 1.30 -70.58 -27.62
N TYR A 27 1.14 -69.73 -26.62
CA TYR A 27 2.16 -69.51 -25.60
C TYR A 27 1.51 -69.49 -24.23
N TYR A 28 2.34 -69.47 -23.20
CA TYR A 28 1.85 -69.40 -21.82
C TYR A 28 1.44 -67.96 -21.51
N PRO A 29 0.19 -67.71 -21.13
CA PRO A 29 -0.26 -66.34 -20.85
C PRO A 29 -0.08 -65.87 -19.41
N ASP A 30 0.44 -66.71 -18.51
CA ASP A 30 0.53 -66.36 -17.11
C ASP A 30 1.67 -67.14 -16.47
N LYS A 31 2.07 -66.71 -15.28
CA LYS A 31 3.25 -67.25 -14.61
C LYS A 31 2.89 -68.21 -13.49
N VAL A 32 1.76 -68.90 -13.61
CA VAL A 32 1.29 -69.82 -12.58
C VAL A 32 1.34 -71.24 -13.14
N PHE A 33 1.27 -72.21 -12.23
CA PHE A 33 1.30 -73.62 -12.59
C PHE A 33 -0.13 -74.15 -12.60
N ARG A 34 -0.51 -74.82 -13.68
CA ARG A 34 -1.83 -75.42 -13.83
C ARG A 34 -1.67 -76.88 -14.23
N SER A 35 -2.37 -77.76 -13.53
CA SER A 35 -2.27 -79.19 -13.77
C SER A 35 -3.66 -79.80 -13.85
N SER A 36 -3.93 -80.51 -14.95
CA SER A 36 -5.18 -81.24 -15.17
C SER A 36 -6.40 -80.31 -15.09
N VAL A 37 -6.27 -79.11 -15.65
CA VAL A 37 -7.36 -78.14 -15.69
C VAL A 37 -7.52 -77.65 -17.12
N LEU A 38 -8.69 -77.05 -17.38
CA LEU A 38 -9.02 -76.45 -18.67
C LEU A 38 -9.43 -75.00 -18.39
N HIS A 39 -8.44 -74.11 -18.40
CA HIS A 39 -8.64 -72.71 -18.05
C HIS A 39 -8.71 -71.85 -19.30
N SER A 40 -9.68 -70.94 -19.32
CA SER A 40 -9.88 -70.02 -20.43
C SER A 40 -9.45 -68.62 -20.01
N THR A 41 -8.68 -67.96 -20.87
CA THR A 41 -8.18 -66.61 -20.59
C THR A 41 -8.36 -65.74 -21.83
N GLN A 42 -8.36 -64.43 -21.60
CA GLN A 42 -8.45 -63.44 -22.67
C GLN A 42 -7.08 -62.83 -22.86
N ASP A 43 -6.45 -63.12 -24.00
CA ASP A 43 -5.11 -62.63 -24.30
C ASP A 43 -4.94 -62.67 -25.82
N LEU A 44 -3.88 -62.01 -26.29
CA LEU A 44 -3.60 -61.88 -27.71
C LEU A 44 -2.91 -63.15 -28.20
N PHE A 45 -3.62 -63.94 -28.99
CA PHE A 45 -3.07 -65.14 -29.61
C PHE A 45 -3.27 -65.08 -31.12
N LEU A 46 -2.66 -66.04 -31.81
CA LEU A 46 -2.87 -66.20 -33.25
C LEU A 46 -4.04 -67.15 -33.48
N PRO A 47 -5.08 -66.75 -34.20
CA PRO A 47 -6.21 -67.65 -34.45
C PRO A 47 -5.78 -68.84 -35.30
N PHE A 48 -6.42 -69.98 -35.06
CA PHE A 48 -6.12 -71.19 -35.80
C PHE A 48 -6.69 -71.11 -37.21
N PHE A 49 -5.93 -71.66 -38.17
CA PHE A 49 -6.28 -71.64 -39.60
C PHE A 49 -6.48 -70.20 -40.09
N SER A 50 -5.67 -69.29 -39.58
CA SER A 50 -5.69 -67.91 -40.02
C SER A 50 -4.80 -67.73 -41.24
N ASN A 51 -4.97 -66.59 -41.91
CA ASN A 51 -4.30 -66.34 -43.18
C ASN A 51 -3.01 -65.56 -42.89
N VAL A 52 -1.88 -66.22 -43.03
CA VAL A 52 -0.59 -65.70 -42.57
C VAL A 52 0.32 -65.47 -43.77
N THR A 53 1.08 -64.38 -43.73
CA THR A 53 1.97 -64.03 -44.83
C THR A 53 3.21 -64.93 -44.83
N TRP A 54 3.82 -65.04 -46.01
CA TRP A 54 5.02 -65.85 -46.21
C TRP A 54 6.03 -65.04 -47.00
N PHE A 55 7.27 -64.98 -46.51
CA PHE A 55 8.36 -64.29 -47.17
C PHE A 55 9.50 -65.26 -47.45
N HIS A 56 10.07 -65.17 -48.64
CA HIS A 56 11.15 -66.05 -49.06
C HIS A 56 12.50 -65.36 -48.93
N ALA A 57 13.55 -66.17 -48.77
CA ALA A 57 14.91 -65.65 -48.67
C ALA A 57 15.91 -66.49 -49.45
N ILE A 58 15.46 -67.44 -50.26
CA ILE A 58 16.36 -68.30 -51.02
C ILE A 58 16.91 -67.52 -52.22
N HIS A 59 18.19 -67.72 -52.52
CA HIS A 59 18.82 -67.03 -53.63
C HIS A 59 18.32 -67.57 -54.96
N VAL A 60 18.51 -68.86 -55.20
CA VAL A 60 18.09 -69.49 -56.45
C VAL A 60 16.58 -69.70 -56.46
N THR A 66 14.95 -65.50 -59.32
CA THR A 66 16.10 -65.61 -58.45
C THR A 66 16.41 -64.27 -57.76
N LYS A 67 17.38 -64.29 -56.85
CA LYS A 67 17.82 -63.11 -56.08
C LYS A 67 16.65 -62.50 -55.31
N ARG A 68 16.10 -63.30 -54.40
CA ARG A 68 14.95 -62.89 -53.60
C ARG A 68 15.43 -62.26 -52.30
N PHE A 69 15.13 -60.97 -52.12
CA PHE A 69 15.46 -60.26 -50.89
C PHE A 69 14.37 -59.22 -50.66
N ASP A 70 13.35 -59.60 -49.88
CA ASP A 70 12.20 -58.75 -49.62
C ASP A 70 12.00 -58.65 -48.11
N ASN A 71 12.39 -57.52 -47.52
CA ASN A 71 12.20 -57.25 -46.10
C ASN A 71 11.53 -55.89 -45.92
N PRO A 72 10.22 -55.80 -46.14
CA PRO A 72 9.52 -54.54 -45.94
C PRO A 72 9.39 -54.20 -44.47
N VAL A 73 9.15 -52.91 -44.20
CA VAL A 73 8.91 -52.45 -42.84
C VAL A 73 7.45 -52.69 -42.50
N LEU A 74 7.15 -53.87 -41.97
CA LEU A 74 5.77 -54.24 -41.66
C LEU A 74 5.30 -53.49 -40.41
N PRO A 75 4.04 -53.05 -40.40
CA PRO A 75 3.52 -52.38 -39.20
C PRO A 75 3.37 -53.36 -38.04
N PHE A 76 3.58 -52.84 -36.83
CA PHE A 76 3.53 -53.64 -35.61
C PHE A 76 2.16 -53.43 -34.96
N ASN A 77 1.33 -54.46 -34.98
CA ASN A 77 0.02 -54.42 -34.36
C ASN A 77 0.12 -54.87 -32.91
N ASP A 78 -1.01 -55.15 -32.27
CA ASP A 78 -1.02 -55.61 -30.89
C ASP A 78 -0.52 -57.05 -30.75
N GLY A 79 0.79 -57.23 -30.93
CA GLY A 79 1.39 -58.55 -30.85
C GLY A 79 1.56 -59.20 -32.21
N VAL A 80 2.74 -59.76 -32.47
CA VAL A 80 3.02 -60.40 -33.73
C VAL A 80 3.52 -61.82 -33.47
N TYR A 81 3.34 -62.69 -34.47
CA TYR A 81 3.83 -64.06 -34.43
C TYR A 81 4.85 -64.23 -35.55
N PHE A 82 6.06 -64.66 -35.19
CA PHE A 82 7.16 -64.80 -36.12
C PHE A 82 7.71 -66.22 -36.03
N ALA A 83 7.56 -66.99 -37.11
CA ALA A 83 8.02 -68.37 -37.16
C ALA A 83 9.06 -68.51 -38.26
N SER A 84 10.18 -69.16 -37.94
CA SER A 84 11.26 -69.36 -38.90
C SER A 84 11.69 -70.82 -38.87
N THR A 85 11.73 -71.43 -40.05
CA THR A 85 12.23 -72.80 -40.21
C THR A 85 13.73 -72.79 -40.53
N GLU A 86 14.47 -72.13 -39.62
CA GLU A 86 15.88 -71.85 -39.85
C GLU A 86 16.72 -73.13 -39.82
N LYS A 87 17.59 -73.28 -40.81
CA LYS A 87 18.50 -74.41 -40.91
C LYS A 87 19.95 -74.00 -40.87
N SER A 88 20.36 -73.05 -41.70
CA SER A 88 21.75 -72.62 -41.81
C SER A 88 22.03 -71.36 -41.01
N ASN A 89 21.09 -70.92 -40.18
CA ASN A 89 21.22 -69.72 -39.34
C ASN A 89 21.47 -68.48 -40.19
N ILE A 90 20.56 -68.24 -41.13
CA ILE A 90 20.67 -67.08 -42.01
C ILE A 90 20.14 -65.83 -41.33
N ILE A 91 18.99 -65.93 -40.67
CA ILE A 91 18.41 -64.79 -39.97
C ILE A 91 19.24 -64.48 -38.73
N ARG A 92 19.30 -63.20 -38.37
CA ARG A 92 20.09 -62.75 -37.23
C ARG A 92 19.24 -62.12 -36.14
N GLY A 93 18.40 -61.15 -36.46
CA GLY A 93 17.63 -60.48 -35.45
C GLY A 93 16.54 -59.58 -36.02
N TRP A 94 16.05 -58.69 -35.18
CA TRP A 94 14.91 -57.84 -35.51
C TRP A 94 15.17 -56.43 -35.00
N ILE A 95 14.46 -55.47 -35.59
CA ILE A 95 14.46 -54.08 -35.14
C ILE A 95 13.02 -53.63 -34.96
N PHE A 96 12.85 -52.61 -34.13
CA PHE A 96 11.54 -52.05 -33.84
C PHE A 96 11.63 -50.53 -33.80
N GLY A 97 10.49 -49.88 -33.90
CA GLY A 97 10.43 -48.43 -33.83
C GLY A 97 9.17 -47.91 -34.49
N THR A 98 9.11 -46.59 -34.59
CA THR A 98 7.97 -45.90 -35.18
C THR A 98 8.34 -45.18 -36.47
N THR A 99 9.35 -44.30 -36.43
CA THR A 99 9.77 -43.56 -37.60
C THR A 99 11.19 -43.88 -38.07
N LEU A 100 12.05 -44.37 -37.18
CA LEU A 100 13.43 -44.79 -37.50
C LEU A 100 14.23 -43.66 -38.15
N ASP A 101 14.16 -42.47 -37.53
CA ASP A 101 14.91 -41.32 -38.03
C ASP A 101 15.60 -40.58 -36.89
N SER A 102 16.05 -41.30 -35.86
CA SER A 102 16.71 -40.74 -34.68
C SER A 102 15.83 -39.71 -33.98
N LYS A 103 14.53 -40.00 -33.93
CA LYS A 103 13.57 -39.14 -33.23
C LYS A 103 12.84 -39.85 -32.10
N THR A 104 12.64 -41.15 -32.20
CA THR A 104 12.00 -41.95 -31.17
C THR A 104 12.94 -43.08 -30.73
N GLN A 105 12.50 -43.83 -29.73
CA GLN A 105 13.31 -44.93 -29.19
C GLN A 105 13.10 -46.17 -30.05
N SER A 106 14.08 -46.47 -30.90
CA SER A 106 14.06 -47.67 -31.71
C SER A 106 14.71 -48.82 -30.93
N LEU A 107 14.63 -50.02 -31.50
CA LEU A 107 15.13 -51.23 -30.85
C LEU A 107 16.12 -51.95 -31.76
N LEU A 108 17.16 -52.50 -31.15
CA LEU A 108 18.10 -53.38 -31.83
C LEU A 108 18.17 -54.70 -31.06
N ILE A 109 17.47 -55.71 -31.56
CA ILE A 109 17.59 -57.08 -31.07
C ILE A 109 18.40 -57.83 -32.11
N VAL A 110 19.70 -57.93 -31.91
CA VAL A 110 20.62 -58.57 -32.85
C VAL A 110 21.33 -59.70 -32.11
N ASN A 111 21.25 -60.91 -32.67
CA ASN A 111 21.87 -62.09 -32.07
C ASN A 111 23.18 -62.33 -32.81
N ASN A 112 24.26 -61.73 -32.31
CA ASN A 112 25.56 -61.86 -32.94
C ASN A 112 26.17 -63.22 -32.64
N ALA A 113 27.27 -63.52 -33.33
CA ALA A 113 27.93 -64.82 -33.18
C ALA A 113 28.59 -64.99 -31.81
N THR A 114 28.86 -63.91 -31.10
CA THR A 114 29.52 -63.98 -29.80
C THR A 114 28.55 -63.82 -28.64
N ASN A 115 27.65 -62.84 -28.70
CA ASN A 115 26.74 -62.58 -27.61
C ASN A 115 25.47 -61.93 -28.15
N VAL A 116 24.44 -61.92 -27.32
CA VAL A 116 23.13 -61.34 -27.65
C VAL A 116 22.97 -60.07 -26.83
N VAL A 117 22.67 -58.96 -27.50
CA VAL A 117 22.48 -57.68 -26.83
C VAL A 117 21.09 -57.16 -27.14
N ILE A 118 20.55 -56.39 -26.19
CA ILE A 118 19.27 -55.72 -26.34
C ILE A 118 19.52 -54.24 -26.10
N LYS A 119 19.59 -53.45 -27.16
CA LYS A 119 19.88 -52.03 -27.08
C LYS A 119 18.70 -51.26 -27.65
N VAL A 120 18.11 -50.39 -26.84
CA VAL A 120 16.90 -49.66 -27.21
C VAL A 120 17.24 -48.17 -27.16
N CYS A 121 17.65 -47.62 -28.30
CA CYS A 121 18.03 -46.21 -28.38
C CYS A 121 17.52 -45.64 -29.70
N GLU A 122 18.04 -44.48 -30.08
CA GLU A 122 17.56 -43.72 -31.23
C GLU A 122 18.49 -43.86 -32.44
N PHE A 123 18.97 -45.07 -32.70
CA PHE A 123 19.92 -45.32 -33.77
C PHE A 123 19.37 -44.90 -35.13
N GLN A 124 20.23 -44.27 -35.93
CA GLN A 124 19.87 -43.81 -37.28
C GLN A 124 19.79 -45.03 -38.20
N PHE A 125 18.56 -45.51 -38.43
CA PHE A 125 18.36 -46.69 -39.25
C PHE A 125 18.30 -46.32 -40.73
N CYS A 126 19.02 -47.08 -41.55
CA CYS A 126 18.99 -46.88 -42.98
C CYS A 126 17.80 -47.62 -43.59
N ASN A 127 17.67 -47.54 -44.91
CA ASN A 127 16.53 -48.15 -45.59
C ASN A 127 16.64 -49.66 -45.71
N ASP A 128 17.82 -50.24 -45.49
CA ASP A 128 17.97 -51.68 -45.54
C ASP A 128 19.15 -52.15 -44.71
N PRO A 129 19.00 -52.22 -43.38
CA PRO A 129 20.10 -52.74 -42.56
C PRO A 129 20.27 -54.23 -42.74
N PHE A 130 21.53 -54.68 -42.72
CA PHE A 130 21.85 -56.08 -42.94
C PHE A 130 23.24 -56.37 -42.38
N LEU A 131 23.56 -57.65 -42.30
CA LEU A 131 24.87 -58.12 -41.88
C LEU A 131 25.55 -58.83 -43.04
N GLY A 132 26.80 -58.49 -43.30
CA GLY A 132 27.55 -59.07 -44.39
C GLY A 132 28.54 -60.10 -43.88
N VAL A 133 28.55 -61.27 -44.53
CA VAL A 133 29.45 -62.37 -44.19
C VAL A 133 30.42 -62.56 -45.33
N TYR A 134 31.72 -62.55 -45.01
CA TYR A 134 32.78 -62.69 -46.00
C TYR A 134 33.46 -64.05 -45.82
N TYR A 135 33.96 -64.59 -46.94
CA TYR A 135 34.64 -65.87 -46.95
C TYR A 135 36.13 -65.62 -47.16
N HIS A 136 36.93 -65.99 -46.15
CA HIS A 136 38.37 -65.79 -46.22
C HIS A 136 39.01 -66.84 -47.14
N LYS A 137 40.05 -66.42 -47.87
CA LYS A 137 40.76 -67.35 -48.73
C LYS A 137 41.63 -68.31 -47.92
N ASN A 138 42.36 -67.79 -46.94
CA ASN A 138 43.24 -68.62 -46.13
C ASN A 138 42.46 -69.48 -45.14
N ASN A 139 41.48 -68.88 -44.47
CA ASN A 139 40.69 -69.57 -43.46
C ASN A 139 39.39 -70.08 -44.09
N LYS A 140 39.14 -71.38 -43.92
CA LYS A 140 37.94 -72.01 -44.48
C LYS A 140 36.78 -71.92 -43.50
N SER A 141 36.43 -70.69 -43.14
CA SER A 141 35.34 -70.42 -42.22
C SER A 141 34.69 -69.11 -42.60
N TRP A 142 33.41 -68.97 -42.25
CA TRP A 142 32.64 -67.77 -42.54
C TRP A 142 32.62 -66.88 -41.31
N MET A 143 32.97 -65.61 -41.50
CA MET A 143 32.93 -64.62 -40.43
C MET A 143 32.22 -63.36 -40.92
N GLU A 144 31.58 -62.66 -39.99
CA GLU A 144 30.84 -61.45 -40.30
C GLU A 144 31.76 -60.24 -40.24
N SER A 145 31.77 -59.45 -41.31
CA SER A 145 32.62 -58.28 -41.42
C SER A 145 31.87 -56.99 -41.65
N GLU A 146 30.81 -57.01 -42.48
CA GLU A 146 30.05 -55.81 -42.80
C GLU A 146 28.96 -55.63 -41.73
N PHE A 147 29.26 -54.82 -40.72
CA PHE A 147 28.32 -54.52 -39.64
C PHE A 147 27.66 -53.17 -39.95
N ARG A 148 26.71 -53.20 -40.86
CA ARG A 148 26.03 -52.00 -41.34
C ARG A 148 24.56 -52.08 -40.88
N VAL A 149 24.31 -51.65 -39.64
CA VAL A 149 22.97 -51.67 -39.08
C VAL A 149 22.48 -50.25 -38.77
N TYR A 150 23.37 -49.38 -38.29
CA TYR A 150 22.99 -48.00 -38.00
C TYR A 150 24.18 -47.08 -38.28
N SER A 151 23.98 -45.79 -38.00
CA SER A 151 25.04 -44.79 -38.08
C SER A 151 25.48 -44.32 -36.70
N SER A 152 24.56 -43.81 -35.88
CA SER A 152 24.90 -43.29 -34.56
C SER A 152 23.62 -43.14 -33.75
N ALA A 153 23.80 -42.89 -32.45
CA ALA A 153 22.69 -42.65 -31.53
C ALA A 153 23.07 -41.53 -30.57
N ASN A 154 22.05 -40.84 -30.05
CA ASN A 154 22.28 -39.69 -29.17
C ASN A 154 22.24 -40.06 -27.70
N ASN A 155 21.10 -40.57 -27.21
CA ASN A 155 20.99 -40.96 -25.81
C ASN A 155 19.87 -41.97 -25.66
N CYS A 156 19.94 -42.74 -24.58
CA CYS A 156 18.95 -43.76 -24.23
C CYS A 156 19.22 -44.24 -22.81
N THR A 157 18.32 -45.08 -22.32
CA THR A 157 18.35 -45.52 -20.92
C THR A 157 18.51 -47.02 -20.77
N PHE A 158 17.74 -47.83 -21.50
CA PHE A 158 17.68 -49.26 -21.27
C PHE A 158 18.77 -49.99 -22.03
N GLU A 159 19.31 -51.04 -21.42
CA GLU A 159 20.32 -51.89 -22.03
C GLU A 159 20.25 -53.27 -21.40
N TYR A 160 20.46 -54.31 -22.21
CA TYR A 160 20.46 -55.67 -21.72
C TYR A 160 21.33 -56.54 -22.61
N VAL A 161 21.98 -57.52 -21.99
CA VAL A 161 22.78 -58.52 -22.68
C VAL A 161 22.27 -59.91 -22.28
N SER A 162 21.92 -60.73 -23.26
CA SER A 162 21.39 -62.06 -23.01
C SER A 162 22.52 -63.07 -22.96
N GLN A 163 22.18 -64.36 -22.93
CA GLN A 163 23.18 -65.41 -22.88
C GLN A 163 23.93 -65.51 -24.21
N PRO A 164 25.22 -65.85 -24.18
CA PRO A 164 26.02 -65.95 -25.43
C PRO A 164 25.69 -67.21 -26.24
N PHE A 165 24.62 -67.13 -27.02
CA PHE A 165 24.24 -68.23 -27.88
C PHE A 165 25.22 -68.35 -29.05
N LEU A 166 25.48 -69.59 -29.46
CA LEU A 166 26.45 -69.87 -30.51
C LEU A 166 25.75 -69.93 -31.86
N MET A 167 26.25 -69.15 -32.82
CA MET A 167 25.77 -69.18 -34.20
C MET A 167 26.78 -69.82 -35.15
N ASP A 168 26.25 -70.55 -36.12
CA ASP A 168 27.00 -71.05 -37.26
C ASP A 168 26.80 -70.10 -38.44
N LEU A 169 27.90 -69.64 -39.02
CA LEU A 169 27.86 -68.65 -40.09
C LEU A 169 27.88 -69.28 -41.47
N GLU A 170 27.83 -70.61 -41.56
CA GLU A 170 27.87 -71.30 -42.84
C GLU A 170 26.46 -71.48 -43.38
N GLY A 171 26.26 -71.09 -44.63
CA GLY A 171 24.96 -71.20 -45.30
C GLY A 171 24.99 -72.30 -46.34
N LYS A 172 23.89 -73.04 -46.43
CA LYS A 172 23.75 -74.15 -47.38
C LYS A 172 22.44 -73.99 -48.14
N GLN A 173 22.18 -74.93 -49.05
CA GLN A 173 20.97 -74.94 -49.85
C GLN A 173 20.12 -76.19 -49.60
N GLY A 174 20.38 -76.90 -48.51
CA GLY A 174 19.67 -78.13 -48.22
C GLY A 174 18.34 -77.91 -47.53
N ASN A 175 17.71 -79.02 -47.16
CA ASN A 175 16.43 -78.98 -46.49
C ASN A 175 16.58 -78.50 -45.05
N PHE A 176 15.49 -77.98 -44.51
CA PHE A 176 15.50 -77.44 -43.15
C PHE A 176 15.45 -78.56 -42.13
N LYS A 177 16.08 -78.32 -40.98
CA LYS A 177 16.12 -79.30 -39.89
C LYS A 177 15.62 -78.76 -38.56
N ASN A 178 15.47 -77.44 -38.41
CA ASN A 178 14.99 -76.85 -37.17
C ASN A 178 13.95 -75.78 -37.47
N LEU A 179 13.06 -75.56 -36.50
CA LEU A 179 12.01 -74.56 -36.61
C LEU A 179 12.02 -73.69 -35.36
N ARG A 180 12.07 -72.38 -35.55
CA ARG A 180 12.09 -71.43 -34.45
C ARG A 180 10.90 -70.48 -34.57
N GLU A 181 10.21 -70.26 -33.46
CA GLU A 181 9.07 -69.36 -33.40
C GLU A 181 9.35 -68.24 -32.41
N PHE A 182 8.85 -67.04 -32.72
CA PHE A 182 9.04 -65.88 -31.86
C PHE A 182 7.75 -65.08 -31.79
N VAL A 183 7.41 -64.63 -30.59
CA VAL A 183 6.22 -63.81 -30.36
C VAL A 183 6.65 -62.55 -29.61
N PHE A 184 6.32 -61.39 -30.17
CA PHE A 184 6.67 -60.11 -29.57
C PHE A 184 5.38 -59.36 -29.23
N LYS A 185 5.27 -58.92 -27.98
CA LYS A 185 4.08 -58.24 -27.49
C LYS A 185 4.47 -56.98 -26.74
N ASN A 186 3.51 -56.05 -26.64
CA ASN A 186 3.73 -54.79 -25.93
C ASN A 186 2.41 -54.40 -25.26
N ILE A 187 2.28 -54.72 -23.98
CA ILE A 187 1.14 -54.31 -23.18
C ILE A 187 1.64 -53.43 -22.04
N ASP A 188 1.05 -52.23 -21.93
CA ASP A 188 1.47 -51.21 -20.94
C ASP A 188 2.96 -50.91 -21.08
N GLY A 189 3.43 -50.86 -22.33
CA GLY A 189 4.83 -50.59 -22.59
C GLY A 189 5.79 -51.67 -22.14
N TYR A 190 5.29 -52.87 -21.86
CA TYR A 190 6.09 -53.96 -21.30
C TYR A 190 6.33 -54.99 -22.38
N PHE A 191 7.60 -55.21 -22.72
CA PHE A 191 7.96 -56.08 -23.83
C PHE A 191 7.91 -57.54 -23.43
N LYS A 192 7.37 -58.38 -24.32
CA LYS A 192 7.25 -59.81 -24.09
C LYS A 192 7.88 -60.55 -25.25
N ILE A 193 8.71 -61.55 -24.94
CA ILE A 193 9.35 -62.40 -25.94
C ILE A 193 9.10 -63.84 -25.57
N TYR A 194 8.53 -64.62 -26.49
CA TYR A 194 8.28 -66.04 -26.30
C TYR A 194 8.92 -66.80 -27.46
N SER A 195 9.65 -67.86 -27.14
CA SER A 195 10.34 -68.63 -28.17
C SER A 195 10.53 -70.07 -27.72
N LYS A 196 10.66 -70.96 -28.71
CA LYS A 196 10.94 -72.36 -28.46
C LYS A 196 11.52 -72.99 -29.71
N HIS A 197 12.62 -73.72 -29.56
CA HIS A 197 13.24 -74.41 -30.68
C HIS A 197 12.64 -75.81 -30.81
N THR A 198 12.11 -76.10 -31.99
CA THR A 198 11.46 -77.39 -32.26
C THR A 198 12.02 -77.98 -33.54
N PRO A 199 12.72 -79.12 -33.48
CA PRO A 199 13.22 -79.75 -34.71
C PRO A 199 12.08 -80.30 -35.56
N ILE A 200 12.27 -80.24 -36.88
CA ILE A 200 11.29 -80.74 -37.83
C ILE A 200 12.01 -80.99 -39.15
N ASN A 201 11.42 -81.82 -40.00
CA ASN A 201 11.96 -82.13 -41.32
C ASN A 201 10.91 -81.74 -42.35
N LEU A 202 10.92 -80.47 -42.76
CA LEU A 202 9.96 -79.96 -43.72
C LEU A 202 10.53 -78.70 -44.36
N VAL A 203 9.96 -78.34 -45.52
CA VAL A 203 10.37 -77.15 -46.23
C VAL A 203 9.28 -76.08 -46.28
N ARG A 204 8.01 -76.47 -46.27
CA ARG A 204 6.90 -75.53 -46.27
C ARG A 204 5.66 -76.26 -45.79
N ASP A 205 4.59 -75.48 -45.58
CA ASP A 205 3.29 -75.99 -45.11
C ASP A 205 3.44 -76.72 -43.77
N LEU A 206 3.79 -75.92 -42.75
CA LEU A 206 4.11 -76.32 -41.38
C LEU A 206 3.15 -77.37 -40.83
N PRO A 207 3.65 -78.34 -40.06
CA PRO A 207 2.81 -79.45 -39.62
C PRO A 207 1.79 -79.00 -38.57
N GLN A 208 0.82 -79.88 -38.34
CA GLN A 208 -0.28 -79.64 -37.40
C GLN A 208 0.09 -79.95 -35.96
N GLY A 209 1.38 -80.07 -35.65
CA GLY A 209 1.78 -80.35 -34.29
C GLY A 209 1.58 -79.16 -33.36
N PHE A 210 1.56 -79.46 -32.07
CA PHE A 210 1.33 -78.45 -31.04
C PHE A 210 2.58 -78.30 -30.19
N SER A 211 2.95 -77.05 -29.92
CA SER A 211 4.12 -76.76 -29.09
C SER A 211 3.93 -75.39 -28.46
N ALA A 212 3.76 -75.36 -27.13
CA ALA A 212 3.63 -74.10 -26.43
C ALA A 212 4.99 -73.39 -26.36
N LEU A 213 4.94 -72.07 -26.24
CA LEU A 213 6.13 -71.24 -26.26
C LEU A 213 6.41 -70.69 -24.86
N GLU A 214 7.64 -70.86 -24.39
CA GLU A 214 8.12 -70.40 -23.09
C GLU A 214 9.00 -69.16 -23.27
N PRO A 215 8.80 -68.13 -22.46
CA PRO A 215 9.61 -66.91 -22.62
C PRO A 215 11.04 -67.12 -22.17
N LEU A 216 11.92 -66.28 -22.73
CA LEU A 216 13.34 -66.27 -22.36
C LEU A 216 13.70 -65.07 -21.50
N VAL A 217 13.35 -63.86 -21.94
CA VAL A 217 13.66 -62.64 -21.22
C VAL A 217 12.42 -61.76 -21.22
N ASP A 218 12.34 -60.86 -20.22
CA ASP A 218 11.16 -60.04 -19.99
C ASP A 218 11.64 -58.62 -19.67
N LEU A 219 11.38 -57.69 -20.58
CA LEU A 219 12.03 -56.38 -20.57
C LEU A 219 11.05 -55.25 -20.35
N PRO A 220 11.20 -54.44 -19.29
CA PRO A 220 10.38 -53.22 -19.06
C PRO A 220 10.93 -51.93 -19.66
N ILE A 221 10.72 -51.73 -20.96
CA ILE A 221 11.19 -50.51 -21.60
C ILE A 221 10.25 -49.34 -21.33
N GLY A 222 9.01 -49.45 -21.79
CA GLY A 222 8.02 -48.40 -21.55
C GLY A 222 7.90 -47.38 -22.66
N ILE A 223 7.86 -47.85 -23.91
CA ILE A 223 7.68 -47.00 -25.08
C ILE A 223 6.56 -47.57 -25.94
N ASN A 224 6.34 -46.94 -27.09
CA ASN A 224 5.32 -47.37 -28.04
C ASN A 224 5.98 -47.90 -29.32
N ILE A 225 5.38 -48.92 -29.91
CA ILE A 225 5.90 -49.56 -31.12
C ILE A 225 4.75 -49.68 -32.12
N THR A 226 4.99 -49.20 -33.34
CA THR A 226 4.00 -49.31 -34.40
C THR A 226 4.54 -49.93 -35.68
N ARG A 227 5.85 -50.15 -35.79
CA ARG A 227 6.45 -50.77 -36.98
C ARG A 227 7.60 -51.67 -36.54
N PHE A 228 7.93 -52.64 -37.40
CA PHE A 228 9.03 -53.54 -37.14
C PHE A 228 9.61 -54.00 -38.48
N GLN A 229 10.85 -54.50 -38.41
CA GLN A 229 11.55 -54.96 -39.60
C GLN A 229 12.54 -56.04 -39.18
N THR A 230 12.76 -57.01 -40.08
CA THR A 230 13.61 -58.15 -39.80
C THR A 230 14.96 -58.00 -40.51
N LEU A 231 15.98 -58.61 -39.93
CA LEU A 231 17.35 -58.53 -40.43
C LEU A 231 17.78 -59.88 -40.98
N LEU A 232 18.35 -59.86 -42.19
CA LEU A 232 18.86 -61.07 -42.84
C LEU A 232 20.32 -60.86 -43.20
N ALA A 233 21.08 -61.95 -43.18
CA ALA A 233 22.51 -61.93 -43.45
C ALA A 233 22.80 -62.66 -44.75
N LEU A 234 23.54 -62.00 -45.64
CA LEU A 234 23.95 -62.59 -46.91
C LEU A 234 25.40 -63.05 -46.82
N HIS A 235 25.80 -63.86 -47.80
CA HIS A 235 27.14 -64.42 -47.87
C HIS A 235 27.88 -63.87 -49.08
N ARG A 236 29.18 -63.61 -48.91
CA ARG A 236 30.04 -63.09 -49.97
C ARG A 236 31.16 -64.11 -50.18
N SER A 237 30.93 -65.05 -51.09
CA SER A 237 31.90 -66.09 -51.39
C SER A 237 32.75 -65.67 -52.59
N TYR A 238 33.57 -66.59 -53.10
CA TYR A 238 34.40 -66.29 -54.26
C TYR A 238 33.61 -66.25 -55.56
N LEU A 239 32.42 -66.84 -55.60
CA LEU A 239 31.62 -66.81 -56.81
C LEU A 239 31.09 -65.41 -57.10
N THR A 240 30.55 -64.75 -56.08
CA THR A 240 30.07 -63.38 -56.25
C THR A 240 31.24 -62.40 -56.30
N PRO A 241 31.10 -61.31 -57.04
CA PRO A 241 32.16 -60.28 -57.04
C PRO A 241 32.38 -59.62 -55.69
N GLY A 242 31.39 -59.65 -54.80
CA GLY A 242 31.52 -59.05 -53.49
C GLY A 242 30.87 -57.70 -53.33
N ASP A 243 30.20 -57.19 -54.36
CA ASP A 243 29.50 -55.91 -54.28
C ASP A 243 28.02 -56.14 -54.04
N SER A 244 27.45 -55.35 -53.14
CA SER A 244 26.02 -55.47 -52.79
C SER A 244 25.14 -54.63 -53.72
N SER A 245 25.30 -54.83 -55.03
CA SER A 245 24.49 -54.14 -56.03
C SER A 245 23.62 -55.11 -56.82
N SER A 246 24.22 -56.12 -57.46
CA SER A 246 23.44 -57.08 -58.23
C SER A 246 23.86 -58.53 -58.03
N GLY A 247 25.02 -58.81 -57.44
CA GLY A 247 25.46 -60.17 -57.24
C GLY A 247 25.67 -60.54 -55.79
N TRP A 248 24.84 -61.46 -55.29
CA TRP A 248 24.91 -61.88 -53.90
C TRP A 248 24.20 -63.23 -53.77
N THR A 249 24.40 -63.87 -52.62
CA THR A 249 23.70 -65.09 -52.27
C THR A 249 23.21 -65.00 -50.83
N ALA A 250 22.13 -65.71 -50.53
CA ALA A 250 21.53 -65.68 -49.21
C ALA A 250 21.20 -67.06 -48.66
N GLY A 251 21.68 -68.12 -49.30
CA GLY A 251 21.37 -69.46 -48.83
C GLY A 251 19.93 -69.82 -49.10
N ALA A 252 19.29 -70.45 -48.11
CA ALA A 252 17.89 -70.85 -48.21
C ALA A 252 17.24 -70.64 -46.84
N ALA A 253 16.25 -69.74 -46.79
CA ALA A 253 15.54 -69.46 -45.55
C ALA A 253 14.12 -69.02 -45.87
N ALA A 254 13.24 -69.15 -44.89
CA ALA A 254 11.85 -68.76 -45.03
C ALA A 254 11.28 -68.45 -43.66
N TYR A 255 10.64 -67.29 -43.53
CA TYR A 255 10.07 -66.86 -42.26
C TYR A 255 8.63 -66.41 -42.48
N TYR A 256 7.79 -66.65 -41.48
CA TYR A 256 6.37 -66.33 -41.53
C TYR A 256 6.07 -65.23 -40.52
N VAL A 257 5.28 -64.25 -40.94
CA VAL A 257 4.90 -63.12 -40.10
C VAL A 257 3.38 -63.15 -39.92
N GLY A 258 2.93 -63.26 -38.68
CA GLY A 258 1.51 -63.26 -38.40
C GLY A 258 1.17 -62.27 -37.31
N TYR A 259 -0.05 -61.74 -37.40
CA TYR A 259 -0.53 -60.74 -36.46
C TYR A 259 -1.49 -61.37 -35.46
N LEU A 260 -1.38 -60.97 -34.21
CA LEU A 260 -2.22 -61.49 -33.13
C LEU A 260 -3.49 -60.66 -33.01
N GLN A 261 -4.56 -61.33 -32.58
CA GLN A 261 -5.86 -60.71 -32.38
C GLN A 261 -6.41 -61.11 -31.01
N PRO A 262 -7.26 -60.26 -30.40
CA PRO A 262 -7.84 -60.63 -29.11
C PRO A 262 -8.85 -61.76 -29.22
N ARG A 263 -8.48 -62.95 -28.78
CA ARG A 263 -9.33 -64.13 -28.86
C ARG A 263 -9.27 -64.89 -27.53
N THR A 264 -10.39 -65.52 -27.18
CA THR A 264 -10.47 -66.35 -26.00
C THR A 264 -10.06 -67.77 -26.35
N PHE A 265 -9.10 -68.32 -25.60
CA PHE A 265 -8.55 -69.63 -25.88
C PHE A 265 -8.72 -70.54 -24.67
N LEU A 266 -9.09 -71.79 -24.92
CA LEU A 266 -9.20 -72.80 -23.88
C LEU A 266 -7.95 -73.66 -23.91
N LEU A 267 -7.18 -73.64 -22.82
CA LEU A 267 -5.90 -74.30 -22.76
C LEU A 267 -6.01 -75.58 -21.94
N LYS A 268 -5.46 -76.66 -22.47
CA LYS A 268 -5.45 -77.96 -21.80
C LYS A 268 -4.11 -78.15 -21.09
N TYR A 269 -4.17 -78.59 -19.83
CA TYR A 269 -2.98 -78.83 -19.03
C TYR A 269 -2.95 -80.28 -18.59
N ASN A 270 -1.75 -80.88 -18.64
CA ASN A 270 -1.55 -82.26 -18.25
C ASN A 270 -1.01 -82.32 -16.82
N GLU A 271 -0.64 -83.53 -16.38
CA GLU A 271 -0.08 -83.69 -15.05
C GLU A 271 1.32 -83.12 -14.92
N ASN A 272 2.03 -82.94 -16.05
CA ASN A 272 3.34 -82.32 -16.01
C ASN A 272 3.25 -80.81 -15.85
N GLY A 273 2.23 -80.21 -16.44
CA GLY A 273 2.04 -78.77 -16.36
C GLY A 273 2.25 -77.99 -17.65
N THR A 274 2.26 -78.66 -18.81
CA THR A 274 2.46 -78.01 -20.09
C THR A 274 1.16 -78.01 -20.89
N ILE A 275 1.13 -77.16 -21.91
CA ILE A 275 -0.04 -77.03 -22.77
C ILE A 275 0.01 -78.07 -23.87
N THR A 276 -1.07 -78.83 -24.03
CA THR A 276 -1.16 -79.90 -25.01
C THR A 276 -2.03 -79.55 -26.20
N ASP A 277 -3.20 -78.97 -25.96
CA ASP A 277 -4.10 -78.57 -27.04
C ASP A 277 -4.78 -77.25 -26.66
N ALA A 278 -5.26 -76.54 -27.68
CA ALA A 278 -5.96 -75.28 -27.50
C ALA A 278 -7.22 -75.26 -28.36
N VAL A 279 -8.28 -74.68 -27.81
CA VAL A 279 -9.58 -74.60 -28.48
C VAL A 279 -10.01 -73.14 -28.49
N ASP A 280 -10.38 -72.64 -29.67
CA ASP A 280 -10.85 -71.28 -29.82
C ASP A 280 -12.35 -71.20 -29.55
N CYS A 281 -12.89 -69.98 -29.56
CA CYS A 281 -14.32 -69.76 -29.39
C CYS A 281 -14.96 -68.96 -30.50
N ALA A 282 -14.19 -68.31 -31.37
CA ALA A 282 -14.72 -67.48 -32.44
C ALA A 282 -14.26 -67.98 -33.81
N LEU A 283 -13.95 -69.27 -33.91
CA LEU A 283 -13.49 -69.87 -35.16
C LEU A 283 -14.49 -70.87 -35.73
N ASP A 284 -14.91 -71.85 -34.93
CA ASP A 284 -15.82 -72.89 -35.35
C ASP A 284 -16.93 -73.05 -34.32
N PRO A 285 -18.16 -73.36 -34.76
CA PRO A 285 -19.22 -73.67 -33.79
C PRO A 285 -18.90 -74.86 -32.90
N LEU A 286 -18.20 -75.86 -33.42
CA LEU A 286 -17.77 -76.98 -32.58
C LEU A 286 -16.76 -76.52 -31.53
N SER A 287 -15.82 -75.66 -31.93
CA SER A 287 -14.86 -75.11 -30.98
C SER A 287 -15.54 -74.25 -29.92
N GLU A 288 -16.55 -73.46 -30.34
CA GLU A 288 -17.32 -72.67 -29.39
C GLU A 288 -18.06 -73.57 -28.41
N THR A 289 -18.64 -74.67 -28.90
CA THR A 289 -19.32 -75.62 -28.02
C THR A 289 -18.34 -76.26 -27.04
N LYS A 290 -17.14 -76.60 -27.51
CA LYS A 290 -16.13 -77.17 -26.63
C LYS A 290 -15.68 -76.19 -25.55
N CYS A 291 -15.46 -74.93 -25.93
CA CYS A 291 -14.92 -73.97 -24.97
C CYS A 291 -15.98 -73.39 -24.05
N THR A 292 -17.25 -73.39 -24.45
CA THR A 292 -18.30 -72.95 -23.55
C THR A 292 -18.63 -73.99 -22.49
N LEU A 293 -18.52 -75.28 -22.83
CA LEU A 293 -18.75 -76.35 -21.87
C LEU A 293 -17.55 -76.62 -20.99
N LYS A 294 -16.41 -75.97 -21.26
CA LYS A 294 -15.16 -76.17 -20.52
C LYS A 294 -14.73 -77.63 -20.51
N SER A 295 -14.91 -78.30 -21.65
CA SER A 295 -14.51 -79.70 -21.79
C SER A 295 -14.12 -79.95 -23.23
N PHE A 296 -13.21 -80.91 -23.43
CA PHE A 296 -12.74 -81.29 -24.74
C PHE A 296 -13.58 -82.38 -25.39
N THR A 297 -14.54 -82.94 -24.67
CA THR A 297 -15.42 -83.98 -25.18
C THR A 297 -16.86 -83.47 -25.14
N VAL A 298 -17.54 -83.54 -26.29
CA VAL A 298 -18.91 -83.09 -26.42
C VAL A 298 -19.78 -84.28 -26.81
N GLU A 299 -20.83 -84.52 -26.04
CA GLU A 299 -21.75 -85.61 -26.31
C GLU A 299 -22.92 -85.12 -27.17
N LYS A 300 -23.76 -86.07 -27.57
CA LYS A 300 -24.89 -85.74 -28.42
C LYS A 300 -25.97 -85.02 -27.63
N GLY A 301 -26.58 -84.03 -28.25
CA GLY A 301 -27.61 -83.23 -27.59
C GLY A 301 -27.60 -81.81 -28.12
N ILE A 302 -28.51 -81.02 -27.58
CA ILE A 302 -28.64 -79.61 -27.95
C ILE A 302 -27.81 -78.78 -26.98
N TYR A 303 -27.25 -77.68 -27.49
CA TYR A 303 -26.40 -76.81 -26.68
C TYR A 303 -26.59 -75.37 -27.15
N GLN A 304 -26.58 -74.45 -26.19
CA GLN A 304 -26.67 -73.02 -26.46
C GLN A 304 -25.31 -72.38 -26.18
N THR A 305 -24.74 -71.75 -27.22
CA THR A 305 -23.41 -71.17 -27.12
C THR A 305 -23.46 -69.65 -26.91
N SER A 306 -24.12 -68.94 -27.83
CA SER A 306 -24.16 -67.48 -27.76
C SER A 306 -25.54 -67.02 -28.26
N ASN A 307 -25.65 -65.72 -28.53
CA ASN A 307 -26.89 -65.12 -29.00
C ASN A 307 -26.66 -64.41 -30.32
N PHE A 308 -27.72 -64.27 -31.11
CA PHE A 308 -27.68 -63.63 -32.42
C PHE A 308 -28.33 -62.26 -32.31
N ARG A 309 -27.61 -61.22 -32.70
CA ARG A 309 -28.11 -59.85 -32.69
C ARG A 309 -27.96 -59.25 -34.08
N VAL A 310 -29.05 -58.68 -34.59
CA VAL A 310 -29.06 -58.06 -35.91
C VAL A 310 -28.84 -56.56 -35.68
N GLN A 311 -27.61 -56.12 -35.91
CA GLN A 311 -27.27 -54.71 -35.71
C GLN A 311 -27.70 -53.90 -36.92
N PRO A 312 -28.49 -52.85 -36.74
CA PRO A 312 -28.87 -52.00 -37.87
C PRO A 312 -27.68 -51.24 -38.43
N THR A 313 -27.73 -50.96 -39.73
CA THR A 313 -26.63 -50.32 -40.44
C THR A 313 -26.93 -48.89 -40.87
N GLU A 314 -28.20 -48.48 -40.86
CA GLU A 314 -28.59 -47.12 -41.23
C GLU A 314 -29.56 -46.58 -40.19
N SER A 315 -29.58 -45.25 -40.06
CA SER A 315 -30.38 -44.58 -39.05
C SER A 315 -31.17 -43.45 -39.71
N ILE A 316 -32.43 -43.30 -39.34
CA ILE A 316 -33.28 -42.28 -39.95
C ILE A 316 -34.20 -41.62 -38.94
N VAL A 317 -34.11 -40.30 -38.83
CA VAL A 317 -34.97 -39.56 -37.90
C VAL A 317 -35.58 -38.35 -38.57
N ARG A 318 -36.59 -38.56 -39.41
CA ARG A 318 -37.23 -37.45 -40.09
C ARG A 318 -38.74 -37.63 -40.10
N PHE A 319 -39.36 -37.53 -38.93
CA PHE A 319 -40.81 -37.73 -38.84
C PHE A 319 -41.61 -36.76 -39.71
N PRO A 320 -41.32 -35.44 -39.63
CA PRO A 320 -42.14 -34.50 -40.39
C PRO A 320 -41.66 -34.31 -41.82
N ASN A 321 -42.45 -33.62 -42.63
CA ASN A 321 -42.07 -33.38 -44.02
C ASN A 321 -42.01 -31.87 -44.26
N ILE A 322 -42.18 -31.08 -43.21
CA ILE A 322 -42.14 -29.62 -43.30
C ILE A 322 -41.44 -29.11 -42.03
N THR A 323 -41.02 -27.84 -42.02
CA THR A 323 -40.51 -27.20 -40.82
C THR A 323 -41.54 -26.20 -40.31
N ASN A 324 -41.38 -25.79 -39.06
CA ASN A 324 -42.22 -24.74 -38.48
C ASN A 324 -41.37 -23.91 -37.53
N LEU A 325 -41.81 -22.68 -37.29
CA LEU A 325 -41.02 -21.77 -36.49
C LEU A 325 -41.87 -20.76 -35.74
N CYS A 326 -41.56 -20.59 -34.46
CA CYS A 326 -42.06 -19.47 -33.66
C CYS A 326 -41.08 -18.30 -33.76
N PRO A 327 -41.55 -17.10 -34.09
CA PRO A 327 -40.62 -15.99 -34.37
C PRO A 327 -39.75 -15.63 -33.16
N PHE A 328 -38.49 -15.34 -33.46
CA PHE A 328 -37.50 -15.11 -32.42
C PHE A 328 -37.82 -13.87 -31.59
N GLY A 329 -37.59 -13.98 -30.28
CA GLY A 329 -37.93 -12.91 -29.38
C GLY A 329 -36.95 -11.76 -29.50
N GLU A 330 -37.41 -10.71 -30.17
CA GLU A 330 -36.60 -9.59 -30.60
C GLU A 330 -36.91 -8.33 -29.80
N VAL A 331 -35.86 -7.54 -29.63
CA VAL A 331 -35.92 -6.25 -28.95
C VAL A 331 -35.49 -5.12 -29.87
N PHE A 332 -35.02 -5.44 -31.08
CA PHE A 332 -34.37 -4.47 -31.97
C PHE A 332 -35.27 -3.27 -32.19
N ASN A 333 -36.54 -3.52 -32.51
CA ASN A 333 -37.53 -2.47 -32.62
C ASN A 333 -38.20 -2.26 -31.27
N ALA A 334 -38.22 -1.02 -30.81
CA ALA A 334 -38.91 -0.61 -29.60
C ALA A 334 -39.00 0.91 -29.59
N THR A 335 -40.19 1.44 -29.26
CA THR A 335 -40.39 2.89 -29.25
C THR A 335 -39.33 3.61 -28.43
N ARG A 336 -38.95 3.03 -27.30
CA ARG A 336 -37.81 3.50 -26.53
C ARG A 336 -37.08 2.30 -25.93
N PHE A 337 -35.79 2.49 -25.65
CA PHE A 337 -34.93 1.47 -25.07
C PHE A 337 -34.71 1.75 -23.59
N ALA A 338 -33.88 0.92 -22.97
CA ALA A 338 -33.47 1.09 -21.58
C ALA A 338 -32.06 1.65 -21.53
N SER A 339 -31.58 1.89 -20.31
CA SER A 339 -30.25 2.47 -20.12
C SER A 339 -29.24 1.34 -19.86
N VAL A 340 -28.01 1.72 -19.56
CA VAL A 340 -26.97 0.71 -19.31
C VAL A 340 -26.90 0.33 -17.84
N TYR A 341 -27.31 1.21 -16.93
CA TYR A 341 -27.35 0.84 -15.51
C TYR A 341 -28.53 -0.06 -15.20
N ALA A 342 -29.60 0.03 -15.98
CA ALA A 342 -30.78 -0.83 -15.83
C ALA A 342 -31.28 -1.16 -17.23
N TRP A 343 -30.82 -2.28 -17.77
CA TRP A 343 -31.15 -2.71 -19.13
C TRP A 343 -32.20 -3.82 -19.09
N ASN A 344 -32.92 -3.95 -20.21
CA ASN A 344 -33.92 -5.00 -20.33
C ASN A 344 -33.25 -6.35 -20.47
N ARG A 345 -33.75 -7.34 -19.73
CA ARG A 345 -33.26 -8.70 -19.79
C ARG A 345 -34.33 -9.61 -20.38
N LYS A 346 -33.96 -10.34 -21.44
CA LYS A 346 -34.89 -11.19 -22.17
C LYS A 346 -34.42 -12.64 -22.11
N ARG A 347 -35.35 -13.55 -21.86
CA ARG A 347 -35.08 -14.98 -21.81
C ARG A 347 -35.91 -15.68 -22.87
N ILE A 348 -35.27 -16.54 -23.66
CA ILE A 348 -35.93 -17.30 -24.72
C ILE A 348 -36.01 -18.74 -24.29
N SER A 349 -37.24 -19.26 -24.15
CA SER A 349 -37.45 -20.64 -23.76
C SER A 349 -38.77 -21.11 -24.36
N ASN A 350 -38.87 -22.43 -24.54
CA ASN A 350 -40.06 -23.09 -25.10
C ASN A 350 -40.42 -22.53 -26.48
N CYS A 351 -39.41 -22.23 -27.28
CA CYS A 351 -39.61 -21.72 -28.63
C CYS A 351 -38.40 -22.14 -29.46
N VAL A 352 -38.52 -21.99 -30.78
CA VAL A 352 -37.49 -22.39 -31.71
C VAL A 352 -37.23 -21.24 -32.68
N ALA A 353 -35.96 -20.94 -32.93
CA ALA A 353 -35.60 -19.76 -33.70
C ALA A 353 -34.62 -20.11 -34.81
N ASP A 354 -34.69 -19.34 -35.90
CA ASP A 354 -33.76 -19.43 -37.02
C ASP A 354 -33.02 -18.11 -37.14
N TYR A 355 -31.70 -18.18 -37.24
CA TYR A 355 -30.86 -17.00 -37.29
C TYR A 355 -30.54 -16.54 -38.71
N SER A 356 -31.10 -17.21 -39.72
CA SER A 356 -30.88 -16.78 -41.10
C SER A 356 -31.53 -15.44 -41.38
N VAL A 357 -32.73 -15.22 -40.85
CA VAL A 357 -33.44 -13.96 -41.08
C VAL A 357 -32.85 -12.82 -40.26
N LEU A 358 -32.05 -13.13 -39.23
CA LEU A 358 -31.37 -12.09 -38.47
C LEU A 358 -30.18 -11.52 -39.20
N TYR A 359 -29.79 -12.10 -40.33
CA TYR A 359 -28.55 -11.76 -41.01
C TYR A 359 -28.75 -11.12 -42.37
N ASN A 360 -29.84 -11.42 -43.06
CA ASN A 360 -30.12 -10.88 -44.38
C ASN A 360 -30.80 -9.52 -44.34
N SER A 361 -30.78 -8.85 -43.18
CA SER A 361 -31.36 -7.51 -43.09
C SER A 361 -30.55 -6.49 -43.86
N ALA A 362 -29.23 -6.66 -43.91
CA ALA A 362 -28.31 -5.77 -44.64
C ALA A 362 -28.43 -4.33 -44.15
N SER A 363 -28.59 -4.16 -42.83
CA SER A 363 -28.72 -2.84 -42.22
C SER A 363 -27.84 -2.67 -40.99
N PHE A 364 -27.16 -3.70 -40.53
CA PHE A 364 -26.33 -3.60 -39.33
C PHE A 364 -24.98 -2.99 -39.66
N SER A 365 -24.60 -1.94 -38.93
CA SER A 365 -23.32 -1.30 -39.15
C SER A 365 -22.16 -2.18 -38.68
N THR A 366 -22.37 -2.96 -37.62
CA THR A 366 -21.34 -3.82 -37.07
C THR A 366 -21.96 -5.12 -36.58
N PHE A 367 -21.12 -6.15 -36.52
CA PHE A 367 -21.54 -7.49 -36.09
C PHE A 367 -20.30 -8.26 -35.70
N LYS A 368 -20.21 -8.65 -34.43
CA LYS A 368 -19.14 -9.50 -33.92
C LYS A 368 -19.77 -10.69 -33.21
N CYS A 369 -19.20 -11.88 -33.42
CA CYS A 369 -19.80 -13.09 -32.88
C CYS A 369 -18.67 -14.05 -32.51
N TYR A 370 -18.28 -14.04 -31.24
CA TYR A 370 -17.17 -14.84 -30.75
C TYR A 370 -17.67 -16.08 -30.00
N GLY A 371 -16.78 -17.07 -29.89
CA GLY A 371 -17.09 -18.31 -29.23
C GLY A 371 -17.60 -19.41 -30.15
N VAL A 372 -18.07 -19.05 -31.34
CA VAL A 372 -18.56 -20.03 -32.31
C VAL A 372 -18.48 -19.37 -33.68
N SER A 373 -18.29 -20.19 -34.71
CA SER A 373 -18.27 -19.69 -36.07
C SER A 373 -19.66 -19.18 -36.44
N PRO A 374 -19.78 -17.98 -37.01
CA PRO A 374 -21.11 -17.43 -37.31
C PRO A 374 -21.90 -18.21 -38.35
N THR A 375 -21.24 -19.03 -39.17
CA THR A 375 -21.92 -19.80 -40.20
C THR A 375 -22.41 -21.16 -39.72
N LYS A 376 -22.05 -21.57 -38.51
CA LYS A 376 -22.38 -22.89 -38.00
C LYS A 376 -22.92 -22.78 -36.57
N LEU A 377 -23.85 -21.86 -36.35
CA LEU A 377 -24.48 -21.71 -35.05
C LEU A 377 -25.94 -22.12 -35.02
N ASN A 378 -26.64 -22.07 -36.16
CA ASN A 378 -28.04 -22.47 -36.19
C ASN A 378 -28.20 -23.98 -36.00
N ASP A 379 -27.33 -24.77 -36.62
CA ASP A 379 -27.40 -26.22 -36.48
C ASP A 379 -27.02 -26.66 -35.07
N LEU A 380 -26.09 -25.97 -34.42
CA LEU A 380 -25.74 -26.28 -33.04
C LEU A 380 -26.88 -25.89 -32.12
N CYS A 381 -27.22 -26.79 -31.20
CA CYS A 381 -28.35 -26.61 -30.31
C CYS A 381 -27.86 -26.23 -28.92
N PHE A 382 -28.43 -25.18 -28.35
CA PHE A 382 -28.09 -24.71 -27.00
C PHE A 382 -29.30 -24.86 -26.09
N THR A 383 -29.12 -24.47 -24.83
CA THR A 383 -30.15 -24.62 -23.81
C THR A 383 -30.96 -23.33 -23.61
N ASN A 384 -30.28 -22.23 -23.29
CA ASN A 384 -30.94 -20.96 -23.04
C ASN A 384 -30.21 -19.84 -23.77
N VAL A 385 -30.97 -18.83 -24.19
CA VAL A 385 -30.44 -17.66 -24.88
C VAL A 385 -30.79 -16.43 -24.05
N TYR A 386 -29.78 -15.65 -23.67
CA TYR A 386 -29.95 -14.43 -22.89
C TYR A 386 -29.66 -13.22 -23.77
N ALA A 387 -30.60 -12.27 -23.80
CA ALA A 387 -30.46 -11.07 -24.62
C ALA A 387 -30.64 -9.84 -23.74
N ASP A 388 -29.72 -8.88 -23.88
CA ASP A 388 -29.77 -7.63 -23.15
C ASP A 388 -29.72 -6.47 -24.14
N SER A 389 -30.48 -5.42 -23.86
CA SER A 389 -30.60 -4.28 -24.76
C SER A 389 -30.27 -2.99 -24.02
N PHE A 390 -29.38 -2.20 -24.60
CA PHE A 390 -29.05 -0.88 -24.07
C PHE A 390 -28.45 -0.04 -25.18
N VAL A 391 -28.44 1.28 -24.97
CA VAL A 391 -27.88 2.22 -25.94
C VAL A 391 -26.42 2.47 -25.58
N ILE A 392 -25.60 2.74 -26.59
CA ILE A 392 -24.18 3.00 -26.41
C ILE A 392 -23.76 4.09 -27.39
N ARG A 393 -22.65 4.74 -27.08
CA ARG A 393 -22.12 5.77 -27.95
C ARG A 393 -21.33 5.15 -29.09
N GLY A 394 -21.11 5.94 -30.14
CA GLY A 394 -20.45 5.44 -31.33
C GLY A 394 -18.97 5.15 -31.12
N ASP A 395 -18.35 5.82 -30.15
CA ASP A 395 -16.95 5.58 -29.85
C ASP A 395 -16.74 4.45 -28.83
N GLU A 396 -17.83 3.90 -28.29
CA GLU A 396 -17.76 2.83 -27.31
C GLU A 396 -18.20 1.49 -27.86
N VAL A 397 -18.48 1.41 -29.17
CA VAL A 397 -18.87 0.13 -29.76
C VAL A 397 -17.68 -0.82 -29.81
N ARG A 398 -16.46 -0.28 -29.87
CA ARG A 398 -15.26 -1.09 -29.81
C ARG A 398 -14.95 -1.61 -28.41
N GLN A 399 -15.59 -1.05 -27.38
CA GLN A 399 -15.36 -1.45 -26.00
C GLN A 399 -16.06 -2.75 -25.63
N ILE A 400 -17.02 -3.20 -26.44
CA ILE A 400 -17.77 -4.43 -26.13
C ILE A 400 -16.95 -5.58 -26.68
N ALA A 401 -15.98 -6.02 -25.88
CA ALA A 401 -15.09 -7.13 -26.22
C ALA A 401 -14.45 -7.63 -24.95
N PRO A 402 -14.09 -8.92 -24.89
CA PRO A 402 -13.40 -9.43 -23.69
C PRO A 402 -11.90 -9.14 -23.75
N GLY A 403 -11.36 -8.59 -22.68
CA GLY A 403 -9.92 -8.40 -22.56
C GLY A 403 -9.43 -6.97 -22.66
N GLN A 404 -10.19 -6.02 -22.11
CA GLN A 404 -9.74 -4.64 -22.07
C GLN A 404 -10.45 -3.93 -20.92
N THR A 405 -9.91 -2.77 -20.54
CA THR A 405 -10.43 -1.96 -19.45
C THR A 405 -10.76 -0.57 -20.00
N GLY A 406 -11.94 -0.06 -19.66
CA GLY A 406 -12.37 1.25 -20.11
C GLY A 406 -13.21 1.94 -19.05
N LYS A 407 -14.28 2.59 -19.49
CA LYS A 407 -15.17 3.32 -18.59
C LYS A 407 -16.57 2.73 -18.50
N ILE A 408 -17.03 2.05 -19.54
CA ILE A 408 -18.37 1.48 -19.58
C ILE A 408 -18.35 -0.03 -19.43
N ALA A 409 -17.34 -0.69 -20.01
CA ALA A 409 -17.26 -2.15 -19.98
C ALA A 409 -16.88 -2.70 -18.61
N ASP A 410 -16.44 -1.85 -17.68
CA ASP A 410 -16.08 -2.31 -16.34
C ASP A 410 -17.01 -1.79 -15.25
N TYR A 411 -17.86 -0.80 -15.54
CA TYR A 411 -18.74 -0.21 -14.55
C TYR A 411 -20.21 -0.52 -14.79
N ASN A 412 -20.58 -1.02 -15.97
CA ASN A 412 -21.97 -1.31 -16.29
C ASN A 412 -22.20 -2.76 -16.68
N TYR A 413 -21.31 -3.36 -17.48
CA TYR A 413 -21.49 -4.74 -17.93
C TYR A 413 -20.11 -5.31 -18.24
N LYS A 414 -19.62 -6.17 -17.36
CA LYS A 414 -18.32 -6.79 -17.54
C LYS A 414 -18.41 -8.01 -18.45
N LEU A 415 -17.40 -8.18 -19.29
CA LEU A 415 -17.34 -9.31 -20.22
C LEU A 415 -16.30 -10.30 -19.72
N PRO A 416 -16.69 -11.53 -19.36
CA PRO A 416 -15.73 -12.51 -18.85
C PRO A 416 -14.88 -13.10 -19.97
N ASP A 417 -13.88 -13.88 -19.54
CA ASP A 417 -13.01 -14.55 -20.51
C ASP A 417 -13.76 -15.61 -21.29
N ASP A 418 -14.58 -16.42 -20.62
CA ASP A 418 -15.39 -17.45 -21.27
C ASP A 418 -16.69 -16.81 -21.77
N PHE A 419 -16.55 -16.00 -22.81
CA PHE A 419 -17.65 -15.23 -23.37
C PHE A 419 -17.98 -15.78 -24.76
N THR A 420 -19.08 -16.53 -24.84
CA THR A 420 -19.57 -17.07 -26.11
C THR A 420 -20.75 -16.25 -26.64
N GLY A 421 -20.81 -14.97 -26.29
CA GLY A 421 -21.88 -14.11 -26.76
C GLY A 421 -21.75 -13.74 -28.22
N CYS A 422 -22.78 -13.09 -28.74
CA CYS A 422 -22.85 -12.74 -30.16
C CYS A 422 -23.49 -11.36 -30.24
N VAL A 423 -22.66 -10.32 -30.38
CA VAL A 423 -23.09 -8.94 -30.23
C VAL A 423 -23.49 -8.36 -31.59
N ILE A 424 -24.58 -7.59 -31.59
CA ILE A 424 -25.11 -6.92 -32.78
C ILE A 424 -25.38 -5.47 -32.43
N ALA A 425 -24.91 -4.55 -33.28
CA ALA A 425 -25.20 -3.13 -33.13
C ALA A 425 -25.39 -2.50 -34.50
N TRP A 426 -26.21 -1.46 -34.55
CA TRP A 426 -26.51 -0.75 -35.79
C TRP A 426 -26.91 0.67 -35.42
N ASN A 427 -27.15 1.48 -36.44
CA ASN A 427 -27.50 2.88 -36.26
C ASN A 427 -28.99 3.09 -36.52
N SER A 428 -29.68 3.66 -35.54
CA SER A 428 -31.09 4.05 -35.65
C SER A 428 -31.29 5.44 -35.07
N ASN A 429 -30.43 6.38 -35.46
CA ASN A 429 -30.41 7.71 -34.85
C ASN A 429 -31.62 8.55 -35.19
N ASN A 430 -32.44 8.15 -36.15
CA ASN A 430 -33.59 8.94 -36.56
C ASN A 430 -34.79 8.79 -35.62
N LEU A 431 -34.74 7.87 -34.67
CA LEU A 431 -35.87 7.62 -33.78
C LEU A 431 -35.55 7.83 -32.31
N ASP A 432 -34.39 7.38 -31.84
CA ASP A 432 -34.05 7.47 -30.43
C ASP A 432 -33.36 8.77 -30.05
N SER A 433 -33.11 9.66 -31.02
CA SER A 433 -32.42 10.91 -30.78
C SER A 433 -33.36 12.07 -31.14
N LYS A 434 -34.07 12.58 -30.13
CA LYS A 434 -34.93 13.72 -30.33
C LYS A 434 -34.09 14.97 -30.61
N VAL A 435 -34.55 15.79 -31.55
CA VAL A 435 -33.81 16.99 -31.94
C VAL A 435 -33.74 17.97 -30.75
N GLY A 436 -32.61 18.66 -30.65
CA GLY A 436 -32.38 19.59 -29.57
C GLY A 436 -31.70 19.01 -28.35
N GLY A 437 -31.40 17.70 -28.35
CA GLY A 437 -30.73 17.08 -27.22
C GLY A 437 -31.62 16.12 -26.46
N ASN A 438 -31.40 14.82 -26.67
CA ASN A 438 -32.15 13.78 -25.98
C ASN A 438 -31.33 13.26 -24.81
N TYR A 439 -31.84 13.45 -23.59
CA TYR A 439 -31.14 13.09 -22.37
C TYR A 439 -31.94 12.09 -21.54
N ASN A 440 -32.76 11.28 -22.19
CA ASN A 440 -33.59 10.33 -21.44
C ASN A 440 -32.78 9.19 -20.87
N TYR A 441 -31.78 8.69 -21.61
CA TYR A 441 -30.96 7.58 -21.16
C TYR A 441 -29.79 8.10 -20.32
N LEU A 442 -29.37 7.30 -19.35
CA LEU A 442 -28.33 7.65 -18.41
C LEU A 442 -27.19 6.63 -18.49
N TYR A 443 -26.13 6.88 -17.72
CA TYR A 443 -25.04 5.92 -17.59
C TYR A 443 -24.30 6.18 -16.29
N ARG A 444 -23.49 5.20 -15.89
CA ARG A 444 -22.71 5.26 -14.66
C ARG A 444 -21.25 5.50 -15.02
N LEU A 445 -20.63 6.49 -14.38
CA LEU A 445 -19.25 6.84 -14.61
C LEU A 445 -18.32 6.52 -13.46
N PHE A 446 -18.80 6.63 -12.22
CA PHE A 446 -17.98 6.41 -11.04
C PHE A 446 -18.45 5.16 -10.30
N ARG A 447 -17.51 4.32 -9.91
CA ARG A 447 -17.79 3.12 -9.14
C ARG A 447 -16.70 2.90 -8.12
N LYS A 448 -17.07 2.30 -6.98
CA LYS A 448 -16.11 2.08 -5.91
C LYS A 448 -15.07 1.05 -6.30
N SER A 449 -15.48 -0.04 -6.95
CA SER A 449 -14.56 -1.10 -7.33
C SER A 449 -15.13 -1.82 -8.57
N ASN A 450 -14.53 -2.95 -8.91
CA ASN A 450 -14.97 -3.73 -10.06
C ASN A 450 -16.24 -4.53 -9.70
N LEU A 451 -16.84 -5.12 -10.72
CA LEU A 451 -18.08 -5.87 -10.57
C LEU A 451 -17.98 -7.19 -11.32
N LYS A 452 -18.66 -8.20 -10.77
CA LYS A 452 -18.70 -9.51 -11.39
C LYS A 452 -19.48 -9.44 -12.70
N PRO A 453 -19.06 -10.15 -13.74
CA PRO A 453 -19.76 -10.10 -15.03
C PRO A 453 -21.17 -10.65 -14.93
N PHE A 454 -22.01 -10.22 -15.89
CA PHE A 454 -23.43 -10.57 -15.96
C PHE A 454 -24.17 -10.14 -14.70
N GLU A 455 -23.83 -8.96 -14.19
CA GLU A 455 -24.48 -8.39 -13.02
C GLU A 455 -24.91 -6.96 -13.32
N ARG A 456 -26.07 -6.57 -12.82
CA ARG A 456 -26.64 -5.25 -13.04
C ARG A 456 -26.44 -4.39 -11.81
N ASP A 457 -25.96 -3.16 -12.02
CA ASP A 457 -25.71 -2.21 -10.94
C ASP A 457 -26.70 -1.06 -11.07
N ILE A 458 -27.61 -0.96 -10.09
CA ILE A 458 -28.63 0.08 -10.07
C ILE A 458 -28.49 1.00 -8.86
N SER A 459 -27.30 1.02 -8.25
CA SER A 459 -27.08 1.85 -7.08
C SER A 459 -27.03 3.33 -7.46
N THR A 460 -27.83 4.14 -6.78
CA THR A 460 -27.89 5.58 -7.03
C THR A 460 -27.16 6.39 -5.98
N GLU A 461 -26.36 5.75 -5.15
CA GLU A 461 -25.63 6.44 -4.10
C GLU A 461 -24.47 7.27 -4.69
N PRO A 481 -22.65 9.55 -9.47
CA PRO A 481 -22.03 8.66 -10.47
C PRO A 481 -22.82 8.62 -11.78
N LEU A 482 -24.12 8.91 -11.71
CA LEU A 482 -24.96 8.91 -12.89
C LEU A 482 -24.86 10.24 -13.61
N GLN A 483 -24.60 10.19 -14.93
CA GLN A 483 -24.45 11.38 -15.74
C GLN A 483 -25.25 11.24 -17.02
N SER A 484 -25.62 12.37 -17.61
CA SER A 484 -26.44 12.40 -18.81
C SER A 484 -25.58 12.18 -20.06
N TYR A 485 -26.27 12.00 -21.19
CA TYR A 485 -25.61 11.85 -22.48
C TYR A 485 -25.51 13.18 -23.21
N GLY A 486 -24.98 13.11 -24.43
CA GLY A 486 -24.92 14.25 -25.33
C GLY A 486 -25.43 13.91 -26.71
N PHE A 487 -26.47 13.09 -26.77
CA PHE A 487 -27.00 12.63 -28.05
C PHE A 487 -27.60 13.79 -28.84
N GLN A 488 -27.34 13.80 -30.15
CA GLN A 488 -27.86 14.81 -31.05
C GLN A 488 -27.85 14.25 -32.48
N PRO A 489 -28.97 14.32 -33.20
CA PRO A 489 -29.02 13.70 -34.55
C PRO A 489 -28.23 14.45 -35.61
N THR A 490 -27.73 15.66 -35.32
CA THR A 490 -27.00 16.44 -36.29
C THR A 490 -25.48 16.25 -36.22
N ASN A 491 -25.03 15.17 -35.56
CA ASN A 491 -23.62 14.90 -35.42
C ASN A 491 -23.17 13.88 -36.46
N GLY A 492 -21.87 13.59 -36.46
CA GLY A 492 -21.29 12.57 -37.32
C GLY A 492 -21.02 11.29 -36.57
N VAL A 493 -20.24 10.42 -37.23
CA VAL A 493 -19.94 9.10 -36.66
C VAL A 493 -19.12 9.27 -35.38
N GLY A 494 -19.42 8.45 -34.38
CA GLY A 494 -18.83 8.59 -33.06
C GLY A 494 -19.76 9.31 -32.11
N TYR A 495 -19.89 8.77 -30.89
CA TYR A 495 -20.77 9.31 -29.85
C TYR A 495 -22.23 9.36 -30.29
N GLN A 496 -22.62 8.46 -31.22
CA GLN A 496 -23.99 8.38 -31.72
C GLN A 496 -24.80 7.36 -30.92
N PRO A 497 -26.12 7.54 -30.84
CA PRO A 497 -26.96 6.50 -30.23
C PRO A 497 -26.95 5.23 -31.07
N TYR A 498 -26.30 4.20 -30.57
CA TYR A 498 -26.21 2.91 -31.25
C TYR A 498 -26.95 1.87 -30.42
N ARG A 499 -27.90 1.18 -31.06
CA ARG A 499 -28.69 0.16 -30.40
C ARG A 499 -27.87 -1.13 -30.39
N VAL A 500 -27.21 -1.43 -29.27
CA VAL A 500 -26.32 -2.57 -29.16
C VAL A 500 -26.96 -3.63 -28.28
N VAL A 501 -26.86 -4.88 -28.70
CA VAL A 501 -27.41 -6.02 -27.96
C VAL A 501 -26.39 -7.16 -27.99
N VAL A 502 -26.46 -8.01 -26.97
CA VAL A 502 -25.63 -9.21 -26.90
C VAL A 502 -26.54 -10.43 -26.79
N LEU A 503 -26.30 -11.41 -27.66
CA LEU A 503 -27.00 -12.69 -27.61
C LEU A 503 -26.01 -13.76 -27.15
N SER A 504 -26.18 -14.25 -25.92
CA SER A 504 -25.31 -15.24 -25.34
C SER A 504 -26.02 -16.58 -25.26
N PHE A 505 -25.23 -17.65 -25.18
CA PHE A 505 -25.73 -19.01 -25.11
C PHE A 505 -25.31 -19.66 -23.81
N GLU A 506 -26.17 -20.53 -23.30
CA GLU A 506 -25.94 -21.24 -22.04
C GLU A 506 -25.80 -22.72 -22.31
N LEU A 507 -24.77 -23.34 -21.71
CA LEU A 507 -24.51 -24.77 -21.88
C LEU A 507 -24.56 -25.43 -20.50
N LEU A 508 -25.63 -26.17 -20.24
CA LEU A 508 -25.79 -26.86 -18.97
C LEU A 508 -26.19 -28.32 -19.20
N HIS A 509 -26.54 -29.02 -18.13
CA HIS A 509 -26.97 -30.42 -18.22
C HIS A 509 -28.48 -30.52 -18.46
N ALA A 510 -28.95 -29.82 -19.48
CA ALA A 510 -30.36 -29.77 -19.82
C ALA A 510 -30.55 -30.04 -21.31
N PRO A 511 -31.70 -30.60 -21.70
CA PRO A 511 -31.97 -30.77 -23.13
C PRO A 511 -32.15 -29.44 -23.84
N ALA A 512 -31.88 -29.46 -25.14
CA ALA A 512 -31.92 -28.26 -25.95
C ALA A 512 -33.34 -27.75 -26.10
N THR A 513 -33.46 -26.42 -26.18
CA THR A 513 -34.75 -25.75 -26.36
C THR A 513 -34.83 -25.00 -27.67
N VAL A 514 -33.83 -24.20 -28.00
CA VAL A 514 -33.80 -23.40 -29.22
C VAL A 514 -32.68 -23.93 -30.11
N CYS A 515 -33.03 -24.32 -31.33
CA CYS A 515 -32.06 -24.85 -32.28
C CYS A 515 -32.62 -24.66 -33.70
N GLY A 516 -32.02 -25.35 -34.66
CA GLY A 516 -32.45 -25.27 -36.04
C GLY A 516 -33.46 -26.34 -36.40
N PRO A 517 -33.86 -26.37 -37.67
CA PRO A 517 -34.83 -27.37 -38.13
C PRO A 517 -34.16 -28.71 -38.40
N LYS A 518 -34.95 -29.64 -38.93
CA LYS A 518 -34.49 -30.99 -39.23
C LYS A 518 -34.72 -31.30 -40.70
N LYS A 519 -33.81 -32.05 -41.30
CA LYS A 519 -33.87 -32.41 -42.71
C LYS A 519 -34.78 -33.62 -42.90
N SER A 520 -34.91 -34.07 -44.16
CA SER A 520 -35.77 -35.19 -44.51
C SER A 520 -35.01 -36.12 -45.45
N THR A 521 -34.72 -37.33 -44.98
CA THR A 521 -34.05 -38.36 -45.78
C THR A 521 -35.08 -39.29 -46.41
N ASN A 522 -34.61 -40.39 -47.00
CA ASN A 522 -35.46 -41.33 -47.72
C ASN A 522 -36.20 -42.25 -46.74
N LEU A 523 -37.23 -42.91 -47.24
CA LEU A 523 -38.06 -43.81 -46.44
C LEU A 523 -37.70 -45.26 -46.74
N VAL A 524 -37.47 -46.03 -45.67
CA VAL A 524 -37.12 -47.44 -45.75
C VAL A 524 -38.09 -48.22 -44.86
N LYS A 525 -38.51 -49.40 -45.33
CA LYS A 525 -39.45 -50.23 -44.62
C LYS A 525 -39.05 -51.70 -44.77
N ASN A 526 -39.56 -52.52 -43.84
CA ASN A 526 -39.40 -53.97 -43.85
C ASN A 526 -37.94 -54.42 -43.70
N LYS A 527 -37.08 -53.57 -43.16
CA LYS A 527 -35.72 -53.94 -42.80
C LYS A 527 -35.42 -53.47 -41.39
N CYS A 528 -34.52 -54.18 -40.72
CA CYS A 528 -34.10 -53.81 -39.36
C CYS A 528 -33.26 -52.54 -39.44
N VAL A 529 -33.88 -51.41 -39.10
CA VAL A 529 -33.23 -50.12 -39.11
C VAL A 529 -33.43 -49.46 -37.76
N ASN A 530 -32.56 -48.49 -37.47
CA ASN A 530 -32.66 -47.70 -36.26
C ASN A 530 -33.45 -46.44 -36.59
N PHE A 531 -34.48 -46.16 -35.79
CA PHE A 531 -35.24 -44.95 -35.99
C PHE A 531 -35.46 -44.24 -34.66
N ASN A 532 -35.77 -42.95 -34.76
CA ASN A 532 -36.21 -42.11 -33.65
C ASN A 532 -37.49 -41.41 -34.07
N PHE A 533 -38.58 -41.75 -33.39
CA PHE A 533 -39.84 -41.07 -33.59
C PHE A 533 -40.25 -40.34 -32.30
N ASN A 534 -39.45 -39.31 -31.96
CA ASN A 534 -39.70 -38.19 -31.06
C ASN A 534 -39.60 -38.54 -29.57
N GLY A 535 -39.58 -39.83 -29.24
CA GLY A 535 -39.60 -40.18 -27.83
C GLY A 535 -38.76 -41.38 -27.48
N LEU A 536 -38.17 -42.02 -28.48
CA LEU A 536 -37.52 -43.31 -28.30
C LEU A 536 -36.55 -43.52 -29.44
N THR A 537 -35.43 -44.18 -29.12
CA THR A 537 -34.47 -44.58 -30.13
C THR A 537 -34.67 -46.07 -30.38
N GLY A 538 -35.67 -46.37 -31.19
CA GLY A 538 -36.11 -47.75 -31.41
C GLY A 538 -35.47 -48.33 -32.67
N THR A 539 -35.01 -49.57 -32.54
CA THR A 539 -34.41 -50.32 -33.64
C THR A 539 -35.33 -51.47 -34.01
N GLY A 540 -35.71 -51.53 -35.28
CA GLY A 540 -36.59 -52.60 -35.73
C GLY A 540 -37.16 -52.29 -37.10
N VAL A 541 -38.00 -53.21 -37.57
CA VAL A 541 -38.62 -53.05 -38.88
C VAL A 541 -39.84 -52.15 -38.77
N LEU A 542 -40.29 -51.66 -39.92
CA LEU A 542 -41.45 -50.77 -40.02
C LEU A 542 -42.41 -51.36 -41.05
N THR A 543 -43.30 -52.24 -40.60
CA THR A 543 -44.27 -52.86 -41.48
C THR A 543 -45.49 -51.96 -41.67
N GLU A 544 -46.30 -52.30 -42.67
CA GLU A 544 -47.52 -51.54 -42.97
C GLU A 544 -48.66 -52.13 -42.16
N SER A 545 -49.18 -51.36 -41.22
CA SER A 545 -50.28 -51.81 -40.36
C SER A 545 -51.63 -51.57 -41.04
N ASN A 546 -52.66 -52.14 -40.44
CA ASN A 546 -54.02 -52.03 -40.95
C ASN A 546 -54.98 -51.39 -39.95
N LYS A 547 -54.47 -50.77 -38.90
CA LYS A 547 -55.29 -50.12 -37.88
C LYS A 547 -55.17 -48.61 -38.00
N LYS A 548 -56.31 -47.93 -37.98
CA LYS A 548 -56.35 -46.49 -38.13
C LYS A 548 -56.17 -45.80 -36.78
N PHE A 549 -55.44 -44.70 -36.78
CA PHE A 549 -55.17 -43.93 -35.58
C PHE A 549 -56.05 -42.68 -35.56
N LEU A 550 -56.51 -42.30 -34.37
CA LEU A 550 -57.29 -41.08 -34.22
C LEU A 550 -56.41 -39.87 -34.52
N PRO A 551 -56.97 -38.80 -35.15
CA PRO A 551 -56.18 -37.66 -35.60
C PRO A 551 -55.71 -36.71 -34.50
N PHE A 552 -55.33 -37.26 -33.35
CA PHE A 552 -54.68 -36.47 -32.32
C PHE A 552 -53.53 -37.20 -31.65
N GLN A 553 -53.17 -38.40 -32.09
CA GLN A 553 -52.17 -39.22 -31.42
C GLN A 553 -50.95 -39.42 -32.33
N GLN A 554 -49.79 -39.51 -31.69
CA GLN A 554 -48.54 -39.77 -32.39
C GLN A 554 -47.89 -41.09 -32.00
N PHE A 555 -48.08 -41.55 -30.77
CA PHE A 555 -47.46 -42.76 -30.26
C PHE A 555 -48.49 -43.90 -30.24
N GLY A 556 -48.10 -45.02 -29.66
CA GLY A 556 -49.00 -46.15 -29.51
C GLY A 556 -48.36 -47.33 -28.82
N ARG A 557 -49.08 -47.97 -27.91
CA ARG A 557 -48.57 -49.07 -27.12
C ARG A 557 -49.44 -50.31 -27.32
N ASP A 558 -49.12 -51.37 -26.57
CA ASP A 558 -49.85 -52.62 -26.67
C ASP A 558 -50.34 -53.07 -25.30
N ILE A 559 -50.80 -54.32 -25.22
CA ILE A 559 -51.26 -54.87 -23.93
C ILE A 559 -50.10 -54.91 -22.94
N ALA A 560 -48.92 -55.31 -23.40
CA ALA A 560 -47.74 -55.40 -22.54
C ALA A 560 -47.06 -54.06 -22.31
N ASP A 561 -47.68 -52.96 -22.74
CA ASP A 561 -47.17 -51.59 -22.56
C ASP A 561 -45.77 -51.43 -23.17
N THR A 562 -45.72 -51.64 -24.48
CA THR A 562 -44.51 -51.46 -25.25
C THR A 562 -44.84 -50.64 -26.49
N THR A 563 -44.05 -49.61 -26.75
CA THR A 563 -44.26 -48.74 -27.91
C THR A 563 -43.91 -49.52 -29.18
N ASP A 564 -44.95 -49.96 -29.89
CA ASP A 564 -44.78 -50.79 -31.07
C ASP A 564 -45.57 -50.30 -32.28
N ALA A 565 -46.19 -49.12 -32.19
CA ALA A 565 -47.04 -48.61 -33.26
C ALA A 565 -47.01 -47.09 -33.21
N VAL A 566 -46.26 -46.47 -34.10
CA VAL A 566 -46.05 -45.03 -34.07
C VAL A 566 -46.32 -44.45 -35.46
N ARG A 567 -46.98 -43.29 -35.50
CA ARG A 567 -47.40 -42.68 -36.76
C ARG A 567 -46.28 -41.84 -37.35
N ASP A 568 -45.94 -42.12 -38.60
CA ASP A 568 -44.97 -41.30 -39.32
C ASP A 568 -45.65 -40.04 -39.84
N PRO A 569 -45.22 -38.85 -39.45
CA PRO A 569 -45.86 -37.61 -39.90
C PRO A 569 -45.53 -37.18 -41.33
N GLN A 570 -45.00 -38.07 -42.18
CA GLN A 570 -44.76 -37.72 -43.58
C GLN A 570 -46.08 -37.47 -44.31
N THR A 571 -46.94 -38.48 -44.37
CA THR A 571 -48.25 -38.35 -45.02
C THR A 571 -49.33 -39.08 -44.23
N LEU A 572 -49.16 -39.16 -42.91
CA LEU A 572 -50.10 -39.83 -41.98
C LEU A 572 -50.24 -41.31 -42.37
N GLU A 573 -49.15 -42.03 -42.16
CA GLU A 573 -49.11 -43.47 -42.31
C GLU A 573 -48.76 -44.10 -40.97
N ILE A 574 -49.32 -45.27 -40.70
CA ILE A 574 -49.13 -45.96 -39.43
C ILE A 574 -48.20 -47.14 -39.66
N LEU A 575 -47.07 -47.15 -38.95
CA LEU A 575 -46.05 -48.17 -39.10
C LEU A 575 -45.85 -48.89 -37.77
N ASP A 576 -45.85 -50.22 -37.82
CA ASP A 576 -45.62 -51.01 -36.63
C ASP A 576 -44.12 -51.14 -36.36
N ILE A 577 -43.80 -51.49 -35.11
CA ILE A 577 -42.42 -51.68 -34.67
C ILE A 577 -42.26 -53.11 -34.22
N THR A 578 -41.28 -53.82 -34.79
CA THR A 578 -40.97 -55.18 -34.41
C THR A 578 -39.45 -55.32 -34.40
N PRO A 579 -38.86 -55.76 -33.28
CA PRO A 579 -37.40 -55.93 -33.23
C PRO A 579 -36.91 -56.99 -34.21
N CYS A 580 -35.72 -56.76 -34.74
CA CYS A 580 -35.13 -57.66 -35.72
C CYS A 580 -34.35 -58.81 -35.10
N SER A 581 -33.84 -58.63 -33.89
CA SER A 581 -33.03 -59.63 -33.20
C SER A 581 -33.94 -60.42 -32.26
N PHE A 582 -34.13 -61.70 -32.56
CA PHE A 582 -34.96 -62.60 -31.75
C PHE A 582 -34.14 -63.82 -31.34
N GLY A 583 -34.18 -64.13 -30.04
CA GLY A 583 -33.58 -65.35 -29.54
C GLY A 583 -32.06 -65.37 -29.66
N GLY A 584 -31.52 -66.59 -29.72
CA GLY A 584 -30.09 -66.80 -29.85
C GLY A 584 -29.74 -67.89 -30.83
N VAL A 585 -28.54 -68.45 -30.71
CA VAL A 585 -28.07 -69.51 -31.59
C VAL A 585 -27.95 -70.80 -30.79
N SER A 586 -27.87 -71.91 -31.52
CA SER A 586 -27.73 -73.23 -30.92
C SER A 586 -27.01 -74.14 -31.91
N VAL A 587 -26.45 -75.23 -31.38
CA VAL A 587 -25.66 -76.16 -32.18
C VAL A 587 -26.17 -77.58 -31.96
N ILE A 588 -25.92 -78.43 -32.95
CA ILE A 588 -26.23 -79.86 -32.88
C ILE A 588 -24.92 -80.62 -33.12
N THR A 589 -24.56 -81.47 -32.17
CA THR A 589 -23.33 -82.25 -32.26
C THR A 589 -23.65 -83.73 -32.25
N PRO A 590 -23.17 -84.50 -33.23
CA PRO A 590 -23.39 -85.96 -33.20
C PRO A 590 -22.79 -86.64 -31.98
N GLY A 591 -21.67 -86.13 -31.46
CA GLY A 591 -21.01 -86.67 -30.29
C GLY A 591 -19.54 -86.89 -30.55
N THR A 592 -18.90 -87.58 -29.62
CA THR A 592 -17.47 -87.89 -29.73
C THR A 592 -17.28 -89.24 -30.41
N ASN A 593 -16.15 -89.36 -31.11
CA ASN A 593 -15.75 -90.56 -31.85
C ASN A 593 -16.78 -90.98 -32.90
N THR A 594 -17.61 -90.05 -33.36
CA THR A 594 -18.63 -90.35 -34.36
C THR A 594 -18.55 -89.43 -35.57
N SER A 595 -18.28 -88.15 -35.38
CA SER A 595 -18.25 -87.19 -36.47
C SER A 595 -17.42 -85.98 -36.04
N ASN A 596 -17.32 -85.01 -36.94
CA ASN A 596 -16.61 -83.76 -36.66
C ASN A 596 -17.40 -82.52 -37.05
N GLN A 597 -18.37 -82.61 -37.95
CA GLN A 597 -19.16 -81.46 -38.35
C GLN A 597 -20.30 -81.21 -37.38
N VAL A 598 -20.82 -79.98 -37.40
CA VAL A 598 -21.92 -79.56 -36.54
C VAL A 598 -22.96 -78.82 -37.38
N ALA A 599 -24.16 -78.72 -36.82
CA ALA A 599 -25.26 -78.00 -37.45
C ALA A 599 -25.66 -76.84 -36.56
N VAL A 600 -25.75 -75.65 -37.15
CA VAL A 600 -26.08 -74.43 -36.41
C VAL A 600 -27.59 -74.20 -36.47
N LEU A 601 -28.19 -73.99 -35.31
CA LEU A 601 -29.63 -73.79 -35.19
C LEU A 601 -29.92 -72.42 -34.59
N TYR A 602 -30.87 -71.71 -35.17
CA TYR A 602 -31.37 -70.46 -34.62
C TYR A 602 -32.72 -70.70 -33.97
N GLN A 603 -32.93 -70.07 -32.82
CA GLN A 603 -34.11 -70.37 -32.00
C GLN A 603 -35.39 -69.92 -32.69
N ASP A 604 -35.45 -68.66 -33.14
CA ASP A 604 -36.63 -68.17 -33.84
C ASP A 604 -36.29 -67.23 -34.99
N VAL A 605 -35.03 -67.15 -35.40
CA VAL A 605 -34.66 -66.28 -36.52
C VAL A 605 -35.12 -66.91 -37.82
N ASN A 606 -35.79 -66.11 -38.64
CA ASN A 606 -36.28 -66.57 -39.93
C ASN A 606 -35.27 -66.21 -41.03
N CYS A 607 -34.95 -67.20 -41.87
CA CYS A 607 -34.02 -66.99 -42.97
C CYS A 607 -34.63 -66.12 -44.06
N ASN A 631 -28.68 -78.40 -46.96
CA ASN A 631 -27.97 -77.16 -46.68
C ASN A 631 -28.71 -76.31 -45.66
N VAL A 632 -29.70 -75.55 -46.13
CA VAL A 632 -30.50 -74.67 -45.29
C VAL A 632 -31.94 -75.18 -45.33
N PHE A 633 -32.48 -75.46 -44.15
CA PHE A 633 -33.85 -75.96 -44.02
C PHE A 633 -34.62 -75.04 -43.07
N GLN A 634 -35.77 -74.55 -43.53
CA GLN A 634 -36.61 -73.66 -42.73
C GLN A 634 -37.56 -74.51 -41.90
N THR A 635 -37.14 -74.81 -40.67
CA THR A 635 -37.96 -75.60 -39.76
C THR A 635 -38.93 -74.70 -39.00
N ARG A 636 -39.85 -75.34 -38.27
CA ARG A 636 -40.81 -74.60 -37.46
C ARG A 636 -40.13 -73.90 -36.29
N ALA A 637 -39.01 -74.44 -35.82
CA ALA A 637 -38.28 -73.90 -34.67
C ALA A 637 -37.12 -73.01 -35.10
N GLY A 638 -37.29 -72.25 -36.17
CA GLY A 638 -36.28 -71.31 -36.61
C GLY A 638 -35.58 -71.71 -37.89
N CYS A 639 -34.29 -71.44 -37.97
CA CYS A 639 -33.46 -71.82 -39.11
C CYS A 639 -32.43 -72.86 -38.69
N LEU A 640 -32.37 -73.96 -39.43
CA LEU A 640 -31.38 -75.01 -39.23
C LEU A 640 -30.50 -75.09 -40.48
N ILE A 641 -29.20 -74.93 -40.30
CA ILE A 641 -28.26 -74.97 -41.42
C ILE A 641 -27.22 -76.05 -41.14
N GLY A 642 -26.66 -76.59 -42.22
CA GLY A 642 -25.71 -77.67 -42.13
C GLY A 642 -26.32 -79.04 -41.98
N ALA A 643 -27.66 -79.15 -41.96
CA ALA A 643 -28.34 -80.42 -41.83
C ALA A 643 -29.43 -80.50 -42.89
N GLU A 644 -29.34 -81.50 -43.76
CA GLU A 644 -30.34 -81.68 -44.80
C GLU A 644 -31.63 -82.24 -44.22
N HIS A 645 -32.72 -82.01 -44.93
CA HIS A 645 -34.05 -82.46 -44.54
C HIS A 645 -34.46 -83.64 -45.40
N VAL A 646 -34.95 -84.70 -44.77
CA VAL A 646 -35.38 -85.91 -45.46
C VAL A 646 -36.82 -86.21 -45.04
N ASN A 647 -37.63 -86.69 -45.99
CA ASN A 647 -39.05 -86.88 -45.74
C ASN A 647 -39.36 -88.09 -44.87
N ASN A 648 -38.52 -89.12 -44.90
CA ASN A 648 -38.77 -90.30 -44.07
C ASN A 648 -38.53 -89.98 -42.60
N SER A 649 -39.13 -90.81 -41.74
CA SER A 649 -39.14 -90.56 -40.31
C SER A 649 -38.52 -91.74 -39.56
N TYR A 650 -37.73 -91.43 -38.54
CA TYR A 650 -37.09 -92.43 -37.71
C TYR A 650 -37.12 -91.99 -36.24
N GLU A 651 -36.57 -92.84 -35.39
CA GLU A 651 -36.40 -92.52 -33.98
C GLU A 651 -35.19 -91.60 -33.79
N CYS A 652 -35.39 -90.46 -33.15
CA CYS A 652 -34.31 -89.50 -33.01
C CYS A 652 -33.64 -89.65 -31.64
N ASP A 653 -32.55 -88.91 -31.45
CA ASP A 653 -31.81 -88.93 -30.20
C ASP A 653 -31.54 -87.51 -29.70
N ILE A 654 -31.38 -86.57 -30.62
CA ILE A 654 -31.02 -85.19 -30.29
C ILE A 654 -32.27 -84.32 -30.50
N PRO A 655 -32.89 -83.83 -29.45
CA PRO A 655 -34.09 -83.00 -29.63
C PRO A 655 -33.76 -81.60 -30.10
N ILE A 656 -34.67 -81.04 -30.90
CA ILE A 656 -34.56 -79.68 -31.40
C ILE A 656 -35.80 -78.86 -31.05
N GLY A 657 -36.97 -79.38 -31.36
CA GLY A 657 -38.23 -78.72 -31.05
C GLY A 657 -39.23 -78.86 -32.17
N ALA A 658 -40.52 -78.73 -31.82
CA ALA A 658 -41.64 -78.74 -32.75
C ALA A 658 -41.69 -80.03 -33.58
N GLY A 659 -41.38 -81.16 -32.94
CA GLY A 659 -41.52 -82.45 -33.57
C GLY A 659 -40.45 -82.82 -34.57
N ILE A 660 -39.34 -82.07 -34.63
CA ILE A 660 -38.25 -82.33 -35.55
C ILE A 660 -36.97 -82.48 -34.75
N CYS A 661 -36.25 -83.58 -34.98
CA CYS A 661 -34.93 -83.79 -34.40
C CYS A 661 -33.86 -83.73 -35.47
N ALA A 662 -32.63 -84.02 -35.04
CA ALA A 662 -31.49 -84.16 -35.93
C ALA A 662 -30.71 -85.41 -35.53
N SER A 663 -30.15 -86.08 -36.54
CA SER A 663 -29.41 -87.31 -36.30
C SER A 663 -28.36 -87.46 -37.39
N TYR A 664 -27.37 -88.30 -37.10
CA TYR A 664 -26.28 -88.56 -38.05
C TYR A 664 -26.53 -89.93 -38.66
N GLN A 665 -27.02 -89.94 -39.90
CA GLN A 665 -27.34 -91.17 -40.63
C GLN A 665 -26.75 -91.07 -42.03
N THR A 666 -26.98 -92.12 -42.82
CA THR A 666 -26.47 -92.16 -44.19
C THR A 666 -27.41 -91.41 -45.14
N SER A 679 -21.52 -90.35 -48.44
CA SER A 679 -21.25 -90.96 -47.14
C SER A 679 -22.41 -90.70 -46.17
N GLN A 680 -22.07 -90.30 -44.94
CA GLN A 680 -23.04 -90.02 -43.91
C GLN A 680 -22.91 -88.58 -43.45
N SER A 681 -24.05 -87.92 -43.23
CA SER A 681 -24.08 -86.52 -42.81
C SER A 681 -25.20 -86.34 -41.80
N ILE A 682 -25.30 -85.13 -41.27
CA ILE A 682 -26.34 -84.81 -40.29
C ILE A 682 -27.65 -84.52 -41.04
N ILE A 683 -28.71 -85.22 -40.64
CA ILE A 683 -30.02 -85.09 -41.28
C ILE A 683 -31.04 -84.65 -40.25
N ALA A 684 -32.12 -84.05 -40.74
CA ALA A 684 -33.23 -83.61 -39.91
C ALA A 684 -34.52 -84.20 -40.45
N TYR A 685 -35.39 -84.66 -39.55
CA TYR A 685 -36.60 -85.37 -39.95
C TYR A 685 -37.64 -85.26 -38.86
N THR A 686 -38.88 -85.62 -39.22
CA THR A 686 -40.02 -85.59 -38.31
C THR A 686 -40.01 -86.84 -37.43
N MET A 687 -40.55 -86.70 -36.21
CA MET A 687 -40.57 -87.81 -35.26
C MET A 687 -41.39 -88.99 -35.73
N SER A 688 -40.90 -90.18 -35.41
CA SER A 688 -41.69 -91.41 -35.42
C SER A 688 -42.14 -91.69 -34.00
N LEU A 689 -43.44 -91.84 -33.82
CA LEU A 689 -43.99 -92.07 -32.48
C LEU A 689 -43.92 -93.54 -32.06
N GLY A 690 -43.47 -94.42 -32.94
CA GLY A 690 -43.38 -95.82 -32.64
C GLY A 690 -43.64 -96.64 -33.88
N ALA A 691 -43.74 -97.95 -33.69
CA ALA A 691 -44.06 -98.85 -34.79
C ALA A 691 -45.55 -98.76 -35.08
N GLU A 692 -45.90 -98.30 -36.28
CA GLU A 692 -47.30 -98.17 -36.68
C GLU A 692 -47.86 -99.55 -36.96
N ASN A 693 -48.58 -100.11 -36.00
CA ASN A 693 -49.16 -101.44 -36.12
C ASN A 693 -50.62 -101.40 -35.73
N SER A 694 -51.42 -102.25 -36.37
CA SER A 694 -52.84 -102.36 -36.12
C SER A 694 -53.15 -103.70 -35.47
N VAL A 695 -53.84 -103.67 -34.34
CA VAL A 695 -54.23 -104.88 -33.63
C VAL A 695 -55.59 -105.33 -34.17
N ALA A 696 -55.66 -106.56 -34.66
CA ALA A 696 -56.90 -107.09 -35.19
C ALA A 696 -57.91 -107.28 -34.06
N TYR A 697 -59.13 -106.79 -34.25
CA TYR A 697 -60.16 -106.82 -33.24
C TYR A 697 -61.41 -107.50 -33.78
N SER A 698 -62.02 -108.33 -32.96
CA SER A 698 -63.29 -108.97 -33.30
C SER A 698 -64.04 -109.28 -32.01
N ASN A 699 -65.36 -109.47 -32.14
CA ASN A 699 -66.19 -109.74 -30.98
C ASN A 699 -66.09 -111.17 -30.48
N ASN A 700 -65.45 -112.06 -31.24
CA ASN A 700 -65.31 -113.46 -30.81
C ASN A 700 -63.90 -113.97 -31.05
N SER A 701 -62.89 -113.11 -30.89
CA SER A 701 -61.49 -113.49 -31.05
C SER A 701 -60.71 -113.03 -29.84
N ILE A 702 -59.96 -113.94 -29.23
CA ILE A 702 -59.14 -113.64 -28.06
C ILE A 702 -57.74 -114.21 -28.29
N ALA A 703 -56.78 -113.65 -27.56
CA ALA A 703 -55.39 -114.10 -27.62
C ALA A 703 -54.96 -114.52 -26.23
N ILE A 704 -54.52 -115.76 -26.10
CA ILE A 704 -54.05 -116.32 -24.83
C ILE A 704 -52.58 -116.65 -24.99
N PRO A 705 -51.69 -116.06 -24.18
CA PRO A 705 -50.26 -116.38 -24.30
C PRO A 705 -49.96 -117.81 -23.90
N THR A 706 -48.95 -118.38 -24.56
CA THR A 706 -48.51 -119.74 -24.27
C THR A 706 -47.07 -119.82 -23.76
N ASN A 707 -46.35 -118.70 -23.72
CA ASN A 707 -44.97 -118.70 -23.24
C ASN A 707 -44.69 -117.33 -22.62
N PHE A 708 -43.60 -117.27 -21.86
CA PHE A 708 -43.25 -116.05 -21.15
C PHE A 708 -41.73 -115.96 -21.03
N THR A 709 -41.25 -114.74 -20.85
CA THR A 709 -39.83 -114.46 -20.61
C THR A 709 -39.69 -113.68 -19.31
N ILE A 710 -38.69 -114.05 -18.51
CA ILE A 710 -38.42 -113.41 -17.24
C ILE A 710 -37.40 -112.31 -17.50
N SER A 711 -37.87 -111.07 -17.52
CA SER A 711 -37.02 -109.91 -17.79
C SER A 711 -36.71 -109.15 -16.50
N VAL A 712 -35.55 -108.51 -16.48
CA VAL A 712 -35.10 -107.74 -15.34
C VAL A 712 -34.95 -106.28 -15.78
N THR A 713 -35.63 -105.38 -15.09
CA THR A 713 -35.58 -103.96 -15.37
C THR A 713 -34.98 -103.23 -14.18
N THR A 714 -33.99 -102.38 -14.44
CA THR A 714 -33.29 -101.65 -13.40
C THR A 714 -33.65 -100.17 -13.47
N GLU A 715 -34.05 -99.60 -12.34
CA GLU A 715 -34.41 -98.19 -12.24
C GLU A 715 -33.44 -97.50 -11.30
N ILE A 716 -33.00 -96.31 -11.71
CA ILE A 716 -32.04 -95.52 -10.94
C ILE A 716 -32.80 -94.44 -10.18
N LEU A 717 -32.59 -94.38 -8.87
CA LEU A 717 -33.28 -93.40 -8.03
C LEU A 717 -32.35 -92.82 -6.99
N PRO A 718 -32.01 -91.53 -7.09
CA PRO A 718 -31.15 -90.91 -6.06
C PRO A 718 -31.93 -90.61 -4.79
N VAL A 719 -31.25 -90.77 -3.66
CA VAL A 719 -31.85 -90.52 -2.35
C VAL A 719 -31.10 -89.51 -1.51
N SER A 720 -29.84 -89.19 -1.82
CA SER A 720 -29.06 -88.31 -0.96
C SER A 720 -28.09 -87.51 -1.82
N MET A 721 -27.46 -86.53 -1.19
CA MET A 721 -26.49 -85.65 -1.85
C MET A 721 -25.46 -85.21 -0.82
N THR A 722 -24.35 -84.67 -1.32
CA THR A 722 -23.22 -84.34 -0.47
C THR A 722 -23.56 -83.18 0.46
N LYS A 723 -23.37 -83.39 1.76
CA LYS A 723 -23.72 -82.39 2.77
C LYS A 723 -22.58 -81.40 2.93
N THR A 724 -22.91 -80.11 2.84
CA THR A 724 -21.93 -79.04 2.96
C THR A 724 -22.39 -78.05 4.02
N SER A 725 -21.41 -77.38 4.63
CA SER A 725 -21.66 -76.35 5.64
C SER A 725 -20.98 -75.05 5.19
N VAL A 726 -21.75 -73.96 5.18
CA VAL A 726 -21.28 -72.66 4.71
C VAL A 726 -21.53 -71.63 5.80
N ASP A 727 -20.49 -70.87 6.14
CA ASP A 727 -20.59 -69.78 7.10
C ASP A 727 -19.99 -68.52 6.49
N CYS A 728 -20.53 -67.36 6.91
CA CYS A 728 -20.14 -66.10 6.30
C CYS A 728 -18.77 -65.63 6.77
N THR A 729 -18.33 -66.07 7.96
CA THR A 729 -17.14 -65.50 8.57
C THR A 729 -15.88 -65.80 7.77
N MET A 730 -15.72 -67.04 7.31
CA MET A 730 -14.56 -67.42 6.51
C MET A 730 -14.84 -67.53 5.02
N TYR A 731 -16.08 -67.23 4.58
CA TYR A 731 -16.36 -67.10 3.15
C TYR A 731 -16.41 -65.65 2.71
N ILE A 732 -17.30 -64.86 3.32
CA ILE A 732 -17.41 -63.45 2.95
C ILE A 732 -16.21 -62.67 3.43
N CYS A 733 -15.76 -62.92 4.66
CA CYS A 733 -14.60 -62.26 5.22
C CYS A 733 -13.39 -63.18 5.19
N GLY A 734 -12.21 -62.57 5.26
CA GLY A 734 -10.97 -63.32 5.27
C GLY A 734 -10.33 -63.37 6.65
N ASP A 735 -9.32 -62.53 6.86
CA ASP A 735 -8.60 -62.44 8.12
C ASP A 735 -8.51 -60.98 8.57
N SER A 736 -9.64 -60.27 8.50
CA SER A 736 -9.70 -58.87 8.88
C SER A 736 -10.81 -58.66 9.90
N THR A 737 -10.56 -57.77 10.86
CA THR A 737 -11.57 -57.45 11.86
C THR A 737 -12.67 -56.57 11.28
N GLU A 738 -12.30 -55.63 10.40
CA GLU A 738 -13.25 -54.64 9.90
C GLU A 738 -14.37 -55.27 9.10
N CYS A 739 -14.09 -56.37 8.39
CA CYS A 739 -15.14 -57.05 7.63
C CYS A 739 -16.18 -57.67 8.55
N SER A 740 -15.76 -58.16 9.72
CA SER A 740 -16.70 -58.78 10.65
C SER A 740 -17.58 -57.73 11.35
N ASN A 741 -17.08 -56.51 11.49
CA ASN A 741 -17.87 -55.47 12.15
C ASN A 741 -19.12 -55.12 11.36
N LEU A 742 -19.01 -55.04 10.02
CA LEU A 742 -20.17 -54.75 9.21
C LEU A 742 -21.12 -55.93 9.08
N LEU A 743 -20.71 -57.13 9.49
CA LEU A 743 -21.58 -58.29 9.47
C LEU A 743 -22.58 -58.29 10.63
N LEU A 744 -22.40 -57.42 11.62
CA LEU A 744 -23.39 -57.33 12.70
C LEU A 744 -24.72 -56.78 12.21
N GLN A 745 -24.71 -55.95 11.17
CA GLN A 745 -25.95 -55.48 10.57
C GLN A 745 -26.61 -56.56 9.71
N TYR A 746 -25.87 -57.62 9.37
CA TYR A 746 -26.42 -58.73 8.59
C TYR A 746 -26.19 -60.07 9.29
N GLY A 747 -26.03 -60.06 10.61
CA GLY A 747 -25.82 -61.31 11.34
C GLY A 747 -27.04 -62.21 11.31
N SER A 748 -28.24 -61.62 11.34
CA SER A 748 -29.46 -62.41 11.27
C SER A 748 -29.65 -63.00 9.88
N PHE A 749 -29.10 -62.36 8.85
CA PHE A 749 -29.09 -62.96 7.52
C PHE A 749 -28.25 -64.24 7.50
N CYS A 750 -27.11 -64.24 8.18
CA CYS A 750 -26.29 -65.44 8.24
C CYS A 750 -26.87 -66.50 9.16
N THR A 751 -27.72 -66.10 10.12
CA THR A 751 -28.34 -67.07 11.02
C THR A 751 -29.33 -67.95 10.29
N GLN A 752 -30.15 -67.37 9.41
CA GLN A 752 -31.13 -68.16 8.67
C GLN A 752 -30.47 -69.00 7.58
N LEU A 753 -29.32 -68.56 7.05
CA LEU A 753 -28.60 -69.37 6.08
C LEU A 753 -27.93 -70.56 6.75
N ASN A 754 -27.35 -70.35 7.94
CA ASN A 754 -26.75 -71.46 8.68
C ASN A 754 -27.79 -72.46 9.13
N ARG A 755 -28.97 -71.98 9.51
CA ARG A 755 -30.06 -72.87 9.88
C ARG A 755 -30.56 -73.65 8.68
N ALA A 756 -30.60 -73.02 7.50
CA ALA A 756 -31.04 -73.71 6.30
C ALA A 756 -30.08 -74.82 5.90
N LEU A 757 -28.77 -74.56 5.97
CA LEU A 757 -27.80 -75.61 5.66
C LEU A 757 -27.84 -76.73 6.70
N THR A 758 -28.02 -76.37 7.97
CA THR A 758 -28.18 -77.39 9.01
C THR A 758 -29.45 -78.19 8.80
N GLY A 759 -30.54 -77.52 8.42
CA GLY A 759 -31.77 -78.22 8.12
C GLY A 759 -31.66 -79.09 6.87
N ILE A 760 -30.89 -78.62 5.88
CA ILE A 760 -30.66 -79.43 4.68
C ILE A 760 -29.81 -80.65 5.02
N ALA A 761 -28.77 -80.47 5.84
CA ALA A 761 -27.88 -81.57 6.18
C ALA A 761 -28.61 -82.65 6.99
N VAL A 762 -29.45 -82.24 7.94
CA VAL A 762 -30.21 -83.20 8.73
C VAL A 762 -31.32 -83.83 7.89
N GLU A 763 -31.78 -83.16 6.84
CA GLU A 763 -32.76 -83.76 5.95
C GLU A 763 -32.14 -84.86 5.10
N GLN A 764 -30.88 -84.66 4.68
CA GLN A 764 -30.19 -85.70 3.91
C GLN A 764 -29.89 -86.91 4.76
N ASP A 765 -29.59 -86.71 6.04
CA ASP A 765 -29.37 -87.83 6.95
C ASP A 765 -30.65 -88.64 7.15
N LYS A 766 -31.79 -87.95 7.27
CA LYS A 766 -33.06 -88.65 7.46
C LYS A 766 -33.55 -89.33 6.20
N ASN A 767 -33.06 -88.90 5.02
CA ASN A 767 -33.48 -89.52 3.77
C ASN A 767 -32.98 -90.96 3.66
N THR A 768 -31.74 -91.21 4.09
CA THR A 768 -31.19 -92.56 4.01
C THR A 768 -31.87 -93.50 5.01
N GLN A 769 -32.21 -92.98 6.19
CA GLN A 769 -32.86 -93.80 7.21
C GLN A 769 -34.26 -94.23 6.78
N GLU A 770 -34.93 -93.42 5.96
CA GLU A 770 -36.29 -93.74 5.52
C GLU A 770 -36.31 -94.72 4.35
N VAL A 771 -35.18 -95.02 3.74
CA VAL A 771 -35.10 -95.87 2.56
C VAL A 771 -34.46 -97.22 2.90
N PHE A 772 -33.22 -97.20 3.39
CA PHE A 772 -32.49 -98.43 3.64
C PHE A 772 -32.81 -99.07 4.99
N ALA A 773 -33.09 -98.27 6.01
CA ALA A 773 -33.35 -98.79 7.36
C ALA A 773 -34.81 -99.16 7.54
N GLN A 774 -35.34 -100.00 6.66
CA GLN A 774 -36.73 -100.44 6.77
C GLN A 774 -36.90 -101.49 7.86
N VAL A 775 -35.91 -102.37 8.03
CA VAL A 775 -35.98 -103.43 9.03
C VAL A 775 -34.98 -103.13 10.13
N LYS A 776 -35.32 -103.57 11.35
CA LYS A 776 -34.47 -103.36 12.52
C LYS A 776 -33.68 -104.61 12.89
N GLN A 777 -33.71 -105.65 12.06
CA GLN A 777 -32.96 -106.88 12.31
C GLN A 777 -32.11 -107.20 11.10
N ILE A 778 -30.84 -107.48 11.33
CA ILE A 778 -29.91 -107.84 10.27
C ILE A 778 -30.03 -109.34 10.01
N TYR A 779 -30.41 -109.70 8.79
CA TYR A 779 -30.59 -111.10 8.42
C TYR A 779 -29.35 -111.61 7.70
N LYS A 780 -28.83 -112.75 8.16
CA LYS A 780 -27.63 -113.33 7.59
C LYS A 780 -27.98 -114.27 6.45
N THR A 781 -27.17 -114.25 5.40
CA THR A 781 -27.36 -115.15 4.27
C THR A 781 -27.02 -116.58 4.70
N PRO A 782 -27.91 -117.55 4.47
CA PRO A 782 -27.59 -118.92 4.84
C PRO A 782 -26.46 -119.46 3.99
N PRO A 783 -25.63 -120.36 4.56
CA PRO A 783 -24.52 -120.93 3.77
C PRO A 783 -24.96 -121.79 2.60
N ILE A 784 -26.19 -122.31 2.61
CA ILE A 784 -26.69 -123.13 1.53
C ILE A 784 -27.13 -122.21 0.38
N LYS A 785 -26.49 -122.38 -0.77
CA LYS A 785 -26.78 -121.56 -1.95
C LYS A 785 -27.69 -122.27 -2.94
N ASP A 786 -28.25 -123.42 -2.56
CA ASP A 786 -29.16 -124.17 -3.43
C ASP A 786 -30.56 -123.61 -3.25
N PHE A 787 -30.98 -122.73 -4.16
CA PHE A 787 -32.30 -122.11 -4.11
C PHE A 787 -33.22 -122.67 -5.19
N GLY A 788 -33.00 -123.91 -5.60
CA GLY A 788 -33.79 -124.51 -6.66
C GLY A 788 -33.29 -124.25 -8.05
N GLY A 789 -32.04 -123.79 -8.20
CA GLY A 789 -31.48 -123.48 -9.50
C GLY A 789 -31.27 -122.02 -9.80
N PHE A 790 -31.29 -121.17 -8.75
CA PHE A 790 -31.09 -119.71 -8.94
C PHE A 790 -29.66 -119.30 -8.52
N ASN A 791 -28.91 -118.66 -9.43
CA ASN A 791 -27.53 -118.19 -9.11
C ASN A 791 -27.64 -116.77 -8.55
N PHE A 792 -27.66 -116.62 -7.22
CA PHE A 792 -27.82 -115.28 -6.59
C PHE A 792 -26.46 -114.67 -6.25
N SER A 793 -25.37 -115.37 -6.57
CA SER A 793 -24.03 -114.88 -6.25
C SER A 793 -23.76 -113.50 -6.81
N GLN A 794 -24.48 -113.10 -7.86
CA GLN A 794 -24.28 -111.77 -8.42
C GLN A 794 -24.78 -110.66 -7.51
N ILE A 795 -25.85 -110.92 -6.75
CA ILE A 795 -26.45 -109.89 -5.91
C ILE A 795 -26.02 -110.07 -4.46
N LEU A 796 -25.71 -111.30 -4.07
CA LEU A 796 -25.25 -111.52 -2.70
C LEU A 796 -23.79 -111.15 -2.56
N PRO A 797 -23.39 -110.66 -1.38
CA PRO A 797 -21.97 -110.33 -1.16
C PRO A 797 -21.10 -111.58 -1.17
N ASP A 798 -19.86 -111.40 -1.61
CA ASP A 798 -18.89 -112.48 -1.66
C ASP A 798 -17.79 -112.29 -0.61
N PRO A 799 -17.41 -113.36 0.09
CA PRO A 799 -16.37 -113.24 1.12
C PRO A 799 -14.94 -113.22 0.57
N SER A 800 -14.76 -113.32 -0.74
CA SER A 800 -13.42 -113.31 -1.31
C SER A 800 -12.74 -111.97 -1.17
N LYS A 801 -13.52 -110.88 -1.19
CA LYS A 801 -12.98 -109.54 -1.06
C LYS A 801 -13.30 -108.97 0.32
N PRO A 802 -12.43 -108.09 0.85
CA PRO A 802 -12.73 -107.47 2.16
C PRO A 802 -14.00 -106.63 2.16
N SER A 803 -14.35 -106.02 1.03
CA SER A 803 -15.57 -105.23 0.94
C SER A 803 -16.80 -106.12 0.99
N LYS A 804 -17.88 -105.59 1.58
CA LYS A 804 -19.14 -106.29 1.69
C LYS A 804 -20.05 -106.07 0.49
N ARG A 805 -19.54 -105.47 -0.57
CA ARG A 805 -20.36 -105.13 -1.74
C ARG A 805 -20.57 -106.34 -2.64
N SER A 806 -21.69 -106.31 -3.35
CA SER A 806 -21.95 -107.29 -4.39
C SER A 806 -21.08 -107.00 -5.61
N PRO A 807 -20.82 -108.00 -6.46
CA PRO A 807 -20.08 -107.73 -7.70
C PRO A 807 -20.75 -106.71 -8.61
N ILE A 808 -22.09 -106.68 -8.63
CA ILE A 808 -22.78 -105.63 -9.37
C ILE A 808 -22.60 -104.28 -8.68
N GLU A 809 -22.61 -104.28 -7.34
CA GLU A 809 -22.40 -103.04 -6.59
C GLU A 809 -20.98 -102.51 -6.76
N ASP A 810 -20.00 -103.41 -6.84
CA ASP A 810 -18.63 -102.99 -7.13
C ASP A 810 -18.52 -102.37 -8.51
N LEU A 811 -19.21 -102.96 -9.49
CA LEU A 811 -19.28 -102.35 -10.82
C LEU A 811 -20.08 -101.05 -10.79
N LEU A 812 -21.07 -100.96 -9.89
CA LEU A 812 -21.90 -99.76 -9.82
C LEU A 812 -21.13 -98.58 -9.21
N PHE A 813 -20.28 -98.85 -8.22
CA PHE A 813 -19.56 -97.76 -7.55
C PHE A 813 -18.47 -97.18 -8.45
N ASN A 814 -17.77 -98.04 -9.20
CA ASN A 814 -16.70 -97.57 -10.07
C ASN A 814 -17.23 -96.88 -11.33
N LYS A 815 -18.51 -97.12 -11.68
CA LYS A 815 -19.06 -96.51 -12.88
C LYS A 815 -19.27 -95.00 -12.70
N VAL A 816 -19.71 -94.59 -11.51
CA VAL A 816 -19.98 -93.18 -11.22
C VAL A 816 -18.82 -92.61 -10.44
N THR A 817 -18.45 -91.37 -10.75
CA THR A 817 -17.35 -90.69 -10.08
C THR A 817 -17.85 -89.92 -8.87
N ALA A 842 -9.54 -79.70 -4.55
CA ALA A 842 -10.77 -79.89 -3.79
C ALA A 842 -11.55 -78.59 -3.67
N GLN A 843 -12.66 -78.63 -2.94
CA GLN A 843 -13.52 -77.47 -2.75
C GLN A 843 -13.61 -77.05 -1.28
N LYS A 844 -12.66 -77.48 -0.45
CA LYS A 844 -12.68 -77.19 0.97
C LYS A 844 -11.65 -76.15 1.39
N PHE A 845 -10.97 -75.52 0.43
CA PHE A 845 -9.92 -74.56 0.76
C PHE A 845 -10.44 -73.18 1.12
N ASN A 846 -11.71 -72.89 0.87
CA ASN A 846 -12.29 -71.57 1.12
C ASN A 846 -13.46 -71.67 2.09
N GLY A 847 -13.36 -72.57 3.07
CA GLY A 847 -14.38 -72.71 4.08
C GLY A 847 -15.62 -73.47 3.65
N LEU A 848 -15.63 -74.03 2.44
CA LEU A 848 -16.79 -74.80 1.96
C LEU A 848 -16.57 -76.28 2.31
N THR A 849 -16.61 -76.54 3.62
CA THR A 849 -16.36 -77.88 4.13
C THR A 849 -17.51 -78.82 3.77
N VAL A 850 -17.17 -80.11 3.69
CA VAL A 850 -18.13 -81.16 3.35
C VAL A 850 -18.37 -82.00 4.59
N LEU A 851 -19.61 -82.04 5.07
CA LEU A 851 -19.96 -82.85 6.22
C LEU A 851 -20.11 -84.31 5.78
N PRO A 852 -19.37 -85.24 6.38
CA PRO A 852 -19.53 -86.65 5.99
C PRO A 852 -20.90 -87.16 6.38
N PRO A 853 -21.46 -88.10 5.62
CA PRO A 853 -22.78 -88.64 5.95
C PRO A 853 -22.75 -89.47 7.23
N LEU A 854 -23.93 -89.56 7.86
CA LEU A 854 -24.07 -90.37 9.06
C LEU A 854 -23.82 -91.85 8.76
N LEU A 855 -24.30 -92.32 7.61
CA LEU A 855 -24.09 -93.69 7.18
C LEU A 855 -23.21 -93.70 5.94
N THR A 856 -22.11 -94.46 6.01
CA THR A 856 -21.17 -94.56 4.92
C THR A 856 -21.63 -95.65 3.94
N ASP A 857 -20.74 -96.03 3.02
CA ASP A 857 -21.09 -97.06 2.04
C ASP A 857 -21.05 -98.46 2.62
N GLU A 858 -20.45 -98.64 3.80
CA GLU A 858 -20.28 -99.99 4.34
C GLU A 858 -21.59 -100.52 4.90
N MET A 859 -22.22 -99.78 5.82
CA MET A 859 -23.44 -100.26 6.44
C MET A 859 -24.67 -100.12 5.53
N ILE A 860 -24.63 -99.24 4.54
CA ILE A 860 -25.69 -99.21 3.54
C ILE A 860 -25.66 -100.48 2.71
N ALA A 861 -24.45 -100.95 2.35
CA ALA A 861 -24.32 -102.26 1.73
C ALA A 861 -24.76 -103.37 2.66
N GLN A 862 -24.48 -103.22 3.96
CA GLN A 862 -24.95 -104.20 4.94
C GLN A 862 -26.46 -104.13 5.12
N TYR A 863 -27.05 -102.94 4.96
CA TYR A 863 -28.51 -102.85 4.93
C TYR A 863 -29.10 -103.63 3.75
N THR A 864 -28.49 -103.48 2.58
CA THR A 864 -29.02 -104.16 1.39
C THR A 864 -28.84 -105.66 1.48
N SER A 865 -27.70 -106.12 2.00
CA SER A 865 -27.45 -107.55 2.12
C SER A 865 -28.42 -108.21 3.09
N ALA A 866 -28.69 -107.56 4.22
CA ALA A 866 -29.67 -108.09 5.16
C ALA A 866 -31.07 -108.08 4.57
N LEU A 867 -31.42 -107.02 3.83
CA LEU A 867 -32.72 -106.96 3.18
C LEU A 867 -32.82 -107.98 2.05
N LEU A 868 -31.72 -108.24 1.34
CA LEU A 868 -31.72 -109.29 0.32
C LEU A 868 -31.77 -110.68 0.95
N ALA A 869 -31.15 -110.85 2.12
CA ALA A 869 -31.19 -112.15 2.79
C ALA A 869 -32.61 -112.48 3.26
N GLY A 870 -33.32 -111.51 3.82
CA GLY A 870 -34.71 -111.73 4.19
C GLY A 870 -35.64 -111.82 3.01
N THR A 871 -35.23 -111.28 1.86
CA THR A 871 -35.98 -111.44 0.62
C THR A 871 -36.03 -112.90 0.17
N ILE A 872 -34.86 -113.54 0.11
CA ILE A 872 -34.77 -114.88 -0.47
C ILE A 872 -35.09 -115.99 0.52
N THR A 873 -35.27 -115.66 1.81
CA THR A 873 -35.54 -116.66 2.83
C THR A 873 -36.91 -116.53 3.48
N SER A 874 -37.59 -115.39 3.35
CA SER A 874 -38.88 -115.20 4.00
C SER A 874 -39.96 -114.60 3.12
N GLY A 875 -39.61 -114.04 1.96
CA GLY A 875 -40.60 -113.44 1.09
C GLY A 875 -40.96 -112.03 1.50
N TRP A 876 -42.16 -111.86 2.08
CA TRP A 876 -42.61 -110.56 2.53
C TRP A 876 -43.00 -110.52 4.00
N THR A 877 -42.99 -111.67 4.70
CA THR A 877 -43.40 -111.70 6.09
C THR A 877 -42.39 -111.04 7.01
N PHE A 878 -41.12 -110.94 6.59
CA PHE A 878 -40.12 -110.25 7.41
C PHE A 878 -40.33 -108.75 7.40
N GLY A 879 -40.90 -108.20 6.32
CA GLY A 879 -41.22 -106.80 6.23
C GLY A 879 -42.58 -106.43 6.77
N ALA A 880 -43.35 -107.39 7.26
CA ALA A 880 -44.68 -107.16 7.81
C ALA A 880 -44.88 -107.88 9.13
N GLY A 881 -43.79 -108.12 9.86
CA GLY A 881 -43.84 -108.80 11.12
C GLY A 881 -42.61 -109.65 11.36
N PRO A 882 -42.77 -110.73 12.13
CA PRO A 882 -41.65 -111.65 12.35
C PRO A 882 -41.24 -112.37 11.07
N ALA A 883 -39.96 -112.69 10.98
CA ALA A 883 -39.41 -113.31 9.78
C ALA A 883 -39.68 -114.81 9.83
N LEU A 884 -40.48 -115.30 8.89
CA LEU A 884 -40.73 -116.73 8.75
C LEU A 884 -39.62 -117.33 7.88
N GLN A 885 -39.73 -118.61 7.57
CA GLN A 885 -38.85 -119.26 6.61
C GLN A 885 -39.68 -119.95 5.54
N ILE A 886 -39.25 -119.81 4.29
CA ILE A 886 -39.93 -120.45 3.17
C ILE A 886 -38.91 -120.71 2.08
N PRO A 887 -38.96 -121.87 1.41
CA PRO A 887 -38.08 -122.09 0.26
C PRO A 887 -38.45 -121.17 -0.89
N PHE A 888 -37.45 -120.84 -1.70
CA PHE A 888 -37.67 -120.02 -2.88
C PHE A 888 -38.68 -120.57 -3.89
N PRO A 889 -38.75 -121.90 -4.18
CA PRO A 889 -39.72 -122.34 -5.22
C PRO A 889 -41.17 -121.98 -4.96
N MET A 890 -41.70 -122.19 -3.74
CA MET A 890 -43.07 -121.76 -3.50
C MET A 890 -43.15 -120.33 -2.97
N GLN A 891 -42.02 -119.64 -2.82
CA GLN A 891 -42.06 -118.21 -2.57
C GLN A 891 -42.51 -117.46 -3.82
N MET A 892 -41.93 -117.80 -4.97
CA MET A 892 -42.35 -117.19 -6.23
C MET A 892 -43.63 -117.80 -6.78
N ALA A 893 -44.01 -119.00 -6.33
CA ALA A 893 -45.33 -119.53 -6.64
C ALA A 893 -46.41 -118.68 -5.99
N TYR A 894 -46.13 -118.16 -4.79
CA TYR A 894 -47.02 -117.17 -4.18
C TYR A 894 -47.05 -115.89 -5.02
N ARG A 895 -45.90 -115.50 -5.59
CA ARG A 895 -45.83 -114.32 -6.43
C ARG A 895 -46.62 -114.52 -7.73
N PHE A 896 -46.58 -115.73 -8.29
CA PHE A 896 -47.36 -116.02 -9.48
C PHE A 896 -48.86 -115.95 -9.21
N ASN A 897 -49.28 -116.40 -8.02
CA ASN A 897 -50.69 -116.31 -7.65
C ASN A 897 -51.14 -114.87 -7.46
N GLY A 898 -50.21 -113.94 -7.20
CA GLY A 898 -50.57 -112.54 -7.04
C GLY A 898 -50.87 -111.80 -8.31
N ILE A 899 -50.42 -112.33 -9.46
CA ILE A 899 -50.66 -111.70 -10.75
C ILE A 899 -51.70 -112.48 -11.56
N GLY A 900 -52.53 -113.28 -10.89
CA GLY A 900 -53.58 -114.00 -11.57
C GLY A 900 -53.15 -115.25 -12.31
N VAL A 901 -51.98 -115.78 -12.00
CA VAL A 901 -51.46 -116.99 -12.63
C VAL A 901 -51.49 -118.12 -11.61
N THR A 902 -52.14 -119.22 -11.96
CA THR A 902 -52.15 -120.40 -11.10
C THR A 902 -50.75 -121.01 -11.02
N GLN A 903 -50.45 -121.61 -9.87
CA GLN A 903 -49.07 -121.95 -9.51
C GLN A 903 -48.58 -123.25 -10.09
N ASN A 904 -49.43 -124.03 -10.77
CA ASN A 904 -48.99 -125.31 -11.30
C ASN A 904 -48.06 -125.16 -12.50
N VAL A 905 -48.09 -124.00 -13.17
CA VAL A 905 -47.25 -123.80 -14.36
C VAL A 905 -45.80 -123.50 -14.01
N LEU A 906 -45.47 -123.32 -12.74
CA LEU A 906 -44.09 -123.01 -12.37
C LEU A 906 -43.25 -124.27 -12.23
N TYR A 907 -43.73 -125.25 -11.47
CA TYR A 907 -42.98 -126.48 -11.24
C TYR A 907 -42.87 -127.36 -12.47
N GLU A 908 -43.68 -127.10 -13.51
CA GLU A 908 -43.57 -127.87 -14.74
C GLU A 908 -42.30 -127.52 -15.51
N ASN A 909 -41.90 -126.25 -15.46
CA ASN A 909 -40.71 -125.76 -16.17
C ASN A 909 -39.89 -124.86 -15.25
N GLN A 910 -39.61 -125.35 -14.04
CA GLN A 910 -38.83 -124.57 -13.08
C GLN A 910 -37.40 -124.35 -13.57
N LYS A 911 -36.83 -125.32 -14.28
CA LYS A 911 -35.50 -125.15 -14.84
C LYS A 911 -35.46 -124.06 -15.90
N LEU A 912 -36.53 -123.95 -16.70
CA LEU A 912 -36.59 -122.92 -17.73
C LEU A 912 -36.66 -121.53 -17.13
N ILE A 913 -37.44 -121.36 -16.06
CA ILE A 913 -37.56 -120.05 -15.42
C ILE A 913 -36.26 -119.69 -14.69
N ALA A 914 -35.63 -120.68 -14.06
CA ALA A 914 -34.36 -120.42 -13.38
C ALA A 914 -33.27 -120.05 -14.37
N ASN A 915 -33.24 -120.69 -15.54
CA ASN A 915 -32.28 -120.32 -16.57
C ASN A 915 -32.56 -118.93 -17.13
N GLN A 916 -33.85 -118.59 -17.29
CA GLN A 916 -34.20 -117.25 -17.76
C GLN A 916 -33.81 -116.18 -16.75
N PHE A 917 -33.99 -116.47 -15.45
CA PHE A 917 -33.60 -115.51 -14.42
C PHE A 917 -32.09 -115.29 -14.40
N ASN A 918 -31.31 -116.37 -14.52
CA ASN A 918 -29.86 -116.24 -14.52
C ASN A 918 -29.37 -115.52 -15.77
N SER A 919 -30.00 -115.77 -16.92
CA SER A 919 -29.64 -115.07 -18.15
C SER A 919 -29.96 -113.59 -18.05
N ALA A 920 -31.11 -113.25 -17.46
CA ALA A 920 -31.48 -111.84 -17.32
C ALA A 920 -30.55 -111.11 -16.36
N ILE A 921 -30.11 -111.78 -15.29
CA ILE A 921 -29.14 -111.19 -14.38
C ILE A 921 -27.81 -110.96 -15.08
N GLY A 922 -27.38 -111.93 -15.89
CA GLY A 922 -26.17 -111.75 -16.67
C GLY A 922 -26.28 -110.66 -17.72
N LYS A 923 -27.46 -110.50 -18.31
CA LYS A 923 -27.66 -109.47 -19.33
C LYS A 923 -27.60 -108.07 -18.71
N ILE A 924 -28.24 -107.87 -17.55
CA ILE A 924 -28.23 -106.56 -16.94
C ILE A 924 -26.87 -106.25 -16.33
N GLN A 925 -26.11 -107.29 -15.95
CA GLN A 925 -24.75 -107.06 -15.47
C GLN A 925 -23.83 -106.64 -16.61
N ASP A 926 -24.01 -107.23 -17.80
CA ASP A 926 -23.19 -106.85 -18.95
C ASP A 926 -23.58 -105.47 -19.47
N SER A 927 -24.88 -105.14 -19.43
CA SER A 927 -25.33 -103.83 -19.90
C SER A 927 -24.84 -102.71 -19.00
N LEU A 928 -24.80 -102.95 -17.69
CA LEU A 928 -24.32 -101.94 -16.75
C LEU A 928 -22.83 -101.69 -16.89
N SER A 929 -22.07 -102.66 -17.39
CA SER A 929 -20.63 -102.47 -17.59
C SER A 929 -20.32 -101.58 -18.79
N SER A 930 -21.28 -101.40 -19.69
CA SER A 930 -21.08 -100.57 -20.87
C SER A 930 -21.34 -99.10 -20.56
N ALA A 934 -24.10 -94.06 -19.56
CA ALA A 934 -23.87 -94.21 -18.13
C ALA A 934 -25.15 -93.92 -17.33
N LEU A 935 -24.99 -93.63 -16.05
CA LEU A 935 -26.11 -93.32 -15.18
C LEU A 935 -26.35 -91.82 -15.18
N GLY A 936 -27.55 -91.42 -15.60
CA GLY A 936 -27.91 -90.01 -15.64
C GLY A 936 -28.48 -89.50 -14.34
N LYS A 937 -29.23 -90.35 -13.65
CA LYS A 937 -29.88 -89.94 -12.40
C LYS A 937 -28.89 -89.84 -11.24
N LEU A 938 -27.78 -90.60 -11.29
CA LEU A 938 -26.78 -90.57 -10.24
C LEU A 938 -25.62 -89.63 -10.54
N GLN A 939 -25.57 -89.05 -11.74
CA GLN A 939 -24.49 -88.15 -12.10
C GLN A 939 -24.88 -86.68 -12.03
N ASP A 940 -26.14 -86.35 -12.33
CA ASP A 940 -26.56 -84.95 -12.27
C ASP A 940 -26.62 -84.43 -10.85
N VAL A 941 -26.94 -85.28 -9.87
CA VAL A 941 -26.99 -84.85 -8.48
C VAL A 941 -25.60 -84.54 -7.93
N VAL A 942 -24.54 -85.06 -8.56
CA VAL A 942 -23.18 -84.78 -8.15
C VAL A 942 -22.56 -83.66 -8.97
N ASN A 943 -22.80 -83.65 -10.29
CA ASN A 943 -22.24 -82.63 -11.16
C ASN A 943 -22.82 -81.26 -10.86
N GLN A 944 -24.14 -81.18 -10.63
CA GLN A 944 -24.78 -79.89 -10.34
C GLN A 944 -24.31 -79.32 -9.02
N ASN A 945 -24.08 -80.19 -8.03
CA ASN A 945 -23.48 -79.74 -6.77
C ASN A 945 -22.04 -79.29 -6.98
N ALA A 946 -21.29 -80.00 -7.83
CA ALA A 946 -19.89 -79.68 -8.05
C ALA A 946 -19.73 -78.32 -8.71
N GLN A 947 -20.56 -78.00 -9.70
CA GLN A 947 -20.46 -76.69 -10.34
C GLN A 947 -21.00 -75.58 -9.43
N ALA A 948 -21.96 -75.90 -8.56
CA ALA A 948 -22.48 -74.90 -7.63
C ALA A 948 -21.43 -74.48 -6.62
N LEU A 949 -20.67 -75.45 -6.08
CA LEU A 949 -19.55 -75.11 -5.21
C LEU A 949 -18.42 -74.44 -5.99
N ASN A 950 -18.24 -74.83 -7.25
CA ASN A 950 -17.24 -74.18 -8.10
C ASN A 950 -17.63 -72.74 -8.40
N THR A 951 -18.92 -72.49 -8.60
CA THR A 951 -19.39 -71.13 -8.87
C THR A 951 -19.21 -70.22 -7.67
N LEU A 952 -19.35 -70.78 -6.45
CA LEU A 952 -19.17 -69.97 -5.24
C LEU A 952 -17.76 -69.43 -5.14
N VAL A 953 -16.76 -70.23 -5.54
CA VAL A 953 -15.38 -69.74 -5.57
C VAL A 953 -15.23 -68.64 -6.61
N LYS A 954 -15.89 -68.80 -7.76
CA LYS A 954 -15.85 -67.79 -8.82
C LYS A 954 -16.51 -66.48 -8.41
N GLN A 955 -17.41 -66.51 -7.43
CA GLN A 955 -18.06 -65.28 -6.97
C GLN A 955 -17.09 -64.38 -6.22
N LEU A 956 -16.08 -64.97 -5.56
CA LEU A 956 -15.08 -64.19 -4.85
C LEU A 956 -14.05 -63.55 -5.77
N SER A 957 -14.02 -63.95 -7.04
CA SER A 957 -13.11 -63.36 -8.02
C SER A 957 -13.72 -62.18 -8.76
N SER A 958 -14.97 -61.84 -8.47
CA SER A 958 -15.64 -60.71 -9.10
C SER A 958 -15.63 -59.50 -8.18
N ASN A 959 -15.51 -58.31 -8.78
CA ASN A 959 -15.40 -57.08 -8.01
C ASN A 959 -16.75 -56.55 -7.53
N PHE A 960 -17.85 -57.00 -8.13
CA PHE A 960 -19.20 -56.47 -7.87
C PHE A 960 -19.25 -54.96 -8.07
N GLY A 961 -18.55 -54.49 -9.10
CA GLY A 961 -18.51 -53.08 -9.42
C GLY A 961 -17.51 -52.26 -8.63
N ALA A 962 -16.74 -52.88 -7.73
CA ALA A 962 -15.77 -52.17 -6.93
C ALA A 962 -14.44 -52.10 -7.68
N ILE A 963 -13.39 -51.63 -7.01
CA ILE A 963 -12.07 -51.48 -7.63
C ILE A 963 -11.19 -52.70 -7.44
N SER A 964 -11.55 -53.63 -6.56
CA SER A 964 -10.77 -54.84 -6.35
C SER A 964 -11.68 -55.94 -5.83
N SER A 965 -11.20 -57.17 -5.93
CA SER A 965 -11.97 -58.34 -5.53
C SER A 965 -11.76 -58.69 -4.06
N VAL A 966 -10.52 -58.93 -3.66
CA VAL A 966 -10.21 -59.31 -2.30
C VAL A 966 -10.28 -58.09 -1.39
N LEU A 967 -10.85 -58.27 -0.20
CA LEU A 967 -11.04 -57.17 0.74
C LEU A 967 -9.72 -56.70 1.35
N ASN A 968 -8.70 -57.56 1.40
CA ASN A 968 -7.43 -57.16 2.01
C ASN A 968 -6.67 -56.16 1.15
N ASP A 969 -6.92 -56.15 -0.16
CA ASP A 969 -6.21 -55.24 -1.05
C ASP A 969 -6.70 -53.81 -0.88
N ILE A 970 -8.03 -53.61 -0.80
CA ILE A 970 -8.57 -52.27 -0.68
C ILE A 970 -8.33 -51.70 0.71
N LEU A 971 -8.21 -52.56 1.72
CA LEU A 971 -7.85 -52.09 3.05
C LEU A 971 -6.41 -51.59 3.10
N SER A 972 -5.51 -52.23 2.35
CA SER A 972 -4.11 -51.81 2.35
C SER A 972 -3.89 -50.56 1.52
N ARG A 973 -4.70 -50.32 0.49
CA ARG A 973 -4.50 -49.17 -0.39
C ARG A 973 -5.27 -47.94 0.05
N LEU A 974 -6.36 -48.11 0.79
CA LEU A 974 -7.21 -47.01 1.21
C LEU A 974 -7.51 -47.12 2.69
N ASP A 975 -7.66 -45.98 3.35
CA ASP A 975 -8.02 -45.98 4.76
C ASP A 975 -9.46 -46.45 4.94
N PRO A 976 -9.76 -47.13 6.04
CA PRO A 976 -11.12 -47.68 6.27
C PRO A 976 -12.23 -46.63 6.28
N PRO A 977 -11.99 -45.38 6.74
CA PRO A 977 -13.08 -44.38 6.61
C PRO A 977 -13.56 -44.14 5.18
N GLU A 978 -12.68 -44.16 4.18
CA GLU A 978 -13.12 -43.92 2.81
C GLU A 978 -13.43 -45.20 2.05
N ALA A 979 -12.87 -46.34 2.46
CA ALA A 979 -13.10 -47.61 1.79
C ALA A 979 -14.29 -48.37 2.36
N GLU A 980 -15.09 -47.74 3.22
CA GLU A 980 -16.23 -48.42 3.82
C GLU A 980 -17.30 -48.76 2.78
N VAL A 981 -17.51 -47.88 1.81
CA VAL A 981 -18.49 -48.15 0.76
C VAL A 981 -18.01 -49.28 -0.14
N GLN A 982 -16.69 -49.41 -0.34
CA GLN A 982 -16.17 -50.52 -1.12
C GLN A 982 -16.33 -51.84 -0.38
N ILE A 983 -16.19 -51.83 0.95
CA ILE A 983 -16.42 -53.02 1.74
C ILE A 983 -17.91 -53.41 1.71
N ASP A 984 -18.79 -52.42 1.89
CA ASP A 984 -20.21 -52.70 2.02
C ASP A 984 -20.80 -53.28 0.74
N ARG A 985 -20.37 -52.75 -0.42
CA ARG A 985 -20.82 -53.32 -1.69
C ARG A 985 -20.26 -54.72 -1.90
N LEU A 986 -19.09 -55.02 -1.34
CA LEU A 986 -18.56 -56.38 -1.40
C LEU A 986 -19.32 -57.30 -0.45
N ILE A 987 -19.81 -56.77 0.67
CA ILE A 987 -20.60 -57.59 1.60
C ILE A 987 -21.92 -58.00 0.96
N THR A 988 -22.64 -57.05 0.38
CA THR A 988 -23.93 -57.35 -0.22
C THR A 988 -23.79 -58.12 -1.53
N GLY A 989 -22.66 -57.98 -2.23
CA GLY A 989 -22.42 -58.80 -3.41
C GLY A 989 -22.22 -60.26 -3.07
N ARG A 990 -21.47 -60.52 -1.99
CA ARG A 990 -21.25 -61.90 -1.55
C ARG A 990 -22.46 -62.46 -0.81
N LEU A 991 -23.23 -61.59 -0.15
CA LEU A 991 -24.47 -62.04 0.48
C LEU A 991 -25.51 -62.46 -0.56
N GLN A 992 -25.57 -61.72 -1.67
CA GLN A 992 -26.51 -62.07 -2.74
C GLN A 992 -26.13 -63.40 -3.39
N SER A 993 -24.83 -63.64 -3.58
CA SER A 993 -24.39 -64.91 -4.14
C SER A 993 -24.67 -66.07 -3.19
N LEU A 994 -24.47 -65.84 -1.88
CA LEU A 994 -24.75 -66.89 -0.91
C LEU A 994 -26.24 -67.16 -0.80
N GLN A 995 -27.06 -66.11 -0.86
CA GLN A 995 -28.50 -66.29 -0.79
C GLN A 995 -29.02 -67.06 -2.00
N THR A 996 -28.47 -66.79 -3.18
CA THR A 996 -28.84 -67.55 -4.37
C THR A 996 -28.41 -69.01 -4.25
N TYR A 997 -27.23 -69.26 -3.68
CA TYR A 997 -26.77 -70.62 -3.48
C TYR A 997 -27.64 -71.36 -2.46
N VAL A 998 -28.03 -70.68 -1.38
CA VAL A 998 -28.92 -71.30 -0.39
C VAL A 998 -30.29 -71.57 -1.00
N THR A 999 -30.78 -70.64 -1.82
CA THR A 999 -32.09 -70.82 -2.44
C THR A 999 -32.12 -72.01 -3.37
N GLN A 1000 -31.08 -72.18 -4.20
CA GLN A 1000 -31.05 -73.31 -5.12
C GLN A 1000 -30.76 -74.62 -4.40
N GLN A 1001 -29.99 -74.58 -3.31
CA GLN A 1001 -29.74 -75.78 -2.52
C GLN A 1001 -31.01 -76.29 -1.86
N LEU A 1002 -31.86 -75.37 -1.38
CA LEU A 1002 -33.13 -75.77 -0.78
C LEU A 1002 -34.06 -76.38 -1.82
N ILE A 1003 -34.04 -75.86 -3.05
CA ILE A 1003 -34.82 -76.46 -4.13
C ILE A 1003 -34.27 -77.84 -4.48
N ARG A 1004 -32.94 -77.98 -4.52
CA ARG A 1004 -32.33 -79.29 -4.78
C ARG A 1004 -32.60 -80.25 -3.62
N ALA A 1005 -32.63 -79.75 -2.39
CA ALA A 1005 -32.99 -80.61 -1.26
C ALA A 1005 -34.44 -81.04 -1.32
N ALA A 1006 -35.31 -80.22 -1.92
CA ALA A 1006 -36.72 -80.59 -2.03
C ALA A 1006 -36.94 -81.73 -3.00
N GLU A 1007 -36.27 -81.69 -4.16
CA GLU A 1007 -36.45 -82.74 -5.16
C GLU A 1007 -35.74 -84.02 -4.75
N ILE A 1008 -34.63 -83.92 -4.01
CA ILE A 1008 -33.99 -85.10 -3.46
C ILE A 1008 -34.90 -85.78 -2.43
N ARG A 1009 -35.53 -84.98 -1.57
CA ARG A 1009 -36.47 -85.54 -0.60
C ARG A 1009 -37.68 -86.15 -1.29
N ALA A 1010 -38.16 -85.53 -2.36
CA ALA A 1010 -39.25 -86.11 -3.14
C ALA A 1010 -38.81 -87.41 -3.81
N SER A 1011 -37.58 -87.44 -4.33
CA SER A 1011 -37.06 -88.68 -4.92
C SER A 1011 -36.81 -89.73 -3.86
N ALA A 1012 -36.36 -89.32 -2.67
CA ALA A 1012 -36.16 -90.28 -1.58
C ALA A 1012 -37.48 -90.84 -1.09
N ASN A 1013 -38.52 -90.01 -1.04
CA ASN A 1013 -39.84 -90.49 -0.66
C ASN A 1013 -40.39 -91.48 -1.68
N LEU A 1014 -40.17 -91.20 -2.97
CA LEU A 1014 -40.59 -92.14 -4.02
C LEU A 1014 -39.82 -93.45 -3.91
N ALA A 1015 -38.51 -93.38 -3.64
CA ALA A 1015 -37.72 -94.59 -3.48
C ALA A 1015 -38.10 -95.35 -2.21
N ALA A 1016 -38.46 -94.64 -1.14
CA ALA A 1016 -38.90 -95.29 0.09
C ALA A 1016 -40.21 -96.04 -0.12
N THR A 1017 -41.15 -95.45 -0.87
CA THR A 1017 -42.39 -96.14 -1.19
C THR A 1017 -42.14 -97.35 -2.08
N LYS A 1018 -41.24 -97.21 -3.06
CA LYS A 1018 -40.87 -98.34 -3.89
C LYS A 1018 -40.17 -99.41 -3.06
N MET A 1019 -39.35 -98.99 -2.09
CA MET A 1019 -38.72 -99.95 -1.19
C MET A 1019 -39.74 -100.68 -0.34
N SER A 1020 -40.78 -99.97 0.13
CA SER A 1020 -41.78 -100.58 0.99
C SER A 1020 -42.76 -101.47 0.22
N GLU A 1021 -42.96 -101.20 -1.07
CA GLU A 1021 -43.95 -101.93 -1.86
C GLU A 1021 -43.34 -102.96 -2.80
N CYS A 1022 -42.40 -102.54 -3.66
CA CYS A 1022 -41.84 -103.47 -4.63
C CYS A 1022 -40.92 -104.51 -3.98
N VAL A 1023 -40.23 -104.13 -2.91
CA VAL A 1023 -39.28 -105.03 -2.25
C VAL A 1023 -39.88 -105.68 -1.02
N LEU A 1024 -40.49 -104.89 -0.13
CA LEU A 1024 -41.03 -105.47 1.09
C LEU A 1024 -42.44 -106.01 0.86
N GLY A 1025 -42.62 -106.81 -0.20
CA GLY A 1025 -43.90 -107.34 -0.59
C GLY A 1025 -44.05 -107.30 -2.09
N GLN A 1026 -45.24 -107.67 -2.55
CA GLN A 1026 -45.59 -107.65 -3.97
C GLN A 1026 -46.64 -106.57 -4.21
N SER A 1027 -46.36 -105.67 -5.13
CA SER A 1027 -47.24 -104.54 -5.40
C SER A 1027 -48.19 -104.86 -6.55
N LYS A 1028 -49.49 -104.66 -6.32
CA LYS A 1028 -50.49 -104.85 -7.36
C LYS A 1028 -50.57 -103.68 -8.32
N ARG A 1029 -49.88 -102.58 -8.02
CA ARG A 1029 -49.87 -101.41 -8.91
C ARG A 1029 -49.07 -101.74 -10.17
N VAL A 1030 -49.77 -101.93 -11.28
CA VAL A 1030 -49.10 -102.26 -12.54
C VAL A 1030 -48.38 -101.03 -13.08
N ASP A 1031 -47.27 -101.27 -13.79
CA ASP A 1031 -46.42 -100.24 -14.37
C ASP A 1031 -45.87 -99.29 -13.30
N PHE A 1032 -45.64 -99.81 -12.09
CA PHE A 1032 -45.05 -99.04 -11.01
C PHE A 1032 -43.71 -99.60 -10.54
N CYS A 1033 -43.60 -100.92 -10.44
CA CYS A 1033 -42.33 -101.59 -10.11
C CYS A 1033 -41.70 -102.23 -11.34
N GLY A 1034 -41.81 -101.57 -12.49
CA GLY A 1034 -41.25 -102.11 -13.72
C GLY A 1034 -42.29 -102.35 -14.80
N LYS A 1035 -41.84 -102.53 -16.03
CA LYS A 1035 -42.75 -102.78 -17.15
C LYS A 1035 -43.15 -104.24 -17.16
N GLY A 1036 -44.42 -104.52 -16.90
CA GLY A 1036 -44.94 -105.86 -16.83
C GLY A 1036 -45.46 -106.19 -15.44
N TYR A 1037 -45.88 -107.44 -15.29
CA TYR A 1037 -46.38 -107.93 -14.01
C TYR A 1037 -45.21 -108.09 -13.05
N HIS A 1038 -45.20 -107.28 -11.99
CA HIS A 1038 -44.08 -107.28 -11.06
C HIS A 1038 -44.06 -108.57 -10.24
N LEU A 1039 -42.91 -109.22 -10.18
CA LEU A 1039 -42.71 -110.40 -9.35
C LEU A 1039 -41.88 -110.11 -8.11
N MET A 1040 -40.68 -109.55 -8.27
CA MET A 1040 -39.84 -109.24 -7.12
C MET A 1040 -38.83 -108.18 -7.54
N SER A 1041 -38.39 -107.37 -6.57
CA SER A 1041 -37.37 -106.36 -6.80
C SER A 1041 -36.21 -106.57 -5.84
N PHE A 1042 -34.99 -106.41 -6.34
CA PHE A 1042 -33.77 -106.61 -5.54
C PHE A 1042 -33.03 -105.29 -5.40
N PRO A 1043 -33.09 -104.64 -4.25
CA PRO A 1043 -32.39 -103.36 -4.07
C PRO A 1043 -30.91 -103.56 -3.78
N GLN A 1044 -30.11 -102.62 -4.27
CA GLN A 1044 -28.67 -102.64 -4.07
C GLN A 1044 -28.18 -101.24 -3.72
N SER A 1045 -27.04 -101.18 -3.04
CA SER A 1045 -26.48 -99.92 -2.62
C SER A 1045 -25.89 -99.16 -3.81
N ALA A 1046 -26.07 -97.84 -3.80
CA ALA A 1046 -25.54 -96.95 -4.82
C ALA A 1046 -24.99 -95.70 -4.14
N PRO A 1047 -23.98 -95.06 -4.74
CA PRO A 1047 -23.43 -93.84 -4.14
C PRO A 1047 -24.42 -92.68 -4.26
N HIS A 1048 -24.86 -92.18 -3.11
CA HIS A 1048 -25.87 -91.10 -3.03
C HIS A 1048 -27.14 -91.47 -3.81
N GLY A 1049 -27.57 -92.71 -3.67
CA GLY A 1049 -28.74 -93.17 -4.39
C GLY A 1049 -29.01 -94.62 -4.09
N VAL A 1050 -30.01 -95.17 -4.80
CA VAL A 1050 -30.40 -96.56 -4.65
C VAL A 1050 -30.88 -97.07 -6.01
N VAL A 1051 -30.62 -98.34 -6.27
CA VAL A 1051 -31.07 -99.00 -7.50
C VAL A 1051 -31.96 -100.17 -7.11
N PHE A 1052 -32.86 -100.54 -8.01
CA PHE A 1052 -33.76 -101.67 -7.80
C PHE A 1052 -33.71 -102.59 -9.00
N LEU A 1053 -33.48 -103.88 -8.74
CA LEU A 1053 -33.45 -104.90 -9.79
C LEU A 1053 -34.82 -105.57 -9.83
N HIS A 1054 -35.75 -104.91 -10.50
CA HIS A 1054 -37.11 -105.43 -10.63
C HIS A 1054 -37.12 -106.66 -11.52
N VAL A 1055 -37.92 -107.65 -11.13
CA VAL A 1055 -38.12 -108.86 -11.93
C VAL A 1055 -39.59 -108.85 -12.38
N THR A 1056 -39.80 -108.73 -13.69
CA THR A 1056 -41.14 -108.62 -14.25
C THR A 1056 -41.51 -109.89 -14.97
N TYR A 1057 -42.82 -110.06 -15.17
CA TYR A 1057 -43.39 -111.21 -15.86
C TYR A 1057 -44.10 -110.72 -17.10
N VAL A 1058 -43.50 -110.93 -18.27
CA VAL A 1058 -44.08 -110.48 -19.53
C VAL A 1058 -44.28 -111.68 -20.46
N PRO A 1059 -45.41 -111.76 -21.17
CA PRO A 1059 -45.58 -112.83 -22.15
C PRO A 1059 -44.73 -112.59 -23.39
N ALA A 1060 -44.41 -113.70 -24.07
CA ALA A 1060 -43.60 -113.66 -25.28
C ALA A 1060 -44.39 -114.11 -26.51
N GLN A 1061 -44.94 -115.33 -26.42
CA GLN A 1061 -45.67 -115.91 -27.58
C GLN A 1061 -47.16 -116.00 -27.26
N GLU A 1062 -48.01 -115.62 -28.22
CA GLU A 1062 -49.45 -115.68 -28.07
C GLU A 1062 -50.08 -116.29 -29.31
N LYS A 1063 -51.26 -116.87 -29.13
CA LYS A 1063 -52.00 -117.51 -30.22
C LYS A 1063 -53.44 -117.01 -30.22
N ASN A 1064 -53.99 -116.82 -31.41
CA ASN A 1064 -55.38 -116.39 -31.53
C ASN A 1064 -56.32 -117.56 -31.24
N PHE A 1065 -57.51 -117.23 -30.72
CA PHE A 1065 -58.50 -118.23 -30.37
C PHE A 1065 -59.89 -117.63 -30.51
N THR A 1066 -60.86 -118.49 -30.81
CA THR A 1066 -62.26 -118.11 -30.86
C THR A 1066 -62.87 -118.29 -29.47
N THR A 1067 -63.50 -117.24 -28.95
CA THR A 1067 -63.98 -117.23 -27.58
C THR A 1067 -65.47 -116.92 -27.53
N ALA A 1068 -66.08 -117.27 -26.39
CA ALA A 1068 -67.48 -116.98 -26.11
C ALA A 1068 -67.60 -116.70 -24.62
N PRO A 1069 -68.35 -115.68 -24.23
CA PRO A 1069 -68.47 -115.35 -22.80
C PRO A 1069 -69.14 -116.44 -21.97
N ALA A 1070 -70.09 -117.18 -22.53
CA ALA A 1070 -70.85 -118.16 -21.78
C ALA A 1070 -71.14 -119.37 -22.65
N ILE A 1071 -71.57 -120.44 -22.01
CA ILE A 1071 -71.94 -121.69 -22.68
C ILE A 1071 -73.28 -122.15 -22.13
N CYS A 1072 -74.24 -122.40 -23.02
CA CYS A 1072 -75.55 -122.92 -22.66
C CYS A 1072 -75.55 -124.42 -22.88
N HIS A 1073 -75.77 -125.18 -21.80
CA HIS A 1073 -75.71 -126.65 -21.85
C HIS A 1073 -77.10 -127.27 -21.94
N ASP A 1074 -77.95 -126.99 -20.96
CA ASP A 1074 -79.30 -127.55 -20.89
C ASP A 1074 -80.30 -126.45 -20.56
N GLY A 1075 -80.18 -125.32 -21.25
CA GLY A 1075 -81.00 -124.16 -20.97
C GLY A 1075 -80.46 -123.23 -19.92
N LYS A 1076 -79.33 -123.57 -19.28
CA LYS A 1076 -78.70 -122.74 -18.26
C LYS A 1076 -77.34 -122.30 -18.77
N ALA A 1077 -77.03 -121.02 -18.60
CA ALA A 1077 -75.75 -120.48 -19.05
C ALA A 1077 -74.66 -120.80 -18.04
N HIS A 1078 -73.50 -121.20 -18.55
CA HIS A 1078 -72.35 -121.54 -17.72
C HIS A 1078 -71.29 -120.45 -17.87
N PHE A 1079 -70.80 -119.95 -16.74
CA PHE A 1079 -69.79 -118.90 -16.72
C PHE A 1079 -68.53 -119.39 -16.02
N PRO A 1080 -67.35 -119.07 -16.55
CA PRO A 1080 -66.11 -119.49 -15.89
C PRO A 1080 -65.89 -118.75 -14.58
N ARG A 1081 -65.22 -119.44 -13.65
CA ARG A 1081 -64.96 -118.84 -12.34
C ARG A 1081 -63.73 -117.94 -12.37
N GLU A 1082 -62.65 -118.39 -13.01
CA GLU A 1082 -61.42 -117.61 -13.10
C GLU A 1082 -60.80 -117.59 -14.49
N GLY A 1083 -61.25 -118.42 -15.42
CA GLY A 1083 -60.67 -118.51 -16.74
C GLY A 1083 -61.54 -117.90 -17.80
N VAL A 1084 -61.25 -118.25 -19.05
CA VAL A 1084 -62.00 -117.77 -20.22
C VAL A 1084 -62.20 -118.94 -21.16
N PHE A 1085 -63.39 -119.04 -21.74
CA PHE A 1085 -63.68 -120.08 -22.71
C PHE A 1085 -62.94 -119.81 -24.01
N VAL A 1086 -62.15 -120.78 -24.47
CA VAL A 1086 -61.40 -120.63 -25.76
C VAL A 1086 -61.66 -121.88 -26.62
N SER A 1087 -61.26 -121.85 -27.89
CA SER A 1087 -61.44 -123.02 -28.79
C SER A 1087 -60.47 -122.97 -29.96
N ASN A 1088 -60.09 -124.12 -30.52
CA ASN A 1088 -59.21 -124.15 -31.72
C ASN A 1088 -60.08 -124.32 -32.98
N GLY A 1089 -61.34 -123.86 -32.91
CA GLY A 1089 -62.26 -123.98 -34.06
C GLY A 1089 -63.34 -125.01 -33.82
N THR A 1090 -63.05 -126.02 -33.00
CA THR A 1090 -64.05 -127.09 -32.69
C THR A 1090 -64.06 -127.37 -31.20
N HIS A 1091 -62.97 -127.94 -30.66
CA HIS A 1091 -62.93 -128.32 -29.23
C HIS A 1091 -62.86 -127.06 -28.36
N TRP A 1092 -63.92 -126.80 -27.58
CA TRP A 1092 -63.92 -125.65 -26.66
C TRP A 1092 -63.11 -125.98 -25.41
N PHE A 1093 -62.43 -124.98 -24.84
CA PHE A 1093 -61.56 -125.23 -23.66
C PHE A 1093 -61.60 -124.02 -22.72
N VAL A 1094 -61.13 -124.20 -21.49
CA VAL A 1094 -61.03 -123.08 -20.56
C VAL A 1094 -59.57 -122.86 -20.20
N THR A 1095 -59.13 -121.61 -20.22
CA THR A 1095 -57.75 -121.25 -19.94
C THR A 1095 -57.70 -120.01 -19.08
N GLN A 1096 -56.65 -119.90 -18.27
CA GLN A 1096 -56.42 -118.67 -17.54
C GLN A 1096 -55.95 -117.57 -18.49
N ARG A 1097 -56.11 -116.32 -18.06
CA ARG A 1097 -55.90 -115.17 -18.93
C ARG A 1097 -54.43 -114.82 -19.12
N ASN A 1098 -53.51 -115.48 -18.42
CA ASN A 1098 -52.09 -115.17 -18.54
C ASN A 1098 -51.26 -116.34 -19.04
N PHE A 1099 -51.85 -117.53 -19.21
CA PHE A 1099 -51.13 -118.68 -19.71
C PHE A 1099 -52.11 -119.62 -20.39
N TYR A 1100 -51.61 -120.36 -21.39
CA TYR A 1100 -52.44 -121.29 -22.14
C TYR A 1100 -52.37 -122.66 -21.47
N GLU A 1101 -53.38 -122.98 -20.67
CA GLU A 1101 -53.51 -124.27 -20.01
C GLU A 1101 -54.90 -124.82 -20.29
N PRO A 1102 -55.07 -125.52 -21.42
CA PRO A 1102 -56.41 -126.01 -21.78
C PRO A 1102 -56.92 -127.07 -20.82
N GLN A 1103 -58.18 -126.94 -20.43
CA GLN A 1103 -58.83 -127.86 -19.51
C GLN A 1103 -60.22 -128.20 -20.03
N ILE A 1104 -60.70 -129.39 -19.65
CA ILE A 1104 -62.03 -129.82 -20.04
C ILE A 1104 -63.07 -129.01 -19.28
N ILE A 1105 -64.11 -128.58 -20.00
CA ILE A 1105 -65.19 -127.80 -19.40
C ILE A 1105 -65.94 -128.69 -18.41
N THR A 1106 -65.81 -128.41 -17.13
CA THR A 1106 -66.39 -129.20 -16.06
C THR A 1106 -67.33 -128.34 -15.22
N THR A 1107 -67.87 -128.95 -14.16
CA THR A 1107 -68.76 -128.25 -13.24
C THR A 1107 -67.99 -127.56 -12.12
N ASP A 1108 -66.79 -128.04 -11.80
CA ASP A 1108 -66.01 -127.45 -10.70
C ASP A 1108 -65.56 -126.03 -11.02
N ASN A 1109 -65.17 -125.78 -12.27
CA ASN A 1109 -64.65 -124.49 -12.67
C ASN A 1109 -65.69 -123.56 -13.29
N THR A 1110 -66.96 -123.97 -13.31
CA THR A 1110 -68.02 -123.17 -13.89
C THR A 1110 -69.18 -123.05 -12.90
N PHE A 1111 -69.95 -121.97 -13.05
CA PHE A 1111 -71.13 -121.74 -12.25
C PHE A 1111 -72.27 -121.27 -13.15
N VAL A 1112 -73.49 -121.63 -12.77
CA VAL A 1112 -74.68 -121.33 -13.55
C VAL A 1112 -75.39 -120.13 -12.96
N SER A 1113 -76.08 -119.38 -13.82
CA SER A 1113 -76.83 -118.20 -13.39
C SER A 1113 -77.91 -117.93 -14.43
N GLY A 1114 -79.16 -118.22 -14.10
CA GLY A 1114 -80.26 -117.95 -15.00
C GLY A 1114 -80.25 -118.85 -16.22
N ASN A 1115 -80.86 -118.35 -17.29
CA ASN A 1115 -80.94 -119.05 -18.55
C ASN A 1115 -79.88 -118.53 -19.52
N CYS A 1116 -79.84 -119.12 -20.72
CA CYS A 1116 -78.89 -118.73 -21.75
C CYS A 1116 -79.51 -117.84 -22.82
N ASP A 1117 -80.70 -117.28 -22.56
CA ASP A 1117 -81.38 -116.41 -23.50
C ASP A 1117 -81.17 -114.93 -23.18
N VAL A 1118 -80.27 -114.60 -22.26
CA VAL A 1118 -80.02 -113.21 -21.87
C VAL A 1118 -78.72 -112.66 -22.45
N VAL A 1119 -77.86 -113.51 -23.00
CA VAL A 1119 -76.57 -113.09 -23.54
C VAL A 1119 -76.70 -112.94 -25.05
N ILE A 1120 -76.20 -111.82 -25.59
CA ILE A 1120 -76.27 -111.58 -27.02
C ILE A 1120 -75.42 -112.57 -27.81
N GLY A 1121 -74.28 -112.99 -27.25
CA GLY A 1121 -73.43 -113.95 -27.91
C GLY A 1121 -73.14 -115.17 -27.06
N ILE A 1122 -73.54 -116.34 -27.52
CA ILE A 1122 -73.36 -117.58 -26.76
C ILE A 1122 -73.31 -118.74 -27.74
N VAL A 1123 -72.61 -119.80 -27.36
CA VAL A 1123 -72.44 -120.99 -28.19
C VAL A 1123 -72.98 -122.20 -27.44
N ASN A 1124 -73.22 -123.27 -28.19
CA ASN A 1124 -73.73 -124.52 -27.64
C ASN A 1124 -72.58 -125.49 -27.43
N ASN A 1125 -72.56 -126.14 -26.27
CA ASN A 1125 -71.53 -127.12 -25.94
C ASN A 1125 -72.08 -128.06 -24.87
N THR A 1126 -71.22 -128.96 -24.40
CA THR A 1126 -71.58 -129.92 -23.37
C THR A 1126 -70.62 -129.79 -22.20
N VAL A 1127 -71.07 -130.26 -21.04
CA VAL A 1127 -70.31 -130.21 -19.80
C VAL A 1127 -69.94 -131.63 -19.39
N TYR A 1128 -68.71 -131.80 -18.92
CA TYR A 1128 -68.22 -133.12 -18.52
C TYR A 1128 -69.06 -133.70 -17.37
N ASP A 1129 -69.39 -132.86 -16.37
CA ASP A 1129 -70.11 -133.24 -15.17
C ASP A 1129 -69.42 -134.41 -14.48
N PRO A 1130 -68.29 -134.18 -13.79
CA PRO A 1130 -67.45 -135.30 -13.32
C PRO A 1130 -68.02 -136.05 -12.11
N LEU A 1131 -69.31 -135.84 -11.81
CA LEU A 1131 -69.99 -136.64 -10.80
C LEU A 1131 -70.75 -137.82 -11.41
N GLN A 1132 -71.26 -137.67 -12.63
CA GLN A 1132 -72.07 -138.71 -13.25
C GLN A 1132 -71.34 -140.02 -13.50
N PRO A 1133 -70.13 -140.06 -14.10
CA PRO A 1133 -69.50 -141.37 -14.33
C PRO A 1133 -69.08 -142.10 -13.08
N GLU A 1134 -68.92 -141.41 -11.95
CA GLU A 1134 -68.45 -142.03 -10.72
C GLU A 1134 -69.57 -142.63 -9.87
N LEU A 1135 -70.82 -142.22 -10.09
CA LEU A 1135 -71.94 -142.76 -9.33
C LEU A 1135 -72.51 -144.05 -9.93
N ASP A 1136 -72.00 -144.47 -11.08
CA ASP A 1136 -72.47 -145.69 -11.73
C ASP A 1136 -71.90 -146.92 -11.04
N GLN B 4 -64.24 -0.43 -22.60
CA GLN B 4 -64.97 0.17 -21.48
C GLN B 4 -66.10 -0.75 -21.02
N CYS B 5 -66.60 -0.51 -19.81
CA CYS B 5 -67.67 -1.30 -19.24
C CYS B 5 -68.59 -0.39 -18.43
N VAL B 6 -69.81 -0.87 -18.21
CA VAL B 6 -70.80 -0.16 -17.41
C VAL B 6 -71.26 -1.07 -16.28
N ASN B 7 -71.80 -0.46 -15.24
CA ASN B 7 -72.28 -1.18 -14.07
C ASN B 7 -73.74 -1.58 -14.25
N LEU B 8 -74.15 -2.61 -13.52
CA LEU B 8 -75.51 -3.11 -13.54
C LEU B 8 -76.33 -2.51 -12.39
N THR B 9 -77.63 -2.79 -12.42
CA THR B 9 -78.55 -2.35 -11.39
C THR B 9 -79.03 -3.57 -10.61
N THR B 10 -79.18 -3.42 -9.29
CA THR B 10 -79.60 -4.51 -8.45
C THR B 10 -81.03 -4.94 -8.79
N ARG B 11 -81.27 -6.25 -8.68
CA ARG B 11 -82.55 -6.84 -9.05
C ARG B 11 -82.68 -8.17 -8.34
N THR B 12 -83.81 -8.84 -8.56
CA THR B 12 -84.09 -10.13 -7.95
C THR B 12 -83.48 -11.23 -8.82
N GLN B 13 -82.59 -12.02 -8.24
CA GLN B 13 -81.95 -13.14 -8.91
C GLN B 13 -82.46 -14.46 -8.32
N LEU B 14 -81.88 -15.55 -8.80
CA LEU B 14 -82.20 -16.87 -8.30
C LEU B 14 -80.96 -17.52 -7.70
N PRO B 15 -81.09 -18.23 -6.58
CA PRO B 15 -79.92 -18.88 -5.99
C PRO B 15 -79.42 -20.01 -6.86
N PRO B 16 -78.12 -20.28 -6.87
CA PRO B 16 -77.59 -21.39 -7.66
C PRO B 16 -78.03 -22.74 -7.12
N ALA B 17 -78.19 -23.70 -8.02
CA ALA B 17 -78.60 -25.05 -7.67
C ALA B 17 -77.42 -26.01 -7.79
N TYR B 18 -77.56 -27.16 -7.14
CA TYR B 18 -76.56 -28.20 -7.14
C TYR B 18 -77.10 -29.43 -7.85
N THR B 19 -76.35 -29.95 -8.81
CA THR B 19 -76.75 -31.11 -9.58
C THR B 19 -75.70 -32.22 -9.45
N ASN B 20 -76.06 -33.41 -9.92
CA ASN B 20 -75.23 -34.60 -9.80
C ASN B 20 -74.74 -35.03 -11.18
N SER B 21 -73.45 -35.32 -11.28
CA SER B 21 -72.88 -35.81 -12.54
C SER B 21 -73.14 -37.29 -12.71
N PHE B 22 -73.15 -37.72 -13.98
CA PHE B 22 -73.40 -39.12 -14.33
C PHE B 22 -72.38 -39.51 -15.41
N THR B 23 -71.23 -40.04 -14.98
CA THR B 23 -70.14 -40.47 -15.86
C THR B 23 -69.73 -39.37 -16.83
N ARG B 24 -69.31 -38.25 -16.26
CA ARG B 24 -68.90 -37.09 -17.03
C ARG B 24 -67.51 -36.63 -16.59
N GLY B 25 -66.80 -35.99 -17.51
CA GLY B 25 -65.48 -35.46 -17.21
C GLY B 25 -64.37 -36.45 -17.48
N VAL B 26 -64.45 -37.15 -18.60
CA VAL B 26 -63.45 -38.14 -19.00
C VAL B 26 -62.80 -37.68 -20.30
N TYR B 27 -61.47 -37.64 -20.30
CA TYR B 27 -60.70 -37.21 -21.46
C TYR B 27 -59.50 -38.12 -21.62
N TYR B 28 -58.78 -37.95 -22.73
CA TYR B 28 -57.56 -38.71 -22.96
C TYR B 28 -56.43 -38.11 -22.12
N PRO B 29 -55.80 -38.90 -21.23
CA PRO B 29 -54.74 -38.34 -20.40
C PRO B 29 -53.40 -38.18 -21.11
N ASP B 30 -53.27 -38.68 -22.33
CA ASP B 30 -52.02 -38.60 -23.07
C ASP B 30 -52.34 -38.61 -24.56
N LYS B 31 -51.30 -38.76 -25.38
CA LYS B 31 -51.43 -38.73 -26.84
C LYS B 31 -50.89 -40.00 -27.47
N VAL B 32 -51.08 -41.14 -26.79
CA VAL B 32 -50.65 -42.43 -27.30
C VAL B 32 -51.88 -43.23 -27.74
N PHE B 33 -51.62 -44.30 -28.48
CA PHE B 33 -52.68 -45.18 -28.97
C PHE B 33 -52.70 -46.45 -28.12
N ARG B 34 -53.86 -46.76 -27.54
CA ARG B 34 -54.04 -47.97 -26.75
C ARG B 34 -55.27 -48.70 -27.25
N SER B 35 -55.12 -50.01 -27.50
CA SER B 35 -56.19 -50.83 -28.03
C SER B 35 -56.28 -52.12 -27.25
N SER B 36 -57.49 -52.46 -26.79
CA SER B 36 -57.79 -53.71 -26.09
C SER B 36 -56.91 -53.89 -24.85
N VAL B 37 -56.67 -52.79 -24.13
CA VAL B 37 -55.86 -52.82 -22.92
C VAL B 37 -56.53 -51.92 -21.88
N LEU B 38 -56.47 -52.34 -20.62
CA LEU B 38 -57.02 -51.56 -19.50
C LEU B 38 -55.85 -50.91 -18.78
N HIS B 39 -55.59 -49.64 -19.09
CA HIS B 39 -54.45 -48.90 -18.55
C HIS B 39 -54.96 -47.91 -17.50
N SER B 40 -54.31 -47.91 -16.33
CA SER B 40 -54.65 -47.02 -15.24
C SER B 40 -53.57 -45.95 -15.11
N THR B 41 -53.99 -44.70 -14.96
CA THR B 41 -53.07 -43.57 -14.84
C THR B 41 -53.51 -42.66 -13.71
N GLN B 42 -52.54 -41.91 -13.18
CA GLN B 42 -52.79 -40.92 -12.13
C GLN B 42 -52.84 -39.55 -12.78
N ASP B 43 -54.05 -38.98 -12.86
CA ASP B 43 -54.24 -37.69 -13.51
C ASP B 43 -55.52 -37.07 -12.95
N LEU B 44 -55.62 -35.75 -13.10
CA LEU B 44 -56.75 -35.00 -12.57
C LEU B 44 -57.99 -35.27 -13.41
N PHE B 45 -58.99 -35.92 -12.81
CA PHE B 45 -60.26 -36.20 -13.47
C PHE B 45 -61.41 -35.76 -12.56
N LEU B 46 -62.60 -35.72 -13.15
CA LEU B 46 -63.80 -35.40 -12.39
C LEU B 46 -64.33 -36.66 -11.72
N PRO B 47 -64.51 -36.68 -10.40
CA PRO B 47 -65.06 -37.86 -9.74
C PRO B 47 -66.50 -38.13 -10.17
N PHE B 48 -66.84 -39.41 -10.27
CA PHE B 48 -68.18 -39.80 -10.68
C PHE B 48 -69.16 -39.68 -9.52
N PHE B 49 -70.41 -39.37 -9.88
CA PHE B 49 -71.52 -39.23 -8.91
C PHE B 49 -71.20 -38.20 -7.83
N SER B 50 -70.59 -37.09 -8.23
CA SER B 50 -70.23 -36.01 -7.33
C SER B 50 -71.16 -34.82 -7.52
N ASN B 51 -71.41 -34.10 -6.43
CA ASN B 51 -72.29 -32.94 -6.47
C ASN B 51 -71.57 -31.78 -7.16
N VAL B 52 -72.05 -31.42 -8.35
CA VAL B 52 -71.42 -30.42 -9.19
C VAL B 52 -72.35 -29.21 -9.31
N THR B 53 -71.77 -28.02 -9.33
CA THR B 53 -72.55 -26.78 -9.32
C THR B 53 -73.30 -26.60 -10.64
N TRP B 54 -74.41 -25.86 -10.56
CA TRP B 54 -75.25 -25.56 -11.71
C TRP B 54 -75.57 -24.07 -11.72
N PHE B 55 -75.49 -23.46 -12.90
CA PHE B 55 -75.80 -22.05 -13.08
C PHE B 55 -76.81 -21.90 -14.21
N HIS B 56 -77.74 -20.96 -14.04
CA HIS B 56 -78.80 -20.71 -15.00
C HIS B 56 -78.46 -19.51 -15.88
N ALA B 57 -79.07 -19.49 -17.07
CA ALA B 57 -78.90 -18.37 -17.99
C ALA B 57 -80.21 -17.98 -18.67
N ILE B 58 -81.35 -18.54 -18.24
CA ILE B 58 -82.62 -18.24 -18.88
C ILE B 58 -83.11 -16.86 -18.43
N HIS B 59 -84.04 -16.30 -19.22
CA HIS B 59 -84.61 -14.99 -18.93
C HIS B 59 -85.88 -15.11 -18.08
N VAL B 60 -86.85 -15.88 -18.57
CA VAL B 60 -88.11 -16.05 -17.86
C VAL B 60 -88.11 -17.34 -17.06
N THR B 66 -87.33 -14.33 -12.48
CA THR B 66 -86.93 -13.96 -13.83
C THR B 66 -85.69 -13.09 -13.82
N LYS B 67 -85.16 -12.80 -15.01
CA LYS B 67 -83.97 -11.98 -15.22
C LYS B 67 -82.77 -12.56 -14.46
N ARG B 68 -82.43 -13.80 -14.81
CA ARG B 68 -81.33 -14.52 -14.15
C ARG B 68 -80.04 -14.24 -14.90
N PHE B 69 -79.09 -13.59 -14.23
CA PHE B 69 -77.78 -13.30 -14.81
C PHE B 69 -76.77 -13.31 -13.67
N ASP B 70 -76.10 -14.44 -13.47
CA ASP B 70 -75.10 -14.61 -12.42
C ASP B 70 -73.79 -15.03 -13.05
N ASN B 71 -72.74 -14.24 -12.85
CA ASN B 71 -71.39 -14.54 -13.33
C ASN B 71 -70.38 -14.31 -12.22
N PRO B 72 -70.34 -15.18 -11.23
CA PRO B 72 -69.35 -15.03 -10.15
C PRO B 72 -67.96 -15.44 -10.61
N VAL B 73 -66.96 -14.93 -9.89
CA VAL B 73 -65.56 -15.21 -10.19
C VAL B 73 -65.18 -16.45 -9.38
N LEU B 74 -65.42 -17.62 -9.96
CA LEU B 74 -65.08 -18.86 -9.28
C LEU B 74 -63.57 -19.07 -9.27
N PRO B 75 -63.02 -19.63 -8.20
CA PRO B 75 -61.59 -19.94 -8.20
C PRO B 75 -61.27 -21.07 -9.17
N PHE B 76 -60.07 -20.99 -9.75
CA PHE B 76 -59.59 -21.99 -10.71
C PHE B 76 -58.66 -22.94 -9.96
N ASN B 77 -59.16 -24.14 -9.68
CA ASN B 77 -58.39 -25.16 -9.00
C ASN B 77 -57.53 -25.92 -10.01
N ASP B 78 -56.94 -27.03 -9.59
CA ASP B 78 -56.09 -27.85 -10.46
C ASP B 78 -56.99 -28.60 -11.44
N GLY B 79 -57.36 -27.91 -12.51
CA GLY B 79 -58.22 -28.49 -13.52
C GLY B 79 -59.70 -28.29 -13.22
N VAL B 80 -60.46 -27.83 -14.21
CA VAL B 80 -61.90 -27.62 -14.06
C VAL B 80 -62.62 -28.34 -15.18
N TYR B 81 -63.91 -28.60 -14.95
CA TYR B 81 -64.78 -29.23 -15.93
C TYR B 81 -65.93 -28.28 -16.25
N PHE B 82 -66.12 -28.01 -17.54
CA PHE B 82 -67.12 -27.04 -18.00
C PHE B 82 -67.99 -27.71 -19.06
N ALA B 83 -69.22 -28.06 -18.68
CA ALA B 83 -70.17 -28.68 -19.59
C ALA B 83 -71.36 -27.75 -19.83
N SER B 84 -71.76 -27.63 -21.10
CA SER B 84 -72.87 -26.76 -21.47
C SER B 84 -73.77 -27.46 -22.47
N THR B 85 -75.08 -27.41 -22.22
CA THR B 85 -76.07 -27.94 -23.15
C THR B 85 -76.56 -26.84 -24.11
N GLU B 86 -75.58 -26.25 -24.78
CA GLU B 86 -75.82 -25.07 -25.61
C GLU B 86 -76.68 -25.40 -26.81
N LYS B 87 -77.67 -24.55 -27.07
CA LYS B 87 -78.60 -24.74 -28.19
C LYS B 87 -78.49 -23.63 -29.23
N SER B 88 -78.62 -22.36 -28.82
CA SER B 88 -78.61 -21.24 -29.75
C SER B 88 -77.32 -20.44 -29.66
N ASN B 89 -76.27 -21.02 -29.09
CA ASN B 89 -74.94 -20.40 -28.99
C ASN B 89 -74.99 -19.07 -28.24
N ILE B 90 -75.64 -19.10 -27.07
CA ILE B 90 -75.69 -17.91 -26.22
C ILE B 90 -74.31 -17.62 -25.65
N ILE B 91 -73.61 -18.66 -25.18
CA ILE B 91 -72.28 -18.47 -24.59
C ILE B 91 -71.28 -18.14 -25.70
N ARG B 92 -70.24 -17.38 -25.34
CA ARG B 92 -69.22 -16.95 -26.28
C ARG B 92 -67.84 -17.50 -25.94
N GLY B 93 -67.38 -17.30 -24.72
CA GLY B 93 -66.04 -17.75 -24.38
C GLY B 93 -65.77 -17.61 -22.90
N TRP B 94 -64.48 -17.69 -22.55
CA TRP B 94 -64.04 -17.65 -21.17
C TRP B 94 -62.86 -16.70 -21.03
N ILE B 95 -62.70 -16.14 -19.83
CA ILE B 95 -61.55 -15.33 -19.48
C ILE B 95 -60.94 -15.88 -18.20
N PHE B 96 -59.66 -15.59 -18.00
CA PHE B 96 -58.90 -16.10 -16.88
C PHE B 96 -58.10 -14.96 -16.25
N GLY B 97 -57.41 -15.28 -15.16
CA GLY B 97 -56.59 -14.30 -14.48
C GLY B 97 -56.52 -14.62 -13.00
N THR B 98 -55.78 -13.77 -12.28
CA THR B 98 -55.64 -13.88 -10.84
C THR B 98 -56.33 -12.75 -10.10
N THR B 99 -55.99 -11.50 -10.43
CA THR B 99 -56.61 -10.33 -9.80
C THR B 99 -57.37 -9.45 -10.77
N LEU B 100 -57.11 -9.55 -12.08
CA LEU B 100 -57.81 -8.78 -13.12
C LEU B 100 -57.70 -7.28 -12.90
N ASP B 101 -56.47 -6.81 -12.67
CA ASP B 101 -56.20 -5.40 -12.45
C ASP B 101 -55.00 -4.93 -13.26
N SER B 102 -54.78 -5.55 -14.43
CA SER B 102 -53.66 -5.25 -15.32
C SER B 102 -52.32 -5.40 -14.60
N LYS B 103 -52.21 -6.44 -13.77
CA LYS B 103 -50.97 -6.75 -13.08
C LYS B 103 -50.40 -8.12 -13.43
N THR B 104 -51.19 -9.01 -14.01
CA THR B 104 -50.77 -10.35 -14.39
C THR B 104 -51.12 -10.61 -15.85
N GLN B 105 -50.83 -11.82 -16.31
CA GLN B 105 -51.18 -12.25 -17.66
C GLN B 105 -52.55 -12.91 -17.61
N SER B 106 -53.60 -12.15 -17.95
CA SER B 106 -54.97 -12.64 -17.91
C SER B 106 -55.36 -13.17 -19.28
N LEU B 107 -55.82 -14.42 -19.33
CA LEU B 107 -56.20 -15.04 -20.58
C LEU B 107 -57.54 -14.48 -21.07
N LEU B 108 -57.77 -14.61 -22.37
CA LEU B 108 -59.03 -14.18 -22.98
C LEU B 108 -59.28 -15.09 -24.18
N ILE B 109 -60.12 -16.10 -23.97
CA ILE B 109 -60.47 -17.06 -25.01
C ILE B 109 -61.91 -16.79 -25.40
N VAL B 110 -62.10 -16.05 -26.49
CA VAL B 110 -63.42 -15.66 -26.96
C VAL B 110 -63.62 -16.25 -28.35
N ASN B 111 -64.88 -16.56 -28.68
CA ASN B 111 -65.25 -17.11 -29.97
C ASN B 111 -66.23 -16.13 -30.63
N ASN B 112 -65.70 -15.24 -31.47
CA ASN B 112 -66.52 -14.29 -32.17
C ASN B 112 -67.19 -14.96 -33.37
N ALA B 113 -68.03 -14.21 -34.09
CA ALA B 113 -68.80 -14.76 -35.19
C ALA B 113 -67.94 -15.12 -36.39
N THR B 114 -66.73 -14.56 -36.49
CA THR B 114 -65.86 -14.82 -37.63
C THR B 114 -64.76 -15.83 -37.31
N ASN B 115 -64.03 -15.62 -36.21
CA ASN B 115 -62.91 -16.49 -35.88
C ASN B 115 -62.74 -16.56 -34.37
N VAL B 116 -62.13 -17.65 -33.92
CA VAL B 116 -61.81 -17.81 -32.50
C VAL B 116 -60.58 -16.98 -32.18
N VAL B 117 -60.64 -16.21 -31.10
CA VAL B 117 -59.55 -15.34 -30.68
C VAL B 117 -59.08 -15.78 -29.31
N ILE B 118 -57.82 -16.19 -29.22
CA ILE B 118 -57.18 -16.56 -27.96
C ILE B 118 -55.98 -15.65 -27.76
N LYS B 119 -55.99 -14.89 -26.67
CA LYS B 119 -54.88 -14.00 -26.35
C LYS B 119 -54.82 -13.81 -24.84
N VAL B 120 -53.64 -14.02 -24.27
CA VAL B 120 -53.40 -13.78 -22.85
C VAL B 120 -52.58 -12.49 -22.72
N CYS B 121 -53.13 -11.51 -22.03
CA CYS B 121 -52.51 -10.20 -21.91
C CYS B 121 -52.88 -9.63 -20.53
N GLU B 122 -52.71 -8.32 -20.37
CA GLU B 122 -53.00 -7.66 -19.10
C GLU B 122 -54.16 -6.69 -19.25
N PHE B 123 -55.26 -7.17 -19.85
CA PHE B 123 -56.43 -6.33 -20.08
C PHE B 123 -56.97 -5.74 -18.79
N GLN B 124 -57.45 -4.49 -18.87
CA GLN B 124 -58.12 -3.84 -17.75
C GLN B 124 -59.53 -4.41 -17.65
N PHE B 125 -59.63 -5.56 -16.99
CA PHE B 125 -60.91 -6.26 -16.90
C PHE B 125 -61.85 -5.53 -15.95
N CYS B 126 -63.10 -5.38 -16.36
CA CYS B 126 -64.10 -4.68 -15.58
C CYS B 126 -64.77 -5.66 -14.60
N ASN B 127 -65.83 -5.20 -13.94
CA ASN B 127 -66.49 -6.03 -12.94
C ASN B 127 -67.26 -7.19 -13.59
N ASP B 128 -67.89 -6.94 -14.73
CA ASP B 128 -68.74 -7.93 -15.38
C ASP B 128 -68.76 -7.74 -16.89
N PRO B 129 -67.70 -8.18 -17.59
CA PRO B 129 -67.69 -8.08 -19.05
C PRO B 129 -68.72 -9.01 -19.68
N PHE B 130 -69.26 -8.56 -20.82
CA PHE B 130 -70.32 -9.30 -21.50
C PHE B 130 -70.32 -8.91 -22.97
N LEU B 131 -71.02 -9.72 -23.77
CA LEU B 131 -71.17 -9.48 -25.19
C LEU B 131 -72.58 -8.97 -25.47
N GLY B 132 -72.68 -7.91 -26.25
CA GLY B 132 -73.96 -7.29 -26.58
C GLY B 132 -74.35 -7.58 -28.02
N VAL B 133 -75.56 -8.09 -28.19
CA VAL B 133 -76.12 -8.41 -29.50
C VAL B 133 -77.31 -7.50 -29.75
N TYR B 134 -77.27 -6.77 -30.87
CA TYR B 134 -78.32 -5.82 -31.22
C TYR B 134 -79.06 -6.30 -32.46
N TYR B 135 -80.38 -6.11 -32.46
CA TYR B 135 -81.24 -6.51 -33.58
C TYR B 135 -81.52 -5.30 -34.45
N HIS B 136 -81.09 -5.35 -35.70
CA HIS B 136 -81.34 -4.26 -36.63
C HIS B 136 -82.81 -4.25 -37.07
N LYS B 137 -83.27 -3.06 -37.47
CA LYS B 137 -84.64 -2.91 -37.95
C LYS B 137 -84.76 -3.30 -39.41
N ASN B 138 -83.88 -2.76 -40.26
CA ASN B 138 -83.93 -3.05 -41.68
C ASN B 138 -83.41 -4.45 -42.00
N ASN B 139 -82.45 -4.95 -41.22
CA ASN B 139 -81.88 -6.27 -41.43
C ASN B 139 -82.44 -7.23 -40.38
N LYS B 140 -82.98 -8.36 -40.85
CA LYS B 140 -83.57 -9.36 -39.95
C LYS B 140 -82.52 -10.40 -39.55
N SER B 141 -81.45 -9.91 -38.92
CA SER B 141 -80.37 -10.77 -38.47
C SER B 141 -79.78 -10.19 -37.19
N TRP B 142 -79.36 -11.08 -36.28
CA TRP B 142 -78.76 -10.68 -35.02
C TRP B 142 -77.26 -10.51 -35.21
N MET B 143 -76.74 -9.36 -34.78
CA MET B 143 -75.33 -9.05 -34.91
C MET B 143 -74.81 -8.47 -33.60
N GLU B 144 -73.49 -8.65 -33.38
CA GLU B 144 -72.85 -8.21 -32.15
C GLU B 144 -72.27 -6.81 -32.35
N SER B 145 -72.63 -5.89 -31.46
CA SER B 145 -72.18 -4.51 -31.53
C SER B 145 -71.47 -4.04 -30.27
N GLU B 146 -71.96 -4.44 -29.09
CA GLU B 146 -71.37 -4.01 -27.83
C GLU B 146 -70.26 -4.96 -27.45
N PHE B 147 -69.03 -4.62 -27.88
CA PHE B 147 -67.85 -5.42 -27.55
C PHE B 147 -67.21 -4.83 -26.30
N ARG B 148 -67.86 -5.09 -25.16
CA ARG B 148 -67.41 -4.58 -23.86
C ARG B 148 -66.85 -5.77 -23.09
N VAL B 149 -65.59 -6.09 -23.32
CA VAL B 149 -64.91 -7.17 -22.61
C VAL B 149 -63.72 -6.68 -21.78
N TYR B 150 -63.13 -5.54 -22.11
CA TYR B 150 -62.12 -4.91 -21.27
C TYR B 150 -62.07 -3.43 -21.60
N SER B 151 -61.33 -2.69 -20.78
CA SER B 151 -61.15 -1.26 -21.00
C SER B 151 -60.00 -0.96 -21.94
N SER B 152 -58.81 -1.50 -21.66
CA SER B 152 -57.64 -1.27 -22.48
C SER B 152 -56.63 -2.39 -22.22
N ALA B 153 -55.52 -2.35 -22.95
CA ALA B 153 -54.44 -3.31 -22.77
C ALA B 153 -53.12 -2.60 -23.03
N ASN B 154 -52.05 -3.17 -22.46
CA ASN B 154 -50.73 -2.54 -22.52
C ASN B 154 -49.72 -3.36 -23.33
N ASN B 155 -49.48 -4.61 -22.95
CA ASN B 155 -48.45 -5.40 -23.62
C ASN B 155 -48.69 -6.88 -23.37
N CYS B 156 -48.38 -7.69 -24.38
CA CYS B 156 -48.42 -9.15 -24.29
C CYS B 156 -47.75 -9.73 -25.54
N THR B 157 -47.55 -11.05 -25.51
CA THR B 157 -46.81 -11.75 -26.55
C THR B 157 -47.66 -12.75 -27.31
N PHE B 158 -48.35 -13.65 -26.62
CA PHE B 158 -49.05 -14.75 -27.28
C PHE B 158 -50.36 -14.28 -27.89
N GLU B 159 -50.65 -14.80 -29.09
CA GLU B 159 -51.92 -14.54 -29.78
C GLU B 159 -52.16 -15.65 -30.78
N TYR B 160 -53.37 -16.23 -30.76
CA TYR B 160 -53.70 -17.40 -31.55
C TYR B 160 -55.07 -17.23 -32.18
N VAL B 161 -55.22 -17.69 -33.43
CA VAL B 161 -56.39 -17.44 -34.24
C VAL B 161 -57.06 -18.74 -34.69
N SER B 162 -56.26 -19.68 -35.22
CA SER B 162 -56.72 -20.96 -35.76
C SER B 162 -57.73 -20.80 -36.89
N GLN B 163 -58.47 -21.87 -37.18
CA GLN B 163 -59.46 -21.88 -38.24
C GLN B 163 -60.70 -21.09 -37.82
N PRO B 164 -61.41 -20.50 -38.79
CA PRO B 164 -62.66 -19.80 -38.46
C PRO B 164 -63.74 -20.76 -37.98
N PHE B 165 -64.59 -20.25 -37.09
CA PHE B 165 -65.70 -21.01 -36.54
C PHE B 165 -66.99 -20.25 -36.81
N LEU B 166 -67.93 -20.89 -37.50
CA LEU B 166 -69.22 -20.27 -37.78
C LEU B 166 -70.15 -20.48 -36.60
N MET B 167 -70.95 -19.45 -36.31
CA MET B 167 -71.79 -19.45 -35.12
C MET B 167 -73.09 -18.70 -35.41
N ASP B 168 -74.19 -19.21 -34.88
CA ASP B 168 -75.50 -18.58 -35.04
C ASP B 168 -75.74 -17.61 -33.88
N LEU B 169 -76.10 -16.38 -34.22
CA LEU B 169 -76.31 -15.33 -33.23
C LEU B 169 -77.76 -15.18 -32.80
N GLU B 170 -78.66 -16.00 -33.33
CA GLU B 170 -80.07 -15.91 -32.99
C GLU B 170 -80.38 -16.78 -31.78
N GLY B 171 -81.02 -16.18 -30.77
CA GLY B 171 -81.36 -16.88 -29.55
C GLY B 171 -82.85 -17.18 -29.49
N LYS B 172 -83.18 -18.37 -29.00
CA LYS B 172 -84.56 -18.84 -28.90
C LYS B 172 -84.81 -19.31 -27.47
N GLN B 173 -86.05 -19.78 -27.23
CA GLN B 173 -86.45 -20.27 -25.92
C GLN B 173 -86.84 -21.75 -25.97
N GLY B 174 -86.47 -22.46 -27.03
CA GLY B 174 -86.84 -23.85 -27.18
C GLY B 174 -85.92 -24.79 -26.44
N ASN B 175 -86.16 -26.08 -26.63
CA ASN B 175 -85.36 -27.11 -25.98
C ASN B 175 -83.97 -27.20 -26.62
N PHE B 176 -83.01 -27.68 -25.85
CA PHE B 176 -81.64 -27.78 -26.31
C PHE B 176 -81.46 -28.96 -27.26
N LYS B 177 -80.51 -28.81 -28.18
CA LYS B 177 -80.22 -29.84 -29.18
C LYS B 177 -78.76 -30.30 -29.20
N ASN B 178 -77.85 -29.58 -28.54
CA ASN B 178 -76.45 -29.95 -28.53
C ASN B 178 -75.89 -29.83 -27.12
N LEU B 179 -74.83 -30.59 -26.86
CA LEU B 179 -74.14 -30.56 -25.57
C LEU B 179 -72.65 -30.38 -25.82
N ARG B 180 -72.06 -29.39 -25.15
CA ARG B 180 -70.64 -29.08 -25.29
C ARG B 180 -69.96 -29.18 -23.93
N GLU B 181 -68.85 -29.90 -23.87
CA GLU B 181 -68.07 -30.06 -22.65
C GLU B 181 -66.65 -29.56 -22.88
N PHE B 182 -66.12 -28.86 -21.88
CA PHE B 182 -64.78 -28.28 -21.95
C PHE B 182 -64.02 -28.61 -20.67
N VAL B 183 -62.73 -28.89 -20.82
CA VAL B 183 -61.85 -29.16 -19.69
C VAL B 183 -60.61 -28.27 -19.83
N PHE B 184 -60.35 -27.47 -18.79
CA PHE B 184 -59.19 -26.58 -18.76
C PHE B 184 -58.23 -27.05 -17.68
N LYS B 185 -56.98 -27.28 -18.06
CA LYS B 185 -55.96 -27.78 -17.15
C LYS B 185 -54.70 -26.93 -17.26
N ASN B 186 -53.88 -26.97 -16.22
CA ASN B 186 -52.62 -26.24 -16.19
C ASN B 186 -51.62 -27.06 -15.38
N ILE B 187 -50.74 -27.79 -16.08
CA ILE B 187 -49.66 -28.53 -15.45
C ILE B 187 -48.34 -27.94 -15.95
N ASP B 188 -47.49 -27.52 -15.00
CA ASP B 188 -46.21 -26.88 -15.27
C ASP B 188 -46.40 -25.65 -16.18
N GLY B 189 -47.55 -25.00 -16.04
CA GLY B 189 -47.89 -23.84 -16.86
C GLY B 189 -48.43 -24.16 -18.24
N TYR B 190 -48.51 -25.43 -18.62
CA TYR B 190 -49.03 -25.79 -19.93
C TYR B 190 -50.55 -25.78 -19.90
N PHE B 191 -51.15 -24.98 -20.78
CA PHE B 191 -52.61 -24.85 -20.84
C PHE B 191 -53.18 -25.94 -21.74
N LYS B 192 -54.19 -26.64 -21.26
CA LYS B 192 -54.77 -27.78 -21.95
C LYS B 192 -56.23 -27.52 -22.30
N ILE B 193 -56.62 -27.95 -23.49
CA ILE B 193 -57.99 -27.82 -23.98
C ILE B 193 -58.49 -29.21 -24.38
N TYR B 194 -59.64 -29.60 -23.85
CA TYR B 194 -60.29 -30.85 -24.22
C TYR B 194 -61.77 -30.58 -24.45
N SER B 195 -62.26 -30.93 -25.64
CA SER B 195 -63.66 -30.65 -25.97
C SER B 195 -64.13 -31.63 -27.04
N LYS B 196 -65.44 -31.88 -27.04
CA LYS B 196 -66.08 -32.71 -28.06
C LYS B 196 -67.57 -32.40 -28.05
N HIS B 197 -68.11 -32.00 -29.19
CA HIS B 197 -69.54 -31.71 -29.30
C HIS B 197 -70.32 -33.02 -29.39
N THR B 198 -71.39 -33.12 -28.61
CA THR B 198 -72.22 -34.32 -28.56
C THR B 198 -73.68 -33.91 -28.66
N PRO B 199 -74.39 -34.31 -29.72
CA PRO B 199 -75.81 -34.00 -29.81
C PRO B 199 -76.63 -34.76 -28.78
N ILE B 200 -77.70 -34.12 -28.32
CA ILE B 200 -78.59 -34.71 -27.33
C ILE B 200 -79.94 -34.01 -27.42
N ASN B 201 -80.98 -34.66 -26.92
CA ASN B 201 -82.32 -34.08 -26.85
C ASN B 201 -82.76 -34.13 -25.39
N LEU B 202 -82.36 -33.12 -24.62
CA LEU B 202 -82.60 -33.10 -23.19
C LEU B 202 -82.37 -31.70 -22.67
N VAL B 203 -83.02 -31.38 -21.55
CA VAL B 203 -82.88 -30.08 -20.92
C VAL B 203 -82.31 -30.16 -19.51
N ARG B 204 -82.37 -31.31 -18.85
CA ARG B 204 -81.98 -31.42 -17.45
C ARG B 204 -81.71 -32.90 -17.16
N ASP B 205 -80.88 -33.15 -16.15
CA ASP B 205 -80.50 -34.50 -15.70
C ASP B 205 -79.81 -35.27 -16.82
N LEU B 206 -78.60 -34.79 -17.16
CA LEU B 206 -77.69 -35.27 -18.19
C LEU B 206 -77.62 -36.79 -18.26
N PRO B 207 -77.59 -37.37 -19.46
CA PRO B 207 -77.67 -38.82 -19.59
C PRO B 207 -76.43 -39.52 -19.06
N GLN B 208 -76.59 -40.82 -18.80
CA GLN B 208 -75.54 -41.65 -18.25
C GLN B 208 -74.63 -42.24 -19.33
N GLY B 209 -74.82 -41.84 -20.59
CA GLY B 209 -73.97 -42.33 -21.65
C GLY B 209 -72.54 -41.82 -21.54
N PHE B 210 -71.64 -42.50 -22.24
CA PHE B 210 -70.22 -42.22 -22.16
C PHE B 210 -69.73 -41.54 -23.44
N SER B 211 -68.87 -40.54 -23.28
CA SER B 211 -68.28 -39.83 -24.42
C SER B 211 -66.97 -39.22 -23.95
N ALA B 212 -65.87 -39.62 -24.58
CA ALA B 212 -64.56 -39.09 -24.22
C ALA B 212 -64.38 -37.69 -24.80
N LEU B 213 -63.31 -37.03 -24.39
CA LEU B 213 -62.98 -35.68 -24.85
C LEU B 213 -61.59 -35.70 -25.48
N GLU B 214 -61.52 -35.24 -26.73
CA GLU B 214 -60.25 -35.20 -27.45
C GLU B 214 -59.65 -33.79 -27.40
N PRO B 215 -58.34 -33.68 -27.27
CA PRO B 215 -57.71 -32.35 -27.26
C PRO B 215 -57.81 -31.67 -28.61
N LEU B 216 -57.89 -30.34 -28.56
CA LEU B 216 -57.96 -29.51 -29.76
C LEU B 216 -56.71 -28.67 -29.96
N VAL B 217 -56.31 -27.91 -28.94
CA VAL B 217 -55.12 -27.06 -29.02
C VAL B 217 -54.39 -27.14 -27.68
N ASP B 218 -53.07 -27.10 -27.74
CA ASP B 218 -52.20 -27.11 -26.56
C ASP B 218 -51.39 -25.83 -26.56
N LEU B 219 -51.61 -24.99 -25.54
CA LEU B 219 -50.98 -23.68 -25.49
C LEU B 219 -49.82 -23.70 -24.50
N PRO B 220 -48.58 -23.55 -24.96
CA PRO B 220 -47.42 -23.48 -24.03
C PRO B 220 -47.14 -22.06 -23.53
N ILE B 221 -47.94 -21.64 -22.54
CA ILE B 221 -47.84 -20.28 -22.00
C ILE B 221 -46.86 -20.26 -20.83
N GLY B 222 -47.16 -21.02 -19.79
CA GLY B 222 -46.28 -21.10 -18.63
C GLY B 222 -46.43 -19.94 -17.66
N ILE B 223 -47.64 -19.72 -17.15
CA ILE B 223 -47.93 -18.65 -16.20
C ILE B 223 -48.79 -19.20 -15.07
N ASN B 224 -48.96 -18.37 -14.04
CA ASN B 224 -49.93 -18.66 -12.99
C ASN B 224 -51.36 -18.59 -13.50
N ILE B 225 -52.24 -19.29 -12.77
CA ILE B 225 -53.68 -19.17 -12.92
C ILE B 225 -54.33 -19.63 -11.62
N THR B 226 -55.26 -18.82 -11.09
CA THR B 226 -55.96 -19.20 -9.87
C THR B 226 -57.46 -18.89 -9.89
N ARG B 227 -57.95 -18.08 -10.83
CA ARG B 227 -59.36 -17.74 -10.89
C ARG B 227 -59.83 -17.74 -12.33
N PHE B 228 -61.13 -17.97 -12.53
CA PHE B 228 -61.69 -17.99 -13.87
C PHE B 228 -63.14 -17.54 -13.81
N GLN B 229 -63.64 -17.09 -14.96
CA GLN B 229 -64.99 -16.57 -15.08
C GLN B 229 -65.43 -16.66 -16.52
N THR B 230 -66.68 -17.07 -16.74
CA THR B 230 -67.20 -17.28 -18.08
C THR B 230 -67.93 -16.03 -18.57
N LEU B 231 -68.08 -15.95 -19.89
CA LEU B 231 -68.72 -14.81 -20.54
C LEU B 231 -70.05 -15.23 -21.13
N LEU B 232 -71.04 -14.34 -21.05
CA LEU B 232 -72.37 -14.58 -21.60
C LEU B 232 -72.77 -13.43 -22.50
N ALA B 233 -73.65 -13.72 -23.46
CA ALA B 233 -74.13 -12.75 -24.42
C ALA B 233 -75.64 -12.58 -24.28
N LEU B 234 -76.09 -11.33 -24.26
CA LEU B 234 -77.50 -11.00 -24.18
C LEU B 234 -77.95 -10.33 -25.47
N HIS B 235 -79.26 -10.39 -25.72
CA HIS B 235 -79.85 -9.84 -26.93
C HIS B 235 -80.60 -8.56 -26.62
N ARG B 236 -80.60 -7.65 -27.58
CA ARG B 236 -81.30 -6.36 -27.48
C ARG B 236 -82.28 -6.27 -28.64
N SER B 237 -83.50 -6.77 -28.42
CA SER B 237 -84.54 -6.75 -29.44
C SER B 237 -85.37 -5.48 -29.30
N TYR B 238 -86.49 -5.42 -30.04
CA TYR B 238 -87.38 -4.27 -29.96
C TYR B 238 -88.23 -4.27 -28.69
N LEU B 239 -88.37 -5.42 -28.03
CA LEU B 239 -89.17 -5.48 -26.81
C LEU B 239 -88.48 -4.74 -25.66
N THR B 240 -87.18 -4.99 -25.48
CA THR B 240 -86.43 -4.31 -24.44
C THR B 240 -86.13 -2.87 -24.86
N PRO B 241 -86.06 -1.95 -23.90
CA PRO B 241 -85.68 -0.56 -24.23
C PRO B 241 -84.29 -0.42 -24.80
N GLY B 242 -83.39 -1.37 -24.54
CA GLY B 242 -82.05 -1.33 -25.08
C GLY B 242 -80.98 -0.87 -24.12
N ASP B 243 -81.32 -0.63 -22.85
CA ASP B 243 -80.35 -0.24 -21.84
C ASP B 243 -80.01 -1.42 -20.95
N SER B 244 -78.73 -1.55 -20.61
CA SER B 244 -78.26 -2.66 -19.78
C SER B 244 -78.36 -2.33 -18.29
N SER B 245 -79.55 -1.94 -17.85
CA SER B 245 -79.81 -1.66 -16.45
C SER B 245 -80.82 -2.64 -15.85
N SER B 246 -82.02 -2.74 -16.42
CA SER B 246 -83.02 -3.66 -15.92
C SER B 246 -83.75 -4.45 -17.00
N GLY B 247 -83.65 -4.08 -18.27
CA GLY B 247 -84.38 -4.78 -19.32
C GLY B 247 -83.47 -5.42 -20.34
N TRP B 248 -83.48 -6.75 -20.40
CA TRP B 248 -82.66 -7.50 -21.34
C TRP B 248 -83.23 -8.90 -21.48
N THR B 249 -82.70 -9.64 -22.45
CA THR B 249 -83.05 -11.04 -22.63
C THR B 249 -81.77 -11.82 -22.92
N ALA B 250 -81.74 -13.08 -22.48
CA ALA B 250 -80.56 -13.92 -22.62
C ALA B 250 -80.87 -15.27 -23.24
N GLY B 251 -82.09 -15.50 -23.71
CA GLY B 251 -82.42 -16.79 -24.29
C GLY B 251 -82.58 -17.86 -23.23
N ALA B 252 -82.06 -19.06 -23.54
CA ALA B 252 -82.12 -20.19 -22.62
C ALA B 252 -80.82 -20.97 -22.73
N ALA B 253 -80.08 -21.06 -21.63
CA ALA B 253 -78.82 -21.78 -21.60
C ALA B 253 -78.54 -22.26 -20.18
N ALA B 254 -77.64 -23.23 -20.07
CA ALA B 254 -77.25 -23.77 -18.77
C ALA B 254 -75.86 -24.36 -18.89
N TYR B 255 -74.95 -23.94 -18.01
CA TYR B 255 -73.58 -24.42 -18.00
C TYR B 255 -73.23 -24.95 -16.62
N TYR B 256 -72.51 -26.08 -16.59
CA TYR B 256 -72.10 -26.73 -15.36
C TYR B 256 -70.61 -26.52 -15.15
N VAL B 257 -70.23 -26.18 -13.92
CA VAL B 257 -68.84 -25.93 -13.56
C VAL B 257 -68.44 -26.95 -12.49
N GLY B 258 -67.41 -27.73 -12.78
CA GLY B 258 -66.92 -28.72 -11.84
C GLY B 258 -65.42 -28.56 -11.62
N TYR B 259 -64.95 -29.18 -10.55
CA TYR B 259 -63.54 -29.14 -10.15
C TYR B 259 -62.96 -30.54 -10.22
N LEU B 260 -61.80 -30.67 -10.87
CA LEU B 260 -61.15 -31.96 -11.02
C LEU B 260 -60.36 -32.30 -9.75
N GLN B 261 -60.33 -33.59 -9.41
CA GLN B 261 -59.60 -34.08 -8.26
C GLN B 261 -58.67 -35.21 -8.70
N PRO B 262 -57.52 -35.36 -8.03
CA PRO B 262 -56.58 -36.42 -8.44
C PRO B 262 -57.02 -37.81 -7.98
N ARG B 263 -57.54 -38.61 -8.91
CA ARG B 263 -57.94 -39.98 -8.63
C ARG B 263 -57.41 -40.89 -9.74
N THR B 264 -57.13 -42.14 -9.36
CA THR B 264 -56.71 -43.14 -10.33
C THR B 264 -57.91 -43.71 -11.06
N PHE B 265 -57.87 -43.67 -12.39
CA PHE B 265 -58.98 -44.13 -13.22
C PHE B 265 -58.54 -45.28 -14.10
N LEU B 266 -59.38 -46.31 -14.17
CA LEU B 266 -59.16 -47.46 -15.05
C LEU B 266 -59.84 -47.18 -16.37
N LEU B 267 -59.06 -47.06 -17.44
CA LEU B 267 -59.56 -46.65 -18.75
C LEU B 267 -59.83 -47.88 -19.61
N LYS B 268 -60.96 -47.86 -20.33
CA LYS B 268 -61.36 -48.94 -21.20
C LYS B 268 -61.10 -48.53 -22.64
N TYR B 269 -60.17 -49.24 -23.30
CA TYR B 269 -59.83 -48.99 -24.69
C TYR B 269 -60.32 -50.15 -25.55
N ASN B 270 -61.08 -49.84 -26.59
CA ASN B 270 -61.61 -50.85 -27.49
C ASN B 270 -60.59 -51.13 -28.59
N GLU B 271 -60.97 -51.97 -29.56
CA GLU B 271 -60.08 -52.27 -30.67
C GLU B 271 -59.91 -51.10 -31.63
N ASN B 272 -60.85 -50.15 -31.63
CA ASN B 272 -60.70 -48.97 -32.48
C ASN B 272 -59.70 -47.98 -31.90
N GLY B 273 -59.67 -47.84 -30.57
CA GLY B 273 -58.74 -46.93 -29.93
C GLY B 273 -59.39 -45.75 -29.27
N THR B 274 -60.62 -45.93 -28.77
CA THR B 274 -61.34 -44.86 -28.10
C THR B 274 -61.77 -45.32 -26.71
N ILE B 275 -62.05 -44.34 -25.85
CA ILE B 275 -62.41 -44.61 -24.47
C ILE B 275 -63.87 -45.02 -24.40
N THR B 276 -64.16 -46.07 -23.61
CA THR B 276 -65.51 -46.56 -23.42
C THR B 276 -65.97 -46.47 -21.97
N ASP B 277 -65.10 -46.76 -21.00
CA ASP B 277 -65.46 -46.72 -19.59
C ASP B 277 -64.31 -46.10 -18.80
N ALA B 278 -64.67 -45.53 -17.64
CA ALA B 278 -63.73 -44.83 -16.78
C ALA B 278 -63.94 -45.23 -15.33
N VAL B 279 -63.95 -46.55 -15.07
CA VAL B 279 -64.20 -47.07 -13.73
C VAL B 279 -63.14 -46.56 -12.76
N ASP B 280 -63.61 -46.06 -11.61
CA ASP B 280 -62.76 -45.38 -10.64
C ASP B 280 -62.20 -46.38 -9.62
N CYS B 281 -61.49 -45.85 -8.63
CA CYS B 281 -60.94 -46.66 -7.54
C CYS B 281 -61.26 -46.14 -6.15
N ALA B 282 -61.61 -44.86 -6.00
CA ALA B 282 -61.87 -44.27 -4.69
C ALA B 282 -63.32 -43.82 -4.55
N LEU B 283 -64.22 -44.36 -5.36
CA LEU B 283 -65.64 -44.01 -5.31
C LEU B 283 -66.48 -45.12 -4.69
N ASP B 284 -66.34 -46.34 -5.16
CA ASP B 284 -67.10 -47.48 -4.68
C ASP B 284 -66.16 -48.65 -4.41
N PRO B 285 -66.47 -49.47 -3.40
CA PRO B 285 -65.69 -50.70 -3.20
C PRO B 285 -65.74 -51.64 -4.38
N LEU B 286 -66.86 -51.71 -5.09
CA LEU B 286 -66.94 -52.52 -6.30
C LEU B 286 -66.02 -51.99 -7.38
N SER B 287 -65.97 -50.66 -7.55
CA SER B 287 -65.07 -50.06 -8.52
C SER B 287 -63.61 -50.28 -8.14
N GLU B 288 -63.30 -50.20 -6.85
CA GLU B 288 -61.95 -50.50 -6.39
C GLU B 288 -61.57 -51.94 -6.67
N THR B 289 -62.49 -52.88 -6.42
CA THR B 289 -62.24 -54.28 -6.72
C THR B 289 -62.04 -54.50 -8.21
N LYS B 290 -62.82 -53.80 -9.04
CA LYS B 290 -62.65 -53.89 -10.49
C LYS B 290 -61.28 -53.37 -10.93
N CYS B 291 -60.84 -52.25 -10.37
CA CYS B 291 -59.62 -51.61 -10.87
C CYS B 291 -58.34 -52.19 -10.26
N THR B 292 -58.41 -52.86 -9.11
CA THR B 292 -57.22 -53.54 -8.61
C THR B 292 -56.93 -54.84 -9.36
N LEU B 293 -57.97 -55.53 -9.83
CA LEU B 293 -57.77 -56.75 -10.60
C LEU B 293 -57.48 -56.48 -12.08
N LYS B 294 -57.55 -55.22 -12.51
CA LYS B 294 -57.36 -54.83 -13.90
C LYS B 294 -58.29 -55.59 -14.84
N SER B 295 -59.55 -55.72 -14.42
CA SER B 295 -60.54 -56.44 -15.21
C SER B 295 -61.91 -55.81 -14.96
N PHE B 296 -62.84 -56.05 -15.88
CA PHE B 296 -64.18 -55.50 -15.79
C PHE B 296 -65.20 -56.49 -15.25
N THR B 297 -64.95 -57.78 -15.36
CA THR B 297 -65.84 -58.81 -14.82
C THR B 297 -65.23 -59.38 -13.55
N VAL B 298 -66.01 -59.37 -12.47
CA VAL B 298 -65.56 -59.83 -11.16
C VAL B 298 -66.35 -61.09 -10.81
N GLU B 299 -65.63 -62.14 -10.44
CA GLU B 299 -66.24 -63.40 -10.04
C GLU B 299 -66.44 -63.43 -8.52
N LYS B 300 -67.11 -64.48 -8.05
CA LYS B 300 -67.35 -64.63 -6.62
C LYS B 300 -66.07 -65.02 -5.90
N GLY B 301 -65.80 -64.36 -4.79
CA GLY B 301 -64.61 -64.62 -4.01
C GLY B 301 -64.22 -63.41 -3.20
N ILE B 302 -63.08 -63.53 -2.53
CA ILE B 302 -62.53 -62.47 -1.69
C ILE B 302 -61.34 -61.86 -2.41
N TYR B 303 -61.36 -60.53 -2.56
CA TYR B 303 -60.29 -59.79 -3.20
C TYR B 303 -59.81 -58.68 -2.27
N GLN B 304 -58.50 -58.59 -2.07
CA GLN B 304 -57.91 -57.58 -1.20
C GLN B 304 -57.59 -56.35 -2.03
N THR B 305 -58.11 -55.20 -1.63
CA THR B 305 -57.95 -53.95 -2.38
C THR B 305 -56.95 -53.02 -1.73
N SER B 306 -57.13 -52.69 -0.45
CA SER B 306 -56.24 -51.76 0.25
C SER B 306 -56.16 -52.17 1.71
N ASN B 307 -55.60 -51.30 2.53
CA ASN B 307 -55.46 -51.54 3.96
C ASN B 307 -56.15 -50.43 4.74
N PHE B 308 -56.70 -50.79 5.89
CA PHE B 308 -57.40 -49.85 6.75
C PHE B 308 -56.42 -49.28 7.77
N ARG B 309 -56.29 -47.96 7.78
CA ARG B 309 -55.37 -47.26 8.67
C ARG B 309 -56.15 -46.42 9.66
N VAL B 310 -55.84 -46.57 10.94
CA VAL B 310 -56.47 -45.78 12.01
C VAL B 310 -55.48 -44.68 12.35
N GLN B 311 -55.61 -43.54 11.70
CA GLN B 311 -54.72 -42.42 11.95
C GLN B 311 -55.02 -41.81 13.32
N PRO B 312 -54.00 -41.53 14.13
CA PRO B 312 -54.24 -40.86 15.42
C PRO B 312 -54.77 -39.44 15.22
N THR B 313 -55.64 -39.04 16.13
CA THR B 313 -56.24 -37.71 16.07
C THR B 313 -55.61 -36.72 17.04
N GLU B 314 -54.89 -37.19 18.05
CA GLU B 314 -54.28 -36.33 19.05
C GLU B 314 -52.88 -36.85 19.37
N SER B 315 -52.01 -35.92 19.79
CA SER B 315 -50.64 -36.23 20.16
C SER B 315 -50.33 -35.51 21.46
N ILE B 316 -50.20 -36.27 22.55
CA ILE B 316 -49.97 -35.72 23.88
C ILE B 316 -48.56 -36.07 24.32
N VAL B 317 -47.86 -35.07 24.88
CA VAL B 317 -46.51 -35.23 25.41
C VAL B 317 -46.57 -34.74 26.85
N ARG B 318 -46.65 -35.67 27.81
CA ARG B 318 -46.85 -35.31 29.20
C ARG B 318 -45.93 -36.08 30.14
N PHE B 319 -44.73 -36.44 29.67
CA PHE B 319 -43.80 -37.14 30.54
C PHE B 319 -43.17 -36.29 31.65
N PRO B 320 -42.90 -34.98 31.49
CA PRO B 320 -42.30 -34.26 32.63
C PRO B 320 -43.35 -33.95 33.69
N ASN B 321 -43.07 -34.33 34.92
CA ASN B 321 -43.96 -34.05 36.04
C ASN B 321 -43.58 -32.71 36.68
N ILE B 322 -44.22 -32.39 37.81
CA ILE B 322 -43.94 -31.13 38.49
C ILE B 322 -42.58 -31.22 39.16
N THR B 323 -41.74 -30.21 38.91
CA THR B 323 -40.38 -30.15 39.42
C THR B 323 -40.29 -29.03 40.45
N ASN B 324 -39.90 -29.36 41.67
CA ASN B 324 -39.73 -28.37 42.72
C ASN B 324 -38.31 -27.79 42.63
N LEU B 325 -37.89 -27.06 43.66
CA LEU B 325 -36.58 -26.42 43.69
C LEU B 325 -35.71 -27.12 44.73
N CYS B 326 -34.53 -27.59 44.31
CA CYS B 326 -33.58 -28.20 45.29
C CYS B 326 -33.13 -27.11 46.27
N PRO B 327 -32.99 -27.41 47.59
CA PRO B 327 -32.65 -26.37 48.58
C PRO B 327 -31.35 -25.63 48.22
N PHE B 328 -30.32 -26.38 47.79
CA PHE B 328 -29.01 -25.75 47.46
C PHE B 328 -28.54 -24.88 48.63
N GLY B 329 -28.66 -25.40 49.86
CA GLY B 329 -28.21 -24.64 51.05
C GLY B 329 -28.91 -23.30 51.16
N GLU B 330 -28.16 -22.25 51.55
CA GLU B 330 -28.74 -20.90 51.71
C GLU B 330 -27.85 -19.87 50.99
N VAL B 331 -27.42 -20.19 49.76
CA VAL B 331 -26.56 -19.26 48.98
C VAL B 331 -27.28 -17.91 48.87
N PHE B 332 -28.60 -17.93 48.71
CA PHE B 332 -29.39 -16.68 48.57
C PHE B 332 -29.12 -15.76 49.77
N ASN B 333 -29.17 -16.31 50.99
CA ASN B 333 -28.91 -15.50 52.21
C ASN B 333 -27.93 -16.24 53.12
N ALA B 334 -26.66 -16.33 52.73
CA ALA B 334 -25.64 -16.97 53.59
C ALA B 334 -25.14 -15.96 54.62
N THR B 335 -25.24 -16.30 55.91
CA THR B 335 -24.83 -15.36 56.99
C THR B 335 -23.55 -14.62 56.58
N ARG B 336 -22.53 -15.36 56.13
CA ARG B 336 -21.25 -14.74 55.73
C ARG B 336 -20.91 -15.19 54.31
N PHE B 337 -20.45 -14.26 53.45
CA PHE B 337 -20.09 -14.60 52.10
C PHE B 337 -18.57 -14.77 51.98
N ALA B 338 -18.11 -15.03 50.76
CA ALA B 338 -16.69 -15.14 50.45
C ALA B 338 -16.28 -13.98 49.55
N SER B 339 -14.97 -13.78 49.45
CA SER B 339 -14.42 -12.68 48.68
C SER B 339 -14.17 -13.12 47.25
N VAL B 340 -13.47 -12.29 46.47
CA VAL B 340 -13.24 -12.57 45.07
C VAL B 340 -11.96 -13.36 44.79
N TYR B 341 -10.98 -13.31 45.70
CA TYR B 341 -9.78 -14.12 45.50
C TYR B 341 -10.03 -15.58 45.84
N ALA B 342 -10.96 -15.85 46.77
CA ALA B 342 -11.36 -17.22 47.12
C ALA B 342 -12.88 -17.20 47.29
N TRP B 343 -13.59 -17.48 46.22
CA TRP B 343 -15.04 -17.47 46.21
C TRP B 343 -15.59 -18.88 46.40
N ASN B 344 -16.80 -18.95 46.94
CA ASN B 344 -17.44 -20.24 47.15
C ASN B 344 -17.83 -20.84 45.81
N ARG B 345 -17.41 -22.08 45.58
CA ARG B 345 -17.71 -22.82 44.36
C ARG B 345 -18.69 -23.93 44.73
N LYS B 346 -19.96 -23.73 44.41
CA LYS B 346 -21.02 -24.66 44.74
C LYS B 346 -21.58 -25.28 43.46
N ARG B 347 -21.91 -26.57 43.53
CA ARG B 347 -22.27 -27.35 42.36
C ARG B 347 -23.70 -27.86 42.44
N ILE B 348 -24.31 -28.03 41.28
CA ILE B 348 -25.64 -28.62 41.15
C ILE B 348 -25.52 -29.91 40.35
N SER B 349 -25.98 -31.01 40.94
CA SER B 349 -26.04 -32.29 40.24
C SER B 349 -27.33 -33.01 40.63
N ASN B 350 -28.02 -33.52 39.61
CA ASN B 350 -29.22 -34.40 39.68
C ASN B 350 -30.16 -34.08 40.85
N CYS B 351 -30.43 -32.80 41.04
CA CYS B 351 -31.54 -32.36 41.89
C CYS B 351 -32.71 -31.96 41.01
N VAL B 352 -33.81 -31.59 41.65
CA VAL B 352 -34.96 -31.02 40.96
C VAL B 352 -34.99 -29.53 41.27
N ALA B 353 -34.84 -28.72 40.23
CA ALA B 353 -34.63 -27.28 40.39
C ALA B 353 -35.68 -26.51 39.59
N ASP B 354 -36.32 -25.56 40.25
CA ASP B 354 -37.29 -24.66 39.62
C ASP B 354 -36.62 -23.30 39.45
N TYR B 355 -36.21 -22.99 38.21
CA TYR B 355 -35.59 -21.71 37.92
C TYR B 355 -36.58 -20.55 37.88
N SER B 356 -37.87 -20.83 37.65
CA SER B 356 -38.86 -19.77 37.59
C SER B 356 -39.08 -19.12 38.95
N VAL B 357 -39.09 -19.92 40.02
CA VAL B 357 -39.32 -19.38 41.36
C VAL B 357 -38.10 -18.67 41.94
N LEU B 358 -36.94 -18.81 41.31
CA LEU B 358 -35.76 -18.05 41.70
C LEU B 358 -35.72 -16.66 41.07
N TYR B 359 -36.84 -16.20 40.52
CA TYR B 359 -36.90 -14.94 39.79
C TYR B 359 -38.03 -14.05 40.30
N ASN B 360 -39.10 -14.67 40.81
CA ASN B 360 -40.29 -13.96 41.25
C ASN B 360 -40.15 -13.37 42.66
N SER B 361 -38.93 -13.27 43.18
CA SER B 361 -38.74 -12.68 44.50
C SER B 361 -38.99 -11.17 44.49
N ALA B 362 -38.84 -10.54 43.32
CA ALA B 362 -39.04 -9.10 43.14
C ALA B 362 -38.16 -8.28 44.09
N SER B 363 -36.93 -8.75 44.30
CA SER B 363 -35.99 -8.08 45.17
C SER B 363 -34.61 -7.89 44.57
N PHE B 364 -34.29 -8.57 43.46
CA PHE B 364 -32.99 -8.41 42.83
C PHE B 364 -32.92 -7.08 42.08
N SER B 365 -31.87 -6.31 42.35
CA SER B 365 -31.74 -5.01 41.70
C SER B 365 -31.36 -5.16 40.23
N THR B 366 -30.43 -6.05 39.92
CA THR B 366 -29.94 -6.24 38.57
C THR B 366 -30.06 -7.72 38.19
N PHE B 367 -30.14 -7.97 36.87
CA PHE B 367 -30.19 -9.32 36.36
C PHE B 367 -29.52 -9.33 34.99
N LYS B 368 -28.72 -10.36 34.74
CA LYS B 368 -28.03 -10.50 33.46
C LYS B 368 -27.83 -11.98 33.17
N CYS B 369 -28.20 -12.40 31.96
CA CYS B 369 -27.97 -13.76 31.50
C CYS B 369 -27.88 -13.77 29.99
N TYR B 370 -26.71 -14.13 29.46
CA TYR B 370 -26.49 -14.24 28.03
C TYR B 370 -26.41 -15.71 27.63
N GLY B 371 -26.45 -15.94 26.32
CA GLY B 371 -26.39 -17.28 25.75
C GLY B 371 -27.72 -17.98 25.58
N VAL B 372 -28.62 -17.81 26.56
CA VAL B 372 -29.94 -18.43 26.52
C VAL B 372 -30.96 -17.39 26.96
N SER B 373 -32.17 -17.50 26.42
CA SER B 373 -33.24 -16.59 26.79
C SER B 373 -33.69 -16.86 28.21
N PRO B 374 -34.04 -15.81 28.98
CA PRO B 374 -34.46 -16.03 30.37
C PRO B 374 -35.73 -16.84 30.52
N THR B 375 -36.66 -16.75 29.57
CA THR B 375 -37.93 -17.45 29.67
C THR B 375 -37.87 -18.88 29.16
N LYS B 376 -36.79 -19.28 28.50
CA LYS B 376 -36.66 -20.61 27.92
C LYS B 376 -35.31 -21.23 28.28
N LEU B 377 -34.89 -21.03 29.53
CA LEU B 377 -33.75 -21.78 30.07
C LEU B 377 -34.17 -22.93 30.95
N ASN B 378 -35.40 -22.87 31.49
CA ASN B 378 -35.90 -23.93 32.35
C ASN B 378 -36.07 -25.23 31.57
N ASP B 379 -36.55 -25.15 30.32
CA ASP B 379 -36.73 -26.35 29.51
C ASP B 379 -35.40 -26.88 28.95
N LEU B 380 -34.49 -25.99 28.60
CA LEU B 380 -33.21 -26.41 28.04
C LEU B 380 -32.35 -27.06 29.13
N CYS B 381 -31.67 -28.15 28.77
CA CYS B 381 -31.08 -29.06 29.74
C CYS B 381 -29.56 -29.04 29.66
N PHE B 382 -28.90 -29.15 30.81
CA PHE B 382 -27.44 -29.13 30.91
C PHE B 382 -26.94 -30.20 31.86
N THR B 383 -25.62 -30.36 31.91
CA THR B 383 -24.99 -31.48 32.61
C THR B 383 -24.56 -31.13 34.03
N ASN B 384 -24.00 -29.94 34.24
CA ASN B 384 -23.79 -29.38 35.57
C ASN B 384 -24.04 -27.88 35.55
N VAL B 385 -24.37 -27.34 36.71
CA VAL B 385 -24.51 -25.91 36.92
C VAL B 385 -23.52 -25.50 38.02
N TYR B 386 -22.68 -24.51 37.72
CA TYR B 386 -21.66 -24.04 38.65
C TYR B 386 -22.05 -22.67 39.18
N ALA B 387 -22.01 -22.52 40.50
CA ALA B 387 -22.33 -21.26 41.16
C ALA B 387 -21.08 -20.68 41.79
N ASP B 388 -20.72 -19.47 41.38
CA ASP B 388 -19.54 -18.77 41.90
C ASP B 388 -20.04 -17.51 42.62
N SER B 389 -20.11 -17.58 43.94
CA SER B 389 -20.67 -16.50 44.75
C SER B 389 -19.56 -15.68 45.37
N PHE B 390 -19.66 -14.35 45.24
CA PHE B 390 -18.68 -13.44 45.80
C PHE B 390 -19.35 -12.08 45.98
N VAL B 391 -18.64 -11.17 46.64
CA VAL B 391 -19.12 -9.82 46.89
C VAL B 391 -18.29 -8.85 46.05
N ILE B 392 -18.90 -7.71 45.73
CA ILE B 392 -18.26 -6.70 44.89
C ILE B 392 -18.94 -5.37 45.16
N ARG B 393 -18.26 -4.28 44.80
CA ARG B 393 -18.80 -2.94 45.00
C ARG B 393 -19.82 -2.60 43.91
N GLY B 394 -20.50 -1.47 44.10
CA GLY B 394 -21.52 -1.05 43.15
C GLY B 394 -20.97 -0.51 41.85
N ASP B 395 -19.69 -0.12 41.82
CA ASP B 395 -19.08 0.41 40.61
C ASP B 395 -18.36 -0.64 39.79
N GLU B 396 -18.33 -1.90 40.24
CA GLU B 396 -17.66 -2.97 39.54
C GLU B 396 -18.61 -4.01 38.97
N VAL B 397 -19.91 -3.88 39.20
CA VAL B 397 -20.88 -4.75 38.53
C VAL B 397 -20.94 -4.44 37.03
N ARG B 398 -20.53 -3.24 36.63
CA ARG B 398 -20.49 -2.89 35.21
C ARG B 398 -19.46 -3.72 34.47
N GLN B 399 -18.31 -3.98 35.09
CA GLN B 399 -17.22 -4.71 34.44
C GLN B 399 -17.47 -6.21 34.35
N ILE B 400 -18.46 -6.74 35.07
CA ILE B 400 -18.74 -8.17 35.03
C ILE B 400 -19.63 -8.46 33.82
N ALA B 401 -19.00 -8.65 32.66
CA ALA B 401 -19.70 -8.94 31.41
C ALA B 401 -18.71 -9.54 30.44
N PRO B 402 -19.16 -10.42 29.54
CA PRO B 402 -18.22 -11.02 28.56
C PRO B 402 -17.72 -9.98 27.57
N GLY B 403 -16.43 -9.72 27.61
CA GLY B 403 -15.80 -8.79 26.70
C GLY B 403 -15.49 -7.41 27.27
N GLN B 404 -15.25 -7.30 28.56
CA GLN B 404 -14.94 -6.03 29.20
C GLN B 404 -13.65 -6.15 29.99
N THR B 405 -12.94 -5.02 30.10
CA THR B 405 -11.69 -4.94 30.85
C THR B 405 -11.92 -4.23 32.17
N GLY B 406 -10.84 -4.03 32.91
CA GLY B 406 -10.91 -3.36 34.19
C GLY B 406 -9.85 -3.92 35.13
N LYS B 407 -10.09 -3.73 36.42
CA LYS B 407 -9.19 -4.20 37.46
C LYS B 407 -9.72 -5.40 38.24
N ILE B 408 -10.99 -5.77 38.04
CA ILE B 408 -11.59 -6.90 38.71
C ILE B 408 -11.95 -8.01 37.72
N ALA B 409 -12.52 -7.65 36.58
CA ALA B 409 -12.90 -8.65 35.58
C ALA B 409 -11.70 -9.31 34.93
N ASP B 410 -10.52 -8.71 35.02
CA ASP B 410 -9.30 -9.30 34.47
C ASP B 410 -8.39 -9.91 35.53
N TYR B 411 -8.66 -9.67 36.81
CA TYR B 411 -7.79 -10.12 37.89
C TYR B 411 -8.43 -11.06 38.90
N ASN B 412 -9.76 -11.15 38.93
CA ASN B 412 -10.42 -12.03 39.89
C ASN B 412 -11.30 -13.09 39.25
N TYR B 413 -11.98 -12.75 38.16
CA TYR B 413 -12.79 -13.73 37.43
C TYR B 413 -12.91 -13.26 35.99
N LYS B 414 -12.23 -13.96 35.08
CA LYS B 414 -12.24 -13.61 33.67
C LYS B 414 -13.44 -14.26 32.99
N LEU B 415 -14.26 -13.45 32.34
CA LEU B 415 -15.44 -13.97 31.65
C LEU B 415 -15.07 -14.29 30.20
N PRO B 416 -15.20 -15.53 29.76
CA PRO B 416 -14.85 -15.86 28.37
C PRO B 416 -15.91 -15.36 27.40
N ASP B 417 -15.56 -15.41 26.12
CA ASP B 417 -16.49 -14.98 25.07
C ASP B 417 -17.70 -15.90 24.99
N ASP B 418 -17.49 -17.20 25.16
CA ASP B 418 -18.59 -18.17 25.11
C ASP B 418 -19.17 -18.40 26.51
N PHE B 419 -19.60 -17.29 27.12
CA PHE B 419 -20.19 -17.32 28.45
C PHE B 419 -21.70 -17.38 28.31
N THR B 420 -22.29 -18.52 28.70
CA THR B 420 -23.73 -18.73 28.61
C THR B 420 -24.41 -18.71 29.97
N GLY B 421 -23.70 -18.32 31.03
CA GLY B 421 -24.27 -18.30 32.35
C GLY B 421 -25.08 -17.05 32.63
N CYS B 422 -25.72 -17.04 33.81
CA CYS B 422 -26.52 -15.92 34.25
C CYS B 422 -25.90 -15.31 35.51
N VAL B 423 -26.06 -13.99 35.65
CA VAL B 423 -25.54 -13.24 36.79
C VAL B 423 -26.70 -12.61 37.53
N ILE B 424 -26.80 -12.90 38.83
CA ILE B 424 -27.85 -12.37 39.68
C ILE B 424 -27.19 -11.54 40.78
N ALA B 425 -27.60 -10.28 40.90
CA ALA B 425 -27.06 -9.39 41.92
C ALA B 425 -28.19 -8.62 42.59
N TRP B 426 -27.98 -8.34 43.88
CA TRP B 426 -28.96 -7.61 44.68
C TRP B 426 -28.24 -7.00 45.87
N ASN B 427 -28.92 -6.06 46.52
CA ASN B 427 -28.36 -5.32 47.64
C ASN B 427 -28.78 -5.96 48.96
N SER B 428 -27.80 -6.25 49.81
CA SER B 428 -28.03 -6.77 51.16
C SER B 428 -27.12 -6.06 52.15
N ASN B 429 -27.04 -4.73 52.03
CA ASN B 429 -26.11 -3.94 52.83
C ASN B 429 -26.46 -3.88 54.30
N ASN B 430 -27.65 -4.32 54.69
CA ASN B 430 -28.05 -4.30 56.09
C ASN B 430 -27.49 -5.47 56.89
N LEU B 431 -26.83 -6.41 56.24
CA LEU B 431 -26.29 -7.59 56.92
C LEU B 431 -24.79 -7.74 56.79
N ASP B 432 -24.23 -7.48 55.61
CA ASP B 432 -22.80 -7.69 55.38
C ASP B 432 -21.95 -6.46 55.64
N SER B 433 -22.55 -5.34 56.06
CA SER B 433 -21.82 -4.12 56.34
C SER B 433 -22.27 -3.58 57.68
N LYS B 434 -21.30 -3.18 58.52
CA LYS B 434 -21.57 -2.68 59.86
C LYS B 434 -20.83 -1.37 60.07
N VAL B 435 -21.19 -0.68 61.15
CA VAL B 435 -20.46 0.53 61.53
C VAL B 435 -19.09 0.17 62.07
N GLY B 436 -18.18 1.14 62.02
CA GLY B 436 -16.81 0.94 62.44
C GLY B 436 -15.86 0.57 61.33
N GLY B 437 -16.37 0.32 60.12
CA GLY B 437 -15.53 -0.06 59.01
C GLY B 437 -15.50 -1.56 58.79
N ASN B 438 -16.21 -2.03 57.77
CA ASN B 438 -16.30 -3.46 57.47
C ASN B 438 -15.14 -3.82 56.54
N TYR B 439 -14.09 -4.44 57.11
CA TYR B 439 -12.90 -4.79 56.36
C TYR B 439 -12.64 -6.29 56.33
N ASN B 440 -13.66 -7.11 56.62
CA ASN B 440 -13.48 -8.55 56.53
C ASN B 440 -13.42 -9.04 55.09
N TYR B 441 -13.90 -8.23 54.14
CA TYR B 441 -13.82 -8.59 52.72
C TYR B 441 -12.57 -7.98 52.11
N LEU B 442 -11.78 -8.81 51.46
CA LEU B 442 -10.55 -8.40 50.80
C LEU B 442 -10.69 -8.62 49.30
N TYR B 443 -9.87 -7.91 48.52
CA TYR B 443 -9.88 -8.09 47.08
C TYR B 443 -8.48 -7.85 46.53
N ARG B 444 -8.25 -8.39 45.33
CA ARG B 444 -6.93 -8.39 44.70
C ARG B 444 -6.91 -7.32 43.62
N LEU B 445 -6.40 -6.13 43.96
CA LEU B 445 -6.28 -5.07 42.98
C LEU B 445 -4.94 -5.13 42.24
N PHE B 446 -3.89 -5.63 42.90
CA PHE B 446 -2.59 -5.81 42.26
C PHE B 446 -2.46 -7.27 41.84
N ARG B 447 -2.13 -7.50 40.57
CA ARG B 447 -1.93 -8.85 40.06
C ARG B 447 -0.96 -8.78 38.89
N LYS B 448 -0.17 -9.84 38.73
CA LYS B 448 0.97 -9.83 37.81
C LYS B 448 0.59 -9.62 36.36
N SER B 449 -0.07 -10.60 35.74
CA SER B 449 -0.44 -10.47 34.33
C SER B 449 -1.95 -10.52 34.11
N ASN B 450 -2.61 -11.61 34.49
CA ASN B 450 -4.02 -11.85 34.19
C ASN B 450 -4.45 -13.10 34.96
N LEU B 451 -5.68 -13.55 34.71
CA LEU B 451 -6.24 -14.74 35.32
C LEU B 451 -7.03 -15.51 34.27
N LYS B 452 -6.74 -16.80 34.13
CA LYS B 452 -7.39 -17.62 33.12
C LYS B 452 -8.87 -17.83 33.45
N PRO B 453 -9.72 -17.98 32.43
CA PRO B 453 -11.15 -18.18 32.70
C PRO B 453 -11.42 -19.44 33.51
N PHE B 454 -12.37 -19.33 34.44
CA PHE B 454 -12.77 -20.41 35.36
C PHE B 454 -11.56 -20.93 36.15
N GLU B 455 -10.77 -20.00 36.67
CA GLU B 455 -9.63 -20.33 37.51
C GLU B 455 -9.64 -19.45 38.75
N ARG B 456 -9.09 -19.97 39.85
CA ARG B 456 -9.01 -19.24 41.10
C ARG B 456 -7.55 -19.09 41.51
N ASP B 457 -7.16 -17.87 41.90
CA ASP B 457 -5.81 -17.57 42.35
C ASP B 457 -5.86 -17.11 43.80
N ILE B 458 -5.05 -17.75 44.66
CA ILE B 458 -5.03 -17.43 46.08
C ILE B 458 -3.61 -17.14 46.52
N SER B 459 -2.75 -16.73 45.59
CA SER B 459 -1.35 -16.47 45.89
C SER B 459 -1.22 -15.18 46.70
N THR B 460 -0.51 -15.26 47.82
CA THR B 460 -0.28 -14.11 48.69
C THR B 460 1.13 -13.55 48.56
N GLU B 461 1.87 -13.95 47.54
CA GLU B 461 3.22 -13.44 47.34
C GLU B 461 3.20 -11.97 46.97
N ILE B 462 4.17 -11.22 47.48
CA ILE B 462 4.25 -9.79 47.22
C ILE B 462 4.66 -9.57 45.77
N TYR B 463 3.82 -8.85 45.03
CA TYR B 463 4.10 -8.60 43.62
C TYR B 463 5.27 -7.63 43.46
N GLN B 464 6.11 -7.92 42.46
CA GLN B 464 7.29 -7.12 42.18
C GLN B 464 7.06 -6.30 40.91
N ALA B 465 7.28 -4.98 41.02
CA ALA B 465 7.10 -4.09 39.88
C ALA B 465 8.39 -4.00 39.05
N GLY B 466 9.49 -3.59 39.68
CA GLY B 466 10.77 -3.54 39.00
C GLY B 466 11.49 -4.87 39.02
N SER B 467 12.77 -4.85 39.40
CA SER B 467 13.54 -6.07 39.52
C SER B 467 14.28 -6.18 40.85
N THR B 468 14.21 -5.17 41.71
CA THR B 468 14.84 -5.25 43.02
C THR B 468 13.98 -6.11 43.95
N PRO B 469 14.50 -7.21 44.47
CA PRO B 469 13.72 -8.01 45.42
C PRO B 469 13.55 -7.29 46.76
N CYS B 470 12.47 -7.62 47.45
CA CYS B 470 12.17 -7.05 48.75
C CYS B 470 12.29 -8.05 49.89
N ASN B 471 12.32 -9.35 49.60
CA ASN B 471 12.36 -10.42 50.61
C ASN B 471 11.18 -10.32 51.57
N GLY B 472 10.02 -9.95 51.04
CA GLY B 472 8.78 -9.90 51.80
C GLY B 472 8.71 -8.86 52.89
N VAL B 473 9.15 -7.63 52.62
CA VAL B 473 8.99 -6.54 53.57
C VAL B 473 8.20 -5.42 52.89
N GLU B 474 7.89 -4.37 53.65
CA GLU B 474 7.19 -3.20 53.13
C GLU B 474 8.17 -2.13 52.63
N GLY B 475 9.10 -2.55 51.77
CA GLY B 475 10.15 -1.67 51.31
C GLY B 475 9.80 -0.87 50.07
N PHE B 476 10.74 -0.80 49.13
CA PHE B 476 10.59 0.01 47.94
C PHE B 476 10.37 -0.87 46.71
N ASN B 477 9.64 -0.32 45.73
CA ASN B 477 9.41 -0.94 44.43
C ASN B 477 8.63 -2.25 44.55
N CYS B 478 7.82 -2.38 45.59
CA CYS B 478 6.96 -3.55 45.76
C CYS B 478 5.82 -3.19 46.71
N TYR B 479 4.70 -3.90 46.54
CA TYR B 479 3.53 -3.68 47.39
C TYR B 479 2.78 -4.99 47.54
N PHE B 480 2.04 -5.10 48.63
CA PHE B 480 1.34 -6.35 48.96
C PHE B 480 0.05 -6.41 48.16
N PRO B 481 -0.18 -7.47 47.37
CA PRO B 481 -1.19 -7.38 46.30
C PRO B 481 -2.63 -7.25 46.75
N LEU B 482 -3.01 -7.86 47.88
CA LEU B 482 -4.39 -7.79 48.33
C LEU B 482 -4.67 -6.45 48.99
N GLN B 483 -5.88 -5.94 48.79
CA GLN B 483 -6.31 -4.67 49.36
C GLN B 483 -7.66 -4.82 50.03
N SER B 484 -7.91 -3.98 51.02
CA SER B 484 -9.15 -4.03 51.78
C SER B 484 -10.23 -3.18 51.12
N TYR B 485 -11.48 -3.56 51.34
CA TYR B 485 -12.62 -2.87 50.76
C TYR B 485 -12.93 -1.60 51.55
N GLY B 486 -13.94 -0.87 51.08
CA GLY B 486 -14.37 0.34 51.74
C GLY B 486 -15.86 0.33 52.04
N PHE B 487 -16.38 -0.84 52.40
CA PHE B 487 -17.81 -0.98 52.64
C PHE B 487 -18.24 -0.19 53.87
N GLN B 488 -19.43 0.40 53.79
CA GLN B 488 -19.98 1.25 54.84
C GLN B 488 -21.50 1.21 54.70
N PRO B 489 -22.24 1.02 55.80
CA PRO B 489 -23.70 0.99 55.69
C PRO B 489 -24.33 2.32 55.29
N THR B 490 -23.60 3.43 55.45
CA THR B 490 -24.10 4.76 55.09
C THR B 490 -23.60 5.21 53.72
N ASN B 491 -23.31 4.28 52.83
CA ASN B 491 -22.83 4.61 51.50
C ASN B 491 -23.99 5.00 50.59
N GLY B 492 -23.68 5.28 49.33
CA GLY B 492 -24.69 5.66 48.36
C GLY B 492 -25.26 4.47 47.62
N VAL B 493 -25.25 4.54 46.28
CA VAL B 493 -25.77 3.47 45.43
C VAL B 493 -24.70 2.91 44.49
N GLY B 494 -23.46 3.37 44.63
CA GLY B 494 -22.41 2.93 43.73
C GLY B 494 -21.21 2.31 44.42
N TYR B 495 -21.27 2.18 45.75
CA TYR B 495 -20.16 1.60 46.49
C TYR B 495 -20.61 0.62 47.57
N GLN B 496 -21.90 0.30 47.64
CA GLN B 496 -22.37 -0.66 48.61
C GLN B 496 -21.98 -2.08 48.20
N PRO B 497 -21.75 -2.98 49.16
CA PRO B 497 -21.39 -4.37 48.82
C PRO B 497 -22.56 -5.10 48.17
N TYR B 498 -22.35 -5.55 46.93
CA TYR B 498 -23.36 -6.28 46.19
C TYR B 498 -22.99 -7.76 46.12
N ARG B 499 -24.01 -8.62 46.28
CA ARG B 499 -23.81 -10.06 46.20
C ARG B 499 -23.98 -10.49 44.74
N VAL B 500 -22.86 -10.76 44.08
CA VAL B 500 -22.84 -11.09 42.65
C VAL B 500 -22.48 -12.56 42.51
N VAL B 501 -23.34 -13.31 41.81
CA VAL B 501 -23.14 -14.74 41.59
C VAL B 501 -23.18 -15.01 40.09
N VAL B 502 -22.63 -16.17 39.72
CA VAL B 502 -22.58 -16.61 38.33
C VAL B 502 -23.12 -18.04 38.28
N LEU B 503 -24.15 -18.27 37.46
CA LEU B 503 -24.75 -19.58 37.30
C LEU B 503 -24.49 -20.06 35.88
N SER B 504 -23.34 -20.71 35.69
CA SER B 504 -22.94 -21.22 34.40
C SER B 504 -23.55 -22.60 34.15
N PHE B 505 -23.41 -23.08 32.92
CA PHE B 505 -23.95 -24.37 32.50
C PHE B 505 -22.86 -25.20 31.85
N GLU B 506 -23.04 -26.52 31.89
CA GLU B 506 -22.06 -27.48 31.38
C GLU B 506 -22.64 -28.25 30.20
N LEU B 507 -21.85 -28.39 29.14
CA LEU B 507 -22.25 -29.13 27.94
C LEU B 507 -21.18 -30.14 27.57
N LEU B 508 -21.55 -31.43 27.59
CA LEU B 508 -20.69 -32.51 27.12
C LEU B 508 -21.57 -33.74 26.88
N HIS B 509 -20.93 -34.88 26.64
CA HIS B 509 -21.61 -36.13 26.26
C HIS B 509 -22.10 -36.90 27.51
N ALA B 510 -22.96 -36.24 28.26
CA ALA B 510 -23.45 -36.75 29.54
C ALA B 510 -24.92 -36.38 29.68
N PRO B 511 -25.67 -37.10 30.52
CA PRO B 511 -27.11 -36.82 30.64
C PRO B 511 -27.37 -35.49 31.33
N ALA B 512 -28.60 -35.02 31.17
CA ALA B 512 -29.04 -33.78 31.80
C ALA B 512 -29.11 -33.93 33.32
N THR B 513 -29.02 -32.80 34.02
CA THR B 513 -29.10 -32.80 35.47
C THR B 513 -30.24 -31.97 36.05
N VAL B 514 -30.45 -30.73 35.57
CA VAL B 514 -31.46 -29.84 36.12
C VAL B 514 -32.03 -29.01 34.98
N CYS B 515 -33.29 -29.25 34.67
CA CYS B 515 -34.03 -28.48 33.70
C CYS B 515 -35.49 -28.81 33.99
N GLY B 516 -36.30 -27.80 34.29
CA GLY B 516 -37.72 -28.01 34.41
C GLY B 516 -38.35 -28.06 33.04
N PRO B 517 -38.71 -29.28 32.59
CA PRO B 517 -39.06 -29.47 31.17
C PRO B 517 -40.43 -28.91 30.85
N LYS B 518 -40.95 -29.23 29.67
CA LYS B 518 -42.20 -28.67 29.20
C LYS B 518 -43.34 -29.18 30.08
N LYS B 519 -44.51 -28.58 29.93
CA LYS B 519 -45.61 -28.90 30.82
C LYS B 519 -46.30 -30.18 30.37
N SER B 520 -46.99 -30.79 31.31
CA SER B 520 -47.72 -32.04 31.04
C SER B 520 -49.04 -31.72 30.38
N THR B 521 -49.31 -32.38 29.26
CA THR B 521 -50.57 -32.21 28.55
C THR B 521 -51.65 -33.09 29.18
N ASN B 522 -52.82 -33.08 28.57
CA ASN B 522 -53.95 -33.86 29.07
C ASN B 522 -53.72 -35.34 28.82
N LEU B 523 -54.23 -36.17 29.73
CA LEU B 523 -54.13 -37.62 29.63
C LEU B 523 -55.41 -38.19 29.03
N VAL B 524 -55.26 -39.10 28.08
CA VAL B 524 -56.38 -39.78 27.44
C VAL B 524 -56.15 -41.28 27.52
N LYS B 525 -57.22 -42.04 27.71
CA LYS B 525 -57.13 -43.48 27.92
C LYS B 525 -58.07 -44.20 26.97
N ASN B 526 -57.63 -45.38 26.50
CA ASN B 526 -58.41 -46.25 25.62
C ASN B 526 -58.77 -45.58 24.29
N LYS B 527 -57.90 -44.70 23.80
CA LYS B 527 -58.06 -44.07 22.51
C LYS B 527 -56.75 -44.14 21.74
N CYS B 528 -56.85 -44.11 20.41
CA CYS B 528 -55.69 -44.21 19.53
C CYS B 528 -54.94 -42.88 19.57
N VAL B 529 -53.89 -42.81 20.38
CA VAL B 529 -53.18 -41.56 20.66
C VAL B 529 -51.69 -41.75 20.43
N ASN B 530 -51.05 -40.71 19.90
CA ASN B 530 -49.60 -40.67 19.76
C ASN B 530 -48.98 -40.06 21.02
N PHE B 531 -47.86 -40.63 21.46
CA PHE B 531 -47.22 -40.20 22.69
C PHE B 531 -45.70 -40.25 22.54
N ASN B 532 -45.02 -39.48 23.39
CA ASN B 532 -43.57 -39.40 23.43
C ASN B 532 -43.13 -39.59 24.89
N PHE B 533 -42.94 -40.85 25.29
CA PHE B 533 -42.52 -41.17 26.65
C PHE B 533 -41.03 -41.49 26.69
N ASN B 534 -40.24 -40.45 26.38
CA ASN B 534 -38.80 -40.38 26.60
C ASN B 534 -37.97 -41.30 25.71
N GLY B 535 -38.60 -42.17 24.95
CA GLY B 535 -37.81 -43.10 24.16
C GLY B 535 -38.32 -43.41 22.75
N LEU B 536 -39.52 -42.95 22.41
CA LEU B 536 -40.13 -43.34 21.15
C LEU B 536 -41.26 -42.40 20.82
N THR B 537 -41.64 -42.39 19.53
CA THR B 537 -42.82 -41.70 19.04
C THR B 537 -43.78 -42.79 18.56
N GLY B 538 -44.60 -43.30 19.48
CA GLY B 538 -45.49 -44.40 19.21
C GLY B 538 -46.94 -43.98 19.24
N THR B 539 -47.74 -44.61 18.39
CA THR B 539 -49.17 -44.38 18.30
C THR B 539 -49.91 -45.64 18.72
N GLY B 540 -50.85 -45.50 19.65
CA GLY B 540 -51.62 -46.64 20.09
C GLY B 540 -52.41 -46.31 21.34
N VAL B 541 -53.22 -47.29 21.75
CA VAL B 541 -54.05 -47.13 22.94
C VAL B 541 -53.21 -47.36 24.18
N LEU B 542 -53.71 -46.86 25.31
CA LEU B 542 -53.04 -47.00 26.61
C LEU B 542 -54.02 -47.68 27.57
N THR B 543 -54.00 -49.01 27.57
CA THR B 543 -54.89 -49.80 28.41
C THR B 543 -54.34 -49.88 29.83
N GLU B 544 -55.20 -50.31 30.75
CA GLU B 544 -54.82 -50.47 32.16
C GLU B 544 -54.19 -51.85 32.34
N SER B 545 -52.89 -51.87 32.64
CA SER B 545 -52.18 -53.12 32.85
C SER B 545 -52.37 -53.62 34.28
N ASN B 546 -52.22 -54.93 34.45
CA ASN B 546 -52.34 -55.56 35.75
C ASN B 546 -50.99 -56.01 36.31
N LYS B 547 -49.89 -55.64 35.67
CA LYS B 547 -48.55 -55.99 36.11
C LYS B 547 -47.83 -54.74 36.61
N LYS B 548 -47.27 -54.84 37.81
CA LYS B 548 -46.58 -53.71 38.42
C LYS B 548 -45.09 -53.74 38.06
N PHE B 549 -44.48 -52.56 38.07
CA PHE B 549 -43.05 -52.41 37.81
C PHE B 549 -42.32 -52.04 39.10
N LEU B 550 -41.03 -52.32 39.11
CA LEU B 550 -40.17 -51.86 40.21
C LEU B 550 -40.02 -50.35 40.12
N PRO B 551 -39.68 -49.69 41.24
CA PRO B 551 -39.47 -48.23 41.20
C PRO B 551 -38.38 -47.80 40.23
N PHE B 552 -37.34 -48.62 40.03
CA PHE B 552 -36.35 -48.31 39.01
C PHE B 552 -36.88 -48.57 37.61
N GLN B 553 -37.76 -49.56 37.46
CA GLN B 553 -38.27 -49.93 36.15
C GLN B 553 -39.18 -48.84 35.60
N GLN B 554 -38.92 -48.45 34.35
CA GLN B 554 -39.69 -47.42 33.66
C GLN B 554 -40.39 -47.94 32.43
N PHE B 555 -39.67 -48.63 31.54
CA PHE B 555 -40.21 -49.09 30.28
C PHE B 555 -40.59 -50.57 30.38
N GLY B 556 -41.03 -51.14 29.26
CA GLY B 556 -41.41 -52.53 29.21
C GLY B 556 -41.39 -53.11 27.82
N ARG B 557 -40.76 -54.28 27.68
CA ARG B 557 -40.69 -55.01 26.43
C ARG B 557 -41.47 -56.32 26.53
N ASP B 558 -41.45 -57.08 25.45
CA ASP B 558 -42.15 -58.36 25.40
C ASP B 558 -41.22 -59.46 24.88
N ILE B 559 -41.78 -60.63 24.57
CA ILE B 559 -41.00 -61.71 24.00
C ILE B 559 -40.42 -61.32 22.66
N ALA B 560 -41.22 -60.62 21.83
CA ALA B 560 -40.79 -60.18 20.52
C ALA B 560 -39.95 -58.91 20.55
N ASP B 561 -39.58 -58.43 21.74
CA ASP B 561 -38.75 -57.23 21.92
C ASP B 561 -39.40 -56.01 21.26
N THR B 562 -40.62 -55.72 21.68
CA THR B 562 -41.38 -54.57 21.22
C THR B 562 -41.83 -53.77 22.43
N THR B 563 -41.65 -52.45 22.37
CA THR B 563 -42.04 -51.57 23.47
C THR B 563 -43.57 -51.55 23.56
N ASP B 564 -44.11 -52.29 24.53
CA ASP B 564 -45.55 -52.37 24.71
C ASP B 564 -45.97 -52.08 26.15
N ALA B 565 -45.09 -51.51 26.96
CA ALA B 565 -45.40 -51.17 28.34
C ALA B 565 -44.55 -49.99 28.76
N VAL B 566 -45.18 -48.97 29.34
CA VAL B 566 -44.48 -47.77 29.78
C VAL B 566 -45.14 -47.26 31.06
N ARG B 567 -44.32 -46.77 31.99
CA ARG B 567 -44.82 -46.19 33.23
C ARG B 567 -45.05 -44.70 33.04
N ASP B 568 -46.25 -44.24 33.38
CA ASP B 568 -46.56 -42.82 33.30
C ASP B 568 -45.84 -42.08 34.42
N PRO B 569 -44.96 -41.11 34.12
CA PRO B 569 -44.24 -40.41 35.19
C PRO B 569 -45.11 -39.48 36.02
N GLN B 570 -46.33 -39.18 35.58
CA GLN B 570 -47.18 -38.27 36.33
C GLN B 570 -47.68 -38.89 37.63
N THR B 571 -48.05 -40.17 37.61
CA THR B 571 -48.59 -40.81 38.79
C THR B 571 -48.07 -42.23 39.00
N LEU B 572 -46.94 -42.59 38.37
CA LEU B 572 -46.34 -43.92 38.45
C LEU B 572 -47.33 -45.01 38.05
N GLU B 573 -48.06 -44.77 36.97
CA GLU B 573 -49.07 -45.71 36.48
C GLU B 573 -48.53 -46.46 35.28
N ILE B 574 -48.68 -47.78 35.30
CA ILE B 574 -48.18 -48.65 34.24
C ILE B 574 -49.25 -48.76 33.15
N LEU B 575 -48.87 -48.41 31.92
CA LEU B 575 -49.79 -48.41 30.79
C LEU B 575 -49.22 -49.26 29.67
N ASP B 576 -50.09 -50.03 29.02
CA ASP B 576 -49.71 -50.87 27.90
C ASP B 576 -49.83 -50.10 26.59
N ILE B 577 -49.14 -50.62 25.56
CA ILE B 577 -49.14 -50.02 24.22
C ILE B 577 -49.59 -51.09 23.23
N THR B 578 -50.59 -50.75 22.42
CA THR B 578 -51.12 -51.66 21.40
C THR B 578 -51.43 -50.84 20.16
N PRO B 579 -50.91 -51.24 18.99
CA PRO B 579 -51.18 -50.49 17.76
C PRO B 579 -52.65 -50.56 17.35
N CYS B 580 -53.01 -49.63 16.46
CA CYS B 580 -54.40 -49.42 16.07
C CYS B 580 -54.76 -50.11 14.76
N SER B 581 -53.95 -49.92 13.71
CA SER B 581 -54.26 -50.45 12.38
C SER B 581 -53.86 -51.92 12.33
N PHE B 582 -54.86 -52.80 12.21
CA PHE B 582 -54.66 -54.24 12.14
C PHE B 582 -55.23 -54.76 10.82
N GLY B 583 -54.38 -55.37 10.01
CA GLY B 583 -54.84 -56.00 8.78
C GLY B 583 -55.27 -55.01 7.72
N GLY B 584 -55.99 -55.53 6.73
CA GLY B 584 -56.50 -54.72 5.64
C GLY B 584 -58.01 -54.82 5.49
N VAL B 585 -58.49 -54.65 4.25
CA VAL B 585 -59.92 -54.73 3.96
C VAL B 585 -60.14 -55.76 2.87
N SER B 586 -61.37 -56.28 2.81
CA SER B 586 -61.76 -57.25 1.81
C SER B 586 -63.15 -56.89 1.30
N VAL B 587 -63.42 -57.29 0.05
CA VAL B 587 -64.68 -56.98 -0.62
C VAL B 587 -65.33 -58.29 -1.06
N ILE B 588 -66.60 -58.47 -0.71
CA ILE B 588 -67.37 -59.64 -1.12
C ILE B 588 -68.19 -59.26 -2.35
N THR B 589 -67.95 -59.95 -3.45
CA THR B 589 -68.65 -59.70 -4.70
C THR B 589 -69.46 -60.94 -5.09
N PRO B 590 -70.77 -60.85 -5.24
CA PRO B 590 -71.55 -62.01 -5.70
C PRO B 590 -71.15 -62.52 -7.07
N GLY B 591 -70.74 -61.64 -7.96
CA GLY B 591 -70.30 -62.03 -9.29
C GLY B 591 -70.93 -61.18 -10.38
N THR B 592 -70.41 -61.36 -11.59
CA THR B 592 -70.93 -60.65 -12.75
C THR B 592 -72.28 -61.22 -13.16
N ASN B 593 -73.19 -60.32 -13.56
CA ASN B 593 -74.54 -60.64 -14.04
C ASN B 593 -75.39 -61.34 -12.97
N THR B 594 -75.04 -61.17 -11.70
CA THR B 594 -75.84 -61.70 -10.60
C THR B 594 -76.32 -60.61 -9.66
N SER B 595 -75.45 -59.70 -9.25
CA SER B 595 -75.81 -58.61 -8.36
C SER B 595 -74.94 -57.41 -8.68
N ASN B 596 -75.15 -56.32 -7.93
CA ASN B 596 -74.35 -55.11 -8.10
C ASN B 596 -73.78 -54.65 -6.77
N GLN B 597 -74.51 -54.91 -5.68
CA GLN B 597 -74.05 -54.52 -4.36
C GLN B 597 -72.93 -55.43 -3.87
N VAL B 598 -72.07 -54.86 -3.01
CA VAL B 598 -70.93 -55.58 -2.46
C VAL B 598 -70.90 -55.40 -0.96
N ALA B 599 -70.14 -56.27 -0.29
CA ALA B 599 -69.96 -56.23 1.16
C ALA B 599 -68.49 -56.01 1.47
N VAL B 600 -68.22 -55.21 2.49
CA VAL B 600 -66.87 -54.85 2.91
C VAL B 600 -66.53 -55.62 4.17
N LEU B 601 -65.39 -56.31 4.16
CA LEU B 601 -64.94 -57.11 5.28
C LEU B 601 -63.64 -56.54 5.83
N TYR B 602 -63.59 -56.32 7.15
CA TYR B 602 -62.38 -55.90 7.83
C TYR B 602 -61.69 -57.12 8.42
N GLN B 603 -60.35 -57.13 8.34
CA GLN B 603 -59.59 -58.33 8.66
C GLN B 603 -59.49 -58.55 10.17
N ASP B 604 -58.85 -57.61 10.87
CA ASP B 604 -58.61 -57.74 12.31
C ASP B 604 -58.97 -56.45 13.03
N VAL B 605 -60.04 -55.79 12.59
CA VAL B 605 -60.50 -54.54 13.16
C VAL B 605 -61.80 -54.80 13.92
N ASN B 606 -61.85 -54.36 15.17
CA ASN B 606 -63.05 -54.49 15.98
C ASN B 606 -63.94 -53.27 15.78
N CYS B 607 -65.23 -53.53 15.61
CA CYS B 607 -66.21 -52.45 15.43
C CYS B 607 -66.41 -51.68 16.74
N ASN B 631 -76.95 -55.57 8.50
CA ASN B 631 -76.18 -54.33 8.34
C ASN B 631 -74.73 -54.52 8.79
N VAL B 632 -74.51 -54.47 10.09
CA VAL B 632 -73.18 -54.63 10.68
C VAL B 632 -73.20 -55.88 11.55
N PHE B 633 -72.30 -56.82 11.26
CA PHE B 633 -72.19 -58.06 12.00
C PHE B 633 -70.75 -58.23 12.47
N GLN B 634 -70.58 -58.47 13.77
CA GLN B 634 -69.25 -58.69 14.35
C GLN B 634 -68.97 -60.19 14.30
N THR B 635 -68.27 -60.61 13.24
CA THR B 635 -67.89 -62.00 13.08
C THR B 635 -66.56 -62.27 13.78
N ARG B 636 -66.17 -63.55 13.81
CA ARG B 636 -64.92 -63.95 14.44
C ARG B 636 -63.70 -63.58 13.60
N ALA B 637 -63.90 -63.14 12.36
CA ALA B 637 -62.81 -62.72 11.49
C ALA B 637 -62.83 -61.21 11.23
N GLY B 638 -63.21 -60.42 12.24
CA GLY B 638 -63.23 -58.98 12.11
C GLY B 638 -64.64 -58.41 12.03
N CYS B 639 -64.79 -57.32 11.27
CA CYS B 639 -66.10 -56.72 11.01
C CYS B 639 -66.53 -57.00 9.57
N LEU B 640 -67.78 -57.42 9.42
CA LEU B 640 -68.44 -57.54 8.13
C LEU B 640 -69.59 -56.55 8.08
N ILE B 641 -69.56 -55.64 7.10
CA ILE B 641 -70.58 -54.62 6.94
C ILE B 641 -71.19 -54.75 5.56
N GLY B 642 -72.49 -54.52 5.47
CA GLY B 642 -73.22 -54.68 4.23
C GLY B 642 -73.84 -56.04 4.02
N ALA B 643 -73.73 -56.95 4.99
CA ALA B 643 -74.32 -58.28 4.89
C ALA B 643 -74.93 -58.64 6.23
N GLU B 644 -76.25 -58.85 6.23
CA GLU B 644 -76.94 -59.24 7.45
C GLU B 644 -76.63 -60.69 7.81
N HIS B 645 -76.82 -61.01 9.09
CA HIS B 645 -76.53 -62.33 9.62
C HIS B 645 -77.83 -63.11 9.81
N VAL B 646 -77.79 -64.39 9.44
CA VAL B 646 -78.94 -65.28 9.55
C VAL B 646 -78.50 -66.54 10.29
N ASN B 647 -79.41 -67.08 11.12
CA ASN B 647 -79.10 -68.23 12.00
C ASN B 647 -79.01 -69.54 11.21
N ASN B 648 -79.78 -69.69 10.13
CA ASN B 648 -79.80 -70.96 9.41
C ASN B 648 -78.49 -71.18 8.67
N SER B 649 -78.22 -72.44 8.34
CA SER B 649 -76.97 -72.83 7.72
C SER B 649 -77.24 -73.48 6.37
N TYR B 650 -76.47 -73.07 5.36
CA TYR B 650 -76.51 -73.67 4.03
C TYR B 650 -75.07 -73.94 3.58
N GLU B 651 -74.93 -74.51 2.39
CA GLU B 651 -73.62 -74.71 1.80
C GLU B 651 -73.12 -73.39 1.23
N CYS B 652 -71.91 -72.99 1.64
CA CYS B 652 -71.36 -71.70 1.27
C CYS B 652 -70.43 -71.82 0.07
N ASP B 653 -70.34 -70.74 -0.69
CA ASP B 653 -69.53 -70.67 -1.89
C ASP B 653 -68.36 -69.71 -1.79
N ILE B 654 -68.52 -68.60 -1.07
CA ILE B 654 -67.46 -67.61 -0.89
C ILE B 654 -66.91 -67.74 0.52
N PRO B 655 -65.74 -68.34 0.70
CA PRO B 655 -65.19 -68.49 2.05
C PRO B 655 -64.70 -67.16 2.61
N ILE B 656 -64.81 -67.02 3.93
CA ILE B 656 -64.35 -65.84 4.64
C ILE B 656 -63.32 -66.19 5.70
N GLY B 657 -63.61 -67.17 6.53
CA GLY B 657 -62.73 -67.61 7.59
C GLY B 657 -63.50 -67.83 8.88
N ALA B 658 -62.89 -68.61 9.78
CA ALA B 658 -63.46 -68.93 11.09
C ALA B 658 -64.83 -69.60 10.98
N GLY B 659 -65.03 -70.42 9.94
CA GLY B 659 -66.22 -71.24 9.84
C GLY B 659 -67.46 -70.53 9.35
N ILE B 660 -67.36 -69.29 8.88
CA ILE B 660 -68.51 -68.54 8.40
C ILE B 660 -68.21 -68.04 6.99
N CYS B 661 -69.20 -68.14 6.11
CA CYS B 661 -69.09 -67.69 4.72
C CYS B 661 -70.10 -66.58 4.45
N ALA B 662 -70.18 -66.18 3.18
CA ALA B 662 -71.18 -65.22 2.72
C ALA B 662 -71.70 -65.68 1.36
N SER B 663 -72.95 -65.34 1.07
CA SER B 663 -73.57 -65.74 -0.18
C SER B 663 -74.72 -64.79 -0.48
N TYR B 664 -75.25 -64.90 -1.70
CA TYR B 664 -76.32 -64.03 -2.18
C TYR B 664 -77.54 -64.89 -2.49
N GLN B 665 -78.57 -64.80 -1.64
CA GLN B 665 -79.84 -65.45 -1.89
C GLN B 665 -80.94 -64.61 -1.24
N THR B 666 -82.16 -65.15 -1.25
CA THR B 666 -83.31 -64.43 -0.69
C THR B 666 -83.23 -64.38 0.83
N SER B 679 -86.38 -58.46 -1.44
CA SER B 679 -85.81 -59.20 -2.57
C SER B 679 -84.68 -60.12 -2.11
N GLN B 680 -83.53 -60.02 -2.78
CA GLN B 680 -82.36 -60.83 -2.47
C GLN B 680 -81.19 -59.92 -2.11
N SER B 681 -80.44 -60.30 -1.08
CA SER B 681 -79.32 -59.50 -0.62
C SER B 681 -78.23 -60.42 -0.10
N ILE B 682 -77.03 -59.86 0.06
CA ILE B 682 -75.90 -60.63 0.56
C ILE B 682 -76.09 -60.90 2.04
N ILE B 683 -76.03 -62.18 2.42
CA ILE B 683 -76.15 -62.59 3.82
C ILE B 683 -74.98 -63.47 4.18
N ALA B 684 -74.71 -63.57 5.48
CA ALA B 684 -73.63 -64.37 6.01
C ALA B 684 -74.17 -65.42 6.97
N TYR B 685 -73.61 -66.62 6.90
CA TYR B 685 -74.09 -67.73 7.74
C TYR B 685 -72.94 -68.70 7.97
N THR B 686 -73.08 -69.49 9.03
CA THR B 686 -72.13 -70.56 9.29
C THR B 686 -72.29 -71.65 8.24
N MET B 687 -71.17 -72.12 7.70
CA MET B 687 -71.21 -73.10 6.61
C MET B 687 -71.76 -74.43 7.09
N SER B 688 -72.35 -75.18 6.16
CA SER B 688 -72.87 -76.51 6.42
C SER B 688 -71.86 -77.55 5.95
N LEU B 689 -71.56 -78.51 6.82
CA LEU B 689 -70.60 -79.56 6.50
C LEU B 689 -71.20 -80.66 5.64
N GLY B 690 -72.51 -80.68 5.46
CA GLY B 690 -73.16 -81.69 4.64
C GLY B 690 -74.54 -81.98 5.17
N ALA B 691 -75.16 -83.01 4.58
CA ALA B 691 -76.49 -83.44 5.00
C ALA B 691 -76.39 -84.23 6.28
N GLU B 692 -77.00 -83.72 7.35
CA GLU B 692 -76.98 -84.38 8.65
C GLU B 692 -77.94 -85.57 8.60
N ASN B 693 -77.38 -86.77 8.43
CA ASN B 693 -78.17 -88.00 8.36
C ASN B 693 -77.56 -89.04 9.28
N SER B 694 -78.40 -89.96 9.74
CA SER B 694 -77.99 -91.04 10.63
C SER B 694 -78.14 -92.39 9.94
N VAL B 695 -77.15 -93.24 10.09
CA VAL B 695 -77.16 -94.58 9.52
C VAL B 695 -77.64 -95.55 10.58
N ALA B 696 -78.70 -96.28 10.29
CA ALA B 696 -79.26 -97.24 11.22
C ALA B 696 -78.30 -98.41 11.39
N TYR B 697 -77.73 -98.55 12.58
CA TYR B 697 -76.74 -99.57 12.87
C TYR B 697 -77.36 -100.65 13.76
N SER B 698 -77.13 -101.91 13.40
CA SER B 698 -77.58 -103.03 14.20
C SER B 698 -76.63 -104.20 13.99
N ASN B 699 -76.65 -105.13 14.93
CA ASN B 699 -75.78 -106.30 14.88
C ASN B 699 -76.28 -107.41 13.96
N ASN B 700 -77.51 -107.29 13.44
CA ASN B 700 -78.04 -108.26 12.48
C ASN B 700 -78.79 -107.56 11.37
N SER B 701 -78.24 -106.45 10.86
CA SER B 701 -78.84 -105.70 9.78
C SER B 701 -77.78 -105.36 8.74
N ILE B 702 -78.02 -105.73 7.49
CA ILE B 702 -77.09 -105.48 6.40
C ILE B 702 -77.86 -104.87 5.23
N ALA B 703 -77.11 -104.20 4.35
CA ALA B 703 -77.67 -103.57 3.16
C ALA B 703 -76.90 -104.08 1.94
N ILE B 704 -77.58 -104.83 1.09
CA ILE B 704 -77.01 -105.38 -0.14
C ILE B 704 -77.59 -104.61 -1.32
N PRO B 705 -76.78 -103.91 -2.11
CA PRO B 705 -77.32 -103.17 -3.25
C PRO B 705 -77.88 -104.11 -4.32
N THR B 706 -78.92 -103.63 -5.00
CA THR B 706 -79.58 -104.40 -6.05
C THR B 706 -79.47 -103.74 -7.42
N ASN B 707 -78.90 -102.54 -7.51
CA ASN B 707 -78.75 -101.85 -8.79
C ASN B 707 -77.52 -100.97 -8.73
N PHE B 708 -77.02 -100.62 -9.92
CA PHE B 708 -75.80 -99.82 -10.03
C PHE B 708 -75.97 -98.81 -11.16
N THR B 709 -75.20 -97.73 -11.06
CA THR B 709 -75.17 -96.68 -12.08
C THR B 709 -73.73 -96.44 -12.48
N ILE B 710 -73.47 -96.42 -13.78
CA ILE B 710 -72.12 -96.17 -14.30
C ILE B 710 -71.93 -94.66 -14.39
N SER B 711 -71.01 -94.14 -13.57
CA SER B 711 -70.74 -92.72 -13.50
C SER B 711 -69.33 -92.42 -14.00
N VAL B 712 -69.14 -91.22 -14.53
CA VAL B 712 -67.87 -90.78 -15.07
C VAL B 712 -67.44 -89.52 -14.33
N THR B 713 -66.21 -89.53 -13.80
CA THR B 713 -65.68 -88.44 -13.00
C THR B 713 -64.56 -87.73 -13.76
N THR B 714 -64.57 -86.41 -13.72
CA THR B 714 -63.60 -85.58 -14.43
C THR B 714 -62.47 -85.17 -13.47
N GLU B 715 -61.23 -85.36 -13.91
CA GLU B 715 -60.07 -84.94 -13.16
C GLU B 715 -59.15 -84.13 -14.06
N ILE B 716 -58.70 -82.98 -13.57
CA ILE B 716 -57.86 -82.06 -14.34
C ILE B 716 -56.47 -82.06 -13.73
N LEU B 717 -55.46 -82.31 -14.56
CA LEU B 717 -54.08 -82.36 -14.09
C LEU B 717 -53.13 -81.70 -15.09
N PRO B 718 -52.54 -80.56 -14.75
CA PRO B 718 -51.54 -79.96 -15.65
C PRO B 718 -50.22 -80.68 -15.57
N VAL B 719 -49.57 -80.82 -16.73
CA VAL B 719 -48.29 -81.53 -16.82
C VAL B 719 -47.18 -80.68 -17.40
N SER B 720 -47.49 -79.54 -18.02
CA SER B 720 -46.46 -78.74 -18.66
C SER B 720 -46.85 -77.27 -18.64
N MET B 721 -45.87 -76.42 -18.90
CA MET B 721 -46.06 -74.97 -18.95
C MET B 721 -45.21 -74.41 -20.07
N THR B 722 -45.45 -73.13 -20.40
CA THR B 722 -44.80 -72.50 -21.54
C THR B 722 -43.32 -72.27 -21.25
N LYS B 723 -42.46 -72.88 -22.06
CA LYS B 723 -41.02 -72.79 -21.87
C LYS B 723 -40.52 -71.45 -22.38
N THR B 724 -39.87 -70.68 -21.51
CA THR B 724 -39.35 -69.36 -21.84
C THR B 724 -37.86 -69.31 -21.54
N SER B 725 -37.13 -68.51 -22.33
CA SER B 725 -35.71 -68.30 -22.16
C SER B 725 -35.45 -66.83 -21.87
N VAL B 726 -34.71 -66.56 -20.81
CA VAL B 726 -34.40 -65.20 -20.37
C VAL B 726 -32.88 -65.06 -20.31
N ASP B 727 -32.36 -64.01 -20.95
CA ASP B 727 -30.93 -63.73 -20.95
C ASP B 727 -30.72 -62.28 -20.53
N CYS B 728 -29.56 -62.01 -19.94
CA CYS B 728 -29.28 -60.71 -19.34
C CYS B 728 -28.98 -59.64 -20.38
N THR B 729 -28.44 -60.02 -21.55
CA THR B 729 -27.81 -59.04 -22.43
C THR B 729 -28.83 -58.07 -23.04
N MET B 730 -29.98 -58.58 -23.50
CA MET B 730 -30.97 -57.71 -24.11
C MET B 730 -32.10 -57.32 -23.16
N TYR B 731 -32.15 -57.89 -21.96
CA TYR B 731 -33.13 -57.48 -20.96
C TYR B 731 -32.57 -56.40 -20.05
N ILE B 732 -31.45 -56.68 -19.38
CA ILE B 732 -30.84 -55.71 -18.47
C ILE B 732 -30.28 -54.53 -19.26
N CYS B 733 -29.54 -54.83 -20.33
CA CYS B 733 -28.96 -53.80 -21.18
C CYS B 733 -29.79 -53.62 -22.44
N GLY B 734 -29.68 -52.43 -23.03
CA GLY B 734 -30.31 -52.15 -24.30
C GLY B 734 -29.34 -52.28 -25.45
N ASP B 735 -28.92 -51.15 -26.01
CA ASP B 735 -27.93 -51.10 -27.08
C ASP B 735 -26.70 -50.31 -26.63
N SER B 736 -26.33 -50.45 -25.36
CA SER B 736 -25.22 -49.72 -24.77
C SER B 736 -24.12 -50.70 -24.38
N THR B 737 -22.87 -50.35 -24.72
CA THR B 737 -21.74 -51.21 -24.41
C THR B 737 -21.34 -51.14 -22.93
N GLU B 738 -21.57 -50.01 -22.28
CA GLU B 738 -21.12 -49.82 -20.90
C GLU B 738 -21.87 -50.75 -19.95
N CYS B 739 -23.15 -51.02 -20.22
CA CYS B 739 -23.89 -51.97 -19.40
C CYS B 739 -23.31 -53.37 -19.51
N SER B 740 -22.92 -53.77 -20.72
CA SER B 740 -22.25 -55.06 -20.89
C SER B 740 -20.87 -55.07 -20.23
N ASN B 741 -20.19 -53.92 -20.20
CA ASN B 741 -18.92 -53.82 -19.50
C ASN B 741 -19.09 -54.03 -18.00
N LEU B 742 -20.15 -53.45 -17.43
CA LEU B 742 -20.42 -53.64 -16.01
C LEU B 742 -21.06 -54.99 -15.70
N LEU B 743 -21.57 -55.69 -16.70
CA LEU B 743 -22.11 -57.04 -16.49
C LEU B 743 -21.02 -58.09 -16.28
N LEU B 744 -19.75 -57.72 -16.39
CA LEU B 744 -18.68 -58.69 -16.15
C LEU B 744 -18.60 -59.11 -14.69
N GLN B 745 -19.09 -58.28 -13.77
CA GLN B 745 -19.10 -58.62 -12.35
C GLN B 745 -20.28 -59.50 -11.95
N TYR B 746 -21.29 -59.63 -12.81
CA TYR B 746 -22.45 -60.47 -12.52
C TYR B 746 -22.70 -61.49 -13.64
N GLY B 747 -21.70 -61.70 -14.50
CA GLY B 747 -21.80 -62.78 -15.47
C GLY B 747 -21.96 -64.14 -14.83
N SER B 748 -21.40 -64.35 -13.64
CA SER B 748 -21.63 -65.60 -12.93
C SER B 748 -23.10 -65.75 -12.53
N PHE B 749 -23.70 -64.68 -12.02
CA PHE B 749 -25.14 -64.70 -11.71
C PHE B 749 -25.95 -64.97 -12.97
N CYS B 750 -25.58 -64.34 -14.08
CA CYS B 750 -26.31 -64.51 -15.32
C CYS B 750 -26.19 -65.94 -15.84
N THR B 751 -25.01 -66.54 -15.65
CA THR B 751 -24.82 -67.95 -16.02
C THR B 751 -25.67 -68.86 -15.16
N GLN B 752 -25.76 -68.57 -13.85
CA GLN B 752 -26.64 -69.35 -12.98
C GLN B 752 -28.09 -69.25 -13.43
N LEU B 753 -28.54 -68.03 -13.77
CA LEU B 753 -29.92 -67.84 -14.21
C LEU B 753 -30.19 -68.56 -15.53
N ASN B 754 -29.23 -68.49 -16.47
CA ASN B 754 -29.40 -69.17 -17.75
C ASN B 754 -29.45 -70.69 -17.57
N ARG B 755 -28.59 -71.22 -16.69
CA ARG B 755 -28.61 -72.65 -16.43
C ARG B 755 -29.91 -73.07 -15.73
N ALA B 756 -30.42 -72.23 -14.84
CA ALA B 756 -31.70 -72.52 -14.18
C ALA B 756 -32.84 -72.54 -15.20
N LEU B 757 -32.87 -71.58 -16.12
CA LEU B 757 -33.90 -71.57 -17.15
C LEU B 757 -33.77 -72.77 -18.08
N THR B 758 -32.54 -73.15 -18.43
CA THR B 758 -32.33 -74.33 -19.27
C THR B 758 -32.80 -75.59 -18.56
N GLY B 759 -32.50 -75.71 -17.26
CA GLY B 759 -32.98 -76.85 -16.50
C GLY B 759 -34.49 -76.90 -16.39
N ILE B 760 -35.13 -75.73 -16.21
CA ILE B 760 -36.59 -75.66 -16.17
C ILE B 760 -37.18 -76.10 -17.51
N ALA B 761 -36.59 -75.61 -18.61
CA ALA B 761 -37.07 -75.97 -19.93
C ALA B 761 -36.92 -77.47 -20.21
N VAL B 762 -35.77 -78.06 -19.85
CA VAL B 762 -35.58 -79.47 -20.12
C VAL B 762 -36.44 -80.32 -19.19
N GLU B 763 -36.74 -79.83 -17.98
CA GLU B 763 -37.66 -80.54 -17.11
C GLU B 763 -39.08 -80.53 -17.66
N GLN B 764 -39.52 -79.37 -18.18
CA GLN B 764 -40.82 -79.30 -18.84
C GLN B 764 -40.86 -80.18 -20.08
N ASP B 765 -39.74 -80.29 -20.79
CA ASP B 765 -39.67 -81.18 -21.94
C ASP B 765 -39.78 -82.65 -21.52
N LYS B 766 -39.08 -83.03 -20.45
CA LYS B 766 -39.11 -84.41 -19.98
C LYS B 766 -40.44 -84.78 -19.35
N ASN B 767 -41.19 -83.80 -18.86
CA ASN B 767 -42.51 -84.08 -18.27
C ASN B 767 -43.45 -84.71 -19.30
N THR B 768 -43.50 -84.12 -20.50
CA THR B 768 -44.41 -84.62 -21.53
C THR B 768 -43.96 -86.00 -22.03
N GLN B 769 -42.65 -86.23 -22.09
CA GLN B 769 -42.14 -87.56 -22.43
C GLN B 769 -42.52 -88.58 -21.35
N GLU B 770 -42.47 -88.18 -20.08
CA GLU B 770 -42.86 -89.09 -19.00
C GLU B 770 -44.37 -89.28 -18.93
N VAL B 771 -45.16 -88.40 -19.54
CA VAL B 771 -46.61 -88.50 -19.44
C VAL B 771 -47.19 -89.24 -20.63
N PHE B 772 -46.93 -88.75 -21.84
CA PHE B 772 -47.63 -89.26 -23.02
C PHE B 772 -46.87 -90.36 -23.75
N ALA B 773 -45.58 -90.51 -23.53
CA ALA B 773 -44.79 -91.56 -24.19
C ALA B 773 -44.66 -92.79 -23.31
N GLN B 774 -45.82 -93.36 -22.94
CA GLN B 774 -45.83 -94.56 -22.12
C GLN B 774 -45.65 -95.82 -22.95
N VAL B 775 -46.27 -95.87 -24.13
CA VAL B 775 -46.16 -97.03 -25.02
C VAL B 775 -45.33 -96.63 -26.22
N LYS B 776 -44.47 -97.55 -26.66
CA LYS B 776 -43.58 -97.32 -27.79
C LYS B 776 -44.16 -97.87 -29.10
N GLN B 777 -45.41 -98.32 -29.08
CA GLN B 777 -46.08 -98.83 -30.28
C GLN B 777 -47.38 -98.08 -30.45
N ILE B 778 -47.58 -97.49 -31.62
CA ILE B 778 -48.81 -96.76 -31.92
C ILE B 778 -49.87 -97.76 -32.39
N TYR B 779 -50.98 -97.81 -31.66
CA TYR B 779 -52.05 -98.75 -31.95
C TYR B 779 -53.16 -98.04 -32.73
N LYS B 780 -53.52 -98.59 -33.88
CA LYS B 780 -54.55 -97.99 -34.72
C LYS B 780 -55.94 -98.43 -34.26
N THR B 781 -56.88 -97.50 -34.31
CA THR B 781 -58.26 -97.81 -33.97
C THR B 781 -58.84 -98.75 -35.03
N PRO B 782 -59.54 -99.83 -34.63
CA PRO B 782 -60.08 -100.74 -35.62
C PRO B 782 -61.21 -100.09 -36.40
N PRO B 783 -61.39 -100.45 -37.68
CA PRO B 783 -62.51 -99.88 -38.46
C PRO B 783 -63.87 -100.32 -37.96
N ILE B 784 -63.96 -101.43 -37.24
CA ILE B 784 -65.24 -101.90 -36.72
C ILE B 784 -65.55 -101.16 -35.42
N LYS B 785 -66.68 -100.47 -35.40
CA LYS B 785 -67.09 -99.69 -34.24
C LYS B 785 -68.13 -100.42 -33.38
N ASP B 786 -68.37 -101.70 -33.65
CA ASP B 786 -69.34 -102.48 -32.88
C ASP B 786 -68.63 -103.09 -31.69
N PHE B 787 -68.67 -102.39 -30.56
CA PHE B 787 -68.06 -102.85 -29.32
C PHE B 787 -69.09 -103.36 -28.33
N GLY B 788 -70.12 -104.05 -28.83
CA GLY B 788 -71.19 -104.52 -27.97
C GLY B 788 -72.23 -103.49 -27.62
N GLY B 789 -72.32 -102.40 -28.39
CA GLY B 789 -73.26 -101.34 -28.12
C GLY B 789 -72.70 -100.13 -27.42
N PHE B 790 -71.39 -100.05 -27.24
CA PHE B 790 -70.76 -98.93 -26.56
C PHE B 790 -70.28 -97.91 -27.59
N ASN B 791 -70.69 -96.65 -27.40
CA ASN B 791 -70.39 -95.58 -28.34
C ASN B 791 -69.09 -94.90 -27.94
N PHE B 792 -68.10 -94.94 -28.83
CA PHE B 792 -66.79 -94.38 -28.57
C PHE B 792 -66.41 -93.25 -29.52
N SER B 793 -67.36 -92.73 -30.29
CA SER B 793 -67.04 -91.67 -31.24
C SER B 793 -66.68 -90.36 -30.55
N GLN B 794 -67.08 -90.17 -29.30
CA GLN B 794 -66.80 -88.92 -28.60
C GLN B 794 -65.39 -88.84 -28.06
N ILE B 795 -64.66 -89.96 -27.99
CA ILE B 795 -63.30 -89.93 -27.47
C ILE B 795 -62.32 -90.37 -28.56
N LEU B 796 -62.79 -91.17 -29.51
CA LEU B 796 -61.95 -91.56 -30.62
C LEU B 796 -61.87 -90.44 -31.65
N PRO B 797 -60.74 -90.33 -32.36
CA PRO B 797 -60.63 -89.31 -33.41
C PRO B 797 -61.59 -89.58 -34.56
N ASP B 798 -62.04 -88.50 -35.20
CA ASP B 798 -62.96 -88.60 -36.32
C ASP B 798 -62.28 -88.16 -37.61
N PRO B 799 -62.52 -88.87 -38.71
CA PRO B 799 -61.90 -88.50 -39.99
C PRO B 799 -62.59 -87.37 -40.72
N SER B 800 -63.68 -86.83 -40.18
CA SER B 800 -64.37 -85.74 -40.85
C SER B 800 -63.56 -84.45 -40.83
N LYS B 801 -62.72 -84.26 -39.81
CA LYS B 801 -61.90 -83.07 -39.67
C LYS B 801 -60.43 -83.39 -39.92
N PRO B 802 -59.67 -82.44 -40.49
CA PRO B 802 -58.23 -82.68 -40.68
C PRO B 802 -57.48 -82.88 -39.38
N SER B 803 -57.91 -82.25 -38.29
CA SER B 803 -57.25 -82.41 -37.01
C SER B 803 -57.52 -83.81 -36.44
N LYS B 804 -56.53 -84.35 -35.74
CA LYS B 804 -56.63 -85.66 -35.13
C LYS B 804 -57.27 -85.63 -33.76
N ARG B 805 -57.64 -84.46 -33.26
CA ARG B 805 -58.23 -84.35 -31.93
C ARG B 805 -59.66 -84.87 -31.92
N SER B 806 -60.05 -85.42 -30.77
CA SER B 806 -61.42 -85.85 -30.57
C SER B 806 -62.34 -84.64 -30.42
N PRO B 807 -63.65 -84.81 -30.64
CA PRO B 807 -64.58 -83.72 -30.36
C PRO B 807 -64.54 -83.26 -28.91
N ILE B 808 -64.37 -84.19 -27.97
CA ILE B 808 -64.11 -83.81 -26.58
C ILE B 808 -62.81 -83.03 -26.47
N GLU B 809 -61.77 -83.49 -27.16
CA GLU B 809 -60.50 -82.78 -27.15
C GLU B 809 -60.60 -81.43 -27.84
N ASP B 810 -61.40 -81.34 -28.91
CA ASP B 810 -61.60 -80.06 -29.58
C ASP B 810 -62.33 -79.07 -28.68
N LEU B 811 -63.36 -79.54 -27.95
CA LEU B 811 -64.07 -78.69 -27.02
C LEU B 811 -63.16 -78.26 -25.87
N LEU B 812 -62.30 -79.17 -25.42
CA LEU B 812 -61.35 -78.85 -24.35
C LEU B 812 -60.33 -77.81 -24.82
N PHE B 813 -59.87 -77.92 -26.07
CA PHE B 813 -58.96 -76.92 -26.63
C PHE B 813 -59.64 -75.56 -26.76
N ASN B 814 -60.89 -75.54 -27.23
CA ASN B 814 -61.60 -74.27 -27.40
C ASN B 814 -62.05 -73.67 -26.08
N LYS B 815 -62.14 -74.48 -25.02
CA LYS B 815 -62.60 -73.96 -23.73
C LYS B 815 -61.53 -73.11 -23.06
N VAL B 816 -60.27 -73.52 -23.15
CA VAL B 816 -59.17 -72.83 -22.48
C VAL B 816 -58.49 -71.90 -23.47
N THR B 817 -57.99 -70.78 -22.97
CA THR B 817 -57.29 -69.81 -23.80
C THR B 817 -55.78 -70.00 -23.70
N ALA B 842 -47.84 -59.08 -27.65
CA ALA B 842 -47.20 -60.30 -27.18
C ALA B 842 -46.22 -60.00 -26.06
N GLN B 843 -45.41 -60.99 -25.69
CA GLN B 843 -44.42 -60.85 -24.62
C GLN B 843 -43.01 -61.15 -25.09
N LYS B 844 -42.78 -61.22 -26.41
CA LYS B 844 -41.47 -61.55 -26.96
C LYS B 844 -40.75 -60.34 -27.52
N PHE B 845 -41.28 -59.13 -27.33
CA PHE B 845 -40.68 -57.93 -27.89
C PHE B 845 -39.50 -57.42 -27.08
N ASN B 846 -39.31 -57.90 -25.85
CA ASN B 846 -38.23 -57.44 -24.99
C ASN B 846 -37.22 -58.55 -24.71
N GLY B 847 -37.05 -59.46 -25.65
CA GLY B 847 -36.11 -60.56 -25.51
C GLY B 847 -36.60 -61.72 -24.66
N LEU B 848 -37.84 -61.68 -24.19
CA LEU B 848 -38.41 -62.78 -23.41
C LEU B 848 -39.01 -63.82 -24.36
N THR B 849 -38.11 -64.51 -25.05
CA THR B 849 -38.50 -65.49 -26.05
C THR B 849 -39.14 -66.71 -25.40
N VAL B 850 -40.10 -67.30 -26.12
CA VAL B 850 -40.80 -68.49 -25.67
C VAL B 850 -40.32 -69.66 -26.52
N LEU B 851 -39.72 -70.65 -25.87
CA LEU B 851 -39.23 -71.83 -26.57
C LEU B 851 -40.40 -72.77 -26.87
N PRO B 852 -40.65 -73.10 -28.14
CA PRO B 852 -41.72 -74.06 -28.43
C PRO B 852 -41.37 -75.44 -27.93
N PRO B 853 -42.36 -76.22 -27.49
CA PRO B 853 -42.07 -77.57 -27.01
C PRO B 853 -41.65 -78.49 -28.14
N LEU B 854 -40.86 -79.50 -27.78
CA LEU B 854 -40.51 -80.55 -28.73
C LEU B 854 -41.73 -81.33 -29.18
N LEU B 855 -42.68 -81.54 -28.27
CA LEU B 855 -43.82 -82.42 -28.50
C LEU B 855 -45.06 -81.55 -28.69
N THR B 856 -45.57 -81.51 -29.92
CA THR B 856 -46.68 -80.64 -30.28
C THR B 856 -48.02 -81.30 -29.97
N ASP B 857 -49.10 -80.56 -30.20
CA ASP B 857 -50.43 -81.01 -29.81
C ASP B 857 -50.92 -82.17 -30.68
N GLU B 858 -50.57 -82.16 -31.97
CA GLU B 858 -51.04 -83.22 -32.88
C GLU B 858 -50.50 -84.58 -32.47
N MET B 859 -49.21 -84.66 -32.17
CA MET B 859 -48.63 -85.93 -31.78
C MET B 859 -49.03 -86.34 -30.37
N ILE B 860 -49.32 -85.37 -29.50
CA ILE B 860 -49.90 -85.70 -28.19
C ILE B 860 -51.29 -86.32 -28.37
N ALA B 861 -52.09 -85.76 -29.27
CA ALA B 861 -53.38 -86.35 -29.59
C ALA B 861 -53.22 -87.74 -30.19
N GLN B 862 -52.17 -87.93 -31.00
CA GLN B 862 -51.89 -89.26 -31.55
C GLN B 862 -51.53 -90.24 -30.45
N TYR B 863 -50.73 -89.81 -29.47
CA TYR B 863 -50.43 -90.66 -28.32
C TYR B 863 -51.67 -91.03 -27.54
N THR B 864 -52.57 -90.06 -27.32
CA THR B 864 -53.80 -90.35 -26.58
C THR B 864 -54.69 -91.32 -27.37
N SER B 865 -54.75 -91.16 -28.69
CA SER B 865 -55.54 -92.07 -29.51
C SER B 865 -54.95 -93.48 -29.50
N ALA B 866 -53.62 -93.59 -29.55
CA ALA B 866 -52.98 -94.90 -29.47
C ALA B 866 -53.23 -95.55 -28.12
N LEU B 867 -53.17 -94.77 -27.03
CA LEU B 867 -53.48 -95.32 -25.71
C LEU B 867 -54.93 -95.76 -25.61
N LEU B 868 -55.85 -94.99 -26.20
CA LEU B 868 -57.26 -95.37 -26.22
C LEU B 868 -57.47 -96.66 -27.00
N ALA B 869 -56.82 -96.80 -28.15
CA ALA B 869 -56.93 -98.02 -28.94
C ALA B 869 -56.36 -99.21 -28.18
N GLY B 870 -55.24 -99.01 -27.48
CA GLY B 870 -54.67 -100.08 -26.68
C GLY B 870 -55.57 -100.50 -25.53
N THR B 871 -56.15 -99.53 -24.82
CA THR B 871 -56.98 -99.85 -23.67
C THR B 871 -58.38 -100.33 -24.05
N ILE B 872 -58.80 -100.13 -25.31
CA ILE B 872 -60.07 -100.68 -25.77
C ILE B 872 -59.89 -102.05 -26.40
N THR B 873 -58.94 -102.19 -27.33
CA THR B 873 -58.79 -103.45 -28.07
C THR B 873 -57.99 -104.49 -27.29
N SER B 874 -57.26 -104.11 -26.24
CA SER B 874 -56.44 -105.06 -25.51
C SER B 874 -56.59 -104.99 -23.99
N GLY B 875 -57.12 -103.90 -23.43
CA GLY B 875 -57.29 -103.81 -22.00
C GLY B 875 -56.03 -103.38 -21.27
N TRP B 876 -55.39 -104.32 -20.59
CA TRP B 876 -54.15 -104.04 -19.88
C TRP B 876 -52.97 -104.88 -20.37
N THR B 877 -53.17 -105.71 -21.39
CA THR B 877 -52.07 -106.53 -21.92
C THR B 877 -51.03 -105.67 -22.63
N PHE B 878 -51.46 -104.59 -23.30
CA PHE B 878 -50.51 -103.73 -23.99
C PHE B 878 -49.70 -102.89 -23.01
N GLY B 879 -50.23 -102.64 -21.81
CA GLY B 879 -49.51 -101.91 -20.78
C GLY B 879 -48.55 -102.73 -19.96
N ALA B 880 -48.50 -104.05 -20.18
CA ALA B 880 -47.58 -104.91 -19.45
C ALA B 880 -46.91 -105.93 -20.36
N GLY B 881 -46.86 -105.67 -21.66
CA GLY B 881 -46.27 -106.58 -22.61
C GLY B 881 -46.84 -106.41 -24.00
N PRO B 882 -46.80 -107.48 -24.80
CA PRO B 882 -47.40 -107.41 -26.14
C PRO B 882 -48.92 -107.27 -26.06
N ALA B 883 -49.49 -106.60 -27.06
CA ALA B 883 -50.91 -106.38 -27.11
C ALA B 883 -51.63 -107.67 -27.52
N LEU B 884 -52.63 -108.07 -26.74
CA LEU B 884 -53.42 -109.26 -27.00
C LEU B 884 -54.85 -108.83 -27.33
N GLN B 885 -55.38 -109.35 -28.43
CA GLN B 885 -56.73 -109.01 -28.84
C GLN B 885 -57.74 -109.59 -27.86
N ILE B 886 -58.74 -108.79 -27.50
CA ILE B 886 -59.77 -109.20 -26.57
C ILE B 886 -61.02 -108.35 -26.80
N PRO B 887 -62.21 -108.96 -26.85
CA PRO B 887 -63.42 -108.16 -27.00
C PRO B 887 -63.73 -107.37 -25.74
N PHE B 888 -64.37 -106.21 -25.96
CA PHE B 888 -64.64 -105.27 -24.87
C PHE B 888 -65.59 -105.79 -23.78
N PRO B 889 -66.70 -106.48 -24.07
CA PRO B 889 -67.56 -106.96 -22.96
C PRO B 889 -66.86 -107.88 -21.98
N MET B 890 -66.01 -108.80 -22.44
CA MET B 890 -65.26 -109.60 -21.49
C MET B 890 -64.22 -108.77 -20.75
N GLN B 891 -63.69 -107.72 -21.38
CA GLN B 891 -62.77 -106.83 -20.68
C GLN B 891 -63.46 -106.12 -19.52
N MET B 892 -64.67 -105.60 -19.73
CA MET B 892 -65.36 -104.95 -18.63
C MET B 892 -65.86 -105.99 -17.62
N ALA B 893 -66.10 -107.23 -18.06
CA ALA B 893 -66.40 -108.31 -17.11
C ALA B 893 -65.21 -108.58 -16.19
N TYR B 894 -63.99 -108.55 -16.74
CA TYR B 894 -62.81 -108.73 -15.91
C TYR B 894 -62.59 -107.51 -15.01
N ARG B 895 -62.97 -106.31 -15.45
CA ARG B 895 -62.95 -105.16 -14.55
C ARG B 895 -63.93 -105.34 -13.40
N PHE B 896 -65.13 -105.87 -13.68
CA PHE B 896 -66.08 -106.17 -12.62
C PHE B 896 -65.53 -107.22 -11.66
N ASN B 897 -64.85 -108.24 -12.19
CA ASN B 897 -64.17 -109.20 -11.33
C ASN B 897 -63.06 -108.54 -10.52
N GLY B 898 -62.43 -107.51 -11.08
CA GLY B 898 -61.40 -106.79 -10.35
C GLY B 898 -61.95 -105.94 -9.21
N ILE B 899 -63.19 -105.47 -9.33
CA ILE B 899 -63.83 -104.76 -8.23
C ILE B 899 -64.66 -105.69 -7.35
N GLY B 900 -64.44 -107.00 -7.47
CA GLY B 900 -65.10 -107.96 -6.60
C GLY B 900 -66.51 -108.34 -6.99
N VAL B 901 -66.97 -107.97 -8.19
CA VAL B 901 -68.30 -108.30 -8.66
C VAL B 901 -68.21 -109.46 -9.64
N THR B 902 -69.01 -110.49 -9.40
CA THR B 902 -69.04 -111.64 -10.30
C THR B 902 -69.58 -111.24 -11.67
N GLN B 903 -69.03 -111.88 -12.71
CA GLN B 903 -69.25 -111.45 -14.09
C GLN B 903 -70.55 -111.94 -14.69
N ASN B 904 -71.32 -112.76 -13.99
CA ASN B 904 -72.57 -113.26 -14.57
C ASN B 904 -73.64 -112.18 -14.67
N VAL B 905 -73.59 -111.19 -13.78
CA VAL B 905 -74.57 -110.10 -13.80
C VAL B 905 -74.36 -109.12 -14.94
N LEU B 906 -73.24 -109.22 -15.66
CA LEU B 906 -72.96 -108.27 -16.73
C LEU B 906 -73.80 -108.55 -17.96
N TYR B 907 -73.69 -109.76 -18.52
CA TYR B 907 -74.34 -110.08 -19.79
C TYR B 907 -75.86 -110.11 -19.69
N GLU B 908 -76.41 -110.10 -18.48
CA GLU B 908 -77.86 -110.01 -18.34
C GLU B 908 -78.37 -108.61 -18.61
N ASN B 909 -77.55 -107.58 -18.37
CA ASN B 909 -77.95 -106.19 -18.55
C ASN B 909 -76.84 -105.41 -19.26
N GLN B 910 -76.14 -106.07 -20.18
CA GLN B 910 -75.14 -105.40 -21.02
C GLN B 910 -75.74 -104.20 -21.76
N LYS B 911 -76.98 -104.33 -22.22
CA LYS B 911 -77.65 -103.20 -22.88
C LYS B 911 -77.83 -102.04 -21.91
N LEU B 912 -78.23 -102.33 -20.67
CA LEU B 912 -78.38 -101.28 -19.66
C LEU B 912 -77.04 -100.62 -19.35
N ILE B 913 -75.98 -101.42 -19.27
CA ILE B 913 -74.64 -100.86 -19.00
C ILE B 913 -74.19 -99.98 -20.15
N ALA B 914 -74.45 -100.40 -21.39
CA ALA B 914 -74.08 -99.60 -22.55
C ALA B 914 -74.87 -98.29 -22.58
N ASN B 915 -76.16 -98.35 -22.28
CA ASN B 915 -76.97 -97.14 -22.25
C ASN B 915 -76.51 -96.19 -21.15
N GLN B 916 -76.17 -96.73 -19.98
CA GLN B 916 -75.67 -95.90 -18.89
C GLN B 916 -74.34 -95.25 -19.25
N PHE B 917 -73.44 -95.99 -19.91
CA PHE B 917 -72.17 -95.44 -20.32
C PHE B 917 -72.36 -94.34 -21.37
N ASN B 918 -73.24 -94.55 -22.34
CA ASN B 918 -73.51 -93.53 -23.35
C ASN B 918 -74.13 -92.28 -22.73
N SER B 919 -75.06 -92.46 -21.78
CA SER B 919 -75.65 -91.32 -21.09
C SER B 919 -74.60 -90.57 -20.27
N ALA B 920 -73.69 -91.30 -19.63
CA ALA B 920 -72.63 -90.65 -18.87
C ALA B 920 -71.68 -89.87 -19.78
N ILE B 921 -71.36 -90.42 -20.96
CA ILE B 921 -70.52 -89.71 -21.92
C ILE B 921 -71.21 -88.44 -22.40
N GLY B 922 -72.51 -88.53 -22.72
CA GLY B 922 -73.25 -87.34 -23.09
C GLY B 922 -73.32 -86.31 -21.98
N LYS B 923 -73.48 -86.78 -20.74
CA LYS B 923 -73.54 -85.86 -19.60
C LYS B 923 -72.22 -85.15 -19.36
N ILE B 924 -71.10 -85.88 -19.44
CA ILE B 924 -69.81 -85.23 -19.23
C ILE B 924 -69.49 -84.29 -20.39
N GLN B 925 -69.89 -84.63 -21.62
CA GLN B 925 -69.70 -83.71 -22.73
C GLN B 925 -70.52 -82.43 -22.55
N ASP B 926 -71.77 -82.58 -22.10
CA ASP B 926 -72.61 -81.41 -21.86
C ASP B 926 -72.09 -80.55 -20.72
N SER B 927 -71.57 -81.19 -19.67
CA SER B 927 -71.01 -80.43 -18.54
C SER B 927 -69.73 -79.71 -18.96
N LEU B 928 -68.90 -80.35 -19.78
CA LEU B 928 -67.68 -79.71 -20.25
C LEU B 928 -67.98 -78.57 -21.21
N SER B 929 -69.08 -78.66 -21.98
CA SER B 929 -69.44 -77.58 -22.88
C SER B 929 -69.89 -76.32 -22.13
N SER B 930 -70.35 -76.46 -20.89
CA SER B 930 -70.77 -75.32 -20.10
C SER B 930 -69.58 -74.64 -19.44
N ALA B 934 -65.42 -72.90 -15.54
CA ALA B 934 -64.46 -73.43 -16.51
C ALA B 934 -63.36 -74.23 -15.82
N LEU B 935 -62.23 -74.37 -16.50
CA LEU B 935 -61.10 -75.11 -15.95
C LEU B 935 -60.30 -74.21 -15.02
N GLY B 936 -59.98 -74.72 -13.83
CA GLY B 936 -59.22 -73.97 -12.86
C GLY B 936 -57.75 -74.34 -12.84
N LYS B 937 -57.46 -75.63 -12.95
CA LYS B 937 -56.07 -76.08 -12.90
C LYS B 937 -55.30 -75.68 -14.16
N LEU B 938 -55.92 -75.84 -15.33
CA LEU B 938 -55.23 -75.54 -16.58
C LEU B 938 -55.14 -74.04 -16.86
N GLN B 939 -55.98 -73.23 -16.22
CA GLN B 939 -55.96 -71.79 -16.47
C GLN B 939 -54.99 -71.05 -15.57
N ASP B 940 -54.80 -71.52 -14.33
CA ASP B 940 -53.88 -70.85 -13.41
C ASP B 940 -52.44 -70.93 -13.88
N VAL B 941 -52.03 -72.08 -14.41
CA VAL B 941 -50.65 -72.27 -14.85
C VAL B 941 -50.31 -71.39 -16.05
N VAL B 942 -51.31 -70.90 -16.78
CA VAL B 942 -51.08 -69.97 -17.88
C VAL B 942 -51.20 -68.53 -17.40
N ASN B 943 -52.21 -68.24 -16.58
CA ASN B 943 -52.42 -66.87 -16.11
C ASN B 943 -51.28 -66.39 -15.22
N GLN B 944 -50.78 -67.26 -14.33
CA GLN B 944 -49.67 -66.88 -13.46
C GLN B 944 -48.40 -66.62 -14.26
N ASN B 945 -48.12 -67.44 -15.26
CA ASN B 945 -46.97 -67.20 -16.12
C ASN B 945 -47.12 -65.90 -16.91
N ALA B 946 -48.31 -65.64 -17.44
CA ALA B 946 -48.55 -64.41 -18.20
C ALA B 946 -48.36 -63.19 -17.31
N GLN B 947 -48.89 -63.23 -16.09
CA GLN B 947 -48.73 -62.09 -15.17
C GLN B 947 -47.29 -61.97 -14.69
N ALA B 948 -46.54 -63.08 -14.63
CA ALA B 948 -45.13 -63.00 -14.28
C ALA B 948 -44.32 -62.31 -15.37
N LEU B 949 -44.58 -62.66 -16.64
CA LEU B 949 -43.93 -61.94 -17.74
C LEU B 949 -44.36 -60.48 -17.79
N ASN B 950 -45.63 -60.20 -17.50
CA ASN B 950 -46.08 -58.81 -17.45
C ASN B 950 -45.38 -58.03 -16.35
N THR B 951 -45.18 -58.66 -15.19
CA THR B 951 -44.44 -58.00 -14.11
C THR B 951 -42.97 -57.81 -14.47
N LEU B 952 -42.39 -58.78 -15.20
CA LEU B 952 -41.02 -58.61 -15.69
C LEU B 952 -40.92 -57.43 -16.63
N VAL B 953 -41.91 -57.25 -17.51
CA VAL B 953 -41.93 -56.09 -18.40
C VAL B 953 -42.07 -54.80 -17.60
N LYS B 954 -42.97 -54.81 -16.60
CA LYS B 954 -43.20 -53.63 -15.77
C LYS B 954 -42.00 -53.26 -14.92
N GLN B 955 -41.14 -54.23 -14.58
CA GLN B 955 -39.97 -53.94 -13.74
C GLN B 955 -39.00 -53.00 -14.44
N LEU B 956 -38.95 -53.00 -15.76
CA LEU B 956 -38.07 -52.11 -16.50
C LEU B 956 -38.58 -50.68 -16.56
N SER B 957 -39.82 -50.44 -16.14
CA SER B 957 -40.38 -49.09 -16.12
C SER B 957 -40.15 -48.36 -14.82
N SER B 958 -39.47 -48.99 -13.86
CA SER B 958 -39.19 -48.38 -12.57
C SER B 958 -37.74 -47.92 -12.51
N ASN B 959 -37.49 -46.89 -11.71
CA ASN B 959 -36.16 -46.31 -11.60
C ASN B 959 -35.28 -46.99 -10.57
N PHE B 960 -35.89 -47.75 -9.63
CA PHE B 960 -35.18 -48.37 -8.51
C PHE B 960 -34.41 -47.35 -7.68
N GLY B 961 -34.94 -46.14 -7.55
CA GLY B 961 -34.28 -45.08 -6.83
C GLY B 961 -33.37 -44.19 -7.65
N ALA B 962 -33.25 -44.44 -8.95
CA ALA B 962 -32.41 -43.63 -9.82
C ALA B 962 -33.22 -42.44 -10.34
N ILE B 963 -32.66 -41.71 -11.31
CA ILE B 963 -33.32 -40.53 -11.86
C ILE B 963 -34.05 -40.81 -13.16
N SER B 964 -33.91 -41.99 -13.74
CA SER B 964 -34.61 -42.34 -14.98
C SER B 964 -34.76 -43.85 -15.05
N SER B 965 -35.65 -44.29 -15.94
CA SER B 965 -35.93 -45.71 -16.10
C SER B 965 -35.05 -46.34 -17.18
N VAL B 966 -35.05 -45.76 -18.39
CA VAL B 966 -34.25 -46.29 -19.48
C VAL B 966 -32.79 -45.89 -19.28
N LEU B 967 -31.87 -46.81 -19.58
CA LEU B 967 -30.46 -46.56 -19.36
C LEU B 967 -29.85 -45.62 -20.38
N ASN B 968 -30.50 -45.44 -21.54
CA ASN B 968 -29.96 -44.55 -22.56
C ASN B 968 -30.13 -43.09 -22.17
N ASP B 969 -31.14 -42.77 -21.35
CA ASP B 969 -31.42 -41.38 -21.00
C ASP B 969 -30.27 -40.77 -20.19
N ILE B 970 -29.83 -41.47 -19.14
CA ILE B 970 -28.74 -40.94 -18.30
C ILE B 970 -27.43 -40.92 -19.07
N LEU B 971 -27.24 -41.85 -20.00
CA LEU B 971 -26.05 -41.79 -20.86
C LEU B 971 -26.10 -40.59 -21.79
N SER B 972 -27.30 -40.21 -22.25
CA SER B 972 -27.41 -39.06 -23.15
C SER B 972 -27.24 -37.74 -22.40
N ARG B 973 -27.81 -37.63 -21.20
CA ARG B 973 -27.80 -36.37 -20.48
C ARG B 973 -26.69 -36.24 -19.44
N LEU B 974 -26.04 -37.35 -19.06
CA LEU B 974 -24.91 -37.31 -18.15
C LEU B 974 -23.75 -38.11 -18.72
N ASP B 975 -22.54 -37.72 -18.36
CA ASP B 975 -21.37 -38.44 -18.82
C ASP B 975 -21.22 -39.75 -18.05
N PRO B 976 -20.67 -40.78 -18.69
CA PRO B 976 -20.52 -42.10 -18.03
C PRO B 976 -19.65 -42.06 -16.76
N PRO B 977 -18.63 -41.19 -16.65
CA PRO B 977 -17.93 -41.12 -15.34
C PRO B 977 -18.81 -40.77 -14.15
N GLU B 978 -19.81 -39.89 -14.33
CA GLU B 978 -20.67 -39.52 -13.21
C GLU B 978 -21.98 -40.29 -13.16
N ALA B 979 -22.36 -40.96 -14.25
CA ALA B 979 -23.59 -41.73 -14.30
C ALA B 979 -23.35 -43.21 -14.01
N GLU B 980 -22.17 -43.57 -13.51
CA GLU B 980 -21.87 -44.98 -13.24
C GLU B 980 -22.68 -45.51 -12.07
N VAL B 981 -22.93 -44.67 -11.06
CA VAL B 981 -23.64 -45.14 -9.87
C VAL B 981 -25.11 -45.44 -10.19
N GLN B 982 -25.75 -44.60 -11.02
CA GLN B 982 -27.12 -44.86 -11.43
C GLN B 982 -27.21 -46.11 -12.29
N ILE B 983 -26.22 -46.31 -13.18
CA ILE B 983 -26.18 -47.51 -14.00
C ILE B 983 -26.04 -48.75 -13.12
N ASP B 984 -25.16 -48.70 -12.12
CA ASP B 984 -24.97 -49.85 -11.23
C ASP B 984 -26.21 -50.11 -10.38
N ARG B 985 -26.90 -49.04 -9.97
CA ARG B 985 -28.16 -49.21 -9.24
C ARG B 985 -29.20 -49.89 -10.11
N LEU B 986 -29.27 -49.51 -11.39
CA LEU B 986 -30.18 -50.17 -12.32
C LEU B 986 -29.79 -51.64 -12.51
N ILE B 987 -28.48 -51.92 -12.56
CA ILE B 987 -28.00 -53.30 -12.66
C ILE B 987 -28.47 -54.11 -11.47
N THR B 988 -28.32 -53.56 -10.26
CA THR B 988 -28.73 -54.27 -9.05
C THR B 988 -30.24 -54.51 -9.03
N GLY B 989 -31.02 -53.50 -9.43
CA GLY B 989 -32.47 -53.67 -9.45
C GLY B 989 -32.93 -54.72 -10.44
N ARG B 990 -32.37 -54.68 -11.66
CA ARG B 990 -32.72 -55.68 -12.66
C ARG B 990 -32.26 -57.08 -12.24
N LEU B 991 -31.10 -57.17 -11.60
CA LEU B 991 -30.62 -58.46 -11.10
C LEU B 991 -31.54 -59.01 -10.02
N GLN B 992 -32.00 -58.15 -9.11
CA GLN B 992 -32.93 -58.60 -8.07
C GLN B 992 -34.25 -59.07 -8.67
N SER B 993 -34.78 -58.33 -9.65
CA SER B 993 -36.02 -58.74 -10.30
C SER B 993 -35.86 -60.06 -11.02
N LEU B 994 -34.74 -60.24 -11.74
CA LEU B 994 -34.50 -61.50 -12.43
C LEU B 994 -34.31 -62.65 -11.45
N GLN B 995 -33.65 -62.41 -10.32
CA GLN B 995 -33.48 -63.46 -9.32
C GLN B 995 -34.82 -63.87 -8.72
N THR B 996 -35.69 -62.90 -8.42
CA THR B 996 -37.02 -63.24 -7.92
C THR B 996 -37.83 -64.02 -8.95
N TYR B 997 -37.75 -63.61 -10.22
CA TYR B 997 -38.46 -64.33 -11.27
C TYR B 997 -37.94 -65.75 -11.43
N VAL B 998 -36.61 -65.93 -11.35
CA VAL B 998 -36.02 -67.26 -11.47
C VAL B 998 -36.44 -68.13 -10.30
N THR B 999 -36.47 -67.58 -9.08
CA THR B 999 -36.88 -68.33 -7.91
C THR B 999 -38.34 -68.78 -8.03
N GLN B 1000 -39.24 -67.87 -8.43
CA GLN B 1000 -40.64 -68.24 -8.54
C GLN B 1000 -40.86 -69.21 -9.70
N GLN B 1001 -40.09 -69.08 -10.78
CA GLN B 1001 -40.18 -70.04 -11.88
C GLN B 1001 -39.70 -71.41 -11.45
N LEU B 1002 -38.65 -71.48 -10.63
CA LEU B 1002 -38.18 -72.76 -10.12
C LEU B 1002 -39.22 -73.40 -9.21
N ILE B 1003 -39.88 -72.60 -8.38
CA ILE B 1003 -40.94 -73.14 -7.51
C ILE B 1003 -42.11 -73.67 -8.35
N ARG B 1004 -42.50 -72.92 -9.38
CA ARG B 1004 -43.57 -73.37 -10.26
C ARG B 1004 -43.17 -74.63 -11.03
N ALA B 1005 -41.89 -74.72 -11.43
CA ALA B 1005 -41.40 -75.90 -12.11
C ALA B 1005 -41.41 -77.12 -11.20
N ALA B 1006 -41.06 -76.94 -9.93
CA ALA B 1006 -41.15 -78.03 -8.97
C ALA B 1006 -42.59 -78.49 -8.77
N GLU B 1007 -43.52 -77.53 -8.69
CA GLU B 1007 -44.93 -77.89 -8.56
C GLU B 1007 -45.43 -78.64 -9.79
N ILE B 1008 -45.01 -78.20 -10.98
CA ILE B 1008 -45.41 -78.86 -12.22
C ILE B 1008 -44.79 -80.26 -12.29
N ARG B 1009 -43.55 -80.41 -11.81
CA ARG B 1009 -42.92 -81.73 -11.75
C ARG B 1009 -43.70 -82.67 -10.83
N ALA B 1010 -44.12 -82.17 -9.67
CA ALA B 1010 -44.91 -82.99 -8.75
C ALA B 1010 -46.25 -83.38 -9.38
N SER B 1011 -46.90 -82.43 -10.05
CA SER B 1011 -48.17 -82.72 -10.72
C SER B 1011 -47.98 -83.73 -11.85
N ALA B 1012 -46.87 -83.63 -12.59
CA ALA B 1012 -46.60 -84.56 -13.68
C ALA B 1012 -46.32 -85.96 -13.14
N ASN B 1013 -45.60 -86.06 -12.02
CA ASN B 1013 -45.37 -87.37 -11.40
C ASN B 1013 -46.68 -87.97 -10.89
N LEU B 1014 -47.54 -87.14 -10.30
CA LEU B 1014 -48.84 -87.61 -9.86
C LEU B 1014 -49.68 -88.11 -11.03
N ALA B 1015 -49.67 -87.37 -12.15
CA ALA B 1015 -50.40 -87.79 -13.34
C ALA B 1015 -49.82 -89.07 -13.94
N ALA B 1016 -48.49 -89.21 -13.90
CA ALA B 1016 -47.85 -90.43 -14.41
C ALA B 1016 -48.28 -91.64 -13.61
N THR B 1017 -48.22 -91.55 -12.28
CA THR B 1017 -48.68 -92.65 -11.44
C THR B 1017 -50.18 -92.91 -11.66
N LYS B 1018 -50.97 -91.84 -11.78
CA LYS B 1018 -52.41 -91.97 -11.97
C LYS B 1018 -52.74 -92.72 -13.24
N MET B 1019 -52.14 -92.36 -14.36
CA MET B 1019 -52.52 -93.05 -15.59
C MET B 1019 -51.84 -94.40 -15.72
N SER B 1020 -50.63 -94.58 -15.17
CA SER B 1020 -49.99 -95.88 -15.20
C SER B 1020 -50.72 -96.90 -14.33
N GLU B 1021 -51.52 -96.45 -13.36
CA GLU B 1021 -52.34 -97.37 -12.58
C GLU B 1021 -53.78 -97.45 -13.05
N CYS B 1022 -54.39 -96.31 -13.39
CA CYS B 1022 -55.81 -96.24 -13.68
C CYS B 1022 -56.09 -96.53 -15.16
N VAL B 1023 -55.22 -96.05 -16.05
CA VAL B 1023 -55.43 -96.18 -17.49
C VAL B 1023 -54.85 -97.48 -18.01
N LEU B 1024 -53.57 -97.73 -17.74
CA LEU B 1024 -52.87 -98.91 -18.23
C LEU B 1024 -53.11 -100.12 -17.33
N GLY B 1025 -54.36 -100.40 -17.03
CA GLY B 1025 -54.74 -101.47 -16.14
C GLY B 1025 -55.83 -101.01 -15.21
N GLN B 1026 -56.14 -101.86 -14.23
CA GLN B 1026 -57.14 -101.57 -13.22
C GLN B 1026 -56.45 -101.44 -11.87
N SER B 1027 -56.67 -100.31 -11.20
CA SER B 1027 -56.01 -100.02 -9.94
C SER B 1027 -56.92 -100.41 -8.78
N LYS B 1028 -56.37 -101.15 -7.82
CA LYS B 1028 -57.12 -101.56 -6.64
C LYS B 1028 -57.14 -100.49 -5.55
N ARG B 1029 -56.43 -99.38 -5.74
CA ARG B 1029 -56.45 -98.30 -4.77
C ARG B 1029 -57.80 -97.59 -4.80
N VAL B 1030 -58.47 -97.59 -3.65
CA VAL B 1030 -59.81 -97.01 -3.54
C VAL B 1030 -59.71 -95.50 -3.45
N ASP B 1031 -60.65 -94.81 -4.10
CA ASP B 1031 -60.73 -93.34 -4.12
C ASP B 1031 -59.47 -92.70 -4.69
N PHE B 1032 -58.84 -93.36 -5.67
CA PHE B 1032 -57.67 -92.83 -6.35
C PHE B 1032 -57.94 -92.50 -7.81
N CYS B 1033 -58.74 -93.30 -8.50
CA CYS B 1033 -59.20 -93.01 -9.85
C CYS B 1033 -60.59 -92.40 -9.85
N GLY B 1034 -60.92 -91.60 -8.85
CA GLY B 1034 -62.23 -91.01 -8.73
C GLY B 1034 -63.07 -91.67 -7.65
N LYS B 1035 -64.23 -91.08 -7.41
CA LYS B 1035 -65.14 -91.54 -6.36
C LYS B 1035 -65.92 -92.74 -6.87
N GLY B 1036 -65.65 -93.92 -6.32
CA GLY B 1036 -66.33 -95.15 -6.67
C GLY B 1036 -65.35 -96.24 -6.99
N TYR B 1037 -65.89 -97.37 -7.45
CA TYR B 1037 -65.07 -98.52 -7.84
C TYR B 1037 -64.61 -98.34 -9.28
N HIS B 1038 -63.31 -98.13 -9.45
CA HIS B 1038 -62.75 -97.81 -10.76
C HIS B 1038 -62.75 -99.02 -11.69
N LEU B 1039 -63.06 -98.77 -12.96
CA LEU B 1039 -63.02 -99.78 -14.00
C LEU B 1039 -61.89 -99.53 -15.01
N MET B 1040 -61.93 -98.37 -15.67
CA MET B 1040 -60.90 -97.96 -16.61
C MET B 1040 -61.01 -96.46 -16.79
N SER B 1041 -59.96 -95.85 -17.34
CA SER B 1041 -59.93 -94.42 -17.57
C SER B 1041 -59.50 -94.13 -19.00
N PHE B 1042 -60.05 -93.06 -19.56
CA PHE B 1042 -59.80 -92.68 -20.95
C PHE B 1042 -59.08 -91.35 -21.00
N PRO B 1043 -57.76 -91.34 -21.21
CA PRO B 1043 -57.03 -90.07 -21.27
C PRO B 1043 -57.32 -89.31 -22.55
N GLN B 1044 -57.32 -87.98 -22.44
CA GLN B 1044 -57.55 -87.09 -23.57
C GLN B 1044 -56.48 -86.00 -23.58
N SER B 1045 -56.15 -85.54 -24.78
CA SER B 1045 -55.14 -84.49 -24.92
C SER B 1045 -55.68 -83.16 -24.42
N ALA B 1046 -54.85 -82.44 -23.68
CA ALA B 1046 -55.19 -81.12 -23.16
C ALA B 1046 -54.04 -80.16 -23.40
N PRO B 1047 -54.33 -78.87 -23.59
CA PRO B 1047 -53.25 -77.89 -23.77
C PRO B 1047 -52.52 -77.66 -22.46
N HIS B 1048 -51.23 -78.00 -22.45
CA HIS B 1048 -50.36 -77.88 -21.28
C HIS B 1048 -50.93 -78.65 -20.08
N GLY B 1049 -51.44 -79.84 -20.34
CA GLY B 1049 -52.03 -80.65 -19.28
C GLY B 1049 -52.60 -81.92 -19.82
N VAL B 1050 -53.33 -82.63 -18.96
CA VAL B 1050 -53.99 -83.87 -19.34
C VAL B 1050 -55.23 -84.03 -18.47
N VAL B 1051 -56.26 -84.65 -19.04
CA VAL B 1051 -57.51 -84.92 -18.32
C VAL B 1051 -57.77 -86.42 -18.38
N PHE B 1052 -58.59 -86.88 -17.43
CA PHE B 1052 -58.89 -88.29 -17.29
C PHE B 1052 -60.39 -88.49 -17.23
N LEU B 1053 -60.92 -89.39 -18.06
CA LEU B 1053 -62.33 -89.75 -18.04
C LEU B 1053 -62.46 -91.11 -17.35
N HIS B 1054 -62.48 -91.07 -16.02
CA HIS B 1054 -62.59 -92.30 -15.24
C HIS B 1054 -63.98 -92.90 -15.38
N VAL B 1055 -64.04 -94.23 -15.24
CA VAL B 1055 -65.31 -94.96 -15.23
C VAL B 1055 -65.42 -95.63 -13.86
N THR B 1056 -66.37 -95.17 -13.06
CA THR B 1056 -66.55 -95.67 -11.71
C THR B 1056 -67.75 -96.60 -11.64
N TYR B 1057 -67.89 -97.25 -10.48
CA TYR B 1057 -68.97 -98.21 -10.22
C TYR B 1057 -69.53 -97.89 -8.83
N VAL B 1058 -70.67 -97.20 -8.79
CA VAL B 1058 -71.30 -96.86 -7.52
C VAL B 1058 -72.67 -97.52 -7.45
N PRO B 1059 -73.08 -98.02 -6.28
CA PRO B 1059 -74.44 -98.55 -6.15
C PRO B 1059 -75.48 -97.44 -6.20
N ALA B 1060 -76.68 -97.80 -6.65
CA ALA B 1060 -77.79 -96.87 -6.77
C ALA B 1060 -78.91 -97.15 -5.80
N GLN B 1061 -79.44 -98.38 -5.80
CA GLN B 1061 -80.52 -98.76 -4.91
C GLN B 1061 -80.06 -99.90 -4.01
N GLU B 1062 -80.39 -99.79 -2.73
CA GLU B 1062 -80.02 -100.80 -1.74
C GLU B 1062 -81.26 -101.20 -0.94
N LYS B 1063 -81.22 -102.43 -0.43
CA LYS B 1063 -82.32 -102.98 0.36
C LYS B 1063 -81.77 -103.53 1.67
N ASN B 1064 -82.50 -103.26 2.76
CA ASN B 1064 -82.09 -103.73 4.07
C ASN B 1064 -82.40 -105.22 4.25
N PHE B 1065 -81.53 -105.91 4.96
CA PHE B 1065 -81.65 -107.35 5.15
C PHE B 1065 -81.11 -107.74 6.51
N THR B 1066 -81.52 -108.91 6.98
CA THR B 1066 -81.02 -109.48 8.23
C THR B 1066 -79.95 -110.51 7.89
N THR B 1067 -78.76 -110.34 8.47
CA THR B 1067 -77.61 -111.16 8.16
C THR B 1067 -77.20 -111.99 9.37
N ALA B 1068 -76.43 -113.05 9.09
CA ALA B 1068 -75.87 -113.91 10.13
C ALA B 1068 -74.50 -114.37 9.66
N PRO B 1069 -73.48 -114.33 10.52
CA PRO B 1069 -72.13 -114.71 10.08
C PRO B 1069 -71.96 -116.20 9.84
N ALA B 1070 -72.79 -117.05 10.43
CA ALA B 1070 -72.63 -118.49 10.28
C ALA B 1070 -74.00 -119.16 10.31
N ILE B 1071 -74.05 -120.36 9.75
CA ILE B 1071 -75.26 -121.17 9.69
C ILE B 1071 -74.97 -122.51 10.35
N CYS B 1072 -75.79 -122.87 11.34
CA CYS B 1072 -75.64 -124.13 12.07
C CYS B 1072 -76.58 -125.16 11.46
N HIS B 1073 -76.01 -126.12 10.71
CA HIS B 1073 -76.80 -127.14 10.04
C HIS B 1073 -76.94 -128.41 10.88
N ASP B 1074 -75.81 -129.06 11.18
CA ASP B 1074 -75.79 -130.31 11.93
C ASP B 1074 -74.68 -130.28 12.97
N GLY B 1075 -74.55 -129.16 13.68
CA GLY B 1075 -73.46 -128.97 14.62
C GLY B 1075 -72.20 -128.40 14.01
N LYS B 1076 -72.15 -128.23 12.69
CA LYS B 1076 -71.02 -127.63 12.01
C LYS B 1076 -71.40 -126.24 11.49
N ALA B 1077 -70.50 -125.28 11.69
CA ALA B 1077 -70.77 -123.89 11.31
C ALA B 1077 -70.35 -123.69 9.85
N HIS B 1078 -71.30 -123.21 9.04
CA HIS B 1078 -71.07 -122.96 7.62
C HIS B 1078 -70.74 -121.49 7.42
N PHE B 1079 -69.65 -121.22 6.69
CA PHE B 1079 -69.24 -119.86 6.41
C PHE B 1079 -69.16 -119.64 4.91
N PRO B 1080 -69.61 -118.48 4.42
CA PRO B 1080 -69.55 -118.23 2.98
C PRO B 1080 -68.13 -118.08 2.48
N ARG B 1081 -67.90 -118.53 1.25
CA ARG B 1081 -66.57 -118.45 0.65
C ARG B 1081 -66.28 -117.05 0.14
N GLU B 1082 -67.24 -116.44 -0.57
CA GLU B 1082 -67.08 -115.10 -1.10
C GLU B 1082 -68.28 -114.19 -0.88
N GLY B 1083 -69.42 -114.73 -0.45
CA GLY B 1083 -70.61 -113.92 -0.24
C GLY B 1083 -70.93 -113.67 1.21
N VAL B 1084 -72.20 -113.44 1.51
CA VAL B 1084 -72.66 -113.19 2.88
C VAL B 1084 -74.08 -113.70 2.99
N PHE B 1085 -74.41 -114.27 4.15
CA PHE B 1085 -75.76 -114.79 4.37
C PHE B 1085 -76.74 -113.63 4.56
N VAL B 1086 -77.83 -113.65 3.81
CA VAL B 1086 -78.88 -112.65 3.89
C VAL B 1086 -80.23 -113.36 3.95
N SER B 1087 -81.20 -112.68 4.55
CA SER B 1087 -82.55 -113.22 4.69
C SER B 1087 -83.56 -112.16 4.32
N ASN B 1088 -84.62 -112.58 3.63
CA ASN B 1088 -85.72 -111.69 3.25
C ASN B 1088 -86.89 -111.76 4.22
N GLY B 1089 -86.75 -112.48 5.33
CA GLY B 1089 -87.80 -112.58 6.31
C GLY B 1089 -88.21 -114.01 6.62
N THR B 1090 -88.22 -114.86 5.60
CA THR B 1090 -88.61 -116.27 5.75
C THR B 1090 -87.45 -117.23 5.53
N HIS B 1091 -86.76 -117.13 4.40
CA HIS B 1091 -85.67 -118.02 4.05
C HIS B 1091 -84.35 -117.24 4.04
N TRP B 1092 -83.27 -117.95 3.72
CA TRP B 1092 -81.94 -117.37 3.72
C TRP B 1092 -81.26 -117.62 2.37
N PHE B 1093 -80.45 -116.65 1.95
CA PHE B 1093 -79.70 -116.75 0.71
C PHE B 1093 -78.28 -116.23 0.94
N VAL B 1094 -77.46 -116.37 -0.10
CA VAL B 1094 -76.10 -115.82 -0.10
C VAL B 1094 -75.95 -114.95 -1.34
N THR B 1095 -75.43 -113.73 -1.15
CA THR B 1095 -75.27 -112.76 -2.22
C THR B 1095 -73.87 -112.17 -2.16
N GLN B 1096 -73.43 -111.66 -3.31
CA GLN B 1096 -72.12 -111.01 -3.38
C GLN B 1096 -72.16 -109.65 -2.69
N ARG B 1097 -70.97 -109.05 -2.56
CA ARG B 1097 -70.84 -107.85 -1.75
C ARG B 1097 -71.48 -106.63 -2.42
N ASN B 1098 -71.30 -106.48 -3.73
CA ASN B 1098 -71.71 -105.27 -4.44
C ASN B 1098 -72.96 -105.49 -5.28
N PHE B 1099 -73.62 -106.64 -5.17
CA PHE B 1099 -74.83 -106.89 -5.94
C PHE B 1099 -75.70 -107.88 -5.20
N TYR B 1100 -77.00 -107.84 -5.49
CA TYR B 1100 -77.98 -108.73 -4.87
C TYR B 1100 -78.31 -109.84 -5.87
N GLU B 1101 -77.70 -111.01 -5.66
CA GLU B 1101 -77.96 -112.20 -6.47
C GLU B 1101 -78.28 -113.34 -5.53
N PRO B 1102 -79.55 -113.51 -5.16
CA PRO B 1102 -79.90 -114.56 -4.19
C PRO B 1102 -79.69 -115.96 -4.75
N GLN B 1103 -79.12 -116.83 -3.93
CA GLN B 1103 -78.85 -118.20 -4.30
C GLN B 1103 -79.19 -119.10 -3.12
N ILE B 1104 -79.47 -120.37 -3.43
CA ILE B 1104 -79.78 -121.35 -2.40
C ILE B 1104 -78.52 -121.68 -1.62
N ILE B 1105 -78.67 -121.81 -0.30
CA ILE B 1105 -77.54 -122.15 0.57
C ILE B 1105 -77.12 -123.58 0.27
N THR B 1106 -75.92 -123.74 -0.29
CA THR B 1106 -75.43 -125.04 -0.75
C THR B 1106 -74.00 -125.26 -0.24
N THR B 1107 -73.49 -126.46 -0.51
CA THR B 1107 -72.15 -126.82 -0.07
C THR B 1107 -71.07 -126.19 -0.94
N ASP B 1108 -71.39 -125.88 -2.20
CA ASP B 1108 -70.37 -125.42 -3.14
C ASP B 1108 -69.81 -124.05 -2.78
N ASN B 1109 -70.63 -123.19 -2.18
CA ASN B 1109 -70.19 -121.84 -1.81
C ASN B 1109 -69.97 -121.67 -0.32
N THR B 1110 -69.95 -122.76 0.45
CA THR B 1110 -69.77 -122.68 1.89
C THR B 1110 -68.73 -123.70 2.34
N PHE B 1111 -68.05 -123.39 3.44
CA PHE B 1111 -67.07 -124.28 4.03
C PHE B 1111 -67.31 -124.37 5.53
N VAL B 1112 -67.01 -125.54 6.10
CA VAL B 1112 -67.23 -125.80 7.52
C VAL B 1112 -65.90 -125.63 8.26
N SER B 1113 -66.00 -125.30 9.55
CA SER B 1113 -64.83 -125.12 10.40
C SER B 1113 -65.27 -125.21 11.85
N GLY B 1114 -64.78 -126.23 12.56
CA GLY B 1114 -65.09 -126.37 13.97
C GLY B 1114 -66.53 -126.78 14.23
N ASN B 1115 -66.92 -126.65 15.49
CA ASN B 1115 -68.26 -126.99 15.94
C ASN B 1115 -69.15 -125.74 15.86
N CYS B 1116 -70.35 -125.83 16.44
CA CYS B 1116 -71.33 -124.77 16.34
C CYS B 1116 -71.23 -123.74 17.47
N ASP B 1117 -70.74 -124.14 18.64
CA ASP B 1117 -70.73 -123.26 19.81
C ASP B 1117 -69.42 -122.49 19.92
N VAL B 1118 -69.12 -121.73 18.87
CA VAL B 1118 -68.01 -120.79 18.89
C VAL B 1118 -68.42 -119.37 18.50
N VAL B 1119 -69.54 -119.19 17.82
CA VAL B 1119 -69.97 -117.88 17.33
C VAL B 1119 -71.02 -117.34 18.29
N ILE B 1120 -70.89 -116.05 18.65
CA ILE B 1120 -71.87 -115.41 19.57
C ILE B 1120 -73.27 -115.50 18.94
N GLY B 1121 -73.37 -115.26 17.63
CA GLY B 1121 -74.69 -115.28 16.97
C GLY B 1121 -74.69 -116.10 15.69
N ILE B 1122 -74.60 -117.42 15.79
CA ILE B 1122 -74.67 -118.30 14.58
C ILE B 1122 -76.14 -118.65 14.34
N VAL B 1123 -76.64 -118.45 13.12
CA VAL B 1123 -78.09 -118.68 12.83
C VAL B 1123 -78.35 -120.17 12.64
N ASN B 1124 -79.61 -120.60 12.79
CA ASN B 1124 -79.98 -122.03 12.60
C ASN B 1124 -80.59 -122.18 11.19
N ASN B 1125 -79.90 -122.87 10.28
CA ASN B 1125 -80.39 -123.02 8.89
C ASN B 1125 -79.90 -124.36 8.32
N THR B 1126 -80.40 -124.76 7.15
CA THR B 1126 -80.02 -126.08 6.55
C THR B 1126 -79.17 -125.86 5.29
N VAL B 1127 -78.65 -126.95 4.71
CA VAL B 1127 -77.80 -126.85 3.48
C VAL B 1127 -78.44 -127.70 2.38
N TYR B 1128 -78.35 -127.26 1.12
CA TYR B 1128 -78.94 -127.98 0.00
C TYR B 1128 -78.30 -129.35 -0.20
N ASP B 1129 -76.96 -129.41 -0.15
CA ASP B 1129 -76.17 -130.62 -0.36
C ASP B 1129 -76.54 -131.28 -1.68
N PRO B 1130 -76.09 -130.72 -2.83
CA PRO B 1130 -76.59 -131.17 -4.12
C PRO B 1130 -75.98 -132.47 -4.61
N LEU B 1131 -75.34 -133.23 -3.71
CA LEU B 1131 -74.88 -134.58 -4.02
C LEU B 1131 -75.86 -135.65 -3.56
N GLN B 1132 -76.65 -135.36 -2.53
CA GLN B 1132 -77.61 -136.33 -2.01
C GLN B 1132 -78.72 -136.71 -3.00
N PRO B 1133 -79.42 -135.79 -3.68
CA PRO B 1133 -80.48 -136.23 -4.59
C PRO B 1133 -79.97 -136.94 -5.84
N GLU B 1134 -78.71 -136.77 -6.20
CA GLU B 1134 -78.18 -137.36 -7.43
C GLU B 1134 -77.62 -138.76 -7.25
N LEU B 1135 -77.39 -139.20 -6.01
CA LEU B 1135 -76.92 -140.55 -5.78
C LEU B 1135 -78.04 -141.59 -5.77
N ASP B 1136 -79.29 -141.15 -5.74
CA ASP B 1136 -80.43 -142.07 -5.72
C ASP B 1136 -80.64 -142.71 -7.08
N GLN C 4 -7.19 -37.35 59.95
CA GLN C 4 -5.87 -37.87 60.27
C GLN C 4 -5.90 -39.39 60.38
N CYS C 5 -4.72 -40.02 60.31
CA CYS C 5 -4.61 -41.46 60.39
C CYS C 5 -3.32 -41.82 61.09
N VAL C 6 -3.28 -43.04 61.62
CA VAL C 6 -2.09 -43.59 62.27
C VAL C 6 -1.64 -44.83 61.51
N ASN C 7 -0.42 -45.27 61.81
CA ASN C 7 0.17 -46.42 61.15
C ASN C 7 0.14 -47.64 62.08
N LEU C 8 0.01 -48.82 61.47
CA LEU C 8 0.00 -50.07 62.21
C LEU C 8 1.43 -50.60 62.38
N THR C 9 1.55 -51.61 63.22
CA THR C 9 2.82 -52.27 63.48
C THR C 9 2.84 -53.64 62.81
N THR C 10 4.05 -54.17 62.63
CA THR C 10 4.22 -55.48 62.01
C THR C 10 3.77 -56.58 62.97
N ARG C 11 2.90 -57.46 62.49
CA ARG C 11 2.40 -58.56 63.29
C ARG C 11 2.16 -59.76 62.39
N THR C 12 1.79 -60.88 62.99
CA THR C 12 1.53 -62.12 62.25
C THR C 12 0.10 -62.13 61.76
N GLN C 13 -0.07 -62.32 60.45
CA GLN C 13 -1.37 -62.40 59.81
C GLN C 13 -1.60 -63.81 59.26
N LEU C 14 -2.72 -63.98 58.57
CA LEU C 14 -3.04 -65.22 57.91
C LEU C 14 -3.12 -65.01 56.40
N PRO C 15 -2.58 -65.94 55.61
CA PRO C 15 -2.65 -65.77 54.16
C PRO C 15 -4.08 -65.90 53.66
N PRO C 16 -4.43 -65.18 52.59
CA PRO C 16 -5.79 -65.31 52.04
C PRO C 16 -6.00 -66.69 51.42
N ALA C 17 -7.24 -67.16 51.51
CA ALA C 17 -7.65 -68.45 50.99
C ALA C 17 -8.56 -68.24 49.78
N TYR C 18 -8.93 -69.36 49.14
CA TYR C 18 -9.78 -69.34 47.97
C TYR C 18 -10.93 -70.32 48.17
N THR C 19 -12.15 -69.85 47.94
CA THR C 19 -13.35 -70.68 48.02
C THR C 19 -14.04 -70.69 46.66
N ASN C 20 -15.16 -71.43 46.59
CA ASN C 20 -15.88 -71.63 45.35
C ASN C 20 -17.29 -71.07 45.47
N SER C 21 -17.72 -70.35 44.45
CA SER C 21 -19.08 -69.83 44.41
C SER C 21 -20.05 -70.90 43.91
N PHE C 22 -21.32 -70.76 44.31
CA PHE C 22 -22.36 -71.72 43.95
C PHE C 22 -23.63 -70.93 43.59
N THR C 23 -23.81 -70.66 42.30
CA THR C 23 -24.97 -69.94 41.76
C THR C 23 -25.16 -68.59 42.45
N ARG C 24 -24.07 -67.85 42.57
CA ARG C 24 -24.07 -66.54 43.22
C ARG C 24 -23.62 -65.48 42.23
N GLY C 25 -24.03 -64.24 42.50
CA GLY C 25 -23.68 -63.13 41.64
C GLY C 25 -24.65 -62.85 40.52
N VAL C 26 -25.95 -63.07 40.74
CA VAL C 26 -26.97 -62.85 39.73
C VAL C 26 -27.85 -61.68 40.16
N TYR C 27 -28.00 -60.70 39.28
CA TYR C 27 -28.82 -59.53 39.54
C TYR C 27 -29.80 -59.32 38.39
N TYR C 28 -30.51 -58.20 38.40
CA TYR C 28 -31.41 -57.85 37.30
C TYR C 28 -30.64 -57.01 36.29
N PRO C 29 -30.38 -57.51 35.08
CA PRO C 29 -29.70 -56.71 34.07
C PRO C 29 -30.64 -55.86 33.22
N ASP C 30 -31.95 -56.01 33.38
CA ASP C 30 -32.93 -55.25 32.63
C ASP C 30 -33.94 -54.61 33.59
N LYS C 31 -34.50 -53.49 33.15
CA LYS C 31 -35.53 -52.76 33.90
C LYS C 31 -36.91 -52.97 33.32
N VAL C 32 -37.17 -54.17 32.80
CA VAL C 32 -38.45 -54.51 32.19
C VAL C 32 -39.04 -55.71 32.92
N PHE C 33 -40.35 -55.67 33.17
CA PHE C 33 -41.03 -56.75 33.89
C PHE C 33 -41.39 -57.84 32.91
N ARG C 34 -40.60 -58.91 32.89
CA ARG C 34 -40.83 -60.06 32.02
C ARG C 34 -41.41 -61.22 32.83
N SER C 35 -42.41 -61.88 32.25
CA SER C 35 -43.11 -62.97 32.91
C SER C 35 -43.09 -64.20 32.03
N SER C 36 -42.59 -65.32 32.59
CA SER C 36 -42.61 -66.64 31.95
C SER C 36 -41.91 -66.63 30.60
N VAL C 37 -40.70 -66.07 30.56
CA VAL C 37 -39.90 -66.03 29.35
C VAL C 37 -38.45 -66.29 29.74
N LEU C 38 -37.69 -66.86 28.79
CA LEU C 38 -36.27 -67.15 28.96
C LEU C 38 -35.51 -66.33 27.92
N HIS C 39 -34.86 -65.25 28.35
CA HIS C 39 -34.15 -64.35 27.47
C HIS C 39 -32.70 -64.18 27.93
N SER C 40 -31.83 -63.88 26.97
CA SER C 40 -30.40 -63.75 27.22
C SER C 40 -29.97 -62.30 27.07
N THR C 41 -29.09 -61.85 27.96
CA THR C 41 -28.53 -60.51 27.93
C THR C 41 -27.02 -60.58 28.05
N GLN C 42 -26.32 -59.72 27.32
CA GLN C 42 -24.85 -59.63 27.38
C GLN C 42 -24.50 -58.46 28.29
N ASP C 43 -24.13 -58.77 29.53
CA ASP C 43 -23.69 -57.79 30.50
C ASP C 43 -22.59 -58.42 31.34
N LEU C 44 -22.26 -57.77 32.46
CA LEU C 44 -21.20 -58.23 33.36
C LEU C 44 -21.83 -59.01 34.51
N PHE C 45 -21.51 -60.30 34.59
CA PHE C 45 -22.03 -61.16 35.64
C PHE C 45 -20.90 -61.99 36.24
N LEU C 46 -21.14 -62.50 37.44
CA LEU C 46 -20.18 -63.39 38.09
C LEU C 46 -20.28 -64.79 37.51
N PRO C 47 -19.16 -65.39 37.09
CA PRO C 47 -19.21 -66.75 36.56
C PRO C 47 -19.62 -67.77 37.62
N PHE C 48 -20.35 -68.79 37.17
CA PHE C 48 -20.67 -69.92 38.04
C PHE C 48 -19.50 -70.89 38.09
N PHE C 49 -19.30 -71.50 39.26
CA PHE C 49 -18.18 -72.41 39.53
C PHE C 49 -16.86 -71.71 39.20
N SER C 50 -16.69 -70.51 39.74
CA SER C 50 -15.53 -69.68 39.51
C SER C 50 -14.74 -69.50 40.80
N ASN C 51 -13.42 -69.39 40.65
CA ASN C 51 -12.55 -69.17 41.80
C ASN C 51 -12.71 -67.74 42.30
N VAL C 52 -13.17 -67.60 43.55
CA VAL C 52 -13.46 -66.31 44.14
C VAL C 52 -12.58 -66.12 45.37
N THR C 53 -12.10 -64.90 45.56
CA THR C 53 -11.20 -64.60 46.67
C THR C 53 -11.93 -64.67 48.00
N TRP C 54 -11.16 -64.79 49.07
CA TRP C 54 -11.71 -64.98 50.41
C TRP C 54 -10.77 -64.31 51.40
N PHE C 55 -11.30 -63.39 52.21
CA PHE C 55 -10.54 -62.68 53.22
C PHE C 55 -11.17 -62.90 54.58
N HIS C 56 -10.35 -63.19 55.58
CA HIS C 56 -10.82 -63.42 56.93
C HIS C 56 -10.81 -62.11 57.72
N ALA C 57 -11.65 -62.07 58.76
CA ALA C 57 -11.71 -60.90 59.63
C ALA C 57 -11.86 -61.26 61.10
N ILE C 58 -11.69 -62.54 61.47
CA ILE C 58 -11.85 -62.95 62.86
C ILE C 58 -10.63 -62.52 63.66
N HIS C 59 -10.80 -62.47 64.98
CA HIS C 59 -9.72 -62.08 65.88
C HIS C 59 -8.93 -63.29 66.38
N VAL C 60 -9.60 -64.27 66.95
CA VAL C 60 -8.93 -65.46 67.47
C VAL C 60 -9.02 -66.60 66.45
N THR C 66 -3.84 -65.70 64.75
CA THR C 66 -4.75 -64.72 65.35
C THR C 66 -4.44 -63.31 64.85
N LYS C 67 -5.32 -62.38 65.22
CA LYS C 67 -5.21 -60.96 64.85
C LYS C 67 -5.15 -60.79 63.33
N ARG C 68 -6.22 -61.22 62.67
CA ARG C 68 -6.32 -61.16 61.22
C ARG C 68 -6.94 -59.82 60.82
N PHE C 69 -6.19 -59.03 60.06
CA PHE C 69 -6.68 -57.73 59.58
C PHE C 69 -5.98 -57.44 58.26
N ASP C 70 -6.67 -57.70 57.15
CA ASP C 70 -6.14 -57.48 55.81
C ASP C 70 -7.01 -56.47 55.09
N ASN C 71 -6.39 -55.41 54.59
CA ASN C 71 -7.08 -54.37 53.81
C ASN C 71 -6.27 -54.07 52.56
N PRO C 72 -6.27 -54.97 51.58
CA PRO C 72 -5.50 -54.73 50.36
C PRO C 72 -6.26 -53.81 49.40
N VAL C 73 -5.48 -53.09 48.59
CA VAL C 73 -6.06 -52.18 47.59
C VAL C 73 -6.26 -53.02 46.33
N LEU C 74 -7.39 -53.71 46.28
CA LEU C 74 -7.69 -54.57 45.15
C LEU C 74 -8.04 -53.73 43.92
N PRO C 75 -7.60 -54.13 42.74
CA PRO C 75 -7.95 -53.37 41.52
C PRO C 75 -9.42 -53.55 41.18
N PHE C 76 -10.04 -52.46 40.73
CA PHE C 76 -11.45 -52.45 40.36
C PHE C 76 -11.56 -52.76 38.87
N ASN C 77 -11.98 -53.98 38.54
CA ASN C 77 -12.18 -54.38 37.15
C ASN C 77 -13.58 -53.96 36.70
N ASP C 78 -14.02 -54.45 35.54
CA ASP C 78 -15.35 -54.14 35.02
C ASP C 78 -16.37 -54.94 35.81
N GLY C 79 -16.78 -54.38 36.94
CA GLY C 79 -17.75 -55.02 37.81
C GLY C 79 -17.12 -55.88 38.88
N VAL C 80 -17.57 -55.72 40.13
CA VAL C 80 -17.09 -56.53 41.24
C VAL C 80 -18.28 -57.13 41.97
N TYR C 81 -18.02 -58.20 42.71
CA TYR C 81 -19.03 -58.90 43.50
C TYR C 81 -18.57 -58.95 44.94
N PHE C 82 -19.32 -58.31 45.83
CA PHE C 82 -18.97 -58.21 47.25
C PHE C 82 -20.07 -58.88 48.07
N ALA C 83 -19.79 -60.09 48.57
CA ALA C 83 -20.74 -60.85 49.36
C ALA C 83 -20.22 -60.99 50.79
N SER C 84 -21.08 -60.71 51.76
CA SER C 84 -20.71 -60.77 53.16
C SER C 84 -21.80 -61.49 53.96
N THR C 85 -21.40 -62.49 54.72
CA THR C 85 -22.31 -63.17 55.66
C THR C 85 -22.30 -62.45 57.01
N GLU C 86 -22.73 -61.19 56.97
CA GLU C 86 -22.63 -60.30 58.12
C GLU C 86 -23.56 -60.73 59.25
N LYS C 87 -23.03 -60.70 60.47
CA LYS C 87 -23.79 -61.05 61.67
C LYS C 87 -23.92 -59.88 62.63
N SER C 88 -22.81 -59.25 63.00
CA SER C 88 -22.80 -58.20 64.02
C SER C 88 -22.50 -56.82 63.43
N ASN C 89 -22.62 -56.67 62.11
CA ASN C 89 -22.44 -55.41 61.40
C ASN C 89 -21.05 -54.82 61.66
N ILE C 90 -20.04 -55.55 61.21
CA ILE C 90 -18.65 -55.13 61.41
C ILE C 90 -18.22 -54.17 60.31
N ILE C 91 -18.40 -54.56 59.04
CA ILE C 91 -17.99 -53.71 57.93
C ILE C 91 -18.92 -52.51 57.84
N ARG C 92 -18.33 -51.34 57.56
CA ARG C 92 -19.07 -50.09 57.50
C ARG C 92 -19.33 -49.61 56.07
N GLY C 93 -18.29 -49.50 55.26
CA GLY C 93 -18.45 -49.00 53.92
C GLY C 93 -17.30 -49.35 53.03
N TRP C 94 -17.28 -48.72 51.85
CA TRP C 94 -16.27 -48.96 50.83
C TRP C 94 -15.75 -47.64 50.30
N ILE C 95 -14.53 -47.67 49.77
CA ILE C 95 -13.93 -46.51 49.12
C ILE C 95 -13.54 -46.90 47.70
N PHE C 96 -13.43 -45.89 46.84
CA PHE C 96 -13.06 -46.08 45.45
C PHE C 96 -12.11 -44.97 45.03
N GLY C 97 -11.33 -45.25 44.00
CA GLY C 97 -10.40 -44.27 43.47
C GLY C 97 -9.36 -44.93 42.59
N THR C 98 -8.41 -44.11 42.14
CA THR C 98 -7.32 -44.55 41.29
C THR C 98 -5.97 -44.48 41.98
N THR C 99 -5.61 -43.32 42.53
CA THR C 99 -4.35 -43.13 43.24
C THR C 99 -4.51 -42.80 44.71
N LEU C 100 -5.65 -42.25 45.12
CA LEU C 100 -5.95 -41.92 46.53
C LEU C 100 -4.91 -40.97 47.11
N ASP C 101 -4.68 -39.85 46.42
CA ASP C 101 -3.74 -38.83 46.88
C ASP C 101 -4.30 -37.43 46.69
N SER C 102 -5.63 -37.29 46.75
CA SER C 102 -6.33 -36.02 46.54
C SER C 102 -5.99 -35.40 45.19
N LYS C 103 -5.86 -36.24 44.16
CA LYS C 103 -5.60 -35.79 42.81
C LYS C 103 -6.73 -36.09 41.84
N THR C 104 -7.44 -37.20 42.02
CA THR C 104 -8.58 -37.57 41.19
C THR C 104 -9.84 -37.62 42.04
N GLN C 105 -10.98 -37.74 41.36
CA GLN C 105 -12.27 -37.79 42.04
C GLN C 105 -12.45 -39.17 42.65
N SER C 106 -12.25 -39.25 43.97
CA SER C 106 -12.43 -40.50 44.68
C SER C 106 -13.85 -40.61 45.23
N LEU C 107 -14.17 -41.78 45.78
CA LEU C 107 -15.50 -42.06 46.29
C LEU C 107 -15.42 -42.48 47.75
N LEU C 108 -16.51 -42.25 48.49
CA LEU C 108 -16.60 -42.66 49.88
C LEU C 108 -18.05 -43.04 50.15
N ILE C 109 -18.35 -44.33 50.02
CA ILE C 109 -19.67 -44.87 50.31
C ILE C 109 -19.57 -45.51 51.69
N VAL C 110 -19.89 -44.73 52.72
CA VAL C 110 -19.75 -45.15 54.11
C VAL C 110 -21.11 -45.09 54.78
N ASN C 111 -21.40 -46.10 55.60
CA ASN C 111 -22.67 -46.24 56.30
C ASN C 111 -22.43 -46.11 57.80
N ASN C 112 -23.11 -45.17 58.43
CA ASN C 112 -23.05 -45.03 59.87
C ASN C 112 -24.34 -45.58 60.48
N ALA C 113 -24.46 -45.50 61.81
CA ALA C 113 -25.63 -45.98 62.51
C ALA C 113 -26.83 -45.04 62.38
N THR C 114 -26.62 -43.82 61.88
CA THR C 114 -27.70 -42.84 61.77
C THR C 114 -28.20 -42.66 60.34
N ASN C 115 -27.30 -42.35 59.41
CA ASN C 115 -27.70 -42.10 58.04
C ASN C 115 -26.61 -42.59 57.09
N VAL C 116 -27.00 -42.82 55.85
CA VAL C 116 -26.09 -43.29 54.80
C VAL C 116 -25.68 -42.10 53.95
N VAL C 117 -24.39 -41.80 53.93
CA VAL C 117 -23.84 -40.70 53.15
C VAL C 117 -22.94 -41.28 52.07
N ILE C 118 -23.07 -40.77 50.86
CA ILE C 118 -22.22 -41.16 49.74
C ILE C 118 -21.57 -39.87 49.21
N LYS C 119 -20.37 -39.59 49.67
CA LYS C 119 -19.65 -38.38 49.31
C LYS C 119 -18.56 -38.74 48.31
N VAL C 120 -18.73 -38.29 47.07
CA VAL C 120 -17.77 -38.55 46.00
C VAL C 120 -16.92 -37.30 45.88
N CYS C 121 -15.81 -37.27 46.63
CA CYS C 121 -14.95 -36.09 46.66
C CYS C 121 -13.48 -36.54 46.72
N GLU C 122 -12.59 -35.55 46.71
CA GLU C 122 -11.14 -35.81 46.70
C GLU C 122 -10.61 -35.82 48.13
N PHE C 123 -10.94 -36.89 48.84
CA PHE C 123 -10.48 -37.05 50.21
C PHE C 123 -9.01 -37.44 50.25
N GLN C 124 -8.35 -37.09 51.35
CA GLN C 124 -6.96 -37.48 51.58
C GLN C 124 -6.98 -38.84 52.28
N PHE C 125 -6.93 -39.91 51.48
CA PHE C 125 -7.00 -41.25 52.01
C PHE C 125 -5.62 -41.68 52.52
N CYS C 126 -5.61 -42.22 53.74
CA CYS C 126 -4.38 -42.68 54.36
C CYS C 126 -4.06 -44.11 53.89
N ASN C 127 -3.07 -44.74 54.52
CA ASN C 127 -2.66 -46.08 54.12
C ASN C 127 -3.71 -47.12 54.48
N ASP C 128 -4.40 -46.94 55.61
CA ASP C 128 -5.36 -47.95 56.10
C ASP C 128 -6.47 -47.29 56.91
N PRO C 129 -7.44 -46.67 56.23
CA PRO C 129 -8.57 -46.08 56.95
C PRO C 129 -9.43 -47.14 57.62
N PHE C 130 -9.98 -46.79 58.78
CA PHE C 130 -10.77 -47.73 59.57
C PHE C 130 -11.70 -46.94 60.49
N LEU C 131 -12.68 -47.65 61.03
CA LEU C 131 -13.62 -47.09 62.00
C LEU C 131 -13.31 -47.64 63.38
N GLY C 132 -13.29 -46.78 64.38
CA GLY C 132 -12.97 -47.17 65.74
C GLY C 132 -14.21 -47.09 66.62
N VAL C 133 -14.47 -48.18 67.34
CA VAL C 133 -15.58 -48.29 68.27
C VAL C 133 -15.01 -48.45 69.68
N TYR C 134 -15.44 -47.58 70.59
CA TYR C 134 -14.96 -47.57 71.96
C TYR C 134 -16.10 -47.90 72.91
N TYR C 135 -15.82 -48.74 73.90
CA TYR C 135 -16.81 -49.15 74.88
C TYR C 135 -16.76 -48.21 76.08
N HIS C 136 -17.87 -47.54 76.36
CA HIS C 136 -17.94 -46.64 77.50
C HIS C 136 -18.01 -47.43 78.80
N LYS C 137 -17.54 -46.79 79.88
CA LYS C 137 -17.56 -47.45 81.18
C LYS C 137 -18.92 -47.27 81.87
N ASN C 138 -19.40 -46.03 81.97
CA ASN C 138 -20.68 -45.78 82.62
C ASN C 138 -21.85 -46.24 81.77
N ASN C 139 -21.72 -46.18 80.44
CA ASN C 139 -22.77 -46.59 79.52
C ASN C 139 -22.44 -47.94 78.93
N LYS C 140 -23.36 -48.90 79.07
CA LYS C 140 -23.18 -50.25 78.53
C LYS C 140 -23.67 -50.33 77.09
N SER C 141 -23.06 -49.48 76.24
CA SER C 141 -23.39 -49.45 74.83
C SER C 141 -22.14 -49.11 74.04
N TRP C 142 -22.06 -49.62 72.81
CA TRP C 142 -20.92 -49.41 71.94
C TRP C 142 -21.22 -48.26 70.98
N MET C 143 -20.29 -47.31 70.90
CA MET C 143 -20.44 -46.16 70.01
C MET C 143 -19.14 -45.91 69.27
N GLU C 144 -19.25 -45.26 68.12
CA GLU C 144 -18.10 -45.00 67.25
C GLU C 144 -17.51 -43.64 67.63
N SER C 145 -16.22 -43.62 67.96
CA SER C 145 -15.53 -42.40 68.36
C SER C 145 -14.33 -42.08 67.49
N GLU C 146 -13.54 -43.08 67.09
CA GLU C 146 -12.35 -42.86 66.28
C GLU C 146 -12.76 -42.81 64.82
N PHE C 147 -13.01 -41.59 64.32
CA PHE C 147 -13.41 -41.37 62.94
C PHE C 147 -12.17 -40.95 62.15
N ARG C 148 -11.41 -41.95 61.71
CA ARG C 148 -10.16 -41.74 60.98
C ARG C 148 -10.28 -42.46 59.64
N VAL C 149 -10.87 -41.79 58.65
CA VAL C 149 -11.01 -42.37 57.32
C VAL C 149 -10.40 -41.46 56.26
N TYR C 150 -10.30 -40.16 56.56
CA TYR C 150 -9.62 -39.22 55.67
C TYR C 150 -9.21 -38.00 56.48
N SER C 151 -8.43 -37.15 55.85
CA SER C 151 -7.99 -35.90 56.47
C SER C 151 -8.90 -34.73 56.06
N SER C 152 -8.99 -34.44 54.77
CA SER C 152 -9.79 -33.34 54.27
C SER C 152 -10.09 -33.56 52.80
N ALA C 153 -11.03 -32.78 52.28
CA ALA C 153 -11.40 -32.79 50.87
C ALA C 153 -11.07 -31.45 50.23
N ASN C 154 -11.01 -31.43 48.91
CA ASN C 154 -10.62 -30.25 48.17
C ASN C 154 -11.75 -29.68 47.32
N ASN C 155 -12.33 -30.46 46.42
CA ASN C 155 -13.31 -29.93 45.48
C ASN C 155 -14.07 -31.10 44.84
N CYS C 156 -15.39 -30.98 44.76
CA CYS C 156 -16.21 -32.05 44.22
C CYS C 156 -17.59 -31.52 43.85
N THR C 157 -18.34 -32.35 43.11
CA THR C 157 -19.65 -32.00 42.61
C THR C 157 -20.78 -32.85 43.18
N PHE C 158 -20.52 -34.12 43.49
CA PHE C 158 -21.56 -35.08 43.84
C PHE C 158 -21.57 -35.33 45.34
N GLU C 159 -22.76 -35.28 45.93
CA GLU C 159 -22.94 -35.60 47.35
C GLU C 159 -24.38 -36.05 47.55
N TYR C 160 -24.58 -37.34 47.80
CA TYR C 160 -25.90 -37.93 47.94
C TYR C 160 -26.04 -38.60 49.29
N VAL C 161 -27.19 -38.39 49.93
CA VAL C 161 -27.53 -39.01 51.21
C VAL C 161 -28.68 -39.97 50.97
N SER C 162 -28.47 -41.24 51.31
CA SER C 162 -29.47 -42.27 51.09
C SER C 162 -30.43 -42.31 52.28
N GLN C 163 -31.31 -43.32 52.30
CA GLN C 163 -32.27 -43.45 53.39
C GLN C 163 -31.55 -43.88 54.68
N PRO C 164 -32.07 -43.48 55.83
CA PRO C 164 -31.45 -43.89 57.09
C PRO C 164 -31.56 -45.40 57.31
N PHE C 165 -30.55 -45.94 57.98
CA PHE C 165 -30.48 -47.37 58.27
C PHE C 165 -29.97 -47.56 59.69
N LEU C 166 -30.74 -48.27 60.51
CA LEU C 166 -30.31 -48.59 61.87
C LEU C 166 -29.23 -49.65 61.85
N MET C 167 -28.31 -49.54 62.82
CA MET C 167 -27.16 -50.43 62.88
C MET C 167 -26.90 -50.84 64.31
N ASP C 168 -26.26 -51.99 64.48
CA ASP C 168 -25.88 -52.52 65.78
C ASP C 168 -24.37 -52.52 65.90
N LEU C 169 -23.85 -51.90 66.96
CA LEU C 169 -22.41 -51.77 67.16
C LEU C 169 -21.83 -52.84 68.06
N GLU C 170 -22.63 -53.82 68.49
CA GLU C 170 -22.16 -54.89 69.36
C GLU C 170 -21.61 -56.03 68.50
N GLY C 171 -20.34 -56.35 68.69
CA GLY C 171 -19.69 -57.41 67.93
C GLY C 171 -19.46 -58.66 68.76
N LYS C 172 -19.96 -59.79 68.29
CA LYS C 172 -19.88 -61.06 69.00
C LYS C 172 -19.00 -62.03 68.22
N GLN C 173 -18.86 -63.24 68.78
CA GLN C 173 -18.06 -64.30 68.18
C GLN C 173 -18.90 -65.50 67.76
N GLY C 174 -20.22 -65.35 67.71
CA GLY C 174 -21.11 -66.44 67.38
C GLY C 174 -21.23 -66.66 65.88
N ASN C 175 -22.11 -67.60 65.53
CA ASN C 175 -22.35 -67.93 64.14
C ASN C 175 -23.14 -66.82 63.45
N PHE C 176 -22.98 -66.74 62.14
CA PHE C 176 -23.65 -65.70 61.35
C PHE C 176 -25.12 -66.02 61.16
N LYS C 177 -25.93 -64.96 61.03
CA LYS C 177 -27.36 -65.10 60.87
C LYS C 177 -27.92 -64.40 59.63
N ASN C 178 -27.13 -63.55 58.96
CA ASN C 178 -27.58 -62.85 57.78
C ASN C 178 -26.48 -62.90 56.73
N LEU C 179 -26.88 -62.70 55.46
CA LEU C 179 -25.96 -62.66 54.34
C LEU C 179 -26.28 -61.46 53.46
N ARG C 180 -25.29 -60.62 53.21
CA ARG C 180 -25.45 -59.42 52.39
C ARG C 180 -24.53 -59.50 51.19
N GLU C 181 -25.08 -59.28 50.00
CA GLU C 181 -24.32 -59.28 48.75
C GLU C 181 -24.40 -57.90 48.10
N PHE C 182 -23.28 -57.46 47.55
CA PHE C 182 -23.19 -56.17 46.88
C PHE C 182 -22.47 -56.33 45.55
N VAL C 183 -22.97 -55.65 44.53
CA VAL C 183 -22.34 -55.66 43.20
C VAL C 183 -22.13 -54.22 42.78
N PHE C 184 -20.87 -53.86 42.51
CA PHE C 184 -20.51 -52.52 42.05
C PHE C 184 -19.91 -52.63 40.65
N LYS C 185 -20.43 -51.84 39.72
CA LYS C 185 -19.95 -51.84 38.34
C LYS C 185 -19.98 -50.43 37.80
N ASN C 186 -18.99 -50.10 36.96
CA ASN C 186 -18.87 -48.77 36.35
C ASN C 186 -18.86 -48.91 34.84
N ILE C 187 -19.98 -48.57 34.21
CA ILE C 187 -20.13 -48.55 32.77
C ILE C 187 -20.59 -47.15 32.39
N ASP C 188 -20.12 -46.66 31.23
CA ASP C 188 -20.37 -45.37 30.59
C ASP C 188 -20.44 -44.20 31.59
N GLY C 189 -19.53 -44.22 32.57
CA GLY C 189 -19.49 -43.18 33.58
C GLY C 189 -20.71 -43.14 34.48
N TYR C 190 -21.19 -44.32 34.89
CA TYR C 190 -22.41 -44.41 35.67
C TYR C 190 -22.25 -45.52 36.70
N PHE C 191 -22.66 -45.25 37.94
CA PHE C 191 -22.43 -46.16 39.06
C PHE C 191 -23.70 -46.94 39.37
N LYS C 192 -23.55 -48.26 39.52
CA LYS C 192 -24.66 -49.15 39.84
C LYS C 192 -24.38 -49.86 41.16
N ILE C 193 -25.41 -49.95 42.00
CA ILE C 193 -25.35 -50.69 43.26
C ILE C 193 -26.52 -51.65 43.29
N TYR C 194 -26.22 -52.95 43.39
CA TYR C 194 -27.23 -54.00 43.52
C TYR C 194 -27.00 -54.74 44.82
N SER C 195 -28.05 -54.87 45.63
CA SER C 195 -27.91 -55.53 46.92
C SER C 195 -29.25 -56.13 47.34
N LYS C 196 -29.17 -57.16 48.18
CA LYS C 196 -30.35 -57.82 48.74
C LYS C 196 -29.91 -58.59 49.97
N HIS C 197 -30.69 -58.47 51.05
CA HIS C 197 -30.39 -59.15 52.30
C HIS C 197 -31.10 -60.50 52.33
N THR C 198 -30.35 -61.56 52.53
CA THR C 198 -30.89 -62.92 52.58
C THR C 198 -30.46 -63.59 53.87
N PRO C 199 -31.39 -63.91 54.77
CA PRO C 199 -31.01 -64.62 56.00
C PRO C 199 -30.54 -66.04 55.72
N ILE C 200 -29.60 -66.49 56.55
CA ILE C 200 -29.03 -67.83 56.42
C ILE C 200 -28.42 -68.21 57.77
N ASN C 201 -28.27 -69.50 58.00
CA ASN C 201 -27.63 -70.02 59.20
C ASN C 201 -26.47 -70.92 58.75
N LEU C 202 -25.33 -70.30 58.51
CA LEU C 202 -24.17 -71.02 57.98
C LEU C 202 -22.92 -70.18 58.21
N VAL C 203 -21.78 -70.85 58.35
CA VAL C 203 -20.51 -70.18 58.58
C VAL C 203 -19.76 -70.04 57.27
N ARG C 204 -19.41 -71.17 56.66
CA ARG C 204 -18.61 -71.21 55.44
C ARG C 204 -19.31 -72.09 54.41
N ASP C 205 -18.74 -72.12 53.20
CA ASP C 205 -19.24 -72.92 52.08
C ASP C 205 -20.68 -72.53 51.73
N LEU C 206 -20.80 -71.29 51.23
CA LEU C 206 -22.03 -70.59 50.87
C LEU C 206 -23.05 -71.48 50.18
N PRO C 207 -24.33 -71.37 50.52
CA PRO C 207 -25.31 -72.34 50.02
C PRO C 207 -25.54 -72.21 48.52
N GLN C 208 -26.10 -73.28 47.97
CA GLN C 208 -26.36 -73.39 46.53
C GLN C 208 -27.69 -72.76 46.12
N GLY C 209 -28.40 -72.13 47.06
CA GLY C 209 -29.66 -71.51 46.73
C GLY C 209 -29.50 -70.29 45.84
N PHE C 210 -30.60 -69.91 45.21
CA PHE C 210 -30.62 -68.82 44.25
C PHE C 210 -31.31 -67.60 44.86
N SER C 211 -30.69 -66.43 44.67
CA SER C 211 -31.27 -65.18 45.17
C SER C 211 -30.81 -64.05 44.26
N ALA C 212 -31.78 -63.36 43.65
CA ALA C 212 -31.46 -62.25 42.77
C ALA C 212 -31.16 -61.00 43.58
N LEU C 213 -30.55 -60.01 42.90
CA LEU C 213 -30.17 -58.75 43.52
C LEU C 213 -30.87 -57.60 42.81
N GLU C 214 -31.53 -56.75 43.58
CA GLU C 214 -32.26 -55.61 43.06
C GLU C 214 -31.52 -54.31 43.36
N PRO C 215 -31.53 -53.33 42.44
CA PRO C 215 -30.86 -52.07 42.72
C PRO C 215 -31.60 -51.25 43.77
N LEU C 216 -30.83 -50.46 44.52
CA LEU C 216 -31.37 -49.59 45.56
C LEU C 216 -31.21 -48.11 45.23
N VAL C 217 -29.98 -47.66 44.94
CA VAL C 217 -29.72 -46.27 44.60
C VAL C 217 -28.97 -46.21 43.28
N ASP C 218 -29.12 -45.10 42.57
CA ASP C 218 -28.52 -44.90 41.26
C ASP C 218 -27.68 -43.62 41.30
N LEU C 219 -26.43 -43.73 40.86
CA LEU C 219 -25.43 -42.68 41.05
C LEU C 219 -24.78 -42.28 39.72
N PRO C 220 -25.20 -41.17 39.11
CA PRO C 220 -24.52 -40.63 37.91
C PRO C 220 -23.38 -39.64 38.19
N ILE C 221 -22.20 -40.17 38.52
CA ILE C 221 -21.05 -39.30 38.77
C ILE C 221 -20.42 -38.86 37.46
N GLY C 222 -19.92 -39.82 36.66
CA GLY C 222 -19.31 -39.50 35.40
C GLY C 222 -17.79 -39.59 35.38
N ILE C 223 -17.25 -40.58 36.07
CA ILE C 223 -15.80 -40.80 36.14
C ILE C 223 -15.52 -42.29 35.93
N ASN C 224 -14.24 -42.64 36.03
CA ASN C 224 -13.79 -44.02 35.92
C ASN C 224 -13.04 -44.42 37.19
N ILE C 225 -13.18 -45.69 37.56
CA ILE C 225 -12.57 -46.24 38.78
C ILE C 225 -11.74 -47.46 38.39
N THR C 226 -10.52 -47.55 38.93
CA THR C 226 -9.64 -48.67 38.67
C THR C 226 -9.19 -49.42 39.91
N ARG C 227 -9.45 -48.88 41.11
CA ARG C 227 -9.06 -49.54 42.36
C ARG C 227 -10.16 -49.34 43.38
N PHE C 228 -10.23 -50.25 44.35
CA PHE C 228 -11.22 -50.17 45.41
C PHE C 228 -10.67 -50.82 46.67
N GLN C 229 -11.28 -50.48 47.80
CA GLN C 229 -10.85 -50.98 49.09
C GLN C 229 -12.02 -50.92 50.07
N THR C 230 -12.13 -51.93 50.93
CA THR C 230 -13.23 -52.03 51.87
C THR C 230 -12.78 -51.61 53.27
N LEU C 231 -13.75 -51.20 54.08
CA LEU C 231 -13.49 -50.68 55.42
C LEU C 231 -14.08 -51.60 56.47
N LEU C 232 -13.36 -51.74 57.58
CA LEU C 232 -13.80 -52.57 58.70
C LEU C 232 -13.75 -51.74 59.98
N ALA C 233 -14.55 -52.17 60.97
CA ALA C 233 -14.62 -51.51 62.26
C ALA C 233 -14.18 -52.46 63.35
N LEU C 234 -13.26 -52.01 64.20
CA LEU C 234 -12.78 -52.77 65.34
C LEU C 234 -13.36 -52.23 66.63
N HIS C 235 -13.25 -53.02 67.69
CA HIS C 235 -13.80 -52.67 68.99
C HIS C 235 -12.67 -52.44 70.00
N ARG C 236 -12.89 -51.49 70.90
CA ARG C 236 -11.94 -51.14 71.95
C ARG C 236 -12.62 -51.37 73.29
N SER C 237 -12.52 -52.59 73.81
CA SER C 237 -13.15 -52.95 75.07
C SER C 237 -12.16 -52.73 76.22
N TYR C 238 -12.54 -53.18 77.42
CA TYR C 238 -11.65 -53.06 78.58
C TYR C 238 -10.52 -54.08 78.55
N LEU C 239 -10.65 -55.15 77.78
CA LEU C 239 -9.58 -56.14 77.69
C LEU C 239 -8.36 -55.59 76.97
N THR C 240 -8.58 -54.94 75.83
CA THR C 240 -7.48 -54.35 75.09
C THR C 240 -7.00 -53.06 75.78
N PRO C 241 -5.71 -52.73 75.69
CA PRO C 241 -5.22 -51.47 76.25
C PRO C 241 -5.82 -50.24 75.60
N GLY C 242 -6.33 -50.35 74.37
CA GLY C 242 -6.95 -49.24 73.68
C GLY C 242 -6.10 -48.55 72.64
N ASP C 243 -4.89 -49.05 72.38
CA ASP C 243 -4.02 -48.49 71.36
C ASP C 243 -4.11 -49.34 70.09
N SER C 244 -4.12 -48.67 68.95
CA SER C 244 -4.23 -49.35 67.65
C SER C 244 -2.85 -49.71 67.10
N SER C 245 -2.05 -50.42 67.91
CA SER C 245 -0.73 -50.88 67.48
C SER C 245 -0.67 -52.41 67.45
N SER C 246 -0.97 -53.09 68.56
CA SER C 246 -0.95 -54.54 68.59
C SER C 246 -2.14 -55.17 69.30
N GLY C 247 -2.92 -54.42 70.06
CA GLY C 247 -4.05 -54.98 70.77
C GLY C 247 -5.39 -54.46 70.31
N TRP C 248 -6.18 -55.32 69.67
CA TRP C 248 -7.50 -54.94 69.18
C TRP C 248 -8.33 -56.21 68.98
N THR C 249 -9.62 -56.01 68.84
CA THR C 249 -10.55 -57.09 68.51
C THR C 249 -11.47 -56.64 67.38
N ALA C 250 -11.86 -57.60 66.53
CA ALA C 250 -12.71 -57.31 65.39
C ALA C 250 -13.96 -58.18 65.35
N GLY C 251 -14.20 -58.97 66.39
CA GLY C 251 -15.37 -59.84 66.39
C GLY C 251 -15.20 -60.98 65.40
N ALA C 252 -16.23 -61.22 64.59
CA ALA C 252 -16.21 -62.27 63.58
C ALA C 252 -16.94 -61.76 62.35
N ALA C 253 -16.20 -61.43 61.30
CA ALA C 253 -16.76 -60.93 60.06
C ALA C 253 -16.19 -61.71 58.89
N ALA C 254 -16.86 -61.59 57.74
CA ALA C 254 -16.46 -62.32 56.55
C ALA C 254 -16.98 -61.59 55.32
N TYR C 255 -16.11 -61.43 54.31
CA TYR C 255 -16.49 -60.79 53.06
C TYR C 255 -15.75 -61.45 51.92
N TYR C 256 -16.47 -61.69 50.82
CA TYR C 256 -15.91 -62.31 49.62
C TYR C 256 -15.88 -61.29 48.49
N VAL C 257 -14.77 -61.25 47.76
CA VAL C 257 -14.58 -60.32 46.66
C VAL C 257 -14.44 -61.14 45.38
N GLY C 258 -15.31 -60.87 44.41
CA GLY C 258 -15.24 -61.53 43.12
C GLY C 258 -15.36 -60.55 41.99
N TYR C 259 -14.75 -60.89 40.86
CA TYR C 259 -14.71 -60.04 39.69
C TYR C 259 -15.70 -60.54 38.64
N LEU C 260 -16.44 -59.61 38.04
CA LEU C 260 -17.42 -59.93 37.01
C LEU C 260 -16.74 -60.00 35.66
N GLN C 261 -17.21 -60.91 34.80
CA GLN C 261 -16.72 -61.06 33.45
C GLN C 261 -17.86 -60.92 32.46
N PRO C 262 -17.59 -60.37 31.27
CA PRO C 262 -18.68 -60.20 30.29
C PRO C 262 -19.11 -61.51 29.66
N ARG C 263 -20.26 -62.02 30.08
CA ARG C 263 -20.82 -63.25 29.53
C ARG C 263 -22.30 -63.07 29.29
N THR C 264 -22.80 -63.68 28.21
CA THR C 264 -24.24 -63.70 27.97
C THR C 264 -24.91 -64.61 28.98
N PHE C 265 -25.85 -64.07 29.74
CA PHE C 265 -26.55 -64.80 30.79
C PHE C 265 -28.02 -64.97 30.40
N LEU C 266 -28.50 -66.20 30.51
CA LEU C 266 -29.89 -66.52 30.24
C LEU C 266 -30.67 -66.52 31.55
N LEU C 267 -31.76 -65.79 31.59
CA LEU C 267 -32.50 -65.53 32.83
C LEU C 267 -33.87 -66.19 32.78
N LYS C 268 -34.28 -66.77 33.91
CA LYS C 268 -35.59 -67.40 34.05
C LYS C 268 -36.50 -66.49 34.86
N TYR C 269 -37.75 -66.35 34.39
CA TYR C 269 -38.73 -65.52 35.05
C TYR C 269 -40.02 -66.32 35.27
N ASN C 270 -40.64 -66.10 36.43
CA ASN C 270 -41.88 -66.77 36.79
C ASN C 270 -43.06 -65.85 36.53
N GLU C 271 -44.24 -66.26 36.98
CA GLU C 271 -45.43 -65.41 36.83
C GLU C 271 -45.32 -64.14 37.67
N ASN C 272 -44.68 -64.22 38.84
CA ASN C 272 -44.51 -63.04 39.68
C ASN C 272 -43.41 -62.10 39.18
N GLY C 273 -42.59 -62.55 38.24
CA GLY C 273 -41.57 -61.70 37.65
C GLY C 273 -40.22 -61.71 38.33
N THR C 274 -40.02 -62.58 39.33
CA THR C 274 -38.73 -62.67 39.99
C THR C 274 -37.86 -63.74 39.33
N ILE C 275 -36.55 -63.59 39.51
CA ILE C 275 -35.59 -64.51 38.90
C ILE C 275 -35.50 -65.77 39.76
N THR C 276 -35.64 -66.93 39.12
CA THR C 276 -35.56 -68.21 39.80
C THR C 276 -34.25 -68.95 39.51
N ASP C 277 -33.82 -68.99 38.25
CA ASP C 277 -32.57 -69.63 37.87
C ASP C 277 -31.91 -68.84 36.76
N ALA C 278 -30.60 -69.06 36.60
CA ALA C 278 -29.82 -68.40 35.57
C ALA C 278 -28.65 -69.30 35.18
N VAL C 279 -28.07 -69.02 34.02
CA VAL C 279 -26.95 -69.81 33.51
C VAL C 279 -26.01 -68.88 32.75
N ASP C 280 -24.73 -69.21 32.77
CA ASP C 280 -23.68 -68.47 32.06
C ASP C 280 -23.54 -68.96 30.63
N CYS C 281 -22.73 -68.24 29.84
CA CYS C 281 -22.29 -68.74 28.54
C CYS C 281 -20.91 -68.14 28.24
N ALA C 282 -19.87 -68.87 28.66
CA ALA C 282 -18.48 -68.77 28.17
C ALA C 282 -17.63 -69.81 28.88
N LEU C 283 -16.54 -70.24 28.22
CA LEU C 283 -15.57 -71.17 28.78
C LEU C 283 -16.20 -72.49 29.24
N ASP C 284 -17.33 -72.84 28.64
CA ASP C 284 -18.05 -74.07 28.94
C ASP C 284 -18.91 -74.44 27.74
N PRO C 285 -18.62 -75.57 27.09
CA PRO C 285 -19.43 -75.96 25.92
C PRO C 285 -20.91 -76.18 26.23
N LEU C 286 -21.24 -76.70 27.42
CA LEU C 286 -22.64 -76.81 27.80
C LEU C 286 -23.28 -75.44 27.95
N SER C 287 -22.55 -74.48 28.54
CA SER C 287 -23.06 -73.12 28.66
C SER C 287 -23.23 -72.47 27.30
N GLU C 288 -22.29 -72.72 26.37
CA GLU C 288 -22.43 -72.18 25.02
C GLU C 288 -23.63 -72.78 24.30
N THR C 289 -23.87 -74.08 24.47
CA THR C 289 -25.05 -74.71 23.89
C THR C 289 -26.33 -74.13 24.48
N LYS C 290 -26.34 -73.90 25.80
CA LYS C 290 -27.52 -73.31 26.44
C LYS C 290 -27.79 -71.90 25.96
N CYS C 291 -26.74 -71.09 25.81
CA CYS C 291 -26.94 -69.69 25.42
C CYS C 291 -27.25 -69.53 23.94
N THR C 292 -26.67 -70.37 23.07
CA THR C 292 -26.95 -70.25 21.64
C THR C 292 -28.36 -70.70 21.31
N LEU C 293 -28.92 -71.65 22.05
CA LEU C 293 -30.26 -72.13 21.79
C LEU C 293 -31.35 -71.26 22.42
N LYS C 294 -30.96 -70.29 23.27
CA LYS C 294 -31.89 -69.36 23.93
C LYS C 294 -32.95 -70.10 24.73
N SER C 295 -32.55 -71.18 25.39
CA SER C 295 -33.48 -71.98 26.19
C SER C 295 -32.71 -72.64 27.32
N PHE C 296 -33.35 -72.71 28.50
CA PHE C 296 -32.73 -73.35 29.65
C PHE C 296 -32.56 -74.85 29.45
N THR C 297 -33.44 -75.47 28.67
CA THR C 297 -33.47 -76.91 28.50
C THR C 297 -32.77 -77.30 27.20
N VAL C 298 -31.80 -78.20 27.29
CA VAL C 298 -31.10 -78.75 26.14
C VAL C 298 -31.38 -80.24 26.08
N GLU C 299 -31.92 -80.69 24.95
CA GLU C 299 -32.25 -82.09 24.75
C GLU C 299 -31.07 -82.83 24.11
N LYS C 300 -31.20 -84.15 24.05
CA LYS C 300 -30.15 -84.97 23.45
C LYS C 300 -30.08 -84.74 21.95
N GLY C 301 -28.87 -84.67 21.43
CA GLY C 301 -28.66 -84.42 20.01
C GLY C 301 -27.37 -83.66 19.79
N ILE C 302 -27.13 -83.33 18.53
CA ILE C 302 -25.94 -82.59 18.12
C ILE C 302 -26.28 -81.12 18.00
N TYR C 303 -25.29 -80.27 18.27
CA TYR C 303 -25.48 -78.82 18.22
C TYR C 303 -24.19 -78.17 17.76
N GLN C 304 -24.32 -77.08 17.02
CA GLN C 304 -23.19 -76.28 16.57
C GLN C 304 -23.24 -74.91 17.24
N THR C 305 -22.14 -74.54 17.89
CA THR C 305 -22.07 -73.29 18.64
C THR C 305 -21.23 -72.22 17.96
N SER C 306 -19.99 -72.53 17.62
CA SER C 306 -19.09 -71.56 17.03
C SER C 306 -18.13 -72.29 16.09
N ASN C 307 -17.05 -71.62 15.70
CA ASN C 307 -16.07 -72.18 14.78
C ASN C 307 -14.68 -72.10 15.41
N PHE C 308 -13.82 -73.03 15.00
CA PHE C 308 -12.45 -73.10 15.48
C PHE C 308 -11.52 -72.59 14.40
N ARG C 309 -10.74 -71.55 14.73
CA ARG C 309 -9.78 -70.95 13.80
C ARG C 309 -8.38 -71.03 14.40
N VAL C 310 -7.44 -71.58 13.62
CA VAL C 310 -6.05 -71.69 14.06
C VAL C 310 -5.33 -70.43 13.60
N GLN C 311 -5.12 -69.50 14.51
CA GLN C 311 -4.47 -68.25 14.18
C GLN C 311 -2.96 -68.45 14.13
N PRO C 312 -2.30 -68.09 13.02
CA PRO C 312 -0.84 -68.20 12.97
C PRO C 312 -0.18 -67.22 13.92
N THR C 313 0.98 -67.62 14.43
CA THR C 313 1.71 -66.83 15.41
C THR C 313 2.98 -66.18 14.87
N GLU C 314 3.45 -66.59 13.69
CA GLU C 314 4.66 -66.04 13.11
C GLU C 314 4.42 -65.72 11.64
N SER C 315 5.17 -64.74 11.13
CA SER C 315 5.10 -64.32 9.74
C SER C 315 6.51 -64.21 9.19
N ILE C 316 6.70 -64.74 7.98
CA ILE C 316 7.99 -64.73 7.31
C ILE C 316 7.81 -64.11 5.92
N VAL C 317 8.72 -63.22 5.55
CA VAL C 317 8.77 -62.65 4.21
C VAL C 317 10.19 -62.80 3.67
N ARG C 318 10.30 -63.37 2.46
CA ARG C 318 11.59 -63.63 1.82
C ARG C 318 11.41 -63.37 0.32
N PHE C 319 11.72 -62.15 -0.11
CA PHE C 319 11.59 -61.85 -1.53
C PHE C 319 12.75 -62.46 -2.32
N PRO C 320 14.05 -62.13 -2.03
CA PRO C 320 15.12 -62.77 -2.81
C PRO C 320 15.68 -64.02 -2.14
N ASN C 321 16.68 -64.62 -2.76
CA ASN C 321 17.52 -65.61 -2.08
C ASN C 321 18.73 -64.95 -1.42
N ILE C 322 19.24 -63.88 -2.03
CA ILE C 322 20.37 -63.13 -1.50
C ILE C 322 20.32 -61.75 -2.13
N THR C 323 20.85 -60.75 -1.41
CA THR C 323 20.84 -59.39 -1.92
C THR C 323 21.78 -59.26 -3.10
N ASN C 324 21.25 -58.72 -4.22
CA ASN C 324 22.02 -58.56 -5.45
C ASN C 324 21.66 -57.21 -6.05
N LEU C 325 22.52 -56.22 -5.83
CA LEU C 325 22.26 -54.87 -6.31
C LEU C 325 22.39 -54.79 -7.84
N CYS C 326 21.66 -53.82 -8.43
CA CYS C 326 21.69 -53.54 -9.85
C CYS C 326 22.75 -52.50 -10.17
N PRO C 327 23.30 -52.51 -11.39
CA PRO C 327 24.33 -51.52 -11.74
C PRO C 327 23.77 -50.11 -11.75
N PHE C 328 24.34 -49.25 -10.89
CA PHE C 328 23.90 -47.87 -10.77
C PHE C 328 25.06 -46.90 -10.63
N GLY C 329 26.28 -47.32 -10.96
CA GLY C 329 27.45 -46.48 -10.76
C GLY C 329 27.59 -45.33 -11.74
N GLU C 330 26.76 -45.29 -12.79
CA GLU C 330 26.87 -44.24 -13.79
C GLU C 330 26.28 -42.91 -13.32
N VAL C 331 25.47 -42.92 -12.25
CA VAL C 331 24.93 -41.68 -11.71
C VAL C 331 25.86 -41.03 -10.71
N PHE C 332 26.92 -41.72 -10.30
CA PHE C 332 27.93 -41.17 -9.40
C PHE C 332 29.29 -41.07 -10.06
N ASN C 333 29.78 -42.16 -10.67
CA ASN C 333 31.05 -42.18 -11.36
C ASN C 333 30.77 -42.14 -12.86
N ALA C 334 31.06 -41.00 -13.49
CA ALA C 334 30.80 -40.84 -14.92
C ALA C 334 31.77 -39.81 -15.49
N THR C 335 31.87 -39.79 -16.82
CA THR C 335 32.76 -38.85 -17.49
C THR C 335 32.29 -37.41 -17.28
N ARG C 336 30.98 -37.16 -17.40
CA ARG C 336 30.45 -35.83 -17.22
C ARG C 336 28.99 -35.93 -16.80
N PHE C 337 28.48 -34.84 -16.24
CA PHE C 337 27.10 -34.75 -15.77
C PHE C 337 26.36 -33.67 -16.55
N ALA C 338 25.14 -33.38 -16.13
CA ALA C 338 24.31 -32.36 -16.75
C ALA C 338 24.27 -31.12 -15.87
N SER C 339 23.64 -30.07 -16.41
CA SER C 339 23.54 -28.79 -15.73
C SER C 339 22.26 -28.74 -14.89
N VAL C 340 21.93 -27.56 -14.36
CA VAL C 340 20.73 -27.42 -13.54
C VAL C 340 19.51 -27.05 -14.35
N TYR C 341 19.68 -26.47 -15.53
CA TYR C 341 18.52 -26.13 -16.37
C TYR C 341 17.89 -27.39 -16.97
N ALA C 342 18.69 -28.42 -17.22
CA ALA C 342 18.20 -29.72 -17.70
C ALA C 342 19.06 -30.78 -17.02
N TRP C 343 18.58 -31.27 -15.88
CA TRP C 343 19.32 -32.24 -15.09
C TRP C 343 18.89 -33.67 -15.43
N ASN C 344 19.77 -34.61 -15.15
CA ASN C 344 19.48 -36.01 -15.40
C ASN C 344 18.44 -36.52 -14.41
N ARG C 345 17.40 -37.17 -14.92
CA ARG C 345 16.35 -37.77 -14.11
C ARG C 345 16.44 -39.28 -14.22
N LYS C 346 16.58 -39.94 -13.08
CA LYS C 346 16.74 -41.40 -13.04
C LYS C 346 15.66 -42.01 -12.18
N ARG C 347 15.12 -43.14 -12.65
CA ARG C 347 14.08 -43.87 -11.95
C ARG C 347 14.60 -45.24 -11.58
N ILE C 348 14.40 -45.63 -10.31
CA ILE C 348 14.85 -46.92 -9.80
C ILE C 348 13.62 -47.79 -9.58
N SER C 349 13.55 -48.90 -10.30
CA SER C 349 12.43 -49.82 -10.20
C SER C 349 12.93 -51.25 -10.39
N ASN C 350 12.29 -52.18 -9.68
CA ASN C 350 12.60 -53.61 -9.74
C ASN C 350 14.06 -53.89 -9.40
N CYS C 351 14.59 -53.16 -8.43
CA CYS C 351 15.98 -53.33 -7.99
C CYS C 351 16.05 -53.20 -6.49
N VAL C 352 16.75 -54.14 -5.84
CA VAL C 352 17.01 -54.05 -4.42
C VAL C 352 18.18 -53.09 -4.20
N ALA C 353 18.03 -52.21 -3.20
CA ALA C 353 19.01 -51.16 -2.96
C ALA C 353 19.51 -51.24 -1.52
N ASP C 354 20.83 -51.18 -1.36
CA ASP C 354 21.47 -51.13 -0.05
C ASP C 354 22.13 -49.77 0.10
N TYR C 355 21.73 -49.02 1.11
CA TYR C 355 22.25 -47.68 1.35
C TYR C 355 23.42 -47.65 2.32
N SER C 356 23.84 -48.81 2.83
CA SER C 356 25.01 -48.85 3.70
C SER C 356 26.30 -48.58 2.92
N VAL C 357 26.39 -49.11 1.70
CA VAL C 357 27.56 -48.86 0.88
C VAL C 357 27.60 -47.40 0.41
N LEU C 358 26.44 -46.76 0.28
CA LEU C 358 26.37 -45.36 -0.13
C LEU C 358 26.81 -44.41 0.98
N TYR C 359 26.98 -44.89 2.21
CA TYR C 359 27.37 -44.05 3.32
C TYR C 359 28.79 -44.30 3.82
N ASN C 360 29.30 -45.52 3.66
CA ASN C 360 30.62 -45.89 4.15
C ASN C 360 31.76 -45.46 3.20
N SER C 361 31.48 -44.58 2.24
CA SER C 361 32.52 -44.11 1.34
C SER C 361 33.52 -43.21 2.06
N ALA C 362 33.05 -42.45 3.05
CA ALA C 362 33.87 -41.53 3.85
C ALA C 362 34.60 -40.51 2.96
N SER C 363 33.91 -40.05 1.93
CA SER C 363 34.46 -39.06 1.00
C SER C 363 33.53 -37.89 0.74
N PHE C 364 32.25 -37.97 1.11
CA PHE C 364 31.32 -36.88 0.88
C PHE C 364 31.59 -35.73 1.84
N SER C 365 31.58 -34.51 1.32
CA SER C 365 31.76 -33.34 2.19
C SER C 365 30.50 -33.02 2.97
N THR C 366 29.33 -33.16 2.34
CA THR C 366 28.06 -32.76 2.93
C THR C 366 27.02 -33.85 2.77
N PHE C 367 26.04 -33.84 3.66
CA PHE C 367 24.96 -34.83 3.64
C PHE C 367 23.78 -34.24 4.41
N LYS C 368 22.70 -33.92 3.71
CA LYS C 368 21.45 -33.51 4.34
C LYS C 368 20.35 -34.46 3.88
N CYS C 369 19.66 -35.05 4.84
CA CYS C 369 18.67 -36.10 4.53
C CYS C 369 17.52 -35.93 5.51
N TYR C 370 16.47 -35.24 5.07
CA TYR C 370 15.33 -34.92 5.91
C TYR C 370 14.16 -35.86 5.63
N GLY C 371 13.12 -35.74 6.44
CA GLY C 371 11.93 -36.54 6.27
C GLY C 371 11.99 -37.87 7.02
N VAL C 372 13.00 -38.67 6.72
CA VAL C 372 13.20 -39.98 7.32
C VAL C 372 14.53 -39.97 8.06
N SER C 373 14.57 -40.63 9.22
CA SER C 373 15.80 -40.73 9.98
C SER C 373 16.85 -41.50 9.18
N PRO C 374 18.08 -40.98 9.08
CA PRO C 374 19.08 -41.64 8.24
C PRO C 374 19.47 -43.04 8.69
N THR C 375 19.33 -43.35 9.98
CA THR C 375 19.72 -44.66 10.49
C THR C 375 18.65 -45.72 10.29
N LYS C 376 17.41 -45.34 9.96
CA LYS C 376 16.30 -46.27 9.86
C LYS C 376 15.57 -46.11 8.53
N LEU C 377 16.30 -45.86 7.45
CA LEU C 377 15.70 -45.82 6.12
C LEU C 377 15.95 -47.08 5.32
N ASN C 378 16.80 -47.98 5.80
CA ASN C 378 17.04 -49.23 5.08
C ASN C 378 15.87 -50.20 5.25
N ASP C 379 15.33 -50.31 6.46
CA ASP C 379 14.20 -51.21 6.69
C ASP C 379 12.91 -50.64 6.12
N LEU C 380 12.67 -49.35 6.30
CA LEU C 380 11.49 -48.72 5.72
C LEU C 380 11.66 -48.57 4.23
N CYS C 381 10.62 -48.95 3.47
CA CYS C 381 10.71 -49.00 2.02
C CYS C 381 9.55 -48.22 1.41
N PHE C 382 9.78 -47.70 0.20
CA PHE C 382 8.79 -46.96 -0.56
C PHE C 382 8.66 -47.58 -1.95
N THR C 383 7.84 -46.96 -2.79
CA THR C 383 7.58 -47.53 -4.12
C THR C 383 8.67 -47.17 -5.11
N ASN C 384 8.86 -45.89 -5.38
CA ASN C 384 9.81 -45.42 -6.39
C ASN C 384 10.83 -44.50 -5.76
N VAL C 385 12.06 -44.58 -6.26
CA VAL C 385 13.16 -43.72 -5.84
C VAL C 385 13.60 -42.92 -7.05
N TYR C 386 13.55 -41.59 -6.94
CA TYR C 386 13.90 -40.69 -8.03
C TYR C 386 15.26 -40.08 -7.76
N ALA C 387 16.17 -40.18 -8.73
CA ALA C 387 17.52 -39.65 -8.61
C ALA C 387 17.67 -38.47 -9.56
N ASP C 388 17.91 -37.29 -9.00
CA ASP C 388 18.13 -36.08 -9.78
C ASP C 388 19.55 -35.60 -9.52
N SER C 389 20.36 -35.54 -10.58
CA SER C 389 21.78 -35.21 -10.45
C SER C 389 22.07 -33.91 -11.20
N PHE C 390 22.76 -33.00 -10.53
CA PHE C 390 23.19 -31.74 -11.13
C PHE C 390 24.39 -31.22 -10.38
N VAL C 391 25.10 -30.29 -11.00
CA VAL C 391 26.27 -29.67 -10.40
C VAL C 391 25.89 -28.30 -9.86
N ILE C 392 26.64 -27.82 -8.88
CA ILE C 392 26.38 -26.55 -8.23
C ILE C 392 27.67 -26.07 -7.59
N ARG C 393 27.73 -24.78 -7.29
CA ARG C 393 28.90 -24.19 -6.65
C ARG C 393 28.89 -24.49 -5.16
N GLY C 394 30.03 -24.22 -4.51
CA GLY C 394 30.17 -24.54 -3.10
C GLY C 394 29.38 -23.62 -2.18
N ASP C 395 29.09 -22.40 -2.63
CA ASP C 395 28.34 -21.46 -1.82
C ASP C 395 26.83 -21.60 -1.97
N GLU C 396 26.37 -22.41 -2.94
CA GLU C 396 24.94 -22.61 -3.16
C GLU C 396 24.43 -23.92 -2.58
N VAL C 397 25.29 -24.70 -1.90
CA VAL C 397 24.83 -25.93 -1.28
C VAL C 397 23.96 -25.66 -0.06
N ARG C 398 24.08 -24.48 0.54
CA ARG C 398 23.21 -24.09 1.65
C ARG C 398 21.82 -23.70 1.17
N GLN C 399 21.67 -23.32 -0.10
CA GLN C 399 20.37 -22.92 -0.62
C GLN C 399 19.44 -24.11 -0.82
N ILE C 400 19.98 -25.32 -1.00
CA ILE C 400 19.16 -26.48 -1.26
C ILE C 400 18.60 -27.01 0.06
N ALA C 401 17.44 -26.49 0.45
CA ALA C 401 16.76 -26.90 1.68
C ALA C 401 15.31 -26.46 1.58
N PRO C 402 14.38 -27.19 2.19
CA PRO C 402 12.96 -26.78 2.13
C PRO C 402 12.70 -25.49 2.89
N GLY C 403 12.33 -24.44 2.16
CA GLY C 403 12.04 -23.16 2.77
C GLY C 403 13.17 -22.14 2.64
N GLN C 404 13.77 -22.06 1.46
CA GLN C 404 14.86 -21.13 1.20
C GLN C 404 14.53 -20.27 -0.01
N THR C 405 15.10 -19.06 -0.02
CA THR C 405 14.90 -18.11 -1.10
C THR C 405 16.26 -17.62 -1.60
N GLY C 406 16.41 -17.55 -2.92
CA GLY C 406 17.66 -17.13 -3.51
C GLY C 406 17.57 -16.87 -5.00
N LYS C 407 18.56 -17.34 -5.76
CA LYS C 407 18.59 -17.15 -7.20
C LYS C 407 18.72 -18.45 -7.98
N ILE C 408 18.90 -19.60 -7.31
CA ILE C 408 19.09 -20.88 -7.97
C ILE C 408 17.96 -21.85 -7.63
N ALA C 409 17.62 -21.96 -6.34
CA ALA C 409 16.60 -22.92 -5.93
C ALA C 409 15.21 -22.51 -6.41
N ASP C 410 14.89 -21.22 -6.36
CA ASP C 410 13.57 -20.76 -6.76
C ASP C 410 13.41 -20.63 -8.27
N TYR C 411 14.48 -20.80 -9.04
CA TYR C 411 14.42 -20.66 -10.49
C TYR C 411 14.76 -21.94 -11.26
N ASN C 412 15.39 -22.92 -10.61
CA ASN C 412 15.78 -24.15 -11.30
C ASN C 412 15.13 -25.39 -10.72
N TYR C 413 15.18 -25.58 -9.40
CA TYR C 413 14.62 -26.78 -8.78
C TYR C 413 14.04 -26.38 -7.42
N LYS C 414 12.72 -26.26 -7.36
CA LYS C 414 12.05 -25.84 -6.14
C LYS C 414 11.93 -27.01 -5.17
N LEU C 415 12.15 -26.73 -3.89
CA LEU C 415 12.00 -27.74 -2.85
C LEU C 415 10.72 -27.48 -2.07
N PRO C 416 9.73 -28.36 -2.14
CA PRO C 416 8.46 -28.12 -1.43
C PRO C 416 8.61 -28.37 0.07
N ASP C 417 7.55 -28.02 0.80
CA ASP C 417 7.53 -28.22 2.23
C ASP C 417 7.55 -29.71 2.58
N ASP C 418 6.79 -30.52 1.85
CA ASP C 418 6.75 -31.97 2.08
C ASP C 418 7.84 -32.63 1.21
N PHE C 419 9.09 -32.33 1.57
CA PHE C 419 10.25 -32.84 0.86
C PHE C 419 10.89 -33.94 1.70
N THR C 420 10.67 -35.19 1.29
CA THR C 420 11.28 -36.34 1.93
C THR C 420 12.51 -36.83 1.17
N GLY C 421 13.08 -35.99 0.31
CA GLY C 421 14.25 -36.36 -0.45
C GLY C 421 15.50 -36.39 0.40
N CYS C 422 16.58 -36.86 -0.23
CA CYS C 422 17.84 -37.06 0.47
C CYS C 422 18.96 -36.54 -0.42
N VAL C 423 19.74 -35.60 0.10
CA VAL C 423 20.71 -34.83 -0.70
C VAL C 423 22.11 -35.29 -0.35
N ILE C 424 22.88 -35.68 -1.36
CA ILE C 424 24.27 -36.11 -1.22
C ILE C 424 25.12 -35.29 -2.19
N ALA C 425 26.24 -34.76 -1.70
CA ALA C 425 27.16 -34.04 -2.57
C ALA C 425 28.59 -34.26 -2.08
N TRP C 426 29.54 -34.04 -2.98
CA TRP C 426 30.95 -34.26 -2.69
C TRP C 426 31.79 -33.35 -3.56
N ASN C 427 33.06 -33.21 -3.19
CA ASN C 427 34.00 -32.38 -3.92
C ASN C 427 34.60 -33.17 -5.07
N SER C 428 34.48 -32.63 -6.29
CA SER C 428 35.02 -33.26 -7.50
C SER C 428 35.74 -32.21 -8.35
N ASN C 429 36.60 -31.41 -7.70
CA ASN C 429 37.30 -30.36 -8.41
C ASN C 429 38.33 -30.90 -9.38
N ASN C 430 38.90 -32.07 -9.10
CA ASN C 430 39.94 -32.64 -9.93
C ASN C 430 39.41 -33.18 -11.26
N LEU C 431 38.10 -33.30 -11.43
CA LEU C 431 37.53 -33.84 -12.66
C LEU C 431 36.53 -32.91 -13.33
N ASP C 432 35.75 -32.16 -12.55
CA ASP C 432 34.72 -31.29 -13.12
C ASP C 432 35.25 -29.94 -13.55
N SER C 433 36.53 -29.64 -13.33
CA SER C 433 37.12 -28.37 -13.73
C SER C 433 38.50 -28.62 -14.30
N LYS C 434 38.96 -27.68 -15.13
CA LYS C 434 40.26 -27.79 -15.76
C LYS C 434 40.84 -26.40 -15.97
N VAL C 435 42.14 -26.35 -16.25
CA VAL C 435 42.82 -25.08 -16.44
C VAL C 435 42.38 -24.45 -17.75
N GLY C 436 42.63 -23.15 -17.86
CA GLY C 436 42.24 -22.39 -19.03
C GLY C 436 40.94 -21.63 -18.90
N GLY C 437 40.38 -21.52 -17.71
CA GLY C 437 39.11 -20.84 -17.52
C GLY C 437 37.92 -21.54 -18.14
N ASN C 438 37.89 -22.87 -18.05
CA ASN C 438 36.80 -23.66 -18.63
C ASN C 438 35.82 -24.06 -17.55
N TYR C 439 34.53 -23.97 -17.88
CA TYR C 439 33.46 -24.24 -16.93
C TYR C 439 32.57 -25.42 -17.34
N ASN C 440 32.15 -25.47 -18.60
CA ASN C 440 31.42 -26.59 -19.19
C ASN C 440 30.07 -26.85 -18.52
N TYR C 441 29.50 -25.84 -17.85
CA TYR C 441 28.21 -26.01 -17.19
C TYR C 441 27.48 -24.68 -17.19
N LEU C 442 26.15 -24.75 -17.08
CA LEU C 442 25.27 -23.63 -17.33
C LEU C 442 24.20 -23.56 -16.23
N TYR C 443 23.76 -22.33 -15.92
CA TYR C 443 22.66 -22.14 -14.98
C TYR C 443 21.72 -21.06 -15.52
N ARG C 444 20.57 -20.93 -14.86
CA ARG C 444 19.57 -19.93 -15.20
C ARG C 444 19.44 -18.92 -14.07
N LEU C 445 19.35 -17.65 -14.43
CA LEU C 445 19.25 -16.57 -13.45
C LEU C 445 18.00 -15.71 -13.59
N PHE C 446 17.48 -15.54 -14.81
CA PHE C 446 16.35 -14.66 -15.06
C PHE C 446 15.11 -15.44 -15.45
N ARG C 447 13.98 -15.09 -14.86
CA ARG C 447 12.71 -15.73 -15.16
C ARG C 447 11.59 -14.72 -14.91
N LYS C 448 10.45 -14.97 -15.57
CA LYS C 448 9.31 -14.05 -15.44
C LYS C 448 8.64 -14.18 -14.07
N SER C 449 8.46 -15.41 -13.59
CA SER C 449 7.78 -15.65 -12.33
C SER C 449 8.28 -16.96 -11.74
N ASN C 450 7.67 -17.37 -10.63
CA ASN C 450 8.04 -18.60 -9.96
C ASN C 450 7.48 -19.82 -10.71
N LEU C 451 8.04 -20.99 -10.39
CA LEU C 451 7.65 -22.22 -11.04
C LEU C 451 7.30 -23.26 -9.97
N LYS C 452 6.55 -24.29 -10.40
CA LYS C 452 6.14 -25.35 -9.49
C LYS C 452 7.34 -26.24 -9.15
N PRO C 453 7.29 -26.92 -7.99
CA PRO C 453 8.37 -27.84 -7.64
C PRO C 453 8.40 -29.05 -8.57
N PHE C 454 9.59 -29.66 -8.64
CA PHE C 454 9.87 -30.82 -9.50
C PHE C 454 9.55 -30.54 -10.96
N GLU C 455 9.94 -29.36 -11.42
CA GLU C 455 9.72 -28.94 -12.80
C GLU C 455 11.04 -28.54 -13.44
N ARG C 456 11.20 -28.93 -14.71
CA ARG C 456 12.41 -28.62 -15.47
C ARG C 456 12.13 -27.48 -16.43
N ASP C 457 12.97 -26.45 -16.39
CA ASP C 457 12.83 -25.27 -17.24
C ASP C 457 13.98 -25.26 -18.24
N ILE C 458 13.66 -25.49 -19.51
CA ILE C 458 14.65 -25.52 -20.59
C ILE C 458 14.40 -24.43 -21.62
N SER C 459 13.57 -23.44 -21.29
CA SER C 459 13.26 -22.37 -22.23
C SER C 459 14.46 -21.45 -22.38
N THR C 460 14.82 -21.14 -23.63
CA THR C 460 15.93 -20.26 -23.95
C THR C 460 15.45 -18.87 -24.40
N GLU C 461 14.20 -18.53 -24.15
CA GLU C 461 13.67 -17.23 -24.53
C GLU C 461 14.31 -16.13 -23.70
N ILE C 462 14.57 -15.00 -24.34
CA ILE C 462 15.26 -13.88 -23.68
C ILE C 462 14.27 -13.17 -22.76
N TYR C 463 14.66 -13.05 -21.49
CA TYR C 463 13.78 -12.44 -20.49
C TYR C 463 13.69 -10.94 -20.71
N GLN C 464 12.47 -10.44 -20.93
CA GLN C 464 12.24 -9.02 -21.15
C GLN C 464 12.03 -8.31 -19.81
N ALA C 465 12.75 -7.20 -19.61
CA ALA C 465 12.64 -6.44 -18.38
C ALA C 465 11.66 -5.28 -18.48
N GLY C 466 11.60 -4.63 -19.64
CA GLY C 466 10.74 -3.48 -19.83
C GLY C 466 9.51 -3.81 -20.65
N SER C 467 8.90 -2.77 -21.22
CA SER C 467 7.70 -2.90 -22.02
C SER C 467 7.98 -2.86 -23.52
N THR C 468 9.25 -2.82 -23.92
CA THR C 468 9.61 -2.74 -25.33
C THR C 468 10.15 -4.08 -25.81
N PRO C 469 9.46 -4.77 -26.72
CA PRO C 469 9.98 -6.04 -27.23
C PRO C 469 11.24 -5.82 -28.06
N CYS C 470 12.10 -6.85 -28.06
CA CYS C 470 13.37 -6.80 -28.78
C CYS C 470 13.40 -7.72 -29.99
N ASN C 471 12.33 -8.50 -30.23
CA ASN C 471 12.26 -9.46 -31.32
C ASN C 471 13.40 -10.47 -31.26
N GLY C 472 13.65 -10.99 -30.06
CA GLY C 472 14.61 -12.05 -29.85
C GLY C 472 16.07 -11.70 -30.05
N VAL C 473 16.49 -10.51 -29.61
CA VAL C 473 17.90 -10.15 -29.56
C VAL C 473 18.20 -9.66 -28.14
N GLU C 474 19.49 -9.51 -27.86
CA GLU C 474 19.94 -9.05 -26.54
C GLU C 474 19.98 -7.52 -26.49
N GLY C 475 18.82 -6.92 -26.74
CA GLY C 475 18.67 -5.48 -26.71
C GLY C 475 18.49 -4.95 -25.31
N PHE C 476 18.20 -3.65 -25.24
CA PHE C 476 17.90 -3.03 -23.96
C PHE C 476 16.63 -3.61 -23.36
N ASN C 477 16.65 -3.80 -22.04
CA ASN C 477 15.57 -4.43 -21.28
C ASN C 477 15.28 -5.85 -21.77
N CYS C 478 16.29 -6.49 -22.37
CA CYS C 478 16.17 -7.86 -22.87
C CYS C 478 17.52 -8.55 -22.61
N TYR C 479 17.59 -9.29 -21.51
CA TYR C 479 18.82 -9.96 -21.10
C TYR C 479 18.66 -11.47 -21.21
N PHE C 480 19.69 -12.12 -21.73
CA PHE C 480 19.69 -13.57 -21.85
C PHE C 480 19.74 -14.19 -20.45
N PRO C 481 18.89 -15.17 -20.15
CA PRO C 481 18.82 -15.72 -18.79
C PRO C 481 19.81 -16.84 -18.50
N LEU C 482 20.81 -17.07 -19.34
CA LEU C 482 21.77 -18.14 -19.15
C LEU C 482 23.16 -17.54 -19.01
N GLN C 483 23.88 -17.92 -17.95
CA GLN C 483 25.11 -17.26 -17.57
C GLN C 483 26.21 -18.30 -17.33
N SER C 484 27.45 -17.81 -17.29
CA SER C 484 28.62 -18.66 -17.18
C SER C 484 28.95 -18.98 -15.72
N TYR C 485 29.58 -20.14 -15.51
CA TYR C 485 29.98 -20.57 -14.19
C TYR C 485 31.25 -19.84 -13.76
N GLY C 486 31.81 -20.25 -12.61
CA GLY C 486 33.05 -19.69 -12.13
C GLY C 486 34.00 -20.77 -11.63
N PHE C 487 33.86 -21.99 -12.15
CA PHE C 487 34.70 -23.09 -11.71
C PHE C 487 36.14 -22.90 -12.16
N GLN C 488 37.08 -23.17 -11.24
CA GLN C 488 38.50 -23.06 -11.51
C GLN C 488 39.25 -23.95 -10.52
N PRO C 489 40.23 -24.74 -10.99
CA PRO C 489 40.96 -25.62 -10.05
C PRO C 489 41.85 -24.87 -9.07
N THR C 490 42.12 -23.59 -9.30
CA THR C 490 42.98 -22.80 -8.44
C THR C 490 42.20 -21.98 -7.40
N ASN C 491 40.89 -22.21 -7.29
CA ASN C 491 40.08 -21.50 -6.30
C ASN C 491 40.25 -22.16 -4.94
N GLY C 492 39.43 -21.74 -3.97
CA GLY C 492 39.54 -22.24 -2.62
C GLY C 492 38.59 -23.38 -2.29
N VAL C 493 37.66 -23.13 -1.37
CA VAL C 493 36.69 -24.13 -0.95
C VAL C 493 35.24 -23.70 -1.12
N GLY C 494 34.99 -22.42 -1.36
CA GLY C 494 33.63 -21.92 -1.43
C GLY C 494 33.01 -21.86 -2.81
N TYR C 495 33.81 -22.04 -3.87
CA TYR C 495 33.32 -21.98 -5.23
C TYR C 495 33.64 -23.27 -6.00
N GLN C 496 33.85 -24.37 -5.29
CA GLN C 496 34.25 -25.63 -5.92
C GLN C 496 33.05 -26.32 -6.57
N PRO C 497 33.29 -27.15 -7.58
CA PRO C 497 32.21 -27.95 -8.17
C PRO C 497 31.78 -29.06 -7.22
N TYR C 498 30.49 -29.09 -6.89
CA TYR C 498 29.90 -30.11 -6.05
C TYR C 498 28.79 -30.81 -6.82
N ARG C 499 28.86 -32.14 -6.89
CA ARG C 499 27.88 -32.94 -7.62
C ARG C 499 26.76 -33.30 -6.66
N VAL C 500 25.63 -32.62 -6.79
CA VAL C 500 24.49 -32.81 -5.90
C VAL C 500 23.54 -33.82 -6.53
N VAL C 501 23.22 -34.88 -5.78
CA VAL C 501 22.22 -35.86 -6.19
C VAL C 501 21.09 -35.84 -5.17
N VAL C 502 19.86 -35.82 -5.65
CA VAL C 502 18.66 -35.77 -4.82
C VAL C 502 17.96 -37.12 -4.95
N LEU C 503 17.76 -37.78 -3.82
CA LEU C 503 17.14 -39.11 -3.77
C LEU C 503 15.78 -38.97 -3.09
N SER C 504 14.76 -38.67 -3.88
CA SER C 504 13.42 -38.48 -3.35
C SER C 504 12.63 -39.79 -3.37
N PHE C 505 11.53 -39.80 -2.62
CA PHE C 505 10.68 -40.97 -2.50
C PHE C 505 9.24 -40.59 -2.83
N GLU C 506 8.48 -41.58 -3.30
CA GLU C 506 7.10 -41.39 -3.72
C GLU C 506 6.16 -42.14 -2.78
N LEU C 507 5.06 -41.48 -2.41
CA LEU C 507 4.05 -42.05 -1.53
C LEU C 507 2.77 -42.24 -2.35
N LEU C 508 2.55 -43.47 -2.81
CA LEU C 508 1.38 -43.80 -3.61
C LEU C 508 1.12 -45.29 -3.49
N HIS C 509 -0.07 -45.71 -3.92
CA HIS C 509 -0.46 -47.12 -3.84
C HIS C 509 0.27 -47.93 -4.90
N ALA C 510 1.22 -48.76 -4.45
CA ALA C 510 1.89 -49.76 -5.26
C ALA C 510 2.71 -50.66 -4.34
N PRO C 511 2.89 -51.93 -4.67
CA PRO C 511 3.79 -52.79 -3.88
C PRO C 511 5.22 -52.27 -3.94
N ALA C 512 5.94 -52.46 -2.84
CA ALA C 512 7.31 -51.94 -2.73
C ALA C 512 8.27 -52.73 -3.60
N THR C 513 8.46 -52.29 -4.84
CA THR C 513 9.41 -52.95 -5.73
C THR C 513 10.84 -52.73 -5.26
N VAL C 514 11.18 -51.49 -4.93
CA VAL C 514 12.51 -51.16 -4.39
C VAL C 514 12.40 -51.14 -2.87
N CYS C 515 13.16 -52.02 -2.21
CA CYS C 515 13.07 -52.17 -0.77
C CYS C 515 14.38 -52.75 -0.26
N GLY C 516 14.58 -52.65 1.05
CA GLY C 516 15.76 -53.18 1.69
C GLY C 516 15.50 -54.24 2.75
N PRO C 517 14.63 -55.22 2.51
CA PRO C 517 14.16 -56.09 3.58
C PRO C 517 15.20 -57.17 3.90
N LYS C 518 14.82 -58.06 4.80
CA LYS C 518 15.66 -59.21 5.10
C LYS C 518 15.67 -60.17 3.92
N LYS C 519 16.87 -60.66 3.58
CA LYS C 519 17.01 -61.48 2.38
C LYS C 519 16.41 -62.88 2.58
N SER C 520 16.56 -63.45 3.78
CA SER C 520 16.00 -64.77 4.08
C SER C 520 15.85 -64.90 5.59
N THR C 521 14.61 -65.07 6.04
CA THR C 521 14.35 -65.40 7.44
C THR C 521 14.45 -66.91 7.61
N ASN C 522 14.07 -67.42 8.78
CA ASN C 522 14.07 -68.86 8.99
C ASN C 522 12.93 -69.52 8.20
N LEU C 523 13.21 -70.74 7.72
CA LEU C 523 12.23 -71.50 6.95
C LEU C 523 11.52 -72.48 7.87
N VAL C 524 10.20 -72.38 7.92
CA VAL C 524 9.37 -73.24 8.77
C VAL C 524 8.34 -73.95 7.90
N LYS C 525 8.18 -75.25 8.15
CA LYS C 525 7.27 -76.09 7.37
C LYS C 525 6.42 -76.93 8.33
N ASN C 526 5.32 -77.43 7.78
CA ASN C 526 4.37 -78.32 8.47
C ASN C 526 3.65 -77.64 9.63
N LYS C 527 3.70 -76.31 9.72
CA LYS C 527 2.89 -75.56 10.65
C LYS C 527 2.17 -74.44 9.91
N CYS C 528 1.01 -74.06 10.44
CA CYS C 528 0.18 -73.01 9.84
C CYS C 528 0.82 -71.66 10.10
N VAL C 529 1.56 -71.15 9.12
CA VAL C 529 2.26 -69.88 9.24
C VAL C 529 1.80 -68.95 8.12
N ASN C 530 2.21 -67.69 8.22
CA ASN C 530 1.87 -66.68 7.23
C ASN C 530 3.11 -66.31 6.42
N PHE C 531 2.94 -66.20 5.11
CA PHE C 531 4.04 -65.95 4.19
C PHE C 531 3.62 -64.89 3.18
N ASN C 532 4.62 -64.19 2.63
CA ASN C 532 4.42 -63.18 1.60
C ASN C 532 5.45 -63.44 0.50
N PHE C 533 5.09 -64.27 -0.46
CA PHE C 533 5.98 -64.63 -1.57
C PHE C 533 5.66 -63.80 -2.81
N ASN C 534 5.74 -62.48 -2.64
CA ASN C 534 5.69 -61.48 -3.70
C ASN C 534 4.32 -61.36 -4.37
N GLY C 535 3.36 -62.20 -3.99
CA GLY C 535 2.07 -62.18 -4.67
C GLY C 535 0.85 -62.39 -3.80
N LEU C 536 1.03 -62.71 -2.52
CA LEU C 536 -0.10 -63.06 -1.68
C LEU C 536 0.25 -62.84 -0.22
N THR C 537 -0.80 -62.82 0.61
CA THR C 537 -0.68 -62.86 2.06
C THR C 537 -1.55 -64.03 2.52
N GLY C 538 -0.98 -65.22 2.51
CA GLY C 538 -1.71 -66.45 2.80
C GLY C 538 -1.22 -67.09 4.09
N THR C 539 -2.17 -67.61 4.87
CA THR C 539 -1.88 -68.29 6.12
C THR C 539 -2.18 -69.77 5.94
N GLY C 540 -1.15 -70.59 6.00
CA GLY C 540 -1.31 -72.02 5.83
C GLY C 540 0.00 -72.75 6.00
N VAL C 541 -0.08 -74.07 5.93
CA VAL C 541 1.09 -74.93 6.09
C VAL C 541 1.86 -74.99 4.78
N LEU C 542 3.10 -75.47 4.84
CA LEU C 542 3.96 -75.60 3.66
C LEU C 542 4.51 -77.02 3.63
N THR C 543 3.80 -77.91 2.95
CA THR C 543 4.21 -79.30 2.82
C THR C 543 5.15 -79.48 1.64
N GLU C 544 5.89 -80.58 1.66
CA GLU C 544 6.83 -80.93 0.59
C GLU C 544 6.06 -81.65 -0.51
N SER C 545 5.88 -80.99 -1.64
CA SER C 545 5.15 -81.56 -2.75
C SER C 545 6.06 -82.46 -3.59
N ASN C 546 5.43 -83.25 -4.46
CA ASN C 546 6.14 -84.18 -5.34
C ASN C 546 6.00 -83.82 -6.81
N LYS C 547 5.49 -82.63 -7.12
CA LYS C 547 5.31 -82.18 -8.49
C LYS C 547 6.34 -81.11 -8.81
N LYS C 548 6.97 -81.23 -9.98
CA LYS C 548 8.03 -80.32 -10.39
C LYS C 548 7.45 -79.23 -11.28
N PHE C 549 7.84 -77.98 -11.00
CA PHE C 549 7.37 -76.83 -11.77
C PHE C 549 8.30 -76.57 -12.94
N LEU C 550 7.72 -76.08 -14.03
CA LEU C 550 8.51 -75.65 -15.18
C LEU C 550 9.34 -74.43 -14.78
N PRO C 551 10.60 -74.30 -15.31
CA PRO C 551 11.53 -73.27 -14.83
C PRO C 551 11.23 -71.86 -15.36
N PHE C 552 9.96 -71.51 -15.45
CA PHE C 552 9.58 -70.13 -15.73
C PHE C 552 8.39 -69.65 -14.92
N GLN C 553 7.86 -70.44 -13.99
CA GLN C 553 6.68 -70.10 -13.22
C GLN C 553 7.02 -69.82 -11.77
N GLN C 554 6.11 -69.14 -11.09
CA GLN C 554 6.26 -68.77 -9.69
C GLN C 554 5.13 -69.30 -8.81
N PHE C 555 3.90 -69.27 -9.29
CA PHE C 555 2.73 -69.67 -8.52
C PHE C 555 2.18 -71.00 -9.05
N GLY C 556 1.08 -71.44 -8.44
CA GLY C 556 0.41 -72.66 -8.85
C GLY C 556 -1.04 -72.70 -8.44
N ARG C 557 -1.93 -73.01 -9.38
CA ARG C 557 -3.36 -73.04 -9.14
C ARG C 557 -3.86 -74.48 -9.19
N ASP C 558 -5.16 -74.64 -8.95
CA ASP C 558 -5.80 -75.95 -8.95
C ASP C 558 -7.07 -75.93 -9.79
N ILE C 559 -7.87 -76.99 -9.69
CA ILE C 559 -9.15 -77.04 -10.40
C ILE C 559 -10.10 -75.97 -9.88
N ALA C 560 -10.05 -75.70 -8.58
CA ALA C 560 -10.88 -74.67 -7.97
C ALA C 560 -10.29 -73.27 -8.12
N ASP C 561 -9.14 -73.13 -8.78
CA ASP C 561 -8.47 -71.85 -9.02
C ASP C 561 -8.16 -71.13 -7.70
N THR C 562 -7.33 -71.80 -6.89
CA THR C 562 -6.91 -71.27 -5.59
C THR C 562 -5.40 -71.43 -5.49
N THR C 563 -4.73 -70.43 -4.92
CA THR C 563 -3.29 -70.47 -4.78
C THR C 563 -2.88 -71.49 -3.72
N ASP C 564 -2.61 -72.71 -4.16
CA ASP C 564 -2.24 -73.80 -3.26
C ASP C 564 -0.85 -74.35 -3.56
N ALA C 565 -0.05 -73.66 -4.37
CA ALA C 565 1.29 -74.12 -4.71
C ALA C 565 2.15 -72.92 -5.03
N VAL C 566 3.27 -72.78 -4.32
CA VAL C 566 4.19 -71.67 -4.52
C VAL C 566 5.60 -72.25 -4.59
N ARG C 567 6.48 -71.54 -5.30
CA ARG C 567 7.88 -71.92 -5.44
C ARG C 567 8.73 -71.01 -4.57
N ASP C 568 9.53 -71.60 -3.69
CA ASP C 568 10.41 -70.83 -2.83
C ASP C 568 11.60 -70.33 -3.63
N PRO C 569 11.84 -69.02 -3.68
CA PRO C 569 12.96 -68.49 -4.47
C PRO C 569 14.33 -68.69 -3.86
N GLN C 570 14.45 -69.42 -2.75
CA GLN C 570 15.75 -69.61 -2.12
C GLN C 570 16.59 -70.63 -2.88
N THR C 571 16.11 -71.87 -2.99
CA THR C 571 16.84 -72.91 -3.68
C THR C 571 15.92 -73.77 -4.56
N LEU C 572 14.80 -73.21 -4.99
CA LEU C 572 13.88 -73.81 -5.97
C LEU C 572 13.34 -75.16 -5.45
N GLU C 573 12.53 -75.05 -4.40
CA GLU C 573 11.71 -76.16 -3.94
C GLU C 573 10.24 -75.77 -4.01
N ILE C 574 9.40 -76.75 -4.28
CA ILE C 574 7.96 -76.52 -4.48
C ILE C 574 7.23 -76.87 -3.18
N LEU C 575 6.51 -75.91 -2.64
CA LEU C 575 5.78 -76.06 -1.38
C LEU C 575 4.30 -75.85 -1.62
N ASP C 576 3.49 -76.76 -1.10
CA ASP C 576 2.04 -76.63 -1.21
C ASP C 576 1.50 -75.71 -0.13
N ILE C 577 0.29 -75.20 -0.37
CA ILE C 577 -0.41 -74.32 0.56
C ILE C 577 -1.73 -74.98 0.93
N THR C 578 -1.95 -75.17 2.23
CA THR C 578 -3.17 -75.80 2.73
C THR C 578 -3.62 -75.01 3.96
N PRO C 579 -4.89 -74.58 3.99
CA PRO C 579 -5.38 -73.85 5.18
C PRO C 579 -5.39 -74.74 6.42
N CYS C 580 -5.17 -74.10 7.57
CA CYS C 580 -5.10 -74.82 8.83
C CYS C 580 -6.40 -74.82 9.62
N SER C 581 -7.36 -73.95 9.27
CA SER C 581 -8.63 -73.86 9.96
C SER C 581 -9.70 -74.52 9.09
N PHE C 582 -10.22 -75.66 9.57
CA PHE C 582 -11.22 -76.43 8.84
C PHE C 582 -12.44 -76.63 9.73
N GLY C 583 -13.62 -76.26 9.23
CA GLY C 583 -14.87 -76.52 9.92
C GLY C 583 -15.02 -75.71 11.20
N GLY C 584 -15.85 -76.25 12.10
CA GLY C 584 -16.12 -75.61 13.36
C GLY C 584 -16.15 -76.59 14.53
N VAL C 585 -16.75 -76.16 15.64
CA VAL C 585 -16.83 -76.99 16.84
C VAL C 585 -18.27 -77.47 17.01
N SER C 586 -18.43 -78.50 17.83
CA SER C 586 -19.74 -79.05 18.14
C SER C 586 -19.74 -79.59 19.56
N VAL C 587 -20.91 -79.60 20.18
CA VAL C 587 -21.08 -80.01 21.57
C VAL C 587 -22.11 -81.14 21.63
N ILE C 588 -21.79 -82.20 22.36
CA ILE C 588 -22.69 -83.33 22.57
C ILE C 588 -23.27 -83.22 23.97
N THR C 589 -24.59 -83.13 24.06
CA THR C 589 -25.28 -83.00 25.33
C THR C 589 -26.15 -84.23 25.57
N PRO C 590 -25.97 -84.95 26.69
CA PRO C 590 -26.86 -86.10 26.96
C PRO C 590 -28.31 -85.71 27.14
N GLY C 591 -28.59 -84.51 27.62
CA GLY C 591 -29.95 -84.03 27.83
C GLY C 591 -30.18 -83.55 29.24
N THR C 592 -31.36 -83.00 29.45
CA THR C 592 -31.75 -82.48 30.75
C THR C 592 -32.10 -83.63 31.70
N ASN C 593 -31.88 -83.37 33.00
CA ASN C 593 -32.20 -84.29 34.10
C ASN C 593 -31.48 -85.63 33.98
N THR C 594 -30.45 -85.72 33.15
CA THR C 594 -29.69 -86.95 32.98
C THR C 594 -28.22 -86.80 33.34
N SER C 595 -27.56 -85.76 32.84
CA SER C 595 -26.14 -85.55 33.08
C SER C 595 -25.87 -84.05 33.11
N ASN C 596 -24.61 -83.70 33.40
CA ASN C 596 -24.18 -82.31 33.40
C ASN C 596 -22.95 -82.13 32.51
N GLN C 597 -22.14 -83.18 32.40
CA GLN C 597 -20.96 -83.12 31.56
C GLN C 597 -21.32 -83.25 30.09
N VAL C 598 -20.51 -82.63 29.23
CA VAL C 598 -20.71 -82.62 27.79
C VAL C 598 -19.38 -82.95 27.11
N ALA C 599 -19.48 -83.25 25.81
CA ALA C 599 -18.32 -83.59 25.00
C ALA C 599 -18.19 -82.60 23.85
N VAL C 600 -16.95 -82.27 23.48
CA VAL C 600 -16.65 -81.31 22.44
C VAL C 600 -16.20 -82.06 21.20
N LEU C 601 -16.80 -81.75 20.05
CA LEU C 601 -16.47 -82.39 18.79
C LEU C 601 -15.97 -81.34 17.81
N TYR C 602 -14.87 -81.64 17.14
CA TYR C 602 -14.34 -80.80 16.06
C TYR C 602 -14.70 -81.42 14.72
N GLN C 603 -15.05 -80.57 13.76
CA GLN C 603 -15.61 -81.05 12.50
C GLN C 603 -14.54 -81.66 11.61
N ASP C 604 -13.54 -80.88 11.23
CA ASP C 604 -12.49 -81.34 10.33
C ASP C 604 -11.12 -80.92 10.83
N VAL C 605 -10.93 -80.95 12.15
CA VAL C 605 -9.66 -80.58 12.78
C VAL C 605 -9.00 -81.85 13.28
N ASN C 606 -7.76 -82.09 12.85
CA ASN C 606 -6.99 -83.23 13.30
C ASN C 606 -6.28 -82.89 14.61
N CYS C 607 -6.28 -83.84 15.55
CA CYS C 607 -5.64 -83.67 16.83
C CYS C 607 -4.12 -83.62 16.69
N ASN C 631 -10.87 -90.05 27.08
CA ASN C 631 -10.48 -88.65 27.06
C ASN C 631 -10.59 -88.07 25.66
N VAL C 632 -9.54 -88.25 24.87
CA VAL C 632 -9.47 -87.75 23.50
C VAL C 632 -9.45 -88.96 22.57
N PHE C 633 -10.40 -89.01 21.63
CA PHE C 633 -10.51 -90.09 20.67
C PHE C 633 -10.49 -89.50 19.26
N GLN C 634 -9.58 -90.01 18.42
CA GLN C 634 -9.48 -89.56 17.04
C GLN C 634 -10.49 -90.34 16.21
N THR C 635 -11.67 -89.76 16.04
CA THR C 635 -12.72 -90.38 15.24
C THR C 635 -12.50 -90.06 13.77
N ARG C 636 -13.30 -90.73 12.92
CA ARG C 636 -13.24 -90.47 11.49
C ARG C 636 -13.78 -89.08 11.15
N ALA C 637 -14.75 -88.60 11.93
CA ALA C 637 -15.38 -87.31 11.69
C ALA C 637 -14.69 -86.15 12.42
N GLY C 638 -13.39 -86.27 12.67
CA GLY C 638 -12.63 -85.19 13.28
C GLY C 638 -12.02 -85.62 14.62
N CYS C 639 -12.08 -84.72 15.59
CA CYS C 639 -11.59 -84.97 16.95
C CYS C 639 -12.75 -84.90 17.92
N LEU C 640 -12.89 -85.92 18.76
CA LEU C 640 -13.88 -85.95 19.83
C LEU C 640 -13.15 -86.03 21.15
N ILE C 641 -13.39 -85.04 22.02
CA ILE C 641 -12.76 -84.98 23.33
C ILE C 641 -13.85 -84.99 24.40
N GLY C 642 -13.46 -85.44 25.60
CA GLY C 642 -14.39 -85.53 26.71
C GLY C 642 -15.23 -86.79 26.73
N ALA C 643 -15.11 -87.66 25.72
CA ALA C 643 -15.86 -88.90 25.65
C ALA C 643 -14.91 -90.05 25.34
N GLU C 644 -14.99 -91.10 26.15
CA GLU C 644 -14.14 -92.27 25.94
C GLU C 644 -14.69 -93.13 24.81
N HIS C 645 -13.81 -93.92 24.21
CA HIS C 645 -14.15 -94.80 23.10
C HIS C 645 -14.22 -96.24 23.60
N VAL C 646 -15.30 -96.93 23.26
CA VAL C 646 -15.53 -98.31 23.65
C VAL C 646 -15.69 -99.16 22.40
N ASN C 647 -15.01 -100.32 22.39
CA ASN C 647 -15.05 -101.19 21.22
C ASN C 647 -16.39 -101.91 21.07
N ASN C 648 -17.19 -101.98 22.14
CA ASN C 648 -18.51 -102.58 22.05
C ASN C 648 -19.46 -101.69 21.26
N SER C 649 -20.46 -102.31 20.63
CA SER C 649 -21.41 -101.62 19.77
C SER C 649 -22.82 -101.83 20.29
N TYR C 650 -23.56 -100.74 20.45
CA TYR C 650 -24.96 -100.77 20.83
C TYR C 650 -25.75 -99.85 19.90
N GLU C 651 -27.06 -99.79 20.11
CA GLU C 651 -27.89 -98.84 19.39
C GLU C 651 -27.60 -97.43 19.88
N CYS C 652 -27.53 -96.49 18.94
CA CYS C 652 -27.15 -95.12 19.25
C CYS C 652 -28.32 -94.17 19.05
N ASP C 653 -28.30 -93.07 19.80
CA ASP C 653 -29.35 -92.06 19.77
C ASP C 653 -28.89 -90.69 19.30
N ILE C 654 -27.66 -90.29 19.63
CA ILE C 654 -27.13 -88.99 19.25
C ILE C 654 -26.19 -89.20 18.07
N PRO C 655 -26.54 -88.76 16.87
CA PRO C 655 -25.67 -88.96 15.71
C PRO C 655 -24.43 -88.07 15.78
N ILE C 656 -23.33 -88.58 15.21
CA ILE C 656 -22.09 -87.82 15.07
C ILE C 656 -21.65 -87.76 13.61
N GLY C 657 -21.57 -88.91 12.96
CA GLY C 657 -21.18 -88.99 11.56
C GLY C 657 -20.24 -90.15 11.31
N ALA C 658 -20.21 -90.60 10.05
CA ALA C 658 -19.32 -91.67 9.58
C ALA C 658 -19.50 -92.97 10.36
N GLY C 659 -20.76 -93.31 10.65
CA GLY C 659 -21.07 -94.57 11.30
C GLY C 659 -20.74 -94.66 12.77
N ILE C 660 -20.49 -93.53 13.43
CA ILE C 660 -20.14 -93.50 14.85
C ILE C 660 -21.10 -92.55 15.55
N CYS C 661 -21.60 -92.96 16.70
CA CYS C 661 -22.51 -92.17 17.51
C CYS C 661 -21.91 -91.91 18.89
N ALA C 662 -22.67 -91.20 19.72
CA ALA C 662 -22.28 -90.94 21.11
C ALA C 662 -23.50 -91.17 21.99
N SER C 663 -23.25 -91.63 23.21
CA SER C 663 -24.32 -91.92 24.15
C SER C 663 -23.78 -91.86 25.57
N TYR C 664 -24.70 -91.76 26.53
CA TYR C 664 -24.37 -91.73 27.95
C TYR C 664 -24.75 -93.08 28.56
N GLN C 665 -23.74 -93.89 28.87
CA GLN C 665 -23.95 -95.22 29.43
C GLN C 665 -22.97 -95.42 30.57
N THR C 666 -23.01 -96.61 31.18
CA THR C 666 -22.13 -96.94 32.28
C THR C 666 -20.77 -97.40 31.77
N SER C 679 -18.71 -94.65 37.69
CA SER C 679 -20.11 -94.34 37.47
C SER C 679 -20.47 -94.44 36.00
N GLN C 680 -21.16 -93.41 35.49
CA GLN C 680 -21.58 -93.36 34.10
C GLN C 680 -21.01 -92.10 33.45
N SER C 681 -20.54 -92.24 32.22
CA SER C 681 -19.95 -91.13 31.47
C SER C 681 -20.43 -91.19 30.03
N ILE C 682 -19.93 -90.26 29.21
CA ILE C 682 -20.27 -90.20 27.80
C ILE C 682 -19.30 -91.08 27.02
N ILE C 683 -19.85 -92.00 26.23
CA ILE C 683 -19.05 -92.95 25.47
C ILE C 683 -19.32 -92.75 23.98
N ALA C 684 -18.34 -93.14 23.17
CA ALA C 684 -18.43 -93.10 21.73
C ALA C 684 -18.18 -94.49 21.17
N TYR C 685 -18.99 -94.90 20.21
CA TYR C 685 -18.91 -96.27 19.69
C TYR C 685 -19.51 -96.30 18.29
N THR C 686 -19.15 -97.36 17.55
CA THR C 686 -19.79 -97.63 16.28
C THR C 686 -21.22 -98.10 16.52
N MET C 687 -22.15 -97.57 15.73
CA MET C 687 -23.56 -97.90 15.91
C MET C 687 -23.83 -99.36 15.53
N SER C 688 -24.84 -99.94 16.17
CA SER C 688 -25.27 -101.29 15.87
C SER C 688 -26.40 -101.24 14.86
N LEU C 689 -26.31 -102.07 13.83
CA LEU C 689 -27.29 -102.05 12.75
C LEU C 689 -28.58 -102.78 13.10
N GLY C 690 -28.61 -103.50 14.20
CA GLY C 690 -29.78 -104.25 14.60
C GLY C 690 -29.36 -105.53 15.29
N ALA C 691 -30.34 -106.41 15.48
CA ALA C 691 -30.09 -107.71 16.10
C ALA C 691 -29.55 -108.66 15.04
N GLU C 692 -28.29 -109.05 15.19
CA GLU C 692 -27.66 -109.97 14.25
C GLU C 692 -28.22 -111.37 14.48
N ASN C 693 -29.15 -111.77 13.62
CA ASN C 693 -29.79 -113.08 13.72
C ASN C 693 -29.80 -113.75 12.36
N SER C 694 -29.78 -115.07 12.37
CA SER C 694 -29.79 -115.88 11.16
C SER C 694 -31.08 -116.67 11.09
N VAL C 695 -31.72 -116.65 9.92
CA VAL C 695 -32.96 -117.39 9.67
C VAL C 695 -32.59 -118.71 9.02
N ALA C 696 -33.02 -119.81 9.62
CA ALA C 696 -32.73 -121.13 9.08
C ALA C 696 -33.47 -121.32 7.76
N TYR C 697 -32.74 -121.77 6.73
CA TYR C 697 -33.29 -121.93 5.40
C TYR C 697 -33.08 -123.37 4.93
N SER C 698 -34.12 -123.94 4.32
CA SER C 698 -34.05 -125.28 3.76
C SER C 698 -35.06 -125.37 2.63
N ASN C 699 -34.90 -126.39 1.79
CA ASN C 699 -35.78 -126.56 0.64
C ASN C 699 -37.08 -127.29 0.98
N ASN C 700 -37.21 -127.83 2.20
CA ASN C 700 -38.42 -128.54 2.58
C ASN C 700 -38.87 -128.17 3.99
N SER C 701 -38.62 -126.93 4.42
CA SER C 701 -39.00 -126.47 5.74
C SER C 701 -39.68 -125.10 5.61
N ILE C 702 -40.83 -124.95 6.25
CA ILE C 702 -41.60 -123.71 6.20
C ILE C 702 -42.00 -123.32 7.61
N ALA C 703 -42.31 -122.04 7.78
CA ALA C 703 -42.81 -121.50 9.04
C ALA C 703 -44.15 -120.83 8.78
N ILE C 704 -45.17 -121.28 9.50
CA ILE C 704 -46.52 -120.73 9.39
C ILE C 704 -47.00 -120.39 10.79
N PRO C 705 -47.41 -119.14 11.05
CA PRO C 705 -47.80 -118.75 12.41
C PRO C 705 -49.11 -119.40 12.85
N THR C 706 -49.24 -119.56 14.17
CA THR C 706 -50.46 -120.08 14.77
C THR C 706 -51.17 -119.07 15.65
N ASN C 707 -50.57 -117.90 15.90
CA ASN C 707 -51.20 -116.88 16.73
C ASN C 707 -50.84 -115.51 16.18
N PHE C 708 -51.60 -114.51 16.59
CA PHE C 708 -51.42 -113.15 16.10
C PHE C 708 -51.77 -112.15 17.20
N THR C 709 -51.23 -110.94 17.05
CA THR C 709 -51.52 -109.84 17.97
C THR C 709 -51.98 -108.63 17.17
N ILE C 710 -52.99 -107.93 17.69
CA ILE C 710 -53.50 -106.73 17.06
C ILE C 710 -52.71 -105.53 17.59
N SER C 711 -52.02 -104.83 16.69
CA SER C 711 -51.17 -103.71 17.06
C SER C 711 -51.66 -102.43 16.38
N VAL C 712 -51.43 -101.30 17.04
CA VAL C 712 -51.83 -100.00 16.54
C VAL C 712 -50.57 -99.15 16.38
N THR C 713 -50.39 -98.59 15.19
CA THR C 713 -49.20 -97.80 14.85
C THR C 713 -49.57 -96.33 14.76
N THR C 714 -48.70 -95.48 15.31
CA THR C 714 -48.93 -94.04 15.37
C THR C 714 -48.00 -93.34 14.39
N GLU C 715 -48.55 -92.43 13.59
CA GLU C 715 -47.77 -91.58 12.71
C GLU C 715 -48.33 -90.17 12.76
N ILE C 716 -47.48 -89.20 12.47
CA ILE C 716 -47.83 -87.78 12.51
C ILE C 716 -47.66 -87.19 11.12
N LEU C 717 -48.71 -86.56 10.61
CA LEU C 717 -48.70 -85.96 9.28
C LEU C 717 -49.33 -84.58 9.33
N PRO C 718 -48.54 -83.50 9.24
CA PRO C 718 -49.12 -82.16 9.19
C PRO C 718 -49.73 -81.87 7.83
N VAL C 719 -50.88 -81.18 7.84
CA VAL C 719 -51.59 -80.88 6.60
C VAL C 719 -51.75 -79.39 6.35
N SER C 720 -51.67 -78.54 7.37
CA SER C 720 -51.93 -77.12 7.18
C SER C 720 -51.09 -76.34 8.18
N MET C 721 -51.13 -75.01 8.04
CA MET C 721 -50.33 -74.14 8.90
C MET C 721 -51.00 -72.78 9.02
N THR C 722 -50.52 -72.00 9.99
CA THR C 722 -50.99 -70.65 10.21
C THR C 722 -50.69 -69.78 8.99
N LYS C 723 -51.66 -68.94 8.63
CA LYS C 723 -51.55 -68.09 7.46
C LYS C 723 -51.21 -66.67 7.90
N THR C 724 -50.12 -66.13 7.40
CA THR C 724 -49.68 -64.79 7.74
C THR C 724 -49.75 -63.90 6.50
N SER C 725 -50.19 -62.66 6.69
CA SER C 725 -50.25 -61.66 5.63
C SER C 725 -49.28 -60.54 5.95
N VAL C 726 -48.37 -60.26 5.01
CA VAL C 726 -47.32 -59.27 5.20
C VAL C 726 -47.40 -58.26 4.07
N ASP C 727 -47.36 -56.98 4.42
CA ASP C 727 -47.38 -55.89 3.45
C ASP C 727 -46.16 -54.99 3.64
N CYS C 728 -45.80 -54.29 2.56
CA CYS C 728 -44.62 -53.43 2.61
C CYS C 728 -44.87 -52.17 3.43
N THR C 729 -46.10 -51.63 3.40
CA THR C 729 -46.37 -50.33 3.99
C THR C 729 -46.17 -50.33 5.50
N MET C 730 -46.63 -51.38 6.18
CA MET C 730 -46.51 -51.44 7.63
C MET C 730 -45.17 -52.01 8.09
N TYR C 731 -44.63 -52.99 7.36
CA TYR C 731 -43.38 -53.62 7.76
C TYR C 731 -42.18 -52.74 7.43
N ILE C 732 -42.02 -52.38 6.16
CA ILE C 732 -40.86 -51.60 5.74
C ILE C 732 -41.00 -50.15 6.17
N CYS C 733 -42.09 -49.50 5.79
CA CYS C 733 -42.34 -48.11 6.16
C CYS C 733 -42.99 -48.01 7.53
N GLY C 734 -42.95 -46.81 8.10
CA GLY C 734 -43.59 -46.55 9.36
C GLY C 734 -44.76 -45.59 9.24
N ASP C 735 -44.60 -44.38 9.75
CA ASP C 735 -45.62 -43.33 9.65
C ASP C 735 -45.10 -42.12 8.89
N SER C 736 -44.26 -42.36 7.89
CA SER C 736 -43.66 -41.29 7.09
C SER C 736 -43.93 -41.52 5.62
N THR C 737 -44.22 -40.43 4.90
CA THR C 737 -44.50 -40.51 3.48
C THR C 737 -43.23 -40.55 2.62
N GLU C 738 -42.07 -40.23 3.19
CA GLU C 738 -40.82 -40.30 2.43
C GLU C 738 -40.38 -41.74 2.21
N CYS C 739 -40.95 -42.70 2.94
CA CYS C 739 -40.78 -44.10 2.59
C CYS C 739 -41.76 -44.52 1.51
N SER C 740 -42.98 -43.99 1.56
CA SER C 740 -44.01 -44.37 0.60
C SER C 740 -43.72 -43.83 -0.79
N ASN C 741 -43.11 -42.65 -0.90
CA ASN C 741 -42.80 -42.11 -2.21
C ASN C 741 -41.71 -42.91 -2.91
N LEU C 742 -40.73 -43.40 -2.15
CA LEU C 742 -39.69 -44.27 -2.70
C LEU C 742 -40.17 -45.70 -2.87
N LEU C 743 -41.26 -46.09 -2.20
CA LEU C 743 -41.83 -47.41 -2.38
C LEU C 743 -42.45 -47.61 -3.76
N LEU C 744 -42.65 -46.53 -4.53
CA LEU C 744 -43.21 -46.66 -5.88
C LEU C 744 -42.24 -47.34 -6.83
N GLN C 745 -40.94 -47.33 -6.54
CA GLN C 745 -39.97 -48.00 -7.39
C GLN C 745 -39.90 -49.50 -7.15
N TYR C 746 -40.44 -49.98 -6.03
CA TYR C 746 -40.49 -51.41 -5.73
C TYR C 746 -41.91 -51.88 -5.45
N GLY C 747 -42.91 -51.09 -5.85
CA GLY C 747 -44.28 -51.55 -5.81
C GLY C 747 -44.54 -52.82 -6.59
N SER C 748 -43.78 -53.04 -7.67
CA SER C 748 -43.89 -54.30 -8.40
C SER C 748 -43.42 -55.48 -7.56
N PHE C 749 -42.30 -55.31 -6.85
CA PHE C 749 -41.83 -56.33 -5.92
C PHE C 749 -42.86 -56.56 -4.81
N CYS C 750 -43.44 -55.49 -4.29
CA CYS C 750 -44.43 -55.60 -3.23
C CYS C 750 -45.69 -56.33 -3.72
N THR C 751 -46.11 -56.06 -4.96
CA THR C 751 -47.24 -56.78 -5.55
C THR C 751 -46.92 -58.26 -5.71
N GLN C 752 -45.70 -58.58 -6.15
CA GLN C 752 -45.28 -59.98 -6.27
C GLN C 752 -45.33 -60.68 -4.91
N LEU C 753 -44.80 -60.03 -3.88
CA LEU C 753 -44.77 -60.65 -2.55
C LEU C 753 -46.18 -60.78 -1.97
N ASN C 754 -47.03 -59.79 -2.17
CA ASN C 754 -48.40 -59.87 -1.69
C ASN C 754 -49.17 -60.99 -2.38
N ARG C 755 -48.97 -61.14 -3.69
CA ARG C 755 -49.63 -62.23 -4.42
C ARG C 755 -49.07 -63.58 -3.98
N ALA C 756 -47.78 -63.65 -3.66
CA ALA C 756 -47.20 -64.90 -3.17
C ALA C 756 -47.79 -65.27 -1.82
N LEU C 757 -47.94 -64.30 -0.91
CA LEU C 757 -48.54 -64.59 0.39
C LEU C 757 -50.02 -64.95 0.25
N THR C 758 -50.73 -64.31 -0.68
CA THR C 758 -52.12 -64.67 -0.93
C THR C 758 -52.23 -66.10 -1.46
N GLY C 759 -51.34 -66.48 -2.37
CA GLY C 759 -51.33 -67.84 -2.86
C GLY C 759 -50.99 -68.85 -1.78
N ILE C 760 -50.06 -68.50 -0.89
CA ILE C 760 -49.71 -69.36 0.24
C ILE C 760 -50.92 -69.54 1.15
N ALA C 761 -51.64 -68.45 1.44
CA ALA C 761 -52.82 -68.53 2.29
C ALA C 761 -53.91 -69.38 1.65
N VAL C 762 -54.15 -69.22 0.36
CA VAL C 762 -55.23 -69.98 -0.26
C VAL C 762 -54.84 -71.45 -0.43
N GLU C 763 -53.56 -71.77 -0.61
CA GLU C 763 -53.20 -73.19 -0.67
C GLU C 763 -53.23 -73.83 0.71
N GLN C 764 -52.87 -73.08 1.76
CA GLN C 764 -53.08 -73.59 3.12
C GLN C 764 -54.56 -73.81 3.41
N ASP C 765 -55.42 -72.93 2.88
CA ASP C 765 -56.86 -73.12 3.04
C ASP C 765 -57.34 -74.35 2.29
N LYS C 766 -56.83 -74.57 1.07
CA LYS C 766 -57.28 -75.69 0.24
C LYS C 766 -56.71 -77.02 0.72
N ASN C 767 -55.61 -77.01 1.48
CA ASN C 767 -55.02 -78.25 1.97
C ASN C 767 -55.96 -78.96 2.95
N THR C 768 -56.65 -78.20 3.80
CA THR C 768 -57.57 -78.80 4.76
C THR C 768 -58.78 -79.41 4.06
N GLN C 769 -59.26 -78.80 2.97
CA GLN C 769 -60.41 -79.31 2.26
C GLN C 769 -60.12 -80.60 1.52
N GLU C 770 -58.87 -80.84 1.15
CA GLU C 770 -58.49 -82.04 0.40
C GLU C 770 -58.24 -83.25 1.30
N VAL C 771 -58.21 -83.08 2.61
CA VAL C 771 -57.90 -84.14 3.55
C VAL C 771 -59.13 -84.54 4.36
N PHE C 772 -59.79 -83.58 4.99
CA PHE C 772 -60.90 -83.88 5.88
C PHE C 772 -62.25 -83.91 5.19
N ALA C 773 -62.42 -83.15 4.12
CA ALA C 773 -63.70 -83.09 3.40
C ALA C 773 -63.77 -84.15 2.31
N GLN C 774 -63.52 -85.41 2.68
CA GLN C 774 -63.60 -86.51 1.73
C GLN C 774 -65.04 -86.89 1.42
N VAL C 775 -65.94 -86.79 2.41
CA VAL C 775 -67.33 -87.11 2.24
C VAL C 775 -68.17 -85.84 2.42
N LYS C 776 -69.29 -85.79 1.72
CA LYS C 776 -70.19 -84.64 1.78
C LYS C 776 -71.41 -84.90 2.65
N GLN C 777 -71.42 -85.99 3.42
CA GLN C 777 -72.52 -86.31 4.31
C GLN C 777 -71.97 -86.58 5.70
N ILE C 778 -72.53 -85.91 6.71
CA ILE C 778 -72.12 -86.07 8.09
C ILE C 778 -72.88 -87.26 8.68
N TYR C 779 -72.16 -88.33 9.00
CA TYR C 779 -72.76 -89.54 9.53
C TYR C 779 -72.77 -89.47 11.06
N LYS C 780 -73.95 -89.60 11.64
CA LYS C 780 -74.09 -89.53 13.09
C LYS C 780 -73.74 -90.86 13.74
N THR C 781 -73.09 -90.80 14.89
CA THR C 781 -72.77 -92.00 15.63
C THR C 781 -74.05 -92.60 16.21
N PRO C 782 -74.32 -93.89 16.00
CA PRO C 782 -75.53 -94.49 16.56
C PRO C 782 -75.48 -94.53 18.08
N PRO C 783 -76.62 -94.40 18.75
CA PRO C 783 -76.61 -94.45 20.22
C PRO C 783 -76.22 -95.80 20.80
N ILE C 784 -76.35 -96.87 20.03
CA ILE C 784 -75.99 -98.20 20.51
C ILE C 784 -74.48 -98.38 20.38
N LYS C 785 -73.82 -98.64 21.50
CA LYS C 785 -72.37 -98.82 21.52
C LYS C 785 -71.95 -100.28 21.57
N ASP C 786 -72.88 -101.20 21.32
CA ASP C 786 -72.57 -102.63 21.32
C ASP C 786 -72.05 -103.00 19.93
N PHE C 787 -70.71 -102.99 19.80
CA PHE C 787 -70.04 -103.31 18.54
C PHE C 787 -69.40 -104.70 18.57
N GLY C 788 -70.03 -105.65 19.25
CA GLY C 788 -69.46 -106.97 19.36
C GLY C 788 -68.31 -107.11 20.32
N GLY C 789 -68.18 -106.19 21.27
CA GLY C 789 -67.09 -106.20 22.22
C GLY C 789 -66.02 -105.17 21.96
N PHE C 790 -66.09 -104.42 20.87
CA PHE C 790 -65.10 -103.40 20.56
C PHE C 790 -65.44 -102.12 21.31
N ASN C 791 -64.49 -101.63 22.10
CA ASN C 791 -64.67 -100.41 22.88
C ASN C 791 -64.24 -99.22 22.04
N PHE C 792 -65.19 -98.33 21.74
CA PHE C 792 -64.93 -97.18 20.88
C PHE C 792 -65.13 -95.85 21.58
N SER C 793 -65.27 -95.84 22.91
CA SER C 793 -65.49 -94.59 23.63
C SER C 793 -64.26 -93.68 23.61
N GLN C 794 -63.08 -94.23 23.35
CA GLN C 794 -61.86 -93.42 23.36
C GLN C 794 -61.73 -92.56 22.12
N ILE C 795 -62.16 -93.05 20.95
CA ILE C 795 -61.98 -92.32 19.71
C ILE C 795 -63.26 -91.57 19.34
N LEU C 796 -64.41 -92.12 19.73
CA LEU C 796 -65.65 -91.40 19.48
C LEU C 796 -65.82 -90.24 20.46
N PRO C 797 -66.43 -89.14 20.03
CA PRO C 797 -66.66 -88.02 20.95
C PRO C 797 -67.61 -88.38 22.07
N ASP C 798 -67.40 -87.74 23.23
CA ASP C 798 -68.22 -87.96 24.40
C ASP C 798 -69.11 -86.75 24.68
N PRO C 799 -70.36 -86.97 25.09
CA PRO C 799 -71.26 -85.85 25.38
C PRO C 799 -71.07 -85.24 26.76
N SER C 800 -70.13 -85.75 27.56
CA SER C 800 -69.92 -85.20 28.90
C SER C 800 -69.31 -83.81 28.84
N LYS C 801 -68.51 -83.52 27.82
CA LYS C 801 -67.85 -82.23 27.67
C LYS C 801 -68.50 -81.42 26.56
N PRO C 802 -68.52 -80.09 26.68
CA PRO C 802 -69.04 -79.26 25.58
C PRO C 802 -68.26 -79.38 24.30
N SER C 803 -66.95 -79.62 24.38
CA SER C 803 -66.13 -79.79 23.19
C SER C 803 -66.45 -81.10 22.49
N LYS C 804 -66.39 -81.07 21.16
CA LYS C 804 -66.69 -82.24 20.34
C LYS C 804 -65.47 -83.13 20.11
N ARG C 805 -64.32 -82.78 20.66
CA ARG C 805 -63.11 -83.55 20.46
C ARG C 805 -63.14 -84.83 21.29
N SER C 806 -62.44 -85.85 20.80
CA SER C 806 -62.28 -87.09 21.53
C SER C 806 -61.33 -86.89 22.72
N PRO C 807 -61.40 -87.76 23.73
CA PRO C 807 -60.40 -87.67 24.82
C PRO C 807 -58.97 -87.83 24.33
N ILE C 808 -58.73 -88.71 23.36
CA ILE C 808 -57.41 -88.79 22.74
C ILE C 808 -57.14 -87.52 21.92
N GLU C 809 -58.18 -86.97 21.27
CA GLU C 809 -58.02 -85.71 20.58
C GLU C 809 -57.78 -84.57 21.55
N ASP C 810 -58.42 -84.61 22.72
CA ASP C 810 -58.16 -83.59 23.75
C ASP C 810 -56.73 -83.68 24.26
N LEU C 811 -56.23 -84.91 24.47
CA LEU C 811 -54.84 -85.09 24.88
C LEU C 811 -53.87 -84.61 23.81
N LEU C 812 -54.19 -84.86 22.54
CA LEU C 812 -53.35 -84.39 21.45
C LEU C 812 -53.36 -82.86 21.36
N PHE C 813 -54.52 -82.25 21.59
CA PHE C 813 -54.62 -80.79 21.59
C PHE C 813 -53.82 -80.18 22.72
N ASN C 814 -53.91 -80.76 23.92
CA ASN C 814 -53.18 -80.23 25.06
C ASN C 814 -51.70 -80.58 25.04
N LYS C 815 -51.30 -81.57 24.24
CA LYS C 815 -49.89 -81.97 24.21
C LYS C 815 -49.04 -80.98 23.44
N VAL C 816 -49.56 -80.46 22.32
CA VAL C 816 -48.82 -79.55 21.45
C VAL C 816 -49.20 -78.12 21.80
N THR C 817 -48.21 -77.23 21.78
CA THR C 817 -48.44 -75.81 22.08
C THR C 817 -48.78 -75.05 20.80
N ALA C 842 -46.97 -61.08 21.56
CA ALA C 842 -47.44 -61.65 20.30
C ALA C 842 -46.57 -61.21 19.14
N GLN C 843 -46.96 -61.59 17.93
CA GLN C 843 -46.22 -61.26 16.71
C GLN C 843 -47.03 -60.40 15.75
N LYS C 844 -48.14 -59.82 16.22
CA LYS C 844 -49.00 -59.00 15.39
C LYS C 844 -48.79 -57.50 15.61
N PHE C 845 -47.80 -57.12 16.43
CA PHE C 845 -47.55 -55.71 16.72
C PHE C 845 -46.82 -55.00 15.59
N ASN C 846 -46.24 -55.73 14.63
CA ASN C 846 -45.47 -55.15 13.55
C ASN C 846 -46.22 -55.21 12.22
N GLY C 847 -47.54 -55.32 12.26
CA GLY C 847 -48.33 -55.51 11.06
C GLY C 847 -48.26 -56.91 10.49
N LEU C 848 -47.68 -57.85 11.23
CA LEU C 848 -47.52 -59.23 10.76
C LEU C 848 -48.74 -60.04 11.19
N THR C 849 -49.87 -59.69 10.57
CA THR C 849 -51.16 -60.26 10.95
C THR C 849 -51.25 -61.74 10.57
N VAL C 850 -51.99 -62.49 11.39
CA VAL C 850 -52.18 -63.92 11.20
C VAL C 850 -53.61 -64.14 10.71
N LEU C 851 -53.74 -64.75 9.54
CA LEU C 851 -55.05 -65.02 8.97
C LEU C 851 -55.68 -66.24 9.66
N PRO C 852 -56.90 -66.11 10.17
CA PRO C 852 -57.55 -67.28 10.77
C PRO C 852 -57.88 -68.33 9.72
N PRO C 853 -57.88 -69.60 10.09
CA PRO C 853 -58.22 -70.65 9.12
C PRO C 853 -59.69 -70.62 8.75
N LEU C 854 -59.98 -71.15 7.55
CA LEU C 854 -61.36 -71.19 7.08
C LEU C 854 -62.20 -72.16 7.90
N LEU C 855 -61.59 -73.24 8.40
CA LEU C 855 -62.28 -74.25 9.19
C LEU C 855 -61.75 -74.21 10.62
N THR C 856 -62.66 -74.10 11.58
CA THR C 856 -62.28 -74.11 12.97
C THR C 856 -61.91 -75.53 13.41
N ASP C 857 -61.37 -75.63 14.63
CA ASP C 857 -60.99 -76.94 15.16
C ASP C 857 -62.21 -77.82 15.41
N GLU C 858 -63.36 -77.23 15.77
CA GLU C 858 -64.55 -78.03 15.98
C GLU C 858 -65.14 -78.50 14.66
N MET C 859 -64.95 -77.73 13.59
CA MET C 859 -65.30 -78.20 12.24
C MET C 859 -64.51 -79.45 11.89
N ILE C 860 -63.21 -79.43 12.16
CA ILE C 860 -62.35 -80.58 11.86
C ILE C 860 -62.71 -81.75 12.76
N ALA C 861 -63.05 -81.48 14.02
CA ALA C 861 -63.48 -82.55 14.92
C ALA C 861 -64.77 -83.20 14.45
N GLN C 862 -65.72 -82.38 13.96
CA GLN C 862 -66.95 -82.93 13.41
C GLN C 862 -66.69 -83.75 12.15
N TYR C 863 -65.76 -83.28 11.29
CA TYR C 863 -65.34 -84.06 10.13
C TYR C 863 -64.81 -85.42 10.54
N THR C 864 -63.89 -85.44 11.52
CA THR C 864 -63.29 -86.71 11.95
C THR C 864 -64.31 -87.63 12.60
N SER C 865 -65.24 -87.06 13.38
CA SER C 865 -66.27 -87.89 14.01
C SER C 865 -67.22 -88.49 12.97
N ALA C 866 -67.60 -87.70 11.96
CA ALA C 866 -68.45 -88.22 10.89
C ALA C 866 -67.74 -89.32 10.10
N LEU C 867 -66.46 -89.13 9.81
CA LEU C 867 -65.70 -90.15 9.08
C LEU C 867 -65.54 -91.42 9.92
N LEU C 868 -65.32 -91.26 11.23
CA LEU C 868 -65.23 -92.42 12.12
C LEU C 868 -66.55 -93.18 12.18
N ALA C 869 -67.67 -92.46 12.28
CA ALA C 869 -68.97 -93.11 12.29
C ALA C 869 -69.24 -93.83 10.98
N GLY C 870 -68.86 -93.21 9.86
CA GLY C 870 -69.05 -93.85 8.57
C GLY C 870 -68.20 -95.11 8.40
N THR C 871 -66.96 -95.08 8.92
CA THR C 871 -66.08 -96.23 8.77
C THR C 871 -66.35 -97.32 9.81
N ILE C 872 -67.07 -97.03 10.89
CA ILE C 872 -67.47 -98.09 11.81
C ILE C 872 -68.88 -98.59 11.57
N THR C 873 -69.71 -97.86 10.83
CA THR C 873 -71.07 -98.30 10.55
C THR C 873 -71.26 -98.81 9.13
N SER C 874 -70.35 -98.49 8.21
CA SER C 874 -70.48 -98.91 6.83
C SER C 874 -69.23 -99.53 6.23
N GLY C 875 -68.06 -99.35 6.84
CA GLY C 875 -66.84 -99.91 6.31
C GLY C 875 -66.23 -99.07 5.21
N TRP C 876 -66.35 -99.51 3.96
CA TRP C 876 -65.85 -98.76 2.82
C TRP C 876 -66.93 -98.41 1.81
N THR C 877 -68.20 -98.75 2.08
CA THR C 877 -69.27 -98.43 1.15
C THR C 877 -69.54 -96.93 1.10
N PHE C 878 -69.39 -96.23 2.21
CA PHE C 878 -69.62 -94.79 2.23
C PHE C 878 -68.51 -94.02 1.51
N GLY C 879 -67.32 -94.60 1.38
CA GLY C 879 -66.24 -93.94 0.68
C GLY C 879 -66.24 -94.12 -0.83
N ALA C 880 -67.13 -94.98 -1.35
CA ALA C 880 -67.23 -95.23 -2.79
C ALA C 880 -68.68 -95.25 -3.24
N GLY C 881 -69.53 -94.46 -2.57
CA GLY C 881 -70.93 -94.41 -2.92
C GLY C 881 -71.81 -94.18 -1.70
N PRO C 882 -73.09 -94.55 -1.80
CA PRO C 882 -73.98 -94.42 -0.64
C PRO C 882 -73.57 -95.38 0.48
N ALA C 883 -73.83 -94.94 1.71
CA ALA C 883 -73.48 -95.74 2.87
C ALA C 883 -74.43 -96.91 3.02
N LEU C 884 -73.87 -98.11 3.22
CA LEU C 884 -74.64 -99.32 3.43
C LEU C 884 -74.43 -99.78 4.86
N GLN C 885 -75.53 -100.00 5.58
CA GLN C 885 -75.44 -100.43 6.97
C GLN C 885 -74.84 -101.83 7.06
N ILE C 886 -73.89 -102.01 7.97
CA ILE C 886 -73.22 -103.29 8.16
C ILE C 886 -72.70 -103.39 9.59
N PRO C 887 -72.80 -104.53 10.24
CA PRO C 887 -72.22 -104.68 11.57
C PRO C 887 -70.70 -104.77 11.52
N PHE C 888 -70.09 -104.51 12.68
CA PHE C 888 -68.64 -104.60 12.81
C PHE C 888 -68.04 -105.99 12.59
N PRO C 889 -68.61 -107.11 13.11
CA PRO C 889 -67.89 -108.40 13.00
C PRO C 889 -67.57 -108.86 11.59
N MET C 890 -68.56 -108.93 10.69
CA MET C 890 -68.20 -109.35 9.33
C MET C 890 -67.50 -108.25 8.55
N GLN C 891 -67.53 -107.00 8.99
CA GLN C 891 -66.61 -106.00 8.43
C GLN C 891 -65.17 -106.36 8.73
N MET C 892 -64.89 -106.73 9.99
CA MET C 892 -63.55 -107.20 10.34
C MET C 892 -63.21 -108.51 9.65
N ALA C 893 -64.22 -109.36 9.42
CA ALA C 893 -64.00 -110.59 8.66
C ALA C 893 -63.61 -110.28 7.21
N TYR C 894 -64.23 -109.25 6.62
CA TYR C 894 -63.84 -108.83 5.27
C TYR C 894 -62.42 -108.26 5.27
N ARG C 895 -62.06 -107.51 6.31
CA ARG C 895 -60.68 -107.01 6.40
C ARG C 895 -59.69 -108.16 6.54
N PHE C 896 -60.06 -109.21 7.28
CA PHE C 896 -59.22 -110.40 7.36
C PHE C 896 -59.13 -111.10 6.01
N ASN C 897 -60.24 -111.16 5.28
CA ASN C 897 -60.23 -111.78 3.95
C ASN C 897 -59.38 -110.99 2.97
N GLY C 898 -59.27 -109.67 3.16
CA GLY C 898 -58.48 -108.84 2.27
C GLY C 898 -56.99 -109.06 2.38
N ILE C 899 -56.51 -109.68 3.46
CA ILE C 899 -55.10 -109.96 3.65
C ILE C 899 -54.79 -111.44 3.50
N GLY C 900 -55.71 -112.20 2.91
CA GLY C 900 -55.49 -113.62 2.69
C GLY C 900 -55.79 -114.53 3.85
N VAL C 901 -56.48 -114.05 4.88
CA VAL C 901 -56.86 -114.85 6.03
C VAL C 901 -58.34 -115.18 5.93
N THR C 902 -58.67 -116.46 6.09
CA THR C 902 -60.07 -116.89 6.01
C THR C 902 -60.87 -116.31 7.17
N GLN C 903 -62.13 -115.98 6.90
CA GLN C 903 -62.98 -115.31 7.87
C GLN C 903 -63.44 -116.21 9.00
N ASN C 904 -63.20 -117.52 8.91
CA ASN C 904 -63.66 -118.44 9.95
C ASN C 904 -62.87 -118.31 11.25
N VAL C 905 -61.71 -117.67 11.22
CA VAL C 905 -60.87 -117.57 12.41
C VAL C 905 -61.31 -116.44 13.34
N LEU C 906 -62.00 -115.43 12.82
CA LEU C 906 -62.41 -114.30 13.65
C LEU C 906 -63.50 -114.71 14.64
N TYR C 907 -64.54 -115.40 14.16
CA TYR C 907 -65.67 -115.72 15.01
C TYR C 907 -65.35 -116.78 16.05
N GLU C 908 -64.25 -117.53 15.87
CA GLU C 908 -63.84 -118.50 16.87
C GLU C 908 -63.20 -117.83 18.08
N ASN C 909 -62.50 -116.72 17.88
CA ASN C 909 -61.80 -116.00 18.95
C ASN C 909 -62.06 -114.51 18.86
N GLN C 910 -63.34 -114.14 18.71
CA GLN C 910 -63.70 -112.73 18.59
C GLN C 910 -63.43 -111.97 19.88
N LYS C 911 -63.65 -112.62 21.04
CA LYS C 911 -63.38 -111.97 22.31
C LYS C 911 -61.90 -111.66 22.47
N LEU C 912 -61.04 -112.58 22.04
CA LEU C 912 -59.60 -112.36 22.12
C LEU C 912 -59.16 -111.17 21.28
N ILE C 913 -59.69 -111.06 20.06
CA ILE C 913 -59.32 -109.96 19.18
C ILE C 913 -59.87 -108.64 19.72
N ALA C 914 -61.09 -108.67 20.28
CA ALA C 914 -61.64 -107.46 20.88
C ALA C 914 -60.82 -107.00 22.09
N ASN C 915 -60.39 -107.95 22.92
CA ASN C 915 -59.54 -107.61 24.06
C ASN C 915 -58.18 -107.07 23.60
N GLN C 916 -57.63 -107.66 22.54
CA GLN C 916 -56.37 -107.15 21.99
C GLN C 916 -56.53 -105.73 21.45
N PHE C 917 -57.65 -105.46 20.78
CA PHE C 917 -57.92 -104.11 20.28
C PHE C 917 -58.06 -103.11 21.42
N ASN C 918 -58.77 -103.49 22.48
CA ASN C 918 -58.92 -102.60 23.63
C ASN C 918 -57.59 -102.34 24.32
N SER C 919 -56.77 -103.39 24.46
CA SER C 919 -55.46 -103.23 25.07
C SER C 919 -54.56 -102.35 24.21
N ALA C 920 -54.65 -102.49 22.88
CA ALA C 920 -53.86 -101.64 21.99
C ALA C 920 -54.30 -100.18 22.07
N ILE C 921 -55.62 -99.95 22.19
CA ILE C 921 -56.11 -98.59 22.35
C ILE C 921 -55.62 -97.98 23.66
N GLY C 922 -55.67 -98.76 24.75
CA GLY C 922 -55.11 -98.30 26.01
C GLY C 922 -53.62 -98.01 25.92
N LYS C 923 -52.89 -98.87 25.20
CA LYS C 923 -51.45 -98.69 25.06
C LYS C 923 -51.11 -97.44 24.27
N ILE C 924 -51.82 -97.18 23.16
CA ILE C 924 -51.52 -95.98 22.37
C ILE C 924 -51.92 -94.73 23.14
N GLN C 925 -53.02 -94.79 23.91
CA GLN C 925 -53.40 -93.65 24.74
C GLN C 925 -52.34 -93.38 25.81
N ASP C 926 -51.83 -94.43 26.45
CA ASP C 926 -50.81 -94.26 27.49
C ASP C 926 -49.51 -93.75 26.90
N SER C 927 -49.14 -94.22 25.70
CA SER C 927 -47.92 -93.75 25.06
C SER C 927 -48.04 -92.30 24.62
N LEU C 928 -49.22 -91.90 24.15
CA LEU C 928 -49.44 -90.51 23.76
C LEU C 928 -49.47 -89.59 24.98
N SER C 929 -49.95 -90.09 26.12
CA SER C 929 -49.96 -89.28 27.34
C SER C 929 -48.56 -88.97 27.84
N SER C 930 -47.58 -89.81 27.52
CA SER C 930 -46.20 -89.58 27.95
C SER C 930 -45.51 -88.57 27.04
N ALA C 934 -42.26 -86.06 22.78
CA ALA C 934 -43.51 -85.51 22.26
C ALA C 934 -43.58 -85.64 20.75
N LEU C 935 -44.40 -84.80 20.12
CA LEU C 935 -44.56 -84.81 18.68
C LEU C 935 -43.46 -83.95 18.04
N GLY C 936 -42.87 -84.47 16.97
CA GLY C 936 -41.82 -83.75 16.27
C GLY C 936 -42.30 -83.11 14.99
N LYS C 937 -43.16 -83.80 14.25
CA LYS C 937 -43.64 -83.27 12.97
C LYS C 937 -44.60 -82.11 13.17
N LEU C 938 -45.49 -82.20 14.16
CA LEU C 938 -46.44 -81.14 14.41
C LEU C 938 -45.82 -79.95 15.15
N GLN C 939 -44.68 -80.15 15.82
CA GLN C 939 -44.04 -79.07 16.56
C GLN C 939 -43.01 -78.30 15.74
N ASP C 940 -42.34 -78.97 14.81
CA ASP C 940 -41.34 -78.30 13.97
C ASP C 940 -41.98 -77.25 13.08
N VAL C 941 -43.15 -77.56 12.51
CA VAL C 941 -43.83 -76.61 11.63
C VAL C 941 -44.27 -75.36 12.39
N VAL C 942 -44.50 -75.46 13.70
CA VAL C 942 -44.84 -74.29 14.51
C VAL C 942 -43.59 -73.51 14.90
N ASN C 943 -42.57 -74.23 15.37
CA ASN C 943 -41.36 -73.59 15.87
C ASN C 943 -40.60 -72.88 14.76
N GLN C 944 -40.54 -73.48 13.57
CA GLN C 944 -39.83 -72.87 12.45
C GLN C 944 -40.49 -71.56 12.03
N ASN C 945 -41.83 -71.54 11.95
CA ASN C 945 -42.52 -70.31 11.55
C ASN C 945 -42.46 -69.25 12.63
N ALA C 946 -42.53 -69.66 13.91
CA ALA C 946 -42.37 -68.69 15.00
C ALA C 946 -40.97 -68.08 14.98
N GLN C 947 -39.95 -68.90 14.72
CA GLN C 947 -38.58 -68.40 14.63
C GLN C 947 -38.41 -67.49 13.42
N ALA C 948 -39.08 -67.81 12.30
CA ALA C 948 -39.01 -66.95 11.13
C ALA C 948 -39.67 -65.59 11.39
N LEU C 949 -40.81 -65.59 12.08
CA LEU C 949 -41.44 -64.33 12.45
C LEU C 949 -40.57 -63.51 13.41
N ASN C 950 -39.93 -64.20 14.36
CA ASN C 950 -38.99 -63.51 15.26
C ASN C 950 -37.81 -62.94 14.49
N THR C 951 -37.31 -63.67 13.49
CA THR C 951 -36.23 -63.17 12.66
C THR C 951 -36.67 -61.95 11.85
N LEU C 952 -37.91 -61.97 11.34
CA LEU C 952 -38.45 -60.79 10.67
C LEU C 952 -38.49 -59.60 11.61
N VAL C 953 -38.86 -59.83 12.87
CA VAL C 953 -38.85 -58.75 13.86
C VAL C 953 -37.43 -58.25 14.07
N LYS C 954 -36.47 -59.16 14.18
CA LYS C 954 -35.07 -58.78 14.39
C LYS C 954 -34.46 -58.07 13.19
N GLN C 955 -35.04 -58.23 11.99
CA GLN C 955 -34.52 -57.55 10.80
C GLN C 955 -34.57 -56.04 10.95
N LEU C 956 -35.65 -55.52 11.52
CA LEU C 956 -35.80 -54.08 11.67
C LEU C 956 -34.91 -53.49 12.75
N SER C 957 -34.25 -54.32 13.57
CA SER C 957 -33.34 -53.86 14.59
C SER C 957 -31.92 -53.64 14.08
N SER C 958 -31.67 -53.92 12.80
CA SER C 958 -30.36 -53.74 12.20
C SER C 958 -30.34 -52.50 11.32
N ASN C 959 -29.15 -51.93 11.16
CA ASN C 959 -29.00 -50.68 10.41
C ASN C 959 -28.84 -50.90 8.91
N PHE C 960 -28.45 -52.10 8.48
CA PHE C 960 -28.16 -52.40 7.08
C PHE C 960 -27.10 -51.46 6.50
N GLY C 961 -26.08 -51.16 7.31
CA GLY C 961 -25.02 -50.27 6.88
C GLY C 961 -25.30 -48.79 7.04
N ALA C 962 -26.42 -48.42 7.65
CA ALA C 962 -26.77 -47.03 7.85
C ALA C 962 -26.31 -46.58 9.23
N ILE C 963 -26.66 -45.34 9.60
CA ILE C 963 -26.27 -44.80 10.91
C ILE C 963 -27.32 -45.03 11.98
N SER C 964 -28.50 -45.52 11.62
CA SER C 964 -29.55 -45.76 12.59
C SER C 964 -30.49 -46.84 12.05
N SER C 965 -31.28 -47.41 12.95
CA SER C 965 -32.21 -48.47 12.59
C SER C 965 -33.57 -47.93 12.18
N VAL C 966 -34.19 -47.09 13.02
CA VAL C 966 -35.50 -46.52 12.73
C VAL C 966 -35.33 -45.32 11.80
N LEU C 967 -36.26 -45.20 10.84
CA LEU C 967 -36.19 -44.12 9.86
C LEU C 967 -36.54 -42.76 10.48
N ASN C 968 -37.36 -42.76 11.55
CA ASN C 968 -37.76 -41.50 12.16
C ASN C 968 -36.57 -40.78 12.78
N ASP C 969 -35.59 -41.51 13.28
CA ASP C 969 -34.41 -40.88 13.89
C ASP C 969 -33.60 -40.11 12.85
N ILE C 970 -33.30 -40.74 11.71
CA ILE C 970 -32.54 -40.05 10.68
C ILE C 970 -33.38 -38.99 9.98
N LEU C 971 -34.71 -39.12 9.99
CA LEU C 971 -35.55 -38.02 9.52
C LEU C 971 -35.46 -36.82 10.46
N SER C 972 -35.41 -37.07 11.77
CA SER C 972 -35.39 -35.98 12.73
C SER C 972 -34.03 -35.29 12.78
N ARG C 973 -32.95 -36.07 12.68
CA ARG C 973 -31.61 -35.49 12.85
C ARG C 973 -30.98 -35.04 11.53
N LEU C 974 -31.47 -35.49 10.39
CA LEU C 974 -30.90 -35.14 9.10
C LEU C 974 -31.99 -34.71 8.13
N ASP C 975 -31.64 -33.84 7.20
CA ASP C 975 -32.58 -33.37 6.21
C ASP C 975 -32.89 -34.47 5.19
N PRO C 976 -34.12 -34.53 4.69
CA PRO C 976 -34.49 -35.56 3.70
C PRO C 976 -33.67 -35.50 2.42
N PRO C 977 -33.26 -34.32 1.91
CA PRO C 977 -32.35 -34.35 0.74
C PRO C 977 -31.03 -35.06 1.00
N GLU C 978 -30.49 -34.99 2.22
CA GLU C 978 -29.21 -35.63 2.50
C GLU C 978 -29.36 -37.07 2.97
N ALA C 979 -30.46 -37.40 3.65
CA ALA C 979 -30.67 -38.72 4.20
C ALA C 979 -31.33 -39.69 3.23
N GLU C 980 -31.26 -39.39 1.92
CA GLU C 980 -31.86 -40.28 0.93
C GLU C 980 -31.08 -41.58 0.79
N VAL C 981 -29.75 -41.54 0.96
CA VAL C 981 -28.94 -42.74 0.82
C VAL C 981 -29.24 -43.73 1.95
N GLN C 982 -29.36 -43.23 3.18
CA GLN C 982 -29.63 -44.10 4.32
C GLN C 982 -31.00 -44.75 4.21
N ILE C 983 -32.03 -43.97 3.86
CA ILE C 983 -33.36 -44.54 3.72
C ILE C 983 -33.41 -45.49 2.53
N ASP C 984 -32.66 -45.20 1.45
CA ASP C 984 -32.63 -46.11 0.30
C ASP C 984 -31.98 -47.44 0.66
N ARG C 985 -30.88 -47.41 1.41
CA ARG C 985 -30.25 -48.66 1.81
C ARG C 985 -31.10 -49.41 2.82
N LEU C 986 -31.89 -48.69 3.63
CA LEU C 986 -32.85 -49.35 4.51
C LEU C 986 -33.94 -50.06 3.70
N ILE C 987 -34.42 -49.41 2.63
CA ILE C 987 -35.40 -50.03 1.75
C ILE C 987 -34.82 -51.29 1.12
N THR C 988 -33.58 -51.22 0.63
CA THR C 988 -32.98 -52.38 -0.01
C THR C 988 -32.79 -53.53 0.97
N GLY C 989 -32.32 -53.23 2.19
CA GLY C 989 -32.14 -54.27 3.18
C GLY C 989 -33.45 -54.92 3.62
N ARG C 990 -34.47 -54.10 3.87
CA ARG C 990 -35.76 -54.65 4.28
C ARG C 990 -36.41 -55.43 3.15
N LEU C 991 -36.25 -54.98 1.91
CA LEU C 991 -36.76 -55.72 0.76
C LEU C 991 -36.05 -57.05 0.59
N GLN C 992 -34.74 -57.08 0.80
CA GLN C 992 -34.00 -58.34 0.73
C GLN C 992 -34.44 -59.31 1.82
N SER C 993 -34.63 -58.82 3.04
CA SER C 993 -35.08 -59.67 4.13
C SER C 993 -36.48 -60.21 3.86
N LEU C 994 -37.38 -59.35 3.37
CA LEU C 994 -38.75 -59.80 3.08
C LEU C 994 -38.77 -60.79 1.92
N GLN C 995 -37.90 -60.58 0.92
CA GLN C 995 -37.82 -61.53 -0.20
C GLN C 995 -37.31 -62.88 0.25
N THR C 996 -36.31 -62.90 1.15
CA THR C 996 -35.83 -64.16 1.69
C THR C 996 -36.91 -64.86 2.51
N TYR C 997 -37.67 -64.08 3.30
CA TYR C 997 -38.77 -64.65 4.06
C TYR C 997 -39.84 -65.23 3.14
N VAL C 998 -40.16 -64.54 2.05
CA VAL C 998 -41.14 -65.03 1.09
C VAL C 998 -40.65 -66.31 0.43
N THR C 999 -39.36 -66.36 0.07
CA THR C 999 -38.80 -67.55 -0.56
C THR C 999 -38.86 -68.76 0.38
N GLN C 1000 -38.46 -68.58 1.64
CA GLN C 1000 -38.48 -69.71 2.56
C GLN C 1000 -39.90 -70.11 2.92
N GLN C 1001 -40.82 -69.14 2.98
CA GLN C 1001 -42.23 -69.46 3.19
C GLN C 1001 -42.79 -70.25 2.03
N LEU C 1002 -42.39 -69.91 0.79
CA LEU C 1002 -42.85 -70.67 -0.37
C LEU C 1002 -42.30 -72.08 -0.38
N ILE C 1003 -41.03 -72.25 0.01
CA ILE C 1003 -40.45 -73.58 0.10
C ILE C 1003 -41.18 -74.42 1.16
N ARG C 1004 -41.43 -73.82 2.33
CA ARG C 1004 -42.18 -74.53 3.36
C ARG C 1004 -43.61 -74.82 2.93
N ALA C 1005 -44.21 -73.92 2.15
CA ALA C 1005 -45.56 -74.13 1.64
C ALA C 1005 -45.59 -75.30 0.66
N ALA C 1006 -44.56 -75.42 -0.19
CA ALA C 1006 -44.47 -76.57 -1.08
C ALA C 1006 -44.30 -77.86 -0.29
N GLU C 1007 -43.50 -77.83 0.77
CA GLU C 1007 -43.33 -79.02 1.61
C GLU C 1007 -44.64 -79.41 2.28
N ILE C 1008 -45.37 -78.42 2.79
CA ILE C 1008 -46.67 -78.69 3.41
C ILE C 1008 -47.67 -79.19 2.38
N ARG C 1009 -47.60 -78.69 1.15
CA ARG C 1009 -48.47 -79.18 0.08
C ARG C 1009 -48.17 -80.65 -0.23
N ALA C 1010 -46.89 -81.02 -0.30
CA ALA C 1010 -46.54 -82.42 -0.52
C ALA C 1010 -47.00 -83.31 0.64
N SER C 1011 -46.83 -82.83 1.87
CA SER C 1011 -47.27 -83.59 3.04
C SER C 1011 -48.79 -83.73 3.05
N ALA C 1012 -49.51 -82.68 2.65
CA ALA C 1012 -50.97 -82.74 2.61
C ALA C 1012 -51.45 -83.67 1.52
N ASN C 1013 -50.75 -83.71 0.37
CA ASN C 1013 -51.09 -84.67 -0.67
C ASN C 1013 -50.87 -86.10 -0.20
N LEU C 1014 -49.77 -86.35 0.51
CA LEU C 1014 -49.53 -87.67 1.08
C LEU C 1014 -50.60 -88.05 2.09
N ALA C 1015 -50.99 -87.10 2.95
CA ALA C 1015 -52.02 -87.36 3.94
C ALA C 1015 -53.37 -87.59 3.28
N ALA C 1016 -53.67 -86.87 2.19
CA ALA C 1016 -54.92 -87.08 1.47
C ALA C 1016 -54.96 -88.46 0.82
N THR C 1017 -53.83 -88.89 0.23
CA THR C 1017 -53.78 -90.23 -0.34
C THR C 1017 -53.95 -91.30 0.73
N LYS C 1018 -53.32 -91.10 1.90
CA LYS C 1018 -53.48 -92.04 3.00
C LYS C 1018 -54.93 -92.06 3.48
N MET C 1019 -55.56 -90.89 3.57
CA MET C 1019 -56.96 -90.80 3.98
C MET C 1019 -57.88 -91.52 3.00
N SER C 1020 -57.60 -91.37 1.70
CA SER C 1020 -58.45 -92.01 0.69
C SER C 1020 -58.22 -93.51 0.62
N GLU C 1021 -57.02 -93.99 0.96
CA GLU C 1021 -56.68 -95.39 0.77
C GLU C 1021 -56.83 -96.22 2.06
N CYS C 1022 -56.10 -95.86 3.12
CA CYS C 1022 -56.11 -96.69 4.32
C CYS C 1022 -57.39 -96.52 5.13
N VAL C 1023 -58.04 -95.36 5.05
CA VAL C 1023 -59.23 -95.08 5.84
C VAL C 1023 -60.52 -95.32 5.05
N LEU C 1024 -60.61 -94.77 3.84
CA LEU C 1024 -61.81 -94.93 3.03
C LEU C 1024 -61.75 -96.24 2.25
N GLY C 1025 -61.48 -97.34 2.95
CA GLY C 1025 -61.27 -98.63 2.32
C GLY C 1025 -60.06 -99.36 2.87
N GLN C 1026 -59.75 -100.52 2.33
CA GLN C 1026 -58.60 -101.31 2.73
C GLN C 1026 -57.56 -101.25 1.63
N SER C 1027 -56.34 -100.84 1.98
CA SER C 1027 -55.27 -100.68 1.01
C SER C 1027 -54.42 -101.93 0.96
N LYS C 1028 -54.21 -102.45 -0.25
CA LYS C 1028 -53.36 -103.61 -0.46
C LYS C 1028 -51.87 -103.25 -0.53
N ARG C 1029 -51.54 -101.97 -0.50
CA ARG C 1029 -50.14 -101.53 -0.52
C ARG C 1029 -49.49 -101.89 0.80
N VAL C 1030 -48.52 -102.81 0.75
CA VAL C 1030 -47.86 -103.31 1.94
C VAL C 1030 -46.86 -102.28 2.43
N ASP C 1031 -46.74 -102.15 3.76
CA ASP C 1031 -45.85 -101.21 4.44
C ASP C 1031 -46.13 -99.77 4.02
N PHE C 1032 -47.41 -99.46 3.79
CA PHE C 1032 -47.85 -98.10 3.49
C PHE C 1032 -48.74 -97.52 4.57
N CYS C 1033 -49.65 -98.32 5.13
CA CYS C 1033 -50.50 -97.92 6.24
C CYS C 1033 -50.04 -98.53 7.55
N GLY C 1034 -48.73 -98.63 7.76
CA GLY C 1034 -48.17 -99.17 8.99
C GLY C 1034 -47.47 -100.50 8.74
N LYS C 1035 -46.67 -100.89 9.73
CA LYS C 1035 -45.93 -102.14 9.67
C LYS C 1035 -46.87 -103.31 9.90
N GLY C 1036 -46.90 -104.25 8.96
CA GLY C 1036 -47.78 -105.39 9.02
C GLY C 1036 -48.92 -105.27 8.01
N TYR C 1037 -49.77 -106.29 8.01
CA TYR C 1037 -50.92 -106.31 7.13
C TYR C 1037 -51.96 -105.32 7.63
N HIS C 1038 -52.25 -104.29 6.83
CA HIS C 1038 -53.18 -103.25 7.25
C HIS C 1038 -54.62 -103.76 7.26
N LEU C 1039 -55.35 -103.43 8.32
CA LEU C 1039 -56.76 -103.78 8.45
C LEU C 1039 -57.67 -102.56 8.45
N MET C 1040 -57.41 -101.60 9.34
CA MET C 1040 -58.26 -100.41 9.45
C MET C 1040 -57.41 -99.26 9.97
N SER C 1041 -57.88 -98.05 9.73
CA SER C 1041 -57.25 -96.84 10.23
C SER C 1041 -58.31 -95.90 10.77
N PHE C 1042 -57.98 -95.21 11.86
CA PHE C 1042 -58.93 -94.29 12.52
C PHE C 1042 -58.36 -92.88 12.53
N PRO C 1043 -58.83 -92.01 11.65
CA PRO C 1043 -58.31 -90.63 11.62
C PRO C 1043 -58.88 -89.81 12.77
N GLN C 1044 -58.04 -88.91 13.28
CA GLN C 1044 -58.43 -88.01 14.35
C GLN C 1044 -57.89 -86.62 14.08
N SER C 1045 -58.58 -85.62 14.63
CA SER C 1045 -58.21 -84.23 14.41
C SER C 1045 -56.94 -83.88 15.17
N ALA C 1046 -56.10 -83.05 14.56
CA ALA C 1046 -54.87 -82.55 15.16
C ALA C 1046 -54.74 -81.07 14.87
N PRO C 1047 -54.12 -80.31 15.77
CA PRO C 1047 -53.88 -78.88 15.49
C PRO C 1047 -52.88 -78.71 14.35
N HIS C 1048 -53.34 -78.12 13.25
CA HIS C 1048 -52.55 -77.89 12.05
C HIS C 1048 -51.97 -79.19 11.51
N GLY C 1049 -52.78 -80.25 11.50
CA GLY C 1049 -52.32 -81.53 11.01
C GLY C 1049 -53.39 -82.58 11.17
N VAL C 1050 -53.01 -83.83 10.88
CA VAL C 1050 -53.90 -84.97 11.01
C VAL C 1050 -53.10 -86.15 11.55
N VAL C 1051 -53.78 -87.05 12.25
CA VAL C 1051 -53.21 -88.30 12.71
C VAL C 1051 -54.13 -89.44 12.30
N PHE C 1052 -53.55 -90.61 12.09
CA PHE C 1052 -54.30 -91.82 11.80
C PHE C 1052 -53.86 -92.91 12.76
N LEU C 1053 -54.83 -93.68 13.26
CA LEU C 1053 -54.57 -94.80 14.15
C LEU C 1053 -54.75 -96.08 13.35
N HIS C 1054 -53.69 -96.52 12.70
CA HIS C 1054 -53.74 -97.75 11.91
C HIS C 1054 -53.93 -98.97 12.80
N VAL C 1055 -54.67 -99.94 12.29
CA VAL C 1055 -54.83 -101.23 12.94
C VAL C 1055 -54.22 -102.27 12.01
N THR C 1056 -53.15 -102.91 12.47
CA THR C 1056 -52.39 -103.85 11.66
C THR C 1056 -52.63 -105.27 12.14
N TYR C 1057 -52.07 -106.22 11.38
CA TYR C 1057 -52.19 -107.65 11.67
C TYR C 1057 -50.80 -108.26 11.61
N VAL C 1058 -50.17 -108.42 12.76
CA VAL C 1058 -48.82 -108.99 12.84
C VAL C 1058 -48.92 -110.31 13.60
N PRO C 1059 -48.28 -111.38 13.12
CA PRO C 1059 -48.27 -112.64 13.87
C PRO C 1059 -47.31 -112.58 15.05
N ALA C 1060 -47.57 -113.44 16.04
CA ALA C 1060 -46.77 -113.49 17.25
C ALA C 1060 -46.03 -114.82 17.40
N GLN C 1061 -46.75 -115.94 17.36
CA GLN C 1061 -46.16 -117.25 17.61
C GLN C 1061 -46.02 -118.01 16.29
N GLU C 1062 -44.86 -118.62 16.08
CA GLU C 1062 -44.56 -119.33 14.85
C GLU C 1062 -44.10 -120.75 15.15
N LYS C 1063 -44.25 -121.62 14.17
CA LYS C 1063 -43.84 -123.02 14.27
C LYS C 1063 -43.01 -123.39 13.05
N ASN C 1064 -42.47 -124.60 13.07
CA ASN C 1064 -41.80 -125.19 11.91
C ASN C 1064 -42.50 -126.47 11.49
N PHE C 1065 -42.68 -126.62 10.17
CA PHE C 1065 -43.31 -127.79 9.59
C PHE C 1065 -42.55 -128.20 8.34
N THR C 1066 -42.56 -129.50 8.05
CA THR C 1066 -41.97 -130.02 6.82
C THR C 1066 -43.00 -129.91 5.69
N THR C 1067 -42.61 -129.28 4.59
CA THR C 1067 -43.53 -128.93 3.52
C THR C 1067 -43.07 -129.52 2.20
N ALA C 1068 -44.03 -129.69 1.29
CA ALA C 1068 -43.81 -130.11 -0.08
C ALA C 1068 -44.70 -129.29 -0.99
N PRO C 1069 -44.24 -128.98 -2.21
CA PRO C 1069 -45.06 -128.17 -3.11
C PRO C 1069 -46.17 -128.93 -3.81
N ALA C 1070 -46.14 -130.26 -3.81
CA ALA C 1070 -47.16 -131.04 -4.50
C ALA C 1070 -47.30 -132.40 -3.82
N ILE C 1071 -48.44 -133.05 -4.08
CA ILE C 1071 -48.76 -134.36 -3.53
C ILE C 1071 -48.98 -135.32 -4.68
N CYS C 1072 -48.27 -136.45 -4.66
CA CYS C 1072 -48.40 -137.49 -5.67
C CYS C 1072 -49.31 -138.58 -5.14
N HIS C 1073 -50.52 -138.68 -5.70
CA HIS C 1073 -51.51 -139.66 -5.25
C HIS C 1073 -51.55 -140.90 -6.15
N ASP C 1074 -51.86 -140.69 -7.44
CA ASP C 1074 -51.98 -141.79 -8.39
C ASP C 1074 -51.32 -141.43 -9.70
N GLY C 1075 -50.13 -140.84 -9.63
CA GLY C 1075 -49.45 -140.36 -10.81
C GLY C 1075 -49.82 -138.97 -11.25
N LYS C 1076 -50.79 -138.34 -10.59
CA LYS C 1076 -51.19 -136.97 -10.87
C LYS C 1076 -50.79 -136.07 -9.71
N ALA C 1077 -50.11 -134.98 -10.02
CA ALA C 1077 -49.65 -134.06 -8.98
C ALA C 1077 -50.81 -133.20 -8.49
N HIS C 1078 -50.95 -133.11 -7.17
CA HIS C 1078 -51.99 -132.32 -6.54
C HIS C 1078 -51.41 -131.00 -6.05
N PHE C 1079 -52.05 -129.89 -6.44
CA PHE C 1079 -51.58 -128.57 -6.04
C PHE C 1079 -52.66 -127.86 -5.24
N PRO C 1080 -52.29 -127.16 -4.17
CA PRO C 1080 -53.30 -126.44 -3.38
C PRO C 1080 -53.86 -125.24 -4.12
N ARG C 1081 -55.11 -124.90 -3.81
CA ARG C 1081 -55.75 -123.75 -4.45
C ARG C 1081 -55.37 -122.46 -3.75
N GLU C 1082 -55.63 -122.37 -2.44
CA GLU C 1082 -55.26 -121.21 -1.65
C GLU C 1082 -54.35 -121.52 -0.48
N GLY C 1083 -54.23 -122.78 -0.08
CA GLY C 1083 -53.39 -123.18 1.03
C GLY C 1083 -52.02 -123.64 0.59
N VAL C 1084 -51.37 -124.41 1.47
CA VAL C 1084 -50.05 -124.97 1.20
C VAL C 1084 -49.90 -126.23 2.04
N PHE C 1085 -49.26 -127.24 1.47
CA PHE C 1085 -49.10 -128.52 2.14
C PHE C 1085 -48.06 -128.41 3.25
N VAL C 1086 -48.43 -128.84 4.46
CA VAL C 1086 -47.53 -128.88 5.60
C VAL C 1086 -47.71 -130.21 6.32
N SER C 1087 -46.69 -130.59 7.08
CA SER C 1087 -46.71 -131.82 7.85
C SER C 1087 -46.06 -131.60 9.20
N ASN C 1088 -46.54 -132.34 10.21
CA ASN C 1088 -45.98 -132.28 11.55
C ASN C 1088 -45.10 -133.49 11.87
N GLY C 1089 -44.69 -134.24 10.85
CA GLY C 1089 -43.79 -135.36 11.05
C GLY C 1089 -44.31 -136.68 10.51
N THR C 1090 -45.62 -136.93 10.67
CA THR C 1090 -46.22 -138.17 10.22
C THR C 1090 -47.27 -137.95 9.14
N HIS C 1091 -48.23 -137.07 9.36
CA HIS C 1091 -49.33 -136.82 8.43
C HIS C 1091 -49.23 -135.43 7.84
N TRP C 1092 -49.79 -135.27 6.66
CA TRP C 1092 -49.76 -134.01 5.92
C TRP C 1092 -51.12 -133.31 6.00
N PHE C 1093 -51.08 -131.99 6.07
CA PHE C 1093 -52.28 -131.17 6.08
C PHE C 1093 -52.07 -129.98 5.16
N VAL C 1094 -53.15 -129.23 4.94
CA VAL C 1094 -53.11 -128.00 4.15
C VAL C 1094 -53.59 -126.84 5.03
N THR C 1095 -52.81 -125.76 5.03
CA THR C 1095 -53.12 -124.57 5.83
C THR C 1095 -52.90 -123.34 4.97
N GLN C 1096 -53.59 -122.25 5.32
CA GLN C 1096 -53.36 -120.99 4.65
C GLN C 1096 -52.00 -120.42 5.05
N ARG C 1097 -51.48 -119.53 4.19
CA ARG C 1097 -50.13 -119.02 4.36
C ARG C 1097 -50.00 -118.05 5.53
N ASN C 1098 -51.10 -117.60 6.12
CA ASN C 1098 -51.05 -116.63 7.21
C ASN C 1098 -51.51 -117.18 8.55
N PHE C 1099 -52.15 -118.35 8.58
CA PHE C 1099 -52.61 -118.92 9.84
C PHE C 1099 -52.53 -120.44 9.76
N TYR C 1100 -52.39 -121.07 10.92
CA TYR C 1100 -52.29 -122.52 11.00
C TYR C 1100 -53.68 -123.10 11.24
N GLU C 1101 -54.31 -123.58 10.16
CA GLU C 1101 -55.62 -124.23 10.22
C GLU C 1101 -55.50 -125.57 9.52
N PRO C 1102 -55.14 -126.62 10.26
CA PRO C 1102 -54.91 -127.93 9.63
C PRO C 1102 -56.20 -128.54 9.10
N GLN C 1103 -56.15 -129.00 7.85
CA GLN C 1103 -57.29 -129.59 7.18
C GLN C 1103 -56.86 -130.87 6.48
N ILE C 1104 -57.82 -131.79 6.31
CA ILE C 1104 -57.56 -133.04 5.62
C ILE C 1104 -57.42 -132.77 4.13
N ILE C 1105 -56.43 -133.42 3.51
CA ILE C 1105 -56.18 -133.26 2.08
C ILE C 1105 -57.35 -133.87 1.32
N THR C 1106 -58.15 -133.02 0.68
CA THR C 1106 -59.36 -133.43 -0.02
C THR C 1106 -59.28 -133.00 -1.49
N THR C 1107 -60.38 -133.21 -2.21
CA THR C 1107 -60.47 -132.84 -3.62
C THR C 1107 -60.95 -131.41 -3.82
N ASP C 1108 -61.74 -130.88 -2.87
CA ASP C 1108 -62.29 -129.54 -3.02
C ASP C 1108 -61.23 -128.46 -2.96
N ASN C 1109 -60.18 -128.67 -2.17
CA ASN C 1109 -59.13 -127.68 -1.97
C ASN C 1109 -57.87 -127.93 -2.79
N THR C 1110 -57.90 -128.92 -3.69
CA THR C 1110 -56.75 -129.26 -4.51
C THR C 1110 -57.18 -129.45 -5.96
N PHE C 1111 -56.25 -129.24 -6.88
CA PHE C 1111 -56.48 -129.45 -8.29
C PHE C 1111 -55.30 -130.20 -8.89
N VAL C 1112 -55.59 -131.06 -9.87
CA VAL C 1112 -54.58 -131.90 -10.52
C VAL C 1112 -54.17 -131.25 -11.83
N SER C 1113 -52.92 -131.49 -12.23
CA SER C 1113 -52.38 -130.93 -13.47
C SER C 1113 -51.15 -131.71 -13.88
N GLY C 1114 -51.19 -132.33 -15.06
CA GLY C 1114 -50.02 -132.96 -15.61
C GLY C 1114 -49.64 -134.26 -14.91
N ASN C 1115 -48.40 -134.67 -15.15
CA ASN C 1115 -47.86 -135.91 -14.61
C ASN C 1115 -47.14 -135.65 -13.30
N CYS C 1116 -46.98 -136.72 -12.51
CA CYS C 1116 -46.31 -136.60 -11.23
C CYS C 1116 -44.82 -136.33 -11.39
N ASP C 1117 -44.17 -136.99 -12.35
CA ASP C 1117 -42.72 -136.90 -12.51
C ASP C 1117 -42.32 -135.70 -13.37
N VAL C 1118 -42.79 -134.51 -13.00
CA VAL C 1118 -42.40 -133.28 -13.66
C VAL C 1118 -41.76 -132.35 -12.64
N VAL C 1119 -42.16 -132.50 -11.38
CA VAL C 1119 -41.67 -131.66 -10.29
C VAL C 1119 -40.45 -132.34 -9.66
N ILE C 1120 -39.39 -131.56 -9.43
CA ILE C 1120 -38.19 -132.10 -8.82
C ILE C 1120 -38.43 -132.51 -7.37
N GLY C 1121 -39.29 -131.79 -6.65
CA GLY C 1121 -39.59 -132.11 -5.27
C GLY C 1121 -41.05 -132.46 -5.05
N ILE C 1122 -41.31 -133.71 -4.66
CA ILE C 1122 -42.68 -134.18 -4.42
C ILE C 1122 -42.63 -135.31 -3.40
N VAL C 1123 -43.76 -135.54 -2.74
CA VAL C 1123 -43.91 -136.60 -1.74
C VAL C 1123 -45.13 -137.44 -2.09
N ASN C 1124 -45.18 -138.63 -1.51
CA ASN C 1124 -46.27 -139.57 -1.74
C ASN C 1124 -47.26 -139.49 -0.58
N ASN C 1125 -48.54 -139.41 -0.92
CA ASN C 1125 -49.61 -139.39 0.08
C ASN C 1125 -50.90 -139.82 -0.61
N THR C 1126 -52.02 -139.66 0.09
CA THR C 1126 -53.33 -140.03 -0.41
C THR C 1126 -54.30 -138.87 -0.24
N VAL C 1127 -55.38 -138.91 -1.02
CA VAL C 1127 -56.44 -137.90 -0.98
C VAL C 1127 -57.66 -138.52 -0.31
N TYR C 1128 -58.30 -137.74 0.56
CA TYR C 1128 -59.46 -138.24 1.29
C TYR C 1128 -60.62 -138.60 0.36
N ASP C 1129 -60.76 -137.86 -0.75
CA ASP C 1129 -61.82 -138.06 -1.74
C ASP C 1129 -63.19 -138.02 -1.10
N PRO C 1130 -63.71 -136.84 -0.73
CA PRO C 1130 -64.94 -136.77 0.06
C PRO C 1130 -66.21 -137.08 -0.73
N LEU C 1131 -66.07 -137.65 -1.92
CA LEU C 1131 -67.21 -138.11 -2.70
C LEU C 1131 -67.35 -139.63 -2.68
N GLN C 1132 -66.25 -140.36 -2.48
CA GLN C 1132 -66.30 -141.83 -2.54
C GLN C 1132 -67.14 -142.48 -1.45
N PRO C 1133 -67.02 -142.15 -0.15
CA PRO C 1133 -67.82 -142.87 0.85
C PRO C 1133 -69.32 -142.56 0.79
N GLU C 1134 -69.71 -141.43 0.18
CA GLU C 1134 -71.12 -141.05 0.16
C GLU C 1134 -71.93 -141.86 -0.85
N LEU C 1135 -71.30 -142.31 -1.94
CA LEU C 1135 -72.04 -143.04 -2.97
C LEU C 1135 -72.32 -144.49 -2.58
N ASP C 1136 -71.71 -144.98 -1.50
CA ASP C 1136 -71.94 -146.35 -1.04
C ASP C 1136 -73.34 -146.50 -0.44
N ASN D 21 40.16 -26.74 9.04
CA ASN D 21 40.19 -25.57 9.92
C ASN D 21 38.80 -25.12 10.29
N PHE D 22 37.88 -26.06 10.41
CA PHE D 22 36.49 -25.78 10.72
C PHE D 22 36.24 -26.04 12.20
N MET D 23 35.73 -25.04 12.90
CA MET D 23 35.45 -25.12 14.33
C MET D 23 34.04 -24.63 14.62
N LEU D 24 33.55 -24.99 15.80
CA LEU D 24 32.22 -24.59 16.25
C LEU D 24 32.38 -23.60 17.40
N THR D 25 31.95 -22.36 17.17
CA THR D 25 32.05 -21.31 18.18
C THR D 25 30.83 -21.37 19.09
N GLN D 26 31.08 -21.49 20.39
CA GLN D 26 30.01 -21.66 21.36
C GLN D 26 30.25 -20.72 22.54
N PRO D 27 29.20 -20.05 23.04
CA PRO D 27 29.36 -19.18 24.20
C PRO D 27 29.79 -19.95 25.44
N HIS D 28 30.59 -19.30 26.27
CA HIS D 28 31.16 -19.98 27.43
C HIS D 28 30.16 -20.08 28.58
N SER D 29 29.50 -18.98 28.93
CA SER D 29 28.59 -18.94 30.05
C SER D 29 27.26 -18.32 29.63
N VAL D 30 26.17 -19.01 29.94
CA VAL D 30 24.81 -18.53 29.66
C VAL D 30 23.99 -18.73 30.93
N SER D 31 23.44 -17.64 31.46
CA SER D 31 22.78 -17.66 32.77
C SER D 31 21.43 -16.95 32.67
N GLU D 32 20.36 -17.64 33.05
CA GLU D 32 19.02 -17.07 33.10
C GLU D 32 18.27 -17.66 34.28
N SER D 33 17.17 -16.99 34.66
CA SER D 33 16.33 -17.46 35.74
C SER D 33 15.50 -18.66 35.29
N PRO D 34 15.08 -19.53 36.22
CA PRO D 34 14.22 -20.65 35.84
C PRO D 34 12.85 -20.20 35.37
N GLY D 35 12.25 -21.01 34.49
CA GLY D 35 10.93 -20.75 33.98
C GLY D 35 10.87 -19.95 32.70
N LYS D 36 12.00 -19.43 32.22
CA LYS D 36 12.05 -18.64 31.00
C LYS D 36 12.59 -19.48 29.85
N THR D 37 12.81 -18.85 28.70
CA THR D 37 13.36 -19.50 27.53
C THR D 37 14.73 -18.93 27.21
N VAL D 38 15.63 -19.79 26.73
CA VAL D 38 17.00 -19.40 26.41
C VAL D 38 17.34 -19.86 24.99
N THR D 39 18.42 -19.31 24.46
CA THR D 39 18.92 -19.69 23.14
C THR D 39 20.42 -19.87 23.23
N ILE D 40 20.90 -21.05 22.84
CA ILE D 40 22.32 -21.39 22.85
C ILE D 40 22.78 -21.50 21.41
N SER D 41 23.81 -20.74 21.05
CA SER D 41 24.31 -20.68 19.68
C SER D 41 25.50 -21.61 19.48
N CYS D 42 25.72 -21.98 18.23
CA CYS D 42 26.87 -22.80 17.85
C CYS D 42 27.27 -22.37 16.43
N THR D 43 28.26 -21.49 16.34
CA THR D 43 28.63 -20.85 15.08
C THR D 43 29.80 -21.58 14.44
N GLY D 44 29.65 -21.91 13.15
CA GLY D 44 30.73 -22.50 12.39
C GLY D 44 31.52 -21.43 11.66
N SER D 45 32.84 -21.63 11.61
CA SER D 45 33.72 -20.61 11.05
C SER D 45 33.77 -20.69 9.52
N SER D 46 34.26 -21.80 8.98
CA SER D 46 34.42 -21.97 7.53
C SER D 46 33.24 -22.69 6.91
N GLY D 47 32.97 -23.92 7.33
CA GLY D 47 31.88 -24.68 6.75
C GLY D 47 30.53 -24.22 7.26
N SER D 48 29.53 -24.33 6.38
CA SER D 48 28.18 -23.95 6.74
C SER D 48 27.56 -24.99 7.67
N ILE D 49 26.66 -24.51 8.53
CA ILE D 49 25.99 -25.41 9.48
C ILE D 49 25.04 -26.36 8.78
N ALA D 50 24.47 -25.94 7.65
CA ALA D 50 23.57 -26.80 6.89
C ALA D 50 24.30 -27.90 6.12
N SER D 51 25.64 -27.84 6.06
CA SER D 51 26.38 -28.86 5.32
C SER D 51 26.33 -30.21 6.03
N ASN D 52 26.43 -30.22 7.36
CA ASN D 52 26.51 -31.45 8.12
C ASN D 52 25.55 -31.39 9.30
N TYR D 53 25.21 -32.57 9.80
CA TYR D 53 24.33 -32.68 10.96
C TYR D 53 25.01 -32.15 12.21
N VAL D 54 24.21 -31.56 13.10
CA VAL D 54 24.70 -30.98 14.35
C VAL D 54 24.04 -31.70 15.51
N GLN D 55 24.85 -32.20 16.44
CA GLN D 55 24.38 -32.97 17.59
C GLN D 55 24.73 -32.24 18.87
N TRP D 56 23.76 -32.08 19.75
CA TRP D 56 23.95 -31.42 21.03
C TRP D 56 24.02 -32.46 22.14
N TYR D 57 24.86 -32.18 23.15
CA TYR D 57 25.10 -33.12 24.23
C TYR D 57 24.96 -32.42 25.58
N GLN D 58 24.29 -33.09 26.51
CA GLN D 58 24.08 -32.59 27.87
C GLN D 58 24.70 -33.59 28.84
N GLN D 59 25.62 -33.10 29.67
CA GLN D 59 26.42 -33.96 30.53
C GLN D 59 26.42 -33.42 31.95
N ARG D 60 26.05 -34.28 32.91
CA ARG D 60 26.20 -33.92 34.31
C ARG D 60 27.68 -33.78 34.64
N PRO D 61 28.03 -32.95 35.63
CA PRO D 61 29.44 -32.91 36.08
C PRO D 61 29.86 -34.25 36.67
N GLY D 62 30.99 -34.75 36.20
CA GLY D 62 31.49 -36.04 36.64
C GLY D 62 30.69 -37.26 36.23
N SER D 63 30.26 -37.32 34.97
CA SER D 63 29.54 -38.48 34.46
C SER D 63 29.71 -38.55 32.94
N ALA D 64 29.15 -39.59 32.35
CA ALA D 64 29.17 -39.73 30.90
C ALA D 64 28.20 -38.75 30.25
N PRO D 65 28.56 -38.20 29.09
CA PRO D 65 27.62 -37.32 28.37
C PRO D 65 26.43 -38.09 27.82
N THR D 66 25.34 -37.36 27.62
CA THR D 66 24.11 -37.91 27.05
C THR D 66 23.63 -37.00 25.93
N THR D 67 23.23 -37.61 24.82
CA THR D 67 22.72 -36.84 23.68
C THR D 67 21.35 -36.27 24.01
N VAL D 68 21.23 -34.94 23.93
CA VAL D 68 19.96 -34.29 24.26
C VAL D 68 19.11 -34.05 23.02
N ILE D 69 19.71 -33.90 21.84
CA ILE D 69 18.97 -33.71 20.60
C ILE D 69 19.92 -34.05 19.45
N TYR D 70 19.33 -34.49 18.34
CA TYR D 70 20.10 -34.77 17.14
C TYR D 70 19.18 -34.66 15.93
N GLU D 71 19.80 -34.57 14.75
CA GLU D 71 19.17 -34.32 13.44
C GLU D 71 18.51 -32.96 13.36
N ASP D 72 18.79 -32.06 14.31
CA ASP D 72 18.53 -30.62 14.27
C ASP D 72 17.06 -30.23 14.39
N ASN D 73 16.14 -31.19 14.33
CA ASN D 73 14.73 -30.86 14.51
C ASN D 73 13.92 -31.88 15.30
N GLN D 74 14.51 -33.00 15.69
CA GLN D 74 13.76 -34.07 16.35
C GLN D 74 14.44 -34.47 17.65
N ARG D 75 13.63 -34.88 18.62
CA ARG D 75 14.08 -35.18 19.97
C ARG D 75 14.17 -36.68 20.20
N PRO D 76 15.20 -37.14 20.88
CA PRO D 76 15.27 -38.56 21.26
C PRO D 76 14.23 -38.90 22.31
N SER D 77 13.86 -40.18 22.34
CA SER D 77 12.87 -40.66 23.29
C SER D 77 13.47 -40.70 24.69
N GLY D 78 12.92 -39.87 25.59
CA GLY D 78 13.40 -39.80 26.95
C GLY D 78 13.56 -38.38 27.45
N VAL D 79 13.92 -37.48 26.56
CA VAL D 79 14.08 -36.06 26.91
C VAL D 79 12.73 -35.37 26.75
N PRO D 80 12.47 -34.27 27.49
CA PRO D 80 11.19 -33.57 27.33
C PRO D 80 11.08 -32.82 26.00
N ASP D 81 9.92 -32.23 25.75
CA ASP D 81 9.69 -31.48 24.52
C ASP D 81 10.29 -30.08 24.56
N ARG D 82 10.84 -29.67 25.71
CA ARG D 82 11.40 -28.33 25.84
C ARG D 82 12.70 -28.14 25.08
N PHE D 83 13.40 -29.22 24.73
CA PHE D 83 14.67 -29.12 24.02
C PHE D 83 14.37 -29.04 22.52
N SER D 84 14.52 -27.84 21.96
CA SER D 84 14.26 -27.60 20.55
C SER D 84 15.48 -26.97 19.90
N GLY D 85 15.80 -27.44 18.70
CA GLY D 85 16.93 -26.91 17.93
C GLY D 85 16.46 -26.29 16.63
N SER D 86 17.10 -25.19 16.24
CA SER D 86 16.78 -24.49 15.01
C SER D 86 18.06 -24.18 14.25
N ILE D 87 17.94 -24.13 12.92
CA ILE D 87 19.07 -23.93 12.03
C ILE D 87 18.78 -22.74 11.12
N ASP D 88 19.66 -21.75 11.13
CA ASP D 88 19.63 -20.64 10.18
C ASP D 88 20.97 -20.53 9.44
N SER D 89 21.00 -21.10 8.23
CA SER D 89 22.25 -21.21 7.47
C SER D 89 22.77 -19.88 6.96
N SER D 90 21.98 -18.81 7.04
CA SER D 90 22.47 -17.50 6.61
C SER D 90 23.58 -17.00 7.53
N SER D 91 23.39 -17.14 8.85
CA SER D 91 24.37 -16.68 9.83
C SER D 91 25.35 -17.76 10.25
N ASN D 92 25.16 -19.00 9.79
CA ASN D 92 26.05 -20.13 10.09
C ASN D 92 26.20 -20.37 11.59
N SER D 93 25.08 -20.24 12.32
CA SER D 93 25.06 -20.47 13.76
C SER D 93 23.98 -21.47 14.09
N ALA D 94 24.36 -22.58 14.71
CA ALA D 94 23.40 -23.60 15.12
C ALA D 94 22.79 -23.20 16.46
N SER D 95 21.46 -23.13 16.51
CA SER D 95 20.75 -22.62 17.67
C SER D 95 19.99 -23.74 18.37
N LEU D 96 20.04 -23.73 19.70
CA LEU D 96 19.31 -24.69 20.53
C LEU D 96 18.45 -23.90 21.51
N THR D 97 17.15 -23.90 21.29
CA THR D 97 16.21 -23.15 22.11
C THR D 97 15.69 -24.04 23.23
N ILE D 98 15.92 -23.62 24.47
CA ILE D 98 15.50 -24.37 25.65
C ILE D 98 14.60 -23.48 26.49
N SER D 99 13.43 -23.99 26.86
CA SER D 99 12.44 -23.23 27.60
C SER D 99 12.04 -23.97 28.86
N GLY D 100 11.62 -23.21 29.87
CA GLY D 100 11.19 -23.78 31.14
C GLY D 100 12.33 -24.40 31.92
N LEU D 101 13.25 -23.56 32.40
CA LEU D 101 14.44 -24.04 33.08
C LEU D 101 14.09 -24.66 34.43
N LYS D 102 14.76 -25.76 34.76
CA LYS D 102 14.54 -26.49 35.98
C LYS D 102 15.88 -26.68 36.71
N THR D 103 15.83 -27.42 37.81
CA THR D 103 17.03 -27.66 38.61
C THR D 103 17.99 -28.62 37.90
N GLU D 104 17.47 -29.68 37.30
CA GLU D 104 18.29 -30.72 36.70
C GLU D 104 18.96 -30.30 35.40
N ASP D 105 18.62 -29.12 34.86
CA ASP D 105 19.13 -28.71 33.56
C ASP D 105 20.54 -28.13 33.62
N GLU D 106 21.11 -27.95 34.81
CA GLU D 106 22.45 -27.36 34.93
C GLU D 106 23.50 -28.33 34.39
N ALA D 107 24.08 -28.00 33.24
CA ALA D 107 25.06 -28.85 32.58
C ALA D 107 25.84 -28.03 31.56
N ASP D 108 26.89 -28.65 31.03
CA ASP D 108 27.61 -28.11 29.89
C ASP D 108 27.03 -28.64 28.59
N TYR D 109 26.93 -27.76 27.60
CA TYR D 109 26.34 -28.09 26.31
C TYR D 109 27.40 -28.03 25.23
N TYR D 110 27.53 -29.10 24.46
CA TYR D 110 28.48 -29.17 23.35
C TYR D 110 27.76 -29.51 22.07
N CYS D 111 28.11 -28.81 20.99
CA CYS D 111 27.58 -29.09 19.67
C CYS D 111 28.64 -29.83 18.85
N GLN D 112 28.18 -30.78 18.03
CA GLN D 112 29.06 -31.65 17.27
C GLN D 112 28.86 -31.40 15.77
N SER D 113 29.94 -31.53 15.00
CA SER D 113 29.85 -31.48 13.55
C SER D 113 30.70 -32.61 12.99
N TYR D 114 30.90 -32.62 11.67
CA TYR D 114 31.62 -33.71 11.03
C TYR D 114 32.73 -33.18 10.13
N ASP D 115 32.52 -31.98 9.57
CA ASP D 115 33.41 -31.39 8.57
C ASP D 115 33.63 -32.35 7.40
N SER D 116 34.81 -32.97 7.35
CA SER D 116 35.13 -33.95 6.33
C SER D 116 36.03 -35.01 6.96
N SER D 117 35.43 -36.11 7.40
CA SER D 117 36.12 -37.24 8.05
C SER D 117 36.88 -36.80 9.29
N ASN D 118 36.37 -35.79 10.00
CA ASN D 118 37.04 -35.30 11.21
C ASN D 118 35.98 -34.65 12.10
N VAL D 119 35.53 -35.39 13.12
CA VAL D 119 34.48 -34.90 14.00
C VAL D 119 35.00 -33.74 14.83
N VAL D 120 34.29 -32.61 14.80
CA VAL D 120 34.66 -31.40 15.51
C VAL D 120 33.56 -31.06 16.50
N PHE D 121 33.93 -30.88 17.77
CA PHE D 121 32.99 -30.56 18.82
C PHE D 121 32.97 -29.05 19.06
N GLY D 122 32.07 -28.62 19.96
CA GLY D 122 31.92 -27.22 20.27
C GLY D 122 32.75 -26.78 21.45
N GLY D 123 32.77 -25.46 21.67
CA GLY D 123 33.53 -24.92 22.80
C GLY D 123 32.97 -25.31 24.14
N GLY D 124 31.64 -25.24 24.29
CA GLY D 124 31.00 -25.63 25.54
C GLY D 124 30.28 -24.49 26.24
N THR D 125 28.99 -24.69 26.52
CA THR D 125 28.18 -23.73 27.25
C THR D 125 27.74 -24.37 28.55
N LYS D 126 28.38 -24.00 29.66
CA LYS D 126 28.01 -24.49 30.98
C LYS D 126 26.78 -23.73 31.44
N LEU D 127 25.61 -24.39 31.37
CA LEU D 127 24.38 -23.77 31.84
C LEU D 127 24.41 -23.65 33.34
N THR D 128 24.31 -22.43 33.85
CA THR D 128 24.54 -22.15 35.26
C THR D 128 23.38 -22.67 36.11
N VAL D 129 23.58 -22.61 37.43
CA VAL D 129 22.54 -23.01 38.37
C VAL D 129 21.37 -22.03 38.28
N LEU D 130 20.16 -22.55 38.48
CA LEU D 130 18.90 -21.83 38.26
C LEU D 130 18.82 -21.27 36.84
N GLY D 138 15.79 -21.87 45.90
CA GLY D 138 15.52 -20.45 45.98
C GLY D 138 16.28 -19.75 47.10
N GLN D 139 15.97 -20.14 48.33
CA GLN D 139 16.65 -19.55 49.49
C GLN D 139 18.09 -20.04 49.54
N PRO D 140 19.03 -19.18 49.94
CA PRO D 140 20.41 -19.62 50.19
C PRO D 140 20.48 -20.49 51.43
N LYS D 141 20.76 -21.77 51.24
CA LYS D 141 20.79 -22.72 52.35
C LYS D 141 22.05 -22.51 53.21
N ALA D 142 22.05 -21.42 53.98
CA ALA D 142 23.19 -21.06 54.82
C ALA D 142 22.99 -21.65 56.21
N ALA D 143 23.59 -22.81 56.43
CA ALA D 143 23.59 -23.48 57.73
C ALA D 143 25.01 -23.86 58.09
N PRO D 144 25.86 -22.89 58.48
CA PRO D 144 27.27 -23.19 58.74
C PRO D 144 27.46 -24.03 59.99
N SER D 145 27.86 -25.29 59.82
CA SER D 145 28.14 -26.18 60.94
C SER D 145 29.60 -26.01 61.33
N VAL D 146 29.86 -24.98 62.14
CA VAL D 146 31.21 -24.63 62.56
C VAL D 146 31.53 -25.46 63.80
N THR D 147 32.14 -26.61 63.59
CA THR D 147 32.58 -27.49 64.67
C THR D 147 34.09 -27.43 64.82
N LEU D 148 34.56 -27.55 66.05
CA LEU D 148 35.97 -27.42 66.38
C LEU D 148 36.44 -28.62 67.18
N PHE D 149 37.74 -28.92 67.06
CA PHE D 149 38.38 -29.99 67.80
C PHE D 149 39.74 -29.53 68.30
N PRO D 150 40.07 -29.80 69.55
CA PRO D 150 41.42 -29.52 70.06
C PRO D 150 42.41 -30.55 69.56
N PRO D 151 43.71 -30.24 69.59
CA PRO D 151 44.70 -31.26 69.22
C PRO D 151 44.66 -32.45 70.16
N SER D 152 44.86 -33.64 69.61
CA SER D 152 44.79 -34.87 70.38
C SER D 152 46.06 -35.06 71.20
N SER D 153 45.94 -35.92 72.22
CA SER D 153 47.10 -36.24 73.06
C SER D 153 48.14 -37.06 72.29
N GLU D 154 47.69 -37.91 71.37
CA GLU D 154 48.63 -38.68 70.54
C GLU D 154 49.45 -37.76 69.64
N GLU D 155 48.82 -36.72 69.09
CA GLU D 155 49.56 -35.72 68.32
C GLU D 155 50.53 -34.96 69.21
N LEU D 156 50.13 -34.67 70.45
CA LEU D 156 51.00 -33.97 71.38
C LEU D 156 52.24 -34.79 71.71
N GLN D 157 52.09 -36.12 71.81
CA GLN D 157 53.23 -36.98 72.06
C GLN D 157 54.18 -37.05 70.87
N ALA D 158 53.73 -36.67 69.68
CA ALA D 158 54.56 -36.60 68.49
C ALA D 158 55.15 -35.21 68.28
N ASN D 159 55.11 -34.36 69.30
CA ASN D 159 55.64 -32.98 69.24
C ASN D 159 54.97 -32.17 68.14
N LYS D 160 53.67 -32.41 67.94
CA LYS D 160 52.89 -31.68 66.94
C LYS D 160 51.56 -31.27 67.55
N ALA D 161 50.93 -30.28 66.93
CA ALA D 161 49.60 -29.84 67.33
C ALA D 161 48.92 -29.19 66.14
N THR D 162 47.66 -29.54 65.91
CA THR D 162 46.91 -29.00 64.79
C THR D 162 45.48 -28.74 65.21
N LEU D 163 45.02 -27.51 64.99
CA LEU D 163 43.63 -27.13 65.24
C LEU D 163 42.87 -27.15 63.92
N VAL D 164 41.73 -27.84 63.91
CA VAL D 164 40.96 -28.07 62.69
C VAL D 164 39.64 -27.32 62.80
N CYS D 165 39.38 -26.43 61.84
CA CYS D 165 38.12 -25.72 61.75
C CYS D 165 37.35 -26.27 60.56
N LEU D 166 36.09 -26.64 60.80
CA LEU D 166 35.28 -27.32 59.80
C LEU D 166 33.97 -26.57 59.60
N ILE D 167 33.60 -26.35 58.35
CA ILE D 167 32.31 -25.78 57.99
C ILE D 167 31.64 -26.69 56.97
N SER D 168 30.34 -26.90 57.15
CA SER D 168 29.57 -27.76 56.25
C SER D 168 28.16 -27.22 56.14
N ASP D 169 27.48 -27.65 55.07
CA ASP D 169 26.07 -27.30 54.81
C ASP D 169 25.86 -25.79 54.71
N PHE D 170 26.80 -25.10 54.06
CA PHE D 170 26.71 -23.66 53.89
C PHE D 170 26.55 -23.31 52.41
N TYR D 171 25.91 -22.17 52.15
CA TYR D 171 25.69 -21.69 50.79
C TYR D 171 25.45 -20.18 50.83
N PRO D 172 26.07 -19.39 49.95
CA PRO D 172 26.96 -19.77 48.83
C PRO D 172 28.37 -20.15 49.29
N GLY D 173 29.13 -20.81 48.42
CA GLY D 173 30.47 -21.25 48.76
C GLY D 173 31.49 -20.14 48.74
N ALA D 174 31.36 -19.18 49.65
CA ALA D 174 32.30 -18.07 49.77
C ALA D 174 32.37 -17.69 51.24
N VAL D 175 33.36 -18.22 51.95
CA VAL D 175 33.53 -18.00 53.37
C VAL D 175 34.94 -17.49 53.64
N THR D 176 35.07 -16.77 54.76
CA THR D 176 36.36 -16.25 55.21
C THR D 176 36.66 -16.81 56.59
N VAL D 177 37.90 -17.27 56.79
CA VAL D 177 38.31 -17.88 58.04
C VAL D 177 39.53 -17.13 58.56
N ALA D 178 39.61 -16.99 59.89
CA ALA D 178 40.74 -16.32 60.52
C ALA D 178 40.91 -16.92 61.92
N TRP D 179 42.02 -17.60 62.13
CA TRP D 179 42.28 -18.23 63.42
C TRP D 179 42.55 -17.17 64.49
N LYS D 180 41.88 -17.31 65.63
CA LYS D 180 42.01 -16.36 66.73
C LYS D 180 42.31 -17.09 68.03
N ALA D 181 42.87 -16.35 68.98
CA ALA D 181 43.19 -16.86 70.31
C ALA D 181 43.49 -15.65 71.19
N ASP D 182 43.55 -15.90 72.51
CA ASP D 182 44.08 -14.88 73.40
C ASP D 182 45.56 -14.70 73.15
N SER D 183 46.06 -13.50 73.45
CA SER D 183 47.41 -13.05 73.10
C SER D 183 47.52 -13.11 71.58
N SER D 184 48.44 -13.88 71.00
CA SER D 184 48.63 -13.92 69.56
C SER D 184 48.78 -15.35 69.07
N PRO D 185 47.78 -15.91 68.39
CA PRO D 185 47.96 -17.20 67.72
C PRO D 185 48.93 -17.07 66.55
N VAL D 186 49.56 -18.19 66.21
CA VAL D 186 50.58 -18.19 65.17
C VAL D 186 49.95 -17.88 63.82
N LYS D 187 50.63 -17.03 63.04
CA LYS D 187 50.16 -16.69 61.70
C LYS D 187 50.45 -17.80 60.71
N ALA D 188 51.59 -18.46 60.84
CA ALA D 188 51.93 -19.57 59.96
C ALA D 188 51.12 -20.80 60.34
N GLY D 189 51.04 -21.74 59.39
CA GLY D 189 50.28 -22.95 59.59
C GLY D 189 48.80 -22.82 59.32
N VAL D 190 48.30 -21.63 58.99
CA VAL D 190 46.90 -21.47 58.63
C VAL D 190 46.69 -22.07 57.24
N GLU D 191 45.80 -23.04 57.16
CA GLU D 191 45.63 -23.83 55.94
C GLU D 191 44.15 -24.13 55.76
N THR D 192 43.50 -23.41 54.85
CA THR D 192 42.08 -23.56 54.60
C THR D 192 41.86 -24.24 53.24
N THR D 193 40.66 -24.78 53.06
CA THR D 193 40.27 -25.48 51.85
C THR D 193 39.15 -24.74 51.15
N THR D 194 39.14 -24.83 49.82
CA THR D 194 38.08 -24.22 49.03
C THR D 194 36.77 -24.96 49.25
N PRO D 195 35.63 -24.26 49.14
CA PRO D 195 34.33 -24.94 49.27
C PRO D 195 34.13 -26.00 48.20
N SER D 196 33.52 -27.11 48.60
CA SER D 196 33.29 -28.23 47.71
C SER D 196 31.87 -28.76 47.88
N LYS D 197 31.27 -29.17 46.78
CA LYS D 197 29.87 -29.60 46.78
C LYS D 197 29.69 -30.88 47.58
N GLN D 198 28.63 -30.93 48.39
CA GLN D 198 28.31 -32.10 49.19
C GLN D 198 27.30 -32.98 48.44
N SER D 199 26.83 -34.04 49.11
CA SER D 199 25.83 -34.91 48.51
C SER D 199 24.44 -34.28 48.54
N ASN D 200 24.15 -33.42 49.52
CA ASN D 200 22.85 -32.78 49.66
C ASN D 200 22.83 -31.38 49.06
N ASN D 201 23.57 -31.17 47.96
CA ASN D 201 23.67 -29.94 47.18
C ASN D 201 24.29 -28.78 47.96
N LYS D 202 24.78 -28.99 49.17
CA LYS D 202 25.38 -27.94 49.96
C LYS D 202 26.89 -27.93 49.72
N TYR D 203 27.61 -27.09 50.46
CA TYR D 203 29.05 -26.94 50.30
C TYR D 203 29.77 -27.35 51.57
N ALA D 204 31.04 -27.76 51.41
CA ALA D 204 31.87 -28.19 52.51
C ALA D 204 33.27 -27.60 52.36
N ALA D 205 33.87 -27.22 53.49
CA ALA D 205 35.22 -26.66 53.50
C ALA D 205 35.85 -26.91 54.85
N SER D 206 37.17 -26.73 54.91
CA SER D 206 37.94 -27.00 56.12
C SER D 206 38.98 -25.92 56.32
N SER D 207 39.52 -25.87 57.53
CA SER D 207 40.61 -24.94 57.87
C SER D 207 41.47 -25.59 58.94
N TYR D 208 42.79 -25.54 58.76
CA TYR D 208 43.73 -26.20 59.65
C TYR D 208 44.76 -25.19 60.15
N LEU D 209 45.18 -25.36 61.40
CA LEU D 209 46.16 -24.47 62.03
C LEU D 209 47.29 -25.32 62.61
N SER D 210 48.41 -25.38 61.91
CA SER D 210 49.59 -26.04 62.46
C SER D 210 50.14 -25.23 63.62
N LEU D 211 50.53 -25.92 64.69
CA LEU D 211 50.89 -25.25 65.93
C LEU D 211 51.89 -26.11 66.70
N THR D 212 52.77 -25.45 67.46
CA THR D 212 53.65 -26.16 68.35
C THR D 212 52.91 -26.51 69.64
N PRO D 213 53.29 -27.62 70.30
CA PRO D 213 52.63 -27.97 71.58
C PRO D 213 52.82 -26.93 72.67
N GLU D 214 53.97 -26.24 72.69
CA GLU D 214 54.19 -25.22 73.72
C GLU D 214 53.27 -24.02 73.53
N GLN D 215 53.03 -23.62 72.28
CA GLN D 215 52.12 -22.51 72.02
C GLN D 215 50.66 -22.89 72.26
N TRP D 216 50.35 -24.18 72.26
CA TRP D 216 48.98 -24.61 72.52
C TRP D 216 48.58 -24.35 73.96
N LYS D 217 49.50 -24.55 74.90
CA LYS D 217 49.27 -24.22 76.30
C LYS D 217 49.71 -22.81 76.65
N SER D 218 50.40 -22.10 75.75
CA SER D 218 50.82 -20.73 76.03
C SER D 218 49.62 -19.80 76.15
N HIS D 219 48.62 -19.96 75.29
CA HIS D 219 47.40 -19.18 75.33
C HIS D 219 46.30 -19.98 76.03
N ARG D 220 45.44 -19.24 76.74
CA ARG D 220 44.38 -19.90 77.52
C ARG D 220 43.36 -20.58 76.63
N SER D 221 43.04 -19.99 75.48
CA SER D 221 42.02 -20.54 74.60
C SER D 221 42.31 -20.18 73.16
N TYR D 222 41.75 -20.95 72.25
CA TYR D 222 41.80 -20.67 70.82
C TYR D 222 40.37 -20.67 70.28
N SER D 223 40.13 -19.84 69.28
CA SER D 223 38.79 -19.70 68.71
C SER D 223 38.87 -19.52 67.21
N CYS D 224 38.02 -20.24 66.48
CA CYS D 224 37.90 -20.11 65.04
C CYS D 224 36.55 -19.48 64.72
N GLN D 225 36.57 -18.36 64.00
CA GLN D 225 35.36 -17.67 63.59
C GLN D 225 35.20 -17.78 62.08
N VAL D 226 33.95 -17.87 61.63
CA VAL D 226 33.62 -17.94 60.21
C VAL D 226 32.61 -16.85 59.91
N THR D 227 32.92 -16.00 58.94
CA THR D 227 32.01 -14.96 58.47
C THR D 227 31.36 -15.44 57.17
N HIS D 228 30.03 -15.47 57.17
CA HIS D 228 29.29 -15.97 56.01
C HIS D 228 27.99 -15.18 55.90
N GLU D 229 27.86 -14.44 54.80
CA GLU D 229 26.69 -13.59 54.53
C GLU D 229 26.44 -12.59 55.67
N GLY D 230 27.52 -12.05 56.22
CA GLY D 230 27.45 -11.10 57.32
C GLY D 230 27.41 -11.73 58.70
N SER D 231 26.68 -12.83 58.85
CA SER D 231 26.59 -13.50 60.13
C SER D 231 27.90 -14.19 60.47
N THR D 232 28.18 -14.30 61.78
CA THR D 232 29.41 -14.92 62.26
C THR D 232 29.05 -16.00 63.27
N VAL D 233 29.61 -17.20 63.08
CA VAL D 233 29.45 -18.31 64.01
C VAL D 233 30.82 -18.59 64.61
N GLU D 234 30.91 -18.52 65.94
CA GLU D 234 32.18 -18.62 66.65
C GLU D 234 32.11 -19.69 67.72
N LYS D 235 33.12 -20.55 67.75
CA LYS D 235 33.33 -21.49 68.84
C LYS D 235 34.75 -21.32 69.36
N THR D 236 34.96 -21.73 70.61
CA THR D 236 36.26 -21.61 71.25
C THR D 236 36.66 -22.95 71.85
N VAL D 237 37.96 -23.22 71.83
CA VAL D 237 38.53 -24.44 72.38
C VAL D 237 39.44 -24.08 73.54
N ALA D 238 39.73 -25.07 74.38
CA ALA D 238 40.59 -24.85 75.53
C ALA D 238 41.35 -26.13 75.86
N PRO D 239 42.60 -26.03 76.30
CA PRO D 239 43.33 -27.23 76.71
C PRO D 239 42.81 -27.80 78.01
N THR D 240 42.09 -28.91 77.94
CA THR D 240 41.52 -29.54 79.13
C THR D 240 41.94 -31.00 79.23
N GLN E 20 19.86 -54.73 26.86
CA GLN E 20 20.54 -53.81 25.96
C GLN E 20 22.03 -54.12 25.89
N VAL E 21 22.84 -53.08 25.70
CA VAL E 21 24.29 -53.21 25.60
C VAL E 21 24.93 -52.15 26.48
N GLN E 22 26.15 -52.44 26.94
CA GLN E 22 26.89 -51.53 27.80
C GLN E 22 28.37 -51.60 27.42
N LEU E 23 29.09 -50.54 27.78
CA LEU E 23 30.51 -50.40 27.46
C LEU E 23 31.30 -50.21 28.74
N GLN E 24 32.39 -50.96 28.87
CA GLN E 24 33.26 -50.90 30.05
C GLN E 24 34.70 -50.70 29.61
N GLU E 25 35.36 -49.69 30.16
CA GLU E 25 36.76 -49.42 29.88
C GLU E 25 37.64 -50.10 30.92
N SER E 26 38.88 -50.38 30.51
CA SER E 26 39.87 -50.99 31.41
C SER E 26 41.22 -50.33 31.11
N GLY E 27 42.29 -50.94 31.63
CA GLY E 27 43.64 -50.41 31.38
C GLY E 27 44.10 -49.47 32.48
N PRO E 28 45.42 -49.17 32.58
CA PRO E 28 45.93 -48.32 33.67
C PRO E 28 45.41 -46.88 33.55
N GLY E 29 44.78 -46.38 34.61
CA GLY E 29 44.27 -44.99 34.60
C GLY E 29 45.40 -43.98 34.55
N LEU E 30 46.37 -44.09 35.46
CA LEU E 30 47.51 -43.14 35.50
C LEU E 30 48.40 -43.37 34.28
N VAL E 31 49.04 -42.30 33.79
CA VAL E 31 49.89 -42.42 32.56
C VAL E 31 51.30 -41.88 32.87
N LYS E 32 52.33 -42.57 32.38
CA LYS E 32 53.72 -42.06 32.56
C LYS E 32 54.03 -41.09 31.41
N PRO E 33 54.88 -40.06 31.60
CA PRO E 33 55.25 -39.14 30.52
C PRO E 33 56.06 -39.84 29.41
N SER E 34 55.89 -39.40 28.16
CA SER E 34 56.68 -39.95 27.03
C SER E 34 56.71 -41.48 27.03
N GLU E 35 55.54 -42.13 26.88
CA GLU E 35 55.51 -43.59 26.77
C GLU E 35 54.26 -43.94 25.96
N THR E 36 53.91 -45.24 25.94
CA THR E 36 52.84 -45.75 25.08
C THR E 36 51.61 -46.07 25.91
N LEU E 37 50.57 -45.26 25.76
CA LEU E 37 49.33 -45.45 26.50
C LEU E 37 48.57 -46.66 25.99
N SER E 38 47.88 -47.35 26.89
CA SER E 38 47.13 -48.55 26.56
C SER E 38 45.80 -48.53 27.31
N LEU E 39 44.73 -48.16 26.61
CA LEU E 39 43.38 -48.18 27.15
C LEU E 39 42.51 -49.07 26.27
N THR E 40 41.80 -50.01 26.91
CA THR E 40 40.95 -50.96 26.21
C THR E 40 39.51 -50.78 26.66
N CYS E 41 38.59 -50.74 25.70
CA CYS E 41 37.16 -50.64 25.98
C CYS E 41 36.47 -51.93 25.56
N THR E 42 35.74 -52.53 26.49
CA THR E 42 35.06 -53.80 26.26
C THR E 42 33.57 -53.59 26.06
N VAL E 43 32.97 -54.49 25.29
CA VAL E 43 31.54 -54.43 24.96
C VAL E 43 30.89 -55.72 25.46
N SER E 44 29.83 -55.56 26.25
CA SER E 44 29.06 -56.69 26.76
C SER E 44 27.60 -56.50 26.41
N GLY E 45 26.97 -57.55 25.89
CA GLY E 45 25.60 -57.48 25.45
C GLY E 45 25.40 -57.25 23.97
N GLY E 46 26.46 -57.34 23.17
CA GLY E 46 26.36 -57.14 21.74
C GLY E 46 27.59 -57.69 21.05
N SER E 47 27.62 -57.53 19.74
CA SER E 47 28.72 -58.00 18.91
C SER E 47 29.35 -56.83 18.16
N VAL E 48 30.68 -56.84 18.10
CA VAL E 48 31.41 -55.74 17.44
C VAL E 48 31.18 -55.78 15.93
N SER E 49 31.30 -56.97 15.33
CA SER E 49 31.26 -57.08 13.88
C SER E 49 29.86 -56.90 13.32
N SER E 50 28.84 -57.38 14.03
CA SER E 50 27.49 -57.36 13.50
C SER E 50 26.92 -55.94 13.48
N GLY E 51 26.01 -55.70 12.53
CA GLY E 51 25.34 -54.43 12.41
C GLY E 51 26.06 -53.38 11.59
N GLY E 52 27.27 -53.64 11.13
CA GLY E 52 28.05 -52.66 10.41
C GLY E 52 28.36 -51.45 11.26
N TYR E 53 28.87 -51.69 12.46
CA TYR E 53 28.90 -50.69 13.51
C TYR E 53 30.28 -50.05 13.62
N PHE E 54 30.30 -48.76 13.93
CA PHE E 54 31.53 -47.99 14.10
C PHE E 54 31.90 -47.87 15.57
N TRP E 55 33.18 -47.59 15.82
CA TRP E 55 33.69 -47.40 17.18
C TRP E 55 34.63 -46.21 17.20
N SER E 56 34.59 -45.44 18.28
CA SER E 56 35.37 -44.21 18.36
C SER E 56 35.75 -43.95 19.81
N TRP E 57 36.78 -43.10 19.98
CA TRP E 57 37.27 -42.69 21.29
C TRP E 57 37.18 -41.18 21.42
N ILE E 58 36.74 -40.71 22.59
CA ILE E 58 36.60 -39.29 22.87
C ILE E 58 37.18 -39.01 24.25
N ARG E 59 38.06 -38.01 24.33
CA ARG E 59 38.63 -37.56 25.59
C ARG E 59 38.08 -36.19 25.96
N GLN E 60 38.12 -35.89 27.27
CA GLN E 60 37.63 -34.61 27.76
C GLN E 60 38.48 -34.13 28.93
N PRO E 61 39.24 -33.04 28.77
CA PRO E 61 40.00 -32.51 29.89
C PRO E 61 39.07 -31.95 30.95
N PRO E 62 39.50 -31.94 32.21
CA PRO E 62 38.66 -31.36 33.28
C PRO E 62 38.52 -29.85 33.10
N GLY E 63 37.27 -29.39 33.01
CA GLY E 63 36.99 -27.98 32.79
C GLY E 63 37.06 -27.54 31.35
N LYS E 64 37.30 -28.44 30.41
CA LYS E 64 37.39 -28.11 28.99
C LYS E 64 36.36 -28.91 28.21
N GLY E 65 36.26 -28.61 26.91
CA GLY E 65 35.30 -29.27 26.06
C GLY E 65 35.73 -30.66 25.62
N LEU E 66 34.79 -31.36 25.00
CA LEU E 66 35.07 -32.69 24.47
C LEU E 66 35.98 -32.59 23.25
N GLU E 67 36.90 -33.54 23.13
CA GLU E 67 37.85 -33.59 22.02
C GLU E 67 37.74 -34.95 21.35
N TRP E 68 37.62 -34.94 20.02
CA TRP E 68 37.52 -36.17 19.24
C TRP E 68 38.91 -36.67 18.91
N ILE E 69 39.15 -37.95 19.20
CA ILE E 69 40.47 -38.56 18.98
C ILE E 69 40.47 -39.26 17.62
N GLY E 70 39.58 -40.23 17.45
CA GLY E 70 39.51 -40.96 16.20
C GLY E 70 38.34 -41.93 16.23
N CYS E 71 38.05 -42.48 15.05
CA CYS E 71 36.98 -43.45 14.88
C CYS E 71 37.49 -44.63 14.08
N ILE E 72 36.88 -45.79 14.29
CA ILE E 72 37.29 -47.02 13.62
C ILE E 72 36.06 -47.83 13.23
N TYR E 73 36.26 -48.68 12.23
CA TYR E 73 35.30 -49.69 11.79
C TYR E 73 35.78 -51.05 12.27
N TYR E 74 34.92 -52.08 12.12
CA TYR E 74 35.38 -53.41 12.50
C TYR E 74 36.36 -53.97 11.48
N SER E 75 36.44 -53.36 10.30
CA SER E 75 37.49 -53.64 9.33
C SER E 75 38.66 -52.69 9.61
N GLY E 76 39.60 -52.61 8.66
CA GLY E 76 40.77 -51.78 8.83
C GLY E 76 40.59 -50.29 8.60
N SER E 77 39.39 -49.86 8.26
CA SER E 77 39.14 -48.43 8.03
C SER E 77 39.23 -47.64 9.33
N THR E 78 39.90 -46.49 9.26
CA THR E 78 40.06 -45.63 10.43
C THR E 78 40.34 -44.20 9.97
N ASN E 79 40.13 -43.27 10.89
CA ASN E 79 40.44 -41.87 10.65
C ASN E 79 40.84 -41.23 11.98
N TYR E 80 41.70 -40.21 11.90
CA TYR E 80 42.26 -39.57 13.08
C TYR E 80 42.17 -38.05 12.98
N ASN E 81 42.16 -37.42 14.14
CA ASN E 81 42.21 -35.97 14.23
C ASN E 81 43.57 -35.48 13.70
N PRO E 82 43.60 -34.47 12.82
CA PRO E 82 44.90 -33.96 12.36
C PRO E 82 45.75 -33.38 13.49
N SER E 83 45.14 -32.88 14.56
CA SER E 83 45.91 -32.47 15.72
C SER E 83 46.53 -33.67 16.43
N LEU E 84 45.90 -34.83 16.35
CA LEU E 84 46.40 -36.06 16.95
C LEU E 84 46.87 -37.06 15.89
N LYS E 85 47.15 -36.59 14.68
CA LYS E 85 47.55 -37.47 13.59
C LYS E 85 48.95 -38.05 13.85
N SER E 86 49.16 -39.28 13.36
CA SER E 86 50.42 -40.02 13.48
C SER E 86 50.79 -40.32 14.92
N ARG E 87 49.81 -40.25 15.84
CA ARG E 87 50.03 -40.60 17.23
C ARG E 87 49.00 -41.59 17.78
N VAL E 88 47.92 -41.84 17.06
CA VAL E 88 46.83 -42.69 17.53
C VAL E 88 46.90 -44.02 16.79
N THR E 89 46.93 -45.12 17.55
CA THR E 89 46.92 -46.47 16.99
C THR E 89 45.80 -47.25 17.67
N ILE E 90 44.73 -47.51 16.93
CA ILE E 90 43.55 -48.20 17.46
C ILE E 90 43.36 -49.48 16.66
N SER E 91 43.14 -50.59 17.38
CA SER E 91 42.96 -51.90 16.76
C SER E 91 41.73 -52.57 17.35
N VAL E 92 41.12 -53.44 16.56
CA VAL E 92 39.90 -54.15 16.92
C VAL E 92 40.15 -55.64 16.80
N ASP E 93 39.86 -56.38 17.87
CA ASP E 93 39.88 -57.84 17.84
C ASP E 93 38.47 -58.38 18.08
N THR E 94 37.98 -59.15 17.11
CA THR E 94 36.61 -59.65 17.16
C THR E 94 36.47 -60.82 18.13
N SER E 95 37.55 -61.59 18.35
CA SER E 95 37.47 -62.77 19.19
C SER E 95 37.12 -62.42 20.64
N LYS E 96 37.72 -61.37 21.18
CA LYS E 96 37.42 -60.93 22.53
C LYS E 96 36.28 -59.92 22.58
N ASP E 97 35.82 -59.45 21.42
CA ASP E 97 34.71 -58.49 21.30
C ASP E 97 35.01 -57.20 22.06
N GLN E 98 36.10 -56.54 21.66
CA GLN E 98 36.51 -55.28 22.26
C GLN E 98 37.38 -54.53 21.27
N PHE E 99 37.69 -53.29 21.61
CA PHE E 99 38.58 -52.45 20.81
C PHE E 99 39.45 -51.63 21.74
N SER E 100 40.73 -51.46 21.35
CA SER E 100 41.72 -50.81 22.18
C SER E 100 42.40 -49.69 21.41
N LEU E 101 42.85 -48.68 22.14
CA LEU E 101 43.54 -47.54 21.57
C LEU E 101 44.93 -47.41 22.18
N LYS E 102 45.92 -47.13 21.35
CA LYS E 102 47.30 -46.92 21.77
C LYS E 102 47.74 -45.52 21.41
N LEU E 103 48.24 -44.78 22.39
CA LEU E 103 48.70 -43.41 22.21
C LEU E 103 50.20 -43.33 22.45
N SER E 104 50.91 -42.64 21.56
CA SER E 104 52.35 -42.49 21.64
C SER E 104 52.73 -41.03 21.88
N SER E 105 53.87 -40.86 22.55
CA SER E 105 54.42 -39.54 22.90
C SER E 105 53.42 -38.71 23.70
N VAL E 106 52.90 -39.31 24.77
CA VAL E 106 51.96 -38.63 25.64
C VAL E 106 52.70 -37.59 26.47
N THR E 107 52.04 -36.45 26.71
CA THR E 107 52.62 -35.34 27.43
C THR E 107 51.75 -34.99 28.64
N ALA E 108 52.12 -33.89 29.32
CA ALA E 108 51.37 -33.44 30.49
C ALA E 108 50.05 -32.76 30.11
N ALA E 109 49.92 -32.32 28.86
CA ALA E 109 48.69 -31.68 28.39
C ALA E 109 47.64 -32.68 27.94
N ASP E 110 47.93 -33.97 27.99
CA ASP E 110 47.00 -35.01 27.57
C ASP E 110 46.14 -35.55 28.72
N THR E 111 46.21 -34.92 29.90
CA THR E 111 45.42 -35.35 31.04
C THR E 111 43.95 -35.04 30.77
N ALA E 112 43.19 -36.08 30.44
CA ALA E 112 41.79 -35.92 30.08
C ALA E 112 41.03 -37.18 30.49
N VAL E 113 39.71 -37.02 30.64
CA VAL E 113 38.82 -38.13 30.97
C VAL E 113 38.46 -38.83 29.66
N TYR E 114 38.93 -40.07 29.50
CA TYR E 114 38.76 -40.79 28.25
C TYR E 114 37.46 -41.57 28.25
N TYR E 115 36.66 -41.37 27.21
CA TYR E 115 35.41 -42.11 27.01
C TYR E 115 35.53 -42.90 25.72
N CYS E 116 35.31 -44.21 25.80
CA CYS E 116 35.11 -44.99 24.58
C CYS E 116 33.67 -44.80 24.14
N ALA E 117 33.48 -44.45 22.87
CA ALA E 117 32.22 -43.94 22.38
C ALA E 117 31.53 -44.97 21.49
N ARG E 118 30.29 -45.29 21.82
CA ARG E 118 29.46 -46.15 20.99
C ARG E 118 28.60 -45.28 20.08
N GLN E 119 28.76 -45.44 18.76
CA GLN E 119 27.98 -44.66 17.81
C GLN E 119 27.73 -45.48 16.55
N LEU E 120 26.61 -45.18 15.90
CA LEU E 120 26.21 -45.83 14.65
C LEU E 120 26.46 -44.95 13.43
N TRP E 121 25.99 -43.71 13.45
CA TRP E 121 26.14 -42.80 12.33
C TRP E 121 27.44 -42.02 12.49
N LEU E 122 28.29 -42.06 11.45
CA LEU E 122 29.56 -41.35 11.50
C LEU E 122 29.35 -39.85 11.56
N ARG E 123 28.29 -39.34 10.94
CA ARG E 123 27.98 -37.92 10.97
C ARG E 123 26.93 -37.58 12.02
N GLY E 124 26.49 -38.57 12.81
CA GLY E 124 25.42 -38.37 13.76
C GLY E 124 25.86 -38.23 15.20
N ARG E 125 25.32 -39.09 16.07
CA ARG E 125 25.44 -38.94 17.51
C ARG E 125 26.08 -40.18 18.13
N PHE E 126 26.63 -40.00 19.31
CA PHE E 126 27.13 -41.09 20.14
C PHE E 126 26.01 -41.42 21.12
N ASP E 127 25.17 -42.39 20.75
CA ASP E 127 23.96 -42.67 21.52
C ASP E 127 24.28 -43.24 22.90
N TYR E 128 25.26 -44.14 22.97
CA TYR E 128 25.64 -44.78 24.23
C TYR E 128 27.05 -44.35 24.61
N TRP E 129 27.23 -43.93 25.85
CA TRP E 129 28.51 -43.48 26.36
C TRP E 129 28.95 -44.37 27.52
N GLY E 130 30.19 -44.85 27.45
CA GLY E 130 30.76 -45.57 28.58
C GLY E 130 31.21 -44.63 29.68
N GLN E 131 31.48 -45.22 30.85
CA GLN E 131 31.94 -44.44 31.98
C GLN E 131 33.35 -43.91 31.74
N GLY E 132 33.62 -42.71 32.25
CA GLY E 132 34.88 -42.06 32.00
C GLY E 132 35.99 -42.44 32.95
N THR E 133 37.10 -42.94 32.41
CA THR E 133 38.27 -43.27 33.20
C THR E 133 39.20 -42.06 33.28
N LEU E 134 39.70 -41.79 34.48
CA LEU E 134 40.56 -40.64 34.71
C LEU E 134 42.00 -41.00 34.35
N VAL E 135 42.58 -40.25 33.41
CA VAL E 135 43.96 -40.44 32.98
C VAL E 135 44.73 -39.19 33.33
N THR E 136 45.77 -39.35 34.16
CA THR E 136 46.59 -38.19 34.60
C THR E 136 48.05 -38.64 34.76
N VAL E 137 49.00 -37.71 34.74
CA VAL E 137 50.45 -38.06 34.85
C VAL E 137 50.69 -38.69 36.23
N SER E 138 51.44 -39.79 36.28
CA SER E 138 51.69 -40.50 37.57
C SER E 138 52.75 -39.75 38.39
N SER E 139 52.70 -39.89 39.72
CA SER E 139 53.70 -39.25 40.61
C SER E 139 54.76 -40.29 41.03
N ALA E 140 55.90 -39.83 41.55
CA ALA E 140 56.99 -40.76 41.94
C ALA E 140 57.30 -40.61 43.43
N SER E 141 57.63 -39.41 43.89
CA SER E 141 58.03 -39.20 45.31
C SER E 141 56.89 -39.64 46.25
N THR E 142 57.25 -40.17 47.42
CA THR E 142 56.22 -40.67 48.38
C THR E 142 56.70 -40.45 49.82
N LYS E 143 55.78 -40.10 50.73
CA LYS E 143 56.13 -39.90 52.16
C LYS E 143 55.14 -40.68 53.03
N GLY E 144 55.54 -41.00 54.27
CA GLY E 144 54.64 -41.71 55.20
C GLY E 144 53.55 -40.80 55.75
N PRO E 145 52.29 -41.27 55.85
CA PRO E 145 51.19 -40.44 56.36
C PRO E 145 51.11 -40.49 57.88
N SER E 146 50.28 -39.60 58.42
CA SER E 146 50.04 -39.53 59.86
C SER E 146 48.56 -39.28 60.11
N VAL E 147 48.01 -39.95 61.11
CA VAL E 147 46.58 -39.88 61.44
C VAL E 147 46.44 -39.45 62.90
N PHE E 148 45.61 -38.45 63.14
CA PHE E 148 45.34 -37.96 64.49
C PHE E 148 43.83 -37.97 64.72
N PRO E 149 43.36 -38.46 65.87
CA PRO E 149 41.93 -38.43 66.15
C PRO E 149 41.43 -37.03 66.49
N LEU E 150 40.14 -36.83 66.27
CA LEU E 150 39.46 -35.58 66.61
C LEU E 150 38.38 -35.90 67.65
N ALA E 151 38.71 -35.65 68.91
CA ALA E 151 37.82 -36.03 70.01
C ALA E 151 36.66 -35.04 70.12
N PRO E 152 35.42 -35.50 70.05
CA PRO E 152 34.28 -34.60 70.28
C PRO E 152 34.10 -34.29 71.76
N SER E 153 33.37 -33.21 72.01
CA SER E 153 33.10 -32.76 73.38
C SER E 153 31.76 -32.03 73.40
N SER E 154 31.46 -31.39 74.53
CA SER E 154 30.21 -30.66 74.66
C SER E 154 30.19 -29.40 73.80
N LYS E 155 31.34 -28.75 73.62
CA LYS E 155 31.43 -27.59 72.75
C LYS E 155 31.43 -27.95 71.27
N SER E 156 31.71 -29.21 70.93
CA SER E 156 31.82 -29.63 69.54
C SER E 156 30.48 -29.95 68.90
N THR E 157 29.39 -29.89 69.66
CA THR E 157 28.06 -30.17 69.13
C THR E 157 27.20 -28.91 69.19
N SER E 158 26.31 -28.77 68.21
CA SER E 158 25.40 -27.63 68.10
C SER E 158 24.00 -28.18 67.94
N GLY E 159 23.32 -28.43 69.07
CA GLY E 159 22.00 -28.98 69.05
C GLY E 159 21.97 -30.46 69.40
N GLY E 160 21.11 -31.22 68.73
CA GLY E 160 20.98 -32.64 68.96
C GLY E 160 21.93 -33.52 68.21
N THR E 161 22.84 -32.95 67.42
CA THR E 161 23.81 -33.71 66.64
C THR E 161 25.22 -33.27 66.98
N ALA E 162 26.14 -34.23 66.93
CA ALA E 162 27.55 -33.99 67.24
C ALA E 162 28.41 -34.34 66.04
N ALA E 163 29.66 -33.88 66.07
CA ALA E 163 30.61 -34.11 64.99
C ALA E 163 31.87 -34.75 65.54
N LEU E 164 32.45 -35.66 64.76
CA LEU E 164 33.71 -36.31 65.09
C LEU E 164 34.38 -36.75 63.80
N GLY E 165 35.69 -36.95 63.87
CA GLY E 165 36.41 -37.34 62.67
C GLY E 165 37.86 -37.67 62.97
N CYS E 166 38.65 -37.73 61.90
CA CYS E 166 40.07 -38.01 61.97
C CYS E 166 40.82 -37.00 61.10
N LEU E 167 42.06 -36.71 61.49
CA LEU E 167 42.90 -35.75 60.79
C LEU E 167 44.00 -36.50 60.04
N VAL E 168 44.07 -36.29 58.73
CA VAL E 168 45.10 -36.87 57.88
C VAL E 168 46.07 -35.74 57.52
N LYS E 169 47.26 -35.77 58.11
CA LYS E 169 48.22 -34.69 57.99
C LYS E 169 49.59 -35.25 57.62
N ASP E 170 50.34 -34.45 56.86
CA ASP E 170 51.74 -34.71 56.52
C ASP E 170 51.91 -36.03 55.77
N TYR E 171 51.33 -36.06 54.57
CA TYR E 171 51.44 -37.23 53.69
C TYR E 171 51.82 -36.78 52.29
N PHE E 172 52.36 -37.72 51.51
CA PHE E 172 52.76 -37.48 50.13
C PHE E 172 52.89 -38.82 49.44
N PRO E 173 52.38 -38.97 48.20
CA PRO E 173 51.59 -38.02 47.41
C PRO E 173 50.10 -38.30 47.46
N GLU E 174 49.34 -37.61 46.60
CA GLU E 174 47.91 -37.86 46.48
C GLU E 174 47.66 -39.23 45.85
N PRO E 175 46.50 -39.86 46.14
CA PRO E 175 45.46 -39.48 47.11
C PRO E 175 45.43 -40.40 48.33
N VAL E 176 44.51 -40.14 49.26
CA VAL E 176 44.24 -41.03 50.40
C VAL E 176 42.75 -41.33 50.42
N THR E 177 42.41 -42.57 50.81
CA THR E 177 41.03 -43.01 50.92
C THR E 177 40.71 -43.23 52.40
N VAL E 178 39.66 -42.56 52.88
CA VAL E 178 39.24 -42.66 54.26
C VAL E 178 37.84 -43.27 54.31
N SER E 179 37.68 -44.33 55.08
CA SER E 179 36.40 -45.01 55.24
C SER E 179 36.09 -45.15 56.72
N TRP E 180 34.80 -45.14 57.04
CA TRP E 180 34.33 -45.20 58.43
C TRP E 180 33.69 -46.55 58.68
N ASN E 181 34.19 -47.26 59.70
CA ASN E 181 33.70 -48.58 60.09
C ASN E 181 33.74 -49.57 58.92
N SER E 182 34.84 -49.52 58.15
CA SER E 182 35.02 -50.32 56.95
C SER E 182 33.90 -50.10 55.94
N GLY E 183 33.48 -48.84 55.78
CA GLY E 183 32.44 -48.50 54.84
C GLY E 183 31.03 -48.67 55.35
N ALA E 184 30.84 -49.01 56.63
CA ALA E 184 29.49 -49.19 57.15
C ALA E 184 28.77 -47.86 57.28
N LEU E 185 29.48 -46.80 57.65
CA LEU E 185 28.91 -45.47 57.82
C LEU E 185 29.21 -44.63 56.59
N THR E 186 28.15 -44.22 55.88
CA THR E 186 28.32 -43.40 54.68
C THR E 186 27.51 -42.12 54.79
N SER E 187 26.39 -42.17 55.51
CA SER E 187 25.55 -40.99 55.68
C SER E 187 26.22 -40.00 56.62
N GLY E 188 26.29 -38.74 56.20
CA GLY E 188 26.94 -37.71 56.98
C GLY E 188 28.44 -37.67 56.87
N VAL E 189 29.04 -38.56 56.07
CA VAL E 189 30.50 -38.61 55.92
C VAL E 189 30.89 -37.62 54.83
N HIS E 190 31.78 -36.68 55.18
CA HIS E 190 32.25 -35.67 54.24
C HIS E 190 33.75 -35.83 54.06
N THR E 191 34.18 -35.95 52.80
CA THR E 191 35.58 -36.05 52.43
C THR E 191 36.01 -34.73 51.84
N PHE E 192 37.05 -34.12 52.40
CA PHE E 192 37.45 -32.82 51.89
C PHE E 192 38.65 -32.93 50.98
N PRO E 193 38.72 -32.11 49.93
CA PRO E 193 39.89 -32.12 49.06
C PRO E 193 41.14 -31.63 49.78
N ALA E 194 42.28 -32.14 49.35
CA ALA E 194 43.54 -31.81 49.99
C ALA E 194 44.06 -30.46 49.53
N VAL E 195 44.85 -29.82 50.39
CA VAL E 195 45.49 -28.54 50.09
C VAL E 195 46.95 -28.63 50.52
N LEU E 196 47.78 -27.80 49.89
CA LEU E 196 49.21 -27.81 50.17
C LEU E 196 49.52 -27.08 51.45
N GLN E 197 50.45 -27.62 52.24
CA GLN E 197 50.85 -27.02 53.50
C GLN E 197 51.86 -25.90 53.23
N SER E 198 52.45 -25.37 54.30
CA SER E 198 53.46 -24.33 54.15
C SER E 198 54.75 -24.89 53.54
N SER E 199 55.04 -26.16 53.77
CA SER E 199 56.26 -26.80 53.27
C SER E 199 55.91 -28.13 52.60
N GLY E 200 55.51 -28.06 51.32
CA GLY E 200 55.41 -29.24 50.50
C GLY E 200 54.25 -30.18 50.75
N LEU E 201 54.11 -30.65 51.99
CA LEU E 201 53.23 -31.75 52.32
C LEU E 201 51.75 -31.35 52.19
N TYR E 202 50.88 -32.34 52.33
CA TYR E 202 49.44 -32.16 52.21
C TYR E 202 48.76 -32.44 53.55
N SER E 203 47.48 -32.08 53.62
CA SER E 203 46.68 -32.32 54.82
C SER E 203 45.20 -32.26 54.46
N LEU E 204 44.41 -33.12 55.08
CA LEU E 204 42.96 -33.10 54.94
C LEU E 204 42.33 -33.73 56.18
N SER E 205 41.02 -33.92 56.14
CA SER E 205 40.29 -34.56 57.23
C SER E 205 39.04 -35.21 56.67
N SER E 206 38.47 -36.13 57.45
CA SER E 206 37.21 -36.76 57.12
C SER E 206 36.38 -36.89 58.39
N VAL E 207 35.14 -36.40 58.34
CA VAL E 207 34.29 -36.32 59.52
C VAL E 207 32.92 -36.90 59.21
N VAL E 208 32.21 -37.30 60.27
CA VAL E 208 30.86 -37.83 60.17
C VAL E 208 30.03 -37.21 61.28
N THR E 209 28.80 -36.82 60.95
CA THR E 209 27.88 -36.21 61.90
C THR E 209 26.98 -37.29 62.49
N VAL E 210 27.01 -37.41 63.82
CA VAL E 210 26.23 -38.43 64.53
C VAL E 210 25.46 -37.76 65.66
N PRO E 211 24.33 -38.33 66.11
CA PRO E 211 23.65 -37.78 67.28
C PRO E 211 24.49 -37.89 68.53
N SER E 212 24.30 -36.94 69.45
CA SER E 212 25.09 -36.89 70.67
C SER E 212 24.75 -38.04 71.63
N SER E 213 23.61 -38.70 71.45
CA SER E 213 23.26 -39.81 72.33
C SER E 213 24.14 -41.02 72.09
N SER E 214 24.62 -41.22 70.87
CA SER E 214 25.45 -42.36 70.51
C SER E 214 26.94 -42.05 70.63
N LEU E 215 27.33 -41.10 71.47
CA LEU E 215 28.74 -40.76 71.62
C LEU E 215 29.47 -41.79 72.48
N GLY E 216 29.00 -42.02 73.70
CA GLY E 216 29.61 -42.97 74.60
C GLY E 216 29.13 -44.39 74.48
N THR E 217 28.22 -44.68 73.56
CA THR E 217 27.69 -46.02 73.38
C THR E 217 28.06 -46.66 72.05
N GLN E 218 28.54 -45.88 71.09
CA GLN E 218 28.92 -46.39 69.78
C GLN E 218 30.38 -46.08 69.51
N THR E 219 31.11 -47.06 68.97
CA THR E 219 32.52 -46.91 68.66
C THR E 219 32.67 -46.55 67.19
N TYR E 220 33.43 -45.48 66.92
CA TYR E 220 33.67 -45.01 65.57
C TYR E 220 35.15 -45.12 65.26
N ILE E 221 35.50 -45.87 64.23
CA ILE E 221 36.89 -46.08 63.82
C ILE E 221 37.03 -45.64 62.37
N CYS E 222 38.01 -44.78 62.11
CA CYS E 222 38.32 -44.32 60.76
C CYS E 222 39.43 -45.17 60.17
N ASN E 223 39.34 -45.43 58.86
CA ASN E 223 40.30 -46.27 58.15
C ASN E 223 40.95 -45.43 57.06
N VAL E 224 42.15 -44.93 57.33
CA VAL E 224 42.89 -44.11 56.38
C VAL E 224 43.88 -45.01 55.65
N ASN E 225 43.79 -45.03 54.32
CA ASN E 225 44.65 -45.87 53.48
C ASN E 225 45.49 -44.98 52.59
N HIS E 226 46.79 -45.28 52.51
CA HIS E 226 47.73 -44.56 51.65
C HIS E 226 48.44 -45.61 50.80
N LYS E 227 47.89 -45.87 49.62
CA LYS E 227 48.42 -46.91 48.73
C LYS E 227 49.86 -46.67 48.27
N PRO E 228 50.28 -45.47 47.83
CA PRO E 228 51.70 -45.31 47.44
C PRO E 228 52.68 -45.57 48.56
N SER E 229 52.33 -45.24 49.80
CA SER E 229 53.22 -45.49 50.93
C SER E 229 52.98 -46.85 51.58
N ASN E 230 51.95 -47.58 51.16
CA ASN E 230 51.60 -48.90 51.68
C ASN E 230 51.40 -48.86 53.19
N THR E 231 50.63 -47.87 53.66
CA THR E 231 50.36 -47.68 55.08
C THR E 231 48.87 -47.64 55.30
N LYS E 232 48.37 -48.53 56.15
CA LYS E 232 46.97 -48.55 56.56
C LYS E 232 46.90 -48.31 58.06
N VAL E 233 46.21 -47.24 58.46
CA VAL E 233 46.12 -46.84 59.86
C VAL E 233 44.65 -46.81 60.26
N ASP E 234 44.33 -47.52 61.34
CA ASP E 234 43.00 -47.52 61.92
C ASP E 234 43.06 -46.78 63.25
N LYS E 235 42.29 -45.69 63.36
CA LYS E 235 42.31 -44.83 64.54
C LYS E 235 40.90 -44.76 65.11
N LYS E 236 40.75 -45.12 66.39
CA LYS E 236 39.47 -45.03 67.06
C LYS E 236 39.20 -43.60 67.50
N VAL E 237 37.93 -43.19 67.42
CA VAL E 237 37.50 -41.86 67.82
C VAL E 237 36.67 -41.99 69.09
N GLU E 238 37.10 -41.29 70.14
CA GLU E 238 36.47 -41.32 71.44
C GLU E 238 36.25 -39.90 71.93
N PRO E 239 35.28 -39.67 72.80
CA PRO E 239 35.11 -38.34 73.40
C PRO E 239 36.33 -37.94 74.23
N LYS E 240 36.57 -36.63 74.29
CA LYS E 240 37.75 -36.11 74.97
C LYS E 240 37.69 -36.38 76.46
N SER E 241 38.82 -36.82 77.02
CA SER E 241 38.96 -37.05 78.45
C SER E 241 39.76 -35.90 79.05
N CYS E 242 39.13 -35.16 79.95
CA CYS E 242 39.80 -34.01 80.55
C CYS E 242 40.85 -34.47 81.55
N ASP E 243 42.04 -33.90 81.46
CA ASP E 243 43.14 -34.24 82.36
C ASP E 243 43.71 -33.00 83.03
N ASN F 21 -35.20 7.38 41.14
CA ASN F 21 -34.92 8.57 40.35
C ASN F 21 -34.14 8.24 39.08
N PHE F 22 -34.38 7.06 38.54
CA PHE F 22 -33.70 6.58 37.34
C PHE F 22 -34.60 6.80 36.13
N MET F 23 -34.07 7.51 35.13
CA MET F 23 -34.83 7.81 33.92
C MET F 23 -33.94 7.56 32.71
N LEU F 24 -34.58 7.25 31.58
CA LEU F 24 -33.89 6.96 30.33
C LEU F 24 -33.93 8.17 29.44
N THR F 25 -32.76 8.68 29.05
CA THR F 25 -32.66 9.84 28.18
C THR F 25 -32.65 9.38 26.73
N GLN F 26 -33.60 9.90 25.95
CA GLN F 26 -33.78 9.51 24.56
C GLN F 26 -33.91 10.75 23.69
N PRO F 27 -33.27 10.78 22.53
CA PRO F 27 -33.41 11.94 21.63
C PRO F 27 -34.84 12.08 21.13
N HIS F 28 -35.35 13.31 21.16
CA HIS F 28 -36.75 13.55 20.81
C HIS F 28 -36.99 13.42 19.32
N SER F 29 -36.13 14.01 18.50
CA SER F 29 -36.32 14.05 17.05
C SER F 29 -35.07 13.53 16.36
N VAL F 30 -35.25 12.49 15.54
CA VAL F 30 -34.16 11.91 14.75
C VAL F 30 -34.66 11.74 13.33
N SER F 31 -33.91 12.28 12.36
CA SER F 31 -34.28 12.21 10.95
C SER F 31 -33.11 11.67 10.15
N GLU F 32 -33.42 10.83 9.15
CA GLU F 32 -32.39 10.24 8.30
C GLU F 32 -33.03 9.84 6.97
N SER F 33 -32.28 10.05 5.90
CA SER F 33 -32.75 9.69 4.57
C SER F 33 -32.84 8.17 4.42
N PRO F 34 -33.73 7.67 3.56
CA PRO F 34 -33.85 6.22 3.37
C PRO F 34 -32.59 5.63 2.75
N GLY F 35 -32.32 4.38 3.11
CA GLY F 35 -31.17 3.66 2.59
C GLY F 35 -29.88 3.86 3.37
N LYS F 36 -29.88 4.69 4.40
CA LYS F 36 -28.70 4.98 5.19
C LYS F 36 -28.80 4.30 6.55
N THR F 37 -27.79 4.54 7.39
CA THR F 37 -27.69 3.95 8.71
C THR F 37 -27.79 5.04 9.77
N VAL F 38 -28.66 4.83 10.76
CA VAL F 38 -28.87 5.79 11.83
C VAL F 38 -28.80 5.04 13.17
N THR F 39 -28.35 5.74 14.20
CA THR F 39 -28.18 5.18 15.54
C THR F 39 -29.07 5.94 16.51
N ILE F 40 -29.89 5.20 17.27
CA ILE F 40 -30.78 5.76 18.27
C ILE F 40 -30.24 5.38 19.65
N SER F 41 -30.04 6.38 20.50
CA SER F 41 -29.45 6.18 21.81
C SER F 41 -30.51 6.17 22.91
N CYS F 42 -30.13 5.61 24.05
CA CYS F 42 -30.99 5.58 25.24
C CYS F 42 -30.08 5.56 26.45
N THR F 43 -29.91 6.72 27.09
CA THR F 43 -28.95 6.90 28.17
C THR F 43 -29.66 6.87 29.52
N GLY F 44 -29.13 6.07 30.44
CA GLY F 44 -29.63 6.05 31.80
C GLY F 44 -28.91 7.04 32.69
N SER F 45 -29.65 7.63 33.64
CA SER F 45 -29.10 8.70 34.47
C SER F 45 -28.29 8.13 35.63
N SER F 46 -28.93 7.40 36.53
CA SER F 46 -28.28 6.89 37.74
C SER F 46 -27.77 5.47 37.57
N GLY F 47 -28.66 4.52 37.27
CA GLY F 47 -28.24 3.15 37.12
C GLY F 47 -27.52 2.90 35.80
N SER F 48 -26.65 1.89 35.82
CA SER F 48 -25.94 1.52 34.61
C SER F 48 -26.88 0.86 33.60
N ILE F 49 -26.57 1.05 32.31
CA ILE F 49 -27.44 0.55 31.27
C ILE F 49 -27.35 -0.97 31.11
N ALA F 50 -26.32 -1.59 31.67
CA ALA F 50 -26.19 -3.04 31.64
C ALA F 50 -26.76 -3.71 32.89
N SER F 51 -27.34 -2.93 33.80
CA SER F 51 -27.92 -3.50 35.02
C SER F 51 -29.16 -4.32 34.70
N ASN F 52 -30.05 -3.79 33.87
CA ASN F 52 -31.31 -4.44 33.55
C ASN F 52 -31.49 -4.50 32.04
N TYR F 53 -32.35 -5.42 31.61
CA TYR F 53 -32.61 -5.62 30.19
C TYR F 53 -33.36 -4.42 29.63
N VAL F 54 -33.04 -4.06 28.38
CA VAL F 54 -33.62 -2.89 27.72
C VAL F 54 -34.38 -3.37 26.49
N GLN F 55 -35.63 -2.94 26.36
CA GLN F 55 -36.51 -3.36 25.29
C GLN F 55 -36.92 -2.15 24.47
N TRP F 56 -36.84 -2.27 23.15
CA TRP F 56 -37.22 -1.19 22.23
C TRP F 56 -38.58 -1.49 21.62
N TYR F 57 -39.47 -0.51 21.66
CA TYR F 57 -40.83 -0.64 21.16
C TYR F 57 -41.03 0.32 19.99
N GLN F 58 -41.50 -0.21 18.86
CA GLN F 58 -41.81 0.58 17.67
C GLN F 58 -43.33 0.66 17.55
N GLN F 59 -43.89 1.85 17.77
CA GLN F 59 -45.33 2.04 17.83
C GLN F 59 -45.77 2.92 16.66
N ARG F 60 -46.69 2.40 15.85
CA ARG F 60 -47.29 3.19 14.80
C ARG F 60 -48.26 4.21 15.39
N PRO F 61 -48.45 5.35 14.73
CA PRO F 61 -49.45 6.32 15.19
C PRO F 61 -50.86 5.73 15.10
N GLY F 62 -51.62 5.86 16.18
CA GLY F 62 -52.94 5.28 16.25
C GLY F 62 -52.95 3.77 16.22
N SER F 63 -51.95 3.13 16.84
CA SER F 63 -51.85 1.68 16.85
C SER F 63 -51.09 1.24 18.09
N ALA F 64 -51.26 -0.03 18.45
CA ALA F 64 -50.57 -0.58 19.60
C ALA F 64 -49.08 -0.72 19.31
N PRO F 65 -48.23 -0.52 20.32
CA PRO F 65 -46.79 -0.71 20.13
C PRO F 65 -46.44 -2.16 19.83
N THR F 66 -45.35 -2.34 19.09
CA THR F 66 -44.86 -3.66 18.73
C THR F 66 -43.37 -3.74 19.06
N THR F 67 -42.99 -4.81 19.76
CA THR F 67 -41.59 -4.96 20.17
C THR F 67 -40.74 -5.39 18.97
N VAL F 68 -39.56 -4.79 18.86
CA VAL F 68 -38.65 -5.08 17.76
C VAL F 68 -37.33 -5.68 18.19
N ILE F 69 -37.01 -5.69 19.50
CA ILE F 69 -35.76 -6.26 19.98
C ILE F 69 -35.95 -6.67 21.43
N TYR F 70 -35.12 -7.60 21.90
CA TYR F 70 -35.18 -8.11 23.26
C TYR F 70 -33.80 -8.68 23.61
N GLU F 71 -33.46 -8.59 24.90
CA GLU F 71 -32.17 -9.01 25.45
C GLU F 71 -30.99 -8.24 24.86
N ASP F 72 -31.28 -7.07 24.27
CA ASP F 72 -30.31 -6.07 23.80
C ASP F 72 -29.55 -6.51 22.55
N ASN F 73 -29.68 -7.78 22.14
CA ASN F 73 -29.05 -8.24 20.92
C ASN F 73 -29.88 -9.22 20.10
N GLN F 74 -31.06 -9.62 20.58
CA GLN F 74 -31.84 -10.67 19.94
C GLN F 74 -33.08 -10.07 19.30
N ARG F 75 -33.29 -10.37 18.03
CA ARG F 75 -34.46 -9.92 17.28
C ARG F 75 -35.56 -10.97 17.34
N PRO F 76 -36.78 -10.59 17.71
CA PRO F 76 -37.88 -11.56 17.73
C PRO F 76 -38.26 -12.01 16.32
N SER F 77 -38.96 -13.14 16.26
CA SER F 77 -39.38 -13.69 14.97
C SER F 77 -40.44 -12.80 14.35
N GLY F 78 -40.12 -12.23 13.18
CA GLY F 78 -41.05 -11.38 12.48
C GLY F 78 -40.46 -10.05 12.05
N VAL F 79 -39.60 -9.47 12.89
CA VAL F 79 -38.95 -8.20 12.57
C VAL F 79 -37.77 -8.46 11.65
N PRO F 80 -37.37 -7.50 10.82
CA PRO F 80 -36.19 -7.69 9.98
C PRO F 80 -34.90 -7.69 10.80
N ASP F 81 -33.85 -8.20 10.17
CA ASP F 81 -32.53 -8.27 10.81
C ASP F 81 -31.87 -6.92 11.00
N ARG F 82 -32.40 -5.86 10.37
CA ARG F 82 -31.81 -4.54 10.48
C ARG F 82 -31.95 -3.94 11.88
N PHE F 83 -32.91 -4.40 12.66
CA PHE F 83 -33.12 -3.90 14.02
C PHE F 83 -32.05 -4.50 14.93
N SER F 84 -30.85 -3.93 14.86
CA SER F 84 -29.70 -4.39 15.63
C SER F 84 -29.44 -3.42 16.77
N GLY F 85 -29.23 -3.96 17.96
CA GLY F 85 -28.99 -3.16 19.15
C GLY F 85 -27.63 -3.46 19.74
N SER F 86 -26.99 -2.42 20.28
CA SER F 86 -25.70 -2.54 20.93
C SER F 86 -25.73 -1.81 22.26
N ILE F 87 -24.91 -2.27 23.20
CA ILE F 87 -24.87 -1.73 24.55
C ILE F 87 -23.51 -1.08 24.76
N ASP F 88 -23.53 0.22 25.07
CA ASP F 88 -22.34 0.97 25.46
C ASP F 88 -22.44 1.23 26.95
N SER F 89 -21.99 0.27 27.76
CA SER F 89 -22.16 0.36 29.20
C SER F 89 -21.23 1.37 29.84
N SER F 90 -20.11 1.70 29.19
CA SER F 90 -19.20 2.70 29.74
C SER F 90 -19.85 4.08 29.79
N SER F 91 -20.61 4.43 28.77
CA SER F 91 -21.32 5.70 28.72
C SER F 91 -22.75 5.59 29.27
N ASN F 92 -23.14 4.41 29.76
CA ASN F 92 -24.47 4.15 30.31
C ASN F 92 -25.57 4.47 29.28
N SER F 93 -25.31 4.13 28.02
CA SER F 93 -26.22 4.41 26.92
C SER F 93 -26.56 3.13 26.18
N ALA F 94 -27.84 2.94 25.90
CA ALA F 94 -28.30 1.82 25.08
C ALA F 94 -28.50 2.31 23.65
N SER F 95 -27.91 1.61 22.69
CA SER F 95 -27.92 2.02 21.30
C SER F 95 -28.73 1.02 20.46
N LEU F 96 -29.53 1.58 19.54
CA LEU F 96 -30.29 0.78 18.59
C LEU F 96 -29.94 1.25 17.18
N THR F 97 -29.33 0.37 16.40
CA THR F 97 -28.85 0.70 15.06
C THR F 97 -29.89 0.28 14.03
N ILE F 98 -30.25 1.22 13.15
CA ILE F 98 -31.20 0.97 12.07
C ILE F 98 -30.47 1.15 10.74
N SER F 99 -30.56 0.14 9.89
CA SER F 99 -29.92 0.16 8.58
C SER F 99 -30.97 -0.06 7.50
N GLY F 100 -30.86 0.71 6.42
CA GLY F 100 -31.82 0.62 5.33
C GLY F 100 -33.18 1.17 5.70
N LEU F 101 -33.27 2.47 5.90
CA LEU F 101 -34.53 3.10 6.28
C LEU F 101 -35.55 3.00 5.16
N LYS F 102 -36.80 2.74 5.52
CA LYS F 102 -37.89 2.58 4.57
C LYS F 102 -39.05 3.47 4.97
N THR F 103 -40.15 3.36 4.21
CA THR F 103 -41.32 4.19 4.49
C THR F 103 -42.02 3.74 5.76
N GLU F 104 -42.16 2.43 5.96
CA GLU F 104 -42.88 1.91 7.12
C GLU F 104 -42.13 2.09 8.44
N ASP F 105 -40.87 2.52 8.40
CA ASP F 105 -40.10 2.70 9.61
C ASP F 105 -40.46 3.98 10.37
N GLU F 106 -41.31 4.83 9.81
CA GLU F 106 -41.71 6.06 10.49
C GLU F 106 -42.64 5.74 11.66
N ALA F 107 -42.06 5.60 12.85
CA ALA F 107 -42.83 5.24 14.03
C ALA F 107 -42.08 5.70 15.27
N ASP F 108 -42.77 5.70 16.41
CA ASP F 108 -42.18 6.13 17.66
C ASP F 108 -41.39 4.99 18.30
N TYR F 109 -40.19 5.33 18.78
CA TYR F 109 -39.29 4.36 19.40
C TYR F 109 -39.11 4.70 20.87
N TYR F 110 -39.38 3.72 21.75
CA TYR F 110 -39.23 3.89 23.19
C TYR F 110 -38.38 2.76 23.73
N CYS F 111 -37.47 3.11 24.65
CA CYS F 111 -36.64 2.13 25.34
C CYS F 111 -37.17 1.90 26.75
N GLN F 112 -37.08 0.65 27.22
CA GLN F 112 -37.65 0.23 28.48
C GLN F 112 -36.55 -0.15 29.46
N SER F 113 -36.81 0.04 30.75
CA SER F 113 -35.93 -0.42 31.81
C SER F 113 -36.80 -0.99 32.94
N TYR F 114 -36.13 -1.42 34.01
CA TYR F 114 -36.84 -2.02 35.13
C TYR F 114 -36.43 -1.42 36.47
N ASP F 115 -35.20 -0.89 36.53
CA ASP F 115 -34.63 -0.30 37.74
C ASP F 115 -34.69 -1.27 38.91
N SER F 116 -35.60 -1.03 39.85
CA SER F 116 -35.82 -1.91 41.00
C SER F 116 -37.33 -1.98 41.24
N SER F 117 -37.97 -2.98 40.63
CA SER F 117 -39.41 -3.23 40.74
C SER F 117 -40.24 -2.02 40.29
N ASN F 118 -39.72 -1.27 39.30
CA ASN F 118 -40.43 -0.09 38.80
C ASN F 118 -40.01 0.12 37.34
N VAL F 119 -40.86 -0.30 36.41
CA VAL F 119 -40.54 -0.21 34.99
C VAL F 119 -40.51 1.25 34.57
N VAL F 120 -39.41 1.66 33.96
CA VAL F 120 -39.20 3.03 33.50
C VAL F 120 -38.98 3.02 32.00
N PHE F 121 -39.74 3.84 31.28
CA PHE F 121 -39.68 3.91 29.83
C PHE F 121 -38.83 5.10 29.39
N GLY F 122 -38.53 5.14 28.08
CA GLY F 122 -37.70 6.18 27.53
C GLY F 122 -38.48 7.41 27.11
N GLY F 123 -37.73 8.45 26.73
CA GLY F 123 -38.36 9.69 26.30
C GLY F 123 -39.13 9.55 25.00
N GLY F 124 -38.53 8.88 24.02
CA GLY F 124 -39.20 8.67 22.75
C GLY F 124 -38.46 9.26 21.56
N THR F 125 -38.14 8.42 20.59
CA THR F 125 -37.50 8.85 19.34
C THR F 125 -38.45 8.63 18.18
N LYS F 126 -38.70 9.69 17.42
CA LYS F 126 -39.60 9.65 16.27
C LYS F 126 -38.75 9.51 15.01
N LEU F 127 -38.74 8.31 14.42
CA LEU F 127 -38.01 8.09 13.19
C LEU F 127 -38.68 8.81 12.03
N THR F 128 -37.89 9.51 11.23
CA THR F 128 -38.39 10.33 10.15
C THR F 128 -37.78 9.89 8.83
N VAL F 129 -38.61 9.84 7.78
CA VAL F 129 -38.11 9.41 6.44
C VAL F 129 -37.17 10.49 5.90
N LEU F 130 -37.22 11.69 6.46
CA LEU F 130 -36.38 12.82 5.98
C LEU F 130 -36.17 12.69 4.47
N GLY F 138 -42.86 15.00 -3.18
CA GLY F 138 -43.68 14.07 -3.99
C GLY F 138 -45.08 14.60 -4.22
N GLN F 139 -45.67 15.22 -3.19
CA GLN F 139 -47.04 15.79 -3.31
C GLN F 139 -47.06 16.83 -4.43
N PRO F 140 -47.92 16.68 -5.46
CA PRO F 140 -47.95 17.62 -6.59
C PRO F 140 -48.67 18.92 -6.24
N LYS F 141 -48.38 20.01 -6.97
CA LYS F 141 -49.04 21.27 -6.70
C LYS F 141 -50.46 21.27 -7.28
N ALA F 142 -51.37 21.95 -6.57
CA ALA F 142 -52.75 22.03 -6.99
C ALA F 142 -53.30 23.42 -6.69
N ALA F 143 -54.33 23.82 -7.46
CA ALA F 143 -54.96 25.13 -7.35
C ALA F 143 -56.17 25.07 -6.44
N PRO F 144 -56.30 25.98 -5.49
CA PRO F 144 -57.43 25.90 -4.54
C PRO F 144 -58.75 26.28 -5.19
N SER F 145 -59.73 25.39 -5.04
CA SER F 145 -61.09 25.68 -5.48
C SER F 145 -61.79 26.52 -4.41
N VAL F 146 -62.31 27.68 -4.81
CA VAL F 146 -62.91 28.64 -3.89
C VAL F 146 -64.42 28.64 -4.11
N THR F 147 -65.17 28.33 -3.06
CA THR F 147 -66.62 28.33 -3.09
C THR F 147 -67.14 29.17 -1.94
N LEU F 148 -68.09 30.05 -2.23
CA LEU F 148 -68.66 30.95 -1.23
C LEU F 148 -70.14 30.65 -1.06
N PHE F 149 -70.60 30.71 0.19
CA PHE F 149 -71.99 30.39 0.53
C PHE F 149 -72.59 31.54 1.32
N PRO F 150 -73.67 32.16 0.85
CA PRO F 150 -74.32 33.21 1.61
C PRO F 150 -75.08 32.64 2.80
N PRO F 151 -75.36 33.46 3.82
CA PRO F 151 -76.14 32.96 4.96
C PRO F 151 -77.54 32.53 4.55
N SER F 152 -78.05 31.49 5.20
CA SER F 152 -79.35 30.94 4.88
C SER F 152 -80.46 31.77 5.53
N SER F 153 -81.67 31.59 5.01
CA SER F 153 -82.83 32.28 5.58
C SER F 153 -83.20 31.71 6.95
N GLU F 154 -82.99 30.41 7.17
CA GLU F 154 -83.24 29.83 8.48
C GLU F 154 -82.32 30.39 9.54
N GLU F 155 -81.05 30.61 9.19
CA GLU F 155 -80.12 31.23 10.11
C GLU F 155 -80.50 32.69 10.39
N LEU F 156 -81.00 33.40 9.38
CA LEU F 156 -81.43 34.78 9.57
C LEU F 156 -82.62 34.86 10.52
N GLN F 157 -83.53 33.89 10.45
CA GLN F 157 -84.64 33.85 11.39
C GLN F 157 -84.20 33.57 12.81
N ALA F 158 -83.01 32.99 12.99
CA ALA F 158 -82.44 32.76 14.32
C ALA F 158 -81.55 33.91 14.79
N ASN F 159 -81.65 35.07 14.13
CA ASN F 159 -80.87 36.27 14.46
C ASN F 159 -79.36 36.00 14.38
N LYS F 160 -78.96 35.20 13.40
CA LYS F 160 -77.55 34.88 13.18
C LYS F 160 -77.25 34.96 11.69
N ALA F 161 -75.95 35.11 11.38
CA ALA F 161 -75.49 35.12 10.00
C ALA F 161 -74.05 34.63 9.98
N THR F 162 -73.72 33.85 8.95
CA THR F 162 -72.38 33.28 8.82
C THR F 162 -72.00 33.20 7.35
N LEU F 163 -70.80 33.68 7.03
CA LEU F 163 -70.23 33.57 5.70
C LEU F 163 -69.16 32.50 5.70
N VAL F 164 -69.27 31.54 4.78
CA VAL F 164 -68.39 30.37 4.75
C VAL F 164 -67.58 30.40 3.47
N CYS F 165 -66.25 30.37 3.62
CA CYS F 165 -65.32 30.29 2.49
C CYS F 165 -64.70 28.89 2.47
N LEU F 166 -64.68 28.28 1.29
CA LEU F 166 -64.20 26.92 1.12
C LEU F 166 -62.91 26.92 0.31
N ILE F 167 -61.89 26.26 0.83
CA ILE F 167 -60.60 26.11 0.14
C ILE F 167 -60.29 24.62 0.11
N SER F 168 -60.25 24.03 -1.09
CA SER F 168 -60.07 22.60 -1.21
C SER F 168 -59.25 22.27 -2.45
N ASP F 169 -58.69 21.06 -2.45
CA ASP F 169 -57.93 20.51 -3.58
C ASP F 169 -56.73 21.40 -3.94
N PHE F 170 -55.89 21.67 -2.95
CA PHE F 170 -54.75 22.56 -3.13
C PHE F 170 -53.50 21.98 -2.48
N TYR F 171 -52.35 22.46 -2.95
CA TYR F 171 -51.04 22.16 -2.39
C TYR F 171 -50.10 23.27 -2.85
N PRO F 172 -49.23 23.79 -1.98
CA PRO F 172 -48.95 23.42 -0.57
C PRO F 172 -50.05 23.83 0.41
N GLY F 173 -50.09 23.19 1.57
CA GLY F 173 -51.09 23.49 2.58
C GLY F 173 -50.80 24.76 3.36
N ALA F 174 -50.75 25.89 2.66
CA ALA F 174 -50.51 27.19 3.30
C ALA F 174 -51.25 28.24 2.49
N VAL F 175 -52.46 28.57 2.92
CA VAL F 175 -53.29 29.57 2.25
C VAL F 175 -53.66 30.65 3.26
N THR F 176 -53.69 31.90 2.80
CA THR F 176 -54.05 33.04 3.62
C THR F 176 -55.42 33.55 3.18
N VAL F 177 -56.33 33.72 4.15
CA VAL F 177 -57.69 34.16 3.86
C VAL F 177 -57.84 35.61 4.35
N ALA F 178 -58.69 36.35 3.65
CA ALA F 178 -58.94 37.75 3.99
C ALA F 178 -60.35 38.10 3.53
N TRP F 179 -61.28 38.22 4.47
CA TRP F 179 -62.65 38.59 4.14
C TRP F 179 -62.72 40.07 3.75
N LYS F 180 -63.69 40.39 2.91
CA LYS F 180 -63.88 41.76 2.43
C LYS F 180 -65.36 42.12 2.51
N ALA F 181 -65.63 43.34 2.98
CA ALA F 181 -66.96 43.93 2.96
C ALA F 181 -66.93 45.01 1.88
N ASP F 182 -67.35 44.62 0.67
CA ASP F 182 -67.32 45.46 -0.54
C ASP F 182 -65.88 45.83 -0.89
N SER F 183 -65.27 46.70 -0.09
CA SER F 183 -63.86 47.05 -0.26
C SER F 183 -63.06 47.07 1.03
N SER F 184 -63.71 47.04 2.20
CA SER F 184 -63.03 47.09 3.49
C SER F 184 -62.73 45.68 3.98
N PRO F 185 -61.48 45.40 4.37
CA PRO F 185 -61.17 44.08 4.96
C PRO F 185 -61.92 43.86 6.26
N VAL F 186 -62.24 42.59 6.51
CA VAL F 186 -62.97 42.19 7.71
C VAL F 186 -62.10 41.26 8.53
N LYS F 187 -61.97 41.56 9.81
CA LYS F 187 -61.17 40.76 10.74
C LYS F 187 -61.98 40.22 11.92
N ALA F 188 -62.92 41.00 12.44
CA ALA F 188 -63.72 40.56 13.57
C ALA F 188 -64.68 39.45 13.14
N GLY F 189 -64.75 38.41 13.96
CA GLY F 189 -65.60 37.27 13.65
C GLY F 189 -65.06 36.32 12.61
N VAL F 190 -63.81 36.47 12.21
CA VAL F 190 -63.21 35.62 11.18
C VAL F 190 -62.61 34.40 11.86
N GLU F 191 -63.05 33.21 11.44
CA GLU F 191 -62.51 31.95 11.92
C GLU F 191 -62.11 31.10 10.73
N THR F 192 -60.86 30.65 10.72
CA THR F 192 -60.32 29.85 9.63
C THR F 192 -59.77 28.53 10.17
N THR F 193 -59.68 27.55 9.27
CA THR F 193 -59.25 26.21 9.62
C THR F 193 -57.88 25.93 9.00
N THR F 194 -57.04 25.20 9.74
CA THR F 194 -55.75 24.78 9.22
C THR F 194 -55.95 23.77 8.09
N PRO F 195 -55.07 23.79 7.08
CA PRO F 195 -55.20 22.83 5.98
C PRO F 195 -55.04 21.39 6.45
N SER F 196 -55.85 20.51 5.86
CA SER F 196 -55.83 19.08 6.19
C SER F 196 -55.80 18.28 4.90
N LYS F 197 -55.01 17.20 4.90
CA LYS F 197 -54.82 16.39 3.70
C LYS F 197 -56.10 15.67 3.32
N GLN F 198 -56.40 15.67 2.02
CA GLN F 198 -57.59 15.00 1.50
C GLN F 198 -57.25 13.57 1.10
N SER F 199 -58.22 12.89 0.49
CA SER F 199 -57.99 11.52 0.02
C SER F 199 -57.20 11.49 -1.28
N ASN F 200 -57.25 12.55 -2.08
CA ASN F 200 -56.58 12.61 -3.38
C ASN F 200 -55.27 13.37 -3.31
N ASN F 201 -54.54 13.22 -2.20
CA ASN F 201 -53.21 13.77 -1.96
C ASN F 201 -53.18 15.30 -1.96
N LYS F 202 -54.34 15.95 -1.89
CA LYS F 202 -54.42 17.40 -1.82
C LYS F 202 -54.86 17.82 -0.41
N TYR F 203 -55.03 19.13 -0.23
CA TYR F 203 -55.39 19.69 1.07
C TYR F 203 -56.76 20.33 1.01
N ALA F 204 -57.33 20.57 2.20
CA ALA F 204 -58.64 21.17 2.34
C ALA F 204 -58.64 22.12 3.53
N ALA F 205 -59.42 23.20 3.41
CA ALA F 205 -59.49 24.20 4.46
C ALA F 205 -60.83 24.93 4.36
N SER F 206 -61.15 25.69 5.40
CA SER F 206 -62.38 26.47 5.42
C SER F 206 -62.15 27.75 6.21
N SER F 207 -63.01 28.74 5.95
CA SER F 207 -63.01 30.01 6.66
C SER F 207 -64.45 30.40 6.96
N TYR F 208 -64.70 30.83 8.18
CA TYR F 208 -66.03 31.21 8.62
C TYR F 208 -66.02 32.65 9.14
N LEU F 209 -67.06 33.40 8.76
CA LEU F 209 -67.19 34.81 9.14
C LEU F 209 -68.51 34.98 9.90
N SER F 210 -68.43 35.05 11.23
CA SER F 210 -69.61 35.32 12.03
C SER F 210 -70.04 36.78 11.84
N LEU F 211 -71.34 36.98 11.65
CA LEU F 211 -71.86 38.31 11.37
C LEU F 211 -73.28 38.43 11.90
N THR F 212 -73.71 39.67 12.10
CA THR F 212 -75.09 39.98 12.48
C THR F 212 -75.96 40.08 11.24
N PRO F 213 -77.27 39.82 11.37
CA PRO F 213 -78.17 39.99 10.22
C PRO F 213 -78.23 41.42 9.70
N GLU F 214 -78.05 42.42 10.57
CA GLU F 214 -78.05 43.80 10.12
C GLU F 214 -76.80 44.13 9.31
N GLN F 215 -75.65 43.59 9.72
CA GLN F 215 -74.41 43.88 9.00
C GLN F 215 -74.35 43.16 7.65
N TRP F 216 -75.08 42.06 7.50
CA TRP F 216 -75.09 41.35 6.23
C TRP F 216 -75.77 42.17 5.14
N LYS F 217 -76.86 42.85 5.47
CA LYS F 217 -77.57 43.68 4.52
C LYS F 217 -77.08 45.12 4.51
N SER F 218 -76.18 45.50 5.42
CA SER F 218 -75.67 46.86 5.44
C SER F 218 -74.75 47.12 4.26
N HIS F 219 -73.88 46.18 3.94
CA HIS F 219 -72.98 46.29 2.80
C HIS F 219 -73.65 45.76 1.54
N ARG F 220 -73.25 46.32 0.39
CA ARG F 220 -73.82 45.91 -0.88
C ARG F 220 -73.44 44.46 -1.21
N SER F 221 -72.19 44.08 -0.96
CA SER F 221 -71.74 42.74 -1.27
C SER F 221 -70.60 42.35 -0.34
N TYR F 222 -70.37 41.04 -0.22
CA TYR F 222 -69.28 40.49 0.55
C TYR F 222 -68.46 39.56 -0.35
N SER F 223 -67.18 39.42 -0.02
CA SER F 223 -66.29 38.59 -0.83
C SER F 223 -65.20 38.01 0.05
N CYS F 224 -64.64 36.89 -0.41
CA CYS F 224 -63.58 36.18 0.28
C CYS F 224 -62.37 36.10 -0.65
N GLN F 225 -61.21 36.51 -0.14
CA GLN F 225 -59.96 36.49 -0.90
C GLN F 225 -59.08 35.34 -0.43
N VAL F 226 -58.65 34.51 -1.37
CA VAL F 226 -57.77 33.39 -1.10
C VAL F 226 -56.48 33.61 -1.89
N THR F 227 -55.36 33.67 -1.18
CA THR F 227 -54.04 33.84 -1.79
C THR F 227 -53.27 32.54 -1.65
N HIS F 228 -52.79 32.00 -2.78
CA HIS F 228 -52.08 30.73 -2.79
C HIS F 228 -50.98 30.82 -3.84
N GLU F 229 -49.72 30.82 -3.36
CA GLU F 229 -48.52 30.87 -4.22
C GLU F 229 -48.55 32.09 -5.13
N GLY F 230 -49.01 33.22 -4.62
CA GLY F 230 -49.11 34.46 -5.37
C GLY F 230 -50.41 34.65 -6.12
N SER F 231 -50.93 33.58 -6.70
CA SER F 231 -52.19 33.66 -7.44
C SER F 231 -53.36 33.85 -6.48
N THR F 232 -54.36 34.62 -6.92
CA THR F 232 -55.53 34.92 -6.12
C THR F 232 -56.78 34.49 -6.87
N VAL F 233 -57.64 33.73 -6.21
CA VAL F 233 -58.92 33.31 -6.75
C VAL F 233 -60.02 34.03 -5.98
N GLU F 234 -60.90 34.71 -6.69
CA GLU F 234 -61.86 35.63 -6.07
C GLU F 234 -63.28 35.17 -6.37
N LYS F 235 -64.10 35.14 -5.32
CA LYS F 235 -65.54 34.93 -5.43
C LYS F 235 -66.25 35.99 -4.60
N THR F 236 -67.50 36.27 -4.95
CA THR F 236 -68.28 37.29 -4.26
C THR F 236 -69.69 36.79 -4.03
N VAL F 237 -70.33 37.33 -2.98
CA VAL F 237 -71.71 37.03 -2.65
C VAL F 237 -72.45 38.35 -2.46
N ALA F 238 -73.77 38.30 -2.65
CA ALA F 238 -74.64 39.45 -2.48
C ALA F 238 -75.94 39.01 -1.83
N PRO F 239 -76.56 39.88 -1.02
CA PRO F 239 -77.86 39.52 -0.43
C PRO F 239 -78.98 39.55 -1.46
N THR F 240 -79.45 38.37 -1.86
CA THR F 240 -80.52 38.27 -2.84
C THR F 240 -81.72 37.50 -2.28
N GLN G 20 -53.94 -18.50 19.32
CA GLN G 20 -53.10 -17.73 20.24
C GLN G 20 -53.93 -17.18 21.40
N VAL G 21 -53.50 -16.02 21.92
CA VAL G 21 -54.20 -15.37 23.02
C VAL G 21 -54.49 -13.93 22.61
N GLN G 22 -55.58 -13.39 23.13
CA GLN G 22 -56.03 -12.04 22.79
C GLN G 22 -56.52 -11.35 24.05
N LEU G 23 -56.15 -10.08 24.20
CA LEU G 23 -56.57 -9.27 25.34
C LEU G 23 -57.33 -8.05 24.83
N GLN G 24 -58.55 -7.85 25.34
CA GLN G 24 -59.42 -6.78 24.90
C GLN G 24 -59.88 -5.97 26.11
N GLU G 25 -59.76 -4.65 26.02
CA GLU G 25 -60.20 -3.75 27.07
C GLU G 25 -61.67 -3.42 26.94
N SER G 26 -62.25 -2.91 28.02
CA SER G 26 -63.64 -2.50 28.05
C SER G 26 -63.77 -1.34 29.02
N GLY G 27 -65.02 -1.00 29.35
CA GLY G 27 -65.29 0.11 30.25
C GLY G 27 -65.56 1.40 29.50
N PRO G 28 -66.12 2.39 30.20
CA PRO G 28 -66.45 3.66 29.54
C PRO G 28 -65.20 4.44 29.15
N GLY G 29 -65.29 5.12 28.01
CA GLY G 29 -64.21 5.94 27.51
C GLY G 29 -64.18 7.36 28.03
N LEU G 30 -65.20 7.78 28.77
CA LEU G 30 -65.28 9.12 29.33
C LEU G 30 -65.24 9.04 30.85
N VAL G 31 -64.64 10.05 31.46
CA VAL G 31 -64.35 10.04 32.89
C VAL G 31 -64.33 11.47 33.40
N LYS G 32 -64.95 11.68 34.57
CA LYS G 32 -65.03 12.97 35.23
C LYS G 32 -63.82 13.16 36.16
N PRO G 33 -63.44 14.41 36.43
CA PRO G 33 -62.40 14.66 37.42
C PRO G 33 -62.83 14.25 38.82
N SER G 34 -61.84 13.78 39.60
CA SER G 34 -62.00 13.49 41.03
C SER G 34 -63.09 12.45 41.29
N GLU G 35 -62.96 11.29 40.65
CA GLU G 35 -63.85 10.17 40.92
C GLU G 35 -63.06 8.88 40.74
N THR G 36 -63.75 7.74 40.73
CA THR G 36 -63.12 6.43 40.68
C THR G 36 -63.24 5.86 39.28
N LEU G 37 -62.10 5.67 38.63
CA LEU G 37 -62.05 5.08 37.29
C LEU G 37 -62.19 3.57 37.37
N SER G 38 -62.84 2.98 36.35
CA SER G 38 -63.06 1.54 36.30
C SER G 38 -62.96 1.07 34.85
N LEU G 39 -61.82 0.49 34.49
CA LEU G 39 -61.61 -0.12 33.18
C LEU G 39 -61.20 -1.57 33.36
N THR G 40 -61.81 -2.46 32.58
CA THR G 40 -61.55 -3.89 32.65
C THR G 40 -60.95 -4.37 31.33
N CYS G 41 -59.97 -5.26 31.43
CA CYS G 41 -59.30 -5.84 30.26
C CYS G 41 -59.60 -7.33 30.22
N THR G 42 -60.35 -7.76 29.21
CA THR G 42 -60.76 -9.15 29.09
C THR G 42 -59.66 -9.97 28.41
N VAL G 43 -59.68 -11.28 28.69
CA VAL G 43 -58.71 -12.23 28.15
C VAL G 43 -59.47 -13.33 27.44
N SER G 44 -59.07 -13.61 26.19
CA SER G 44 -59.64 -14.69 25.41
C SER G 44 -58.53 -15.52 24.80
N GLY G 45 -58.76 -16.83 24.70
CA GLY G 45 -57.78 -17.74 24.15
C GLY G 45 -56.73 -18.22 25.13
N GLY G 46 -56.89 -17.92 26.42
CA GLY G 46 -55.92 -18.35 27.41
C GLY G 46 -56.53 -18.33 28.79
N SER G 47 -55.72 -18.70 29.78
CA SER G 47 -56.14 -18.76 31.17
C SER G 47 -55.24 -17.87 32.01
N VAL G 48 -55.86 -17.17 32.96
CA VAL G 48 -55.12 -16.21 33.79
C VAL G 48 -54.16 -16.93 34.72
N SER G 49 -54.64 -17.97 35.41
CA SER G 49 -53.83 -18.62 36.44
C SER G 49 -52.70 -19.45 35.85
N SER G 50 -52.91 -20.08 34.69
CA SER G 50 -51.89 -20.93 34.10
C SER G 50 -50.88 -20.10 33.32
N GLY G 51 -49.67 -20.64 33.21
CA GLY G 51 -48.59 -20.01 32.47
C GLY G 51 -47.55 -19.34 33.33
N GLY G 52 -47.90 -18.91 34.54
CA GLY G 52 -46.95 -18.24 35.41
C GLY G 52 -46.44 -16.91 34.87
N TYR G 53 -47.29 -16.18 34.17
CA TYR G 53 -46.95 -14.88 33.61
C TYR G 53 -47.61 -13.78 34.44
N PHE G 54 -47.44 -12.54 33.98
CA PHE G 54 -47.89 -11.36 34.69
C PHE G 54 -48.87 -10.56 33.84
N TRP G 55 -49.50 -9.57 34.48
CA TRP G 55 -50.40 -8.64 33.82
C TRP G 55 -50.00 -7.22 34.20
N SER G 56 -50.11 -6.30 33.25
CA SER G 56 -49.62 -4.94 33.47
C SER G 56 -50.46 -3.95 32.68
N TRP G 57 -50.40 -2.69 33.12
CA TRP G 57 -51.11 -1.59 32.49
C TRP G 57 -50.12 -0.47 32.16
N ILE G 58 -50.21 0.06 30.94
CA ILE G 58 -49.42 1.22 30.53
C ILE G 58 -50.36 2.24 29.88
N ARG G 59 -50.24 3.49 30.31
CA ARG G 59 -50.94 4.60 29.68
C ARG G 59 -49.97 5.38 28.78
N GLN G 60 -50.52 6.04 27.78
CA GLN G 60 -49.72 6.85 26.87
C GLN G 60 -50.49 8.11 26.48
N PRO G 61 -50.07 9.28 26.95
CA PRO G 61 -50.74 10.51 26.54
C PRO G 61 -50.51 10.79 25.07
N PRO G 62 -51.44 11.47 24.40
CA PRO G 62 -51.26 11.80 22.98
C PRO G 62 -50.10 12.76 22.79
N GLY G 63 -49.13 12.35 21.98
CA GLY G 63 -47.93 13.13 21.76
C GLY G 63 -46.85 12.96 22.80
N LYS G 64 -47.04 12.07 23.77
CA LYS G 64 -46.06 11.82 24.82
C LYS G 64 -45.67 10.35 24.84
N GLY G 65 -44.64 10.04 25.63
CA GLY G 65 -44.15 8.69 25.72
C GLY G 65 -45.01 7.78 26.59
N LEU G 66 -44.69 6.50 26.53
CA LEU G 66 -45.40 5.51 27.34
C LEU G 66 -45.05 5.67 28.81
N GLU G 67 -46.05 5.50 29.67
CA GLU G 67 -45.87 5.61 31.11
C GLU G 67 -46.37 4.33 31.78
N TRP G 68 -45.51 3.73 32.58
CA TRP G 68 -45.85 2.48 33.26
C TRP G 68 -46.69 2.79 34.50
N ILE G 69 -47.82 2.10 34.62
CA ILE G 69 -48.74 2.32 35.75
C ILE G 69 -48.44 1.30 36.84
N GLY G 70 -48.59 0.02 36.52
CA GLY G 70 -48.34 -1.02 37.50
C GLY G 70 -48.42 -2.39 36.86
N CYS G 71 -48.00 -3.38 37.64
CA CYS G 71 -48.02 -4.78 37.21
C CYS G 71 -48.66 -5.63 38.30
N ILE G 72 -49.26 -6.74 37.89
CA ILE G 72 -49.91 -7.65 38.83
C ILE G 72 -49.61 -9.10 38.43
N TYR G 73 -49.67 -9.97 39.43
CA TYR G 73 -49.62 -11.42 39.27
C TYR G 73 -51.04 -11.96 39.43
N TYR G 74 -51.22 -13.25 39.14
CA TYR G 74 -52.54 -13.82 39.41
C TYR G 74 -52.77 -14.07 40.89
N SER G 75 -51.73 -13.95 41.71
CA SER G 75 -51.87 -13.85 43.15
C SER G 75 -51.99 -12.38 43.55
N GLY G 76 -51.84 -12.09 44.84
CA GLY G 76 -52.00 -10.73 45.34
C GLY G 76 -50.78 -9.84 45.24
N SER G 77 -49.75 -10.25 44.51
CA SER G 77 -48.53 -9.46 44.39
C SER G 77 -48.76 -8.26 43.47
N THR G 78 -48.49 -7.06 43.97
CA THR G 78 -48.67 -5.83 43.21
C THR G 78 -47.46 -4.92 43.40
N ASN G 79 -47.13 -4.18 42.36
CA ASN G 79 -46.13 -3.11 42.42
C ASN G 79 -46.62 -1.93 41.59
N TYR G 80 -46.39 -0.72 42.11
CA TYR G 80 -46.92 0.49 41.50
C TYR G 80 -45.82 1.52 41.31
N ASN G 81 -46.07 2.40 40.34
CA ASN G 81 -45.18 3.54 40.10
C ASN G 81 -45.19 4.45 41.33
N PRO G 82 -44.03 4.88 41.83
CA PRO G 82 -44.03 5.85 42.95
C PRO G 82 -44.69 7.17 42.61
N SER G 83 -44.68 7.58 41.33
CA SER G 83 -45.42 8.77 40.94
C SER G 83 -46.92 8.52 40.97
N LEU G 84 -47.34 7.26 40.80
CA LEU G 84 -48.75 6.88 40.85
C LEU G 84 -49.07 6.04 42.08
N LYS G 85 -48.26 6.12 43.12
CA LYS G 85 -48.45 5.32 44.31
C LYS G 85 -49.67 5.82 45.10
N SER G 86 -50.31 4.89 45.81
CA SER G 86 -51.49 5.14 46.65
C SER G 86 -52.69 5.64 45.85
N ARG G 87 -52.71 5.38 44.54
CA ARG G 87 -53.86 5.70 43.70
C ARG G 87 -54.26 4.60 42.74
N VAL G 88 -53.44 3.57 42.57
CA VAL G 88 -53.71 2.49 41.62
C VAL G 88 -54.20 1.28 42.41
N THR G 89 -55.39 0.78 42.06
CA THR G 89 -55.96 -0.41 42.68
C THR G 89 -56.33 -1.38 41.56
N ILE G 90 -55.62 -2.49 41.47
CA ILE G 90 -55.81 -3.48 40.41
C ILE G 90 -56.10 -4.83 41.07
N SER G 91 -57.13 -5.51 40.57
CA SER G 91 -57.57 -6.78 41.14
C SER G 91 -57.76 -7.81 40.03
N VAL G 92 -57.59 -9.08 40.40
CA VAL G 92 -57.70 -10.19 39.46
C VAL G 92 -58.73 -11.19 39.99
N ASP G 93 -59.69 -11.54 39.15
CA ASP G 93 -60.63 -12.63 39.44
C ASP G 93 -60.48 -13.71 38.36
N THR G 94 -60.10 -14.91 38.78
CA THR G 94 -59.78 -15.98 37.84
C THR G 94 -61.05 -16.61 37.24
N SER G 95 -62.16 -16.58 37.97
CA SER G 95 -63.38 -17.22 37.50
C SER G 95 -63.91 -16.58 36.23
N LYS G 96 -63.85 -15.25 36.15
CA LYS G 96 -64.31 -14.52 34.96
C LYS G 96 -63.19 -14.35 33.94
N ASP G 97 -61.96 -14.72 34.30
CA ASP G 97 -60.81 -14.78 33.38
C ASP G 97 -60.48 -13.41 32.78
N GLN G 98 -60.37 -12.41 33.66
CA GLN G 98 -59.96 -11.06 33.28
C GLN G 98 -59.50 -10.35 34.54
N PHE G 99 -58.98 -9.13 34.37
CA PHE G 99 -58.53 -8.31 35.48
C PHE G 99 -58.85 -6.85 35.20
N SER G 100 -59.04 -6.09 36.28
CA SER G 100 -59.47 -4.70 36.18
C SER G 100 -58.57 -3.81 37.01
N LEU G 101 -58.50 -2.54 36.62
CA LEU G 101 -57.72 -1.53 37.33
C LEU G 101 -58.64 -0.39 37.75
N LYS G 102 -58.47 0.07 39.00
CA LYS G 102 -59.25 1.16 39.55
C LYS G 102 -58.32 2.31 39.88
N LEU G 103 -58.67 3.52 39.40
CA LEU G 103 -57.87 4.71 39.63
C LEU G 103 -58.69 5.72 40.43
N SER G 104 -58.04 6.37 41.39
CA SER G 104 -58.67 7.33 42.27
C SER G 104 -58.04 8.70 42.08
N SER G 105 -58.86 9.74 42.27
CA SER G 105 -58.46 11.14 42.18
C SER G 105 -57.84 11.45 40.80
N VAL G 106 -58.61 11.15 39.76
CA VAL G 106 -58.18 11.41 38.39
C VAL G 106 -58.36 12.89 38.09
N THR G 107 -57.41 13.46 37.35
CA THR G 107 -57.39 14.87 37.00
C THR G 107 -57.37 15.02 35.48
N ALA G 108 -57.32 16.28 35.03
CA ALA G 108 -57.30 16.58 33.61
C ALA G 108 -55.97 16.20 32.96
N ALA G 109 -54.92 15.98 33.73
CA ALA G 109 -53.63 15.57 33.21
C ALA G 109 -53.52 14.07 33.00
N ASP G 110 -54.57 13.31 33.34
CA ASP G 110 -54.57 11.86 33.21
C ASP G 110 -55.15 11.40 31.88
N THR G 111 -55.40 12.31 30.94
CA THR G 111 -55.92 11.97 29.63
C THR G 111 -54.84 11.22 28.85
N ALA G 112 -54.99 9.90 28.75
CA ALA G 112 -54.00 9.08 28.06
C ALA G 112 -54.69 7.87 27.46
N VAL G 113 -54.05 7.30 26.44
CA VAL G 113 -54.53 6.09 25.79
C VAL G 113 -54.02 4.90 26.60
N TYR G 114 -54.95 4.09 27.11
CA TYR G 114 -54.61 3.03 28.04
C TYR G 114 -54.43 1.71 27.28
N TYR G 115 -53.31 1.04 27.53
CA TYR G 115 -52.96 -0.20 26.86
C TYR G 115 -52.88 -1.33 27.87
N CYS G 116 -53.53 -2.45 27.56
CA CYS G 116 -53.47 -3.66 28.38
C CYS G 116 -52.53 -4.64 27.69
N ALA G 117 -51.36 -4.86 28.27
CA ALA G 117 -50.29 -5.62 27.65
C ALA G 117 -49.92 -6.83 28.51
N ARG G 118 -49.88 -8.00 27.89
CA ARG G 118 -49.40 -9.20 28.57
C ARG G 118 -47.88 -9.15 28.69
N GLN G 119 -47.36 -9.56 29.84
CA GLN G 119 -45.94 -9.51 30.14
C GLN G 119 -45.36 -10.92 30.16
N LEU G 120 -44.36 -11.17 29.31
CA LEU G 120 -43.72 -12.47 29.24
C LEU G 120 -42.71 -12.66 30.37
N TRP G 121 -41.83 -11.68 30.56
CA TRP G 121 -40.79 -11.76 31.57
C TRP G 121 -40.84 -10.45 32.37
N LEU G 122 -40.75 -10.57 33.70
CA LEU G 122 -41.10 -9.45 34.59
C LEU G 122 -40.23 -8.22 34.36
N ARG G 123 -38.99 -8.41 33.92
CA ARG G 123 -38.10 -7.29 33.61
C ARG G 123 -37.93 -7.07 32.12
N GLY G 124 -38.72 -7.74 31.29
CA GLY G 124 -38.51 -7.70 29.86
C GLY G 124 -39.61 -7.07 29.03
N ARG G 125 -39.84 -7.62 27.85
CA ARG G 125 -40.78 -7.06 26.90
C ARG G 125 -42.22 -7.42 27.28
N PHE G 126 -43.15 -6.66 26.73
CA PHE G 126 -44.58 -6.98 26.82
C PHE G 126 -44.94 -7.54 25.45
N ASP G 127 -44.99 -8.88 25.34
CA ASP G 127 -45.12 -9.52 24.04
C ASP G 127 -46.46 -9.19 23.37
N TYR G 128 -47.53 -9.18 24.13
CA TYR G 128 -48.82 -8.77 23.59
C TYR G 128 -49.08 -7.31 23.90
N TRP G 129 -49.82 -6.65 23.00
CA TRP G 129 -50.20 -5.25 23.16
C TRP G 129 -51.64 -5.10 22.70
N GLY G 130 -52.56 -4.95 23.65
CA GLY G 130 -53.95 -4.76 23.30
C GLY G 130 -54.21 -3.40 22.68
N GLN G 131 -55.35 -3.29 22.01
CA GLN G 131 -55.73 -2.03 21.38
C GLN G 131 -56.01 -0.97 22.44
N GLY G 132 -55.63 0.27 22.12
CA GLY G 132 -55.70 1.33 23.10
C GLY G 132 -57.03 2.09 23.13
N THR G 133 -57.72 2.00 24.26
CA THR G 133 -58.95 2.76 24.44
C THR G 133 -58.63 4.21 24.80
N LEU G 134 -59.41 5.13 24.24
CA LEU G 134 -59.20 6.55 24.46
C LEU G 134 -59.92 6.99 25.73
N VAL G 135 -59.18 7.64 26.63
CA VAL G 135 -59.71 8.10 27.91
C VAL G 135 -59.55 9.62 27.95
N THR G 136 -60.66 10.32 28.17
CA THR G 136 -60.62 11.81 28.28
C THR G 136 -61.24 12.24 29.61
N VAL G 137 -60.43 12.81 30.51
CA VAL G 137 -60.94 13.24 31.85
C VAL G 137 -61.41 14.70 31.75
N SER G 138 -62.73 14.92 31.79
CA SER G 138 -63.30 16.29 31.68
C SER G 138 -64.71 16.34 32.27
N SER G 139 -65.17 17.52 32.67
CA SER G 139 -66.54 17.67 33.22
C SER G 139 -67.17 18.96 32.67
N ALA G 140 -68.20 18.83 31.81
CA ALA G 140 -68.79 20.00 31.13
C ALA G 140 -70.21 19.67 30.64
N SER G 141 -71.01 20.69 30.33
CA SER G 141 -72.39 20.49 29.82
C SER G 141 -72.35 20.25 28.32
N THR G 142 -73.51 19.93 27.72
CA THR G 142 -73.57 19.66 26.26
C THR G 142 -74.75 20.41 25.62
N LYS G 143 -74.48 21.48 24.87
CA LYS G 143 -75.56 22.21 24.16
C LYS G 143 -75.67 21.61 22.75
N GLY G 144 -76.79 21.82 22.05
CA GLY G 144 -76.91 21.18 20.77
C GLY G 144 -76.40 22.03 19.64
N PRO G 145 -76.03 21.40 18.53
CA PRO G 145 -75.51 22.15 17.37
C PRO G 145 -76.62 22.89 16.64
N SER G 146 -76.23 23.92 15.91
CA SER G 146 -77.12 24.70 15.07
C SER G 146 -76.75 24.45 13.62
N VAL G 147 -77.58 23.69 12.91
CA VAL G 147 -77.33 23.30 11.54
C VAL G 147 -78.07 24.25 10.60
N PHE G 148 -77.34 24.84 9.66
CA PHE G 148 -77.91 25.75 8.69
C PHE G 148 -77.61 25.27 7.27
N PRO G 149 -78.58 25.35 6.36
CA PRO G 149 -78.31 24.94 4.98
C PRO G 149 -77.37 25.90 4.27
N LEU G 150 -76.63 25.35 3.31
CA LEU G 150 -75.70 26.12 2.50
C LEU G 150 -76.16 26.01 1.04
N ALA G 151 -76.90 27.01 0.59
CA ALA G 151 -77.56 26.95 -0.71
C ALA G 151 -76.57 27.23 -1.83
N PRO G 152 -76.39 26.33 -2.79
CA PRO G 152 -75.57 26.65 -3.96
C PRO G 152 -76.30 27.59 -4.91
N SER G 153 -75.51 28.25 -5.75
CA SER G 153 -76.03 29.21 -6.71
C SER G 153 -75.05 29.32 -7.87
N SER G 154 -75.23 30.35 -8.70
CA SER G 154 -74.34 30.56 -9.84
C SER G 154 -72.93 30.94 -9.39
N LYS G 155 -72.82 31.67 -8.28
CA LYS G 155 -71.52 32.02 -7.73
C LYS G 155 -70.84 30.85 -7.01
N SER G 156 -71.56 29.76 -6.79
CA SER G 156 -71.03 28.60 -6.06
C SER G 156 -70.41 27.55 -6.98
N THR G 157 -70.42 27.76 -8.29
CA THR G 157 -69.87 26.80 -9.24
C THR G 157 -68.73 27.42 -10.04
N SER G 158 -67.74 26.59 -10.35
CA SER G 158 -66.58 27.00 -11.15
C SER G 158 -66.40 25.96 -12.25
N GLY G 159 -67.08 26.17 -13.37
CA GLY G 159 -67.01 25.24 -14.48
C GLY G 159 -68.21 24.31 -14.54
N GLY G 160 -67.96 23.03 -14.84
CA GLY G 160 -69.02 22.04 -14.94
C GLY G 160 -69.47 21.43 -13.64
N THR G 161 -68.87 21.81 -12.51
CA THR G 161 -69.20 21.24 -11.22
C THR G 161 -69.53 22.35 -10.23
N ALA G 162 -70.39 22.03 -9.27
CA ALA G 162 -70.80 22.94 -8.21
C ALA G 162 -70.46 22.33 -6.86
N ALA G 163 -70.81 23.05 -5.80
CA ALA G 163 -70.55 22.59 -4.44
C ALA G 163 -71.73 22.95 -3.54
N LEU G 164 -71.99 22.09 -2.56
CA LEU G 164 -73.02 22.33 -1.56
C LEU G 164 -72.62 21.65 -0.27
N GLY G 165 -73.19 22.12 0.83
CA GLY G 165 -72.80 21.58 2.11
C GLY G 165 -73.76 21.98 3.21
N CYS G 166 -73.32 21.79 4.45
CA CYS G 166 -74.06 22.17 5.63
C CYS G 166 -73.10 22.78 6.64
N LEU G 167 -73.62 23.68 7.47
CA LEU G 167 -72.82 24.40 8.44
C LEU G 167 -73.19 23.97 9.85
N VAL G 168 -72.18 23.59 10.63
CA VAL G 168 -72.35 23.22 12.04
C VAL G 168 -71.68 24.30 12.87
N LYS G 169 -72.48 25.01 13.67
CA LYS G 169 -72.00 26.16 14.43
C LYS G 169 -72.54 26.10 15.85
N ASP G 170 -71.71 26.53 16.81
CA ASP G 170 -72.09 26.71 18.20
C ASP G 170 -72.55 25.40 18.84
N TYR G 171 -71.62 24.46 18.94
CA TYR G 171 -71.86 23.18 19.60
C TYR G 171 -70.75 22.89 20.59
N PHE G 172 -71.03 21.95 21.50
CA PHE G 172 -70.13 21.60 22.59
C PHE G 172 -70.53 20.24 23.14
N PRO G 173 -69.62 19.26 23.25
CA PRO G 173 -68.21 19.24 22.83
C PRO G 173 -67.95 18.44 21.57
N GLU G 174 -66.67 18.24 21.25
CA GLU G 174 -66.28 17.38 20.15
C GLU G 174 -66.60 15.91 20.48
N PRO G 175 -66.84 15.07 19.46
CA PRO G 175 -66.91 15.37 18.02
C PRO G 175 -68.32 15.33 17.46
N VAL G 176 -68.47 15.73 16.20
CA VAL G 176 -69.73 15.63 15.47
C VAL G 176 -69.46 14.97 14.12
N THR G 177 -70.38 14.12 13.68
CA THR G 177 -70.25 13.43 12.41
C THR G 177 -71.34 13.90 11.45
N VAL G 178 -70.97 14.04 10.18
CA VAL G 178 -71.89 14.46 9.13
C VAL G 178 -71.87 13.40 8.03
N SER G 179 -73.06 12.92 7.65
CA SER G 179 -73.20 11.94 6.60
C SER G 179 -74.20 12.47 5.57
N TRP G 180 -73.93 12.18 4.30
CA TRP G 180 -74.75 12.66 3.20
C TRP G 180 -75.62 11.53 2.65
N ASN G 181 -76.94 11.76 2.61
CA ASN G 181 -77.91 10.78 2.14
C ASN G 181 -77.80 9.46 2.91
N SER G 182 -77.66 9.57 4.23
CA SER G 182 -77.48 8.42 5.13
C SER G 182 -76.27 7.58 4.74
N GLY G 183 -75.18 8.25 4.36
CA GLY G 183 -73.96 7.57 3.99
C GLY G 183 -73.89 7.09 2.56
N ALA G 184 -74.92 7.33 1.75
CA ALA G 184 -74.89 6.88 0.36
C ALA G 184 -73.95 7.71 -0.51
N LEU G 185 -73.66 8.95 -0.11
CA LEU G 185 -72.77 9.83 -0.86
C LEU G 185 -71.47 9.97 -0.08
N THR G 186 -70.38 9.48 -0.67
CA THR G 186 -69.07 9.52 -0.01
C THR G 186 -68.04 10.20 -0.90
N SER G 187 -68.22 10.11 -2.20
CA SER G 187 -67.28 10.71 -3.14
C SER G 187 -67.43 12.22 -3.14
N GLY G 188 -66.30 12.92 -2.97
CA GLY G 188 -66.29 14.37 -2.92
C GLY G 188 -66.67 14.96 -1.57
N VAL G 189 -66.99 14.15 -0.58
CA VAL G 189 -67.39 14.65 0.73
C VAL G 189 -66.13 15.01 1.51
N HIS G 190 -66.07 16.26 1.99
CA HIS G 190 -64.93 16.76 2.74
C HIS G 190 -65.42 17.26 4.10
N THR G 191 -65.03 16.56 5.15
CA THR G 191 -65.35 16.96 6.52
C THR G 191 -64.15 17.67 7.12
N PHE G 192 -64.33 18.94 7.48
CA PHE G 192 -63.22 19.74 7.96
C PHE G 192 -63.08 19.64 9.48
N PRO G 193 -61.85 19.73 9.98
CA PRO G 193 -61.66 19.75 11.44
C PRO G 193 -62.24 21.02 12.05
N ALA G 194 -62.69 20.88 13.30
CA ALA G 194 -63.31 22.00 14.00
C ALA G 194 -62.27 23.01 14.44
N VAL G 195 -62.72 24.25 14.64
CA VAL G 195 -61.90 25.33 15.14
C VAL G 195 -62.62 26.02 16.29
N LEU G 196 -61.84 26.52 17.23
CA LEU G 196 -62.40 27.23 18.38
C LEU G 196 -62.92 28.60 17.95
N GLN G 197 -64.16 28.90 18.31
CA GLN G 197 -64.75 30.19 17.99
C GLN G 197 -64.23 31.26 18.95
N SER G 198 -64.74 32.48 18.78
CA SER G 198 -64.35 33.58 19.66
C SER G 198 -64.85 33.40 21.08
N SER G 199 -65.94 32.65 21.28
CA SER G 199 -66.53 32.45 22.60
C SER G 199 -66.78 30.96 22.84
N GLY G 200 -65.74 30.24 23.24
CA GLY G 200 -65.90 28.89 23.76
C GLY G 200 -66.23 27.78 22.77
N LEU G 201 -67.32 27.94 22.02
CA LEU G 201 -67.87 26.86 21.22
C LEU G 201 -67.01 26.61 19.98
N TYR G 202 -67.37 25.57 19.22
CA TYR G 202 -66.66 25.16 18.02
C TYR G 202 -67.51 25.45 16.79
N SER G 203 -66.93 25.19 15.61
CA SER G 203 -67.62 25.36 14.34
C SER G 203 -66.88 24.59 13.26
N LEU G 204 -67.65 23.96 12.37
CA LEU G 204 -67.09 23.29 11.20
C LEU G 204 -68.15 23.24 10.12
N SER G 205 -67.81 22.57 9.01
CA SER G 205 -68.74 22.36 7.92
C SER G 205 -68.35 21.09 7.17
N SER G 206 -69.30 20.54 6.43
CA SER G 206 -69.08 19.37 5.59
C SER G 206 -69.72 19.62 4.24
N VAL G 207 -68.92 19.59 3.18
CA VAL G 207 -69.38 19.93 1.84
C VAL G 207 -69.05 18.79 0.89
N VAL G 208 -69.77 18.75 -0.23
CA VAL G 208 -69.59 17.73 -1.26
C VAL G 208 -69.65 18.41 -2.62
N THR G 209 -68.77 18.00 -3.53
CA THR G 209 -68.73 18.53 -4.89
C THR G 209 -69.64 17.70 -5.78
N VAL G 210 -70.53 18.39 -6.51
CA VAL G 210 -71.51 17.73 -7.35
C VAL G 210 -71.59 18.47 -8.69
N PRO G 211 -71.80 17.77 -9.80
CA PRO G 211 -72.06 18.48 -11.07
C PRO G 211 -73.33 19.30 -10.99
N SER G 212 -73.33 20.42 -11.72
CA SER G 212 -74.44 21.37 -11.69
C SER G 212 -75.69 20.85 -12.39
N SER G 213 -75.59 19.77 -13.15
CA SER G 213 -76.75 19.26 -13.88
C SER G 213 -77.80 18.69 -12.94
N SER G 214 -77.36 18.04 -11.85
CA SER G 214 -78.26 17.40 -10.90
C SER G 214 -78.59 18.29 -9.71
N LEU G 215 -78.44 19.62 -9.86
CA LEU G 215 -78.74 20.51 -8.75
C LEU G 215 -80.24 20.58 -8.49
N GLY G 216 -81.04 20.75 -9.54
CA GLY G 216 -82.48 20.85 -9.40
C GLY G 216 -83.25 19.56 -9.54
N THR G 217 -82.57 18.43 -9.74
CA THR G 217 -83.25 17.15 -9.91
C THR G 217 -82.93 16.14 -8.82
N GLN G 218 -81.93 16.38 -7.98
CA GLN G 218 -81.54 15.47 -6.92
C GLN G 218 -81.62 16.17 -5.57
N THR G 219 -82.13 15.45 -4.58
CA THR G 219 -82.26 15.98 -3.23
C THR G 219 -81.06 15.56 -2.39
N TYR G 220 -80.44 16.53 -1.73
CA TYR G 220 -79.25 16.31 -0.90
C TYR G 220 -79.57 16.70 0.53
N ILE G 221 -79.51 15.73 1.44
CA ILE G 221 -79.80 15.94 2.85
C ILE G 221 -78.58 15.54 3.65
N CYS G 222 -78.15 16.44 4.55
CA CYS G 222 -77.02 16.18 5.44
C CYS G 222 -77.55 15.72 6.79
N ASN G 223 -76.84 14.77 7.41
CA ASN G 223 -77.22 14.18 8.68
C ASN G 223 -76.15 14.52 9.71
N VAL G 224 -76.41 15.54 10.53
CA VAL G 224 -75.48 15.97 11.57
C VAL G 224 -75.91 15.34 12.88
N ASN G 225 -74.98 14.63 13.53
CA ASN G 225 -75.24 13.94 14.78
C ASN G 225 -74.31 14.47 15.86
N HIS G 226 -74.87 14.66 17.06
CA HIS G 226 -74.12 15.13 18.22
C HIS G 226 -74.47 14.21 19.39
N LYS G 227 -73.63 13.18 19.59
CA LYS G 227 -73.91 12.18 20.61
C LYS G 227 -73.93 12.72 22.05
N PRO G 228 -72.97 13.55 22.50
CA PRO G 228 -73.07 14.05 23.89
C PRO G 228 -74.33 14.87 24.17
N SER G 229 -74.82 15.62 23.20
CA SER G 229 -76.06 16.37 23.39
C SER G 229 -77.31 15.59 22.98
N ASN G 230 -77.12 14.40 22.38
CA ASN G 230 -78.23 13.53 21.94
C ASN G 230 -79.17 14.26 20.99
N THR G 231 -78.58 14.93 20.00
CA THR G 231 -79.33 15.71 19.02
C THR G 231 -78.98 15.22 17.62
N LYS G 232 -80.00 14.83 16.86
CA LYS G 232 -79.85 14.44 15.47
C LYS G 232 -80.67 15.39 14.61
N VAL G 233 -80.01 16.09 13.69
CA VAL G 233 -80.64 17.10 12.86
C VAL G 233 -80.43 16.73 11.40
N ASP G 234 -81.53 16.63 10.64
CA ASP G 234 -81.48 16.38 9.21
C ASP G 234 -81.90 17.66 8.49
N LYS G 235 -81.02 18.17 7.64
CA LYS G 235 -81.23 19.42 6.93
C LYS G 235 -81.10 19.18 5.43
N LYS G 236 -82.13 19.58 4.68
CA LYS G 236 -82.10 19.46 3.23
C LYS G 236 -81.35 20.64 2.61
N VAL G 237 -80.68 20.36 1.49
CA VAL G 237 -79.92 21.37 0.77
C VAL G 237 -80.61 21.63 -0.56
N GLU G 238 -80.97 22.89 -0.81
CA GLU G 238 -81.66 23.31 -2.02
C GLU G 238 -80.95 24.51 -2.61
N PRO G 239 -81.07 24.73 -3.93
CA PRO G 239 -80.50 25.94 -4.53
C PRO G 239 -81.16 27.21 -3.99
N LYS G 240 -80.37 28.27 -3.96
CA LYS G 240 -80.85 29.54 -3.40
C LYS G 240 -81.94 30.15 -4.26
N SER G 241 -82.98 30.67 -3.61
CA SER G 241 -84.07 31.36 -4.27
C SER G 241 -83.99 32.85 -3.95
N CYS G 242 -83.97 33.67 -4.99
CA CYS G 242 -83.84 35.12 -4.80
C CYS G 242 -85.14 35.69 -4.26
N ASP G 243 -85.04 36.51 -3.21
CA ASP G 243 -86.20 37.12 -2.59
C ASP G 243 -86.06 38.63 -2.54
N ASN H 21 -16.60 6.03 -46.86
CA ASN H 21 -15.24 6.53 -47.00
C ASN H 21 -14.29 5.75 -46.09
N PHE H 22 -14.55 4.45 -45.95
CA PHE H 22 -13.74 3.56 -45.11
C PHE H 22 -12.79 2.79 -46.02
N MET H 23 -11.49 3.04 -45.85
CA MET H 23 -10.46 2.41 -46.66
C MET H 23 -9.44 1.73 -45.75
N LEU H 24 -8.98 0.55 -46.16
CA LEU H 24 -8.01 -0.21 -45.40
C LEU H 24 -6.61 0.13 -45.87
N THR H 25 -5.72 0.44 -44.92
CA THR H 25 -4.35 0.82 -45.23
C THR H 25 -3.43 -0.38 -44.99
N GLN H 26 -2.70 -0.78 -46.03
CA GLN H 26 -1.80 -1.92 -45.97
C GLN H 26 -0.45 -1.54 -46.55
N PRO H 27 0.64 -1.96 -45.92
CA PRO H 27 1.98 -1.66 -46.49
C PRO H 27 2.15 -2.28 -47.86
N HIS H 28 2.83 -1.54 -48.75
CA HIS H 28 2.98 -1.98 -50.13
C HIS H 28 4.00 -3.11 -50.27
N SER H 29 5.14 -2.99 -49.59
CA SER H 29 6.24 -3.93 -49.74
C SER H 29 6.76 -4.35 -48.38
N VAL H 30 6.76 -5.66 -48.12
CA VAL H 30 7.31 -6.24 -46.90
C VAL H 30 8.20 -7.40 -47.30
N SER H 31 9.45 -7.39 -46.83
CA SER H 31 10.39 -8.46 -47.11
C SER H 31 11.03 -8.93 -45.81
N GLU H 32 11.18 -10.25 -45.67
CA GLU H 32 11.76 -10.84 -44.47
C GLU H 32 12.42 -12.16 -44.85
N SER H 33 13.56 -12.44 -44.23
CA SER H 33 14.28 -13.68 -44.51
C SER H 33 13.47 -14.88 -44.03
N PRO H 34 13.58 -16.02 -44.71
CA PRO H 34 12.84 -17.22 -44.29
C PRO H 34 13.29 -17.71 -42.91
N GLY H 35 12.33 -18.27 -42.17
CA GLY H 35 12.59 -18.79 -40.84
C GLY H 35 12.40 -17.80 -39.72
N LYS H 36 12.15 -16.53 -40.02
CA LYS H 36 11.96 -15.51 -39.00
C LYS H 36 10.47 -15.20 -38.86
N THR H 37 10.16 -14.19 -38.06
CA THR H 37 8.79 -13.76 -37.82
C THR H 37 8.57 -12.37 -38.40
N VAL H 38 7.37 -12.12 -38.90
CA VAL H 38 7.01 -10.85 -39.51
C VAL H 38 5.56 -10.53 -39.18
N THR H 39 5.26 -9.24 -39.04
CA THR H 39 3.93 -8.76 -38.73
C THR H 39 3.40 -7.92 -39.89
N ILE H 40 2.21 -8.27 -40.38
CA ILE H 40 1.57 -7.57 -41.48
C ILE H 40 0.37 -6.82 -40.91
N SER H 41 0.34 -5.51 -41.13
CA SER H 41 -0.68 -4.64 -40.55
C SER H 41 -1.76 -4.30 -41.57
N CYS H 42 -2.91 -3.88 -41.05
CA CYS H 42 -4.03 -3.44 -41.89
C CYS H 42 -4.84 -2.43 -41.07
N THR H 43 -4.69 -1.16 -41.39
CA THR H 43 -5.29 -0.07 -40.61
C THR H 43 -6.55 0.43 -41.29
N GLY H 44 -7.64 0.55 -40.52
CA GLY H 44 -8.87 1.12 -41.02
C GLY H 44 -8.90 2.63 -40.90
N SER H 45 -9.56 3.27 -41.86
CA SER H 45 -9.53 4.72 -41.92
C SER H 45 -10.55 5.36 -40.96
N SER H 46 -11.84 5.12 -41.20
CA SER H 46 -12.90 5.75 -40.42
C SER H 46 -13.48 4.82 -39.37
N GLY H 47 -14.00 3.67 -39.79
CA GLY H 47 -14.57 2.73 -38.84
C GLY H 47 -13.51 1.98 -38.07
N SER H 48 -13.87 1.57 -36.86
CA SER H 48 -12.96 0.81 -36.03
C SER H 48 -12.76 -0.59 -36.60
N ILE H 49 -11.53 -1.10 -36.45
CA ILE H 49 -11.19 -2.39 -37.03
C ILE H 49 -11.89 -3.54 -36.32
N ALA H 50 -12.28 -3.35 -35.06
CA ALA H 50 -13.00 -4.39 -34.33
C ALA H 50 -14.50 -4.40 -34.60
N SER H 51 -15.00 -3.43 -35.35
CA SER H 51 -16.44 -3.40 -35.65
C SER H 51 -16.83 -4.56 -36.55
N ASN H 52 -16.03 -4.85 -37.57
CA ASN H 52 -16.41 -5.81 -38.60
C ASN H 52 -15.30 -6.81 -38.83
N TYR H 53 -15.70 -7.96 -39.39
CA TYR H 53 -14.77 -9.07 -39.59
C TYR H 53 -13.70 -8.73 -40.62
N VAL H 54 -12.46 -9.08 -40.31
CA VAL H 54 -11.31 -8.83 -41.17
C VAL H 54 -10.75 -10.16 -41.62
N GLN H 55 -10.63 -10.34 -42.94
CA GLN H 55 -10.21 -11.61 -43.53
C GLN H 55 -9.03 -11.39 -44.45
N TRP H 56 -8.10 -12.33 -44.46
CA TRP H 56 -6.90 -12.27 -45.28
C TRP H 56 -6.95 -13.34 -46.35
N TYR H 57 -6.68 -12.94 -47.59
CA TYR H 57 -6.63 -13.85 -48.73
C TYR H 57 -5.20 -13.94 -49.25
N GLN H 58 -4.70 -15.17 -49.36
CA GLN H 58 -3.35 -15.43 -49.87
C GLN H 58 -3.48 -15.85 -51.33
N GLN H 59 -3.07 -14.97 -52.24
CA GLN H 59 -3.23 -15.19 -53.67
C GLN H 59 -1.86 -15.36 -54.32
N ARG H 60 -1.65 -16.50 -54.98
CA ARG H 60 -0.46 -16.70 -55.78
C ARG H 60 -0.56 -15.88 -57.07
N PRO H 61 0.57 -15.44 -57.63
CA PRO H 61 0.53 -14.76 -58.93
C PRO H 61 0.02 -15.69 -60.02
N GLY H 62 -0.87 -15.17 -60.85
CA GLY H 62 -1.49 -15.97 -61.89
C GLY H 62 -2.36 -17.08 -61.37
N SER H 63 -3.05 -16.85 -60.24
CA SER H 63 -3.89 -17.88 -59.64
C SER H 63 -5.00 -17.20 -58.85
N ALA H 64 -6.05 -17.97 -58.57
CA ALA H 64 -7.18 -17.44 -57.82
C ALA H 64 -6.81 -17.25 -56.36
N PRO H 65 -7.33 -16.21 -55.70
CA PRO H 65 -7.05 -16.03 -54.27
C PRO H 65 -7.65 -17.15 -53.43
N THR H 66 -6.99 -17.42 -52.31
CA THR H 66 -7.42 -18.45 -51.37
C THR H 66 -7.43 -17.87 -49.96
N THR H 67 -8.48 -18.18 -49.21
CA THR H 67 -8.60 -17.69 -47.84
C THR H 67 -7.55 -18.35 -46.96
N VAL H 68 -6.80 -17.53 -46.22
CA VAL H 68 -5.76 -18.01 -45.34
C VAL H 68 -6.13 -17.89 -43.87
N ILE H 69 -7.05 -16.98 -43.51
CA ILE H 69 -7.53 -16.83 -42.15
C ILE H 69 -8.85 -16.08 -42.19
N TYR H 70 -9.68 -16.27 -41.17
CA TYR H 70 -10.95 -15.57 -41.07
C TYR H 70 -11.32 -15.45 -39.60
N GLU H 71 -12.34 -14.61 -39.35
CA GLU H 71 -12.90 -14.34 -38.02
C GLU H 71 -11.88 -13.73 -37.05
N ASP H 72 -10.73 -13.27 -37.57
CA ASP H 72 -9.64 -12.60 -36.86
C ASP H 72 -8.84 -13.54 -35.96
N ASN H 73 -9.31 -14.76 -35.74
CA ASN H 73 -8.53 -15.75 -35.01
C ASN H 73 -8.69 -17.17 -35.53
N GLN H 74 -9.52 -17.41 -36.54
CA GLN H 74 -9.90 -18.76 -36.95
C GLN H 74 -9.18 -19.15 -38.23
N ARG H 75 -8.55 -20.33 -38.22
CA ARG H 75 -7.79 -20.86 -39.34
C ARG H 75 -8.65 -21.80 -40.17
N PRO H 76 -8.63 -21.70 -41.50
CA PRO H 76 -9.28 -22.73 -42.32
C PRO H 76 -8.54 -24.05 -42.22
N SER H 77 -9.28 -25.14 -42.44
CA SER H 77 -8.69 -26.48 -42.38
C SER H 77 -7.84 -26.71 -43.62
N GLY H 78 -6.53 -26.86 -43.42
CA GLY H 78 -5.63 -27.08 -44.53
C GLY H 78 -4.40 -26.19 -44.49
N VAL H 79 -4.56 -24.97 -44.01
CA VAL H 79 -3.44 -24.03 -43.89
C VAL H 79 -2.66 -24.38 -42.62
N PRO H 80 -1.35 -24.08 -42.56
CA PRO H 80 -0.59 -24.38 -41.34
C PRO H 80 -0.91 -23.45 -40.18
N ASP H 81 -0.30 -23.72 -39.03
CA ASP H 81 -0.59 -22.98 -37.80
C ASP H 81 0.10 -21.63 -37.73
N ARG H 82 1.07 -21.35 -38.61
CA ARG H 82 1.84 -20.12 -38.50
C ARG H 82 1.01 -18.88 -38.83
N PHE H 83 -0.02 -19.03 -39.66
CA PHE H 83 -0.83 -17.90 -40.07
C PHE H 83 -1.73 -17.43 -38.93
N SER H 84 -1.23 -16.53 -38.10
CA SER H 84 -1.95 -16.03 -36.93
C SER H 84 -2.29 -14.57 -37.10
N GLY H 85 -3.52 -14.22 -36.74
CA GLY H 85 -4.00 -12.84 -36.84
C GLY H 85 -4.41 -12.30 -35.49
N SER H 86 -4.22 -10.99 -35.31
CA SER H 86 -4.58 -10.31 -34.09
C SER H 86 -5.20 -8.96 -34.42
N ILE H 87 -6.01 -8.46 -33.49
CA ILE H 87 -6.73 -7.21 -33.67
C ILE H 87 -6.31 -6.23 -32.58
N ASP H 88 -5.89 -5.04 -32.98
CA ASP H 88 -5.57 -3.95 -32.07
C ASP H 88 -6.59 -2.85 -32.31
N SER H 89 -7.70 -2.90 -31.56
CA SER H 89 -8.79 -1.95 -31.75
C SER H 89 -8.43 -0.53 -31.32
N SER H 90 -7.47 -0.39 -30.39
CA SER H 90 -7.06 0.95 -29.96
C SER H 90 -6.39 1.72 -31.09
N SER H 91 -5.55 1.04 -31.88
CA SER H 91 -4.86 1.68 -33.00
C SER H 91 -5.60 1.54 -34.32
N ASN H 92 -6.80 0.92 -34.30
CA ASN H 92 -7.63 0.72 -35.49
C ASN H 92 -6.88 -0.06 -36.58
N SER H 93 -6.09 -1.04 -36.16
CA SER H 93 -5.25 -1.80 -37.07
C SER H 93 -5.46 -3.30 -36.86
N ALA H 94 -5.46 -4.05 -37.97
CA ALA H 94 -5.52 -5.49 -37.94
C ALA H 94 -4.13 -6.05 -38.27
N SER H 95 -3.64 -6.94 -37.41
CA SER H 95 -2.28 -7.46 -37.52
C SER H 95 -2.32 -8.95 -37.87
N LEU H 96 -1.55 -9.33 -38.87
CA LEU H 96 -1.38 -10.72 -39.28
C LEU H 96 0.08 -11.09 -39.07
N THR H 97 0.32 -12.10 -38.24
CA THR H 97 1.67 -12.51 -37.85
C THR H 97 2.01 -13.84 -38.51
N ILE H 98 3.16 -13.88 -39.19
CA ILE H 98 3.65 -15.08 -39.85
C ILE H 98 4.98 -15.47 -39.23
N SER H 99 5.12 -16.74 -38.84
CA SER H 99 6.34 -17.24 -38.23
C SER H 99 6.88 -18.39 -39.06
N GLY H 100 8.20 -18.39 -39.28
CA GLY H 100 8.84 -19.43 -40.06
C GLY H 100 8.49 -19.39 -41.53
N LEU H 101 8.93 -18.35 -42.23
CA LEU H 101 8.62 -18.19 -43.64
C LEU H 101 9.42 -19.18 -44.47
N LYS H 102 8.88 -19.52 -45.64
CA LYS H 102 9.60 -20.35 -46.60
C LYS H 102 9.11 -19.98 -48.01
N THR H 103 9.40 -20.87 -48.98
CA THR H 103 9.35 -20.48 -50.39
C THR H 103 7.93 -20.20 -50.87
N GLU H 104 6.98 -21.10 -50.60
CA GLU H 104 5.66 -20.96 -51.19
C GLU H 104 4.83 -19.85 -50.58
N ASP H 105 5.30 -19.20 -49.51
CA ASP H 105 4.61 -18.06 -48.93
C ASP H 105 4.73 -16.80 -49.76
N GLU H 106 5.45 -16.83 -50.88
CA GLU H 106 5.61 -15.68 -51.77
C GLU H 106 4.31 -15.44 -52.51
N ALA H 107 3.34 -14.86 -51.82
CA ALA H 107 2.02 -14.59 -52.38
C ALA H 107 1.57 -13.21 -51.92
N ASP H 108 0.38 -12.81 -52.37
CA ASP H 108 -0.19 -11.52 -52.05
C ASP H 108 -1.27 -11.68 -51.00
N TYR H 109 -1.14 -10.94 -49.89
CA TYR H 109 -2.06 -11.02 -48.77
C TYR H 109 -2.90 -9.75 -48.73
N TYR H 110 -4.20 -9.88 -48.96
CA TYR H 110 -5.13 -8.75 -48.93
C TYR H 110 -6.02 -8.89 -47.70
N CYS H 111 -6.03 -7.86 -46.86
CA CYS H 111 -6.94 -7.84 -45.72
C CYS H 111 -8.31 -7.35 -46.19
N GLN H 112 -9.35 -8.14 -45.90
CA GLN H 112 -10.68 -7.91 -46.42
C GLN H 112 -11.66 -7.63 -45.30
N SER H 113 -12.40 -6.52 -45.44
CA SER H 113 -13.44 -6.11 -44.49
C SER H 113 -14.68 -5.76 -45.31
N TYR H 114 -15.61 -6.71 -45.44
CA TYR H 114 -16.83 -6.42 -46.18
C TYR H 114 -17.65 -5.35 -45.48
N ASP H 115 -17.43 -5.15 -44.18
CA ASP H 115 -18.12 -4.15 -43.37
C ASP H 115 -19.63 -4.40 -43.45
N SER H 116 -20.31 -3.62 -44.28
CA SER H 116 -21.70 -3.90 -44.62
C SER H 116 -21.95 -3.38 -46.02
N SER H 117 -22.46 -4.27 -46.88
CA SER H 117 -22.86 -4.02 -48.27
C SER H 117 -21.71 -3.67 -49.20
N ASN H 118 -20.45 -3.74 -48.76
CA ASN H 118 -19.33 -3.41 -49.63
C ASN H 118 -18.00 -3.98 -49.17
N VAL H 119 -17.45 -4.95 -49.91
CA VAL H 119 -16.14 -5.49 -49.59
C VAL H 119 -15.09 -4.41 -49.81
N VAL H 120 -14.36 -4.07 -48.75
CA VAL H 120 -13.16 -3.25 -48.87
C VAL H 120 -11.96 -4.20 -48.79
N PHE H 121 -11.33 -4.46 -49.93
CA PHE H 121 -10.10 -5.23 -49.94
C PHE H 121 -8.91 -4.35 -49.57
N GLY H 122 -7.87 -4.98 -49.03
CA GLY H 122 -6.65 -4.27 -48.71
C GLY H 122 -5.77 -4.05 -49.94
N GLY H 123 -4.73 -3.25 -49.74
CA GLY H 123 -3.79 -2.98 -50.82
C GLY H 123 -2.98 -4.21 -51.21
N GLY H 124 -2.50 -4.96 -50.24
CA GLY H 124 -1.77 -6.17 -50.52
C GLY H 124 -0.32 -6.16 -50.06
N THR H 125 0.18 -7.32 -49.63
CA THR H 125 1.57 -7.47 -49.21
C THR H 125 2.20 -8.64 -49.94
N LYS H 126 3.34 -8.40 -50.58
CA LYS H 126 4.08 -9.44 -51.28
C LYS H 126 5.26 -9.90 -50.41
N LEU H 127 6.03 -10.84 -50.95
CA LEU H 127 7.22 -11.36 -50.29
C LEU H 127 8.39 -11.32 -51.26
N THR H 128 9.59 -11.13 -50.71
CA THR H 128 10.81 -11.02 -51.51
C THR H 128 11.96 -11.67 -50.74
N VAL H 129 12.31 -12.90 -51.13
CA VAL H 129 13.50 -13.57 -50.62
C VAL H 129 14.33 -14.03 -51.82
N LEU H 130 15.62 -14.22 -51.59
CA LEU H 130 16.52 -14.66 -52.64
C LEU H 130 17.29 -15.91 -52.21
N GLY H 138 20.22 -19.81 -60.32
CA GLY H 138 21.53 -19.29 -60.64
C GLY H 138 21.71 -19.00 -62.13
N GLN H 139 21.59 -17.73 -62.50
CA GLN H 139 21.73 -17.34 -63.89
C GLN H 139 23.21 -17.29 -64.27
N PRO H 140 23.64 -18.07 -65.26
CA PRO H 140 25.04 -18.04 -65.68
C PRO H 140 25.31 -17.05 -66.80
N LYS H 141 26.53 -16.51 -66.80
CA LYS H 141 26.94 -15.58 -67.84
C LYS H 141 27.05 -16.29 -69.18
N ALA H 142 26.63 -15.60 -70.24
CA ALA H 142 26.60 -16.20 -71.56
C ALA H 142 26.76 -15.12 -72.63
N ALA H 143 27.09 -15.58 -73.84
CA ALA H 143 27.40 -14.85 -75.07
C ALA H 143 26.11 -14.47 -75.82
N PRO H 144 26.05 -13.25 -76.37
CA PRO H 144 24.83 -12.81 -77.06
C PRO H 144 24.73 -13.31 -78.50
N SER H 145 24.18 -14.51 -78.69
CA SER H 145 23.93 -15.01 -80.03
C SER H 145 22.91 -14.14 -80.75
N VAL H 146 23.28 -13.65 -81.94
CA VAL H 146 22.48 -12.69 -82.69
C VAL H 146 22.20 -13.26 -84.08
N THR H 147 20.93 -13.22 -84.49
CA THR H 147 20.50 -13.64 -85.81
C THR H 147 19.73 -12.52 -86.48
N LEU H 148 19.81 -12.46 -87.80
CA LEU H 148 19.15 -11.42 -88.58
C LEU H 148 18.42 -12.04 -89.77
N PHE H 149 17.29 -11.42 -90.13
CA PHE H 149 16.53 -11.77 -91.32
C PHE H 149 16.13 -10.51 -92.07
N PRO H 150 16.19 -10.55 -93.40
CA PRO H 150 15.67 -9.42 -94.20
C PRO H 150 14.17 -9.50 -94.32
N PRO H 151 13.50 -8.41 -94.70
CA PRO H 151 12.05 -8.48 -94.93
C PRO H 151 11.71 -9.43 -96.07
N SER H 152 10.60 -10.15 -95.92
CA SER H 152 10.20 -11.14 -96.89
C SER H 152 9.59 -10.48 -98.12
N SER H 153 9.52 -11.26 -99.21
CA SER H 153 8.92 -10.76 -100.44
C SER H 153 7.41 -10.57 -100.29
N GLU H 154 6.76 -11.40 -99.47
CA GLU H 154 5.33 -11.23 -99.21
C GLU H 154 5.05 -9.92 -98.49
N GLU H 155 5.91 -9.55 -97.54
CA GLU H 155 5.76 -8.26 -96.86
C GLU H 155 6.00 -7.11 -97.83
N LEU H 156 6.97 -7.25 -98.73
CA LEU H 156 7.23 -6.21 -99.72
C LEU H 156 6.07 -6.05 -100.69
N GLN H 157 5.39 -7.14 -101.04
CA GLN H 157 4.19 -7.05 -101.87
C GLN H 157 3.03 -6.39 -101.13
N ALA H 158 3.06 -6.42 -99.79
CA ALA H 158 2.06 -5.78 -98.95
C ALA H 158 2.55 -4.45 -98.39
N ASN H 159 3.27 -3.68 -99.23
CA ASN H 159 3.84 -2.34 -98.98
C ASN H 159 4.31 -2.10 -97.54
N LYS H 160 5.04 -3.09 -97.01
CA LYS H 160 5.67 -2.99 -95.70
C LYS H 160 7.05 -3.62 -95.78
N ALA H 161 7.89 -3.27 -94.80
CA ALA H 161 9.22 -3.85 -94.66
C ALA H 161 9.64 -3.75 -93.21
N THR H 162 10.12 -4.85 -92.65
CA THR H 162 10.51 -4.89 -91.25
C THR H 162 11.75 -5.75 -91.09
N LEU H 163 12.78 -5.20 -90.46
CA LEU H 163 14.00 -5.92 -90.14
C LEU H 163 13.95 -6.34 -88.68
N VAL H 164 14.13 -7.63 -88.43
CA VAL H 164 14.00 -8.21 -87.10
C VAL H 164 15.38 -8.61 -86.61
N CYS H 165 15.82 -8.02 -85.51
CA CYS H 165 17.06 -8.37 -84.84
C CYS H 165 16.74 -9.10 -83.55
N LEU H 166 17.37 -10.26 -83.35
CA LEU H 166 17.09 -11.12 -82.22
C LEU H 166 18.35 -11.35 -81.42
N ILE H 167 18.25 -11.17 -80.10
CA ILE H 167 19.35 -11.43 -79.17
C ILE H 167 18.86 -12.52 -78.21
N SER H 168 19.65 -13.57 -78.05
CA SER H 168 19.20 -14.72 -77.28
C SER H 168 20.38 -15.40 -76.61
N ASP H 169 20.06 -16.23 -75.60
CA ASP H 169 21.03 -17.08 -74.91
C ASP H 169 22.15 -16.27 -74.26
N PHE H 170 21.79 -15.16 -73.63
CA PHE H 170 22.77 -14.26 -73.02
C PHE H 170 22.38 -13.95 -71.58
N TYR H 171 23.35 -13.36 -70.85
CA TYR H 171 23.18 -12.85 -69.51
C TYR H 171 24.38 -11.95 -69.21
N PRO H 172 24.20 -10.78 -68.57
CA PRO H 172 22.97 -10.20 -67.99
C PRO H 172 21.98 -9.68 -69.02
N GLY H 173 20.71 -9.55 -68.62
CA GLY H 173 19.68 -9.02 -69.50
C GLY H 173 19.70 -7.51 -69.62
N ALA H 174 20.83 -6.97 -70.05
CA ALA H 174 20.99 -5.52 -70.27
C ALA H 174 21.78 -5.34 -71.56
N VAL H 175 21.08 -5.24 -72.68
CA VAL H 175 21.70 -5.08 -73.98
C VAL H 175 21.18 -3.81 -74.63
N THR H 176 22.04 -3.19 -75.44
CA THR H 176 21.69 -1.99 -76.18
C THR H 176 21.77 -2.30 -77.67
N VAL H 177 20.68 -2.02 -78.39
CA VAL H 177 20.60 -2.29 -79.82
C VAL H 177 20.74 -0.96 -80.56
N ALA H 178 21.36 -1.03 -81.74
CA ALA H 178 21.59 0.17 -82.56
C ALA H 178 21.57 -0.27 -84.02
N TRP H 179 20.47 0.04 -84.71
CA TRP H 179 20.38 -0.28 -86.12
C TRP H 179 21.30 0.61 -86.94
N LYS H 180 21.80 0.08 -88.05
CA LYS H 180 22.71 0.79 -88.94
C LYS H 180 22.26 0.63 -90.38
N ALA H 181 22.25 1.74 -91.11
CA ALA H 181 22.03 1.74 -92.56
C ALA H 181 23.39 2.01 -93.19
N ASP H 182 24.10 0.93 -93.55
CA ASP H 182 25.46 0.95 -94.09
C ASP H 182 26.43 1.52 -93.05
N SER H 183 26.35 2.82 -92.80
CA SER H 183 27.16 3.45 -91.76
C SER H 183 26.39 4.43 -90.88
N SER H 184 25.19 4.86 -91.28
CA SER H 184 24.41 5.82 -90.51
C SER H 184 23.47 5.10 -89.55
N PRO H 185 23.48 5.46 -88.27
CA PRO H 185 22.54 4.83 -87.33
C PRO H 185 21.10 5.21 -87.63
N VAL H 186 20.19 4.28 -87.35
CA VAL H 186 18.77 4.44 -87.60
C VAL H 186 18.02 4.34 -86.27
N LYS H 187 17.21 5.35 -85.97
CA LYS H 187 16.40 5.36 -84.77
C LYS H 187 14.90 5.45 -85.02
N ALA H 188 14.48 5.90 -86.20
CA ALA H 188 13.06 6.00 -86.52
C ALA H 188 12.49 4.62 -86.80
N GLY H 189 11.36 4.31 -86.18
CA GLY H 189 10.72 3.02 -86.36
C GLY H 189 11.37 1.87 -85.62
N VAL H 190 12.32 2.14 -84.74
CA VAL H 190 13.02 1.09 -84.01
C VAL H 190 12.19 0.68 -82.81
N GLU H 191 11.85 -0.60 -82.73
CA GLU H 191 11.12 -1.15 -81.59
C GLU H 191 11.88 -2.35 -81.06
N THR H 192 12.15 -2.35 -79.75
CA THR H 192 12.90 -3.41 -79.10
C THR H 192 12.10 -3.96 -77.94
N THR H 193 12.44 -5.18 -77.53
CA THR H 193 11.77 -5.88 -76.45
C THR H 193 12.71 -6.02 -75.25
N THR H 194 12.13 -5.92 -74.06
CA THR H 194 12.90 -6.14 -72.85
C THR H 194 13.32 -7.61 -72.75
N PRO H 195 14.49 -7.88 -72.17
CA PRO H 195 14.93 -9.28 -72.02
C PRO H 195 13.99 -10.07 -71.12
N SER H 196 13.82 -11.35 -71.46
CA SER H 196 12.88 -12.23 -70.78
C SER H 196 13.56 -13.53 -70.41
N LYS H 197 12.97 -14.22 -69.43
CA LYS H 197 13.52 -15.47 -68.92
C LYS H 197 13.06 -16.64 -69.77
N GLN H 198 13.95 -17.63 -69.91
CA GLN H 198 13.68 -18.86 -70.65
C GLN H 198 14.15 -20.05 -69.84
N SER H 199 14.03 -21.25 -70.43
CA SER H 199 14.39 -22.48 -69.76
C SER H 199 15.90 -22.70 -69.68
N ASN H 200 16.68 -21.97 -70.47
CA ASN H 200 18.13 -22.12 -70.50
C ASN H 200 18.83 -21.33 -69.39
N ASN H 201 18.07 -20.73 -68.48
CA ASN H 201 18.55 -19.86 -67.40
C ASN H 201 19.25 -18.61 -67.91
N LYS H 202 19.08 -18.29 -69.20
CA LYS H 202 19.65 -17.11 -69.82
C LYS H 202 18.52 -16.16 -70.22
N TYR H 203 18.88 -15.08 -70.91
CA TYR H 203 17.90 -14.09 -71.35
C TYR H 203 17.83 -14.06 -72.88
N ALA H 204 16.71 -13.54 -73.38
CA ALA H 204 16.53 -13.35 -74.81
C ALA H 204 15.74 -12.07 -75.04
N ALA H 205 16.03 -11.40 -76.15
CA ALA H 205 15.41 -10.13 -76.48
C ALA H 205 15.13 -10.08 -77.98
N SER H 206 14.56 -8.98 -78.44
CA SER H 206 14.23 -8.81 -79.85
C SER H 206 14.31 -7.33 -80.20
N SER H 207 14.44 -7.06 -81.49
CA SER H 207 14.50 -5.70 -82.02
C SER H 207 13.87 -5.68 -83.40
N TYR H 208 13.04 -4.68 -83.65
CA TYR H 208 12.32 -4.56 -84.91
C TYR H 208 12.54 -3.18 -85.50
N LEU H 209 12.76 -3.12 -86.81
CA LEU H 209 12.97 -1.88 -87.54
C LEU H 209 11.95 -1.82 -88.68
N SER H 210 10.86 -1.08 -88.47
CA SER H 210 9.86 -0.89 -89.50
C SER H 210 10.37 0.11 -90.54
N LEU H 211 10.23 -0.25 -91.81
CA LEU H 211 10.74 0.57 -92.90
C LEU H 211 9.78 0.50 -94.08
N THR H 212 9.88 1.51 -94.95
CA THR H 212 9.17 1.49 -96.21
C THR H 212 9.92 0.62 -97.22
N PRO H 213 9.22 0.08 -98.22
CA PRO H 213 9.92 -0.74 -99.23
C PRO H 213 11.00 0.00 -99.99
N GLU H 214 10.84 1.31 -100.23
CA GLU H 214 11.88 2.06 -100.93
C GLU H 214 13.09 2.33 -100.04
N GLN H 215 12.88 2.47 -98.74
CA GLN H 215 14.01 2.72 -97.84
C GLN H 215 14.87 1.46 -97.65
N TRP H 216 14.25 0.28 -97.70
CA TRP H 216 15.01 -0.96 -97.56
C TRP H 216 15.96 -1.17 -98.72
N LYS H 217 15.54 -0.83 -99.94
CA LYS H 217 16.36 -0.97 -101.13
C LYS H 217 17.19 0.27 -101.43
N SER H 218 17.02 1.35 -100.67
CA SER H 218 17.80 2.56 -100.91
C SER H 218 19.25 2.38 -100.47
N HIS H 219 19.47 1.79 -99.31
CA HIS H 219 20.81 1.56 -98.79
C HIS H 219 21.36 0.23 -99.30
N ARG H 220 22.69 0.17 -99.42
CA ARG H 220 23.33 -1.04 -99.92
C ARG H 220 23.16 -2.21 -98.95
N SER H 221 23.29 -1.96 -97.66
CA SER H 221 23.17 -3.03 -96.67
C SER H 221 22.62 -2.46 -95.38
N TYR H 222 22.00 -3.34 -94.59
CA TYR H 222 21.51 -3.01 -93.26
C TYR H 222 22.10 -3.98 -92.25
N SER H 223 22.54 -3.46 -91.12
CA SER H 223 23.19 -4.27 -90.10
C SER H 223 22.65 -3.93 -88.72
N CYS H 224 22.66 -4.92 -87.84
CA CYS H 224 22.24 -4.77 -86.46
C CYS H 224 23.44 -5.00 -85.56
N GLN H 225 23.75 -4.03 -84.70
CA GLN H 225 24.87 -4.11 -83.77
C GLN H 225 24.34 -4.28 -82.36
N VAL H 226 24.87 -5.27 -81.64
CA VAL H 226 24.44 -5.60 -80.29
C VAL H 226 25.63 -5.46 -79.35
N THR H 227 25.48 -4.64 -78.32
CA THR H 227 26.51 -4.43 -77.31
C THR H 227 26.11 -5.17 -76.04
N HIS H 228 27.02 -6.01 -75.53
CA HIS H 228 26.74 -6.81 -74.35
C HIS H 228 28.05 -7.06 -73.62
N GLU H 229 28.17 -6.48 -72.41
CA GLU H 229 29.36 -6.61 -71.56
C GLU H 229 30.63 -6.17 -72.30
N GLY H 230 30.51 -5.08 -73.06
CA GLY H 230 31.62 -4.53 -73.82
C GLY H 230 31.81 -5.14 -75.20
N SER H 231 31.70 -6.47 -75.30
CA SER H 231 31.84 -7.15 -76.58
C SER H 231 30.67 -6.81 -77.49
N THR H 232 30.96 -6.66 -78.78
CA THR H 232 29.95 -6.32 -79.78
C THR H 232 29.86 -7.42 -80.82
N VAL H 233 28.65 -7.92 -81.05
CA VAL H 233 28.38 -8.93 -82.07
C VAL H 233 27.49 -8.27 -83.12
N GLU H 234 27.97 -8.24 -84.37
CA GLU H 234 27.30 -7.55 -85.45
C GLU H 234 27.03 -8.52 -86.60
N LYS H 235 25.79 -8.55 -87.07
CA LYS H 235 25.40 -9.25 -88.27
C LYS H 235 24.91 -8.25 -89.30
N THR H 236 24.98 -8.63 -90.58
CA THR H 236 24.57 -7.76 -91.65
C THR H 236 23.74 -8.53 -92.67
N VAL H 237 22.81 -7.82 -93.30
CA VAL H 237 21.98 -8.36 -94.38
C VAL H 237 22.00 -7.38 -95.53
N ALA H 238 21.68 -7.89 -96.72
CA ALA H 238 21.64 -7.09 -97.94
C ALA H 238 20.43 -7.49 -98.76
N PRO H 239 19.87 -6.55 -99.54
CA PRO H 239 18.74 -6.91 -100.41
C PRO H 239 19.17 -7.77 -101.58
N THR H 240 18.84 -9.06 -101.53
CA THR H 240 19.21 -10.00 -102.58
C THR H 240 17.98 -10.68 -103.16
N GLN I 20 -17.98 -31.77 -54.38
CA GLN I 20 -18.17 -30.41 -53.88
C GLN I 20 -18.85 -29.54 -54.94
N VAL I 21 -18.50 -28.25 -54.93
CA VAL I 21 -19.06 -27.28 -55.87
C VAL I 21 -17.90 -26.53 -56.52
N GLN I 22 -18.11 -26.07 -57.75
CA GLN I 22 -17.09 -25.35 -58.47
C GLN I 22 -17.76 -24.35 -59.41
N LEU I 23 -17.13 -23.21 -59.58
CA LEU I 23 -17.65 -22.11 -60.38
C LEU I 23 -16.76 -21.89 -61.60
N GLN I 24 -17.36 -21.74 -62.77
CA GLN I 24 -16.64 -21.51 -64.01
C GLN I 24 -17.22 -20.30 -64.72
N GLU I 25 -16.35 -19.41 -65.16
CA GLU I 25 -16.76 -18.22 -65.91
C GLU I 25 -16.77 -18.52 -67.40
N SER I 26 -17.54 -17.71 -68.14
CA SER I 26 -17.63 -17.83 -69.58
C SER I 26 -17.79 -16.42 -70.15
N GLY I 27 -18.14 -16.35 -71.43
CA GLY I 27 -18.29 -15.09 -72.12
C GLY I 27 -16.99 -14.66 -72.78
N PRO I 28 -17.07 -13.64 -73.64
CA PRO I 28 -15.87 -13.17 -74.33
C PRO I 28 -14.91 -12.48 -73.38
N GLY I 29 -13.62 -12.55 -73.71
CA GLY I 29 -12.58 -11.86 -72.97
C GLY I 29 -12.35 -10.43 -73.43
N LEU I 30 -13.17 -9.91 -74.34
CA LEU I 30 -12.99 -8.59 -74.91
C LEU I 30 -14.27 -7.79 -74.82
N VAL I 31 -14.11 -6.47 -74.73
CA VAL I 31 -15.23 -5.53 -74.85
C VAL I 31 -14.66 -4.19 -75.33
N LYS I 32 -15.40 -3.54 -76.23
CA LYS I 32 -15.01 -2.24 -76.74
C LYS I 32 -15.29 -1.14 -75.73
N PRO I 33 -14.62 0.01 -75.83
CA PRO I 33 -14.97 1.15 -74.98
C PRO I 33 -16.38 1.64 -75.26
N SER I 34 -17.03 2.14 -74.21
CA SER I 34 -18.40 2.63 -74.26
C SER I 34 -19.37 1.57 -74.77
N GLU I 35 -19.17 0.33 -74.33
CA GLU I 35 -20.04 -0.77 -74.71
C GLU I 35 -20.52 -1.54 -73.49
N THR I 36 -21.20 -2.67 -73.72
CA THR I 36 -21.80 -3.46 -72.66
C THR I 36 -20.99 -4.74 -72.46
N LEU I 37 -20.63 -5.03 -71.22
CA LEU I 37 -19.89 -6.24 -70.89
C LEU I 37 -20.84 -7.36 -70.47
N SER I 38 -20.57 -8.56 -70.96
CA SER I 38 -21.38 -9.74 -70.67
C SER I 38 -20.49 -10.85 -70.13
N LEU I 39 -20.49 -11.03 -68.81
CA LEU I 39 -19.74 -12.09 -68.15
C LEU I 39 -20.70 -12.98 -67.38
N THR I 40 -20.68 -14.27 -67.68
CA THR I 40 -21.56 -15.25 -67.04
C THR I 40 -20.71 -16.27 -66.30
N CYS I 41 -21.05 -16.51 -65.04
CA CYS I 41 -20.38 -17.52 -64.22
C CYS I 41 -21.37 -18.64 -63.92
N THR I 42 -21.00 -19.87 -64.25
CA THR I 42 -21.88 -21.02 -64.10
C THR I 42 -21.54 -21.79 -62.83
N VAL I 43 -22.51 -22.61 -62.40
CA VAL I 43 -22.41 -23.38 -61.16
C VAL I 43 -22.55 -24.86 -61.50
N SER I 44 -21.60 -25.66 -61.02
CA SER I 44 -21.64 -27.10 -61.18
C SER I 44 -21.37 -27.76 -59.83
N GLY I 45 -22.11 -28.82 -59.55
CA GLY I 45 -22.00 -29.50 -58.27
C GLY I 45 -22.79 -28.90 -57.15
N GLY I 46 -23.62 -27.90 -57.42
CA GLY I 46 -24.43 -27.26 -56.40
C GLY I 46 -25.62 -26.56 -57.03
N SER I 47 -26.43 -25.96 -56.17
CA SER I 47 -27.63 -25.26 -56.58
C SER I 47 -27.58 -23.81 -56.11
N VAL I 48 -28.07 -22.91 -56.95
CA VAL I 48 -28.03 -21.48 -56.64
C VAL I 48 -28.97 -21.15 -55.49
N SER I 49 -30.22 -21.65 -55.56
CA SER I 49 -31.24 -21.23 -54.60
C SER I 49 -31.03 -21.88 -53.24
N SER I 50 -30.67 -23.16 -53.20
CA SER I 50 -30.58 -23.88 -51.95
C SER I 50 -29.33 -23.48 -51.16
N GLY I 51 -29.45 -23.53 -49.84
CA GLY I 51 -28.36 -23.25 -48.94
C GLY I 51 -28.36 -21.86 -48.35
N GLY I 52 -29.06 -20.92 -48.96
CA GLY I 52 -29.15 -19.56 -48.42
C GLY I 52 -27.84 -18.82 -48.37
N TYR I 53 -27.01 -18.93 -49.41
CA TYR I 53 -25.75 -18.23 -49.49
C TYR I 53 -25.86 -17.11 -50.53
N PHE I 54 -24.73 -16.49 -50.84
CA PHE I 54 -24.70 -15.31 -51.69
C PHE I 54 -23.71 -15.49 -52.84
N TRP I 55 -23.88 -14.69 -53.88
CA TRP I 55 -22.96 -14.59 -55.00
C TRP I 55 -22.43 -13.17 -55.10
N SER I 56 -21.28 -13.03 -55.77
CA SER I 56 -20.75 -11.70 -56.06
C SER I 56 -19.78 -11.80 -57.24
N TRP I 57 -19.32 -10.63 -57.68
CA TRP I 57 -18.27 -10.53 -58.68
C TRP I 57 -17.15 -9.67 -58.13
N ILE I 58 -15.91 -10.16 -58.23
CA ILE I 58 -14.74 -9.48 -57.71
C ILE I 58 -13.70 -9.39 -58.81
N ARG I 59 -13.22 -8.18 -59.08
CA ARG I 59 -12.23 -7.95 -60.13
C ARG I 59 -10.91 -7.52 -59.53
N GLN I 60 -9.83 -7.77 -60.27
CA GLN I 60 -8.48 -7.44 -59.83
C GLN I 60 -7.63 -6.98 -61.00
N PRO I 61 -7.24 -5.70 -61.05
CA PRO I 61 -6.35 -5.25 -62.11
C PRO I 61 -4.98 -5.87 -61.96
N PRO I 62 -4.23 -6.03 -63.06
CA PRO I 62 -2.87 -6.59 -62.96
C PRO I 62 -1.94 -5.64 -62.23
N GLY I 63 -1.30 -6.15 -61.19
CA GLY I 63 -0.42 -5.33 -60.36
C GLY I 63 -1.11 -4.48 -59.33
N LYS I 64 -2.42 -4.60 -59.18
CA LYS I 64 -3.19 -3.83 -58.22
C LYS I 64 -3.96 -4.76 -57.30
N GLY I 65 -4.54 -4.18 -56.25
CA GLY I 65 -5.30 -4.95 -55.29
C GLY I 65 -6.67 -5.34 -55.81
N LEU I 66 -7.33 -6.22 -55.05
CA LEU I 66 -8.66 -6.68 -55.42
C LEU I 66 -9.69 -5.57 -55.27
N GLU I 67 -10.64 -5.53 -56.19
CA GLU I 67 -11.72 -4.54 -56.17
C GLU I 67 -13.05 -5.26 -56.20
N TRP I 68 -13.97 -4.83 -55.33
CA TRP I 68 -15.30 -5.44 -55.23
C TRP I 68 -16.27 -4.69 -56.13
N ILE I 69 -17.09 -5.45 -56.85
CA ILE I 69 -18.05 -4.88 -57.80
C ILE I 69 -19.45 -4.85 -57.19
N GLY I 70 -19.99 -6.02 -56.90
CA GLY I 70 -21.33 -6.10 -56.36
C GLY I 70 -21.67 -7.52 -55.96
N CYS I 71 -22.64 -7.63 -55.05
CA CYS I 71 -23.08 -8.91 -54.51
C CYS I 71 -24.57 -9.08 -54.76
N ILE I 72 -24.99 -10.33 -54.91
CA ILE I 72 -26.38 -10.65 -55.22
C ILE I 72 -26.83 -11.84 -54.36
N TYR I 73 -28.14 -11.89 -54.16
CA TYR I 73 -28.83 -13.03 -53.56
C TYR I 73 -29.53 -13.80 -54.68
N TYR I 74 -30.06 -14.98 -54.37
CA TYR I 74 -30.83 -15.66 -55.39
C TYR I 74 -32.21 -15.04 -55.59
N SER I 75 -32.62 -14.13 -54.71
CA SER I 75 -33.75 -13.25 -54.93
C SER I 75 -33.24 -11.95 -55.57
N GLY I 76 -34.08 -10.91 -55.60
CA GLY I 76 -33.73 -9.66 -56.22
C GLY I 76 -32.91 -8.71 -55.38
N SER I 77 -32.38 -9.15 -54.24
CA SER I 77 -31.57 -8.27 -53.40
C SER I 77 -30.21 -8.02 -54.04
N THR I 78 -29.87 -6.75 -54.23
CA THR I 78 -28.61 -6.37 -54.85
C THR I 78 -27.98 -5.21 -54.08
N ASN I 79 -26.65 -5.18 -54.11
CA ASN I 79 -25.89 -4.07 -53.55
C ASN I 79 -24.60 -3.86 -54.36
N TYR I 80 -24.21 -2.61 -54.53
CA TYR I 80 -23.13 -2.25 -55.45
C TYR I 80 -22.16 -1.27 -54.79
N ASN I 81 -20.94 -1.26 -55.33
CA ASN I 81 -19.94 -0.30 -54.92
C ASN I 81 -20.36 1.11 -55.35
N PRO I 82 -20.33 2.11 -54.46
CA PRO I 82 -20.64 3.48 -54.90
C PRO I 82 -19.70 4.02 -55.96
N SER I 83 -18.47 3.52 -56.04
CA SER I 83 -17.60 3.88 -57.15
C SER I 83 -18.11 3.27 -58.46
N LEU I 84 -18.75 2.11 -58.39
CA LEU I 84 -19.32 1.44 -59.55
C LEU I 84 -20.84 1.50 -59.56
N LYS I 85 -21.42 2.43 -58.81
CA LYS I 85 -22.88 2.53 -58.71
C LYS I 85 -23.47 3.00 -60.02
N SER I 86 -24.69 2.50 -60.30
CA SER I 86 -25.47 2.80 -61.51
C SER I 86 -24.77 2.34 -62.79
N ARG I 87 -23.81 1.42 -62.67
CA ARG I 87 -23.14 0.83 -63.82
C ARG I 87 -23.13 -0.68 -63.80
N VAL I 88 -23.64 -1.30 -62.73
CA VAL I 88 -23.56 -2.75 -62.55
C VAL I 88 -24.97 -3.32 -62.61
N THR I 89 -25.18 -4.29 -63.49
CA THR I 89 -26.45 -4.98 -63.64
C THR I 89 -26.19 -6.47 -63.59
N ILE I 90 -26.53 -7.11 -62.48
CA ILE I 90 -26.29 -8.53 -62.26
C ILE I 90 -27.64 -9.22 -62.07
N SER I 91 -27.83 -10.33 -62.77
CA SER I 91 -29.07 -11.08 -62.74
C SER I 91 -28.79 -12.56 -62.49
N VAL I 92 -29.75 -13.23 -61.87
CA VAL I 92 -29.64 -14.64 -61.50
C VAL I 92 -30.80 -15.40 -62.14
N ASP I 93 -30.48 -16.46 -62.88
CA ASP I 93 -31.48 -17.37 -63.42
C ASP I 93 -31.27 -18.76 -62.83
N THR I 94 -32.28 -19.24 -62.09
CA THR I 94 -32.17 -20.52 -61.40
C THR I 94 -32.30 -21.71 -62.36
N SER I 95 -33.03 -21.53 -63.47
CA SER I 95 -33.26 -22.63 -64.40
C SER I 95 -31.96 -23.09 -65.06
N LYS I 96 -31.09 -22.15 -65.43
CA LYS I 96 -29.82 -22.48 -66.05
C LYS I 96 -28.70 -22.70 -65.05
N ASP I 97 -28.96 -22.46 -63.75
CA ASP I 97 -28.00 -22.66 -62.66
C ASP I 97 -26.71 -21.86 -62.90
N GLN I 98 -26.89 -20.54 -63.02
CA GLN I 98 -25.77 -19.63 -63.26
C GLN I 98 -26.21 -18.23 -62.87
N PHE I 99 -25.26 -17.30 -62.93
CA PHE I 99 -25.52 -15.89 -62.69
C PHE I 99 -24.60 -15.07 -63.57
N SER I 100 -25.13 -13.96 -64.10
CA SER I 100 -24.40 -13.13 -65.04
C SER I 100 -24.39 -11.69 -64.57
N LEU I 101 -23.34 -10.97 -64.94
CA LEU I 101 -23.17 -9.56 -64.61
C LEU I 101 -23.00 -8.75 -65.89
N LYS I 102 -23.65 -7.59 -65.94
CA LYS I 102 -23.56 -6.69 -67.08
C LYS I 102 -22.95 -5.37 -66.62
N LEU I 103 -21.92 -4.93 -67.33
CA LEU I 103 -21.22 -3.68 -67.04
C LEU I 103 -21.44 -2.71 -68.20
N SER I 104 -21.80 -1.47 -67.87
CA SER I 104 -22.08 -0.45 -68.86
C SER I 104 -21.05 0.66 -68.79
N SER I 105 -20.77 1.26 -69.97
CA SER I 105 -19.83 2.36 -70.12
C SER I 105 -18.43 1.99 -69.61
N VAL I 106 -17.89 0.90 -70.15
CA VAL I 106 -16.56 0.44 -69.78
C VAL I 106 -15.51 1.30 -70.47
N THR I 107 -14.43 1.58 -69.75
CA THR I 107 -13.37 2.49 -70.20
C THR I 107 -12.02 1.77 -70.21
N ALA I 108 -10.96 2.55 -70.44
CA ALA I 108 -9.62 2.00 -70.51
C ALA I 108 -9.08 1.58 -69.15
N ALA I 109 -9.68 2.07 -68.05
CA ALA I 109 -9.23 1.76 -66.70
C ALA I 109 -9.90 0.51 -66.13
N ASP I 110 -10.78 -0.14 -66.87
CA ASP I 110 -11.50 -1.31 -66.38
C ASP I 110 -10.80 -2.62 -66.71
N THR I 111 -9.54 -2.57 -67.15
CA THR I 111 -8.78 -3.78 -67.44
C THR I 111 -8.45 -4.47 -66.13
N ALA I 112 -9.16 -5.56 -65.83
CA ALA I 112 -8.99 -6.27 -64.57
C ALA I 112 -9.32 -7.74 -64.76
N VAL I 113 -8.86 -8.56 -63.82
CA VAL I 113 -9.13 -9.99 -63.83
C VAL I 113 -10.36 -10.25 -62.98
N TYR I 114 -11.43 -10.74 -63.61
CA TYR I 114 -12.71 -10.92 -62.94
C TYR I 114 -12.81 -12.30 -62.31
N TYR I 115 -13.34 -12.35 -61.09
CA TYR I 115 -13.54 -13.59 -60.36
C TYR I 115 -14.98 -13.67 -59.89
N CYS I 116 -15.59 -14.85 -60.01
CA CYS I 116 -16.87 -15.16 -59.41
C CYS I 116 -16.65 -16.13 -58.25
N ALA I 117 -17.31 -15.85 -57.12
CA ALA I 117 -17.00 -16.58 -55.90
C ALA I 117 -18.27 -16.78 -55.09
N ARG I 118 -18.31 -17.89 -54.35
CA ARG I 118 -19.44 -18.25 -53.50
C ARG I 118 -19.23 -17.68 -52.10
N GLN I 119 -20.29 -17.08 -51.55
CA GLN I 119 -20.22 -16.36 -50.28
C GLN I 119 -20.94 -17.18 -49.21
N LEU I 120 -20.16 -17.87 -48.37
CA LEU I 120 -20.74 -18.59 -47.24
C LEU I 120 -21.29 -17.64 -46.20
N TRP I 121 -20.54 -16.59 -45.88
CA TRP I 121 -20.96 -15.57 -44.92
C TRP I 121 -20.87 -14.21 -45.60
N LEU I 122 -21.97 -13.47 -45.57
CA LEU I 122 -22.08 -12.25 -46.37
C LEU I 122 -21.09 -11.19 -45.90
N ARG I 123 -20.93 -11.04 -44.57
CA ARG I 123 -19.97 -10.11 -44.03
C ARG I 123 -18.66 -10.76 -43.62
N GLY I 124 -18.45 -12.02 -43.99
CA GLY I 124 -17.22 -12.70 -43.65
C GLY I 124 -16.30 -12.92 -44.82
N ARG I 125 -16.23 -14.16 -45.29
CA ARG I 125 -15.25 -14.58 -46.28
C ARG I 125 -15.92 -15.46 -47.33
N PHE I 126 -15.16 -15.78 -48.37
CA PHE I 126 -15.64 -16.55 -49.51
C PHE I 126 -14.94 -17.91 -49.48
N ASP I 127 -15.74 -18.98 -49.59
CA ASP I 127 -15.17 -20.32 -49.45
C ASP I 127 -14.32 -20.71 -50.65
N TYR I 128 -14.79 -20.43 -51.87
CA TYR I 128 -14.11 -20.83 -53.08
C TYR I 128 -14.00 -19.64 -54.03
N TRP I 129 -12.91 -19.61 -54.79
CA TRP I 129 -12.69 -18.61 -55.83
C TRP I 129 -12.54 -19.31 -57.18
N GLY I 130 -13.31 -18.85 -58.17
CA GLY I 130 -13.17 -19.37 -59.50
C GLY I 130 -11.93 -18.85 -60.20
N GLN I 131 -11.57 -19.52 -61.30
CA GLN I 131 -10.41 -19.09 -62.07
C GLN I 131 -10.68 -17.76 -62.75
N GLY I 132 -9.64 -16.93 -62.83
CA GLY I 132 -9.80 -15.57 -63.32
C GLY I 132 -9.66 -15.41 -64.81
N THR I 133 -10.70 -14.92 -65.47
CA THR I 133 -10.63 -14.58 -66.87
C THR I 133 -10.09 -13.18 -67.06
N LEU I 134 -9.20 -13.02 -68.04
CA LEU I 134 -8.66 -11.72 -68.40
C LEU I 134 -9.67 -11.03 -69.31
N VAL I 135 -10.64 -10.37 -68.69
CA VAL I 135 -11.64 -9.58 -69.41
C VAL I 135 -11.25 -8.12 -69.28
N THR I 136 -10.81 -7.53 -70.38
CA THR I 136 -10.35 -6.15 -70.39
C THR I 136 -11.11 -5.39 -71.45
N VAL I 137 -10.75 -4.14 -71.61
CA VAL I 137 -11.27 -3.36 -72.71
C VAL I 137 -10.36 -3.54 -73.93
N SER I 138 -10.97 -3.46 -75.12
CA SER I 138 -10.23 -3.59 -76.38
C SER I 138 -10.54 -2.38 -77.25
N SER I 139 -9.51 -1.59 -77.53
CA SER I 139 -9.64 -0.39 -78.35
C SER I 139 -10.10 -0.72 -79.76
N ALA I 140 -10.55 0.31 -80.47
CA ALA I 140 -11.03 0.16 -81.84
C ALA I 140 -9.93 -0.23 -82.82
N SER I 141 -8.66 -0.15 -82.40
CA SER I 141 -7.51 -0.54 -83.22
C SER I 141 -7.47 -2.04 -83.54
N THR I 142 -8.42 -2.83 -83.04
CA THR I 142 -8.56 -4.25 -83.37
C THR I 142 -8.41 -4.52 -84.85
N LYS I 143 -7.46 -5.38 -85.18
CA LYS I 143 -7.19 -5.78 -86.55
C LYS I 143 -6.47 -7.12 -86.54
N GLY I 144 -6.66 -7.89 -87.60
CA GLY I 144 -5.98 -9.16 -87.74
C GLY I 144 -4.48 -8.99 -87.86
N PRO I 145 -3.74 -10.02 -87.46
CA PRO I 145 -2.28 -9.97 -87.57
C PRO I 145 -1.81 -10.20 -88.99
N SER I 146 -0.61 -9.69 -89.26
CA SER I 146 0.05 -9.84 -90.55
C SER I 146 1.31 -10.66 -90.33
N VAL I 147 1.26 -11.94 -90.72
CA VAL I 147 2.36 -12.86 -90.49
C VAL I 147 3.30 -12.84 -91.69
N PHE I 148 4.57 -12.59 -91.42
CA PHE I 148 5.60 -12.56 -92.46
C PHE I 148 6.68 -13.56 -92.13
N PRO I 149 7.10 -14.39 -93.09
CA PRO I 149 8.15 -15.37 -92.82
C PRO I 149 9.51 -14.71 -92.64
N LEU I 150 10.37 -15.37 -91.87
CA LEU I 150 11.73 -14.92 -91.63
C LEU I 150 12.66 -15.95 -92.27
N ALA I 151 13.11 -15.66 -93.49
CA ALA I 151 13.88 -16.63 -94.26
C ALA I 151 15.31 -16.71 -93.75
N PRO I 152 15.79 -17.89 -93.35
CA PRO I 152 17.21 -18.02 -92.99
C PRO I 152 18.10 -17.97 -94.21
N SER I 153 19.35 -17.60 -93.99
CA SER I 153 20.33 -17.51 -95.06
C SER I 153 21.71 -17.85 -94.50
N SER I 154 22.75 -17.58 -95.29
CA SER I 154 24.11 -17.83 -94.83
C SER I 154 24.53 -16.88 -93.72
N LYS I 155 24.05 -15.63 -93.77
CA LYS I 155 24.36 -14.66 -92.74
C LYS I 155 23.47 -14.82 -91.50
N SER I 156 22.46 -15.69 -91.55
CA SER I 156 21.55 -15.91 -90.44
C SER I 156 21.99 -17.02 -89.52
N THR I 157 23.10 -17.69 -89.80
CA THR I 157 23.59 -18.78 -88.99
C THR I 157 24.98 -18.45 -88.44
N SER I 158 25.26 -18.94 -87.23
CA SER I 158 26.53 -18.73 -86.56
C SER I 158 27.03 -20.09 -86.07
N GLY I 159 27.76 -20.79 -86.93
CA GLY I 159 28.27 -22.11 -86.58
C GLY I 159 27.50 -23.23 -87.23
N GLY I 160 27.29 -24.31 -86.49
CA GLY I 160 26.57 -25.48 -86.98
C GLY I 160 25.07 -25.41 -86.85
N THR I 161 24.52 -24.31 -86.34
CA THR I 161 23.09 -24.17 -86.15
C THR I 161 22.60 -22.90 -86.80
N ALA I 162 21.34 -22.92 -87.25
CA ALA I 162 20.71 -21.78 -87.89
C ALA I 162 19.44 -21.41 -87.13
N ALA I 163 18.82 -20.30 -87.55
CA ALA I 163 17.60 -19.82 -86.91
C ALA I 163 16.59 -19.43 -87.98
N LEU I 164 15.32 -19.67 -87.69
CA LEU I 164 14.23 -19.28 -88.59
C LEU I 164 12.99 -19.01 -87.74
N GLY I 165 12.06 -18.26 -88.31
CA GLY I 165 10.86 -17.93 -87.58
C GLY I 165 9.85 -17.19 -88.43
N CYS I 166 8.90 -16.56 -87.74
CA CYS I 166 7.87 -15.75 -88.37
C CYS I 166 7.65 -14.49 -87.55
N LEU I 167 7.27 -13.42 -88.24
CA LEU I 167 7.06 -12.11 -87.62
C LEU I 167 5.56 -11.84 -87.53
N VAL I 168 5.09 -11.53 -86.32
CA VAL I 168 3.71 -11.14 -86.08
C VAL I 168 3.71 -9.63 -85.88
N LYS I 169 3.16 -8.90 -86.85
CA LYS I 169 3.20 -7.46 -86.86
C LYS I 169 1.81 -6.89 -87.13
N ASP I 170 1.53 -5.75 -86.49
CA ASP I 170 0.31 -4.97 -86.70
C ASP I 170 -0.94 -5.79 -86.38
N TYR I 171 -1.09 -6.13 -85.10
CA TYR I 171 -2.25 -6.84 -84.59
C TYR I 171 -2.73 -6.17 -83.32
N PHE I 172 -4.01 -6.39 -83.01
CA PHE I 172 -4.59 -5.90 -81.77
C PHE I 172 -5.79 -6.79 -81.44
N PRO I 173 -6.00 -7.17 -80.19
CA PRO I 173 -5.17 -6.92 -79.00
C PRO I 173 -4.37 -8.14 -78.56
N GLU I 174 -3.74 -8.03 -77.38
CA GLU I 174 -3.08 -9.16 -76.76
C GLU I 174 -4.10 -10.24 -76.39
N PRO I 175 -3.72 -11.53 -76.41
CA PRO I 175 -2.45 -12.09 -76.87
C PRO I 175 -2.57 -12.89 -78.17
N VAL I 176 -1.45 -13.42 -78.66
CA VAL I 176 -1.44 -14.36 -79.77
C VAL I 176 -0.64 -15.58 -79.35
N THR I 177 -1.07 -16.75 -79.80
CA THR I 177 -0.39 -18.01 -79.53
C THR I 177 0.25 -18.51 -80.83
N VAL I 178 1.56 -18.74 -80.79
CA VAL I 178 2.30 -19.21 -81.94
C VAL I 178 2.88 -20.58 -81.63
N SER I 179 2.59 -21.56 -82.48
CA SER I 179 3.08 -22.91 -82.33
C SER I 179 3.77 -23.35 -83.61
N TRP I 180 4.74 -24.26 -83.46
CA TRP I 180 5.55 -24.73 -84.58
C TRP I 180 5.19 -26.19 -84.87
N ASN I 181 4.83 -26.46 -86.14
CA ASN I 181 4.46 -27.78 -86.60
C ASN I 181 3.32 -28.37 -85.77
N SER I 182 2.32 -27.54 -85.48
CA SER I 182 1.16 -27.90 -84.65
C SER I 182 1.60 -28.38 -83.28
N GLY I 183 2.61 -27.73 -82.70
CA GLY I 183 3.10 -28.08 -81.38
C GLY I 183 4.09 -29.22 -81.35
N ALA I 184 4.46 -29.79 -82.49
CA ALA I 184 5.42 -30.89 -82.48
C ALA I 184 6.83 -30.42 -82.19
N LEU I 185 7.15 -29.17 -82.53
CA LEU I 185 8.47 -28.60 -82.32
C LEU I 185 8.41 -27.64 -81.13
N THR I 186 9.02 -28.03 -80.02
CA THR I 186 9.06 -27.21 -78.82
C THR I 186 10.46 -26.86 -78.35
N SER I 187 11.45 -27.69 -78.66
CA SER I 187 12.82 -27.41 -78.24
C SER I 187 13.41 -26.27 -79.06
N GLY I 188 13.97 -25.28 -78.36
CA GLY I 188 14.53 -24.12 -79.01
C GLY I 188 13.54 -23.05 -79.40
N VAL I 189 12.25 -23.25 -79.14
CA VAL I 189 11.23 -22.28 -79.51
C VAL I 189 11.19 -21.20 -78.44
N HIS I 190 11.36 -19.94 -78.87
CA HIS I 190 11.34 -18.79 -77.97
C HIS I 190 10.19 -17.87 -78.37
N THR I 191 9.31 -17.58 -77.42
CA THR I 191 8.20 -16.66 -77.64
C THR I 191 8.51 -15.35 -76.94
N PHE I 192 8.46 -14.25 -77.69
CA PHE I 192 8.84 -12.98 -77.08
C PHE I 192 7.60 -12.15 -76.76
N PRO I 193 7.62 -11.39 -75.66
CA PRO I 193 6.48 -10.53 -75.33
C PRO I 193 6.32 -9.40 -76.34
N ALA I 194 5.07 -9.00 -76.53
CA ALA I 194 4.77 -7.92 -77.46
C ALA I 194 5.17 -6.57 -76.88
N VAL I 195 5.47 -5.63 -77.77
CA VAL I 195 5.80 -4.27 -77.41
C VAL I 195 4.93 -3.31 -78.20
N LEU I 196 4.68 -2.14 -77.62
CA LEU I 196 3.85 -1.14 -78.28
C LEU I 196 4.61 -0.49 -79.43
N GLN I 197 3.97 -0.46 -80.60
CA GLN I 197 4.59 0.15 -81.78
C GLN I 197 4.45 1.67 -81.70
N SER I 198 4.87 2.36 -82.76
CA SER I 198 4.77 3.81 -82.79
C SER I 198 3.33 4.29 -82.95
N SER I 199 2.43 3.44 -83.46
CA SER I 199 1.03 3.81 -83.69
C SER I 199 0.12 2.69 -83.19
N GLY I 200 -0.19 2.70 -81.90
CA GLY I 200 -1.26 1.86 -81.39
C GLY I 200 -1.01 0.38 -81.28
N LEU I 201 -0.53 -0.23 -82.36
CA LEU I 201 -0.51 -1.68 -82.50
C LEU I 201 0.69 -2.27 -81.76
N TYR I 202 0.80 -3.59 -81.80
CA TYR I 202 1.93 -4.32 -81.20
C TYR I 202 2.68 -5.10 -82.28
N SER I 203 3.75 -5.77 -81.85
CA SER I 203 4.55 -6.61 -82.72
C SER I 203 5.35 -7.58 -81.89
N LEU I 204 5.52 -8.81 -82.40
CA LEU I 204 6.36 -9.82 -81.75
C LEU I 204 6.81 -10.81 -82.81
N SER I 205 7.59 -11.80 -82.36
CA SER I 205 8.06 -12.87 -83.24
C SER I 205 8.29 -14.12 -82.42
N SER I 206 8.32 -15.26 -83.09
CA SER I 206 8.63 -16.54 -82.47
C SER I 206 9.58 -17.30 -83.39
N VAL I 207 10.70 -17.76 -82.83
CA VAL I 207 11.74 -18.41 -83.62
C VAL I 207 12.17 -19.71 -82.93
N VAL I 208 12.80 -20.57 -83.71
CA VAL I 208 13.32 -21.85 -83.23
C VAL I 208 14.71 -22.06 -83.81
N THR I 209 15.63 -22.55 -82.99
CA THR I 209 16.99 -22.83 -83.43
C THR I 209 17.07 -24.25 -83.97
N VAL I 210 17.59 -24.38 -85.19
CA VAL I 210 17.66 -25.68 -85.87
C VAL I 210 19.03 -25.81 -86.53
N PRO I 211 19.64 -27.00 -86.54
CA PRO I 211 20.87 -27.20 -87.31
C PRO I 211 20.64 -26.94 -88.80
N SER I 212 21.68 -26.43 -89.46
CA SER I 212 21.58 -26.04 -90.86
C SER I 212 21.54 -27.23 -91.81
N SER I 213 21.77 -28.44 -91.33
CA SER I 213 21.74 -29.61 -92.20
C SER I 213 20.33 -29.92 -92.69
N SER I 214 19.32 -29.64 -91.88
CA SER I 214 17.93 -29.92 -92.22
C SER I 214 17.19 -28.68 -92.71
N LEU I 215 17.91 -27.69 -93.24
CA LEU I 215 17.27 -26.47 -93.72
C LEU I 215 16.48 -26.74 -95.00
N GLY I 216 17.09 -27.44 -95.96
CA GLY I 216 16.46 -27.73 -97.21
C GLY I 216 15.74 -29.06 -97.30
N THR I 217 15.69 -29.83 -96.22
CA THR I 217 15.05 -31.14 -96.23
C THR I 217 13.84 -31.24 -95.30
N GLN I 218 13.64 -30.30 -94.39
CA GLN I 218 12.54 -30.34 -93.44
C GLN I 218 11.67 -29.10 -93.61
N THR I 219 10.35 -29.31 -93.55
CA THR I 219 9.39 -28.22 -93.69
C THR I 219 9.04 -27.66 -92.32
N TYR I 220 9.17 -26.35 -92.17
CA TYR I 220 8.85 -25.65 -90.93
C TYR I 220 7.74 -24.65 -91.21
N ILE I 221 6.66 -24.74 -90.44
CA ILE I 221 5.49 -23.89 -90.61
C ILE I 221 5.11 -23.31 -89.25
N CYS I 222 4.82 -22.01 -89.23
CA CYS I 222 4.47 -21.32 -88.00
C CYS I 222 2.95 -21.18 -87.92
N ASN I 223 2.39 -21.51 -86.76
CA ASN I 223 0.94 -21.53 -86.56
C ASN I 223 0.60 -20.41 -85.57
N VAL I 224 0.31 -19.23 -86.12
CA VAL I 224 -0.05 -18.07 -85.33
C VAL I 224 -1.56 -18.01 -85.19
N ASN I 225 -2.04 -18.02 -83.95
CA ASN I 225 -3.47 -17.97 -83.66
C ASN I 225 -3.80 -16.66 -82.95
N HIS I 226 -4.83 -15.97 -83.44
CA HIS I 226 -5.33 -14.72 -82.85
C HIS I 226 -6.82 -14.91 -82.61
N LYS I 227 -7.15 -15.43 -81.42
CA LYS I 227 -8.56 -15.65 -81.06
C LYS I 227 -9.43 -14.41 -81.09
N PRO I 228 -8.98 -13.22 -80.62
CA PRO I 228 -9.85 -12.03 -80.76
C PRO I 228 -10.24 -11.71 -82.20
N SER I 229 -9.30 -11.78 -83.15
CA SER I 229 -9.57 -11.50 -84.56
C SER I 229 -9.59 -12.76 -85.42
N ASN I 230 -9.93 -13.92 -84.83
CA ASN I 230 -10.23 -15.20 -85.47
C ASN I 230 -9.29 -15.56 -86.61
N THR I 231 -8.00 -15.66 -86.32
CA THR I 231 -7.00 -15.69 -87.39
C THR I 231 -6.03 -16.83 -87.09
N LYS I 232 -6.12 -17.89 -87.88
CA LYS I 232 -5.27 -19.07 -87.75
C LYS I 232 -4.30 -19.19 -88.93
N VAL I 233 -3.68 -18.08 -89.31
CA VAL I 233 -2.71 -18.04 -90.41
C VAL I 233 -1.56 -19.02 -90.18
N ASP I 234 -1.31 -19.87 -91.18
CA ASP I 234 -0.19 -20.79 -91.19
C ASP I 234 0.75 -20.39 -92.32
N LYS I 235 2.01 -20.11 -91.99
CA LYS I 235 2.98 -19.62 -92.96
C LYS I 235 4.18 -20.56 -92.99
N LYS I 236 4.56 -21.00 -94.18
CA LYS I 236 5.71 -21.87 -94.35
C LYS I 236 6.99 -21.05 -94.36
N VAL I 237 8.02 -21.57 -93.72
CA VAL I 237 9.33 -20.93 -93.64
C VAL I 237 10.28 -21.65 -94.57
N GLU I 238 10.92 -20.91 -95.46
CA GLU I 238 11.83 -21.45 -96.47
C GLU I 238 13.12 -20.63 -96.46
N PRO I 239 14.23 -21.23 -96.90
CA PRO I 239 15.45 -20.44 -97.07
C PRO I 239 15.28 -19.38 -98.15
N LYS I 240 15.99 -18.26 -97.97
CA LYS I 240 15.86 -17.14 -98.87
C LYS I 240 16.41 -17.48 -100.25
N SER I 241 15.66 -17.09 -101.28
CA SER I 241 16.07 -17.27 -102.67
C SER I 241 16.50 -15.92 -103.23
N CYS I 242 17.73 -15.86 -103.74
CA CYS I 242 18.24 -14.60 -104.26
C CYS I 242 17.58 -14.27 -105.61
N ASP I 243 17.11 -13.04 -105.74
CA ASP I 243 16.47 -12.59 -106.97
C ASP I 243 17.14 -11.35 -107.53
N GLN J 4 -35.79 54.35 -17.20
CA GLN J 4 -35.95 54.29 -18.66
C GLN J 4 -35.43 55.55 -19.32
N CYS J 5 -35.17 55.47 -20.62
CA CYS J 5 -34.67 56.61 -21.39
C CYS J 5 -35.28 56.58 -22.79
N VAL J 6 -35.24 57.74 -23.44
CA VAL J 6 -35.73 57.89 -24.80
C VAL J 6 -34.60 58.42 -25.68
N ASN J 7 -34.74 58.19 -26.98
CA ASN J 7 -33.75 58.63 -27.94
C ASN J 7 -34.08 60.02 -28.48
N LEU J 8 -33.06 60.71 -28.95
CA LEU J 8 -33.19 62.05 -29.51
C LEU J 8 -33.29 62.00 -31.02
N THR J 9 -33.68 63.13 -31.59
CA THR J 9 -33.80 63.29 -33.04
C THR J 9 -32.68 64.19 -33.54
N THR J 10 -32.14 63.86 -34.71
CA THR J 10 -31.04 64.62 -35.28
C THR J 10 -31.48 66.04 -35.62
N ARG J 11 -30.56 66.99 -35.44
CA ARG J 11 -30.85 68.41 -35.62
C ARG J 11 -29.53 69.12 -35.87
N THR J 12 -29.63 70.44 -36.05
CA THR J 12 -28.45 71.28 -36.28
C THR J 12 -27.86 71.70 -34.94
N GLN J 13 -26.60 71.34 -34.72
CA GLN J 13 -25.88 71.67 -33.49
C GLN J 13 -24.76 72.65 -33.79
N LEU J 14 -23.97 72.96 -32.77
CA LEU J 14 -22.84 73.86 -32.90
C LEU J 14 -21.54 73.11 -32.59
N PRO J 15 -20.49 73.37 -33.36
CA PRO J 15 -19.21 72.71 -33.08
C PRO J 15 -18.64 73.22 -31.76
N PRO J 16 -17.87 72.39 -31.05
CA PRO J 16 -17.28 72.84 -29.79
C PRO J 16 -16.24 73.93 -30.00
N ALA J 17 -16.15 74.83 -29.03
CA ALA J 17 -15.20 75.94 -29.07
C ALA J 17 -14.01 75.65 -28.17
N TYR J 18 -12.91 76.35 -28.43
CA TYR J 18 -11.67 76.21 -27.68
C TYR J 18 -11.29 77.57 -27.12
N THR J 19 -11.13 77.64 -25.80
CA THR J 19 -10.76 78.87 -25.11
C THR J 19 -9.45 78.65 -24.35
N ASN J 20 -8.97 79.71 -23.70
CA ASN J 20 -7.70 79.70 -23.00
C ASN J 20 -7.95 79.94 -21.51
N SER J 21 -7.30 79.14 -20.68
CA SER J 21 -7.38 79.31 -19.23
C SER J 21 -6.43 80.41 -18.77
N PHE J 22 -6.78 81.03 -17.64
CA PHE J 22 -6.00 82.15 -17.08
C PHE J 22 -5.89 81.93 -15.57
N THR J 23 -4.83 81.26 -15.15
CA THR J 23 -4.52 80.97 -13.74
C THR J 23 -5.70 80.29 -13.04
N ARG J 24 -6.13 79.17 -13.62
CA ARG J 24 -7.26 78.41 -13.11
C ARG J 24 -6.84 76.96 -12.93
N GLY J 25 -7.49 76.30 -11.96
CA GLY J 25 -7.21 74.90 -11.68
C GLY J 25 -6.19 74.65 -10.59
N VAL J 26 -6.15 75.50 -9.57
CA VAL J 26 -5.21 75.35 -8.45
C VAL J 26 -6.00 74.99 -7.21
N TYR J 27 -5.58 73.92 -6.54
CA TYR J 27 -6.23 73.43 -5.33
C TYR J 27 -5.17 73.10 -4.30
N TYR J 28 -5.63 72.81 -3.08
CA TYR J 28 -4.72 72.42 -2.00
C TYR J 28 -4.28 70.98 -2.21
N PRO J 29 -2.97 70.71 -2.33
CA PRO J 29 -2.52 69.34 -2.59
C PRO J 29 -2.46 68.46 -1.36
N ASP J 30 -2.67 69.01 -0.16
CA ASP J 30 -2.57 68.24 1.07
C ASP J 30 -3.45 68.89 2.13
N LYS J 31 -3.53 68.23 3.29
CA LYS J 31 -4.38 68.67 4.39
C LYS J 31 -3.56 69.19 5.58
N VAL J 32 -2.48 69.92 5.28
CA VAL J 32 -1.64 70.50 6.31
C VAL J 32 -1.71 72.02 6.18
N PHE J 33 -1.22 72.70 7.22
CA PHE J 33 -1.22 74.16 7.29
C PHE J 33 0.16 74.69 6.98
N ARG J 34 0.22 75.67 6.08
CA ARG J 34 1.47 76.33 5.71
C ARG J 34 1.27 77.83 5.76
N SER J 35 2.19 78.54 6.38
CA SER J 35 2.10 79.99 6.56
C SER J 35 3.43 80.63 6.18
N SER J 36 3.37 81.61 5.27
CA SER J 36 4.52 82.41 4.84
C SER J 36 5.66 81.54 4.31
N VAL J 37 5.30 80.50 3.54
CA VAL J 37 6.28 79.62 2.93
C VAL J 37 5.99 79.52 1.43
N LEU J 38 6.98 79.05 0.69
CA LEU J 38 6.87 78.80 -0.75
C LEU J 38 7.28 77.35 -0.98
N HIS J 39 6.30 76.44 -0.89
CA HIS J 39 6.54 75.01 -0.97
C HIS J 39 6.18 74.49 -2.35
N SER J 40 7.05 73.65 -2.91
CA SER J 40 6.85 73.03 -4.21
C SER J 40 6.50 71.56 -4.02
N THR J 41 5.49 71.10 -4.75
CA THR J 41 5.04 69.72 -4.66
C THR J 41 4.76 69.18 -6.06
N GLN J 42 4.77 67.85 -6.17
CA GLN J 42 4.49 67.16 -7.43
C GLN J 42 3.09 66.57 -7.32
N ASP J 43 2.16 67.10 -8.11
CA ASP J 43 0.78 66.65 -8.09
C ASP J 43 0.13 67.05 -9.40
N LEU J 44 -1.03 66.46 -9.68
CA LEU J 44 -1.75 66.71 -10.93
C LEU J 44 -2.48 68.05 -10.83
N PHE J 45 -2.03 69.03 -11.59
CA PHE J 45 -2.70 70.32 -11.69
C PHE J 45 -2.97 70.64 -13.16
N LEU J 46 -3.75 71.69 -13.38
CA LEU J 46 -3.99 72.19 -14.73
C LEU J 46 -2.91 73.19 -15.09
N PRO J 47 -2.18 72.99 -16.19
CA PRO J 47 -1.14 73.96 -16.57
C PRO J 47 -1.73 75.33 -16.89
N PHE J 48 -0.98 76.36 -16.56
CA PHE J 48 -1.43 77.72 -16.83
C PHE J 48 -1.34 78.03 -18.32
N PHE J 49 -2.33 78.79 -18.80
CA PHE J 49 -2.45 79.15 -20.23
C PHE J 49 -2.50 77.91 -21.12
N SER J 50 -3.16 76.87 -20.63
CA SER J 50 -3.34 75.65 -21.41
C SER J 50 -4.58 75.76 -22.29
N ASN J 51 -4.71 74.84 -23.23
CA ASN J 51 -5.74 74.88 -24.25
C ASN J 51 -6.91 74.01 -23.76
N VAL J 52 -7.99 74.66 -23.34
CA VAL J 52 -9.08 74.00 -22.65
C VAL J 52 -10.34 74.04 -23.52
N THR J 53 -11.09 72.94 -23.50
CA THR J 53 -12.30 72.85 -24.32
C THR J 53 -13.44 73.67 -23.72
N TRP J 54 -14.36 74.06 -24.59
CA TRP J 54 -15.53 74.84 -24.19
C TRP J 54 -16.77 74.22 -24.81
N PHE J 55 -17.79 74.00 -23.98
CA PHE J 55 -19.07 73.45 -24.42
C PHE J 55 -20.19 74.43 -24.07
N HIS J 56 -21.11 74.60 -25.01
CA HIS J 56 -22.22 75.53 -24.85
C HIS J 56 -23.49 74.78 -24.47
N ALA J 57 -24.40 75.49 -23.79
CA ALA J 57 -25.69 74.91 -23.40
C ALA J 57 -26.84 75.89 -23.60
N ILE J 58 -26.62 77.02 -24.26
CA ILE J 58 -27.68 78.00 -24.46
C ILE J 58 -28.61 77.52 -25.57
N HIS J 59 -29.90 77.76 -25.40
CA HIS J 59 -30.88 77.34 -26.39
C HIS J 59 -30.81 78.21 -27.65
N VAL J 60 -31.00 79.51 -27.48
CA VAL J 60 -30.96 80.44 -28.60
C VAL J 60 -29.52 80.69 -29.03
N THR J 66 -29.07 77.39 -33.20
CA THR J 66 -29.88 77.24 -32.01
C THR J 66 -30.01 75.77 -31.61
N LYS J 67 -30.65 75.52 -30.47
CA LYS J 67 -30.88 74.19 -29.91
C LYS J 67 -29.56 73.44 -29.72
N ARG J 68 -28.71 74.02 -28.86
CA ARG J 68 -27.39 73.46 -28.59
C ARG J 68 -27.48 72.51 -27.40
N PHE J 69 -27.18 71.23 -27.64
CA PHE J 69 -27.15 70.22 -26.57
C PHE J 69 -26.09 69.20 -26.97
N ASP J 70 -24.87 69.40 -26.49
CA ASP J 70 -23.73 68.55 -26.82
C ASP J 70 -23.08 68.10 -25.52
N ASN J 71 -23.31 66.85 -25.13
CA ASN J 71 -22.70 66.24 -23.95
C ASN J 71 -22.08 64.91 -24.34
N PRO J 72 -20.91 64.92 -24.97
CA PRO J 72 -20.24 63.66 -25.32
C PRO J 72 -19.67 62.97 -24.08
N VAL J 73 -19.41 61.68 -24.24
CA VAL J 73 -18.79 60.91 -23.18
C VAL J 73 -17.28 61.10 -23.26
N LEU J 74 -16.78 62.14 -22.58
CA LEU J 74 -15.36 62.45 -22.64
C LEU J 74 -14.55 61.43 -21.83
N PRO J 75 -13.38 61.04 -22.32
CA PRO J 75 -12.53 60.13 -21.54
C PRO J 75 -11.98 60.79 -20.29
N PHE J 76 -11.86 59.99 -19.23
CA PHE J 76 -11.38 60.46 -17.94
C PHE J 76 -9.89 60.15 -17.81
N ASN J 77 -9.07 61.18 -17.87
CA ASN J 77 -7.63 61.04 -17.71
C ASN J 77 -7.27 61.11 -16.22
N ASP J 78 -5.98 61.23 -15.93
CA ASP J 78 -5.50 61.31 -14.54
C ASP J 78 -5.83 62.69 -14.00
N GLY J 79 -7.07 62.85 -13.53
CA GLY J 79 -7.53 64.10 -13.00
C GLY J 79 -8.10 65.03 -14.05
N VAL J 80 -9.27 65.62 -13.77
CA VAL J 80 -9.92 66.54 -14.69
C VAL J 80 -10.24 67.83 -13.95
N TYR J 81 -10.40 68.90 -14.73
CA TYR J 81 -10.79 70.20 -14.21
C TYR J 81 -12.11 70.61 -14.86
N PHE J 82 -13.11 70.92 -14.04
CA PHE J 82 -14.45 71.25 -14.52
C PHE J 82 -14.86 72.58 -13.91
N ALA J 83 -15.04 73.59 -14.75
CA ALA J 83 -15.44 74.93 -14.31
C ALA J 83 -16.75 75.30 -14.97
N SER J 84 -17.69 75.81 -14.18
CA SER J 84 -19.00 76.22 -14.67
C SER J 84 -19.33 77.61 -14.16
N THR J 85 -19.71 78.50 -15.07
CA THR J 85 -20.17 79.84 -14.73
C THR J 85 -21.70 79.85 -14.55
N GLU J 86 -22.16 78.99 -13.65
CA GLU J 86 -23.57 78.72 -13.49
C GLU J 86 -24.30 79.91 -12.89
N LYS J 87 -25.42 80.29 -13.50
CA LYS J 87 -26.27 81.38 -13.03
C LYS J 87 -27.66 80.92 -12.64
N SER J 88 -28.35 80.21 -13.54
CA SER J 88 -29.71 79.77 -13.32
C SER J 88 -29.80 78.34 -12.81
N ASN J 89 -28.66 77.74 -12.44
CA ASN J 89 -28.57 76.37 -11.91
C ASN J 89 -29.15 75.36 -12.91
N ILE J 90 -28.58 75.38 -14.11
CA ILE J 90 -29.02 74.46 -15.16
C ILE J 90 -28.35 73.10 -15.00
N ILE J 91 -27.05 73.07 -14.72
CA ILE J 91 -26.34 71.82 -14.54
C ILE J 91 -26.74 71.18 -13.22
N ARG J 92 -26.75 69.84 -13.18
CA ARG J 92 -27.16 69.11 -12.01
C ARG J 92 -26.04 68.25 -11.42
N GLY J 93 -25.40 67.42 -12.23
CA GLY J 93 -24.38 66.54 -11.70
C GLY J 93 -23.57 65.86 -12.78
N TRP J 94 -22.87 64.81 -12.37
CA TRP J 94 -21.95 64.11 -13.25
C TRP J 94 -22.09 62.60 -13.04
N ILE J 95 -21.64 61.84 -14.05
CA ILE J 95 -21.57 60.39 -13.97
C ILE J 95 -20.16 59.95 -14.37
N PHE J 96 -19.79 58.76 -13.91
CA PHE J 96 -18.47 58.19 -14.19
C PHE J 96 -18.63 56.71 -14.50
N GLY J 97 -17.60 56.15 -15.10
CA GLY J 97 -17.59 54.73 -15.42
C GLY J 97 -16.62 54.43 -16.54
N THR J 98 -16.65 53.17 -16.97
CA THR J 98 -15.79 52.70 -18.05
C THR J 98 -16.58 52.31 -19.30
N THR J 99 -17.56 51.41 -19.15
CA THR J 99 -18.37 50.96 -20.28
C THR J 99 -19.83 51.34 -20.18
N LEU J 100 -20.35 51.57 -18.97
CA LEU J 100 -21.74 52.01 -18.74
C LEU J 100 -22.76 51.04 -19.35
N ASP J 101 -22.56 49.74 -19.11
CA ASP J 101 -23.47 48.72 -19.60
C ASP J 101 -23.80 47.69 -18.53
N SER J 102 -23.88 48.13 -17.27
CA SER J 102 -24.16 47.26 -16.11
C SER J 102 -23.15 46.13 -16.00
N LYS J 103 -21.89 46.44 -16.29
CA LYS J 103 -20.80 45.47 -16.17
C LYS J 103 -19.73 45.90 -15.18
N THR J 104 -19.50 47.20 -15.01
CA THR J 104 -18.54 47.74 -14.07
C THR J 104 -19.25 48.68 -13.10
N GLN J 105 -18.48 49.21 -12.15
CA GLN J 105 -19.03 50.10 -11.12
C GLN J 105 -19.04 51.52 -11.67
N SER J 106 -20.23 52.00 -12.05
CA SER J 106 -20.41 53.37 -12.50
C SER J 106 -20.74 54.27 -11.31
N LEU J 107 -20.78 55.57 -11.56
CA LEU J 107 -20.99 56.55 -10.51
C LEU J 107 -22.18 57.44 -10.86
N LEU J 108 -22.96 57.80 -9.84
CA LEU J 108 -24.03 58.79 -9.94
C LEU J 108 -23.79 59.87 -8.89
N ILE J 109 -23.31 61.02 -9.32
CA ILE J 109 -23.19 62.21 -8.47
C ILE J 109 -24.23 63.19 -8.97
N VAL J 110 -25.37 63.27 -8.28
CA VAL J 110 -26.49 64.10 -8.68
C VAL J 110 -26.83 65.04 -7.53
N ASN J 111 -26.87 66.34 -7.83
CA ASN J 111 -27.24 67.36 -6.85
C ASN J 111 -28.72 67.69 -7.07
N ASN J 112 -29.58 66.90 -6.43
CA ASN J 112 -31.02 67.10 -6.57
C ASN J 112 -31.48 68.31 -5.76
N ALA J 113 -32.75 68.70 -5.97
CA ALA J 113 -33.29 69.87 -5.31
C ALA J 113 -33.46 69.68 -3.81
N THR J 114 -33.53 68.44 -3.34
CA THR J 114 -33.73 68.16 -1.92
C THR J 114 -32.45 67.73 -1.22
N ASN J 115 -31.67 66.84 -1.80
CA ASN J 115 -30.46 66.35 -1.17
C ASN J 115 -29.47 65.90 -2.23
N VAL J 116 -28.22 65.75 -1.81
CA VAL J 116 -27.12 65.31 -2.68
C VAL J 116 -26.73 63.90 -2.26
N VAL J 117 -26.74 62.97 -3.20
CA VAL J 117 -26.41 61.58 -2.93
C VAL J 117 -25.21 61.18 -3.78
N ILE J 118 -24.44 60.21 -3.27
CA ILE J 118 -23.31 59.63 -3.97
C ILE J 118 -23.56 58.14 -4.02
N LYS J 119 -23.96 57.63 -5.19
CA LYS J 119 -24.27 56.22 -5.36
C LYS J 119 -23.36 55.67 -6.45
N VAL J 120 -22.60 54.64 -6.12
CA VAL J 120 -21.59 54.06 -7.01
C VAL J 120 -21.98 52.60 -7.22
N CYS J 121 -22.75 52.32 -8.28
CA CYS J 121 -23.21 50.97 -8.58
C CYS J 121 -23.15 50.76 -10.09
N GLU J 122 -23.82 49.71 -10.56
CA GLU J 122 -23.77 49.27 -11.96
C GLU J 122 -25.01 49.68 -12.73
N PHE J 123 -25.49 50.90 -12.53
CA PHE J 123 -26.71 51.38 -13.15
C PHE J 123 -26.63 51.32 -14.68
N GLN J 124 -27.74 50.89 -15.29
CA GLN J 124 -27.83 50.78 -16.74
C GLN J 124 -27.98 52.19 -17.34
N PHE J 125 -26.87 52.76 -17.79
CA PHE J 125 -26.88 54.12 -18.32
C PHE J 125 -27.31 54.11 -19.77
N CYS J 126 -28.22 55.03 -20.12
CA CYS J 126 -28.64 55.20 -21.51
C CYS J 126 -27.66 56.10 -22.25
N ASN J 127 -27.96 56.35 -23.52
CA ASN J 127 -27.06 57.14 -24.36
C ASN J 127 -27.13 58.64 -24.06
N ASP J 128 -28.16 59.10 -23.35
CA ASP J 128 -28.26 60.52 -23.00
C ASP J 128 -29.09 60.71 -21.75
N PRO J 129 -28.53 60.47 -20.56
CA PRO J 129 -29.29 60.73 -19.32
C PRO J 129 -29.45 62.22 -19.07
N PHE J 130 -30.62 62.59 -18.56
CA PHE J 130 -30.94 63.99 -18.32
C PHE J 130 -32.06 64.08 -17.30
N LEU J 131 -32.27 65.29 -16.79
CA LEU J 131 -33.36 65.59 -15.87
C LEU J 131 -34.33 66.55 -16.55
N GLY J 132 -35.62 66.24 -16.44
CA GLY J 132 -36.65 67.04 -17.06
C GLY J 132 -37.36 67.92 -16.04
N VAL J 133 -37.51 69.19 -16.39
CA VAL J 133 -38.20 70.17 -15.55
C VAL J 133 -39.49 70.57 -16.25
N TYR J 134 -40.61 70.41 -15.55
CA TYR J 134 -41.93 70.70 -16.09
C TYR J 134 -42.52 71.91 -15.39
N TYR J 135 -43.14 72.80 -16.17
CA TYR J 135 -43.79 73.99 -15.64
C TYR J 135 -45.29 73.73 -15.53
N HIS J 136 -45.76 73.50 -14.30
CA HIS J 136 -47.16 73.23 -14.05
C HIS J 136 -47.96 74.52 -14.14
N LYS J 137 -49.26 74.38 -14.45
CA LYS J 137 -50.08 75.53 -14.79
C LYS J 137 -50.51 76.31 -13.54
N ASN J 138 -51.07 75.62 -12.55
CA ASN J 138 -51.70 76.33 -11.44
C ASN J 138 -50.68 76.96 -10.49
N ASN J 139 -49.50 76.36 -10.31
CA ASN J 139 -48.45 76.94 -9.50
C ASN J 139 -47.37 77.57 -10.39
N LYS J 140 -46.82 78.69 -9.95
CA LYS J 140 -45.82 79.42 -10.71
C LYS J 140 -44.42 79.07 -10.23
N SER J 141 -44.11 77.77 -10.26
CA SER J 141 -42.81 77.27 -9.83
C SER J 141 -42.39 76.12 -10.73
N TRP J 142 -41.08 75.99 -10.92
CA TRP J 142 -40.51 74.92 -11.73
C TRP J 142 -40.18 73.71 -10.86
N MET J 143 -40.59 72.52 -11.30
CA MET J 143 -40.34 71.29 -10.57
C MET J 143 -39.81 70.23 -11.53
N GLU J 144 -39.06 69.28 -10.97
CA GLU J 144 -38.45 68.21 -11.74
C GLU J 144 -39.34 66.97 -11.72
N SER J 145 -39.68 66.48 -12.90
CA SER J 145 -40.57 65.32 -13.04
C SER J 145 -39.96 64.17 -13.80
N GLU J 146 -39.21 64.45 -14.87
CA GLU J 146 -38.63 63.39 -15.70
C GLU J 146 -37.28 63.00 -15.12
N PHE J 147 -37.30 61.96 -14.27
CA PHE J 147 -36.08 61.44 -13.65
C PHE J 147 -35.62 60.24 -14.46
N ARG J 148 -35.00 60.52 -15.61
CA ARG J 148 -34.55 59.50 -16.55
C ARG J 148 -33.03 59.50 -16.56
N VAL J 149 -32.43 58.79 -15.60
CA VAL J 149 -30.97 58.71 -15.51
C VAL J 149 -30.47 57.28 -15.73
N TYR J 150 -31.21 56.29 -15.23
CA TYR J 150 -30.83 54.90 -15.41
C TYR J 150 -32.08 54.03 -15.52
N SER J 151 -31.86 52.73 -15.64
CA SER J 151 -32.94 51.75 -15.63
C SER J 151 -32.96 50.93 -14.34
N SER J 152 -31.85 50.26 -14.00
CA SER J 152 -31.77 49.43 -12.81
C SER J 152 -30.31 49.13 -12.51
N ALA J 153 -30.09 48.58 -11.31
CA ALA J 153 -28.76 48.14 -10.87
C ALA J 153 -28.88 46.81 -10.15
N ASN J 154 -27.79 46.04 -10.16
CA ASN J 154 -27.77 44.70 -9.57
C ASN J 154 -27.26 44.70 -8.14
N ASN J 155 -26.01 45.12 -7.92
CA ASN J 155 -25.45 45.15 -6.58
C ASN J 155 -24.28 46.13 -6.55
N CYS J 156 -23.99 46.60 -5.34
CA CYS J 156 -22.90 47.54 -5.08
C CYS J 156 -22.69 47.64 -3.58
N THR J 157 -21.64 48.37 -3.20
CA THR J 157 -21.21 48.45 -1.81
C THR J 157 -21.26 49.86 -1.25
N PHE J 158 -20.70 50.84 -1.96
CA PHE J 158 -20.51 52.19 -1.41
C PHE J 158 -21.75 53.03 -1.59
N GLU J 159 -22.02 53.88 -0.60
CA GLU J 159 -23.13 54.83 -0.64
C GLU J 159 -22.80 56.01 0.25
N TYR J 160 -23.21 57.21 -0.17
CA TYR J 160 -22.98 58.41 0.61
C TYR J 160 -24.05 59.44 0.29
N VAL J 161 -24.42 60.23 1.29
CA VAL J 161 -25.35 61.33 1.15
C VAL J 161 -24.68 62.59 1.69
N SER J 162 -24.62 63.63 0.86
CA SER J 162 -23.98 64.88 1.24
C SER J 162 -25.00 65.80 1.92
N GLN J 163 -24.62 67.06 2.12
CA GLN J 163 -25.50 68.02 2.75
C GLN J 163 -26.65 68.40 1.80
N PRO J 164 -27.83 68.72 2.35
CA PRO J 164 -28.97 69.06 1.50
C PRO J 164 -28.84 70.44 0.88
N PHE J 165 -28.11 70.54 -0.23
CA PHE J 165 -27.94 71.81 -0.93
C PHE J 165 -29.27 72.24 -1.56
N LEU J 166 -29.63 73.49 -1.38
CA LEU J 166 -30.86 74.03 -1.95
C LEU J 166 -30.62 74.44 -3.40
N MET J 167 -31.49 73.96 -4.29
CA MET J 167 -31.35 74.19 -5.72
C MET J 167 -32.51 75.01 -6.25
N ASP J 168 -32.20 75.93 -7.16
CA ASP J 168 -33.20 76.75 -7.84
C ASP J 168 -33.47 76.16 -9.21
N LEU J 169 -34.74 75.89 -9.51
CA LEU J 169 -35.13 75.22 -10.74
C LEU J 169 -35.56 76.18 -11.84
N GLU J 170 -35.47 77.50 -11.61
CA GLU J 170 -35.88 78.48 -12.60
C GLU J 170 -34.71 78.85 -13.49
N GLY J 171 -34.94 78.78 -14.81
CA GLY J 171 -33.92 79.11 -15.80
C GLY J 171 -34.23 80.43 -16.48
N LYS J 172 -33.18 81.22 -16.72
CA LYS J 172 -33.30 82.51 -17.37
C LYS J 172 -32.29 82.60 -18.51
N GLN J 173 -32.29 83.74 -19.19
CA GLN J 173 -31.38 84.00 -20.31
C GLN J 173 -30.45 85.17 -20.04
N GLY J 174 -30.32 85.58 -18.78
CA GLY J 174 -29.50 86.73 -18.44
C GLY J 174 -28.04 86.38 -18.28
N ASN J 175 -27.27 87.39 -17.86
CA ASN J 175 -25.84 87.23 -17.67
C ASN J 175 -25.55 86.40 -16.42
N PHE J 176 -24.36 85.81 -16.38
CA PHE J 176 -23.98 84.96 -15.27
C PHE J 176 -23.55 85.80 -14.07
N LYS J 177 -23.81 85.25 -12.87
CA LYS J 177 -23.47 85.92 -11.62
C LYS J 177 -22.60 85.09 -10.69
N ASN J 178 -22.48 83.78 -10.93
CA ASN J 178 -21.67 82.91 -10.08
C ASN J 178 -20.82 81.99 -10.95
N LEU J 179 -19.68 81.57 -10.38
CA LEU J 179 -18.77 80.66 -11.06
C LEU J 179 -18.42 79.52 -10.12
N ARG J 180 -18.58 78.28 -10.60
CA ARG J 180 -18.30 77.09 -9.82
C ARG J 180 -17.26 76.25 -10.54
N GLU J 181 -16.27 75.77 -9.78
CA GLU J 181 -15.21 74.93 -10.30
C GLU J 181 -15.20 73.59 -9.57
N PHE J 182 -14.89 72.53 -10.29
CA PHE J 182 -14.85 71.19 -9.73
C PHE J 182 -13.64 70.43 -10.27
N VAL J 183 -12.95 69.72 -9.38
CA VAL J 183 -11.79 68.92 -9.75
C VAL J 183 -12.03 67.50 -9.24
N PHE J 184 -11.94 66.52 -10.15
CA PHE J 184 -12.13 65.11 -9.82
C PHE J 184 -10.84 64.36 -10.09
N LYS J 185 -10.37 63.61 -9.09
CA LYS J 185 -9.13 62.88 -9.18
C LYS J 185 -9.32 61.45 -8.68
N ASN J 186 -8.43 60.57 -9.12
CA ASN J 186 -8.48 59.16 -8.71
C ASN J 186 -7.04 58.66 -8.61
N ILE J 187 -6.49 58.66 -7.40
CA ILE J 187 -5.17 58.09 -7.12
C ILE J 187 -5.34 56.94 -6.14
N ASP J 188 -4.80 55.77 -6.49
CA ASP J 188 -4.92 54.54 -5.71
C ASP J 188 -6.40 54.21 -5.47
N GLY J 189 -7.23 54.48 -6.47
CA GLY J 189 -8.67 54.24 -6.35
C GLY J 189 -9.37 55.13 -5.36
N TYR J 190 -8.77 56.24 -4.96
CA TYR J 190 -9.30 57.12 -3.93
C TYR J 190 -9.82 58.40 -4.58
N PHE J 191 -11.11 58.65 -4.45
CA PHE J 191 -11.75 59.75 -5.13
C PHE J 191 -11.49 61.07 -4.42
N LYS J 192 -11.23 62.12 -5.19
CA LYS J 192 -10.95 63.45 -4.66
C LYS J 192 -11.88 64.45 -5.32
N ILE J 193 -12.50 65.32 -4.51
CA ILE J 193 -13.39 66.36 -5.00
C ILE J 193 -12.95 67.68 -4.40
N TYR J 194 -12.68 68.67 -5.26
CA TYR J 194 -12.31 70.01 -4.83
C TYR J 194 -13.23 71.01 -5.50
N SER J 195 -13.79 71.93 -4.72
CA SER J 195 -14.73 72.91 -5.26
C SER J 195 -14.72 74.17 -4.42
N LYS J 196 -15.13 75.27 -5.04
CA LYS J 196 -15.26 76.56 -4.38
C LYS J 196 -16.16 77.44 -5.21
N HIS J 197 -17.14 78.07 -4.57
CA HIS J 197 -18.05 79.00 -5.24
C HIS J 197 -17.45 80.40 -5.22
N THR J 198 -17.34 81.01 -6.40
CA THR J 198 -16.76 82.35 -6.54
C THR J 198 -17.66 83.20 -7.40
N PRO J 199 -18.25 84.27 -6.85
CA PRO J 199 -19.07 85.16 -7.67
C PRO J 199 -18.23 85.94 -8.67
N ILE J 200 -18.83 86.21 -9.83
CA ILE J 200 -18.18 86.97 -10.90
C ILE J 200 -19.26 87.50 -11.82
N ASN J 201 -18.93 88.54 -12.58
CA ASN J 201 -19.84 89.14 -13.54
C ASN J 201 -19.18 89.07 -14.92
N LEU J 202 -19.39 87.94 -15.60
CA LEU J 202 -18.79 87.71 -16.91
C LEU J 202 -19.58 86.63 -17.62
N VAL J 203 -19.42 86.59 -18.95
CA VAL J 203 -20.10 85.60 -19.77
C VAL J 203 -19.13 84.62 -20.42
N ARG J 204 -17.90 85.04 -20.72
CA ARG J 204 -16.89 84.16 -21.29
C ARG J 204 -15.52 84.80 -21.06
N ASP J 205 -14.48 84.03 -21.39
CA ASP J 205 -13.08 84.46 -21.25
C ASP J 205 -12.78 84.83 -19.79
N LEU J 206 -12.82 83.78 -18.95
CA LEU J 206 -12.68 83.82 -17.49
C LEU J 206 -11.55 84.74 -17.02
N PRO J 207 -11.74 85.47 -15.93
CA PRO J 207 -10.74 86.46 -15.51
C PRO J 207 -9.48 85.81 -14.99
N GLN J 208 -8.44 86.64 -14.87
CA GLN J 208 -7.13 86.21 -14.41
C GLN J 208 -7.00 86.13 -12.89
N GLY J 209 -8.13 86.15 -12.17
CA GLY J 209 -8.07 86.07 -10.72
C GLY J 209 -7.65 84.70 -10.23
N PHE J 210 -7.21 84.67 -8.98
CA PHE J 210 -6.72 83.45 -8.35
C PHE J 210 -7.66 83.04 -7.22
N SER J 211 -7.96 81.75 -7.15
CA SER J 211 -8.84 81.22 -6.10
C SER J 211 -8.52 79.74 -5.92
N ALA J 212 -7.94 79.40 -4.76
CA ALA J 212 -7.65 78.01 -4.47
C ALA J 212 -8.93 77.24 -4.15
N LEU J 213 -8.92 75.94 -4.44
CA LEU J 213 -10.08 75.09 -4.27
C LEU J 213 -9.89 74.20 -3.05
N GLU J 214 -10.88 74.21 -2.15
CA GLU J 214 -10.88 73.43 -0.92
C GLU J 214 -11.71 72.16 -1.10
N PRO J 215 -11.22 71.02 -0.61
CA PRO J 215 -12.00 69.79 -0.72
C PRO J 215 -13.24 69.83 0.17
N LEU J 216 -14.31 69.20 -0.30
CA LEU J 216 -15.56 69.10 0.44
C LEU J 216 -15.76 67.71 1.04
N VAL J 217 -15.71 66.67 0.20
CA VAL J 217 -15.93 65.30 0.64
C VAL J 217 -14.83 64.43 0.04
N ASP J 218 -14.53 63.32 0.72
CA ASP J 218 -13.38 62.48 0.38
C ASP J 218 -13.82 61.03 0.47
N LEU J 219 -13.94 60.35 -0.67
CA LEU J 219 -14.62 59.07 -0.78
C LEU J 219 -13.67 57.95 -1.18
N PRO J 220 -13.51 56.89 -0.36
CA PRO J 220 -12.72 55.70 -0.71
C PRO J 220 -13.49 54.57 -1.40
N ILE J 221 -13.69 54.71 -2.71
CA ILE J 221 -14.40 53.66 -3.46
C ILE J 221 -13.47 52.50 -3.78
N GLY J 222 -12.43 52.75 -4.57
CA GLY J 222 -11.47 51.73 -4.92
C GLY J 222 -11.74 51.03 -6.23
N ILE J 223 -12.08 51.80 -7.27
CA ILE J 223 -12.32 51.28 -8.61
C ILE J 223 -11.49 52.07 -9.60
N ASN J 224 -11.68 51.76 -10.88
CA ASN J 224 -10.98 52.45 -11.97
C ASN J 224 -11.99 53.26 -12.80
N ILE J 225 -11.55 54.42 -13.28
CA ILE J 225 -12.39 55.32 -14.06
C ILE J 225 -11.62 55.72 -15.31
N THR J 226 -12.24 55.54 -16.48
CA THR J 226 -11.63 55.95 -17.74
C THR J 226 -12.52 56.85 -18.59
N ARG J 227 -13.78 57.04 -18.23
CA ARG J 227 -14.69 57.90 -18.97
C ARG J 227 -15.60 58.64 -18.00
N PHE J 228 -16.13 59.77 -18.45
CA PHE J 228 -17.07 60.54 -17.64
C PHE J 228 -18.01 61.31 -18.57
N GLN J 229 -19.14 61.73 -18.00
CA GLN J 229 -20.16 62.44 -18.75
C GLN J 229 -20.92 63.35 -17.80
N THR J 230 -21.35 64.50 -18.31
CA THR J 230 -22.04 65.51 -17.51
C THR J 230 -23.53 65.50 -17.79
N LEU J 231 -24.30 65.91 -16.78
CA LEU J 231 -25.76 65.89 -16.83
C LEU J 231 -26.28 67.32 -16.87
N LEU J 232 -27.19 67.59 -17.80
CA LEU J 232 -27.82 68.89 -17.94
C LEU J 232 -29.34 68.72 -17.86
N ALA J 233 -30.01 69.75 -17.34
CA ALA J 233 -31.45 69.74 -17.16
C ALA J 233 -32.10 70.76 -18.08
N LEU J 234 -33.10 70.32 -18.83
CA LEU J 234 -33.85 71.19 -19.71
C LEU J 234 -35.19 71.56 -19.08
N HIS J 235 -35.82 72.59 -19.65
CA HIS J 235 -37.09 73.10 -19.15
C HIS J 235 -38.19 72.84 -20.16
N ARG J 236 -39.38 72.50 -19.66
CA ARG J 236 -40.56 72.23 -20.47
C ARG J 236 -41.64 73.23 -20.08
N SER J 237 -41.67 74.38 -20.75
CA SER J 237 -42.64 75.43 -20.47
C SER J 237 -43.84 75.28 -21.40
N TYR J 238 -44.73 76.27 -21.39
CA TYR J 238 -45.90 76.24 -22.25
C TYR J 238 -45.56 76.55 -23.71
N LEU J 239 -44.41 77.17 -23.97
CA LEU J 239 -44.03 77.48 -25.34
C LEU J 239 -43.69 76.20 -26.12
N THR J 240 -42.89 75.32 -25.51
CA THR J 240 -42.55 74.06 -26.16
C THR J 240 -43.72 73.08 -26.08
N PRO J 241 -43.86 72.21 -27.08
CA PRO J 241 -44.91 71.18 -26.99
C PRO J 241 -44.73 70.20 -25.85
N GLY J 242 -43.52 70.03 -25.33
CA GLY J 242 -43.25 69.13 -24.24
C GLY J 242 -42.65 67.80 -24.63
N ASP J 243 -42.35 67.58 -25.90
CA ASP J 243 -41.74 66.36 -26.37
C ASP J 243 -40.24 66.57 -26.56
N SER J 244 -39.44 65.60 -26.11
CA SER J 244 -37.99 65.68 -26.20
C SER J 244 -37.48 65.13 -27.53
N SER J 245 -38.03 65.64 -28.64
CA SER J 245 -37.60 65.25 -29.97
C SER J 245 -36.98 66.42 -30.73
N SER J 246 -37.69 67.53 -30.89
CA SER J 246 -37.16 68.67 -31.60
C SER J 246 -37.42 70.02 -30.92
N GLY J 247 -38.33 70.10 -29.95
CA GLY J 247 -38.62 71.36 -29.30
C GLY J 247 -38.34 71.35 -27.82
N TRP J 248 -37.37 72.14 -27.39
CA TRP J 248 -36.98 72.21 -25.99
C TRP J 248 -36.21 73.51 -25.76
N THR J 249 -36.01 73.84 -24.48
CA THR J 249 -35.17 74.96 -24.09
C THR J 249 -34.27 74.53 -22.94
N ALA J 250 -33.12 75.18 -22.83
CA ALA J 250 -32.13 74.84 -21.81
C ALA J 250 -31.59 76.06 -21.08
N GLY J 251 -32.19 77.23 -21.26
CA GLY J 251 -31.69 78.41 -20.59
C GLY J 251 -30.38 78.88 -21.20
N ALA J 252 -29.44 79.26 -20.33
CA ALA J 252 -28.12 79.71 -20.76
C ALA J 252 -27.09 79.20 -19.78
N ALA J 253 -26.18 78.36 -20.25
CA ALA J 253 -25.13 77.80 -19.41
C ALA J 253 -23.91 77.51 -20.25
N ALA J 254 -22.76 77.42 -19.60
CA ALA J 254 -21.50 77.13 -20.26
C ALA J 254 -20.54 76.51 -19.25
N TYR J 255 -19.95 75.38 -19.62
CA TYR J 255 -19.02 74.67 -18.75
C TYR J 255 -17.75 74.34 -19.52
N TYR J 256 -16.63 74.36 -18.79
CA TYR J 256 -15.32 74.10 -19.35
C TYR J 256 -14.77 72.79 -18.79
N VAL J 257 -14.17 71.98 -19.67
CA VAL J 257 -13.59 70.69 -19.29
C VAL J 257 -12.10 70.73 -19.60
N GLY J 258 -11.28 70.54 -18.58
CA GLY J 258 -9.84 70.52 -18.74
C GLY J 258 -9.24 69.29 -18.12
N TYR J 259 -8.10 68.87 -18.67
CA TYR J 259 -7.40 67.67 -18.25
C TYR J 259 -6.15 68.05 -17.47
N LEU J 260 -5.98 67.44 -16.30
CA LEU J 260 -4.81 67.72 -15.47
C LEU J 260 -3.60 66.96 -15.98
N GLN J 261 -2.42 67.52 -15.73
CA GLN J 261 -1.16 66.94 -16.14
C GLN J 261 -0.17 66.97 -14.97
N PRO J 262 0.78 66.02 -14.93
CA PRO J 262 1.77 66.03 -13.84
C PRO J 262 2.75 67.19 -13.99
N ARG J 263 2.60 68.21 -13.15
CA ARG J 263 3.44 69.40 -13.19
C ARG J 263 3.84 69.79 -11.78
N THR J 264 5.04 70.36 -11.65
CA THR J 264 5.52 70.88 -10.38
C THR J 264 5.09 72.33 -10.23
N PHE J 265 4.42 72.63 -9.11
CA PHE J 265 3.87 73.96 -8.87
C PHE J 265 4.45 74.54 -7.59
N LEU J 266 4.79 75.83 -7.64
CA LEU J 266 5.26 76.57 -6.48
C LEU J 266 4.10 77.36 -5.91
N LEU J 267 3.72 77.04 -4.67
CA LEU J 267 2.54 77.63 -4.05
C LEU J 267 2.95 78.67 -3.01
N LYS J 268 2.31 79.83 -3.06
CA LYS J 268 2.58 80.91 -2.12
C LYS J 268 1.54 80.87 -1.00
N TYR J 269 2.01 81.00 0.24
CA TYR J 269 1.14 80.98 1.41
C TYR J 269 1.32 82.28 2.17
N ASN J 270 0.19 82.82 2.66
CA ASN J 270 0.18 84.06 3.42
C ASN J 270 0.13 83.75 4.91
N GLU J 271 -0.04 84.79 5.73
CA GLU J 271 -0.14 84.59 7.17
C GLU J 271 -1.46 83.96 7.57
N ASN J 272 -2.49 84.04 6.73
CA ASN J 272 -3.76 83.39 7.02
C ASN J 272 -3.69 81.89 6.77
N GLY J 273 -2.94 81.48 5.76
CA GLY J 273 -2.79 80.08 5.42
C GLY J 273 -3.44 79.64 4.11
N THR J 274 -3.78 80.57 3.22
CA THR J 274 -4.39 80.25 1.95
C THR J 274 -3.40 80.49 0.81
N ILE J 275 -3.74 79.94 -0.35
CA ILE J 275 -2.89 80.05 -1.54
C ILE J 275 -3.25 81.34 -2.27
N THR J 276 -2.23 82.14 -2.58
CA THR J 276 -2.40 83.43 -3.24
C THR J 276 -1.97 83.40 -4.70
N ASP J 277 -0.80 82.82 -4.99
CA ASP J 277 -0.31 82.73 -6.35
C ASP J 277 0.38 81.39 -6.54
N ALA J 278 0.48 80.97 -7.82
CA ALA J 278 1.14 79.73 -8.18
C ALA J 278 2.07 79.96 -9.36
N VAL J 279 3.24 79.32 -9.32
CA VAL J 279 4.25 79.45 -10.37
C VAL J 279 4.59 78.05 -10.88
N ASP J 280 4.55 77.87 -12.19
CA ASP J 280 4.89 76.60 -12.81
C ASP J 280 6.40 76.51 -13.05
N CYS J 281 6.85 75.36 -13.53
CA CYS J 281 8.25 75.15 -13.87
C CYS J 281 8.49 74.67 -15.30
N ALA J 282 7.44 74.22 -16.00
CA ALA J 282 7.58 73.71 -17.35
C ALA J 282 6.74 74.51 -18.35
N LEU J 283 6.47 75.78 -18.04
CA LEU J 283 5.69 76.66 -18.90
C LEU J 283 6.50 77.79 -19.48
N ASP J 284 7.17 78.57 -18.63
CA ASP J 284 7.97 79.71 -19.05
C ASP J 284 9.34 79.64 -18.41
N PRO J 285 10.38 80.09 -19.12
CA PRO J 285 11.71 80.20 -18.49
C PRO J 285 11.73 81.10 -17.28
N LEU J 286 10.96 82.19 -17.28
CA LEU J 286 10.87 83.05 -16.11
C LEU J 286 10.21 82.31 -14.94
N SER J 287 9.16 81.54 -15.23
CA SER J 287 8.51 80.75 -14.19
C SER J 287 9.45 79.66 -13.65
N GLU J 288 10.24 79.05 -14.54
CA GLU J 288 11.23 78.07 -14.09
C GLU J 288 12.28 78.72 -13.21
N THR J 289 12.72 79.93 -13.57
CA THR J 289 13.69 80.66 -12.75
C THR J 289 13.10 81.00 -11.39
N LYS J 290 11.83 81.40 -11.36
CA LYS J 290 11.17 81.71 -10.10
C LYS J 290 11.04 80.48 -9.21
N CYS J 291 10.65 79.34 -9.79
CA CYS J 291 10.40 78.16 -8.98
C CYS J 291 11.66 77.40 -8.61
N THR J 292 12.74 77.54 -9.37
CA THR J 292 14.01 76.93 -8.98
C THR J 292 14.70 77.69 -7.86
N LEU J 293 14.54 79.02 -7.83
CA LEU J 293 15.11 79.82 -6.76
C LEU J 293 14.25 79.84 -5.49
N LYS J 294 13.05 79.23 -5.54
CA LYS J 294 12.11 79.19 -4.43
C LYS J 294 11.77 80.59 -3.93
N SER J 295 11.62 81.53 -4.86
CA SER J 295 11.26 82.91 -4.53
C SER J 295 10.45 83.49 -5.67
N PHE J 296 9.57 84.43 -5.32
CA PHE J 296 8.73 85.11 -6.29
C PHE J 296 9.37 86.36 -6.88
N THR J 297 10.54 86.75 -6.39
CA THR J 297 11.26 87.92 -6.88
C THR J 297 12.62 87.48 -7.42
N VAL J 298 12.91 87.85 -8.66
CA VAL J 298 14.15 87.50 -9.33
C VAL J 298 14.91 88.78 -9.66
N GLU J 299 16.16 88.86 -9.23
CA GLU J 299 17.00 90.02 -9.50
C GLU J 299 17.80 89.80 -10.78
N LYS J 300 18.50 90.84 -11.21
CA LYS J 300 19.32 90.75 -12.41
C LYS J 300 20.55 89.88 -12.17
N GLY J 301 20.89 89.10 -13.17
CA GLY J 301 22.04 88.21 -13.09
C GLY J 301 21.80 86.96 -13.92
N ILE J 302 22.80 86.10 -13.90
CA ILE J 302 22.74 84.83 -14.63
C ILE J 302 22.22 83.75 -13.68
N TYR J 303 21.48 82.80 -14.24
CA TYR J 303 20.88 81.73 -13.46
C TYR J 303 20.85 80.46 -14.28
N GLN J 304 21.10 79.32 -13.62
CA GLN J 304 21.05 78.01 -14.25
C GLN J 304 19.80 77.28 -13.74
N THR J 305 18.92 76.90 -14.65
CA THR J 305 17.66 76.27 -14.29
C THR J 305 17.69 74.75 -14.49
N SER J 306 18.00 74.30 -15.71
CA SER J 306 18.00 72.89 -16.03
C SER J 306 19.12 72.60 -17.03
N ASN J 307 19.09 71.42 -17.63
CA ASN J 307 20.09 70.99 -18.60
C ASN J 307 19.42 70.63 -19.90
N PHE J 308 20.18 70.73 -20.99
CA PHE J 308 19.70 70.42 -22.34
C PHE J 308 20.30 69.10 -22.78
N ARG J 309 19.45 68.16 -23.16
CA ARG J 309 19.86 66.85 -23.64
C ARG J 309 19.26 66.59 -25.01
N VAL J 310 20.11 66.24 -25.97
CA VAL J 310 19.67 65.94 -27.33
C VAL J 310 19.47 64.43 -27.41
N GLN J 311 18.20 64.01 -27.34
CA GLN J 311 17.87 62.59 -27.39
C GLN J 311 17.89 62.09 -28.83
N PRO J 312 18.68 61.07 -29.15
CA PRO J 312 18.66 60.53 -30.52
C PRO J 312 17.35 59.85 -30.84
N THR J 313 17.00 59.87 -32.13
CA THR J 313 15.75 59.29 -32.61
C THR J 313 15.94 58.04 -33.46
N GLU J 314 17.17 57.71 -33.83
CA GLU J 314 17.45 56.54 -34.67
C GLU J 314 18.61 55.76 -34.09
N SER J 315 18.57 54.44 -34.26
CA SER J 315 19.59 53.55 -33.71
C SER J 315 20.13 52.65 -34.82
N ILE J 316 21.45 52.41 -34.77
CA ILE J 316 22.13 51.59 -35.76
C ILE J 316 23.01 50.57 -35.06
N VAL J 317 23.40 49.54 -35.80
CA VAL J 317 24.22 48.44 -35.29
C VAL J 317 25.35 48.23 -36.30
N ARG J 318 26.12 47.14 -36.15
CA ARG J 318 27.36 46.97 -36.90
C ARG J 318 27.13 46.92 -38.42
N PHE J 319 26.06 46.26 -38.84
CA PHE J 319 25.79 46.10 -40.28
C PHE J 319 26.88 45.26 -40.90
N PRO J 320 26.87 43.94 -40.65
CA PRO J 320 27.90 43.04 -41.18
C PRO J 320 27.98 43.11 -42.69
N ASN J 321 29.13 42.75 -43.25
CA ASN J 321 29.31 42.87 -44.70
C ASN J 321 29.22 41.55 -45.45
N ILE J 322 30.13 40.62 -45.17
CA ILE J 322 30.14 39.36 -45.93
C ILE J 322 30.54 38.16 -45.06
N THR J 323 30.29 36.96 -45.57
CA THR J 323 30.64 35.74 -44.84
C THR J 323 31.18 34.66 -45.77
N ASN J 324 32.06 33.81 -45.26
CA ASN J 324 32.61 32.72 -46.06
C ASN J 324 31.92 31.40 -45.75
N LEU J 325 32.57 30.29 -46.08
CA LEU J 325 32.01 28.97 -45.78
C LEU J 325 33.04 27.87 -45.83
N CYS J 326 32.73 26.71 -45.23
CA CYS J 326 33.66 25.58 -45.26
C CYS J 326 33.12 24.48 -46.15
N PRO J 327 34.02 23.68 -46.75
CA PRO J 327 33.58 22.62 -47.67
C PRO J 327 33.09 21.38 -46.93
N PHE J 328 31.99 21.51 -46.19
CA PHE J 328 31.42 20.37 -45.49
C PHE J 328 30.70 19.46 -46.47
N GLY J 329 30.49 19.95 -47.69
CA GLY J 329 29.80 19.16 -48.69
C GLY J 329 30.37 17.76 -48.84
N GLU J 330 31.69 17.63 -48.78
CA GLU J 330 32.32 16.33 -48.99
C GLU J 330 31.84 15.30 -47.98
N VAL J 331 31.23 15.74 -46.87
CA VAL J 331 30.65 14.80 -45.92
C VAL J 331 29.47 14.05 -46.55
N PHE J 332 28.68 14.74 -47.37
CA PHE J 332 27.55 14.16 -48.06
C PHE J 332 27.86 13.78 -49.50
N ASN J 333 28.54 14.65 -50.24
CA ASN J 333 28.94 14.36 -51.62
C ASN J 333 30.26 13.60 -51.58
N ALA J 334 30.15 12.29 -51.34
CA ALA J 334 31.31 11.42 -51.23
C ALA J 334 31.08 10.16 -52.03
N THR J 335 32.20 9.52 -52.43
CA THR J 335 32.10 8.28 -53.18
C THR J 335 31.49 7.16 -52.35
N ARG J 336 31.84 7.08 -51.07
CA ARG J 336 31.28 6.07 -50.19
C ARG J 336 31.23 6.63 -48.77
N PHE J 337 30.37 6.02 -47.96
CA PHE J 337 30.17 6.44 -46.58
C PHE J 337 30.76 5.39 -45.63
N ALA J 338 30.59 5.63 -44.33
CA ALA J 338 31.05 4.73 -43.30
C ALA J 338 29.89 3.93 -42.74
N SER J 339 30.19 3.06 -41.79
CA SER J 339 29.20 2.20 -41.17
C SER J 339 28.68 2.85 -39.89
N VAL J 340 27.86 2.11 -39.13
CA VAL J 340 27.33 2.64 -37.88
C VAL J 340 28.16 2.26 -36.66
N TYR J 341 28.93 1.17 -36.74
CA TYR J 341 29.83 0.85 -35.64
C TYR J 341 31.07 1.73 -35.64
N ALA J 342 31.46 2.23 -36.81
CA ALA J 342 32.58 3.16 -36.95
C ALA J 342 32.20 4.18 -38.02
N TRP J 343 31.62 5.30 -37.58
CA TRP J 343 31.15 6.34 -38.48
C TRP J 343 32.11 7.52 -38.50
N ASN J 344 32.04 8.28 -39.59
CA ASN J 344 32.87 9.48 -39.71
C ASN J 344 32.38 10.56 -38.77
N ARG J 345 33.30 11.19 -38.05
CA ARG J 345 32.99 12.27 -37.12
C ARG J 345 33.52 13.57 -37.70
N LYS J 346 32.65 14.56 -37.84
CA LYS J 346 33.00 15.84 -38.45
C LYS J 346 32.80 16.96 -37.44
N ARG J 347 33.71 17.93 -37.47
CA ARG J 347 33.67 19.08 -36.58
C ARG J 347 33.90 20.34 -37.40
N ILE J 348 33.07 21.35 -37.18
CA ILE J 348 33.15 22.62 -37.90
C ILE J 348 33.66 23.67 -36.93
N SER J 349 34.86 24.18 -37.20
CA SER J 349 35.47 25.22 -36.37
C SER J 349 36.15 26.23 -37.27
N ASN J 350 36.29 27.46 -36.75
CA ASN J 350 36.93 28.57 -37.44
C ASN J 350 36.29 28.84 -38.81
N CYS J 351 34.98 28.65 -38.90
CA CYS J 351 34.27 28.77 -40.17
C CYS J 351 32.92 29.44 -39.93
N VAL J 352 32.32 29.89 -41.02
CA VAL J 352 30.98 30.47 -41.02
C VAL J 352 30.19 29.82 -42.15
N ALA J 353 28.92 29.54 -41.90
CA ALA J 353 28.09 28.85 -42.89
C ALA J 353 26.66 29.35 -42.81
N ASP J 354 25.93 29.15 -43.90
CA ASP J 354 24.53 29.52 -44.00
C ASP J 354 23.69 28.26 -44.16
N TYR J 355 22.67 28.12 -43.32
CA TYR J 355 21.78 26.96 -43.36
C TYR J 355 20.63 27.12 -44.34
N SER J 356 20.52 28.28 -45.00
CA SER J 356 19.48 28.48 -46.00
C SER J 356 19.71 27.59 -47.22
N VAL J 357 20.97 27.44 -47.64
CA VAL J 357 21.27 26.60 -48.80
C VAL J 357 21.16 25.12 -48.46
N LEU J 358 21.14 24.76 -47.18
CA LEU J 358 20.95 23.37 -46.76
C LEU J 358 19.48 22.97 -46.73
N TYR J 359 18.57 23.89 -47.00
CA TYR J 359 17.14 23.65 -46.89
C TYR J 359 16.40 23.76 -48.22
N ASN J 360 16.89 24.58 -49.16
CA ASN J 360 16.23 24.77 -50.44
C ASN J 360 16.62 23.71 -51.48
N SER J 361 17.20 22.60 -51.05
CA SER J 361 17.55 21.53 -51.98
C SER J 361 16.31 20.84 -52.52
N ALA J 362 15.26 20.74 -51.72
CA ALA J 362 13.99 20.09 -52.09
C ALA J 362 14.20 18.64 -52.54
N SER J 363 15.11 17.94 -51.84
CA SER J 363 15.40 16.55 -52.14
C SER J 363 15.44 15.66 -50.92
N PHE J 364 15.35 16.20 -49.71
CA PHE J 364 15.40 15.40 -48.50
C PHE J 364 14.03 14.75 -48.25
N SER J 365 14.03 13.42 -48.07
CA SER J 365 12.78 12.72 -47.80
C SER J 365 12.26 13.02 -46.40
N THR J 366 13.16 13.21 -45.44
CA THR J 366 12.77 13.48 -44.06
C THR J 366 13.69 14.53 -43.46
N PHE J 367 13.17 15.22 -42.44
CA PHE J 367 13.92 16.27 -41.76
C PHE J 367 13.27 16.49 -40.40
N LYS J 368 14.02 16.21 -39.33
CA LYS J 368 13.59 16.48 -37.97
C LYS J 368 14.67 17.31 -37.29
N CYS J 369 14.25 18.32 -36.51
CA CYS J 369 15.20 19.25 -35.92
C CYS J 369 14.63 19.67 -34.56
N TYR J 370 15.10 19.02 -33.50
CA TYR J 370 14.61 19.25 -32.15
C TYR J 370 15.60 20.09 -31.36
N GLY J 371 15.09 20.71 -30.29
CA GLY J 371 15.87 21.56 -29.42
C GLY J 371 15.86 23.03 -29.79
N VAL J 372 15.47 23.36 -31.01
CA VAL J 372 15.41 24.75 -31.47
C VAL J 372 14.43 24.80 -32.63
N SER J 373 13.76 25.94 -32.80
CA SER J 373 12.87 26.12 -33.92
C SER J 373 13.66 26.15 -35.21
N PRO J 374 13.25 25.40 -36.25
CA PRO J 374 14.05 25.34 -37.48
C PRO J 374 14.16 26.66 -38.23
N THR J 375 13.24 27.60 -38.01
CA THR J 375 13.28 28.88 -38.70
C THR J 375 14.12 29.92 -38.00
N LYS J 376 14.61 29.64 -36.78
CA LYS J 376 15.36 30.61 -35.98
C LYS J 376 16.61 29.95 -35.40
N LEU J 377 17.35 29.24 -36.24
CA LEU J 377 18.60 28.62 -35.82
C LEU J 377 19.85 29.29 -36.40
N ASN J 378 19.72 29.96 -37.55
CA ASN J 378 20.88 30.61 -38.15
C ASN J 378 21.29 31.84 -37.35
N ASP J 379 20.32 32.64 -36.91
CA ASP J 379 20.64 33.84 -36.14
C ASP J 379 21.19 33.51 -34.76
N LEU J 380 20.73 32.41 -34.16
CA LEU J 380 21.25 31.97 -32.88
C LEU J 380 22.70 31.49 -33.04
N CYS J 381 23.55 31.86 -32.10
CA CYS J 381 24.98 31.56 -32.17
C CYS J 381 25.31 30.46 -31.16
N PHE J 382 26.02 29.44 -31.63
CA PHE J 382 26.42 28.32 -30.81
C PHE J 382 27.94 28.28 -30.69
N THR J 383 28.41 27.58 -29.65
CA THR J 383 29.85 27.47 -29.41
C THR J 383 30.53 26.63 -30.49
N ASN J 384 29.99 25.45 -30.78
CA ASN J 384 30.59 24.56 -31.75
C ASN J 384 29.52 23.62 -32.30
N VAL J 385 29.70 23.23 -33.56
CA VAL J 385 28.77 22.35 -34.27
C VAL J 385 29.53 21.11 -34.72
N TYR J 386 29.00 19.94 -34.37
CA TYR J 386 29.55 18.66 -34.80
C TYR J 386 28.57 17.95 -35.71
N ALA J 387 29.07 16.93 -36.41
CA ALA J 387 28.25 16.15 -37.31
C ALA J 387 28.79 14.74 -37.41
N ASP J 388 27.91 13.82 -37.81
CA ASP J 388 28.27 12.43 -38.02
C ASP J 388 27.50 11.89 -39.21
N SER J 389 28.10 10.94 -39.92
CA SER J 389 27.52 10.38 -41.14
C SER J 389 27.56 8.86 -41.09
N PHE J 390 26.42 8.23 -41.33
CA PHE J 390 26.33 6.78 -41.43
C PHE J 390 25.08 6.43 -42.23
N VAL J 391 25.02 5.18 -42.69
CA VAL J 391 23.91 4.70 -43.49
C VAL J 391 22.93 3.96 -42.59
N ILE J 392 21.69 3.84 -43.06
CA ILE J 392 20.63 3.21 -42.29
C ILE J 392 19.56 2.73 -43.26
N ARG J 393 18.74 1.77 -42.82
CA ARG J 393 17.63 1.29 -43.63
C ARG J 393 16.43 2.23 -43.49
N GLY J 394 15.44 2.01 -44.35
CA GLY J 394 14.27 2.87 -44.37
C GLY J 394 13.33 2.67 -43.19
N ASP J 395 13.40 1.51 -42.54
CA ASP J 395 12.53 1.20 -41.41
C ASP J 395 13.12 1.64 -40.07
N GLU J 396 14.34 2.16 -40.06
CA GLU J 396 15.01 2.58 -38.83
C GLU J 396 15.20 4.09 -38.74
N VAL J 397 14.65 4.85 -39.69
CA VAL J 397 14.75 6.31 -39.61
C VAL J 397 13.85 6.85 -38.50
N ARG J 398 12.77 6.13 -38.19
CA ARG J 398 11.92 6.52 -37.06
C ARG J 398 12.60 6.23 -35.73
N GLN J 399 13.63 5.39 -35.71
CA GLN J 399 14.34 5.05 -34.50
C GLN J 399 15.29 6.16 -34.04
N ILE J 400 15.60 7.12 -34.90
CA ILE J 400 16.51 8.20 -34.53
C ILE J 400 15.71 9.28 -33.82
N ALA J 401 15.57 9.14 -32.51
CA ALA J 401 14.79 10.06 -31.69
C ALA J 401 15.18 9.84 -30.23
N PRO J 402 14.95 10.83 -29.36
CA PRO J 402 15.18 10.61 -27.93
C PRO J 402 13.97 10.02 -27.23
N GLY J 403 14.18 8.94 -26.46
CA GLY J 403 13.12 8.39 -25.64
C GLY J 403 12.47 7.14 -26.18
N GLN J 404 13.26 6.20 -26.69
CA GLN J 404 12.72 4.92 -27.16
C GLN J 404 13.84 3.89 -27.10
N THR J 405 13.44 2.62 -27.20
CA THR J 405 14.36 1.49 -27.17
C THR J 405 14.18 0.65 -28.43
N GLY J 406 15.27 0.43 -29.15
CA GLY J 406 15.23 -0.36 -30.37
C GLY J 406 16.39 -1.30 -30.54
N LYS J 407 17.03 -1.28 -31.71
CA LYS J 407 18.14 -2.19 -31.99
C LYS J 407 19.38 -1.43 -32.44
N ILE J 408 19.19 -0.35 -33.20
CA ILE J 408 20.30 0.37 -33.82
C ILE J 408 20.62 1.65 -33.07
N ALA J 409 19.59 2.42 -32.67
CA ALA J 409 19.79 3.70 -32.01
C ALA J 409 20.16 3.57 -30.54
N ASP J 410 20.46 2.35 -30.07
CA ASP J 410 20.92 2.15 -28.70
C ASP J 410 22.20 1.34 -28.60
N TYR J 411 22.56 0.56 -29.62
CA TYR J 411 23.82 -0.16 -29.64
C TYR J 411 24.85 0.45 -30.60
N ASN J 412 24.50 1.52 -31.30
CA ASN J 412 25.47 2.18 -32.17
C ASN J 412 25.59 3.67 -31.88
N TYR J 413 24.48 4.35 -31.56
CA TYR J 413 24.53 5.78 -31.26
C TYR J 413 23.32 6.10 -30.38
N LYS J 414 23.56 6.22 -29.07
CA LYS J 414 22.50 6.52 -28.13
C LYS J 414 22.17 8.00 -28.15
N LEU J 415 20.88 8.32 -28.05
CA LEU J 415 20.41 9.70 -28.04
C LEU J 415 20.01 10.09 -26.63
N PRO J 416 20.68 11.07 -26.01
CA PRO J 416 20.35 11.45 -24.64
C PRO J 416 19.08 12.30 -24.59
N ASP J 417 18.63 12.57 -23.36
CA ASP J 417 17.44 13.40 -23.18
C ASP J 417 17.69 14.84 -23.60
N ASP J 418 18.84 15.40 -23.23
CA ASP J 418 19.21 16.77 -23.62
C ASP J 418 19.86 16.73 -25.00
N PHE J 419 19.03 16.46 -26.00
CA PHE J 419 19.46 16.30 -27.38
C PHE J 419 18.96 17.49 -28.20
N THR J 420 19.87 18.41 -28.51
CA THR J 420 19.57 19.55 -29.38
C THR J 420 20.08 19.32 -30.80
N GLY J 421 20.15 18.08 -31.23
CA GLY J 421 20.62 17.77 -32.57
C GLY J 421 19.59 18.10 -33.63
N CYS J 422 20.02 17.97 -34.88
CA CYS J 422 19.19 18.34 -36.04
C CYS J 422 19.49 17.33 -37.14
N VAL J 423 18.65 16.31 -37.25
CA VAL J 423 18.93 15.14 -38.09
C VAL J 423 18.38 15.37 -39.49
N ILE J 424 19.16 14.95 -40.50
CA ILE J 424 18.78 15.03 -41.90
C ILE J 424 19.04 13.68 -42.55
N ALA J 425 18.05 13.17 -43.27
CA ALA J 425 18.20 11.93 -44.03
C ALA J 425 17.46 12.05 -45.35
N TRP J 426 17.96 11.31 -46.35
CA TRP J 426 17.37 11.33 -47.68
C TRP J 426 17.74 10.04 -48.39
N ASN J 427 17.20 9.86 -49.59
CA ASN J 427 17.40 8.64 -50.38
C ASN J 427 18.42 8.90 -51.50
N SER J 428 19.46 8.08 -51.52
CA SER J 428 20.46 8.10 -52.59
C SER J 428 20.79 6.67 -53.01
N ASN J 429 19.74 5.87 -53.23
CA ASN J 429 19.89 4.43 -53.47
C ASN J 429 20.54 4.11 -54.80
N ASN J 430 20.69 5.08 -55.70
CA ASN J 430 21.27 4.82 -57.01
C ASN J 430 22.80 4.82 -56.99
N LEU J 431 23.43 5.15 -55.88
CA LEU J 431 24.88 5.24 -55.80
C LEU J 431 25.49 4.32 -54.75
N ASP J 432 24.88 4.21 -53.57
CA ASP J 432 25.43 3.41 -52.48
C ASP J 432 25.02 1.94 -52.55
N SER J 433 24.23 1.56 -53.55
CA SER J 433 23.78 0.19 -53.71
C SER J 433 23.96 -0.25 -55.16
N LYS J 434 24.10 -1.56 -55.35
CA LYS J 434 24.35 -2.11 -56.67
C LYS J 434 23.71 -3.49 -56.77
N VAL J 435 23.60 -3.98 -58.00
CA VAL J 435 23.02 -5.30 -58.22
C VAL J 435 23.97 -6.38 -57.75
N GLY J 436 23.40 -7.54 -57.42
CA GLY J 436 24.17 -8.65 -56.91
C GLY J 436 24.35 -8.69 -55.42
N GLY J 437 23.90 -7.66 -54.70
CA GLY J 437 24.02 -7.63 -53.26
C GLY J 437 25.17 -6.78 -52.77
N ASN J 438 24.85 -5.59 -52.23
CA ASN J 438 25.85 -4.68 -51.69
C ASN J 438 25.93 -4.89 -50.18
N TYR J 439 27.02 -5.50 -49.72
CA TYR J 439 27.22 -5.84 -48.32
C TYR J 439 28.46 -5.18 -47.75
N ASN J 440 28.80 -3.98 -48.24
CA ASN J 440 30.01 -3.31 -47.79
C ASN J 440 29.88 -2.78 -46.38
N TYR J 441 28.74 -2.21 -46.03
CA TYR J 441 28.52 -1.63 -44.72
C TYR J 441 28.01 -2.68 -43.74
N LEU J 442 28.37 -2.52 -42.47
CA LEU J 442 28.05 -3.46 -41.41
C LEU J 442 27.23 -2.77 -40.32
N TYR J 443 26.79 -3.57 -39.34
CA TYR J 443 26.12 -3.02 -38.16
C TYR J 443 26.29 -3.99 -37.00
N ARG J 444 26.10 -3.47 -35.79
CA ARG J 444 26.20 -4.25 -34.57
C ARG J 444 24.81 -4.61 -34.07
N LEU J 445 24.59 -5.89 -33.78
CA LEU J 445 23.31 -6.38 -33.31
C LEU J 445 23.31 -6.83 -31.85
N PHE J 446 24.44 -7.37 -31.37
CA PHE J 446 24.54 -7.89 -30.02
C PHE J 446 25.52 -7.06 -29.22
N ARG J 447 25.13 -6.68 -28.00
CA ARG J 447 25.99 -5.93 -27.11
C ARG J 447 25.73 -6.38 -25.67
N LYS J 448 26.75 -6.25 -24.83
CA LYS J 448 26.66 -6.77 -23.47
C LYS J 448 25.74 -5.93 -22.60
N SER J 449 25.89 -4.61 -22.64
CA SER J 449 25.16 -3.75 -21.71
C SER J 449 25.04 -2.34 -22.30
N ASN J 450 24.67 -1.39 -21.45
CA ASN J 450 24.44 -0.01 -21.86
C ASN J 450 25.73 0.66 -22.29
N LEU J 451 25.59 1.60 -23.23
CA LEU J 451 26.69 2.45 -23.68
C LEU J 451 26.29 3.91 -23.51
N LYS J 452 27.24 4.73 -23.10
CA LYS J 452 26.99 6.15 -22.91
C LYS J 452 26.74 6.82 -24.26
N PRO J 453 25.84 7.80 -24.32
CA PRO J 453 25.59 8.49 -25.60
C PRO J 453 26.81 9.26 -26.10
N PHE J 454 26.82 9.51 -27.41
CA PHE J 454 27.94 10.16 -28.11
C PHE J 454 29.24 9.37 -27.92
N GLU J 455 29.14 8.05 -27.97
CA GLU J 455 30.28 7.16 -27.85
C GLU J 455 30.26 6.15 -28.98
N ARG J 456 31.43 5.83 -29.52
CA ARG J 456 31.56 4.89 -30.62
C ARG J 456 32.04 3.54 -30.11
N ASP J 457 31.38 2.48 -30.55
CA ASP J 457 31.72 1.12 -30.16
C ASP J 457 32.28 0.39 -31.38
N ILE J 458 33.57 0.06 -31.33
CA ILE J 458 34.25 -0.62 -32.42
C ILE J 458 34.76 -2.01 -31.99
N SER J 459 34.17 -2.56 -30.93
CA SER J 459 34.63 -3.85 -30.43
C SER J 459 34.17 -4.98 -31.35
N THR J 460 35.12 -5.79 -31.80
CA THR J 460 34.85 -6.93 -32.67
C THR J 460 34.84 -8.25 -31.91
N GLU J 461 34.82 -8.20 -30.58
CA GLU J 461 34.81 -9.42 -29.77
C GLU J 461 33.48 -10.15 -29.93
N ILE J 462 33.56 -11.48 -29.99
CA ILE J 462 32.36 -12.29 -30.20
C ILE J 462 31.55 -12.30 -28.91
N TYR J 463 30.29 -11.86 -29.01
CA TYR J 463 29.42 -11.81 -27.85
C TYR J 463 29.06 -13.22 -27.38
N GLN J 464 29.24 -13.47 -26.09
CA GLN J 464 28.96 -14.77 -25.50
C GLN J 464 27.60 -14.73 -24.82
N ALA J 465 26.67 -15.56 -25.29
CA ALA J 465 25.35 -15.68 -24.70
C ALA J 465 25.25 -16.83 -23.71
N GLY J 466 25.94 -17.94 -23.98
CA GLY J 466 25.86 -19.10 -23.12
C GLY J 466 26.82 -19.06 -21.95
N SER J 467 27.41 -20.21 -21.61
CA SER J 467 28.24 -20.35 -20.43
C SER J 467 29.65 -20.81 -20.70
N THR J 468 29.93 -21.39 -21.87
CA THR J 468 31.33 -21.81 -21.99
C THR J 468 32.11 -20.84 -22.88
N PRO J 469 33.38 -20.60 -22.56
CA PRO J 469 34.23 -19.83 -23.48
C PRO J 469 34.38 -20.55 -24.81
N CYS J 470 34.40 -19.76 -25.89
CA CYS J 470 34.50 -20.31 -27.23
C CYS J 470 35.84 -20.11 -27.90
N ASN J 471 36.64 -19.14 -27.43
CA ASN J 471 37.97 -18.84 -27.98
C ASN J 471 37.89 -18.50 -29.48
N GLY J 472 36.80 -17.84 -29.87
CA GLY J 472 36.62 -17.45 -31.25
C GLY J 472 36.30 -18.58 -32.20
N VAL J 473 35.16 -19.24 -32.01
CA VAL J 473 34.70 -20.30 -32.89
C VAL J 473 33.22 -20.04 -33.19
N GLU J 474 32.79 -20.46 -34.38
CA GLU J 474 31.40 -20.34 -34.79
C GLU J 474 30.59 -21.56 -34.37
N GLY J 475 30.66 -21.91 -33.09
CA GLY J 475 29.98 -23.08 -32.58
C GLY J 475 28.69 -22.76 -31.85
N PHE J 476 28.48 -23.38 -30.70
CA PHE J 476 27.28 -23.17 -29.91
C PHE J 476 27.50 -22.08 -28.86
N ASN J 477 26.41 -21.38 -28.53
CA ASN J 477 26.37 -20.36 -27.48
C ASN J 477 27.32 -19.20 -27.76
N CYS J 478 27.68 -18.97 -29.03
CA CYS J 478 28.54 -17.87 -29.41
C CYS J 478 28.15 -17.40 -30.80
N TYR J 479 27.92 -16.10 -30.95
CA TYR J 479 27.53 -15.52 -32.22
C TYR J 479 28.28 -14.22 -32.44
N PHE J 480 28.68 -13.97 -33.68
CA PHE J 480 29.41 -12.75 -34.02
C PHE J 480 28.45 -11.57 -34.00
N PRO J 481 28.71 -10.53 -33.20
CA PRO J 481 27.74 -9.43 -33.08
C PRO J 481 27.55 -8.63 -34.35
N LEU J 482 28.59 -8.47 -35.16
CA LEU J 482 28.47 -7.70 -36.39
C LEU J 482 27.81 -8.53 -37.48
N GLN J 483 26.84 -7.95 -38.18
CA GLN J 483 26.09 -8.65 -39.20
C GLN J 483 25.98 -7.78 -40.45
N SER J 484 25.79 -8.43 -41.59
CA SER J 484 25.73 -7.75 -42.87
C SER J 484 24.33 -7.16 -43.12
N TYR J 485 24.23 -6.36 -44.16
CA TYR J 485 22.97 -5.76 -44.57
C TYR J 485 22.27 -6.60 -45.65
N GLY J 486 21.12 -6.10 -46.10
CA GLY J 486 20.39 -6.68 -47.20
C GLY J 486 20.01 -5.64 -48.23
N PHE J 487 20.90 -4.68 -48.48
CA PHE J 487 20.62 -3.60 -49.40
C PHE J 487 20.48 -4.12 -50.82
N GLN J 488 19.49 -3.58 -51.55
CA GLN J 488 19.22 -3.97 -52.93
C GLN J 488 18.50 -2.83 -53.62
N PRO J 489 18.92 -2.45 -54.84
CA PRO J 489 18.26 -1.34 -55.54
C PRO J 489 16.84 -1.65 -56.01
N THR J 490 16.43 -2.92 -56.01
CA THR J 490 15.10 -3.31 -56.47
C THR J 490 14.13 -3.52 -55.31
N ASN J 491 14.42 -2.98 -54.14
CA ASN J 491 13.55 -3.13 -52.98
C ASN J 491 12.41 -2.12 -53.06
N GLY J 492 11.66 -2.00 -51.96
CA GLY J 492 10.54 -1.08 -51.91
C GLY J 492 10.94 0.31 -51.45
N VAL J 493 10.34 0.77 -50.35
CA VAL J 493 10.67 2.08 -49.80
C VAL J 493 11.11 2.03 -48.34
N GLY J 494 10.73 1.01 -47.58
CA GLY J 494 11.07 0.90 -46.19
C GLY J 494 12.36 0.16 -45.88
N TYR J 495 13.09 -0.28 -46.90
CA TYR J 495 14.32 -1.04 -46.69
C TYR J 495 15.48 -0.51 -47.54
N GLN J 496 15.31 0.63 -48.21
CA GLN J 496 16.35 1.19 -49.06
C GLN J 496 17.44 1.83 -48.22
N PRO J 497 18.67 1.89 -48.74
CA PRO J 497 19.75 2.58 -48.02
C PRO J 497 19.51 4.08 -47.96
N TYR J 498 19.43 4.61 -46.75
CA TYR J 498 19.21 6.03 -46.50
C TYR J 498 20.46 6.64 -45.89
N ARG J 499 20.87 7.80 -46.41
CA ARG J 499 22.03 8.52 -45.89
C ARG J 499 21.55 9.49 -44.81
N VAL J 500 21.77 9.12 -43.55
CA VAL J 500 21.28 9.88 -42.41
C VAL J 500 22.46 10.57 -41.72
N VAL J 501 22.30 11.85 -41.40
CA VAL J 501 23.30 12.63 -40.70
C VAL J 501 22.62 13.43 -39.60
N VAL J 502 23.35 13.65 -38.51
CA VAL J 502 22.86 14.42 -37.38
C VAL J 502 23.79 15.61 -37.16
N LEU J 503 23.21 16.80 -37.06
CA LEU J 503 23.96 18.03 -36.79
C LEU J 503 23.61 18.49 -35.38
N SER J 504 24.58 18.42 -34.49
CA SER J 504 24.39 18.77 -33.09
C SER J 504 25.10 20.08 -32.77
N PHE J 505 24.59 20.77 -31.75
CA PHE J 505 25.14 22.05 -31.31
C PHE J 505 25.66 21.92 -29.88
N GLU J 506 26.66 22.73 -29.56
CA GLU J 506 27.29 22.72 -28.25
C GLU J 506 27.18 24.10 -27.61
N LEU J 507 27.00 24.10 -26.29
CA LEU J 507 26.89 25.34 -25.51
C LEU J 507 27.89 25.27 -24.35
N LEU J 508 28.97 26.03 -24.45
CA LEU J 508 29.98 26.08 -23.41
C LEU J 508 30.32 27.53 -23.06
N HIS J 509 31.34 27.72 -22.24
CA HIS J 509 31.79 29.05 -21.84
C HIS J 509 32.81 29.61 -22.82
N ALA J 510 32.48 29.59 -24.10
CA ALA J 510 33.34 30.06 -25.17
C ALA J 510 32.57 30.98 -26.10
N PRO J 511 33.24 31.93 -26.74
CA PRO J 511 32.57 32.79 -27.70
C PRO J 511 32.14 32.02 -28.95
N ALA J 512 31.20 32.61 -29.68
CA ALA J 512 30.67 31.98 -30.88
C ALA J 512 31.75 31.87 -31.95
N THR J 513 31.84 30.68 -32.55
CA THR J 513 32.82 30.39 -33.59
C THR J 513 32.17 30.17 -34.95
N VAL J 514 31.15 29.30 -35.02
CA VAL J 514 30.40 29.05 -36.24
C VAL J 514 28.97 29.50 -35.99
N CYS J 515 28.58 30.60 -36.63
CA CYS J 515 27.25 31.16 -36.44
C CYS J 515 26.88 31.98 -37.66
N GLY J 516 25.57 32.24 -37.81
CA GLY J 516 25.06 32.97 -38.94
C GLY J 516 25.37 34.46 -38.88
N PRO J 517 25.36 35.11 -40.05
CA PRO J 517 25.64 36.56 -40.08
C PRO J 517 24.40 37.41 -39.86
N LYS J 518 24.56 38.73 -39.95
CA LYS J 518 23.48 39.67 -39.74
C LYS J 518 23.40 40.62 -40.94
N LYS J 519 22.19 41.07 -41.25
CA LYS J 519 21.97 41.93 -42.41
C LYS J 519 22.56 43.32 -42.18
N SER J 520 22.54 44.12 -43.25
CA SER J 520 23.18 45.44 -43.24
C SER J 520 22.24 46.45 -43.88
N THR J 521 21.79 47.43 -43.10
CA THR J 521 21.00 48.54 -43.61
C THR J 521 21.91 49.72 -43.93
N ASN J 522 21.32 50.90 -44.12
CA ASN J 522 22.06 52.08 -44.57
C ASN J 522 22.94 52.65 -43.44
N LEU J 523 23.59 53.77 -43.74
CA LEU J 523 24.49 54.45 -42.83
C LEU J 523 24.19 55.94 -42.83
N VAL J 524 24.25 56.56 -41.65
CA VAL J 524 23.98 57.99 -41.50
C VAL J 524 25.16 58.63 -40.78
N LYS J 525 25.39 59.91 -41.06
CA LYS J 525 26.51 60.64 -40.50
C LYS J 525 26.08 62.07 -40.16
N ASN J 526 26.88 62.71 -39.30
CA ASN J 526 26.75 64.12 -38.93
C ASN J 526 25.45 64.45 -38.21
N LYS J 527 24.77 63.44 -37.64
CA LYS J 527 23.63 63.65 -36.78
C LYS J 527 23.79 62.83 -35.50
N CYS J 528 23.18 63.30 -34.42
CA CYS J 528 23.24 62.63 -33.14
C CYS J 528 22.40 61.36 -33.20
N VAL J 529 23.06 60.21 -33.38
CA VAL J 529 22.41 58.92 -33.47
C VAL J 529 23.10 57.94 -32.52
N ASN J 530 22.41 56.84 -32.23
CA ASN J 530 22.92 55.81 -31.36
C ASN J 530 23.43 54.64 -32.19
N PHE J 531 24.64 54.16 -31.86
CA PHE J 531 25.27 53.09 -32.61
C PHE J 531 25.73 51.99 -31.66
N ASN J 532 25.74 50.76 -32.18
CA ASN J 532 26.16 49.57 -31.42
C ASN J 532 27.17 48.82 -32.28
N PHE J 533 28.43 49.23 -32.21
CA PHE J 533 29.50 48.56 -32.95
C PHE J 533 30.24 47.56 -32.08
N ASN J 534 29.46 46.57 -31.61
CA ASN J 534 29.93 45.33 -30.98
C ASN J 534 30.60 45.54 -29.61
N GLY J 535 30.82 46.78 -29.19
CA GLY J 535 31.50 46.99 -27.93
C GLY J 535 30.96 48.10 -27.05
N LEU J 536 30.00 48.88 -27.56
CA LEU J 536 29.53 50.04 -26.81
C LEU J 536 28.18 50.48 -27.34
N THR J 537 27.37 51.05 -26.46
CA THR J 537 26.11 51.70 -26.83
C THR J 537 26.36 53.21 -26.78
N GLY J 538 26.96 53.72 -27.86
CA GLY J 538 27.36 55.12 -27.93
C GLY J 538 26.37 55.95 -28.72
N THR J 539 26.04 57.12 -28.18
CA THR J 539 25.15 58.07 -28.83
C THR J 539 25.94 59.32 -29.19
N GLY J 540 25.91 59.70 -30.46
CA GLY J 540 26.62 60.87 -30.90
C GLY J 540 26.71 60.93 -32.40
N VAL J 541 27.40 61.97 -32.87
CA VAL J 541 27.57 62.16 -34.32
C VAL J 541 28.73 61.29 -34.81
N LEU J 542 28.78 61.11 -36.13
CA LEU J 542 29.82 60.32 -36.79
C LEU J 542 30.43 61.18 -37.89
N THR J 543 31.45 61.96 -37.54
CA THR J 543 32.13 62.81 -38.50
C THR J 543 33.18 62.02 -39.27
N GLU J 544 33.66 62.63 -40.36
CA GLU J 544 34.68 62.02 -41.21
C GLU J 544 36.06 62.42 -40.69
N SER J 545 36.80 61.45 -40.17
CA SER J 545 38.13 61.70 -39.62
C SER J 545 39.18 61.69 -40.72
N ASN J 546 40.38 62.14 -40.36
CA ASN J 546 41.51 62.21 -41.29
C ASN J 546 42.70 61.38 -40.83
N LYS J 547 42.53 60.50 -39.86
CA LYS J 547 43.60 59.66 -39.33
C LYS J 547 43.38 58.21 -39.77
N LYS J 548 44.44 57.61 -40.30
CA LYS J 548 44.36 56.25 -40.80
C LYS J 548 44.58 55.25 -39.66
N PHE J 549 43.84 54.14 -39.70
CA PHE J 549 43.93 53.09 -38.70
C PHE J 549 44.71 51.91 -39.26
N LEU J 550 45.51 51.28 -38.39
CA LEU J 550 46.23 50.08 -38.79
C LEU J 550 45.23 48.95 -39.06
N PRO J 551 45.51 48.07 -40.06
CA PRO J 551 44.54 47.07 -40.50
C PRO J 551 44.41 45.84 -39.58
N PHE J 552 44.44 46.08 -38.28
CA PHE J 552 44.10 45.03 -37.33
C PHE J 552 43.25 45.54 -36.16
N GLN J 553 42.83 46.80 -36.16
CA GLN J 553 42.12 47.39 -35.03
C GLN J 553 40.69 47.74 -35.43
N GLN J 554 39.81 47.73 -34.44
CA GLN J 554 38.40 48.07 -34.64
C GLN J 554 37.93 49.24 -33.80
N PHE J 555 38.47 49.42 -32.60
CA PHE J 555 38.07 50.49 -31.70
C PHE J 555 39.11 51.61 -31.72
N GLY J 556 38.93 52.58 -30.82
CA GLY J 556 39.86 53.68 -30.72
C GLY J 556 39.74 54.35 -29.37
N ARG J 557 40.85 54.95 -28.92
CA ARG J 557 40.93 55.52 -27.59
C ARG J 557 41.77 56.79 -27.65
N ASP J 558 41.47 57.73 -26.75
CA ASP J 558 42.04 59.07 -26.79
C ASP J 558 42.90 59.31 -25.55
N ILE J 559 43.32 60.57 -25.37
CA ILE J 559 44.15 60.93 -24.23
C ILE J 559 43.38 60.73 -22.92
N ALA J 560 42.10 61.12 -22.90
CA ALA J 560 41.29 61.07 -21.70
C ALA J 560 40.56 59.74 -21.53
N ASP J 561 40.94 58.70 -22.30
CA ASP J 561 40.37 57.36 -22.19
C ASP J 561 38.86 57.36 -22.41
N THR J 562 38.46 57.77 -23.61
CA THR J 562 37.06 57.73 -24.03
C THR J 562 37.02 57.22 -25.45
N THR J 563 36.14 56.24 -25.71
CA THR J 563 35.98 55.69 -27.05
C THR J 563 35.37 56.74 -27.97
N ASP J 564 36.20 57.31 -28.84
CA ASP J 564 35.79 58.43 -29.68
C ASP J 564 36.13 58.24 -31.15
N ALA J 565 36.59 57.04 -31.55
CA ALA J 565 36.95 56.79 -32.95
C ALA J 565 36.78 55.29 -33.20
N VAL J 566 35.68 54.92 -33.85
CA VAL J 566 35.38 53.53 -34.16
C VAL J 566 35.36 53.36 -35.68
N ARG J 567 35.98 52.29 -36.15
CA ARG J 567 36.02 52.02 -37.59
C ARG J 567 34.73 51.35 -38.02
N ASP J 568 33.98 52.02 -38.90
CA ASP J 568 32.80 51.42 -39.50
C ASP J 568 33.25 50.40 -40.54
N PRO J 569 32.82 49.14 -40.45
CA PRO J 569 33.38 48.12 -41.34
C PRO J 569 32.85 48.17 -42.77
N GLN J 570 31.95 49.10 -43.09
CA GLN J 570 31.24 49.11 -44.37
C GLN J 570 32.19 49.10 -45.56
N THR J 571 33.14 50.02 -45.57
CA THR J 571 34.18 50.03 -46.59
C THR J 571 35.53 50.38 -45.97
N LEU J 572 35.70 50.04 -44.69
CA LEU J 572 36.89 50.37 -43.88
C LEU J 572 37.09 51.88 -43.84
N GLU J 573 36.10 52.56 -43.27
CA GLU J 573 36.15 54.00 -43.05
C GLU J 573 36.22 54.29 -41.56
N ILE J 574 36.88 55.39 -41.22
CA ILE J 574 37.11 55.76 -39.82
C ILE J 574 36.18 56.92 -39.49
N LEU J 575 35.34 56.74 -38.48
CA LEU J 575 34.37 57.74 -38.06
C LEU J 575 34.62 58.11 -36.60
N ASP J 576 34.63 59.40 -36.31
CA ASP J 576 34.82 59.87 -34.95
C ASP J 576 33.49 59.87 -34.19
N ILE J 577 33.61 59.94 -32.87
CA ILE J 577 32.44 59.98 -31.98
C ILE J 577 32.50 61.26 -31.16
N THR J 578 31.42 62.03 -31.20
CA THR J 578 31.30 63.25 -30.42
C THR J 578 29.86 63.31 -29.89
N PRO J 579 29.68 63.43 -28.58
CA PRO J 579 28.32 63.50 -28.03
C PRO J 579 27.57 64.74 -28.51
N CYS J 580 26.27 64.60 -28.71
CA CYS J 580 25.45 65.68 -29.22
C CYS J 580 24.96 66.61 -28.11
N SER J 581 24.87 66.13 -26.87
CA SER J 581 24.37 66.93 -25.76
C SER J 581 25.55 67.48 -24.98
N PHE J 582 25.70 68.81 -24.99
CA PHE J 582 26.77 69.50 -24.28
C PHE J 582 26.17 70.54 -23.35
N GLY J 583 26.63 70.53 -22.10
CA GLY J 583 26.26 71.56 -21.14
C GLY J 583 24.78 71.57 -20.77
N GLY J 584 24.32 72.75 -20.36
CA GLY J 584 22.94 72.94 -19.96
C GLY J 584 22.35 74.23 -20.48
N VAL J 585 21.27 74.69 -19.86
CA VAL J 585 20.61 75.93 -20.26
C VAL J 585 20.80 76.98 -19.19
N SER J 586 20.55 78.23 -19.55
CA SER J 586 20.65 79.35 -18.64
C SER J 586 19.70 80.44 -19.10
N VAL J 587 19.39 81.36 -18.17
CA VAL J 587 18.44 82.44 -18.42
C VAL J 587 19.06 83.77 -18.03
N ILE J 588 18.55 84.82 -18.65
CA ILE J 588 18.92 86.21 -18.34
C ILE J 588 17.65 86.95 -17.96
N THR J 589 17.63 87.53 -16.76
CA THR J 589 16.48 88.26 -16.28
C THR J 589 16.86 89.72 -16.00
N PRO J 590 16.12 90.68 -16.55
CA PRO J 590 16.41 92.09 -16.24
C PRO J 590 16.25 92.42 -14.76
N GLY J 591 15.33 91.77 -14.07
CA GLY J 591 15.09 91.98 -12.65
C GLY J 591 13.63 92.21 -12.38
N THR J 592 13.34 92.62 -11.15
CA THR J 592 11.97 92.90 -10.73
C THR J 592 11.63 94.37 -10.96
N ASN J 593 10.34 94.62 -11.23
CA ASN J 593 9.79 95.95 -11.49
C ASN J 593 10.46 96.65 -12.67
N THR J 594 11.06 95.90 -13.57
CA THR J 594 11.74 96.46 -14.73
C THR J 594 11.23 95.87 -16.05
N SER J 595 10.99 94.57 -16.10
CA SER J 595 10.56 93.92 -17.33
C SER J 595 9.87 92.61 -16.97
N ASN J 596 9.44 91.88 -18.00
CA ASN J 596 8.81 90.58 -17.83
C ASN J 596 9.37 89.49 -18.74
N GLN J 597 10.01 89.85 -19.84
CA GLN J 597 10.58 88.86 -20.74
C GLN J 597 11.96 88.42 -20.27
N VAL J 598 12.38 87.25 -20.76
CA VAL J 598 13.68 86.68 -20.41
C VAL J 598 14.37 86.21 -21.69
N ALA J 599 15.68 85.99 -21.58
CA ALA J 599 16.50 85.50 -22.68
C ALA J 599 17.10 84.17 -22.27
N VAL J 600 16.95 83.16 -23.14
CA VAL J 600 17.43 81.81 -22.87
C VAL J 600 18.83 81.66 -23.44
N LEU J 601 19.77 81.19 -22.62
CA LEU J 601 21.16 81.03 -23.01
C LEU J 601 21.55 79.56 -22.88
N TYR J 602 22.24 79.04 -23.89
CA TYR J 602 22.83 77.71 -23.84
C TYR J 602 24.33 77.82 -23.62
N GLN J 603 24.86 76.94 -22.77
CA GLN J 603 26.24 77.08 -22.33
C GLN J 603 27.23 76.86 -23.48
N ASP J 604 27.08 75.74 -24.20
CA ASP J 604 27.96 75.48 -25.33
C ASP J 604 27.24 74.84 -26.52
N VAL J 605 25.91 74.82 -26.52
CA VAL J 605 25.17 74.24 -27.63
C VAL J 605 25.23 75.18 -28.83
N ASN J 606 25.57 74.64 -29.99
CA ASN J 606 25.66 75.43 -31.22
C ASN J 606 24.34 75.32 -31.98
N CYS J 607 23.84 76.46 -32.43
CA CYS J 607 22.59 76.51 -33.20
C CYS J 607 22.78 75.94 -34.60
N ASN J 631 16.80 88.36 -32.37
CA ASN J 631 16.15 87.05 -32.19
C ASN J 631 17.15 86.01 -31.71
N VAL J 632 17.88 85.42 -32.64
CA VAL J 632 18.87 84.39 -32.33
C VAL J 632 20.24 84.94 -32.69
N PHE J 633 21.15 84.95 -31.72
CA PHE J 633 22.51 85.44 -31.89
C PHE J 633 23.49 84.35 -31.50
N GLN J 634 24.42 84.02 -32.40
CA GLN J 634 25.42 82.99 -32.15
C GLN J 634 26.61 83.65 -31.46
N THR J 635 26.61 83.62 -30.14
CA THR J 635 27.70 84.17 -29.36
C THR J 635 28.82 83.15 -29.19
N ARG J 636 29.95 83.63 -28.66
CA ARG J 636 31.08 82.74 -28.41
C ARG J 636 30.78 81.76 -27.28
N ALA J 637 29.89 82.13 -26.36
CA ALA J 637 29.54 81.30 -25.21
C ALA J 637 28.27 80.50 -25.46
N GLY J 638 28.04 80.04 -26.69
CA GLY J 638 26.90 79.20 -26.99
C GLY J 638 25.86 79.87 -27.86
N CYS J 639 24.59 79.59 -27.58
CA CYS J 639 23.47 80.21 -28.29
C CYS J 639 22.68 81.08 -27.32
N LEU J 640 22.44 82.33 -27.72
CA LEU J 640 21.60 83.25 -26.97
C LEU J 640 20.39 83.61 -27.82
N ILE J 641 19.20 83.36 -27.29
CA ILE J 641 17.96 83.64 -28.00
C ILE J 641 17.12 84.59 -27.16
N GLY J 642 16.27 85.36 -27.84
CA GLY J 642 15.45 86.36 -27.19
C GLY J 642 16.14 87.67 -26.90
N ALA J 643 17.41 87.81 -27.29
CA ALA J 643 18.16 89.04 -27.07
C ALA J 643 18.87 89.42 -28.36
N GLU J 644 18.56 90.59 -28.89
CA GLU J 644 19.19 91.06 -30.11
C GLU J 644 20.63 91.51 -29.85
N HIS J 645 21.43 91.48 -30.91
CA HIS J 645 22.83 91.88 -30.84
C HIS J 645 23.01 93.25 -31.47
N VAL J 646 23.72 94.13 -30.78
CA VAL J 646 23.97 95.49 -31.25
C VAL J 646 25.48 95.72 -31.24
N ASN J 647 25.97 96.46 -32.24
CA ASN J 647 27.41 96.61 -32.42
C ASN J 647 28.03 97.59 -31.42
N ASN J 648 27.26 98.55 -30.92
CA ASN J 648 27.83 99.52 -29.98
C ASN J 648 28.08 98.87 -28.63
N SER J 649 28.97 99.50 -27.86
CA SER J 649 29.43 98.94 -26.60
C SER J 649 29.12 99.90 -25.46
N TYR J 650 28.60 99.36 -24.36
CA TYR J 650 28.32 100.10 -23.14
C TYR J 650 28.85 99.30 -21.95
N GLU J 651 28.71 99.87 -20.75
CA GLU J 651 29.05 99.16 -19.54
C GLU J 651 27.96 98.15 -19.22
N CYS J 652 28.34 96.91 -18.99
CA CYS J 652 27.39 95.82 -18.78
C CYS J 652 27.25 95.50 -17.30
N ASP J 653 26.12 94.87 -16.98
CA ASP J 653 25.78 94.53 -15.60
C ASP J 653 25.53 93.05 -15.39
N ILE J 654 24.92 92.36 -16.36
CA ILE J 654 24.61 90.94 -16.24
C ILE J 654 25.67 90.16 -17.02
N PRO J 655 26.55 89.44 -16.34
CA PRO J 655 27.60 88.70 -17.07
C PRO J 655 27.06 87.46 -17.75
N ILE J 656 27.62 87.16 -18.92
CA ILE J 656 27.31 85.94 -19.67
C ILE J 656 28.57 85.12 -19.93
N GLY J 657 29.62 85.76 -20.43
CA GLY J 657 30.88 85.09 -20.65
C GLY J 657 31.47 85.44 -22.00
N ALA J 658 32.79 85.26 -22.12
CA ALA J 658 33.53 85.42 -23.37
C ALA J 658 33.38 86.81 -23.97
N GLY J 659 33.38 87.83 -23.11
CA GLY J 659 33.38 89.21 -23.58
C GLY J 659 32.05 89.78 -23.98
N ILE J 660 30.94 89.10 -23.71
CA ILE J 660 29.62 89.58 -24.08
C ILE J 660 28.72 89.54 -22.85
N CYS J 661 28.02 90.64 -22.60
CA CYS J 661 27.03 90.76 -21.54
C CYS J 661 25.63 90.95 -22.13
N ALA J 662 24.65 91.07 -21.24
CA ALA J 662 23.26 91.33 -21.61
C ALA J 662 22.70 92.44 -20.74
N SER J 663 21.85 93.29 -21.32
CA SER J 663 21.25 94.40 -20.60
C SER J 663 19.92 94.75 -21.24
N TYR J 664 19.08 95.45 -20.47
CA TYR J 664 17.78 95.91 -20.94
C TYR J 664 17.88 97.40 -21.26
N GLN J 665 17.95 97.72 -22.54
CA GLN J 665 18.08 99.10 -23.02
C GLN J 665 17.08 99.34 -24.14
N THR J 666 17.09 100.55 -24.68
CA THR J 666 16.19 100.91 -25.76
C THR J 666 16.74 100.45 -27.11
N SER J 679 10.08 100.05 -28.56
CA SER J 679 10.26 100.30 -27.13
C SER J 679 11.64 99.85 -26.66
N GLN J 680 11.68 99.15 -25.54
CA GLN J 680 12.93 98.66 -24.96
C GLN J 680 12.87 97.14 -24.85
N SER J 681 13.99 96.49 -25.17
CA SER J 681 14.09 95.04 -25.14
C SER J 681 15.46 94.65 -24.61
N ILE J 682 15.67 93.35 -24.44
CA ILE J 682 16.94 92.83 -23.95
C ILE J 682 17.93 92.79 -25.11
N ILE J 683 19.10 93.39 -24.90
CA ILE J 683 20.14 93.47 -25.93
C ILE J 683 21.40 92.81 -25.41
N ALA J 684 22.25 92.39 -26.34
CA ALA J 684 23.53 91.76 -26.05
C ALA J 684 24.64 92.50 -26.78
N TYR J 685 25.76 92.71 -26.09
CA TYR J 685 26.85 93.50 -26.66
C TYR J 685 28.15 93.14 -25.94
N THR J 686 29.26 93.46 -26.60
CA THR J 686 30.57 93.44 -25.96
C THR J 686 30.65 94.60 -24.97
N MET J 687 31.13 94.31 -23.75
CA MET J 687 31.18 95.35 -22.73
C MET J 687 32.26 96.38 -23.04
N SER J 688 32.14 97.52 -22.37
CA SER J 688 33.14 98.59 -22.46
C SER J 688 34.05 98.54 -21.24
N LEU J 689 35.35 98.66 -21.48
CA LEU J 689 36.33 98.59 -20.41
C LEU J 689 36.47 99.90 -19.65
N GLY J 690 35.82 100.95 -20.11
CA GLY J 690 35.92 102.25 -19.50
C GLY J 690 35.84 103.33 -20.56
N ALA J 691 36.08 104.56 -20.13
CA ALA J 691 36.10 105.69 -21.05
C ALA J 691 37.43 105.71 -21.80
N GLU J 692 37.37 105.57 -23.12
CA GLU J 692 38.58 105.59 -23.95
C GLU J 692 39.07 107.03 -24.04
N ASN J 693 40.08 107.35 -23.24
CA ASN J 693 40.64 108.69 -23.19
C ASN J 693 42.16 108.61 -23.31
N SER J 694 42.75 109.63 -23.94
CA SER J 694 44.18 109.72 -24.13
C SER J 694 44.74 110.87 -23.31
N VAL J 695 45.75 110.58 -22.49
CA VAL J 695 46.40 111.60 -21.67
C VAL J 695 47.53 112.21 -22.49
N ALA J 696 47.50 113.53 -22.65
CA ALA J 696 48.54 114.22 -23.39
C ALA J 696 49.86 114.15 -22.65
N TYR J 697 50.91 113.77 -23.35
CA TYR J 697 52.23 113.56 -22.76
C TYR J 697 53.26 114.42 -23.47
N SER J 698 54.14 115.04 -22.68
CA SER J 698 55.25 115.82 -23.22
C SER J 698 56.38 115.81 -22.20
N ASN J 699 57.58 116.11 -22.68
CA ASN J 699 58.76 116.09 -21.80
C ASN J 699 58.89 117.34 -20.95
N ASN J 700 58.07 118.37 -21.19
CA ASN J 700 58.12 119.61 -20.41
C ASN J 700 56.71 120.10 -20.09
N SER J 701 55.82 119.18 -19.78
CA SER J 701 54.45 119.50 -19.42
C SER J 701 54.06 118.77 -18.14
N ILE J 702 53.51 119.51 -17.17
CA ILE J 702 53.09 118.95 -15.90
C ILE J 702 51.70 119.48 -15.57
N ALA J 703 50.93 118.67 -14.83
CA ALA J 703 49.62 119.06 -14.34
C ALA J 703 49.66 119.10 -12.83
N ILE J 704 49.45 120.30 -12.27
CA ILE J 704 49.45 120.51 -10.82
C ILE J 704 48.02 120.82 -10.40
N PRO J 705 47.41 120.01 -9.53
CA PRO J 705 46.04 120.30 -9.09
C PRO J 705 45.96 121.56 -8.26
N THR J 706 44.82 122.25 -8.39
CA THR J 706 44.55 123.47 -7.65
C THR J 706 43.36 123.37 -6.71
N ASN J 707 42.63 122.26 -6.71
CA ASN J 707 41.49 122.09 -5.85
C ASN J 707 41.35 120.61 -5.52
N PHE J 708 40.55 120.32 -4.49
CA PHE J 708 40.37 118.95 -4.03
C PHE J 708 38.97 118.78 -3.47
N THR J 709 38.52 117.53 -3.42
CA THR J 709 37.24 117.16 -2.84
C THR J 709 37.46 116.11 -1.77
N ILE J 710 36.78 116.28 -0.63
CA ILE J 710 36.90 115.34 0.48
C ILE J 710 35.80 114.30 0.29
N SER J 711 36.21 113.10 -0.14
CA SER J 711 35.29 112.02 -0.44
C SER J 711 35.36 110.95 0.64
N VAL J 712 34.24 110.26 0.84
CA VAL J 712 34.13 109.20 1.83
C VAL J 712 33.75 107.91 1.11
N THR J 713 34.55 106.86 1.30
CA THR J 713 34.31 105.56 0.69
C THR J 713 34.09 104.53 1.79
N THR J 714 33.03 103.74 1.65
CA THR J 714 32.63 102.75 2.64
C THR J 714 32.84 101.34 2.07
N GLU J 715 33.55 100.51 2.82
CA GLU J 715 33.80 99.12 2.45
C GLU J 715 33.15 98.19 3.47
N ILE J 716 32.67 97.05 2.98
CA ILE J 716 31.97 96.06 3.80
C ILE J 716 32.89 94.87 4.02
N LEU J 717 33.09 94.49 5.29
CA LEU J 717 33.98 93.39 5.61
C LEU J 717 33.41 92.54 6.75
N PRO J 718 33.02 91.29 6.49
CA PRO J 718 32.55 90.42 7.57
C PRO J 718 33.71 89.90 8.42
N VAL J 719 33.43 89.75 9.72
CA VAL J 719 34.47 89.32 10.66
C VAL J 719 34.04 88.08 11.45
N SER J 720 32.73 87.90 11.64
CA SER J 720 32.24 86.84 12.50
C SER J 720 30.91 86.32 11.93
N MET J 721 30.38 85.27 12.56
CA MET J 721 29.17 84.63 12.10
C MET J 721 28.58 83.82 13.25
N THR J 722 27.31 83.46 13.12
CA THR J 722 26.62 82.67 14.13
C THR J 722 27.30 81.31 14.33
N LYS J 723 27.28 80.83 15.57
CA LYS J 723 27.93 79.59 15.96
C LYS J 723 26.87 78.52 16.22
N THR J 724 27.03 77.36 15.61
CA THR J 724 26.07 76.27 15.70
C THR J 724 26.74 75.03 16.29
N SER J 725 25.94 74.20 16.97
CA SER J 725 26.41 72.95 17.57
C SER J 725 25.48 71.82 17.14
N VAL J 726 26.06 70.74 16.64
CA VAL J 726 25.32 69.60 16.10
C VAL J 726 25.87 68.32 16.71
N ASP J 727 24.98 67.45 17.19
CA ASP J 727 25.36 66.17 17.77
C ASP J 727 24.63 65.03 17.06
N CYS J 728 25.27 63.86 17.02
CA CYS J 728 24.73 62.73 16.29
C CYS J 728 23.56 62.06 17.00
N THR J 729 23.59 62.00 18.33
CA THR J 729 22.56 61.28 19.09
C THR J 729 21.18 61.91 18.88
N MET J 730 21.15 63.20 18.59
CA MET J 730 19.95 64.01 18.49
C MET J 730 19.64 64.55 17.10
N TYR J 731 20.56 64.45 16.14
CA TYR J 731 20.28 64.65 14.72
C TYR J 731 20.09 63.34 13.98
N ILE J 732 21.08 62.44 14.04
CA ILE J 732 21.01 61.20 13.29
C ILE J 732 19.97 60.26 13.90
N CYS J 733 19.88 60.22 15.22
CA CYS J 733 18.91 59.39 15.90
C CYS J 733 17.73 60.23 16.38
N GLY J 734 16.65 59.53 16.73
CA GLY J 734 15.48 60.16 17.30
C GLY J 734 15.37 59.87 18.79
N ASP J 735 14.52 58.91 19.14
CA ASP J 735 14.32 58.48 20.52
C ASP J 735 14.42 56.96 20.64
N SER J 736 15.37 56.37 19.90
CA SER J 736 15.58 54.93 19.90
C SER J 736 16.99 54.61 20.39
N THR J 737 17.13 53.47 21.05
CA THR J 737 18.41 53.04 21.58
C THR J 737 19.24 52.23 20.59
N GLU J 738 18.60 51.56 19.62
CA GLU J 738 19.34 50.78 18.63
C GLU J 738 20.17 51.68 17.72
N CYS J 739 19.66 52.87 17.41
CA CYS J 739 20.41 53.83 16.62
C CYS J 739 21.68 54.27 17.34
N SER J 740 21.60 54.49 18.66
CA SER J 740 22.79 54.79 19.43
C SER J 740 23.73 53.60 19.50
N ASN J 741 23.17 52.38 19.64
CA ASN J 741 23.99 51.18 19.66
C ASN J 741 24.78 51.02 18.36
N LEU J 742 24.19 51.41 17.23
CA LEU J 742 24.94 51.39 15.98
C LEU J 742 25.84 52.62 15.81
N LEU J 743 25.58 53.72 16.51
CA LEU J 743 26.55 54.81 16.53
C LEU J 743 27.71 54.57 17.48
N LEU J 744 27.68 53.51 18.28
CA LEU J 744 28.89 53.10 18.98
C LEU J 744 30.05 52.82 18.02
N GLN J 745 29.75 52.43 16.78
CA GLN J 745 30.80 52.18 15.80
C GLN J 745 31.30 53.44 15.11
N TYR J 746 30.56 54.55 15.19
CA TYR J 746 30.95 55.81 14.57
C TYR J 746 31.08 56.94 15.57
N GLY J 747 31.19 56.59 16.86
CA GLY J 747 31.45 57.59 17.88
C GLY J 747 32.74 58.36 17.66
N SER J 748 33.74 57.73 17.01
CA SER J 748 34.96 58.47 16.68
C SER J 748 34.69 59.57 15.65
N PHE J 749 33.90 59.25 14.63
CA PHE J 749 33.50 60.28 13.67
C PHE J 749 32.70 61.38 14.35
N CYS J 750 31.79 60.99 15.24
CA CYS J 750 30.99 61.99 15.96
C CYS J 750 31.86 62.88 16.84
N THR J 751 32.86 62.30 17.50
CA THR J 751 33.77 63.06 18.34
C THR J 751 34.59 64.04 17.52
N GLN J 752 35.11 63.60 16.36
CA GLN J 752 35.90 64.52 15.56
C GLN J 752 35.05 65.62 14.94
N LEU J 753 33.80 65.33 14.57
CA LEU J 753 32.92 66.37 14.07
C LEU J 753 32.53 67.36 15.16
N ASN J 754 32.29 66.87 16.38
CA ASN J 754 32.00 67.76 17.50
C ASN J 754 33.20 68.63 17.83
N ARG J 755 34.41 68.07 17.74
CA ARG J 755 35.62 68.87 17.94
C ARG J 755 35.77 69.93 16.86
N ALA J 756 35.43 69.58 15.61
CA ALA J 756 35.49 70.56 14.53
C ALA J 756 34.50 71.70 14.76
N LEU J 757 33.28 71.38 15.19
CA LEU J 757 32.29 72.41 15.49
C LEU J 757 32.72 73.29 16.66
N THR J 758 33.32 72.68 17.69
CA THR J 758 33.82 73.45 18.82
C THR J 758 34.95 74.38 18.39
N GLY J 759 35.83 73.91 17.51
CA GLY J 759 36.87 74.77 16.98
C GLY J 759 36.32 75.91 16.14
N ILE J 760 35.26 75.64 15.36
CA ILE J 760 34.59 76.69 14.61
C ILE J 760 34.02 77.74 15.55
N ALA J 761 33.36 77.29 16.62
CA ALA J 761 32.79 78.22 17.59
C ALA J 761 33.87 79.06 18.27
N VAL J 762 34.98 78.43 18.67
CA VAL J 762 36.02 79.19 19.38
C VAL J 762 36.74 80.15 18.44
N GLU J 763 36.91 79.79 17.15
CA GLU J 763 37.54 80.74 16.25
C GLU J 763 36.59 81.88 15.87
N GLN J 764 35.29 81.62 15.80
CA GLN J 764 34.33 82.70 15.62
C GLN J 764 34.33 83.64 16.81
N ASP J 765 34.48 83.09 18.02
CA ASP J 765 34.62 83.93 19.21
C ASP J 765 35.90 84.75 19.16
N LYS J 766 37.01 84.13 18.76
CA LYS J 766 38.29 84.83 18.74
C LYS J 766 38.40 85.86 17.62
N ASN J 767 37.59 85.72 16.56
CA ASN J 767 37.65 86.68 15.46
C ASN J 767 37.21 88.06 15.89
N THR J 768 36.19 88.15 16.75
CA THR J 768 35.68 89.44 17.20
C THR J 768 36.70 90.15 18.09
N GLN J 769 37.44 89.40 18.90
CA GLN J 769 38.40 90.00 19.82
C GLN J 769 39.59 90.59 19.08
N GLU J 770 39.95 90.03 17.92
CA GLU J 770 41.10 90.51 17.17
C GLU J 770 40.80 91.75 16.33
N VAL J 771 39.54 92.15 16.23
CA VAL J 771 39.13 93.28 15.39
C VAL J 771 38.68 94.48 16.22
N PHE J 772 37.68 94.28 17.07
CA PHE J 772 37.10 95.40 17.81
C PHE J 772 37.88 95.70 19.09
N ALA J 773 38.44 94.69 19.74
CA ALA J 773 39.14 94.87 21.01
C ALA J 773 40.61 95.23 20.78
N GLN J 774 40.85 96.29 20.00
CA GLN J 774 42.23 96.75 19.78
C GLN J 774 42.77 97.52 20.98
N VAL J 775 41.92 98.26 21.67
CA VAL J 775 42.32 99.04 22.83
C VAL J 775 41.70 98.45 24.08
N LYS J 776 42.40 98.57 25.20
CA LYS J 776 41.94 98.06 26.48
C LYS J 776 41.38 99.15 27.39
N GLN J 777 41.21 100.37 26.87
CA GLN J 777 40.65 101.47 27.64
C GLN J 777 39.47 102.06 26.87
N ILE J 778 38.34 102.21 27.55
CA ILE J 778 37.15 102.79 26.95
C ILE J 778 37.26 104.30 27.03
N TYR J 779 37.22 104.97 25.89
CA TYR J 779 37.37 106.42 25.82
C TYR J 779 35.99 107.05 25.66
N LYS J 780 35.68 108.00 26.55
CA LYS J 780 34.38 108.67 26.55
C LYS J 780 34.42 109.87 25.63
N THR J 781 33.31 110.08 24.92
CA THR J 781 33.20 111.24 24.05
C THR J 781 33.07 112.51 24.89
N PRO J 782 33.89 113.53 24.64
CA PRO J 782 33.77 114.77 25.42
C PRO J 782 32.45 115.46 25.13
N PRO J 783 31.88 116.17 26.13
CA PRO J 783 30.62 116.87 25.90
C PRO J 783 30.72 118.00 24.89
N ILE J 784 31.91 118.55 24.65
CA ILE J 784 32.08 119.63 23.69
C ILE J 784 32.09 119.04 22.28
N LYS J 785 31.14 119.46 21.46
CA LYS J 785 31.01 118.97 20.09
C LYS J 785 31.60 119.93 19.07
N ASP J 786 32.30 120.96 19.52
CA ASP J 786 32.91 121.93 18.61
C ASP J 786 34.29 121.41 18.21
N PHE J 787 34.36 120.79 17.04
CA PHE J 787 35.60 120.23 16.50
C PHE J 787 36.16 121.09 15.37
N GLY J 788 35.85 122.38 15.37
CA GLY J 788 36.30 123.27 14.32
C GLY J 788 35.40 123.32 13.10
N GLY J 789 34.19 122.79 13.18
CA GLY J 789 33.27 122.77 12.06
C GLY J 789 32.92 121.40 11.54
N PHE J 790 33.47 120.34 12.14
CA PHE J 790 33.20 118.98 11.69
C PHE J 790 32.01 118.42 12.47
N ASN J 791 30.97 118.02 11.75
CA ASN J 791 29.75 117.51 12.35
C ASN J 791 29.88 116.01 12.55
N PHE J 792 29.84 115.57 13.81
CA PHE J 792 30.07 114.18 14.16
C PHE J 792 28.86 113.50 14.78
N SER J 793 27.68 114.12 14.72
CA SER J 793 26.49 113.51 15.32
C SER J 793 26.04 112.27 14.57
N GLN J 794 26.48 112.09 13.31
CA GLN J 794 26.06 110.92 12.55
C GLN J 794 26.79 109.66 13.00
N ILE J 795 28.07 109.78 13.36
CA ILE J 795 28.88 108.61 13.70
C ILE J 795 28.95 108.43 15.21
N LEU J 796 28.83 109.52 15.97
CA LEU J 796 28.84 109.39 17.42
C LEU J 796 27.47 108.92 17.92
N PRO J 797 27.45 108.14 19.00
CA PRO J 797 26.16 107.73 19.57
C PRO J 797 25.40 108.90 20.14
N ASP J 798 24.07 108.79 20.09
CA ASP J 798 23.19 109.82 20.61
C ASP J 798 22.46 109.35 21.86
N PRO J 799 22.36 110.19 22.90
CA PRO J 799 21.68 109.78 24.14
C PRO J 799 20.16 109.85 24.06
N SER J 800 19.59 110.27 22.93
CA SER J 800 18.13 110.35 22.82
C SER J 800 17.48 108.98 22.82
N LYS J 801 18.17 107.97 22.28
CA LYS J 801 17.64 106.61 22.25
C LYS J 801 18.33 105.74 23.29
N PRO J 802 17.64 104.74 23.84
CA PRO J 802 18.29 103.84 24.81
C PRO J 802 19.46 103.06 24.22
N SER J 803 19.42 102.74 22.93
CA SER J 803 20.52 102.03 22.30
C SER J 803 21.74 102.93 22.18
N LYS J 804 22.92 102.31 22.28
CA LYS J 804 24.19 103.01 22.16
C LYS J 804 24.67 103.12 20.71
N ARG J 805 23.81 102.83 19.75
CA ARG J 805 24.20 102.81 18.34
C ARG J 805 24.11 104.20 17.73
N SER J 806 24.97 104.43 16.74
CA SER J 806 24.86 105.62 15.92
C SER J 806 23.68 105.49 14.97
N PRO J 807 23.15 106.62 14.46
CA PRO J 807 22.12 106.53 13.43
C PRO J 807 22.58 105.79 12.18
N ILE J 808 23.86 105.94 11.81
CA ILE J 808 24.42 105.12 10.74
C ILE J 808 24.39 103.64 11.13
N GLU J 809 24.75 103.33 12.36
CA GLU J 809 24.72 101.95 12.83
C GLU J 809 23.28 101.42 12.91
N ASP J 810 22.34 102.27 13.32
CA ASP J 810 20.93 101.86 13.35
C ASP J 810 20.41 101.55 11.95
N LEU J 811 20.73 102.41 10.99
CA LEU J 811 20.32 102.16 9.61
C LEU J 811 20.99 100.92 9.05
N LEU J 812 22.26 100.70 9.40
CA LEU J 812 22.97 99.50 8.96
C LEU J 812 22.36 98.24 9.54
N PHE J 813 21.96 98.27 10.80
CA PHE J 813 21.33 97.11 11.44
C PHE J 813 19.95 96.85 10.84
N ASN J 814 19.19 97.91 10.57
CA ASN J 814 17.86 97.73 9.98
C ASN J 814 17.92 97.36 8.50
N LYS J 815 19.05 97.62 7.83
CA LYS J 815 19.14 97.32 6.41
C LYS J 815 19.28 95.82 6.16
N VAL J 816 20.06 95.13 6.99
CA VAL J 816 20.34 93.71 6.81
C VAL J 816 19.46 92.90 7.75
N THR J 817 18.96 91.77 7.26
CA THR J 817 18.10 90.90 8.05
C THR J 817 18.94 89.87 8.81
N ALA J 842 11.99 78.53 12.81
CA ALA J 842 13.39 78.52 13.19
C ALA J 842 14.09 77.24 12.75
N GLN J 843 15.38 77.13 13.07
CA GLN J 843 16.19 75.98 12.71
C GLN J 843 16.67 75.21 13.93
N LYS J 844 15.97 75.34 15.06
CA LYS J 844 16.36 74.69 16.31
C LYS J 844 15.39 73.61 16.75
N PHE J 845 14.39 73.29 15.92
CA PHE J 845 13.39 72.30 16.32
C PHE J 845 13.90 70.87 16.17
N ASN J 846 14.92 70.64 15.33
CA ASN J 846 15.65 69.38 15.33
C ASN J 846 16.93 69.52 16.15
N GLY J 847 16.97 70.57 16.98
CA GLY J 847 18.05 70.79 17.90
C GLY J 847 19.30 71.39 17.29
N LEU J 848 19.27 71.77 16.02
CA LEU J 848 20.44 72.39 15.38
C LEU J 848 20.62 73.79 15.95
N THR J 849 21.04 73.81 17.21
CA THR J 849 21.01 74.99 18.05
C THR J 849 22.06 76.01 17.61
N VAL J 850 21.82 77.27 17.99
CA VAL J 850 22.69 78.39 17.66
C VAL J 850 23.31 78.87 18.96
N LEU J 851 24.64 78.79 19.06
CA LEU J 851 25.33 79.28 20.23
C LEU J 851 25.45 80.79 20.16
N PRO J 852 24.96 81.54 21.15
CA PRO J 852 25.05 82.99 21.08
C PRO J 852 26.49 83.45 21.16
N PRO J 853 26.83 84.57 20.52
CA PRO J 853 28.21 85.05 20.53
C PRO J 853 28.61 85.54 21.92
N LEU J 854 29.92 85.55 22.16
CA LEU J 854 30.46 86.03 23.42
C LEU J 854 30.17 87.52 23.60
N LEU J 855 30.30 88.30 22.54
CA LEU J 855 30.02 89.72 22.56
C LEU J 855 28.77 90.00 21.73
N THR J 856 27.79 90.66 22.34
CA THR J 856 26.57 91.03 21.63
C THR J 856 26.80 92.36 20.89
N ASP J 857 25.73 92.92 20.34
CA ASP J 857 25.86 94.16 19.57
C ASP J 857 26.15 95.36 20.47
N GLU J 858 25.75 95.30 21.74
CA GLU J 858 25.95 96.44 22.64
C GLU J 858 27.43 96.67 22.94
N MET J 859 28.16 95.59 23.24
CA MET J 859 29.59 95.72 23.52
C MET J 859 30.38 96.08 22.28
N ILE J 860 29.98 95.56 21.11
CA ILE J 860 30.64 95.95 19.87
C ILE J 860 30.39 97.44 19.57
N ALA J 861 29.17 97.91 19.82
CA ALA J 861 28.88 99.33 19.64
C ALA J 861 29.68 100.18 20.61
N GLN J 862 29.83 99.72 21.85
CA GLN J 862 30.64 100.45 22.82
C GLN J 862 32.11 100.48 22.41
N TYR J 863 32.62 99.37 21.88
CA TYR J 863 33.98 99.33 21.35
C TYR J 863 34.16 100.33 20.22
N THR J 864 33.22 100.36 19.28
CA THR J 864 33.32 101.29 18.15
C THR J 864 33.23 102.74 18.62
N SER J 865 32.35 103.03 19.58
CA SER J 865 32.23 104.39 20.09
C SER J 865 33.51 104.82 20.80
N ALA J 866 34.09 103.94 21.61
CA ALA J 866 35.35 104.27 22.29
C ALA J 866 36.48 104.48 21.30
N LEU J 867 36.55 103.65 20.27
CA LEU J 867 37.59 103.80 19.26
C LEU J 867 37.41 105.09 18.46
N LEU J 868 36.15 105.44 18.14
CA LEU J 868 35.89 106.70 17.45
C LEU J 868 36.27 107.89 18.31
N ALA J 869 35.94 107.84 19.61
CA ALA J 869 36.31 108.93 20.51
C ALA J 869 37.82 109.07 20.62
N GLY J 870 38.52 107.94 20.73
CA GLY J 870 39.98 107.99 20.76
C GLY J 870 40.57 108.54 19.48
N THR J 871 40.00 108.16 18.33
CA THR J 871 40.49 108.67 17.05
C THR J 871 40.27 110.17 16.92
N ILE J 872 39.10 110.67 17.35
CA ILE J 872 38.82 112.09 17.19
C ILE J 872 39.42 112.95 18.30
N THR J 873 39.86 112.36 19.40
CA THR J 873 40.45 113.15 20.48
C THR J 873 41.97 112.98 20.61
N SER J 874 42.56 111.97 19.99
CA SER J 874 44.00 111.76 20.13
C SER J 874 44.72 111.45 18.83
N GLY J 875 44.03 111.13 17.75
CA GLY J 875 44.70 110.80 16.50
C GLY J 875 45.12 109.35 16.43
N TRP J 876 46.42 109.09 16.60
CA TRP J 876 46.94 107.73 16.57
C TRP J 876 47.79 107.36 17.79
N THR J 877 48.02 108.30 18.71
CA THR J 877 48.84 108.01 19.87
C THR J 877 48.14 107.11 20.87
N PHE J 878 46.81 107.08 20.86
CA PHE J 878 46.08 106.17 21.74
C PHE J 878 46.20 104.72 21.27
N GLY J 879 46.38 104.50 19.97
CA GLY J 879 46.59 103.19 19.43
C GLY J 879 48.03 102.72 19.41
N ALA J 880 48.96 103.56 19.87
CA ALA J 880 50.38 103.22 19.90
C ALA J 880 51.01 103.60 21.24
N GLY J 881 50.21 103.63 22.29
CA GLY J 881 50.69 103.99 23.61
C GLY J 881 49.64 104.71 24.43
N PRO J 882 50.08 105.58 25.34
CA PRO J 882 49.13 106.36 26.12
C PRO J 882 48.37 107.36 25.25
N ALA J 883 47.14 107.65 25.67
CA ALA J 883 46.26 108.53 24.90
C ALA J 883 46.58 109.98 25.22
N LEU J 884 47.09 110.71 24.23
CA LEU J 884 47.32 112.14 24.38
C LEU J 884 46.03 112.90 24.07
N GLN J 885 46.13 114.23 24.09
CA GLN J 885 45.03 115.08 23.65
C GLN J 885 45.56 116.04 22.60
N ILE J 886 44.75 116.30 21.59
CA ILE J 886 45.18 117.14 20.47
C ILE J 886 43.94 117.81 19.86
N PRO J 887 44.04 119.06 19.41
CA PRO J 887 42.94 119.66 18.66
C PRO J 887 42.73 118.94 17.33
N PHE J 888 41.47 118.93 16.88
CA PHE J 888 41.16 118.31 15.60
C PHE J 888 41.85 118.96 14.40
N PRO J 889 41.95 120.29 14.27
CA PRO J 889 42.77 120.83 13.16
C PRO J 889 44.22 120.42 13.21
N MET J 890 44.79 120.21 14.41
CA MET J 890 46.15 119.70 14.50
C MET J 890 46.25 118.31 13.87
N GLN J 891 45.29 117.44 14.18
CA GLN J 891 45.26 116.11 13.59
C GLN J 891 45.05 116.18 12.09
N MET J 892 44.24 117.13 11.62
CA MET J 892 43.99 117.22 10.18
C MET J 892 45.24 117.70 9.44
N ALA J 893 45.98 118.65 10.04
CA ALA J 893 47.24 119.07 9.46
C ALA J 893 48.26 117.94 9.48
N TYR J 894 48.25 117.12 10.53
CA TYR J 894 49.15 115.96 10.58
C TYR J 894 48.82 114.96 9.48
N ARG J 895 47.54 114.68 9.26
CA ARG J 895 47.14 113.78 8.17
C ARG J 895 47.48 114.37 6.81
N PHE J 896 47.34 115.69 6.65
CA PHE J 896 47.73 116.33 5.41
C PHE J 896 49.23 116.23 5.16
N ASN J 897 50.04 116.39 6.22
CA ASN J 897 51.48 116.24 6.11
C ASN J 897 51.86 114.78 5.83
N GLY J 898 51.02 113.84 6.27
CA GLY J 898 51.31 112.43 6.04
C GLY J 898 51.23 112.00 4.60
N ILE J 899 50.53 112.75 3.76
CA ILE J 899 50.40 112.42 2.33
C ILE J 899 51.24 113.37 1.48
N GLY J 900 52.23 114.03 2.06
CA GLY J 900 53.10 114.89 1.30
C GLY J 900 52.54 116.25 0.97
N VAL J 901 51.50 116.69 1.67
CA VAL J 901 50.90 118.01 1.45
C VAL J 901 51.24 118.88 2.64
N THR J 902 51.81 120.06 2.36
CA THR J 902 52.14 121.00 3.42
C THR J 902 50.87 121.53 4.09
N GLN J 903 50.98 121.82 5.39
CA GLN J 903 49.82 122.00 6.25
C GLN J 903 49.22 123.40 6.20
N ASN J 904 49.83 124.34 5.49
CA ASN J 904 49.28 125.70 5.44
C ASN J 904 47.99 125.77 4.63
N VAL J 905 47.78 124.83 3.70
CA VAL J 905 46.57 124.83 2.89
C VAL J 905 45.34 124.35 3.64
N LEU J 906 45.52 123.81 4.85
CA LEU J 906 44.38 123.35 5.64
C LEU J 906 43.58 124.53 6.19
N TYR J 907 44.22 125.36 7.02
CA TYR J 907 43.52 126.43 7.72
C TYR J 907 43.05 127.54 6.81
N GLU J 908 43.52 127.59 5.56
CA GLU J 908 43.05 128.60 4.62
C GLU J 908 41.61 128.34 4.19
N ASN J 909 41.20 127.07 4.08
CA ASN J 909 39.84 126.70 3.72
C ASN J 909 39.35 125.56 4.61
N GLN J 910 39.67 125.62 5.90
CA GLN J 910 39.12 124.69 6.87
C GLN J 910 37.59 124.66 6.84
N LYS J 911 36.95 125.80 6.63
CA LYS J 911 35.50 125.83 6.51
C LYS J 911 35.03 125.03 5.30
N LEU J 912 35.70 125.19 4.15
CA LEU J 912 35.35 124.45 2.96
C LEU J 912 35.58 122.95 3.15
N ILE J 913 36.68 122.59 3.82
CA ILE J 913 36.98 121.18 4.05
C ILE J 913 35.94 120.55 4.99
N ALA J 914 35.55 121.28 6.04
CA ALA J 914 34.52 120.78 6.95
C ALA J 914 33.17 120.65 6.24
N ASN J 915 32.83 121.62 5.38
CA ASN J 915 31.60 121.53 4.62
C ASN J 915 31.62 120.33 3.67
N GLN J 916 32.76 120.09 3.03
CA GLN J 916 32.88 118.93 2.15
C GLN J 916 32.77 117.62 2.93
N PHE J 917 33.36 117.58 4.13
CA PHE J 917 33.26 116.38 4.97
C PHE J 917 31.83 116.11 5.39
N ASN J 918 31.11 117.16 5.81
CA ASN J 918 29.72 117.00 6.20
C ASN J 918 28.85 116.59 5.00
N SER J 919 29.12 117.16 3.83
CA SER J 919 28.39 116.79 2.63
C SER J 919 28.65 115.34 2.24
N ALA J 920 29.89 114.89 2.39
CA ALA J 920 30.22 113.49 2.08
C ALA J 920 29.56 112.54 3.08
N ILE J 921 29.51 112.92 4.36
CA ILE J 921 28.82 112.10 5.35
C ILE J 921 27.33 112.01 5.04
N GLY J 922 26.71 113.15 4.68
CA GLY J 922 25.31 113.11 4.29
C GLY J 922 25.06 112.29 3.04
N LYS J 923 25.96 112.38 2.06
CA LYS J 923 25.81 111.62 0.83
C LYS J 923 25.95 110.12 1.08
N ILE J 924 26.91 109.71 1.91
CA ILE J 924 27.07 108.29 2.18
C ILE J 924 25.91 107.77 3.03
N GLN J 925 25.35 108.62 3.92
CA GLN J 925 24.16 108.22 4.66
C GLN J 925 22.97 108.03 3.72
N ASP J 926 22.79 108.95 2.77
CA ASP J 926 21.70 108.84 1.81
C ASP J 926 21.86 107.62 0.90
N SER J 927 23.10 107.32 0.52
CA SER J 927 23.35 106.15 -0.31
C SER J 927 23.11 104.86 0.47
N LEU J 928 23.49 104.83 1.75
CA LEU J 928 23.24 103.65 2.57
C LEU J 928 21.76 103.46 2.86
N SER J 929 20.99 104.56 2.94
CA SER J 929 19.56 104.43 3.15
C SER J 929 18.83 103.81 1.97
N SER J 930 19.40 103.91 0.77
CA SER J 930 18.78 103.33 -0.42
C SER J 930 19.07 101.84 -0.52
N ALA J 934 21.67 96.73 -2.00
CA ALA J 934 21.93 96.53 -0.58
C ALA J 934 23.35 96.04 -0.35
N LEU J 935 23.58 95.40 0.79
CA LEU J 935 24.88 94.85 1.13
C LEU J 935 24.96 93.40 0.70
N GLY J 936 26.03 93.05 -0.01
CA GLY J 936 26.24 91.69 -0.45
C GLY J 936 27.15 90.91 0.46
N LYS J 937 28.20 91.57 0.97
CA LYS J 937 29.17 90.89 1.81
C LYS J 937 28.58 90.52 3.17
N LEU J 938 27.60 91.27 3.66
CA LEU J 938 26.95 90.97 4.92
C LEU J 938 25.70 90.11 4.76
N GLN J 939 25.28 89.83 3.53
CA GLN J 939 24.10 89.02 3.27
C GLN J 939 24.41 87.64 2.71
N ASP J 940 25.50 87.51 1.95
CA ASP J 940 25.82 86.22 1.33
C ASP J 940 26.13 85.16 2.39
N VAL J 941 26.85 85.54 3.45
CA VAL J 941 27.18 84.56 4.49
C VAL J 941 25.92 84.10 5.21
N VAL J 942 25.00 85.03 5.49
CA VAL J 942 23.77 84.68 6.19
C VAL J 942 22.89 83.78 5.32
N ASN J 943 22.76 84.13 4.04
CA ASN J 943 21.96 83.32 3.13
C ASN J 943 22.56 81.93 2.91
N GLN J 944 23.88 81.85 2.75
CA GLN J 944 24.53 80.56 2.55
C GLN J 944 24.41 79.66 3.77
N ASN J 945 24.61 80.23 4.97
CA ASN J 945 24.51 79.42 6.18
C ASN J 945 23.06 79.02 6.47
N ALA J 946 22.10 79.93 6.22
CA ALA J 946 20.70 79.56 6.38
C ALA J 946 20.29 78.45 5.41
N GLN J 947 20.78 78.52 4.17
CA GLN J 947 20.46 77.47 3.21
C GLN J 947 21.17 76.17 3.57
N ALA J 948 22.36 76.25 4.18
CA ALA J 948 23.04 75.03 4.64
C ALA J 948 22.27 74.36 5.77
N LEU J 949 21.75 75.16 6.73
CA LEU J 949 20.92 74.62 7.79
C LEU J 949 19.63 74.02 7.23
N ASN J 950 19.01 74.69 6.25
CA ASN J 950 17.82 74.16 5.61
C ASN J 950 18.11 72.86 4.87
N THR J 951 19.27 72.77 4.22
CA THR J 951 19.67 71.54 3.55
C THR J 951 19.90 70.42 4.56
N LEU J 952 20.48 70.75 5.72
CA LEU J 952 20.62 69.76 6.78
C LEU J 952 19.27 69.23 7.23
N VAL J 953 18.27 70.12 7.33
CA VAL J 953 16.92 69.68 7.67
C VAL J 953 16.36 68.78 6.56
N LYS J 954 16.58 69.16 5.30
CA LYS J 954 16.12 68.35 4.18
C LYS J 954 16.79 66.98 4.09
N GLN J 955 17.99 66.84 4.67
CA GLN J 955 18.68 65.55 4.61
C GLN J 955 17.90 64.44 5.28
N LEU J 956 17.17 64.76 6.35
CA LEU J 956 16.41 63.73 7.07
C LEU J 956 15.12 63.34 6.38
N SER J 957 14.73 64.05 5.32
CA SER J 957 13.53 63.71 4.56
C SER J 957 13.81 62.76 3.40
N SER J 958 15.07 62.37 3.20
CA SER J 958 15.45 61.46 2.12
C SER J 958 15.67 60.06 2.67
N ASN J 959 15.33 59.06 1.85
CA ASN J 959 15.42 57.67 2.28
C ASN J 959 16.82 57.11 2.18
N PHE J 960 17.70 57.72 1.38
CA PHE J 960 19.02 57.19 1.06
C PHE J 960 18.94 55.76 0.50
N GLY J 961 17.94 55.54 -0.36
CA GLY J 961 17.73 54.24 -0.96
C GLY J 961 16.96 53.25 -0.11
N ALA J 962 16.54 53.63 1.09
CA ALA J 962 15.81 52.73 1.97
C ALA J 962 14.31 52.78 1.65
N ILE J 963 13.53 52.06 2.47
CA ILE J 963 12.08 52.02 2.28
C ILE J 963 11.34 53.09 3.07
N SER J 964 12.01 53.77 3.99
CA SER J 964 11.39 54.84 4.76
C SER J 964 12.46 55.82 5.20
N SER J 965 12.02 57.04 5.52
CA SER J 965 12.93 58.10 5.94
C SER J 965 13.16 58.07 7.46
N VAL J 966 12.10 58.01 8.24
CA VAL J 966 12.21 57.99 9.70
C VAL J 966 12.50 56.57 10.16
N LEU J 967 13.41 56.44 11.13
CA LEU J 967 13.76 55.12 11.65
C LEU J 967 12.63 54.50 12.45
N ASN J 968 11.75 55.33 13.02
CA ASN J 968 10.65 54.82 13.82
C ASN J 968 9.68 53.98 12.99
N ASP J 969 9.47 54.36 11.73
CA ASP J 969 8.53 53.61 10.88
C ASP J 969 9.04 52.20 10.60
N ILE J 970 10.32 52.07 10.22
CA ILE J 970 10.87 50.75 9.95
C ILE J 970 11.05 49.96 11.24
N LEU J 971 11.25 50.64 12.37
CA LEU J 971 11.32 49.92 13.65
C LEU J 971 9.95 49.39 14.05
N SER J 972 8.89 50.14 13.77
CA SER J 972 7.53 49.75 14.12
C SER J 972 6.88 48.83 13.10
N ARG J 973 7.45 48.70 11.90
CA ARG J 973 6.91 47.79 10.89
C ARG J 973 7.73 46.53 10.71
N LEU J 974 9.06 46.61 10.84
CA LEU J 974 9.93 45.47 10.64
C LEU J 974 10.72 45.19 11.91
N ASP J 975 11.08 43.92 12.11
CA ASP J 975 11.82 43.52 13.29
C ASP J 975 13.25 44.05 13.23
N PRO J 976 13.82 44.41 14.38
CA PRO J 976 15.19 44.93 14.42
C PRO J 976 16.24 43.97 13.88
N PRO J 977 16.11 42.64 14.05
CA PRO J 977 17.08 41.75 13.37
C PRO J 977 17.06 41.87 11.85
N GLU J 978 15.91 42.13 11.24
CA GLU J 978 15.83 42.20 9.78
C GLU J 978 16.10 43.62 9.28
N ALA J 979 15.67 44.64 10.02
CA ALA J 979 15.81 46.02 9.60
C ALA J 979 17.14 46.63 10.00
N GLU J 980 18.15 45.81 10.28
CA GLU J 980 19.46 46.34 10.67
C GLU J 980 20.17 47.00 9.49
N VAL J 981 20.04 46.42 8.29
CA VAL J 981 20.73 46.98 7.13
C VAL J 981 20.12 48.31 6.72
N GLN J 982 18.79 48.45 6.83
CA GLN J 982 18.14 49.73 6.53
C GLN J 982 18.60 50.81 7.51
N ILE J 983 18.67 50.46 8.80
CA ILE J 983 19.13 51.39 9.81
C ILE J 983 20.57 51.79 9.56
N ASP J 984 21.42 50.82 9.21
CA ASP J 984 22.83 51.11 8.96
C ASP J 984 23.01 52.00 7.73
N ARG J 985 22.21 51.78 6.68
CA ARG J 985 22.32 52.64 5.50
C ARG J 985 21.82 54.05 5.81
N LEU J 986 20.78 54.18 6.63
CA LEU J 986 20.36 55.50 7.09
C LEU J 986 21.46 56.18 7.90
N ILE J 987 22.14 55.40 8.75
CA ILE J 987 23.24 55.94 9.57
C ILE J 987 24.35 56.47 8.68
N THR J 988 24.75 55.68 7.67
CA THR J 988 25.87 56.10 6.84
C THR J 988 25.48 57.26 5.90
N GLY J 989 24.22 57.32 5.47
CA GLY J 989 23.79 58.46 4.68
C GLY J 989 23.77 59.75 5.49
N ARG J 990 23.24 59.69 6.71
CA ARG J 990 23.23 60.87 7.57
C ARG J 990 24.64 61.27 7.97
N LEU J 991 25.52 60.28 8.17
CA LEU J 991 26.92 60.58 8.48
C LEU J 991 27.62 61.26 7.30
N GLN J 992 27.34 60.80 6.08
CA GLN J 992 27.92 61.44 4.90
C GLN J 992 27.43 62.88 4.76
N SER J 993 26.13 63.10 4.97
CA SER J 993 25.59 64.46 4.89
C SER J 993 26.20 65.37 5.95
N LEU J 994 26.33 64.87 7.19
CA LEU J 994 26.90 65.67 8.25
C LEU J 994 28.38 65.94 8.02
N GLN J 995 29.10 64.96 7.45
CA GLN J 995 30.52 65.18 7.11
C GLN J 995 30.68 66.23 6.03
N THR J 996 29.81 66.21 5.00
CA THR J 996 29.86 67.25 3.98
C THR J 996 29.55 68.62 4.57
N TYR J 997 28.56 68.68 5.47
CA TYR J 997 28.26 69.95 6.14
C TYR J 997 29.43 70.44 6.97
N VAL J 998 30.10 69.53 7.68
CA VAL J 998 31.26 69.90 8.48
C VAL J 998 32.39 70.43 7.59
N THR J 999 32.61 69.77 6.45
CA THR J 999 33.66 70.21 5.53
C THR J 999 33.37 71.60 4.98
N GLN J 1000 32.13 71.85 4.54
CA GLN J 1000 31.81 73.17 4.01
C GLN J 1000 31.81 74.23 5.11
N GLN J 1001 31.46 73.84 6.36
CA GLN J 1001 31.53 74.78 7.47
C GLN J 1001 32.98 75.14 7.79
N LEU J 1002 33.90 74.17 7.72
CA LEU J 1002 35.30 74.47 7.91
C LEU J 1002 35.85 75.38 6.82
N ILE J 1003 35.42 75.16 5.57
CA ILE J 1003 35.85 76.02 4.47
C ILE J 1003 35.35 77.44 4.68
N ARG J 1004 34.07 77.58 5.06
CA ARG J 1004 33.52 78.92 5.32
C ARG J 1004 34.18 79.56 6.52
N ALA J 1005 34.54 78.76 7.53
CA ALA J 1005 35.22 79.29 8.71
C ALA J 1005 36.62 79.79 8.35
N ALA J 1006 37.32 79.07 7.48
CA ALA J 1006 38.62 79.55 7.01
C ALA J 1006 38.48 80.85 6.22
N GLU J 1007 37.46 80.94 5.37
CA GLU J 1007 37.22 82.17 4.61
C GLU J 1007 36.89 83.34 5.55
N ILE J 1008 36.05 83.09 6.56
CA ILE J 1008 35.68 84.13 7.51
C ILE J 1008 36.89 84.54 8.35
N ARG J 1009 37.76 83.59 8.70
CA ARG J 1009 38.97 83.92 9.44
C ARG J 1009 39.91 84.77 8.60
N ALA J 1010 40.05 84.45 7.31
CA ALA J 1010 40.88 85.28 6.44
C ALA J 1010 40.31 86.69 6.30
N SER J 1011 38.99 86.80 6.15
CA SER J 1011 38.35 88.11 6.06
C SER J 1011 38.51 88.89 7.36
N ALA J 1012 38.42 88.20 8.50
CA ALA J 1012 38.59 88.85 9.79
C ALA J 1012 40.02 89.31 10.01
N ASN J 1013 41.00 88.53 9.53
CA ASN J 1013 42.40 88.96 9.60
C ASN J 1013 42.64 90.18 8.73
N LEU J 1014 42.06 90.21 7.53
CA LEU J 1014 42.18 91.39 6.67
C LEU J 1014 41.53 92.60 7.32
N ALA J 1015 40.35 92.43 7.92
CA ALA J 1015 39.68 93.53 8.59
C ALA J 1015 40.43 93.99 9.83
N ALA J 1016 41.10 93.06 10.53
CA ALA J 1016 41.90 93.44 11.70
C ALA J 1016 43.13 94.23 11.29
N THR J 1017 43.78 93.82 10.18
CA THR J 1017 44.90 94.61 9.67
C THR J 1017 44.43 95.99 9.24
N LYS J 1018 43.25 96.07 8.59
CA LYS J 1018 42.70 97.37 8.23
C LYS J 1018 42.38 98.22 9.45
N MET J 1019 41.84 97.59 10.51
CA MET J 1019 41.57 98.32 11.74
C MET J 1019 42.86 98.83 12.38
N SER J 1020 43.92 98.03 12.34
CA SER J 1020 45.18 98.44 12.95
C SER J 1020 45.87 99.54 12.15
N GLU J 1021 45.75 99.51 10.82
CA GLU J 1021 46.48 100.47 9.99
C GLU J 1021 45.64 101.70 9.64
N CYS J 1022 44.50 101.50 8.97
CA CYS J 1022 43.73 102.60 8.40
C CYS J 1022 43.13 103.47 9.50
N VAL J 1023 42.64 102.85 10.57
CA VAL J 1023 41.97 103.60 11.65
C VAL J 1023 42.96 104.02 12.73
N LEU J 1024 43.72 103.07 13.28
CA LEU J 1024 44.64 103.36 14.37
C LEU J 1024 45.94 103.95 13.84
N GLY J 1025 45.85 104.99 13.03
CA GLY J 1025 47.01 105.58 12.39
C GLY J 1025 46.75 105.94 10.94
N GLN J 1026 47.76 106.43 10.25
CA GLN J 1026 47.67 106.77 8.84
C GLN J 1026 48.54 105.80 8.05
N SER J 1027 47.94 105.12 7.09
CA SER J 1027 48.63 104.09 6.32
C SER J 1027 49.18 104.69 5.03
N LYS J 1028 50.47 104.48 4.78
CA LYS J 1028 51.10 104.94 3.56
C LYS J 1028 50.81 104.04 2.36
N ARG J 1029 50.19 102.88 2.59
CA ARG J 1029 49.84 101.96 1.51
C ARG J 1029 48.69 102.57 0.71
N VAL J 1030 49.02 103.09 -0.47
CA VAL J 1030 48.00 103.71 -1.32
C VAL J 1030 47.10 102.62 -1.91
N ASP J 1031 45.84 102.99 -2.15
CA ASP J 1031 44.80 102.09 -2.67
C ASP J 1031 44.58 100.88 -1.76
N PHE J 1032 44.75 101.08 -0.45
CA PHE J 1032 44.47 100.05 0.54
C PHE J 1032 43.40 100.47 1.53
N CYS J 1033 43.35 101.74 1.91
CA CYS J 1033 42.28 102.29 2.74
C CYS J 1033 41.30 103.11 1.91
N GLY J 1034 41.02 102.68 0.69
CA GLY J 1034 40.12 103.39 -0.20
C GLY J 1034 40.84 103.99 -1.39
N LYS J 1035 40.03 104.48 -2.33
CA LYS J 1035 40.55 105.06 -3.56
C LYS J 1035 40.97 106.51 -3.29
N GLY J 1036 42.27 106.77 -3.37
CA GLY J 1036 42.82 108.08 -3.12
C GLY J 1036 43.79 108.07 -1.95
N TYR J 1037 44.31 109.26 -1.66
CA TYR J 1037 45.22 109.43 -0.53
C TYR J 1037 44.44 109.30 0.77
N HIS J 1038 44.71 108.24 1.53
CA HIS J 1038 43.98 107.99 2.77
C HIS J 1038 44.37 109.01 3.83
N LEU J 1039 43.37 109.52 4.54
CA LEU J 1039 43.56 110.45 5.64
C LEU J 1039 43.21 109.84 6.99
N MET J 1040 41.98 109.34 7.14
CA MET J 1040 41.58 108.63 8.34
C MET J 1040 40.36 107.77 8.00
N SER J 1041 40.00 106.88 8.91
CA SER J 1041 38.86 106.00 8.73
C SER J 1041 38.05 105.94 10.02
N PHE J 1042 36.74 105.73 9.87
CA PHE J 1042 35.82 105.69 11.00
C PHE J 1042 35.09 104.35 11.01
N PRO J 1043 35.45 103.42 11.88
CA PRO J 1043 34.76 102.13 11.93
C PRO J 1043 33.44 102.22 12.67
N GLN J 1044 32.51 101.38 12.24
CA GLN J 1044 31.19 101.30 12.87
C GLN J 1044 30.79 99.83 13.02
N SER J 1045 29.91 99.58 13.98
CA SER J 1045 29.45 98.23 14.25
C SER J 1045 28.52 97.75 13.16
N ALA J 1046 28.66 96.47 12.80
CA ALA J 1046 27.83 95.81 11.80
C ALA J 1046 27.44 94.43 12.31
N PRO J 1047 26.28 93.92 11.93
CA PRO J 1047 25.89 92.57 12.36
C PRO J 1047 26.73 91.51 11.67
N HIS J 1048 27.51 90.78 12.46
CA HIS J 1048 28.43 89.74 11.97
C HIS J 1048 29.40 90.31 10.94
N GLY J 1049 29.91 91.50 11.21
CA GLY J 1049 30.83 92.15 10.30
C GLY J 1049 31.26 93.49 10.84
N VAL J 1050 31.98 94.23 10.00
CA VAL J 1050 32.44 95.57 10.34
C VAL J 1050 32.47 96.40 9.06
N VAL J 1051 32.20 97.69 9.20
CA VAL J 1051 32.30 98.64 8.10
C VAL J 1051 33.29 99.72 8.47
N PHE J 1052 33.91 100.31 7.46
CA PHE J 1052 34.89 101.38 7.66
C PHE J 1052 34.50 102.57 6.79
N LEU J 1053 34.42 103.74 7.42
CA LEU J 1053 34.11 104.98 6.71
C LEU J 1053 35.43 105.67 6.39
N HIS J 1054 36.12 105.15 5.37
CA HIS J 1054 37.37 105.73 4.92
C HIS J 1054 37.13 107.10 4.32
N VAL J 1055 37.99 108.05 4.66
CA VAL J 1055 37.95 109.41 4.12
C VAL J 1055 39.23 109.62 3.34
N THR J 1056 39.10 109.82 2.03
CA THR J 1056 40.24 109.94 1.13
C THR J 1056 40.42 111.38 0.70
N TYR J 1057 41.58 111.64 0.10
CA TYR J 1057 41.94 112.97 -0.42
C TYR J 1057 42.21 112.82 -1.91
N VAL J 1058 41.27 113.28 -2.73
CA VAL J 1058 41.41 113.19 -4.18
C VAL J 1058 41.37 114.58 -4.79
N PRO J 1059 42.22 114.87 -5.78
CA PRO J 1059 42.14 116.15 -6.46
C PRO J 1059 40.94 116.21 -7.40
N ALA J 1060 40.48 117.44 -7.66
CA ALA J 1060 39.34 117.67 -8.52
C ALA J 1060 39.70 118.44 -9.78
N GLN J 1061 40.33 119.61 -9.65
CA GLN J 1061 40.66 120.47 -10.77
C GLN J 1061 42.17 120.58 -10.91
N GLU J 1062 42.66 120.43 -12.13
CA GLU J 1062 44.09 120.51 -12.42
C GLU J 1062 44.31 121.44 -13.61
N LYS J 1063 45.52 122.01 -13.67
CA LYS J 1063 45.90 122.91 -14.74
C LYS J 1063 47.25 122.50 -15.30
N ASN J 1064 47.39 122.62 -16.63
CA ASN J 1064 48.66 122.29 -17.27
C ASN J 1064 49.69 123.37 -17.02
N PHE J 1065 50.96 122.96 -16.97
CA PHE J 1065 52.06 123.88 -16.73
C PHE J 1065 53.30 123.36 -17.43
N THR J 1066 54.19 124.30 -17.79
CA THR J 1066 55.48 123.96 -18.36
C THR J 1066 56.51 123.83 -17.25
N THR J 1067 57.21 122.71 -17.22
CA THR J 1067 58.12 122.39 -16.12
C THR J 1067 59.54 122.17 -16.64
N ALA J 1068 60.49 122.25 -15.70
CA ALA J 1068 61.89 121.98 -15.97
C ALA J 1068 62.44 121.32 -14.71
N PRO J 1069 63.21 120.23 -14.84
CA PRO J 1069 63.74 119.55 -13.64
C PRO J 1069 64.71 120.40 -12.82
N ALA J 1070 65.48 121.28 -13.46
CA ALA J 1070 66.48 122.07 -12.77
C ALA J 1070 66.53 123.47 -13.36
N ILE J 1071 67.20 124.37 -12.64
CA ILE J 1071 67.38 125.75 -13.06
C ILE J 1071 68.85 126.11 -12.86
N CYS J 1072 69.48 126.63 -13.92
CA CYS J 1072 70.86 127.09 -13.85
C CYS J 1072 70.86 128.60 -13.69
N HIS J 1073 71.44 129.09 -12.59
CA HIS J 1073 71.44 130.51 -12.27
C HIS J 1073 72.75 131.18 -12.63
N ASP J 1074 73.86 130.71 -12.07
CA ASP J 1074 75.19 131.27 -12.28
C ASP J 1074 76.20 130.15 -12.56
N GLY J 1075 75.81 129.23 -13.44
CA GLY J 1075 76.63 128.06 -13.72
C GLY J 1075 76.40 126.89 -12.80
N LYS J 1076 75.54 127.03 -11.80
CA LYS J 1076 75.22 125.95 -10.87
C LYS J 1076 73.75 125.60 -10.99
N ALA J 1077 73.46 124.31 -11.08
CA ALA J 1077 72.09 123.85 -11.23
C ALA J 1077 71.38 123.87 -9.86
N HIS J 1078 70.13 124.34 -9.88
CA HIS J 1078 69.31 124.43 -8.68
C HIS J 1078 68.21 123.37 -8.74
N PHE J 1079 68.09 122.59 -7.67
CA PHE J 1079 67.09 121.54 -7.61
C PHE J 1079 66.13 121.80 -6.45
N PRO J 1080 64.83 121.57 -6.64
CA PRO J 1080 63.89 121.78 -5.53
C PRO J 1080 64.05 120.73 -4.44
N ARG J 1081 63.74 121.13 -3.21
CA ARG J 1081 63.86 120.23 -2.08
C ARG J 1081 62.64 119.33 -1.96
N GLU J 1082 61.44 119.90 -2.08
CA GLU J 1082 60.21 119.12 -1.99
C GLU J 1082 59.19 119.44 -3.07
N GLY J 1083 59.36 120.52 -3.83
CA GLY J 1083 58.40 120.92 -4.85
C GLY J 1083 58.87 120.61 -6.26
N VAL J 1084 58.22 121.27 -7.21
CA VAL J 1084 58.55 121.12 -8.63
C VAL J 1084 58.52 122.49 -9.28
N PHE J 1085 59.47 122.74 -10.19
CA PHE J 1085 59.50 124.00 -10.92
C PHE J 1085 58.38 124.03 -11.94
N VAL J 1086 57.51 125.04 -11.84
CA VAL J 1086 56.39 125.21 -12.77
C VAL J 1086 56.42 126.65 -13.29
N SER J 1087 55.84 126.83 -14.47
CA SER J 1087 55.78 128.15 -15.09
C SER J 1087 54.42 128.34 -15.75
N ASN J 1088 53.83 129.52 -15.54
CA ASN J 1088 52.58 129.88 -16.20
C ASN J 1088 52.84 130.64 -17.50
N GLY J 1089 53.69 130.07 -18.34
CA GLY J 1089 54.05 130.69 -19.61
C GLY J 1089 55.27 131.59 -19.61
N THR J 1090 55.31 132.57 -18.70
CA THR J 1090 56.37 133.57 -18.68
C THR J 1090 57.30 133.41 -17.49
N HIS J 1091 56.76 133.42 -16.27
CA HIS J 1091 57.56 133.37 -15.06
C HIS J 1091 57.49 131.99 -14.42
N TRP J 1092 58.58 131.60 -13.77
CA TRP J 1092 58.70 130.29 -13.14
C TRP J 1092 58.38 130.37 -11.66
N PHE J 1093 57.80 129.28 -11.14
CA PHE J 1093 57.44 129.18 -9.73
C PHE J 1093 57.74 127.77 -9.26
N VAL J 1094 57.60 127.56 -7.95
CA VAL J 1094 57.75 126.25 -7.33
C VAL J 1094 56.45 125.91 -6.60
N THR J 1095 55.98 124.67 -6.80
CA THR J 1095 54.74 124.20 -6.20
C THR J 1095 54.92 122.78 -5.71
N GLN J 1096 54.18 122.42 -4.68
CA GLN J 1096 54.17 121.04 -4.22
C GLN J 1096 53.41 120.17 -5.22
N ARG J 1097 53.71 118.88 -5.20
CA ARG J 1097 53.20 117.95 -6.20
C ARG J 1097 51.72 117.64 -6.05
N ASN J 1098 51.09 118.04 -4.95
CA ASN J 1098 49.69 117.72 -4.69
C ASN J 1098 48.78 118.94 -4.61
N PHE J 1099 49.34 120.16 -4.67
CA PHE J 1099 48.53 121.37 -4.60
C PHE J 1099 49.27 122.50 -5.30
N TYR J 1100 48.50 123.46 -5.81
CA TYR J 1100 49.07 124.60 -6.53
C TYR J 1100 49.26 125.74 -5.55
N GLU J 1101 50.48 125.90 -5.06
CA GLU J 1101 50.86 126.99 -4.16
C GLU J 1101 52.11 127.65 -4.74
N PRO J 1102 51.96 128.61 -5.65
CA PRO J 1102 53.13 129.21 -6.29
C PRO J 1102 53.96 130.02 -5.31
N GLN J 1103 55.28 129.84 -5.39
CA GLN J 1103 56.21 130.54 -4.52
C GLN J 1103 57.38 131.04 -5.35
N ILE J 1104 58.02 132.10 -4.86
CA ILE J 1104 59.19 132.67 -5.53
C ILE J 1104 60.37 131.73 -5.37
N ILE J 1105 61.12 131.52 -6.45
CA ILE J 1105 62.29 130.66 -6.43
C ILE J 1105 63.35 131.30 -5.54
N THR J 1106 63.60 130.70 -4.39
CA THR J 1106 64.53 131.23 -3.40
C THR J 1106 65.65 130.22 -3.13
N THR J 1107 66.51 130.57 -2.19
CA THR J 1107 67.62 129.70 -1.78
C THR J 1107 67.21 128.72 -0.69
N ASP J 1108 66.19 129.06 0.10
CA ASP J 1108 65.77 128.20 1.21
C ASP J 1108 65.17 126.89 0.71
N ASN J 1109 64.41 126.94 -0.38
CA ASN J 1109 63.72 125.77 -0.89
C ASN J 1109 64.49 125.07 -2.01
N THR J 1110 65.70 125.51 -2.33
CA THR J 1110 66.49 124.92 -3.40
C THR J 1110 67.89 124.59 -2.89
N PHE J 1111 68.52 123.61 -3.53
CA PHE J 1111 69.88 123.22 -3.22
C PHE J 1111 70.66 123.04 -4.52
N VAL J 1112 71.95 123.33 -4.46
CA VAL J 1112 72.83 123.28 -5.63
C VAL J 1112 73.63 121.99 -5.60
N SER J 1113 73.98 121.50 -6.80
CA SER J 1113 74.78 120.29 -6.93
C SER J 1113 75.46 120.32 -8.29
N GLY J 1114 76.77 120.55 -8.30
CA GLY J 1114 77.52 120.56 -9.53
C GLY J 1114 77.16 121.73 -10.44
N ASN J 1115 77.39 121.53 -11.73
CA ASN J 1115 77.09 122.52 -12.75
C ASN J 1115 75.76 122.22 -13.43
N CYS J 1116 75.38 123.07 -14.37
CA CYS J 1116 74.14 122.93 -15.11
C CYS J 1116 74.35 122.34 -16.51
N ASP J 1117 75.53 121.79 -16.77
CA ASP J 1117 75.85 121.20 -18.06
C ASP J 1117 75.69 119.68 -18.06
N VAL J 1118 75.10 119.10 -17.02
CA VAL J 1118 74.92 117.66 -16.93
C VAL J 1118 73.49 117.22 -17.18
N VAL J 1119 72.53 118.15 -17.20
CA VAL J 1119 71.12 117.82 -17.40
C VAL J 1119 70.76 118.07 -18.86
N ILE J 1120 70.07 117.10 -19.46
CA ILE J 1120 69.68 117.22 -20.87
C ILE J 1120 68.67 118.35 -21.06
N GLY J 1121 67.78 118.56 -20.10
CA GLY J 1121 66.81 119.63 -20.20
C GLY J 1121 66.85 120.59 -19.03
N ILE J 1122 67.14 121.85 -19.29
CA ILE J 1122 67.26 122.86 -18.24
C ILE J 1122 66.97 124.23 -18.84
N VAL J 1123 66.46 125.14 -18.01
CA VAL J 1123 66.11 126.48 -18.43
C VAL J 1123 66.92 127.49 -17.63
N ASN J 1124 66.97 128.71 -18.13
CA ASN J 1124 67.68 129.81 -17.48
C ASN J 1124 66.69 130.65 -16.68
N ASN J 1125 67.07 130.99 -15.45
CA ASN J 1125 66.24 131.82 -14.58
C ASN J 1125 67.14 132.50 -13.55
N THR J 1126 66.52 133.22 -12.62
CA THR J 1126 67.22 133.91 -11.56
C THR J 1126 66.66 133.47 -10.21
N VAL J 1127 67.47 133.64 -9.17
CA VAL J 1127 67.13 133.26 -7.82
C VAL J 1127 66.97 134.52 -6.98
N TYR J 1128 65.95 134.53 -6.11
CA TYR J 1128 65.69 135.70 -5.27
C TYR J 1128 66.86 136.00 -4.34
N ASP J 1129 67.45 134.95 -3.73
CA ASP J 1129 68.52 135.05 -2.75
C ASP J 1129 68.14 136.00 -1.62
N PRO J 1130 67.27 135.56 -0.70
CA PRO J 1130 66.68 136.49 0.28
C PRO J 1130 67.62 136.95 1.38
N LEU J 1131 68.93 136.72 1.21
CA LEU J 1131 69.94 137.27 2.11
C LEU J 1131 70.51 138.58 1.61
N GLN J 1132 70.61 138.75 0.29
CA GLN J 1132 71.25 139.95 -0.28
C GLN J 1132 70.53 141.25 0.05
N PRO J 1133 69.20 141.40 -0.11
CA PRO J 1133 68.59 142.72 0.19
C PRO J 1133 68.63 143.09 1.67
N GLU J 1134 68.77 142.13 2.57
CA GLU J 1134 68.73 142.41 4.00
C GLU J 1134 70.09 142.82 4.57
N LEU J 1135 71.19 142.52 3.88
CA LEU J 1135 72.51 142.89 4.36
C LEU J 1135 72.91 144.30 3.94
N ASP J 1136 72.10 144.98 3.14
CA ASP J 1136 72.41 146.34 2.71
C ASP J 1136 72.12 147.34 3.81
N GLN K 4 54.61 8.07 -40.33
CA GLN K 4 55.61 7.25 -39.67
C GLN K 4 56.88 8.06 -39.38
N CYS K 5 57.70 7.55 -38.46
CA CYS K 5 58.93 8.20 -38.07
C CYS K 5 60.02 7.15 -37.84
N VAL K 6 61.27 7.60 -37.91
CA VAL K 6 62.43 6.75 -37.67
C VAL K 6 63.25 7.38 -36.54
N ASN K 7 64.07 6.53 -35.91
CA ASN K 7 64.92 6.97 -34.81
C ASN K 7 66.27 7.45 -35.34
N LEU K 8 66.93 8.27 -34.53
CA LEU K 8 68.24 8.81 -34.87
C LEU K 8 69.34 7.98 -34.22
N THR K 9 70.58 8.30 -34.57
CA THR K 9 71.76 7.66 -34.02
C THR K 9 72.52 8.66 -33.17
N THR K 10 73.05 8.19 -32.04
CA THR K 10 73.77 9.07 -31.13
C THR K 10 75.04 9.61 -31.78
N ARG K 11 75.36 10.86 -31.44
CA ARG K 11 76.49 11.56 -32.04
C ARG K 11 76.90 12.69 -31.09
N THR K 12 77.93 13.42 -31.49
CA THR K 12 78.44 14.54 -30.69
C THR K 12 77.65 15.79 -31.04
N GLN K 13 77.01 16.38 -30.02
CA GLN K 13 76.24 17.61 -30.17
C GLN K 13 76.98 18.75 -29.48
N LEU K 14 76.34 19.92 -29.48
CA LEU K 14 76.85 21.08 -28.79
C LEU K 14 75.88 21.51 -27.68
N PRO K 15 76.38 21.92 -26.52
CA PRO K 15 75.49 22.35 -25.45
C PRO K 15 74.79 23.65 -25.81
N PRO K 16 73.57 23.85 -25.34
CA PRO K 16 72.87 25.11 -25.62
C PRO K 16 73.52 26.29 -24.92
N ALA K 17 73.42 27.45 -25.55
CA ALA K 17 74.00 28.67 -25.03
C ALA K 17 72.90 29.62 -24.55
N TYR K 18 73.31 30.59 -23.75
CA TYR K 18 72.41 31.61 -23.22
C TYR K 18 72.77 32.97 -23.81
N THR K 19 71.74 33.73 -24.19
CA THR K 19 71.93 35.05 -24.77
C THR K 19 71.03 36.05 -24.05
N ASN K 20 71.28 37.33 -24.29
CA ASN K 20 70.57 38.41 -23.63
C ASN K 20 69.70 39.16 -24.63
N SER K 21 68.46 39.41 -24.25
CA SER K 21 67.53 40.15 -25.09
C SER K 21 67.79 41.65 -24.98
N PHE K 22 67.42 42.38 -26.04
CA PHE K 22 67.60 43.83 -26.10
C PHE K 22 66.32 44.44 -26.68
N THR K 23 65.39 44.79 -25.79
CA THR K 23 64.10 45.40 -26.15
C THR K 23 63.35 44.55 -27.17
N ARG K 24 63.07 43.31 -26.79
CA ARG K 24 62.38 42.36 -27.65
C ARG K 24 61.19 41.77 -26.93
N GLY K 25 60.20 41.35 -27.71
CA GLY K 25 59.02 40.72 -27.15
C GLY K 25 57.92 41.70 -26.81
N VAL K 26 57.66 42.66 -27.69
CA VAL K 26 56.63 43.67 -27.49
C VAL K 26 55.57 43.52 -28.57
N TYR K 27 54.32 43.43 -28.17
CA TYR K 27 53.19 43.26 -29.09
C TYR K 27 52.05 44.17 -28.65
N TYR K 28 51.01 44.22 -29.48
CA TYR K 28 49.83 44.98 -29.14
C TYR K 28 48.96 44.20 -28.17
N PRO K 29 48.68 44.71 -26.97
CA PRO K 29 47.86 43.95 -26.01
C PRO K 29 46.37 44.03 -26.27
N ASP K 30 45.91 44.96 -27.11
CA ASP K 30 44.49 45.12 -27.38
C ASP K 30 44.32 45.66 -28.79
N LYS K 31 43.11 45.50 -29.33
CA LYS K 31 42.80 45.86 -30.70
C LYS K 31 42.15 47.23 -30.81
N VAL K 32 42.54 48.16 -29.94
CA VAL K 32 42.02 49.52 -29.98
C VAL K 32 43.09 50.43 -30.57
N PHE K 33 42.70 51.65 -30.91
CA PHE K 33 43.61 52.64 -31.48
C PHE K 33 43.97 53.66 -30.41
N ARG K 34 45.27 53.83 -30.16
CA ARG K 34 45.77 54.77 -29.18
C ARG K 34 46.82 55.65 -29.85
N SER K 35 46.67 56.96 -29.72
CA SER K 35 47.56 57.91 -30.37
C SER K 35 47.98 58.99 -29.39
N SER K 36 49.30 59.25 -29.35
CA SER K 36 49.89 60.34 -28.56
C SER K 36 49.52 60.24 -27.09
N VAL K 37 49.56 59.03 -26.53
CA VAL K 37 49.23 58.81 -25.13
C VAL K 37 50.05 57.63 -24.63
N LEU K 38 50.38 57.65 -23.34
CA LEU K 38 51.15 56.60 -22.69
C LEU K 38 50.18 55.76 -21.84
N HIS K 39 49.91 54.54 -22.29
CA HIS K 39 48.95 53.66 -21.64
C HIS K 39 49.69 52.47 -21.03
N SER K 40 49.37 52.16 -19.78
CA SER K 40 49.96 51.04 -19.06
C SER K 40 48.92 49.94 -18.89
N THR K 41 49.30 48.71 -19.20
CA THR K 41 48.40 47.56 -19.11
C THR K 41 49.13 46.40 -18.44
N GLN K 42 48.34 45.51 -17.84
CA GLN K 42 48.85 44.30 -17.20
C GLN K 42 48.62 43.14 -18.16
N ASP K 43 49.71 42.66 -18.75
CA ASP K 43 49.63 41.57 -19.72
C ASP K 43 50.98 40.87 -19.75
N LEU K 44 50.98 39.64 -20.27
CA LEU K 44 52.17 38.80 -20.29
C LEU K 44 53.11 39.29 -21.39
N PHE K 45 54.27 39.82 -20.98
CA PHE K 45 55.29 40.30 -21.90
C PHE K 45 56.65 39.68 -21.54
N LEU K 46 57.60 39.84 -22.45
CA LEU K 46 58.96 39.39 -22.21
C LEU K 46 59.73 40.46 -21.46
N PRO K 47 60.31 40.16 -20.29
CA PRO K 47 61.08 41.17 -19.57
C PRO K 47 62.33 41.58 -20.35
N PHE K 48 62.67 42.86 -20.25
CA PHE K 48 63.82 43.39 -20.96
C PHE K 48 65.11 43.03 -20.23
N PHE K 49 66.18 42.85 -21.02
CA PHE K 49 67.51 42.52 -20.51
C PHE K 49 67.49 41.24 -19.66
N SER K 50 66.74 40.25 -20.12
CA SER K 50 66.62 38.97 -19.44
C SER K 50 67.40 37.90 -20.19
N ASN K 51 67.93 36.93 -19.44
CA ASN K 51 68.72 35.85 -20.03
C ASN K 51 67.77 34.88 -20.73
N VAL K 52 67.84 34.84 -22.06
CA VAL K 52 66.94 34.04 -22.89
C VAL K 52 67.73 32.95 -23.58
N THR K 53 67.13 31.77 -23.70
CA THR K 53 67.83 30.61 -24.24
C THR K 53 68.12 30.78 -25.73
N TRP K 54 69.15 30.08 -26.19
CA TRP K 54 69.58 30.10 -27.58
C TRP K 54 69.81 28.67 -28.06
N PHE K 55 69.35 28.37 -29.27
CA PHE K 55 69.52 27.07 -29.88
C PHE K 55 70.12 27.24 -31.27
N HIS K 56 71.01 26.30 -31.63
CA HIS K 56 71.70 26.33 -32.91
C HIS K 56 71.04 25.38 -33.91
N ALA K 57 71.25 25.67 -35.19
CA ALA K 57 70.76 24.81 -36.26
C ALA K 57 71.77 24.65 -37.39
N ILE K 58 73.00 25.12 -37.23
CA ILE K 58 74.00 25.03 -38.28
C ILE K 58 74.55 23.61 -38.36
N HIS K 59 75.14 23.29 -39.51
CA HIS K 59 75.72 21.97 -39.74
C HIS K 59 77.20 21.93 -39.34
N VAL K 60 78.01 22.82 -39.90
CA VAL K 60 79.43 22.85 -39.60
C VAL K 60 79.74 23.91 -38.54
N THR K 66 80.29 19.84 -34.83
CA THR K 66 79.48 19.80 -36.05
C THR K 66 78.26 18.91 -35.85
N LYS K 67 77.37 18.90 -36.86
CA LYS K 67 76.14 18.11 -36.87
C LYS K 67 75.27 18.44 -35.65
N ARG K 68 74.89 19.72 -35.56
CA ARG K 68 74.09 20.21 -34.45
C ARG K 68 72.61 20.09 -34.80
N PHE K 69 71.89 19.27 -34.03
CA PHE K 69 70.45 19.08 -34.23
C PHE K 69 69.84 18.77 -32.87
N ASP K 70 69.33 19.80 -32.20
CA ASP K 70 68.72 19.66 -30.89
C ASP K 70 67.29 20.19 -30.95
N ASN K 71 66.33 19.33 -30.62
CA ASN K 71 64.91 19.70 -30.57
C ASN K 71 64.28 19.16 -29.30
N PRO K 72 64.60 19.76 -28.15
CA PRO K 72 63.99 19.32 -26.89
C PRO K 72 62.54 19.78 -26.78
N VAL K 73 61.80 19.08 -25.93
CA VAL K 73 60.38 19.37 -25.70
C VAL K 73 60.34 20.36 -24.53
N LEU K 74 60.43 21.65 -24.85
CA LEU K 74 60.38 22.67 -23.83
C LEU K 74 58.96 22.82 -23.29
N PRO K 75 58.79 23.07 -21.99
CA PRO K 75 57.45 23.32 -21.46
C PRO K 75 56.89 24.64 -21.97
N PHE K 76 55.57 24.66 -22.14
CA PHE K 76 54.86 25.85 -22.62
C PHE K 76 54.26 26.56 -21.41
N ASN K 77 54.88 27.68 -21.01
CA ASN K 77 54.40 28.46 -19.89
C ASN K 77 53.30 29.41 -20.36
N ASP K 78 52.95 30.39 -19.53
CA ASP K 78 51.92 31.36 -19.87
C ASP K 78 52.40 32.35 -20.93
N GLY K 79 52.55 31.87 -22.16
CA GLY K 79 53.03 32.70 -23.25
C GLY K 79 54.51 32.54 -23.48
N VAL K 80 54.91 32.35 -24.74
CA VAL K 80 56.30 32.18 -25.10
C VAL K 80 56.67 33.19 -26.18
N TYR K 81 57.98 33.46 -26.29
CA TYR K 81 58.52 34.35 -27.30
C TYR K 81 59.46 33.55 -28.19
N PHE K 82 59.22 33.59 -29.50
CA PHE K 82 59.98 32.80 -30.46
C PHE K 82 60.50 33.74 -31.55
N ALA K 83 61.80 34.03 -31.51
CA ALA K 83 62.44 34.90 -32.48
C ALA K 83 63.44 34.10 -33.30
N SER K 84 63.43 34.29 -34.61
CA SER K 84 64.32 33.58 -35.52
C SER K 84 64.89 34.53 -36.55
N THR K 85 66.20 34.46 -36.75
CA THR K 85 66.88 35.23 -37.79
C THR K 85 66.97 34.43 -39.09
N GLU K 86 65.80 33.97 -39.54
CA GLU K 86 65.70 33.06 -40.67
C GLU K 86 66.17 33.73 -41.96
N LYS K 87 66.97 33.00 -42.74
CA LYS K 87 67.52 33.48 -44.00
C LYS K 87 67.02 32.68 -45.20
N SER K 88 67.21 31.36 -45.19
CA SER K 88 66.87 30.51 -46.32
C SER K 88 65.66 29.63 -46.04
N ASN K 89 64.82 30.03 -45.09
CA ASN K 89 63.56 29.33 -44.77
C ASN K 89 63.79 27.87 -44.37
N ILE K 90 64.78 27.66 -43.50
CA ILE K 90 65.06 26.31 -43.02
C ILE K 90 63.94 25.84 -42.09
N ILE K 91 63.48 26.71 -41.19
CA ILE K 91 62.41 26.33 -40.27
C ILE K 91 61.09 26.24 -41.02
N ARG K 92 60.20 25.37 -40.54
CA ARG K 92 58.91 25.14 -41.18
C ARG K 92 57.73 25.54 -40.29
N GLY K 93 57.67 25.04 -39.07
CA GLY K 93 56.55 25.34 -38.23
C GLY K 93 56.73 24.83 -36.81
N TRP K 94 55.62 24.77 -36.09
CA TRP K 94 55.62 24.37 -34.68
C TRP K 94 54.50 23.37 -34.42
N ILE K 95 54.70 22.55 -33.40
CA ILE K 95 53.68 21.63 -32.93
C ILE K 95 53.52 21.81 -31.42
N PHE K 96 52.35 21.44 -30.92
CA PHE K 96 51.99 21.63 -29.53
C PHE K 96 51.37 20.35 -28.98
N GLY K 97 51.09 20.37 -27.68
CA GLY K 97 50.47 19.23 -27.03
C GLY K 97 50.90 19.15 -25.58
N THR K 98 50.37 18.12 -24.91
CA THR K 98 50.71 17.87 -23.51
C THR K 98 51.52 16.59 -23.34
N THR K 99 51.02 15.47 -23.85
CA THR K 99 51.72 14.19 -23.77
C THR K 99 52.13 13.64 -25.13
N LEU K 100 51.50 14.10 -26.22
CA LEU K 100 51.81 13.66 -27.58
C LEU K 100 51.68 12.14 -27.73
N ASP K 101 50.65 11.57 -27.11
CA ASP K 101 50.40 10.13 -27.16
C ASP K 101 48.98 9.82 -27.63
N SER K 102 48.46 10.65 -28.55
CA SER K 102 47.11 10.49 -29.11
C SER K 102 46.04 10.47 -28.03
N LYS K 103 46.19 11.34 -27.03
CA LYS K 103 45.24 11.45 -25.93
C LYS K 103 44.59 12.82 -25.86
N THR K 104 45.31 13.89 -26.20
CA THR K 104 44.81 15.25 -26.12
C THR K 104 44.73 15.85 -27.53
N GLN K 105 44.33 17.12 -27.58
CA GLN K 105 44.26 17.86 -28.83
C GLN K 105 45.61 18.53 -29.05
N SER K 106 46.47 17.86 -29.82
CA SER K 106 47.81 18.35 -30.10
C SER K 106 47.79 19.21 -31.37
N LEU K 107 48.28 20.44 -31.25
CA LEU K 107 48.27 21.36 -32.37
C LEU K 107 49.39 21.02 -33.36
N LEU K 108 49.21 21.48 -34.59
CA LEU K 108 50.20 21.28 -35.64
C LEU K 108 50.12 22.47 -36.58
N ILE K 109 51.00 23.44 -36.39
CA ILE K 109 51.06 24.65 -37.21
C ILE K 109 52.28 24.52 -38.11
N VAL K 110 52.06 24.11 -39.35
CA VAL K 110 53.14 23.89 -40.30
C VAL K 110 52.93 24.81 -41.50
N ASN K 111 54.03 25.22 -42.11
CA ASN K 111 54.02 26.09 -43.29
C ASN K 111 54.69 25.34 -44.43
N ASN K 112 53.87 24.66 -45.24
CA ASN K 112 54.39 23.94 -46.39
C ASN K 112 54.69 24.91 -47.54
N ALA K 113 55.22 24.37 -48.63
CA ALA K 113 55.63 25.21 -49.76
C ALA K 113 54.45 25.82 -50.49
N THR K 114 53.25 25.29 -50.33
CA THR K 114 52.07 25.78 -51.05
C THR K 114 51.17 26.63 -50.16
N ASN K 115 50.81 26.15 -48.97
CA ASN K 115 49.89 26.87 -48.12
C ASN K 115 50.20 26.55 -46.65
N VAL K 116 49.78 27.46 -45.78
CA VAL K 116 49.94 27.27 -44.33
C VAL K 116 48.83 26.35 -43.83
N VAL K 117 49.22 25.33 -43.08
CA VAL K 117 48.27 24.36 -42.55
C VAL K 117 48.30 24.44 -41.03
N ILE K 118 47.16 24.76 -40.43
CA ILE K 118 47.01 24.84 -38.99
C ILE K 118 45.89 23.88 -38.60
N LYS K 119 46.24 22.73 -38.05
CA LYS K 119 45.28 21.74 -37.61
C LYS K 119 45.66 21.23 -36.23
N VAL K 120 44.66 21.11 -35.35
CA VAL K 120 44.85 20.52 -34.02
C VAL K 120 44.06 19.22 -33.96
N CYS K 121 44.75 18.14 -33.65
CA CYS K 121 44.18 16.79 -33.65
C CYS K 121 44.88 15.99 -32.56
N GLU K 122 44.78 14.66 -32.65
CA GLU K 122 45.40 13.76 -31.68
C GLU K 122 46.43 12.88 -32.39
N PHE K 123 47.32 13.50 -33.15
CA PHE K 123 48.31 12.77 -33.93
C PHE K 123 49.19 11.90 -33.04
N GLN K 124 49.57 10.74 -33.56
CA GLN K 124 50.57 9.88 -32.91
C GLN K 124 51.93 10.49 -33.18
N PHE K 125 52.29 11.46 -32.35
CA PHE K 125 53.54 12.19 -32.52
C PHE K 125 54.72 11.31 -32.14
N CYS K 126 55.73 11.28 -32.99
CA CYS K 126 56.91 10.45 -32.77
C CYS K 126 57.88 11.18 -31.84
N ASN K 127 59.07 10.61 -31.66
CA ASN K 127 60.05 11.19 -30.74
C ASN K 127 60.63 12.49 -31.30
N ASP K 128 60.83 12.57 -32.61
CA ASP K 128 61.48 13.71 -33.23
C ASP K 128 61.01 13.91 -34.68
N PRO K 129 59.81 14.47 -34.87
CA PRO K 129 59.32 14.73 -36.22
C PRO K 129 60.14 15.82 -36.91
N PHE K 130 60.28 15.69 -38.23
CA PHE K 130 61.10 16.60 -38.99
C PHE K 130 60.64 16.58 -40.44
N LEU K 131 61.08 17.58 -41.20
CA LEU K 131 60.78 17.71 -42.62
C LEU K 131 62.02 17.34 -43.42
N GLY K 132 61.84 16.48 -44.43
CA GLY K 132 62.94 16.02 -45.26
C GLY K 132 62.86 16.63 -46.65
N VAL K 133 63.97 17.22 -47.07
CA VAL K 133 64.09 17.86 -48.38
C VAL K 133 65.12 17.10 -49.19
N TYR K 134 64.73 16.68 -50.39
CA TYR K 134 65.58 15.90 -51.27
C TYR K 134 65.96 16.73 -52.49
N TYR K 135 67.16 16.49 -53.01
CA TYR K 135 67.68 17.18 -54.18
C TYR K 135 67.59 16.27 -55.39
N HIS K 136 66.78 16.65 -56.38
CA HIS K 136 66.63 15.86 -57.58
C HIS K 136 67.86 16.00 -58.49
N LYS K 137 68.18 14.94 -59.22
CA LYS K 137 69.31 14.96 -60.13
C LYS K 137 68.97 15.69 -61.42
N ASN K 138 67.83 15.37 -62.04
CA ASN K 138 67.44 16.00 -63.29
C ASN K 138 66.94 17.43 -63.09
N ASN K 139 66.31 17.72 -61.96
CA ASN K 139 65.78 19.04 -61.67
C ASN K 139 66.69 19.75 -60.68
N LYS K 140 67.14 20.95 -61.05
CA LYS K 140 68.03 21.73 -60.19
C LYS K 140 67.22 22.59 -59.23
N SER K 141 66.52 21.91 -58.33
CA SER K 141 65.69 22.57 -57.32
C SER K 141 65.52 21.63 -56.14
N TRP K 142 65.04 22.19 -55.04
CA TRP K 142 64.81 21.45 -53.81
C TRP K 142 63.31 21.31 -53.57
N MET K 143 62.83 20.08 -53.42
CA MET K 143 61.44 19.82 -53.07
C MET K 143 61.38 18.93 -51.84
N GLU K 144 60.33 19.10 -51.06
CA GLU K 144 60.13 18.32 -49.84
C GLU K 144 59.45 17.00 -50.18
N SER K 145 60.04 15.90 -49.72
CA SER K 145 59.51 14.57 -50.02
C SER K 145 59.23 13.75 -48.77
N GLU K 146 60.06 13.87 -47.73
CA GLU K 146 59.89 13.10 -46.50
C GLU K 146 58.99 13.90 -45.57
N PHE K 147 57.69 13.58 -45.60
CA PHE K 147 56.70 14.23 -44.75
C PHE K 147 56.46 13.32 -43.54
N ARG K 148 57.41 13.34 -42.62
CA ARG K 148 57.38 12.52 -41.41
C ARG K 148 57.15 13.44 -40.22
N VAL K 149 55.88 13.75 -39.95
CA VAL K 149 55.53 14.63 -38.84
C VAL K 149 54.64 13.88 -37.84
N TYR K 150 53.93 12.86 -38.32
CA TYR K 150 53.19 11.96 -37.45
C TYR K 150 52.95 10.65 -38.18
N SER K 151 52.38 9.69 -37.46
CA SER K 151 52.03 8.39 -38.03
C SER K 151 50.57 8.33 -38.48
N SER K 152 49.64 8.65 -37.59
CA SER K 152 48.22 8.60 -37.91
C SER K 152 47.47 9.49 -36.93
N ALA K 153 46.20 9.76 -37.26
CA ALA K 153 45.33 10.55 -36.41
C ALA K 153 43.94 9.91 -36.41
N ASN K 154 43.23 10.07 -35.29
CA ASN K 154 41.90 9.49 -35.14
C ASN K 154 40.80 10.46 -35.55
N ASN K 155 40.75 11.64 -34.93
CA ASN K 155 39.77 12.65 -35.27
C ASN K 155 40.45 14.03 -35.27
N CYS K 156 39.87 14.95 -36.02
CA CYS K 156 40.40 16.30 -36.15
C CYS K 156 39.28 17.32 -35.98
N THR K 157 39.65 18.47 -35.42
CA THR K 157 38.69 19.55 -35.25
C THR K 157 38.50 20.32 -36.55
N PHE K 158 39.57 20.95 -37.04
CA PHE K 158 39.53 21.69 -38.29
C PHE K 158 40.96 21.86 -38.80
N GLU K 159 41.06 22.27 -40.06
CA GLU K 159 42.35 22.55 -40.70
C GLU K 159 42.28 23.95 -41.31
N TYR K 160 42.86 24.92 -40.61
CA TYR K 160 42.89 26.28 -41.13
C TYR K 160 43.87 26.39 -42.28
N VAL K 161 43.48 27.12 -43.32
CA VAL K 161 44.23 27.20 -44.56
C VAL K 161 44.81 28.60 -44.78
N SER K 162 43.96 29.63 -44.72
CA SER K 162 44.31 31.02 -44.96
C SER K 162 44.92 31.23 -46.34
N GLN K 163 45.62 32.35 -46.54
CA GLN K 163 46.24 32.64 -47.83
C GLN K 163 47.48 31.79 -48.04
N PRO K 164 47.80 31.47 -49.30
CA PRO K 164 49.05 30.73 -49.57
C PRO K 164 50.28 31.55 -49.23
N PHE K 165 51.33 30.84 -48.82
CA PHE K 165 52.60 31.47 -48.47
C PHE K 165 53.70 30.80 -49.29
N LEU K 166 54.54 31.61 -49.93
CA LEU K 166 55.62 31.13 -50.77
C LEU K 166 56.93 31.23 -50.01
N MET K 167 57.70 30.15 -50.02
CA MET K 167 58.93 30.06 -49.24
C MET K 167 59.99 29.35 -50.07
N ASP K 168 61.25 29.67 -49.78
CA ASP K 168 62.36 29.14 -50.55
C ASP K 168 62.90 27.88 -49.89
N LEU K 169 63.02 26.81 -50.66
CA LEU K 169 63.46 25.52 -50.16
C LEU K 169 64.95 25.30 -50.30
N GLU K 170 65.69 26.26 -50.85
CA GLU K 170 67.13 26.13 -51.03
C GLU K 170 67.84 26.69 -49.80
N GLY K 171 68.70 25.87 -49.20
CA GLY K 171 69.45 26.26 -48.02
C GLY K 171 70.89 26.61 -48.36
N LYS K 172 71.40 27.66 -47.72
CA LYS K 172 72.75 28.15 -47.94
C LYS K 172 73.47 28.26 -46.60
N GLN K 173 74.72 28.70 -46.65
CA GLN K 173 75.55 28.87 -45.46
C GLN K 173 75.97 30.31 -45.26
N GLY K 174 75.31 31.26 -45.94
CA GLY K 174 75.67 32.65 -45.85
C GLY K 174 75.06 33.34 -44.64
N ASN K 175 75.28 34.66 -44.57
CA ASN K 175 74.75 35.45 -43.48
C ASN K 175 73.25 35.63 -43.62
N PHE K 176 72.59 35.87 -42.49
CA PHE K 176 71.14 36.03 -42.48
C PHE K 176 70.75 37.41 -42.99
N LYS K 177 69.55 37.47 -43.59
CA LYS K 177 69.02 38.72 -44.14
C LYS K 177 67.65 39.10 -43.61
N ASN K 178 66.96 38.22 -42.89
CA ASN K 178 65.65 38.53 -42.35
C ASN K 178 65.57 38.05 -40.91
N LEU K 179 64.67 38.68 -40.15
CA LEU K 179 64.43 38.32 -38.75
C LEU K 179 62.93 38.15 -38.55
N ARG K 180 62.53 37.01 -37.99
CA ARG K 180 61.13 36.70 -37.75
C ARG K 180 60.92 36.44 -36.26
N GLU K 181 59.91 37.08 -35.69
CA GLU K 181 59.56 36.91 -34.28
C GLU K 181 58.13 36.43 -34.17
N PHE K 182 57.90 35.48 -33.26
CA PHE K 182 56.58 34.90 -33.04
C PHE K 182 56.27 34.87 -31.55
N VAL K 183 55.01 35.14 -31.22
CA VAL K 183 54.54 35.10 -29.84
C VAL K 183 53.28 34.23 -29.81
N PHE K 184 53.31 33.18 -28.98
CA PHE K 184 52.19 32.27 -28.81
C PHE K 184 51.63 32.43 -27.40
N LYS K 185 50.34 32.72 -27.29
CA LYS K 185 49.69 32.93 -26.01
C LYS K 185 48.43 32.10 -25.92
N ASN K 186 48.01 31.83 -24.68
CA ASN K 186 46.79 31.06 -24.42
C ASN K 186 46.14 31.62 -23.16
N ILE K 187 45.15 32.49 -23.34
CA ILE K 187 44.38 33.04 -22.24
C ILE K 187 42.94 32.58 -22.41
N ASP K 188 42.40 31.94 -21.36
CA ASP K 188 41.05 31.36 -21.37
C ASP K 188 40.87 30.37 -22.52
N GLY K 189 41.94 29.69 -22.92
CA GLY K 189 41.90 28.77 -24.03
C GLY K 189 42.00 29.39 -25.41
N TYR K 190 42.09 30.72 -25.50
CA TYR K 190 42.14 31.40 -26.79
C TYR K 190 43.59 31.46 -27.26
N PHE K 191 43.86 30.92 -28.44
CA PHE K 191 45.20 30.87 -29.00
C PHE K 191 45.50 32.17 -29.74
N LYS K 192 46.66 32.75 -29.48
CA LYS K 192 47.04 34.04 -30.02
C LYS K 192 48.29 33.93 -30.86
N ILE K 193 48.33 34.70 -31.95
CA ILE K 193 49.48 34.75 -32.86
C ILE K 193 49.89 36.20 -33.04
N TYR K 194 51.18 36.48 -32.85
CA TYR K 194 51.73 37.81 -33.09
C TYR K 194 53.05 37.65 -33.83
N SER K 195 53.17 38.29 -35.00
CA SER K 195 54.37 38.15 -35.80
C SER K 195 54.54 39.36 -36.71
N LYS K 196 55.79 39.67 -37.02
CA LYS K 196 56.13 40.73 -37.96
C LYS K 196 57.52 40.48 -38.50
N HIS K 197 57.65 40.39 -39.81
CA HIS K 197 58.96 40.20 -40.44
C HIS K 197 59.73 41.51 -40.45
N THR K 198 60.99 41.46 -40.02
CA THR K 198 61.84 42.65 -39.93
C THR K 198 63.17 42.34 -40.61
N PRO K 199 63.53 43.02 -41.70
CA PRO K 199 64.83 42.79 -42.31
C PRO K 199 65.97 43.29 -41.43
N ILE K 200 67.10 42.58 -41.53
CA ILE K 200 68.29 42.93 -40.76
C ILE K 200 69.49 42.30 -41.44
N ASN K 201 70.68 42.82 -41.18
CA ASN K 201 71.94 42.26 -41.67
C ASN K 201 72.81 41.99 -40.46
N LEU K 202 72.62 40.82 -39.84
CA LEU K 202 73.31 40.49 -38.61
C LEU K 202 73.18 38.98 -38.37
N VAL K 203 74.15 38.43 -37.65
CA VAL K 203 74.15 37.00 -37.34
C VAL K 203 74.04 36.72 -35.85
N ARG K 204 74.37 37.68 -34.98
CA ARG K 204 74.43 37.43 -33.55
C ARG K 204 74.33 38.78 -32.85
N ASP K 205 73.88 38.75 -31.59
CA ASP K 205 73.72 39.93 -30.73
C ASP K 205 72.75 40.93 -31.36
N LEU K 206 71.48 40.49 -31.39
CA LEU K 206 70.30 41.19 -31.93
C LEU K 206 70.29 42.67 -31.60
N PRO K 207 69.92 43.53 -32.56
CA PRO K 207 70.02 44.98 -32.34
C PRO K 207 69.05 45.48 -31.29
N GLN K 208 69.33 46.67 -30.79
CA GLN K 208 68.54 47.31 -29.74
C GLN K 208 67.38 48.12 -30.30
N GLY K 209 67.13 48.05 -31.61
CA GLY K 209 66.01 48.76 -32.19
C GLY K 209 64.68 48.18 -31.76
N PHE K 210 63.62 48.97 -31.98
CA PHE K 210 62.28 48.63 -31.53
C PHE K 210 61.40 48.27 -32.71
N SER K 211 60.57 47.24 -32.53
CA SER K 211 59.63 46.81 -33.56
C SER K 211 58.50 46.06 -32.88
N ALA K 212 57.28 46.57 -33.01
CA ALA K 212 56.12 45.92 -32.42
C ALA K 212 55.71 44.69 -33.24
N LEU K 213 54.79 43.91 -32.69
CA LEU K 213 54.28 42.70 -33.33
C LEU K 213 52.77 42.82 -33.50
N GLU K 214 52.30 42.64 -34.75
CA GLU K 214 50.89 42.70 -35.10
C GLU K 214 50.33 41.30 -35.28
N PRO K 215 49.05 41.09 -34.93
CA PRO K 215 48.48 39.74 -35.06
C PRO K 215 48.23 39.37 -36.52
N LEU K 216 48.19 38.06 -36.76
CA LEU K 216 47.84 37.50 -38.05
C LEU K 216 46.55 36.69 -38.03
N VAL K 217 46.33 35.89 -36.99
CA VAL K 217 45.11 35.10 -36.85
C VAL K 217 44.87 34.85 -35.37
N ASP K 218 43.59 34.79 -35.00
CA ASP K 218 43.17 34.51 -33.63
C ASP K 218 42.34 33.24 -33.64
N LEU K 219 42.81 32.21 -32.94
CA LEU K 219 42.16 30.90 -32.97
C LEU K 219 41.44 30.63 -31.65
N PRO K 220 40.11 30.62 -31.64
CA PRO K 220 39.35 30.27 -30.41
C PRO K 220 39.14 28.76 -30.26
N ILE K 221 40.18 28.08 -29.77
CA ILE K 221 40.14 26.63 -29.64
C ILE K 221 39.60 26.20 -28.28
N GLY K 222 40.16 26.74 -27.20
CA GLY K 222 39.68 26.43 -25.87
C GLY K 222 40.10 25.07 -25.36
N ILE K 223 41.41 24.79 -25.37
CA ILE K 223 41.95 23.52 -24.89
C ILE K 223 43.15 23.81 -24.01
N ASN K 224 43.58 22.78 -23.28
CA ASN K 224 44.83 22.84 -22.54
C ASN K 224 46.04 22.94 -23.46
N ILE K 225 47.12 23.47 -22.90
CA ILE K 225 48.45 23.45 -23.51
C ILE K 225 49.49 23.60 -22.41
N THR K 226 50.50 22.72 -22.41
CA THR K 226 51.57 22.80 -21.42
C THR K 226 52.96 22.57 -21.98
N ARG K 227 53.11 22.04 -23.19
CA ARG K 227 54.42 21.77 -23.77
C ARG K 227 54.40 22.15 -25.24
N PHE K 228 55.57 22.47 -25.78
CA PHE K 228 55.69 22.84 -27.17
C PHE K 228 57.06 22.44 -27.69
N GLN K 229 57.15 22.30 -29.02
CA GLN K 229 58.38 21.87 -29.67
C GLN K 229 58.35 22.34 -31.11
N THR K 230 59.48 22.83 -31.60
CA THR K 230 59.58 23.38 -32.94
C THR K 230 60.06 22.31 -33.92
N LEU K 231 59.79 22.56 -35.20
CA LEU K 231 60.14 21.65 -36.28
C LEU K 231 61.23 22.26 -37.14
N LEU K 232 62.15 21.40 -37.60
CA LEU K 232 63.25 21.82 -38.44
C LEU K 232 63.30 20.95 -39.69
N ALA K 233 63.86 21.49 -40.76
CA ALA K 233 63.97 20.80 -42.03
C ALA K 233 65.43 20.66 -42.43
N LEU K 234 65.81 19.47 -42.87
CA LEU K 234 67.16 19.18 -43.33
C LEU K 234 67.15 18.86 -44.81
N HIS K 235 68.31 19.01 -45.44
CA HIS K 235 68.47 18.80 -46.86
C HIS K 235 69.23 17.50 -47.13
N ARG K 236 68.89 16.85 -48.23
CA ARG K 236 69.53 15.61 -48.67
C ARG K 236 70.09 15.83 -50.06
N SER K 237 71.33 16.31 -50.12
CA SER K 237 72.00 16.59 -51.38
C SER K 237 72.78 15.35 -51.83
N TYR K 238 73.61 15.51 -52.87
CA TYR K 238 74.41 14.40 -53.35
C TYR K 238 75.62 14.12 -52.47
N LEU K 239 76.02 15.08 -51.62
CA LEU K 239 77.16 14.85 -50.73
C LEU K 239 76.82 13.84 -49.64
N THR K 240 75.66 13.99 -49.01
CA THR K 240 75.23 13.05 -47.99
C THR K 240 74.77 11.75 -48.63
N PRO K 241 74.96 10.61 -47.95
CA PRO K 241 74.44 9.35 -48.49
C PRO K 241 72.93 9.30 -48.61
N GLY K 242 72.21 10.12 -47.86
CA GLY K 242 70.76 10.17 -47.94
C GLY K 242 70.02 9.45 -46.83
N ASP K 243 70.73 8.93 -45.83
CA ASP K 243 70.11 8.25 -44.70
C ASP K 243 70.12 9.17 -43.49
N SER K 244 69.01 9.17 -42.74
CA SER K 244 68.87 10.02 -41.56
C SER K 244 69.42 9.34 -40.31
N SER K 245 70.67 8.90 -40.38
CA SER K 245 71.34 8.28 -39.24
C SER K 245 72.53 9.12 -38.76
N SER K 246 73.49 9.40 -39.65
CA SER K 246 74.65 10.21 -39.27
C SER K 246 75.03 11.26 -40.29
N GLY K 247 74.53 11.21 -41.52
CA GLY K 247 74.92 12.18 -42.54
C GLY K 247 73.76 13.02 -43.03
N TRP K 248 73.82 14.32 -42.75
CA TRP K 248 72.78 15.25 -43.17
C TRP K 248 73.34 16.66 -43.12
N THR K 249 72.59 17.59 -43.71
CA THR K 249 72.91 19.01 -43.63
C THR K 249 71.65 19.78 -43.30
N ALA K 250 71.82 20.90 -42.57
CA ALA K 250 70.69 21.69 -42.13
C ALA K 250 70.84 23.18 -42.46
N GLY K 251 71.87 23.56 -43.21
CA GLY K 251 72.06 24.96 -43.54
C GLY K 251 72.59 25.74 -42.35
N ALA K 252 72.05 26.95 -42.17
CA ALA K 252 72.44 27.83 -41.07
C ALA K 252 71.22 28.56 -40.57
N ALA K 253 70.87 28.36 -39.30
CA ALA K 253 69.71 29.00 -38.71
C ALA K 253 69.91 29.10 -37.21
N ALA K 254 69.12 29.99 -36.58
CA ALA K 254 69.19 30.18 -35.14
C ALA K 254 67.86 30.74 -34.67
N TYR K 255 67.25 30.06 -33.68
CA TYR K 255 65.98 30.49 -33.12
C TYR K 255 66.11 30.65 -31.61
N TYR K 256 65.48 31.71 -31.09
CA TYR K 256 65.51 32.03 -29.66
C TYR K 256 64.15 31.72 -29.06
N VAL K 257 64.16 31.07 -27.89
CA VAL K 257 62.94 30.69 -27.18
C VAL K 257 62.94 31.40 -25.84
N GLY K 258 61.91 32.19 -25.58
CA GLY K 258 61.78 32.90 -24.33
C GLY K 258 60.42 32.64 -23.69
N TYR K 259 60.34 32.96 -22.40
CA TYR K 259 59.12 32.77 -21.62
C TYR K 259 58.61 34.12 -21.15
N LEU K 260 57.31 34.37 -21.36
CA LEU K 260 56.71 35.63 -20.96
C LEU K 260 56.37 35.61 -19.48
N GLN K 261 56.51 36.78 -18.85
CA GLN K 261 56.20 36.95 -17.43
C GLN K 261 55.23 38.12 -17.27
N PRO K 262 54.34 38.07 -16.26
CA PRO K 262 53.39 39.16 -16.08
C PRO K 262 54.01 40.40 -15.46
N ARG K 263 54.24 41.43 -16.28
CA ARG K 263 54.77 42.71 -15.81
C ARG K 263 53.98 43.84 -16.43
N THR K 264 53.88 44.94 -15.70
CA THR K 264 53.21 46.14 -16.22
C THR K 264 54.18 46.91 -17.12
N PHE K 265 53.72 47.21 -18.34
CA PHE K 265 54.54 47.87 -19.34
C PHE K 265 53.90 49.21 -19.71
N LEU K 266 54.72 50.25 -19.80
CA LEU K 266 54.28 51.57 -20.23
C LEU K 266 54.50 51.66 -21.74
N LEU K 267 53.41 51.75 -22.49
CA LEU K 267 53.47 51.70 -23.95
C LEU K 267 53.52 53.12 -24.52
N LYS K 268 54.36 53.31 -25.54
CA LYS K 268 54.53 54.59 -26.20
C LYS K 268 53.80 54.54 -27.54
N TYR K 269 52.78 55.36 -27.69
CA TYR K 269 52.00 55.45 -28.92
C TYR K 269 52.24 56.81 -29.58
N ASN K 270 52.61 56.78 -30.86
CA ASN K 270 52.88 58.00 -31.61
C ASN K 270 51.57 58.52 -32.21
N GLU K 271 51.67 59.57 -33.03
CA GLU K 271 50.49 60.12 -33.69
C GLU K 271 49.98 59.21 -34.79
N ASN K 272 50.82 58.32 -35.32
CA ASN K 272 50.37 57.38 -36.35
C ASN K 272 49.55 56.25 -35.75
N GLY K 273 49.93 55.79 -34.55
CA GLY K 273 49.20 54.72 -33.89
C GLY K 273 49.97 53.42 -33.76
N THR K 274 51.29 53.52 -33.66
CA THR K 274 52.14 52.34 -33.54
C THR K 274 53.01 52.46 -32.28
N ILE K 275 53.50 51.31 -31.82
CA ILE K 275 54.29 51.24 -30.60
C ILE K 275 55.72 51.67 -30.90
N THR K 276 56.28 52.50 -30.02
CA THR K 276 57.66 52.96 -30.14
C THR K 276 58.54 52.55 -28.98
N ASP K 277 58.03 52.57 -27.75
CA ASP K 277 58.79 52.18 -26.57
C ASP K 277 57.93 51.35 -25.64
N ALA K 278 58.59 50.53 -24.84
CA ALA K 278 57.93 49.60 -23.91
C ALA K 278 58.61 49.64 -22.55
N VAL K 279 58.76 50.86 -22.00
CA VAL K 279 59.44 51.04 -20.72
C VAL K 279 58.72 50.26 -19.62
N ASP K 280 59.50 49.52 -18.83
CA ASP K 280 58.97 48.60 -17.84
C ASP K 280 58.80 49.29 -16.49
N CYS K 281 58.40 48.51 -15.48
CA CYS K 281 58.26 49.01 -14.11
C CYS K 281 58.99 48.17 -13.06
N ALA K 282 59.29 46.90 -13.34
CA ALA K 282 59.93 46.02 -12.37
C ALA K 282 61.32 45.60 -12.80
N LEU K 283 61.95 46.35 -13.70
CA LEU K 283 63.29 46.05 -14.18
C LEU K 283 64.35 47.00 -13.61
N ASP K 284 64.11 48.30 -13.71
CA ASP K 284 65.05 49.31 -13.21
C ASP K 284 64.30 50.34 -12.39
N PRO K 285 64.93 50.90 -11.35
CA PRO K 285 64.31 52.01 -10.62
C PRO K 285 64.03 53.22 -11.49
N LEU K 286 64.88 53.49 -12.47
CA LEU K 286 64.60 54.59 -13.41
C LEU K 286 63.38 54.30 -14.25
N SER K 287 63.23 53.06 -14.72
CA SER K 287 62.03 52.68 -15.47
C SER K 287 60.78 52.76 -14.62
N GLU K 288 60.88 52.35 -13.35
CA GLU K 288 59.75 52.47 -12.43
C GLU K 288 59.38 53.92 -12.22
N THR K 289 60.37 54.80 -12.05
CA THR K 289 60.10 56.22 -11.90
C THR K 289 59.45 56.80 -13.15
N LYS K 290 59.90 56.35 -14.33
CA LYS K 290 59.29 56.79 -15.58
C LYS K 290 57.83 56.36 -15.68
N CYS K 291 57.54 55.11 -15.31
CA CYS K 291 56.20 54.58 -15.53
C CYS K 291 55.20 54.94 -14.44
N THR K 292 55.66 55.31 -13.24
CA THR K 292 54.71 55.80 -12.23
C THR K 292 54.27 57.23 -12.52
N LEU K 293 55.13 58.06 -13.10
CA LEU K 293 54.76 59.42 -13.45
C LEU K 293 54.01 59.52 -14.77
N LYS K 294 53.90 58.41 -15.51
CA LYS K 294 53.26 58.37 -16.84
C LYS K 294 53.90 59.38 -17.78
N SER K 295 55.24 59.44 -17.76
CA SER K 295 55.98 60.36 -18.61
C SER K 295 57.31 59.72 -18.98
N PHE K 296 57.91 60.23 -20.05
CA PHE K 296 59.19 59.72 -20.52
C PHE K 296 60.37 60.57 -20.11
N THR K 297 60.16 61.85 -19.82
CA THR K 297 61.22 62.74 -19.36
C THR K 297 61.06 62.97 -17.86
N VAL K 298 62.12 62.69 -17.10
CA VAL K 298 62.12 62.81 -15.66
C VAL K 298 63.03 63.96 -15.26
N GLU K 299 62.51 64.87 -14.44
CA GLU K 299 63.28 66.00 -13.96
C GLU K 299 63.93 65.66 -12.61
N LYS K 300 64.76 66.59 -12.13
CA LYS K 300 65.45 66.39 -10.87
C LYS K 300 64.47 66.54 -9.71
N GLY K 301 64.55 65.62 -8.77
CA GLY K 301 63.66 65.64 -7.62
C GLY K 301 63.48 64.24 -7.05
N ILE K 302 62.59 64.15 -6.08
CA ILE K 302 62.27 62.91 -5.39
C ILE K 302 60.89 62.44 -5.83
N TYR K 303 60.80 61.20 -6.30
CA TYR K 303 59.54 60.61 -6.74
C TYR K 303 59.35 59.28 -6.02
N GLN K 304 58.18 59.11 -5.41
CA GLN K 304 57.85 57.90 -4.67
C GLN K 304 57.23 56.90 -5.64
N THR K 305 57.82 55.71 -5.73
CA THR K 305 57.37 54.68 -6.65
C THR K 305 56.57 53.58 -5.97
N SER K 306 57.13 52.96 -4.93
CA SER K 306 56.46 51.85 -4.24
C SER K 306 56.87 51.89 -2.78
N ASN K 307 56.56 50.81 -2.05
CA ASN K 307 56.88 50.69 -0.64
C ASN K 307 57.73 49.45 -0.42
N PHE K 308 58.62 49.54 0.56
CA PHE K 308 59.51 48.43 0.91
C PHE K 308 58.87 47.60 2.00
N ARG K 309 58.69 46.30 1.74
CA ARG K 309 58.05 45.38 2.67
C ARG K 309 59.06 44.34 3.14
N VAL K 310 59.18 44.17 4.45
CA VAL K 310 60.07 43.18 5.03
C VAL K 310 59.19 41.99 5.41
N GLN K 311 59.10 41.03 4.50
CA GLN K 311 58.28 39.85 4.74
C GLN K 311 58.96 38.94 5.77
N PRO K 312 58.22 38.43 6.75
CA PRO K 312 58.82 37.52 7.72
C PRO K 312 59.23 36.21 7.07
N THR K 313 60.32 35.63 7.61
CA THR K 313 60.86 34.39 7.09
C THR K 313 60.53 33.17 7.95
N GLU K 314 60.28 33.36 9.24
CA GLU K 314 59.96 32.28 10.16
C GLU K 314 58.66 32.57 10.88
N SER K 315 57.99 31.50 11.31
CA SER K 315 56.73 31.60 12.04
C SER K 315 56.78 30.60 13.20
N ILE K 316 57.06 31.10 14.40
CA ILE K 316 57.12 30.28 15.60
C ILE K 316 55.90 30.58 16.47
N VAL K 317 55.25 29.52 16.93
CA VAL K 317 54.09 29.63 17.82
C VAL K 317 54.28 28.67 18.98
N ARG K 318 54.07 29.17 20.20
CA ARG K 318 54.26 28.37 21.43
C ARG K 318 53.17 28.77 22.42
N PHE K 319 52.06 28.03 22.42
CA PHE K 319 51.06 28.24 23.46
C PHE K 319 51.48 27.66 24.81
N PRO K 320 51.85 26.37 24.92
CA PRO K 320 52.24 25.85 26.24
C PRO K 320 53.75 25.90 26.46
N ASN K 321 54.14 25.63 27.70
CA ASN K 321 55.54 25.47 28.05
C ASN K 321 55.96 24.00 28.16
N ILE K 322 55.16 23.20 28.86
CA ILE K 322 55.40 21.77 29.04
C ILE K 322 54.06 21.05 29.05
N THR K 323 54.10 19.74 29.25
CA THR K 323 52.89 18.96 29.47
C THR K 323 52.18 19.43 30.74
N ASN K 324 50.86 19.40 30.71
CA ASN K 324 50.06 19.93 31.81
C ASN K 324 48.76 19.16 31.92
N LEU K 325 48.22 19.11 33.15
CA LEU K 325 46.95 18.46 33.42
C LEU K 325 46.41 18.95 34.75
N CYS K 326 45.10 19.26 34.79
CA CYS K 326 44.35 19.61 35.98
C CYS K 326 43.53 18.43 36.47
N PRO K 327 43.30 18.29 37.79
CA PRO K 327 42.66 17.08 38.32
C PRO K 327 41.25 16.82 37.78
N PHE K 328 41.12 15.76 36.99
CA PHE K 328 39.84 15.35 36.45
C PHE K 328 39.65 13.83 36.52
N GLY K 329 40.62 13.07 37.02
CA GLY K 329 40.50 11.63 37.07
C GLY K 329 39.56 11.12 38.15
N GLU K 330 39.04 11.99 39.00
CA GLU K 330 38.12 11.55 40.04
C GLU K 330 36.81 11.02 39.49
N VAL K 331 36.39 11.51 38.31
CA VAL K 331 35.19 10.99 37.69
C VAL K 331 35.41 9.59 37.14
N PHE K 332 36.65 9.24 36.80
CA PHE K 332 37.00 7.89 36.37
C PHE K 332 37.56 7.04 37.51
N ASN K 333 37.67 7.59 38.72
CA ASN K 333 38.24 6.88 39.85
C ASN K 333 37.45 7.14 41.13
N ALA K 334 36.13 7.36 41.01
CA ALA K 334 35.31 7.67 42.16
C ALA K 334 35.04 6.43 43.00
N THR K 335 34.57 6.67 44.22
CA THR K 335 34.17 5.57 45.10
C THR K 335 32.97 4.84 44.54
N ARG K 336 32.01 5.58 43.97
CA ARG K 336 30.84 4.97 43.36
C ARG K 336 30.41 5.84 42.18
N PHE K 337 29.66 5.22 41.26
CA PHE K 337 29.22 5.88 40.04
C PHE K 337 27.72 6.15 40.10
N ALA K 338 27.19 6.66 38.99
CA ALA K 338 25.78 6.98 38.86
C ALA K 338 25.14 6.09 37.80
N SER K 339 23.81 6.07 37.81
CA SER K 339 23.06 5.25 36.88
C SER K 339 22.86 5.98 35.55
N VAL K 340 22.15 5.34 34.63
CA VAL K 340 21.92 5.94 33.32
C VAL K 340 20.66 6.81 33.28
N TYR K 341 19.69 6.54 34.17
CA TYR K 341 18.52 7.41 34.24
C TYR K 341 18.88 8.78 34.80
N ALA K 342 19.92 8.85 35.62
CA ALA K 342 20.47 10.11 36.12
C ALA K 342 21.98 9.95 36.14
N TRP K 343 22.64 10.44 35.10
CA TRP K 343 24.08 10.27 34.91
C TRP K 343 24.83 11.55 35.25
N ASN K 344 26.11 11.37 35.61
CA ASN K 344 26.93 12.46 36.11
C ASN K 344 27.50 13.25 34.94
N ARG K 345 26.90 14.42 34.67
CA ARG K 345 27.45 15.34 33.70
C ARG K 345 28.64 16.07 34.30
N LYS K 346 29.65 16.31 33.46
CA LYS K 346 30.86 17.01 33.89
C LYS K 346 31.15 18.15 32.93
N ARG K 347 31.72 19.23 33.46
CA ARG K 347 32.08 20.40 32.67
C ARG K 347 33.51 20.81 33.02
N ILE K 348 34.31 21.05 31.99
CA ILE K 348 35.71 21.43 32.15
C ILE K 348 35.93 22.74 31.42
N SER K 349 36.43 23.74 32.14
CA SER K 349 36.78 25.02 31.53
C SER K 349 37.98 25.60 32.28
N ASN K 350 38.72 26.46 31.58
CA ASN K 350 39.92 27.13 32.09
C ASN K 350 40.94 26.13 32.62
N CYS K 351 41.20 25.08 31.82
CA CYS K 351 42.19 24.06 32.25
C CYS K 351 42.99 23.55 31.04
N VAL K 352 44.27 23.29 31.22
CA VAL K 352 45.11 22.70 30.12
C VAL K 352 45.47 21.27 30.54
N ALA K 353 44.91 20.27 29.84
CA ALA K 353 45.16 18.86 30.22
C ALA K 353 45.63 18.06 29.00
N ASP K 354 46.36 16.96 29.23
CA ASP K 354 46.82 16.10 28.10
C ASP K 354 46.08 14.76 28.16
N TYR K 355 45.67 14.25 27.01
CA TYR K 355 44.91 12.96 26.96
C TYR K 355 45.89 11.80 26.86
N SER K 356 47.16 12.08 26.58
CA SER K 356 48.13 11.00 26.39
C SER K 356 48.18 10.08 27.60
N VAL K 357 48.19 10.66 28.81
CA VAL K 357 48.22 9.85 30.02
C VAL K 357 46.88 9.16 30.25
N LEU K 358 45.78 9.72 29.73
CA LEU K 358 44.48 9.06 29.75
C LEU K 358 44.36 7.95 28.71
N TYR K 359 45.42 7.64 27.98
CA TYR K 359 45.44 6.56 27.01
C TYR K 359 46.51 5.52 27.28
N ASN K 360 47.64 5.90 27.89
CA ASN K 360 48.74 5.00 28.14
C ASN K 360 48.57 4.18 29.42
N SER K 361 47.34 4.09 29.95
CA SER K 361 47.12 3.27 31.15
C SER K 361 47.22 1.79 30.86
N ALA K 362 46.95 1.38 29.61
CA ALA K 362 46.99 -0.01 29.17
C ALA K 362 46.06 -0.89 30.02
N SER K 363 44.90 -0.35 30.37
CA SER K 363 43.91 -1.07 31.17
C SER K 363 42.49 -0.98 30.64
N PHE K 364 42.21 -0.08 29.70
CA PHE K 364 40.87 0.03 29.13
C PHE K 364 40.61 -1.11 28.17
N SER K 365 39.49 -1.80 28.36
CA SER K 365 39.16 -2.94 27.50
C SER K 365 38.75 -2.48 26.11
N THR K 366 37.92 -1.45 26.02
CA THR K 366 37.40 -0.96 24.76
C THR K 366 37.71 0.53 24.63
N PHE K 367 37.76 1.00 23.38
CA PHE K 367 37.96 2.41 23.09
C PHE K 367 37.27 2.74 21.78
N LYS K 368 36.56 3.87 21.76
CA LYS K 368 35.87 4.31 20.55
C LYS K 368 35.84 5.82 20.53
N CYS K 369 36.17 6.41 19.38
CA CYS K 369 36.09 7.86 19.19
C CYS K 369 35.94 8.15 17.71
N TYR K 370 34.80 8.72 17.34
CA TYR K 370 34.53 9.13 15.96
C TYR K 370 34.62 10.64 15.83
N GLY K 371 34.63 11.10 14.59
CA GLY K 371 34.68 12.52 14.26
C GLY K 371 36.08 13.10 14.14
N VAL K 372 37.00 12.67 15.00
CA VAL K 372 38.37 13.15 14.99
C VAL K 372 39.29 11.96 15.17
N SER K 373 40.48 12.05 14.56
CA SER K 373 41.47 11.00 14.71
C SER K 373 42.01 10.98 16.13
N PRO K 374 42.22 9.79 16.72
CA PRO K 374 42.72 9.73 18.09
C PRO K 374 44.11 10.32 18.27
N THR K 375 44.97 10.23 17.26
CA THR K 375 46.35 10.70 17.38
C THR K 375 46.52 12.18 17.12
N LYS K 376 45.46 12.84 16.63
CA LYS K 376 45.56 14.29 16.28
C LYS K 376 44.36 15.06 16.85
N LEU K 377 43.84 14.66 18.02
CA LEU K 377 42.74 15.45 18.65
C LEU K 377 43.33 16.39 19.70
N ASN K 378 44.51 16.07 20.24
CA ASN K 378 45.14 16.91 21.28
C ASN K 378 45.46 18.29 20.69
N ASP K 379 46.05 18.30 19.48
CA ASP K 379 46.39 19.59 18.81
C ASP K 379 45.10 20.34 18.48
N LEU K 380 44.12 19.66 17.88
CA LEU K 380 42.83 20.31 17.52
C LEU K 380 42.22 20.93 18.76
N CYS K 381 42.15 22.26 18.83
CA CYS K 381 41.63 22.91 20.02
C CYS K 381 40.12 23.13 19.93
N PHE K 382 39.44 22.89 21.04
CA PHE K 382 38.00 23.07 21.18
C PHE K 382 37.74 24.06 22.31
N THR K 383 36.46 24.27 22.62
CA THR K 383 36.06 25.18 23.69
C THR K 383 35.85 24.47 25.02
N ASN K 384 34.93 23.52 25.07
CA ASN K 384 34.59 22.82 26.30
C ASN K 384 34.51 21.32 26.06
N VAL K 385 34.84 20.55 27.08
CA VAL K 385 34.79 19.10 27.04
C VAL K 385 33.83 18.62 28.14
N TYR K 386 32.87 17.79 27.75
CA TYR K 386 31.86 17.27 28.66
C TYR K 386 32.03 15.77 28.81
N ALA K 387 32.03 15.29 30.05
CA ALA K 387 32.15 13.87 30.35
C ALA K 387 30.80 13.31 30.76
N ASP K 388 30.41 12.22 30.11
CA ASP K 388 29.11 11.58 30.35
C ASP K 388 29.38 10.22 30.99
N SER K 389 29.49 10.21 32.32
CA SER K 389 29.87 9.02 33.06
C SER K 389 28.65 8.29 33.57
N PHE K 390 28.58 6.98 33.30
CA PHE K 390 27.52 6.12 33.78
C PHE K 390 28.00 4.68 33.71
N VAL K 391 27.16 3.75 34.18
CA VAL K 391 27.47 2.34 34.18
C VAL K 391 26.52 1.62 33.24
N ILE K 392 26.98 0.47 32.71
CA ILE K 392 26.19 -0.29 31.74
C ILE K 392 26.70 -1.72 31.76
N ARG K 393 25.90 -2.64 31.24
CA ARG K 393 26.28 -4.04 31.19
C ARG K 393 27.22 -4.31 30.01
N GLY K 394 27.73 -5.54 29.94
CA GLY K 394 28.64 -5.91 28.88
C GLY K 394 27.98 -6.16 27.54
N ASP K 395 26.67 -6.40 27.53
CA ASP K 395 25.94 -6.64 26.29
C ASP K 395 25.31 -5.38 25.71
N GLU K 396 25.46 -4.23 26.37
CA GLU K 396 24.87 -2.97 25.89
C GLU K 396 25.92 -1.96 25.44
N VAL K 397 27.21 -2.27 25.57
CA VAL K 397 28.24 -1.41 25.00
C VAL K 397 28.20 -1.43 23.48
N ARG K 398 27.63 -2.50 22.89
CA ARG K 398 27.48 -2.58 21.45
C ARG K 398 26.53 -1.50 20.93
N GLN K 399 25.45 -1.23 21.66
CA GLN K 399 24.44 -0.27 21.22
C GLN K 399 24.85 1.17 21.40
N ILE K 400 25.95 1.44 22.09
CA ILE K 400 26.40 2.82 22.32
C ILE K 400 27.27 3.19 21.13
N ALA K 401 26.62 3.63 20.06
CA ALA K 401 27.27 4.04 18.83
C ALA K 401 26.32 4.91 18.04
N PRO K 402 26.82 5.88 17.27
CA PRO K 402 25.93 6.75 16.48
C PRO K 402 25.26 5.96 15.35
N GLY K 403 23.94 5.86 15.41
CA GLY K 403 23.17 5.18 14.40
C GLY K 403 22.72 3.78 14.74
N GLN K 404 22.52 3.47 16.02
CA GLN K 404 22.10 2.15 16.45
C GLN K 404 20.87 2.26 17.33
N THR K 405 20.04 1.22 17.30
CA THR K 405 18.82 1.15 18.09
C THR K 405 19.02 0.20 19.26
N GLY K 406 17.95 -0.02 20.01
CA GLY K 406 17.98 -0.92 21.15
C GLY K 406 17.02 -0.43 22.23
N LYS K 407 17.32 -0.81 23.47
CA LYS K 407 16.51 -0.42 24.62
C LYS K 407 17.21 0.56 25.55
N ILE K 408 18.52 0.77 25.39
CA ILE K 408 19.26 1.71 26.21
C ILE K 408 19.65 2.95 25.42
N ALA K 409 20.12 2.78 24.19
CA ALA K 409 20.52 3.91 23.35
C ALA K 409 19.35 4.74 22.87
N ASP K 410 18.12 4.26 23.03
CA ASP K 410 16.94 5.01 22.63
C ASP K 410 16.09 5.49 23.80
N TYR K 411 16.28 4.93 24.99
CA TYR K 411 15.48 5.28 26.16
C TYR K 411 16.25 5.99 27.24
N ASN K 412 17.59 5.95 27.22
CA ASN K 412 18.40 6.58 28.25
C ASN K 412 19.29 7.68 27.69
N TYR K 413 20.01 7.42 26.61
CA TYR K 413 20.93 8.41 26.03
C TYR K 413 20.97 8.19 24.53
N LYS K 414 20.45 9.15 23.77
CA LYS K 414 20.41 9.05 22.31
C LYS K 414 21.66 9.69 21.72
N LEU K 415 22.34 8.94 20.85
CA LEU K 415 23.55 9.43 20.20
C LEU K 415 23.20 10.05 18.86
N PRO K 416 23.47 11.34 18.63
CA PRO K 416 23.13 11.95 17.35
C PRO K 416 24.08 11.51 16.24
N ASP K 417 23.69 11.84 15.02
CA ASP K 417 24.51 11.49 13.86
C ASP K 417 25.82 12.27 13.85
N ASP K 418 25.78 13.54 14.25
CA ASP K 418 26.98 14.38 14.28
C ASP K 418 27.67 14.28 15.65
N PHE K 419 27.99 13.05 16.02
CA PHE K 419 28.64 12.76 17.29
C PHE K 419 30.15 12.68 17.06
N THR K 420 30.89 13.64 17.64
CA THR K 420 32.34 13.70 17.50
C THR K 420 33.06 13.38 18.80
N GLY K 421 32.37 12.85 19.80
CA GLY K 421 33.00 12.54 21.06
C GLY K 421 33.69 11.18 21.07
N CYS K 422 34.37 10.89 22.17
CA CYS K 422 35.07 9.63 22.35
C CYS K 422 34.44 8.87 23.52
N VAL K 423 34.43 7.55 23.40
CA VAL K 423 33.85 6.66 24.42
C VAL K 423 34.98 5.81 24.98
N ILE K 424 35.14 5.85 26.30
CA ILE K 424 36.15 5.07 27.00
C ILE K 424 35.43 4.15 27.98
N ALA K 425 35.69 2.85 27.89
CA ALA K 425 35.08 1.87 28.77
C ALA K 425 36.13 0.88 29.26
N TRP K 426 35.95 0.41 30.49
CA TRP K 426 36.86 -0.54 31.10
C TRP K 426 36.11 -1.29 32.20
N ASN K 427 36.70 -2.39 32.63
CA ASN K 427 36.09 -3.27 33.63
C ASN K 427 36.64 -2.96 35.01
N SER K 428 35.74 -2.69 35.96
CA SER K 428 36.10 -2.46 37.36
C SER K 428 35.14 -3.23 38.26
N ASN K 429 34.90 -4.50 37.92
CA ASN K 429 33.91 -5.31 38.61
C ASN K 429 34.30 -5.67 40.04
N ASN K 430 35.55 -5.43 40.44
CA ASN K 430 35.99 -5.75 41.79
C ASN K 430 35.61 -4.70 42.82
N LEU K 431 35.02 -3.58 42.39
CA LEU K 431 34.68 -2.49 43.31
C LEU K 431 33.21 -2.14 43.31
N ASP K 432 32.55 -2.13 42.15
CA ASP K 432 31.16 -1.71 42.06
C ASP K 432 30.18 -2.87 42.19
N SER K 433 30.66 -4.08 42.44
CA SER K 433 29.80 -5.25 42.59
C SER K 433 30.21 -6.02 43.83
N LYS K 434 29.25 -6.74 44.40
CA LYS K 434 29.49 -7.48 45.63
C LYS K 434 28.62 -8.73 45.64
N VAL K 435 29.00 -9.67 46.51
CA VAL K 435 28.24 -10.92 46.63
C VAL K 435 26.88 -10.65 47.27
N GLY K 436 25.93 -11.54 46.98
CA GLY K 436 24.58 -11.41 47.48
C GLY K 436 23.64 -10.62 46.60
N GLY K 437 24.14 -9.99 45.53
CA GLY K 437 23.30 -9.23 44.64
C GLY K 437 23.45 -7.73 44.81
N ASN K 438 24.12 -7.08 43.86
CA ASN K 438 24.29 -5.63 43.88
C ASN K 438 23.21 -5.01 43.01
N TYR K 439 22.26 -4.34 43.64
CA TYR K 439 21.11 -3.76 42.95
C TYR K 439 21.03 -2.25 43.16
N ASN K 440 22.17 -1.62 43.44
CA ASN K 440 22.20 -0.18 43.67
C ASN K 440 22.14 0.64 42.39
N TYR K 441 22.31 0.01 41.23
CA TYR K 441 22.29 0.72 39.95
C TYR K 441 20.96 0.48 39.25
N LEU K 442 20.44 1.53 38.63
CA LEU K 442 19.12 1.52 38.01
C LEU K 442 19.24 1.80 36.52
N TYR K 443 18.21 1.40 35.77
CA TYR K 443 18.12 1.73 34.36
C TYR K 443 16.65 1.69 33.94
N ARG K 444 16.38 2.32 32.79
CA ARG K 444 15.02 2.50 32.30
C ARG K 444 14.74 1.52 31.17
N LEU K 445 13.54 0.95 31.17
CA LEU K 445 13.11 0.01 30.13
C LEU K 445 11.98 0.54 29.26
N PHE K 446 11.08 1.36 29.80
CA PHE K 446 9.89 1.81 29.08
C PHE K 446 9.89 3.32 28.97
N ARG K 447 9.52 3.82 27.79
CA ARG K 447 9.37 5.24 27.53
C ARG K 447 8.19 5.46 26.60
N LYS K 448 7.55 6.63 26.74
CA LYS K 448 6.37 6.91 25.93
C LYS K 448 6.73 7.11 24.47
N SER K 449 7.80 7.84 24.18
CA SER K 449 8.20 8.11 22.81
C SER K 449 9.71 8.37 22.79
N ASN K 450 10.19 8.86 21.65
CA ASN K 450 11.61 9.15 21.49
C ASN K 450 12.00 10.39 22.29
N LEU K 451 13.30 10.50 22.58
CA LEU K 451 13.84 11.59 23.36
C LEU K 451 14.95 12.28 22.58
N LYS K 452 15.09 13.60 22.81
CA LYS K 452 16.12 14.37 22.14
C LYS K 452 17.50 13.96 22.65
N PRO K 453 18.51 13.99 21.77
CA PRO K 453 19.88 13.70 22.21
C PRO K 453 20.38 14.74 23.21
N PHE K 454 21.31 14.30 24.06
CA PHE K 454 21.87 15.12 25.15
C PHE K 454 20.79 15.64 26.08
N GLU K 455 19.81 14.78 26.39
CA GLU K 455 18.74 15.11 27.31
C GLU K 455 18.60 13.98 28.34
N ARG K 456 18.38 14.36 29.59
CA ARG K 456 18.27 13.41 30.69
C ARG K 456 16.83 13.37 31.18
N ASP K 457 16.30 12.16 31.36
CA ASP K 457 14.94 11.95 31.85
C ASP K 457 15.01 11.26 33.20
N ILE K 458 14.40 11.88 34.20
CA ILE K 458 14.36 11.34 35.56
C ILE K 458 12.93 11.12 36.04
N SER K 459 11.99 10.97 35.11
CA SER K 459 10.60 10.80 35.48
C SER K 459 10.36 9.41 36.06
N THR K 460 9.72 9.36 37.22
CA THR K 460 9.39 8.10 37.88
C THR K 460 7.93 7.71 37.72
N GLU K 461 7.21 8.37 36.81
CA GLU K 461 5.80 8.06 36.59
C GLU K 461 5.66 6.68 35.94
N ILE K 462 4.57 5.99 36.32
CA ILE K 462 4.33 4.65 35.81
C ILE K 462 3.88 4.73 34.35
N TYR K 463 4.58 4.00 33.48
CA TYR K 463 4.27 4.02 32.06
C TYR K 463 2.93 3.33 31.80
N GLN K 464 2.10 3.95 30.98
CA GLN K 464 0.79 3.43 30.62
C GLN K 464 0.85 2.82 29.22
N ALA K 465 0.46 1.56 29.11
CA ALA K 465 0.50 0.86 27.82
C ALA K 465 -0.81 0.95 27.06
N GLY K 466 -1.92 1.21 27.74
CA GLY K 466 -3.22 1.28 27.07
C GLY K 466 -3.99 2.55 27.37
N SER K 467 -5.29 2.39 27.65
CA SER K 467 -6.17 3.53 27.88
C SER K 467 -6.79 3.53 29.27
N THR K 468 -6.55 2.52 30.08
CA THR K 468 -7.13 2.45 31.42
C THR K 468 -6.15 3.02 32.43
N PRO K 469 -6.47 4.11 33.12
CA PRO K 469 -5.54 4.65 34.12
C PRO K 469 -5.43 3.73 35.33
N CYS K 470 -4.27 3.81 35.99
CA CYS K 470 -3.99 2.99 37.15
C CYS K 470 -3.95 3.78 38.46
N ASN K 471 -3.99 5.12 38.39
CA ASN K 471 -3.83 5.99 39.56
C ASN K 471 -2.52 5.70 40.30
N GLY K 472 -1.46 5.42 39.54
CA GLY K 472 -0.14 5.20 40.10
C GLY K 472 0.01 3.98 40.97
N VAL K 473 -0.55 2.84 40.57
CA VAL K 473 -0.40 1.59 41.31
C VAL K 473 0.14 0.53 40.35
N GLU K 474 0.44 -0.64 40.91
CA GLU K 474 0.90 -1.79 40.13
C GLU K 474 -0.27 -2.66 39.68
N GLY K 475 -1.24 -2.02 39.02
CA GLY K 475 -2.46 -2.70 38.62
C GLY K 475 -2.39 -3.35 37.26
N PHE K 476 -3.28 -2.95 36.36
CA PHE K 476 -3.42 -3.56 35.05
C PHE K 476 -3.04 -2.58 33.95
N ASN K 477 -2.42 -3.10 32.89
CA ASN K 477 -2.10 -2.35 31.68
C ASN K 477 -1.14 -1.18 31.95
N CYS K 478 -0.29 -1.33 32.97
CA CYS K 478 0.74 -0.33 33.27
C CYS K 478 1.88 -1.02 34.01
N TYR K 479 3.09 -0.51 33.80
CA TYR K 479 4.29 -1.09 34.37
C TYR K 479 5.26 0.00 34.78
N PHE K 480 6.07 -0.30 35.78
CA PHE K 480 7.08 0.65 36.23
C PHE K 480 8.23 0.69 35.22
N PRO K 481 8.64 1.88 34.77
CA PRO K 481 9.69 1.95 33.74
C PRO K 481 11.09 1.70 34.29
N LEU K 482 11.30 1.97 35.59
CA LEU K 482 12.60 1.82 36.19
C LEU K 482 12.87 0.37 36.56
N GLN K 483 14.09 -0.09 36.26
CA GLN K 483 14.50 -1.46 36.53
C GLN K 483 15.92 -1.46 37.10
N SER K 484 16.19 -2.42 37.98
CA SER K 484 17.52 -2.56 38.55
C SER K 484 18.33 -3.58 37.76
N TYR K 485 19.65 -3.48 37.91
CA TYR K 485 20.57 -4.31 37.15
C TYR K 485 20.72 -5.68 37.81
N GLY K 486 21.42 -6.57 37.12
CA GLY K 486 21.69 -7.90 37.62
C GLY K 486 23.17 -8.16 37.79
N PHE K 487 23.89 -7.18 38.34
CA PHE K 487 25.33 -7.27 38.46
C PHE K 487 25.72 -8.32 39.49
N GLN K 488 26.83 -9.02 39.23
CA GLN K 488 27.32 -10.09 40.07
C GLN K 488 28.82 -10.21 39.85
N PRO K 489 29.62 -10.31 40.92
CA PRO K 489 31.07 -10.44 40.74
C PRO K 489 31.51 -11.74 40.07
N THR K 490 30.68 -12.77 40.10
CA THR K 490 31.00 -14.05 39.49
C THR K 490 30.40 -14.19 38.08
N ASN K 491 30.20 -13.07 37.39
CA ASN K 491 29.63 -13.11 36.05
C ASN K 491 30.72 -13.44 35.02
N GLY K 492 30.31 -13.49 33.75
CA GLY K 492 31.24 -13.80 32.68
C GLY K 492 31.90 -12.59 32.08
N VAL K 493 31.72 -12.40 30.78
CA VAL K 493 32.32 -11.27 30.08
C VAL K 493 31.29 -10.31 29.49
N GLY K 494 30.08 -10.76 29.19
CA GLY K 494 29.07 -9.95 28.57
C GLY K 494 27.99 -9.40 29.48
N TYR K 495 28.15 -9.52 30.81
CA TYR K 495 27.14 -8.99 31.72
C TYR K 495 27.76 -8.28 32.93
N GLN K 496 29.08 -8.11 32.97
CA GLN K 496 29.70 -7.40 34.08
C GLN K 496 29.46 -5.90 33.96
N PRO K 497 29.39 -5.19 35.08
CA PRO K 497 29.20 -3.73 35.02
C PRO K 497 30.43 -3.03 34.45
N TYR K 498 30.22 -2.26 33.39
CA TYR K 498 31.28 -1.52 32.71
C TYR K 498 31.10 -0.03 32.95
N ARG K 499 32.21 0.65 33.21
CA ARG K 499 32.22 2.10 33.39
C ARG K 499 32.41 2.76 32.03
N VAL K 500 31.34 3.36 31.50
CA VAL K 500 31.35 3.97 30.18
C VAL K 500 31.28 5.49 30.36
N VAL K 501 32.26 6.19 29.79
CA VAL K 501 32.29 7.65 29.79
C VAL K 501 32.33 8.13 28.35
N VAL K 502 31.73 9.30 28.11
CA VAL K 502 31.66 9.90 26.80
C VAL K 502 32.23 11.32 26.89
N LEU K 503 33.28 11.59 26.12
CA LEU K 503 33.98 12.87 26.16
C LEU K 503 33.68 13.63 24.88
N SER K 504 32.63 14.44 24.91
CA SER K 504 32.22 15.22 23.76
C SER K 504 32.96 16.57 23.74
N PHE K 505 32.83 17.27 22.60
CA PHE K 505 33.48 18.55 22.40
C PHE K 505 32.46 19.59 21.98
N GLU K 506 32.77 20.85 22.24
CA GLU K 506 31.88 21.97 21.96
C GLU K 506 32.49 22.88 20.89
N LEU K 507 31.68 23.22 19.89
CA LEU K 507 32.08 24.12 18.82
C LEU K 507 31.10 25.29 18.76
N LEU K 508 31.60 26.49 19.05
CA LEU K 508 30.81 27.71 18.98
C LEU K 508 31.76 28.88 18.72
N HIS K 509 31.22 30.10 18.77
CA HIS K 509 32.00 31.31 18.53
C HIS K 509 32.71 31.75 19.80
N ALA K 510 33.59 30.89 20.29
CA ALA K 510 34.38 31.12 21.48
C ALA K 510 35.83 30.75 21.25
N PRO K 511 36.76 31.42 21.90
CA PRO K 511 38.18 31.05 21.76
C PRO K 511 38.48 29.73 22.45
N ALA K 512 39.67 29.21 22.18
CA ALA K 512 40.11 27.95 22.77
C ALA K 512 40.29 28.11 24.27
N THR K 513 39.49 27.35 25.03
CA THR K 513 39.56 27.44 26.51
C THR K 513 40.23 26.17 27.06
N VAL K 514 39.70 25.00 26.69
CA VAL K 514 40.27 23.71 27.17
C VAL K 514 40.64 22.85 25.96
N CYS K 515 41.94 22.70 25.69
CA CYS K 515 42.40 21.83 24.58
C CYS K 515 43.82 21.35 24.88
N GLY K 516 44.21 20.20 24.31
CA GLY K 516 45.55 19.65 24.57
C GLY K 516 46.65 20.62 24.18
N PRO K 517 47.69 20.79 25.03
CA PRO K 517 48.81 21.68 24.73
C PRO K 517 49.43 21.35 23.36
N LYS K 518 49.74 22.38 22.56
CA LYS K 518 50.32 22.16 21.21
C LYS K 518 51.83 21.95 21.34
N LYS K 519 52.56 22.04 20.22
CA LYS K 519 54.02 21.77 20.24
C LYS K 519 54.79 23.06 20.58
N SER K 520 56.13 22.99 20.58
CA SER K 520 56.94 24.15 20.86
C SER K 520 58.12 24.22 19.89
N THR K 521 58.64 25.43 19.69
CA THR K 521 59.72 25.67 18.76
C THR K 521 60.83 26.44 19.45
N ASN K 522 61.92 26.69 18.72
CA ASN K 522 63.04 27.45 19.25
C ASN K 522 62.70 28.94 19.31
N LEU K 523 63.31 29.63 20.28
CA LEU K 523 63.10 31.05 20.46
C LEU K 523 64.17 31.83 19.69
N VAL K 524 63.73 32.79 18.89
CA VAL K 524 64.62 33.65 18.11
C VAL K 524 64.32 35.10 18.47
N LYS K 525 65.37 35.92 18.53
CA LYS K 525 65.25 37.32 18.92
C LYS K 525 66.01 38.20 17.94
N ASN K 526 65.60 39.46 17.87
CA ASN K 526 66.20 40.48 17.02
C ASN K 526 66.11 40.11 15.54
N LYS K 527 65.10 39.32 15.16
CA LYS K 527 64.84 38.96 13.78
C LYS K 527 63.36 39.14 13.49
N CYS K 528 63.05 39.43 12.23
CA CYS K 528 61.68 39.75 11.81
C CYS K 528 60.94 38.43 11.67
N VAL K 529 60.30 37.99 12.75
CA VAL K 529 59.68 36.68 12.83
C VAL K 529 58.22 36.83 13.25
N ASN K 530 57.34 36.06 12.62
CA ASN K 530 55.93 36.03 12.99
C ASN K 530 55.73 35.16 14.23
N PHE K 531 54.85 35.61 15.12
CA PHE K 531 54.55 34.88 16.34
C PHE K 531 53.06 34.96 16.64
N ASN K 532 52.56 33.99 17.40
CA ASN K 532 51.17 33.93 17.82
C ASN K 532 51.15 33.61 19.31
N PHE K 533 51.20 34.65 20.13
CA PHE K 533 51.23 34.49 21.59
C PHE K 533 49.83 34.74 22.18
N ASN K 534 48.94 33.79 21.85
CA ASN K 534 47.66 33.57 22.53
C ASN K 534 46.60 34.64 22.27
N GLY K 535 46.96 35.74 21.59
CA GLY K 535 45.96 36.75 21.33
C GLY K 535 46.02 37.44 19.97
N LEU K 536 47.08 37.17 19.20
CA LEU K 536 47.29 37.87 17.94
C LEU K 536 48.37 37.16 17.15
N THR K 537 48.29 37.30 15.83
CA THR K 537 49.31 36.79 14.90
C THR K 537 50.06 38.01 14.36
N GLY K 538 51.08 38.44 15.09
CA GLY K 538 51.83 39.63 14.75
C GLY K 538 53.22 39.30 14.25
N THR K 539 53.72 40.13 13.34
CA THR K 539 55.05 39.98 12.76
C THR K 539 55.92 41.13 13.22
N GLY K 540 57.09 40.81 13.77
CA GLY K 540 58.01 41.83 14.21
C GLY K 540 59.16 41.24 14.99
N VAL K 541 60.10 42.11 15.34
CA VAL K 541 61.27 41.71 16.10
C VAL K 541 60.91 41.56 17.57
N LEU K 542 61.72 40.80 18.30
CA LEU K 542 61.54 40.53 19.73
C LEU K 542 62.81 40.97 20.45
N THR K 543 62.85 42.22 20.87
CA THR K 543 64.00 42.78 21.56
C THR K 543 63.91 42.51 23.06
N GLU K 544 65.05 42.66 23.75
CA GLU K 544 65.12 42.47 25.19
C GLU K 544 64.67 43.75 25.88
N SER K 545 63.53 43.69 26.56
CA SER K 545 63.00 44.85 27.24
C SER K 545 63.62 45.01 28.63
N ASN K 546 63.47 46.21 29.19
CA ASN K 546 63.99 46.53 30.51
C ASN K 546 62.88 46.80 31.53
N LYS K 547 61.63 46.53 31.19
CA LYS K 547 60.50 46.76 32.08
C LYS K 547 59.86 45.42 32.44
N LYS K 548 59.60 45.22 33.72
CA LYS K 548 58.98 44.00 34.21
C LYS K 548 57.48 44.17 34.36
N PHE K 549 56.77 43.04 34.31
CA PHE K 549 55.32 43.03 34.43
C PHE K 549 54.91 42.52 35.81
N LEU K 550 53.69 42.87 36.21
CA LEU K 550 53.11 42.28 37.40
C LEU K 550 52.82 40.80 37.14
N PRO K 551 52.93 39.94 38.19
CA PRO K 551 52.80 38.49 37.99
C PRO K 551 51.35 38.00 37.83
N PHE K 552 50.55 38.78 37.10
CA PHE K 552 49.21 38.32 36.71
C PHE K 552 48.85 38.69 35.29
N GLN K 553 49.74 39.31 34.52
CA GLN K 553 49.44 39.80 33.19
C GLN K 553 50.16 38.98 32.14
N GLN K 554 49.65 39.06 30.91
CA GLN K 554 50.23 38.37 29.76
C GLN K 554 50.55 39.28 28.59
N PHE K 555 49.84 40.39 28.43
CA PHE K 555 50.02 41.29 27.30
C PHE K 555 50.58 42.63 27.79
N GLY K 556 50.81 43.53 26.84
CA GLY K 556 51.28 44.86 27.14
C GLY K 556 51.00 45.84 26.02
N ARG K 557 50.38 46.98 26.34
CA ARG K 557 50.01 47.98 25.36
C ARG K 557 50.75 49.28 25.65
N ASP K 558 50.50 50.28 24.81
CA ASP K 558 51.16 51.58 24.92
C ASP K 558 50.15 52.71 24.98
N ILE K 559 50.63 53.95 24.84
CA ILE K 559 49.74 55.11 24.82
C ILE K 559 48.80 55.04 23.62
N ALA K 560 49.32 54.61 22.48
CA ALA K 560 48.53 54.48 21.26
C ALA K 560 47.69 53.22 21.22
N ASP K 561 47.67 52.45 22.32
CA ASP K 561 46.88 51.22 22.45
C ASP K 561 47.23 50.21 21.36
N THR K 562 48.51 49.87 21.31
CA THR K 562 49.02 48.86 20.40
C THR K 562 49.80 47.83 21.22
N THR K 563 49.51 46.56 20.99
CA THR K 563 50.15 45.48 21.73
C THR K 563 51.59 45.35 21.26
N ASP K 564 52.52 45.93 22.03
CA ASP K 564 53.93 45.94 21.69
C ASP K 564 54.79 45.26 22.76
N ALA K 565 54.18 44.48 23.65
CA ALA K 565 54.92 43.80 24.69
C ALA K 565 54.13 42.57 25.11
N VAL K 566 54.79 41.41 25.11
CA VAL K 566 54.17 40.15 25.51
C VAL K 566 55.17 39.35 26.32
N ARG K 567 54.69 38.75 27.41
CA ARG K 567 55.53 37.91 28.25
C ARG K 567 55.65 36.51 27.65
N ASP K 568 56.87 36.03 27.53
CA ASP K 568 57.11 34.70 26.98
C ASP K 568 56.70 33.64 27.99
N PRO K 569 55.79 32.73 27.65
CA PRO K 569 55.38 31.69 28.62
C PRO K 569 56.48 30.68 28.93
N GLN K 570 57.54 30.61 28.11
CA GLN K 570 58.57 29.60 28.31
C GLN K 570 59.39 29.89 29.57
N THR K 571 59.81 31.14 29.75
CA THR K 571 60.69 31.48 30.86
C THR K 571 60.32 32.79 31.54
N LEU K 572 59.07 33.24 31.39
CA LEU K 572 58.58 34.49 31.97
C LEU K 572 59.45 35.68 31.57
N GLU K 573 59.79 35.75 30.28
CA GLU K 573 60.65 36.80 29.74
C GLU K 573 59.78 37.82 29.01
N ILE K 574 60.03 39.10 29.29
CA ILE K 574 59.27 40.19 28.68
C ILE K 574 59.97 40.59 27.38
N LEU K 575 59.24 40.51 26.27
CA LEU K 575 59.77 40.82 24.96
C LEU K 575 58.93 41.90 24.30
N ASP K 576 59.61 42.83 23.63
CA ASP K 576 58.94 43.92 22.92
C ASP K 576 58.60 43.52 21.49
N ILE K 577 57.64 44.23 20.92
CA ILE K 577 57.18 44.00 19.55
C ILE K 577 57.34 45.29 18.77
N THR K 578 58.01 45.21 17.62
CA THR K 578 58.23 46.36 16.75
C THR K 578 58.08 45.91 15.31
N PRO K 579 57.26 46.58 14.51
CA PRO K 579 57.07 46.17 13.11
C PRO K 579 58.33 46.39 12.28
N CYS K 580 58.36 45.71 11.14
CA CYS K 580 59.54 45.63 10.29
C CYS K 580 59.52 46.63 9.13
N SER K 581 58.41 46.69 8.39
CA SER K 581 58.32 47.54 7.21
C SER K 581 58.00 48.97 7.64
N PHE K 582 58.93 49.88 7.42
CA PHE K 582 58.77 51.29 7.77
C PHE K 582 58.93 52.13 6.51
N GLY K 583 57.89 52.89 6.18
CA GLY K 583 57.97 53.82 5.07
C GLY K 583 58.01 53.13 3.71
N GLY K 584 58.41 53.90 2.70
CA GLY K 584 58.52 53.41 1.34
C GLY K 584 59.91 53.61 0.76
N VAL K 585 59.99 53.71 -0.57
CA VAL K 585 61.25 53.92 -1.26
C VAL K 585 61.16 55.20 -2.08
N SER K 586 62.34 55.76 -2.38
CA SER K 586 62.45 56.97 -3.19
C SER K 586 63.59 56.80 -4.18
N VAL K 587 63.47 57.49 -5.32
CA VAL K 587 64.44 57.41 -6.39
C VAL K 587 64.98 58.81 -6.67
N ILE K 588 66.30 58.94 -6.71
CA ILE K 588 66.96 60.20 -7.04
C ILE K 588 67.34 60.16 -8.51
N THR K 589 66.79 61.10 -9.28
CA THR K 589 67.06 61.19 -10.71
C THR K 589 67.76 62.50 -11.01
N PRO K 590 68.97 62.48 -11.61
CA PRO K 590 69.63 63.73 -11.99
C PRO K 590 68.84 64.55 -12.99
N GLY K 591 68.11 63.91 -13.89
CA GLY K 591 67.28 64.60 -14.86
C GLY K 591 67.54 64.11 -16.28
N THR K 592 66.69 64.59 -17.18
CA THR K 592 66.83 64.26 -18.59
C THR K 592 67.99 65.02 -19.20
N ASN K 593 68.76 64.33 -20.06
CA ASN K 593 69.91 64.86 -20.79
C ASN K 593 71.00 65.33 -19.80
N THR K 594 71.07 64.69 -18.63
CA THR K 594 72.15 64.91 -17.69
C THR K 594 72.87 63.62 -17.32
N SER K 595 72.13 62.58 -16.97
CA SER K 595 72.71 61.29 -16.57
C SER K 595 71.73 60.19 -16.92
N ASN K 596 72.10 58.96 -16.56
CA ASN K 596 71.23 57.81 -16.76
C ASN K 596 71.07 57.00 -15.48
N GLN K 597 72.09 57.02 -14.63
CA GLN K 597 72.06 56.29 -13.38
C GLN K 597 71.18 57.00 -12.35
N VAL K 598 70.62 56.22 -11.44
CA VAL K 598 69.73 56.73 -10.40
C VAL K 598 70.17 56.17 -9.06
N ALA K 599 69.70 56.84 -7.99
CA ALA K 599 69.98 56.43 -6.63
C ALA K 599 68.67 56.09 -5.92
N VAL K 600 68.70 55.06 -5.09
CA VAL K 600 67.52 54.55 -4.39
C VAL K 600 67.62 54.98 -2.93
N LEU K 601 66.57 55.61 -2.41
CA LEU K 601 66.53 56.09 -1.05
C LEU K 601 65.44 55.36 -0.28
N TYR K 602 65.79 54.85 0.91
CA TYR K 602 64.82 54.24 1.81
C TYR K 602 64.40 55.26 2.86
N GLN K 603 63.11 55.24 3.21
CA GLN K 603 62.55 56.29 4.05
C GLN K 603 62.94 56.11 5.52
N ASP K 604 62.52 55.01 6.13
CA ASP K 604 62.75 54.76 7.55
C ASP K 604 63.26 53.35 7.77
N VAL K 605 64.12 52.86 6.87
CA VAL K 605 64.68 51.52 6.94
C VAL K 605 66.15 51.63 7.29
N ASN K 606 66.56 50.90 8.33
CA ASN K 606 67.97 50.86 8.72
C ASN K 606 68.70 49.76 7.96
N CYS K 607 69.88 50.09 7.46
CA CYS K 607 70.70 49.12 6.74
C CYS K 607 71.26 48.06 7.67
N ASN K 631 78.87 54.23 -2.23
CA ASN K 631 78.04 53.04 -2.44
C ASN K 631 76.82 53.06 -1.53
N VAL K 632 77.01 52.68 -0.28
CA VAL K 632 75.94 52.64 0.72
C VAL K 632 76.29 53.64 1.81
N PHE K 633 75.39 54.59 2.06
CA PHE K 633 75.57 55.61 3.09
C PHE K 633 74.36 55.61 4.00
N GLN K 634 74.61 55.48 5.30
CA GLN K 634 73.55 55.51 6.31
C GLN K 634 73.32 56.96 6.71
N THR K 635 72.33 57.60 6.10
CA THR K 635 71.99 58.97 6.42
C THR K 635 70.95 59.02 7.54
N ARG K 636 70.67 60.24 8.00
CA ARG K 636 69.69 60.43 9.06
C ARG K 636 68.25 60.25 8.59
N ALA K 637 68.04 60.13 7.27
CA ALA K 637 66.71 59.91 6.70
C ALA K 637 66.58 58.52 6.09
N GLY K 638 67.21 57.52 6.70
CA GLY K 638 67.13 56.15 6.22
C GLY K 638 68.41 55.67 5.57
N CYS K 639 68.28 54.82 4.55
CA CYS K 639 69.42 54.36 3.75
C CYS K 639 69.39 54.99 2.37
N LEU K 640 70.55 55.48 1.94
CA LEU K 640 70.77 55.94 0.58
C LEU K 640 71.80 55.03 -0.07
N ILE K 641 71.44 54.42 -1.19
CA ILE K 641 72.32 53.51 -1.92
C ILE K 641 72.44 54.00 -3.35
N GLY K 642 73.65 53.87 -3.91
CA GLY K 642 73.94 54.34 -5.24
C GLY K 642 74.51 55.74 -5.31
N ALA K 643 74.74 56.39 -4.17
CA ALA K 643 75.31 57.73 -4.14
C ALA K 643 76.36 57.79 -3.04
N GLU K 644 77.59 58.11 -3.42
CA GLU K 644 78.68 58.21 -2.45
C GLU K 644 78.54 59.48 -1.63
N HIS K 645 79.13 59.45 -0.43
CA HIS K 645 79.09 60.57 0.50
C HIS K 645 80.43 61.30 0.48
N VAL K 646 80.38 62.62 0.39
CA VAL K 646 81.57 63.46 0.36
C VAL K 646 81.43 64.51 1.45
N ASN K 647 82.54 64.81 2.14
CA ASN K 647 82.50 65.67 3.31
C ASN K 647 82.36 67.14 3.00
N ASN K 648 82.70 67.57 1.78
CA ASN K 648 82.56 68.99 1.45
C ASN K 648 81.09 69.34 1.24
N SER K 649 80.80 70.63 1.33
CA SER K 649 79.43 71.13 1.25
C SER K 649 79.29 72.10 0.09
N TYR K 650 78.23 71.93 -0.69
CA TYR K 650 77.87 72.83 -1.78
C TYR K 650 76.39 73.16 -1.66
N GLU K 651 75.91 74.02 -2.56
CA GLU K 651 74.48 74.31 -2.64
C GLU K 651 73.77 73.16 -3.32
N CYS K 652 72.74 72.62 -2.68
CA CYS K 652 72.06 71.42 -3.16
C CYS K 652 70.80 71.80 -3.94
N ASP K 653 70.45 70.95 -4.89
CA ASP K 653 69.30 71.17 -5.75
C ASP K 653 68.17 70.17 -5.54
N ILE K 654 68.49 68.93 -5.21
CA ILE K 654 67.49 67.89 -4.99
C ILE K 654 67.39 67.64 -3.48
N PRO K 655 66.33 68.12 -2.81
CA PRO K 655 66.22 67.91 -1.37
C PRO K 655 65.89 66.47 -1.04
N ILE K 656 66.40 66.03 0.12
CA ILE K 656 66.14 64.68 0.63
C ILE K 656 65.52 64.73 2.02
N GLY K 657 66.11 65.51 2.93
CA GLY K 657 65.63 65.59 4.29
C GLY K 657 66.76 65.50 5.29
N ALA K 658 66.52 65.97 6.52
CA ALA K 658 67.48 65.96 7.62
C ALA K 658 68.77 66.70 7.28
N GLY K 659 68.66 67.74 6.44
CA GLY K 659 69.79 68.61 6.17
C GLY K 659 70.79 68.10 5.16
N ILE K 660 70.50 67.00 4.45
CA ILE K 660 71.39 66.44 3.46
C ILE K 660 70.64 66.32 2.14
N CYS K 661 71.31 66.66 1.04
CA CYS K 661 70.75 66.61 -0.30
C CYS K 661 71.54 65.64 -1.16
N ALA K 662 71.19 65.57 -2.44
CA ALA K 662 71.91 64.79 -3.43
C ALA K 662 72.04 65.60 -4.71
N SER K 663 73.15 65.38 -5.42
CA SER K 663 73.41 66.10 -6.65
C SER K 663 74.36 65.28 -7.51
N TYR K 664 74.43 65.64 -8.79
CA TYR K 664 75.29 64.99 -9.77
C TYR K 664 76.44 65.93 -10.09
N GLN K 665 77.62 65.63 -9.56
CA GLN K 665 78.82 66.44 -9.79
C GLN K 665 79.98 65.50 -10.08
N THR K 666 81.18 66.07 -10.18
CA THR K 666 82.38 65.28 -10.47
C THR K 666 82.95 64.68 -9.19
N SER K 679 84.87 59.79 -13.62
CA SER K 679 84.02 60.78 -14.29
C SER K 679 83.13 61.51 -13.28
N GLN K 680 81.84 61.58 -13.57
CA GLN K 680 80.87 62.23 -12.71
C GLN K 680 79.83 61.23 -12.24
N SER K 681 79.46 61.32 -10.96
CA SER K 681 78.50 60.41 -10.37
C SER K 681 77.65 61.16 -9.36
N ILE K 682 76.57 60.50 -8.91
CA ILE K 682 75.67 61.11 -7.93
C ILE K 682 76.35 61.10 -6.57
N ILE K 683 76.37 62.27 -5.91
CA ILE K 683 76.99 62.41 -4.60
C ILE K 683 75.96 62.99 -3.64
N ALA K 684 76.18 62.75 -2.35
CA ALA K 684 75.32 63.26 -1.29
C ALA K 684 76.17 64.04 -0.30
N TYR K 685 75.70 65.22 0.09
CA TYR K 685 76.45 66.07 0.99
C TYR K 685 75.48 66.93 1.81
N THR K 686 75.96 67.41 2.94
CA THR K 686 75.20 68.37 3.73
C THR K 686 75.10 69.68 2.96
N MET K 687 73.90 70.27 2.94
CA MET K 687 73.67 71.47 2.15
C MET K 687 74.41 72.66 2.74
N SER K 688 74.74 73.61 1.87
CA SER K 688 75.38 74.85 2.28
C SER K 688 74.32 75.92 2.47
N LEU K 689 74.30 76.52 3.66
CA LEU K 689 73.36 77.60 3.93
C LEU K 689 73.72 78.89 3.21
N GLY K 690 74.94 79.01 2.72
CA GLY K 690 75.34 80.17 1.96
C GLY K 690 76.84 80.40 2.08
N ALA K 691 77.28 81.53 1.55
CA ALA K 691 78.69 81.91 1.59
C ALA K 691 79.03 82.42 2.99
N GLU K 692 79.90 81.71 3.68
CA GLU K 692 80.32 82.09 5.03
C GLU K 692 81.24 83.30 4.94
N ASN K 693 80.69 84.47 5.22
CA ASN K 693 81.45 85.72 5.19
C ASN K 693 81.20 86.50 6.47
N SER K 694 82.18 87.30 6.86
CA SER K 694 82.12 88.11 8.06
C SER K 694 82.14 89.59 7.70
N VAL K 695 81.31 90.37 8.39
CA VAL K 695 81.22 91.81 8.17
C VAL K 695 82.03 92.49 9.27
N ALA K 696 83.00 93.31 8.85
CA ALA K 696 83.84 94.03 9.81
C ALA K 696 83.01 95.10 10.52
N TYR K 697 82.82 94.92 11.82
CA TYR K 697 82.00 95.81 12.62
C TYR K 697 82.89 96.65 13.53
N SER K 698 82.65 97.96 13.56
CA SER K 698 83.38 98.86 14.43
C SER K 698 82.47 100.00 14.82
N ASN K 699 82.82 100.67 15.91
CA ASN K 699 82.03 101.79 16.42
C ASN K 699 82.29 103.09 15.68
N ASN K 700 83.27 103.14 14.78
CA ASN K 700 83.53 104.32 13.96
C ASN K 700 83.87 103.93 12.53
N SER K 701 83.12 102.98 11.97
CA SER K 701 83.33 102.52 10.61
C SER K 701 81.99 102.40 9.90
N ILE K 702 81.84 103.11 8.78
CA ILE K 702 80.60 103.12 8.01
C ILE K 702 80.95 102.85 6.56
N ALA K 703 79.99 102.30 5.82
CA ALA K 703 80.13 102.04 4.40
C ALA K 703 79.03 102.80 3.66
N ILE K 704 79.45 103.76 2.84
CA ILE K 704 78.54 104.58 2.04
C ILE K 704 78.68 104.15 0.58
N PRO K 705 77.62 103.66 -0.06
CA PRO K 705 77.73 103.24 -1.46
C PRO K 705 77.96 104.43 -2.39
N THR K 706 78.68 104.15 -3.48
CA THR K 706 78.99 105.17 -4.47
C THR K 706 78.41 104.87 -5.85
N ASN K 707 77.82 103.69 -6.05
CA ASN K 707 77.25 103.35 -7.35
C ASN K 707 76.05 102.44 -7.12
N PHE K 708 75.18 102.39 -8.12
CA PHE K 708 73.95 101.59 -8.05
C PHE K 708 73.72 100.90 -9.38
N THR K 709 72.99 99.78 -9.32
CA THR K 709 72.60 99.03 -10.50
C THR K 709 71.10 98.83 -10.47
N ILE K 710 70.44 99.16 -11.58
CA ILE K 710 68.99 99.01 -11.70
C ILE K 710 68.69 97.57 -12.09
N SER K 711 68.09 96.81 -11.16
CA SER K 711 67.79 95.41 -11.38
C SER K 711 66.28 95.20 -11.46
N VAL K 712 65.88 94.15 -12.18
CA VAL K 712 64.48 93.81 -12.39
C VAL K 712 64.26 92.40 -11.87
N THR K 713 63.26 92.24 -11.00
CA THR K 713 62.94 90.97 -10.36
C THR K 713 61.62 90.43 -10.87
N THR K 714 61.57 89.14 -11.18
CA THR K 714 60.39 88.48 -11.72
C THR K 714 59.61 87.82 -10.59
N GLU K 715 58.31 88.07 -10.55
CA GLU K 715 57.41 87.44 -9.59
C GLU K 715 56.23 86.84 -10.34
N ILE K 716 55.91 85.58 -10.04
CA ILE K 716 54.83 84.85 -10.70
C ILE K 716 53.71 84.66 -9.70
N LEU K 717 52.50 85.09 -10.08
CA LEU K 717 51.34 84.98 -9.20
C LEU K 717 50.10 84.57 -9.97
N PRO K 718 49.59 83.35 -9.76
CA PRO K 718 48.35 82.95 -10.43
C PRO K 718 47.13 83.57 -9.77
N VAL K 719 46.16 83.96 -10.60
CA VAL K 719 44.96 84.63 -10.12
C VAL K 719 43.68 83.89 -10.51
N SER K 720 43.73 82.95 -11.45
CA SER K 720 42.52 82.30 -11.91
C SER K 720 42.83 80.89 -12.38
N MET K 721 41.77 80.08 -12.52
CA MET K 721 41.88 78.72 -12.99
C MET K 721 40.69 78.41 -13.88
N THR K 722 40.75 77.27 -14.57
CA THR K 722 39.75 76.91 -15.56
C THR K 722 38.43 76.58 -14.89
N LYS K 723 37.38 77.34 -15.21
CA LYS K 723 36.07 77.15 -14.60
C LYS K 723 35.37 75.96 -15.24
N THR K 724 34.98 74.99 -14.42
CA THR K 724 34.32 73.77 -14.89
C THR K 724 33.00 73.59 -14.15
N SER K 725 32.05 72.99 -14.86
CA SER K 725 30.73 72.68 -14.31
C SER K 725 30.46 71.19 -14.44
N VAL K 726 30.04 70.57 -13.33
CA VAL K 726 29.79 69.14 -13.28
C VAL K 726 28.36 68.92 -12.80
N ASP K 727 27.61 68.09 -13.53
CA ASP K 727 26.25 67.73 -13.17
C ASP K 727 26.14 66.24 -12.96
N CYS K 728 25.26 65.84 -12.04
CA CYS K 728 25.16 64.43 -11.66
C CYS K 728 24.56 63.58 -12.78
N THR K 729 23.55 64.12 -13.48
CA THR K 729 22.78 63.31 -14.42
C THR K 729 23.62 62.82 -15.59
N MET K 730 24.50 63.67 -16.12
CA MET K 730 25.36 63.29 -17.22
C MET K 730 26.65 62.60 -16.78
N TYR K 731 27.01 62.67 -15.50
CA TYR K 731 28.22 62.04 -14.99
C TYR K 731 27.92 60.73 -14.27
N ILE K 732 27.08 60.77 -13.24
CA ILE K 732 26.79 59.57 -12.46
C ILE K 732 25.94 58.60 -13.28
N CYS K 733 24.92 59.11 -13.96
CA CYS K 733 24.06 58.29 -14.80
C CYS K 733 24.47 58.40 -16.25
N GLY K 734 24.02 57.43 -17.04
CA GLY K 734 24.23 57.46 -18.48
C GLY K 734 22.97 57.82 -19.23
N ASP K 735 22.37 56.83 -19.89
CA ASP K 735 21.10 57.01 -20.60
C ASP K 735 20.02 56.09 -20.03
N SER K 736 20.05 55.87 -18.71
CA SER K 736 19.10 54.99 -18.05
C SER K 736 18.24 55.81 -17.08
N THR K 737 16.94 55.51 -17.06
CA THR K 737 16.00 56.23 -16.20
C THR K 737 16.12 55.79 -14.74
N GLU K 738 16.44 54.52 -14.49
CA GLU K 738 16.46 53.99 -13.13
C GLU K 738 17.52 54.67 -12.26
N CYS K 739 18.65 55.05 -12.86
CA CYS K 739 19.65 55.81 -12.12
C CYS K 739 19.10 57.16 -11.68
N SER K 740 18.34 57.82 -12.56
CA SER K 740 17.70 59.08 -12.18
C SER K 740 16.62 58.87 -11.12
N ASN K 741 15.93 57.72 -11.16
CA ASN K 741 14.96 57.41 -10.11
C ASN K 741 15.65 57.24 -8.77
N LEU K 742 16.79 56.57 -8.74
CA LEU K 742 17.53 56.41 -7.50
C LEU K 742 18.28 57.66 -7.07
N LEU K 743 18.46 58.62 -7.99
CA LEU K 743 19.08 59.90 -7.62
C LEU K 743 18.17 60.81 -6.83
N LEU K 744 16.90 60.43 -6.62
CA LEU K 744 16.00 61.27 -5.83
C LEU K 744 16.39 61.33 -4.36
N GLN K 745 17.15 60.34 -3.88
CA GLN K 745 17.60 60.33 -2.50
C GLN K 745 18.89 61.13 -2.28
N TYR K 746 19.58 61.50 -3.35
CA TYR K 746 20.81 62.29 -3.26
C TYR K 746 20.75 63.54 -4.13
N GLY K 747 19.55 63.91 -4.57
CA GLY K 747 19.38 65.19 -5.25
C GLY K 747 19.79 66.39 -4.43
N SER K 748 19.64 66.31 -3.10
CA SER K 748 20.11 67.39 -2.24
C SER K 748 21.63 67.49 -2.24
N PHE K 749 22.32 66.33 -2.21
CA PHE K 749 23.77 66.31 -2.37
C PHE K 749 24.18 66.91 -3.71
N CYS K 750 23.46 66.53 -4.77
CA CYS K 750 23.77 67.04 -6.09
C CYS K 750 23.56 68.55 -6.17
N THR K 751 22.50 69.05 -5.53
CA THR K 751 22.23 70.48 -5.51
C THR K 751 23.31 71.25 -4.76
N GLN K 752 23.75 70.73 -3.60
CA GLN K 752 24.78 71.46 -2.86
C GLN K 752 26.13 71.40 -3.58
N LEU K 753 26.44 70.28 -4.26
CA LEU K 753 27.67 70.23 -5.04
C LEU K 753 27.60 71.18 -6.24
N ASN K 754 26.45 71.27 -6.90
CA ASN K 754 26.28 72.22 -8.00
C ASN K 754 26.42 73.66 -7.51
N ARG K 755 25.87 73.95 -6.34
CA ARG K 755 26.02 75.29 -5.76
C ARG K 755 27.48 75.58 -5.42
N ALA K 756 28.21 74.57 -4.93
CA ALA K 756 29.63 74.75 -4.65
C ALA K 756 30.42 75.04 -5.93
N LEU K 757 30.12 74.31 -7.01
CA LEU K 757 30.77 74.57 -8.28
C LEU K 757 30.43 75.95 -8.82
N THR K 758 29.17 76.38 -8.68
CA THR K 758 28.78 77.71 -9.11
C THR K 758 29.49 78.79 -8.30
N GLY K 759 29.62 78.58 -6.99
CA GLY K 759 30.36 79.53 -6.17
C GLY K 759 31.83 79.59 -6.53
N ILE K 760 32.43 78.44 -6.83
CA ILE K 760 33.82 78.41 -7.28
C ILE K 760 33.98 79.17 -8.58
N ALA K 761 33.05 78.97 -9.53
CA ALA K 761 33.12 79.65 -10.81
C ALA K 761 32.97 81.16 -10.66
N VAL K 762 32.03 81.60 -9.82
CA VAL K 762 31.83 83.05 -9.67
C VAL K 762 32.98 83.66 -8.88
N GLU K 763 33.61 82.89 -7.98
CA GLU K 763 34.80 83.41 -7.30
C GLU K 763 35.98 83.56 -8.26
N GLN K 764 36.17 82.58 -9.15
CA GLN K 764 37.20 82.71 -10.19
C GLN K 764 36.89 83.87 -11.12
N ASP K 765 35.60 84.12 -11.39
CA ASP K 765 35.20 85.29 -12.18
C ASP K 765 35.55 86.59 -11.48
N LYS K 766 35.27 86.67 -10.18
CA LYS K 766 35.51 87.90 -9.42
C LYS K 766 36.99 88.15 -9.16
N ASN K 767 37.82 87.11 -9.18
CA ASN K 767 39.26 87.29 -8.95
C ASN K 767 39.88 88.18 -10.01
N THR K 768 39.56 87.94 -11.29
CA THR K 768 40.13 88.73 -12.38
C THR K 768 39.63 90.17 -12.35
N GLN K 769 38.38 90.39 -11.96
CA GLN K 769 37.90 91.75 -11.75
C GLN K 769 38.62 92.44 -10.59
N GLU K 770 38.91 91.70 -9.52
CA GLU K 770 39.60 92.29 -8.39
C GLU K 770 41.07 92.54 -8.66
N VAL K 771 41.67 91.85 -9.64
CA VAL K 771 43.09 92.01 -9.91
C VAL K 771 43.34 93.04 -10.99
N PHE K 772 42.73 92.85 -12.17
CA PHE K 772 43.08 93.66 -13.34
C PHE K 772 42.25 94.93 -13.47
N ALA K 773 41.01 94.93 -12.97
CA ALA K 773 40.12 96.09 -13.13
C ALA K 773 40.31 97.08 -11.99
N GLN K 774 41.56 97.55 -11.85
CA GLN K 774 41.87 98.54 -10.82
C GLN K 774 41.40 99.93 -11.21
N VAL K 775 41.49 100.28 -12.49
CA VAL K 775 41.08 101.59 -12.98
C VAL K 775 39.89 101.43 -13.91
N LYS K 776 39.03 102.44 -13.92
CA LYS K 776 37.83 102.45 -14.75
C LYS K 776 37.98 103.31 -16.00
N GLN K 777 39.20 103.79 -16.29
CA GLN K 777 39.46 104.58 -17.48
C GLN K 777 40.60 103.96 -18.25
N ILE K 778 40.38 103.71 -19.54
CA ILE K 778 41.41 103.13 -20.40
C ILE K 778 42.32 104.23 -20.90
N TYR K 779 43.61 104.15 -20.58
CA TYR K 779 44.58 105.15 -20.96
C TYR K 779 45.36 104.68 -22.19
N LYS K 780 45.38 105.52 -23.22
CA LYS K 780 46.06 105.18 -24.46
C LYS K 780 47.54 105.52 -24.37
N THR K 781 48.36 104.68 -24.98
CA THR K 781 49.80 104.95 -25.04
C THR K 781 50.06 106.15 -25.93
N PRO K 782 50.88 107.11 -25.51
CA PRO K 782 51.15 108.28 -26.34
C PRO K 782 51.95 107.89 -27.58
N PRO K 783 51.72 108.56 -28.71
CA PRO K 783 52.51 108.25 -29.91
C PRO K 783 53.99 108.60 -29.78
N ILE K 784 54.36 109.49 -28.88
CA ILE K 784 55.75 109.86 -28.69
C ILE K 784 56.41 108.83 -27.78
N LYS K 785 57.47 108.19 -28.28
CA LYS K 785 58.18 107.16 -27.53
C LYS K 785 59.46 107.69 -26.89
N ASP K 786 59.67 109.01 -26.90
CA ASP K 786 60.86 109.61 -26.32
C ASP K 786 60.59 109.88 -24.84
N PHE K 787 60.95 108.92 -24.00
CA PHE K 787 60.78 109.02 -22.54
C PHE K 787 62.10 109.32 -21.84
N GLY K 788 62.96 110.13 -22.46
CA GLY K 788 64.25 110.42 -21.89
C GLY K 788 65.30 109.35 -22.14
N GLY K 789 65.12 108.52 -23.16
CA GLY K 789 66.05 107.45 -23.46
C GLY K 789 65.67 106.08 -22.94
N PHE K 790 64.46 105.93 -22.41
CA PHE K 790 64.00 104.66 -21.87
C PHE K 790 63.19 103.91 -22.92
N ASN K 791 63.58 102.66 -23.16
CA ASN K 791 62.96 101.83 -24.19
C ASN K 791 61.82 101.02 -23.57
N PHE K 792 60.60 101.27 -24.03
CA PHE K 792 59.41 100.61 -23.49
C PHE K 792 58.70 99.73 -24.51
N SER K 793 59.34 99.45 -25.66
CA SER K 793 58.68 98.65 -26.69
C SER K 793 58.52 97.20 -26.30
N GLN K 794 59.26 96.72 -25.30
CA GLN K 794 59.17 95.33 -24.89
C GLN K 794 57.99 95.06 -23.97
N ILE K 795 57.38 96.10 -23.40
CA ILE K 795 56.24 95.92 -22.50
C ILE K 795 55.00 96.57 -23.09
N LEU K 796 55.20 97.58 -23.92
CA LEU K 796 54.07 98.21 -24.59
C LEU K 796 53.63 97.38 -25.79
N PRO K 797 52.33 97.40 -26.13
CA PRO K 797 51.87 96.67 -27.31
C PRO K 797 52.42 97.26 -28.59
N ASP K 798 52.60 96.39 -29.59
CA ASP K 798 53.13 96.79 -30.88
C ASP K 798 52.06 96.66 -31.96
N PRO K 799 51.97 97.63 -32.86
CA PRO K 799 50.95 97.57 -33.92
C PRO K 799 51.32 96.68 -35.10
N SER K 800 52.50 96.06 -35.07
CA SER K 800 52.90 95.19 -36.18
C SER K 800 52.08 93.91 -36.21
N LYS K 801 51.59 93.44 -35.06
CA LYS K 801 50.80 92.23 -34.97
C LYS K 801 49.34 92.56 -34.66
N PRO K 802 48.41 91.75 -35.16
CA PRO K 802 46.99 91.98 -34.83
C PRO K 802 46.68 91.82 -33.35
N SER K 803 47.40 90.95 -32.65
CA SER K 803 47.20 90.78 -31.21
C SER K 803 47.70 91.99 -30.44
N LYS K 804 46.98 92.32 -29.36
CA LYS K 804 47.34 93.44 -28.51
C LYS K 804 48.37 93.09 -27.46
N ARG K 805 48.83 91.84 -27.40
CA ARG K 805 49.79 91.43 -26.40
C ARG K 805 51.18 91.99 -26.71
N SER K 806 51.93 92.24 -25.64
CA SER K 806 53.32 92.66 -25.78
C SER K 806 54.18 91.48 -26.23
N PRO K 807 55.36 91.75 -26.80
CA PRO K 807 56.28 90.65 -27.10
C PRO K 807 56.68 89.85 -25.88
N ILE K 808 56.84 90.52 -24.72
CA ILE K 808 57.03 89.79 -23.46
C ILE K 808 55.78 88.97 -23.14
N GLU K 809 54.60 89.55 -23.33
CA GLU K 809 53.36 88.81 -23.11
C GLU K 809 53.19 87.67 -24.11
N ASP K 810 53.60 87.88 -25.36
CA ASP K 810 53.53 86.81 -26.35
C ASP K 810 54.46 85.66 -25.99
N LEU K 811 55.68 85.97 -25.54
CA LEU K 811 56.61 84.93 -25.11
C LEU K 811 56.09 84.22 -23.87
N LEU K 812 55.45 84.95 -22.97
CA LEU K 812 54.86 84.33 -21.78
C LEU K 812 53.71 83.41 -22.13
N PHE K 813 52.89 83.81 -23.11
CA PHE K 813 51.81 82.95 -23.59
C PHE K 813 52.34 81.69 -24.25
N ASN K 814 53.39 81.83 -25.08
CA ASN K 814 53.95 80.67 -25.77
C ASN K 814 54.77 79.78 -24.85
N LYS K 815 55.21 80.30 -23.70
CA LYS K 815 56.02 79.50 -22.79
C LYS K 815 55.18 78.47 -22.04
N VAL K 816 53.97 78.85 -21.63
CA VAL K 816 53.11 77.98 -20.84
C VAL K 816 52.10 77.30 -21.76
N THR K 817 51.75 76.06 -21.44
CA THR K 817 50.78 75.30 -22.20
C THR K 817 49.39 75.42 -21.58
N ALA K 842 40.16 65.80 -25.47
CA ALA K 842 39.64 66.78 -24.54
C ALA K 842 39.02 66.10 -23.31
N GLN K 843 38.53 66.92 -22.38
CA GLN K 843 37.91 66.42 -21.16
C GLN K 843 36.43 66.75 -21.06
N LYS K 844 35.80 67.16 -22.15
CA LYS K 844 34.40 67.55 -22.17
C LYS K 844 33.49 66.47 -22.73
N PHE K 845 34.02 65.29 -23.04
CA PHE K 845 33.22 64.23 -23.66
C PHE K 845 32.33 63.49 -22.66
N ASN K 846 32.57 63.64 -21.36
CA ASN K 846 31.81 62.93 -20.34
C ASN K 846 30.99 63.88 -19.48
N GLY K 847 30.52 64.99 -20.06
CA GLY K 847 29.72 65.95 -19.34
C GLY K 847 30.50 66.92 -18.47
N LEU K 848 31.83 66.84 -18.47
CA LEU K 848 32.66 67.74 -17.67
C LEU K 848 32.97 68.99 -18.48
N THR K 849 31.94 69.81 -18.64
CA THR K 849 32.04 71.02 -19.45
C THR K 849 32.91 72.06 -18.76
N VAL K 850 33.60 72.87 -19.56
CA VAL K 850 34.46 73.93 -19.08
C VAL K 850 33.80 75.26 -19.42
N LEU K 851 33.50 76.05 -18.38
CA LEU K 851 32.87 77.34 -18.59
C LEU K 851 33.94 78.36 -18.99
N PRO K 852 33.80 79.02 -20.14
CA PRO K 852 34.76 80.04 -20.51
C PRO K 852 34.67 81.23 -19.58
N PRO K 853 35.78 81.92 -19.32
CA PRO K 853 35.72 83.09 -18.44
C PRO K 853 35.01 84.25 -19.12
N LEU K 854 34.43 85.13 -18.29
CA LEU K 854 33.84 86.36 -18.80
C LEU K 854 34.90 87.25 -19.42
N LEU K 855 36.10 87.25 -18.83
CA LEU K 855 37.17 88.16 -19.22
C LEU K 855 38.23 87.36 -19.99
N THR K 856 38.38 87.66 -21.28
CA THR K 856 39.29 86.91 -22.15
C THR K 856 40.66 87.57 -22.18
N ASP K 857 41.60 86.93 -22.90
CA ASP K 857 42.99 87.35 -22.87
C ASP K 857 43.20 88.70 -23.55
N GLU K 858 42.44 88.99 -24.61
CA GLU K 858 42.60 90.25 -25.34
C GLU K 858 42.33 91.45 -24.44
N MET K 859 41.21 91.40 -23.70
CA MET K 859 40.86 92.53 -22.86
C MET K 859 41.66 92.58 -21.55
N ILE K 860 42.19 91.44 -21.09
CA ILE K 860 43.15 91.48 -19.99
C ILE K 860 44.44 92.17 -20.44
N ALA K 861 44.89 91.85 -21.67
CA ALA K 861 46.04 92.57 -22.22
C ALA K 861 45.73 94.06 -22.39
N GLN K 862 44.48 94.38 -22.75
CA GLN K 862 44.06 95.78 -22.84
C GLN K 862 44.11 96.46 -21.48
N TYR K 863 43.66 95.77 -20.43
CA TYR K 863 43.76 96.31 -19.07
C TYR K 863 45.20 96.58 -18.70
N THR K 864 46.10 95.62 -18.97
CA THR K 864 47.50 95.80 -18.62
C THR K 864 48.12 96.95 -19.41
N SER K 865 47.78 97.07 -20.69
CA SER K 865 48.31 98.16 -21.50
C SER K 865 47.81 99.52 -21.03
N ALA K 866 46.52 99.60 -20.67
CA ALA K 866 45.98 100.85 -20.16
C ALA K 866 46.62 101.23 -18.84
N LEU K 867 46.83 100.25 -17.96
CA LEU K 867 47.51 100.52 -16.68
C LEU K 867 48.94 100.98 -16.90
N LEU K 868 49.65 100.34 -17.83
CA LEU K 868 51.03 100.72 -18.14
C LEU K 868 51.09 102.13 -18.70
N ALA K 869 50.20 102.46 -19.63
CA ALA K 869 50.19 103.81 -20.22
C ALA K 869 49.84 104.86 -19.17
N GLY K 870 48.87 104.57 -18.31
CA GLY K 870 48.52 105.51 -17.26
C GLY K 870 49.64 105.73 -16.27
N THR K 871 50.32 104.65 -15.86
CA THR K 871 51.37 104.80 -14.87
C THR K 871 52.68 105.31 -15.46
N ILE K 872 52.84 105.26 -16.78
CA ILE K 872 54.00 105.91 -17.39
C ILE K 872 53.71 107.40 -17.62
N THR K 873 52.52 107.72 -18.10
CA THR K 873 52.19 109.11 -18.40
C THR K 873 51.78 109.90 -17.16
N SER K 874 51.43 109.24 -16.05
CA SER K 874 50.97 109.95 -14.86
C SER K 874 51.62 109.49 -13.57
N GLY K 875 52.21 108.30 -13.50
CA GLY K 875 52.83 107.84 -12.27
C GLY K 875 51.85 107.19 -11.32
N TRP K 876 51.51 107.89 -10.23
CA TRP K 876 50.56 107.39 -9.26
C TRP K 876 49.32 108.27 -9.11
N THR K 877 49.22 109.35 -9.88
CA THR K 877 48.05 110.23 -9.78
C THR K 877 46.79 109.55 -10.30
N PHE K 878 46.92 108.71 -11.33
CA PHE K 878 45.76 108.02 -11.88
C PHE K 878 45.25 106.94 -10.93
N GLY K 879 46.12 106.40 -10.08
CA GLY K 879 45.72 105.42 -9.09
C GLY K 879 45.11 105.98 -7.83
N ALA K 880 45.09 107.31 -7.70
CA ALA K 880 44.51 107.95 -6.53
C ALA K 880 43.62 109.13 -6.91
N GLY K 881 43.18 109.20 -8.16
CA GLY K 881 42.37 110.30 -8.63
C GLY K 881 42.50 110.49 -10.14
N PRO K 882 42.25 111.70 -10.61
CA PRO K 882 42.41 111.98 -12.05
C PRO K 882 43.87 111.89 -12.47
N ALA K 883 44.06 111.49 -13.73
CA ALA K 883 45.41 111.36 -14.27
C ALA K 883 46.00 112.74 -14.56
N LEU K 884 47.21 112.97 -14.05
CA LEU K 884 47.93 114.22 -14.25
C LEU K 884 49.17 113.96 -15.09
N GLN K 885 49.34 114.73 -16.16
CA GLN K 885 50.46 114.52 -17.07
C GLN K 885 51.78 114.84 -16.37
N ILE K 886 52.76 113.96 -16.53
CA ILE K 886 54.08 114.16 -15.95
C ILE K 886 55.10 113.38 -16.78
N PRO K 887 56.26 113.97 -17.07
CA PRO K 887 57.33 113.22 -17.74
C PRO K 887 57.92 112.15 -16.84
N PHE K 888 58.48 111.12 -17.49
CA PHE K 888 59.15 110.04 -16.77
C PHE K 888 60.36 110.45 -15.92
N PRO K 889 61.27 111.40 -16.37
CA PRO K 889 62.46 111.72 -15.56
C PRO K 889 62.20 112.13 -14.12
N MET K 890 61.44 113.21 -13.90
CA MET K 890 61.17 113.55 -12.51
C MET K 890 60.18 112.61 -11.84
N GLN K 891 59.47 111.76 -12.61
CA GLN K 891 58.70 110.69 -11.98
C GLN K 891 59.61 109.70 -11.27
N MET K 892 60.64 109.20 -11.97
CA MET K 892 61.56 108.30 -11.28
C MET K 892 62.47 109.06 -10.30
N ALA K 893 62.64 110.37 -10.48
CA ALA K 893 63.31 111.16 -9.45
C ALA K 893 62.47 111.20 -8.17
N TYR K 894 61.15 111.30 -8.30
CA TYR K 894 60.28 111.21 -7.15
C TYR K 894 60.30 109.82 -6.54
N ARG K 895 60.47 108.78 -7.36
CA ARG K 895 60.67 107.44 -6.82
C ARG K 895 61.97 107.37 -6.00
N PHE K 896 63.04 107.98 -6.52
CA PHE K 896 64.30 108.06 -5.77
C PHE K 896 64.12 108.81 -4.46
N ASN K 897 63.35 109.90 -4.49
CA ASN K 897 63.03 110.60 -3.24
C ASN K 897 62.21 109.72 -2.31
N GLY K 898 61.37 108.84 -2.87
CA GLY K 898 60.59 107.93 -2.05
C GLY K 898 61.42 106.85 -1.40
N ILE K 899 62.54 106.46 -2.01
CA ILE K 899 63.45 105.51 -1.39
C ILE K 899 64.56 106.23 -0.61
N GLY K 900 64.39 107.53 -0.33
CA GLY K 900 65.32 108.26 0.48
C GLY K 900 66.54 108.79 -0.22
N VAL K 901 66.58 108.75 -1.55
CA VAL K 901 67.73 109.23 -2.32
C VAL K 901 67.38 110.60 -2.90
N THR K 902 68.27 111.57 -2.69
CA THR K 902 68.06 112.90 -3.24
C THR K 902 68.11 112.86 -4.77
N GLN K 903 67.29 113.72 -5.39
CA GLN K 903 67.02 113.65 -6.82
C GLN K 903 68.09 114.30 -7.68
N ASN K 904 69.09 114.95 -7.09
CA ASN K 904 70.11 115.62 -7.89
C ASN K 904 71.03 114.63 -8.58
N VAL K 905 71.20 113.43 -8.01
CA VAL K 905 72.07 112.42 -8.60
C VAL K 905 71.47 111.75 -9.82
N LEU K 906 70.19 111.96 -10.10
CA LEU K 906 69.55 111.31 -11.23
C LEU K 906 70.01 111.93 -12.55
N TYR K 907 69.76 113.23 -12.73
CA TYR K 907 70.01 113.91 -13.99
C TYR K 907 71.49 113.96 -14.37
N GLU K 908 72.39 113.67 -13.43
CA GLU K 908 73.81 113.60 -13.77
C GLU K 908 74.15 112.33 -14.54
N ASN K 909 73.41 111.25 -14.31
CA ASN K 909 73.67 109.97 -14.95
C ASN K 909 72.36 109.34 -15.45
N GLN K 910 71.44 110.19 -15.92
CA GLN K 910 70.21 109.71 -16.54
C GLN K 910 70.49 108.75 -17.69
N LYS K 911 71.53 109.02 -18.49
CA LYS K 911 71.91 108.12 -19.56
C LYS K 911 72.34 106.76 -19.02
N LEU K 912 73.11 106.76 -17.93
CA LEU K 912 73.52 105.50 -17.31
C LEU K 912 72.32 104.74 -16.77
N ILE K 913 71.37 105.45 -16.16
CA ILE K 913 70.17 104.80 -15.64
C ILE K 913 69.34 104.21 -16.77
N ALA K 914 69.21 104.93 -17.88
CA ALA K 914 68.47 104.43 -19.03
C ALA K 914 69.14 103.20 -19.63
N ASN K 915 70.47 103.23 -19.75
CA ASN K 915 71.20 102.07 -20.26
C ASN K 915 71.06 100.87 -19.33
N GLN K 916 71.12 101.10 -18.02
CA GLN K 916 70.94 100.00 -17.07
C GLN K 916 69.55 99.42 -17.15
N PHE K 917 68.52 100.27 -17.29
CA PHE K 917 67.16 99.78 -17.40
C PHE K 917 66.96 98.98 -18.69
N ASN K 918 67.51 99.46 -19.80
CA ASN K 918 67.40 98.73 -21.06
C ASN K 918 68.12 97.39 -20.99
N SER K 919 69.31 97.36 -20.37
CA SER K 919 70.02 96.10 -20.21
C SER K 919 69.26 95.14 -19.31
N ALA K 920 68.63 95.66 -18.25
CA ALA K 920 67.82 94.81 -17.38
C ALA K 920 66.59 94.25 -18.11
N ILE K 921 65.97 95.06 -18.96
CA ILE K 921 64.83 94.58 -19.75
C ILE K 921 65.28 93.49 -20.72
N GLY K 922 66.41 93.71 -21.40
CA GLY K 922 66.94 92.67 -22.26
C GLY K 922 67.30 91.40 -21.51
N LYS K 923 67.86 91.55 -20.31
CA LYS K 923 68.24 90.39 -19.51
C LYS K 923 67.03 89.59 -19.05
N ILE K 924 65.97 90.28 -18.59
CA ILE K 924 64.78 89.55 -18.16
C ILE K 924 64.07 88.91 -19.35
N GLN K 925 64.09 89.56 -20.52
CA GLN K 925 63.51 88.93 -21.71
C GLN K 925 64.29 87.69 -22.11
N ASP K 926 65.62 87.75 -22.05
CA ASP K 926 66.45 86.59 -22.39
C ASP K 926 66.27 85.47 -21.38
N SER K 927 66.13 85.81 -20.10
CA SER K 927 65.92 84.78 -19.08
C SER K 927 64.54 84.14 -19.22
N LEU K 928 63.53 84.93 -19.58
CA LEU K 928 62.19 84.37 -19.79
C LEU K 928 62.13 83.52 -21.04
N SER K 929 62.93 83.85 -22.06
CA SER K 929 62.95 83.03 -23.27
C SER K 929 63.54 81.65 -23.03
N SER K 930 64.37 81.50 -22.00
CA SER K 930 64.98 80.20 -21.69
C SER K 930 64.03 79.33 -20.87
N ALA K 934 61.21 76.55 -16.42
CA ALA K 934 60.03 77.26 -16.89
C ALA K 934 59.24 77.83 -15.71
N LEU K 935 57.96 78.10 -15.94
CA LEU K 935 57.10 78.64 -14.90
C LEU K 935 56.58 77.51 -14.01
N GLY K 936 56.68 77.70 -12.70
CA GLY K 936 56.22 76.71 -11.75
C GLY K 936 54.84 77.00 -11.18
N LYS K 937 54.59 78.28 -10.88
CA LYS K 937 53.30 78.65 -10.28
C LYS K 937 52.17 78.56 -11.29
N LEU K 938 52.39 79.01 -12.52
CA LEU K 938 51.34 79.00 -13.53
C LEU K 938 51.11 77.62 -14.12
N GLN K 939 52.06 76.70 -14.00
CA GLN K 939 51.92 75.38 -14.57
C GLN K 939 51.24 74.39 -13.63
N ASP K 940 51.46 74.54 -12.32
CA ASP K 940 50.86 73.61 -11.35
C ASP K 940 49.34 73.75 -11.32
N VAL K 941 48.83 74.98 -11.40
CA VAL K 941 47.39 75.20 -11.33
C VAL K 941 46.66 74.63 -12.54
N VAL K 942 47.37 74.40 -13.64
CA VAL K 942 46.78 73.75 -14.82
C VAL K 942 46.98 72.24 -14.78
N ASN K 943 48.18 71.80 -14.41
CA ASN K 943 48.47 70.37 -14.39
C ASN K 943 47.65 69.63 -13.34
N GLN K 944 47.49 70.24 -12.15
CA GLN K 944 46.68 69.61 -11.11
C GLN K 944 45.22 69.50 -11.52
N ASN K 945 44.69 70.54 -12.16
CA ASN K 945 43.31 70.47 -12.65
C ASN K 945 43.16 69.43 -13.76
N ALA K 946 44.14 69.34 -14.67
CA ALA K 946 44.06 68.34 -15.73
C ALA K 946 44.11 66.93 -15.17
N GLN K 947 45.00 66.68 -14.19
CA GLN K 947 45.06 65.35 -13.59
C GLN K 947 43.84 65.08 -12.72
N ALA K 948 43.18 66.12 -12.19
CA ALA K 948 41.95 65.92 -11.45
C ALA K 948 40.81 65.52 -12.38
N LEU K 949 40.72 66.15 -13.55
CA LEU K 949 39.74 65.71 -14.56
C LEU K 949 40.04 64.29 -15.03
N ASN K 950 41.32 63.96 -15.21
CA ASN K 950 41.69 62.60 -15.58
C ASN K 950 41.29 61.59 -14.51
N THR K 951 41.47 61.95 -13.23
CA THR K 951 41.07 61.07 -12.15
C THR K 951 39.55 60.92 -12.09
N LEU K 952 38.82 62.00 -12.38
CA LEU K 952 37.36 61.92 -12.45
C LEU K 952 36.92 60.96 -13.54
N VAL K 953 37.59 61.01 -14.70
CA VAL K 953 37.26 60.06 -15.77
C VAL K 953 37.63 58.64 -15.35
N LYS K 954 38.79 58.46 -14.71
CA LYS K 954 39.21 57.12 -14.30
C LYS K 954 38.31 56.53 -13.23
N GLN K 955 37.64 57.37 -12.43
CA GLN K 955 36.76 56.87 -11.38
C GLN K 955 35.57 56.11 -11.95
N LEU K 956 35.12 56.45 -13.16
CA LEU K 956 34.01 55.76 -13.78
C LEU K 956 34.39 54.40 -14.36
N SER K 957 35.68 54.08 -14.42
CA SER K 957 36.15 52.80 -14.94
C SER K 957 36.30 51.75 -13.85
N SER K 958 35.98 52.08 -12.61
CA SER K 958 36.08 51.14 -11.50
C SER K 958 34.71 50.64 -11.09
N ASN K 959 34.68 49.42 -10.53
CA ASN K 959 33.42 48.79 -10.14
C ASN K 959 32.96 49.17 -8.75
N PHE K 960 33.87 49.70 -7.91
CA PHE K 960 33.59 50.01 -6.50
C PHE K 960 33.07 48.79 -5.74
N GLY K 961 33.58 47.60 -6.10
CA GLY K 961 33.15 46.37 -5.48
C GLY K 961 32.00 45.67 -6.17
N ALA K 962 31.45 46.24 -7.23
CA ALA K 962 30.34 45.62 -7.96
C ALA K 962 30.90 44.65 -9.00
N ILE K 963 30.01 44.12 -9.85
CA ILE K 963 30.41 43.15 -10.86
C ILE K 963 30.65 43.77 -12.23
N SER K 964 30.34 45.06 -12.41
CA SER K 964 30.53 45.72 -13.68
C SER K 964 30.80 47.20 -13.45
N SER K 965 31.43 47.83 -14.44
CA SER K 965 31.75 49.25 -14.36
C SER K 965 30.64 50.12 -14.94
N VAL K 966 30.27 49.88 -16.19
CA VAL K 966 29.20 50.63 -16.83
C VAL K 966 27.86 50.12 -16.32
N LEU K 967 26.94 51.05 -16.06
CA LEU K 967 25.64 50.70 -15.47
C LEU K 967 24.69 50.07 -16.48
N ASN K 968 24.95 50.22 -17.77
CA ASN K 968 24.07 49.62 -18.78
C ASN K 968 24.27 48.12 -18.88
N ASP K 969 25.49 47.64 -18.63
CA ASP K 969 25.78 46.21 -18.77
C ASP K 969 24.98 45.38 -17.78
N ILE K 970 24.95 45.79 -16.51
CA ILE K 970 24.23 45.02 -15.51
C ILE K 970 22.72 45.12 -15.71
N LEU K 971 22.24 46.25 -16.26
CA LEU K 971 20.83 46.35 -16.61
C LEU K 971 20.48 45.43 -17.78
N SER K 972 21.41 45.25 -18.72
CA SER K 972 21.15 44.37 -19.86
C SER K 972 21.21 42.89 -19.45
N ARG K 973 22.12 42.54 -18.54
CA ARG K 973 22.32 41.14 -18.18
C ARG K 973 21.56 40.71 -16.92
N LEU K 974 21.10 41.64 -16.09
CA LEU K 974 20.40 41.31 -14.87
C LEU K 974 19.13 42.15 -14.76
N ASP K 975 18.12 41.61 -14.07
CA ASP K 975 16.87 42.31 -13.90
C ASP K 975 17.02 43.46 -12.91
N PRO K 976 16.32 44.57 -13.14
CA PRO K 976 16.40 45.74 -12.23
C PRO K 976 15.99 45.42 -10.79
N PRO K 977 15.01 44.53 -10.53
CA PRO K 977 14.77 44.17 -9.12
C PRO K 977 15.96 43.52 -8.43
N GLU K 978 16.78 42.75 -9.14
CA GLU K 978 17.92 42.10 -8.52
C GLU K 978 19.18 42.96 -8.55
N ALA K 979 19.36 43.77 -9.59
CA ALA K 979 20.54 44.59 -9.76
C ALA K 979 20.43 45.95 -9.07
N GLU K 980 19.49 46.11 -8.15
CA GLU K 980 19.33 47.40 -7.47
C GLU K 980 20.48 47.68 -6.51
N VAL K 981 20.98 46.64 -5.83
CA VAL K 981 22.01 46.86 -4.82
C VAL K 981 23.34 47.26 -5.46
N GLN K 982 23.68 46.66 -6.60
CA GLN K 982 24.92 47.04 -7.29
C GLN K 982 24.79 48.44 -7.88
N ILE K 983 23.60 48.79 -8.37
CA ILE K 983 23.38 50.14 -8.88
C ILE K 983 23.53 51.16 -7.75
N ASP K 984 22.96 50.87 -6.58
CA ASP K 984 23.11 51.76 -5.44
C ASP K 984 24.56 51.85 -4.97
N ARG K 985 25.30 50.74 -5.04
CA ARG K 985 26.72 50.77 -4.72
C ARG K 985 27.49 51.67 -5.68
N LEU K 986 27.16 51.60 -6.97
CA LEU K 986 27.76 52.51 -7.95
C LEU K 986 27.40 53.96 -7.65
N ILE K 987 26.15 54.20 -7.24
CA ILE K 987 25.71 55.54 -6.87
C ILE K 987 26.56 56.07 -5.71
N THR K 988 26.76 55.24 -4.69
CA THR K 988 27.53 55.65 -3.52
C THR K 988 28.99 55.91 -3.89
N GLY K 989 29.57 55.05 -4.74
CA GLY K 989 30.95 55.27 -5.15
C GLY K 989 31.14 56.54 -5.97
N ARG K 990 30.23 56.78 -6.92
CA ARG K 990 30.30 58.00 -7.72
C ARG K 990 30.08 59.24 -6.85
N LEU K 991 29.16 59.16 -5.88
CA LEU K 991 28.91 60.27 -4.98
C LEU K 991 30.14 60.56 -4.12
N GLN K 992 30.81 59.52 -3.63
CA GLN K 992 32.01 59.71 -2.83
C GLN K 992 33.13 60.34 -3.66
N SER K 993 33.32 59.86 -4.89
CA SER K 993 34.35 60.44 -5.76
C SER K 993 34.05 61.91 -6.08
N LEU K 994 32.79 62.21 -6.37
CA LEU K 994 32.42 63.59 -6.69
C LEU K 994 32.52 64.49 -5.47
N GLN K 995 32.22 63.96 -4.28
CA GLN K 995 32.38 64.76 -3.06
C GLN K 995 33.83 65.06 -2.77
N THR K 996 34.72 64.07 -2.98
CA THR K 996 36.15 64.32 -2.83
C THR K 996 36.65 65.35 -3.84
N TYR K 997 36.17 65.26 -5.08
CA TYR K 997 36.53 66.24 -6.09
C TYR K 997 36.03 67.64 -5.72
N VAL K 998 34.81 67.74 -5.18
CA VAL K 998 34.27 69.03 -4.78
C VAL K 998 35.10 69.61 -3.63
N THR K 999 35.48 68.77 -2.67
CA THR K 999 36.29 69.23 -1.55
C THR K 999 37.65 69.74 -2.01
N GLN K 1000 38.34 68.98 -2.88
CA GLN K 1000 39.65 69.42 -3.33
C GLN K 1000 39.55 70.65 -4.24
N GLN K 1001 38.48 70.75 -5.03
CA GLN K 1001 38.28 71.95 -5.85
C GLN K 1001 38.00 73.17 -4.98
N LEU K 1002 37.25 72.99 -3.88
CA LEU K 1002 37.01 74.10 -2.98
C LEU K 1002 38.29 74.54 -2.28
N ILE K 1003 39.15 73.59 -1.91
CA ILE K 1003 40.43 73.94 -1.29
C ILE K 1003 41.32 74.69 -2.30
N ARG K 1004 41.35 74.20 -3.55
CA ARG K 1004 42.11 74.90 -4.58
C ARG K 1004 41.55 76.29 -4.85
N ALA K 1005 40.22 76.43 -4.80
CA ALA K 1005 39.59 77.73 -5.00
C ALA K 1005 39.94 78.69 -3.86
N ALA K 1006 40.00 78.19 -2.63
CA ALA K 1006 40.43 79.02 -1.51
C ALA K 1006 41.87 79.46 -1.66
N GLU K 1007 42.75 78.54 -2.10
CA GLU K 1007 44.14 78.90 -2.35
C GLU K 1007 44.27 79.94 -3.45
N ILE K 1008 43.48 79.78 -4.52
CA ILE K 1008 43.50 80.75 -5.63
C ILE K 1008 42.96 82.09 -5.16
N ARG K 1009 41.94 82.09 -4.29
CA ARG K 1009 41.42 83.33 -3.74
C ARG K 1009 42.48 84.06 -2.90
N ALA K 1010 43.21 83.31 -2.08
CA ALA K 1010 44.28 83.93 -1.30
C ALA K 1010 45.38 84.48 -2.20
N SER K 1011 45.76 83.73 -3.24
CA SER K 1011 46.78 84.20 -4.17
C SER K 1011 46.31 85.42 -4.94
N ALA K 1012 45.03 85.46 -5.29
CA ALA K 1012 44.48 86.60 -6.02
C ALA K 1012 44.39 87.84 -5.12
N ASN K 1013 44.07 87.65 -3.84
CA ASN K 1013 44.10 88.77 -2.91
C ASN K 1013 45.51 89.32 -2.74
N LEU K 1014 46.49 88.42 -2.63
CA LEU K 1014 47.89 88.87 -2.54
C LEU K 1014 48.32 89.59 -3.80
N ALA K 1015 47.92 89.07 -4.97
CA ALA K 1015 48.29 89.71 -6.24
C ALA K 1015 47.60 91.07 -6.39
N ALA K 1016 46.35 91.20 -5.93
CA ALA K 1016 45.66 92.48 -6.00
C ALA K 1016 46.30 93.51 -5.08
N THR K 1017 46.70 93.09 -3.87
CA THR K 1017 47.40 94.00 -2.97
C THR K 1017 48.74 94.43 -3.55
N LYS K 1018 49.47 93.46 -4.15
CA LYS K 1018 50.75 93.78 -4.78
C LYS K 1018 50.56 94.74 -5.94
N MET K 1019 49.52 94.53 -6.75
CA MET K 1019 49.17 95.44 -7.83
C MET K 1019 48.92 96.85 -7.30
N SER K 1020 48.00 96.97 -6.34
CA SER K 1020 47.57 98.27 -5.84
C SER K 1020 48.66 99.01 -5.09
N GLU K 1021 49.65 98.30 -4.54
CA GLU K 1021 50.73 98.96 -3.81
C GLU K 1021 51.95 99.21 -4.69
N CYS K 1022 52.51 98.16 -5.31
CA CYS K 1022 53.73 98.32 -6.08
C CYS K 1022 53.50 99.01 -7.42
N VAL K 1023 52.36 98.80 -8.06
CA VAL K 1023 52.14 99.38 -9.39
C VAL K 1023 51.42 100.71 -9.32
N LEU K 1024 50.29 100.76 -8.62
CA LEU K 1024 49.51 101.99 -8.52
C LEU K 1024 50.08 102.91 -7.45
N GLY K 1025 51.38 103.19 -7.51
CA GLY K 1025 52.07 103.97 -6.51
C GLY K 1025 53.39 103.32 -6.15
N GLN K 1026 54.07 103.93 -5.18
CA GLN K 1026 55.34 103.44 -4.66
C GLN K 1026 55.13 102.93 -3.25
N SER K 1027 55.51 101.67 -3.00
CA SER K 1027 55.30 101.04 -1.71
C SER K 1027 56.54 101.18 -0.85
N LYS K 1028 56.35 101.65 0.39
CA LYS K 1028 57.44 101.79 1.34
C LYS K 1028 57.75 100.49 2.08
N ARG K 1029 56.97 99.44 1.84
CA ARG K 1029 57.23 98.16 2.47
C ARG K 1029 58.49 97.52 1.87
N VAL K 1030 59.48 97.28 2.71
CA VAL K 1030 60.75 96.72 2.25
C VAL K 1030 60.60 95.23 2.02
N ASP K 1031 61.26 94.73 0.96
CA ASP K 1031 61.25 93.31 0.58
C ASP K 1031 59.84 92.78 0.32
N PHE K 1032 58.96 93.64 -0.20
CA PHE K 1032 57.61 93.25 -0.58
C PHE K 1032 57.40 93.25 -2.09
N CYS K 1033 57.93 94.25 -2.79
CA CYS K 1033 57.86 94.32 -4.25
C CYS K 1033 59.19 93.95 -4.88
N GLY K 1034 59.87 92.94 -4.34
CA GLY K 1034 61.15 92.49 -4.85
C GLY K 1034 62.29 92.81 -3.90
N LYS K 1035 63.42 92.18 -4.18
CA LYS K 1035 64.63 92.36 -3.37
C LYS K 1035 65.31 93.66 -3.75
N GLY K 1036 65.30 94.62 -2.83
CA GLY K 1036 65.89 95.92 -3.04
C GLY K 1036 64.90 97.02 -2.76
N TYR K 1037 65.32 98.26 -3.05
CA TYR K 1037 64.47 99.42 -2.85
C TYR K 1037 63.55 99.56 -4.06
N HIS K 1038 62.25 99.35 -3.85
CA HIS K 1038 61.30 99.29 -4.95
C HIS K 1038 61.06 100.66 -5.58
N LEU K 1039 61.09 100.71 -6.91
CA LEU K 1039 60.73 101.90 -7.67
C LEU K 1039 59.38 101.74 -8.36
N MET K 1040 59.23 100.70 -9.17
CA MET K 1040 58.07 100.53 -10.02
C MET K 1040 57.95 99.07 -10.45
N SER K 1041 56.72 98.61 -10.60
CA SER K 1041 56.43 97.27 -11.09
C SER K 1041 55.55 97.37 -12.33
N PHE K 1042 55.95 96.67 -13.40
CA PHE K 1042 55.21 96.72 -14.65
C PHE K 1042 54.38 95.45 -14.81
N PRO K 1043 53.06 95.52 -14.73
CA PRO K 1043 52.24 94.30 -14.88
C PRO K 1043 52.12 93.88 -16.33
N GLN K 1044 52.09 92.57 -16.53
CA GLN K 1044 51.92 91.98 -17.85
C GLN K 1044 50.85 90.90 -17.78
N SER K 1045 50.11 90.75 -18.88
CA SER K 1045 49.06 89.74 -18.95
C SER K 1045 49.66 88.33 -19.01
N ALA K 1046 49.07 87.43 -18.24
CA ALA K 1046 49.50 86.04 -18.19
C ALA K 1046 48.29 85.13 -18.29
N PRO K 1047 48.44 83.94 -18.88
CA PRO K 1047 47.32 82.99 -18.94
C PRO K 1047 47.02 82.42 -17.56
N HIS K 1048 45.82 82.71 -17.06
CA HIS K 1048 45.36 82.29 -15.73
C HIS K 1048 46.31 82.75 -14.63
N GLY K 1049 46.79 83.98 -14.74
CA GLY K 1049 47.72 84.51 -13.77
C GLY K 1049 48.13 85.91 -14.12
N VAL K 1050 49.10 86.43 -13.36
CA VAL K 1050 49.65 87.76 -13.59
C VAL K 1050 51.11 87.75 -13.14
N VAL K 1051 51.93 88.54 -13.82
CA VAL K 1051 53.34 88.71 -13.48
C VAL K 1051 53.60 90.19 -13.26
N PHE K 1052 54.66 90.48 -12.50
CA PHE K 1052 55.05 91.84 -12.17
C PHE K 1052 56.53 92.03 -12.48
N LEU K 1053 56.85 93.06 -13.25
CA LEU K 1053 58.24 93.39 -13.58
C LEU K 1053 58.69 94.54 -12.68
N HIS K 1054 59.10 94.18 -11.47
CA HIS K 1054 59.52 95.16 -10.48
C HIS K 1054 60.83 95.82 -10.91
N VAL K 1055 60.99 97.09 -10.52
CA VAL K 1055 62.23 97.83 -10.71
C VAL K 1055 62.77 98.15 -9.32
N THR K 1056 63.91 97.56 -8.99
CA THR K 1056 64.53 97.70 -7.68
C THR K 1056 65.72 98.63 -7.73
N TYR K 1057 66.25 98.96 -6.55
CA TYR K 1057 67.39 99.86 -6.41
C TYR K 1057 68.35 99.22 -5.40
N VAL K 1058 69.40 98.59 -5.90
CA VAL K 1058 70.39 97.95 -5.03
C VAL K 1058 71.74 98.62 -5.23
N PRO K 1059 72.50 98.85 -4.17
CA PRO K 1059 73.86 99.39 -4.34
C PRO K 1059 74.78 98.37 -4.99
N ALA K 1060 75.76 98.87 -5.74
CA ALA K 1060 76.71 98.03 -6.46
C ALA K 1060 78.10 98.10 -5.85
N GLN K 1061 78.67 99.30 -5.72
CA GLN K 1061 80.00 99.48 -5.17
C GLN K 1061 79.91 100.33 -3.91
N GLU K 1062 80.60 99.88 -2.85
CA GLU K 1062 80.64 100.60 -1.59
C GLU K 1062 82.09 100.70 -1.12
N LYS K 1063 82.37 101.74 -0.34
CA LYS K 1063 83.71 101.93 0.22
C LYS K 1063 83.58 102.31 1.68
N ASN K 1064 84.63 102.03 2.44
CA ASN K 1064 84.62 102.19 3.88
C ASN K 1064 85.02 103.60 4.31
N PHE K 1065 84.52 104.01 5.47
CA PHE K 1065 84.73 105.37 5.95
C PHE K 1065 84.75 105.36 7.47
N THR K 1066 85.25 106.45 8.04
CA THR K 1066 85.21 106.67 9.48
C THR K 1066 84.15 107.73 9.79
N THR K 1067 83.21 107.39 10.67
CA THR K 1067 82.07 108.23 10.95
C THR K 1067 82.06 108.69 12.40
N ALA K 1068 81.22 109.68 12.67
CA ALA K 1068 81.00 110.22 14.01
C ALA K 1068 79.58 110.75 14.09
N PRO K 1069 78.85 110.47 15.16
CA PRO K 1069 77.46 110.92 15.25
C PRO K 1069 77.31 112.42 15.41
N ALA K 1070 78.31 113.12 15.93
CA ALA K 1070 78.18 114.54 16.18
C ALA K 1070 79.51 115.24 15.94
N ILE K 1071 79.45 116.54 15.71
CA ILE K 1071 80.62 117.38 15.48
C ILE K 1071 80.60 118.51 16.50
N CYS K 1072 81.71 118.65 17.23
CA CYS K 1072 81.85 119.69 18.25
C CYS K 1072 82.59 120.87 17.64
N HIS K 1073 81.87 121.96 17.38
CA HIS K 1073 82.46 123.14 16.76
C HIS K 1073 82.91 124.17 17.79
N ASP K 1074 81.97 124.68 18.59
CA ASP K 1074 82.24 125.70 19.59
C ASP K 1074 81.52 125.39 20.88
N GLY K 1075 81.56 124.12 21.31
CA GLY K 1075 80.82 123.67 22.46
C GLY K 1075 79.40 123.23 22.17
N LYS K 1076 78.94 123.37 20.93
CA LYS K 1076 77.62 122.93 20.52
C LYS K 1076 77.75 121.73 19.59
N ALA K 1077 76.92 120.72 19.82
CA ALA K 1077 76.98 119.49 19.05
C ALA K 1077 76.13 119.63 17.79
N HIS K 1078 76.75 119.39 16.63
CA HIS K 1078 76.09 119.49 15.34
C HIS K 1078 75.65 118.10 14.89
N PHE K 1079 74.38 117.99 14.51
CA PHE K 1079 73.83 116.73 14.03
C PHE K 1079 73.28 116.89 12.62
N PRO K 1080 73.50 115.92 11.75
CA PRO K 1080 72.98 116.03 10.38
C PRO K 1080 71.47 115.96 10.33
N ARG K 1081 70.89 116.71 9.38
CA ARG K 1081 69.44 116.73 9.24
C ARG K 1081 68.93 115.47 8.51
N GLU K 1082 69.61 115.08 7.43
CA GLU K 1082 69.22 113.91 6.67
C GLU K 1082 70.39 113.01 6.28
N GLY K 1083 71.64 113.45 6.46
CA GLY K 1083 72.78 112.65 6.08
C GLY K 1083 73.54 112.06 7.25
N VAL K 1084 74.83 111.80 7.05
CA VAL K 1084 75.69 111.25 8.10
C VAL K 1084 77.11 111.78 7.87
N PHE K 1085 77.81 112.07 8.97
CA PHE K 1085 79.17 112.56 8.88
C PHE K 1085 80.10 111.42 8.46
N VAL K 1086 80.91 111.67 7.43
CA VAL K 1086 81.89 110.71 6.95
C VAL K 1086 83.22 111.43 6.75
N SER K 1087 84.31 110.67 6.84
CA SER K 1087 85.64 111.21 6.70
C SER K 1087 86.48 110.30 5.82
N ASN K 1088 87.22 110.91 4.88
CA ASN K 1088 88.09 110.17 3.98
C ASN K 1088 89.51 110.02 4.52
N GLY K 1089 89.77 110.51 5.73
CA GLY K 1089 91.09 110.40 6.32
C GLY K 1089 91.65 111.72 6.82
N THR K 1090 91.35 112.80 6.11
CA THR K 1090 91.83 114.13 6.47
C THR K 1090 90.72 115.08 6.86
N HIS K 1091 89.70 115.17 5.99
CA HIS K 1091 88.59 116.11 6.23
C HIS K 1091 87.30 115.34 6.49
N TRP K 1092 86.19 116.05 6.70
CA TRP K 1092 84.91 115.45 6.97
C TRP K 1092 83.86 115.99 6.00
N PHE K 1093 82.92 115.11 5.66
CA PHE K 1093 81.81 115.53 4.78
C PHE K 1093 80.53 114.84 5.22
N VAL K 1094 79.41 115.27 4.68
CA VAL K 1094 78.10 114.70 4.96
C VAL K 1094 77.51 114.17 3.66
N THR K 1095 77.03 112.93 3.69
CA THR K 1095 76.51 112.26 2.51
C THR K 1095 75.17 111.60 2.84
N GLN K 1096 74.37 111.37 1.80
CA GLN K 1096 73.09 110.71 1.99
C GLN K 1096 73.30 109.22 2.27
N ARG K 1097 72.19 108.55 2.60
CA ARG K 1097 72.28 107.17 3.10
C ARG K 1097 72.62 106.19 1.99
N ASN K 1098 72.01 106.36 0.81
CA ASN K 1098 72.12 105.38 -0.27
C ASN K 1098 73.06 105.82 -1.39
N PHE K 1099 73.76 106.94 -1.22
CA PHE K 1099 74.68 107.41 -2.25
C PHE K 1099 75.78 108.23 -1.59
N TYR K 1100 76.91 108.33 -2.29
CA TYR K 1100 78.07 109.09 -1.83
C TYR K 1100 78.09 110.43 -2.56
N GLU K 1101 77.66 111.49 -1.89
CA GLU K 1101 77.70 112.85 -2.42
C GLU K 1101 78.36 113.73 -1.37
N PRO K 1102 79.69 113.83 -1.40
CA PRO K 1102 80.38 114.61 -0.37
C PRO K 1102 80.07 116.10 -0.46
N GLN K 1103 79.83 116.72 0.69
CA GLN K 1103 79.52 118.13 0.77
C GLN K 1103 80.25 118.72 1.98
N ILE K 1104 80.48 120.03 1.92
CA ILE K 1104 81.15 120.72 3.02
C ILE K 1104 80.22 120.80 4.21
N ILE K 1105 80.77 120.62 5.40
CA ILE K 1105 80.00 120.68 6.64
C ILE K 1105 79.56 122.12 6.86
N THR K 1106 78.26 122.38 6.73
CA THR K 1106 77.73 123.73 6.77
C THR K 1106 76.54 123.78 7.74
N THR K 1107 76.02 124.98 7.95
CA THR K 1107 74.90 125.19 8.87
C THR K 1107 73.58 124.75 8.25
N ASP K 1108 73.46 124.78 6.93
CA ASP K 1108 72.18 124.54 6.28
C ASP K 1108 71.71 123.10 6.46
N ASN K 1109 72.62 122.13 6.53
CA ASN K 1109 72.25 120.73 6.67
C ASN K 1109 72.50 120.18 8.06
N THR K 1110 72.79 121.04 9.04
CA THR K 1110 73.05 120.61 10.41
C THR K 1110 72.25 121.46 11.39
N PHE K 1111 71.94 120.86 12.54
CA PHE K 1111 71.23 121.54 13.61
C PHE K 1111 71.93 121.26 14.93
N VAL K 1112 71.87 122.24 15.84
CA VAL K 1112 72.54 122.16 17.13
C VAL K 1112 71.52 121.75 18.19
N SER K 1113 72.01 121.12 19.25
CA SER K 1113 71.15 120.70 20.36
C SER K 1113 72.02 120.46 21.59
N GLY K 1114 71.82 121.26 22.63
CA GLY K 1114 72.55 121.07 23.87
C GLY K 1114 74.02 121.45 23.75
N ASN K 1115 74.78 121.02 24.76
CA ASN K 1115 76.20 121.27 24.83
C ASN K 1115 76.97 120.11 24.18
N CYS K 1116 78.29 120.09 24.36
CA CYS K 1116 79.14 119.11 23.70
C CYS K 1116 79.35 117.84 24.52
N ASP K 1117 79.24 117.92 25.85
CA ASP K 1117 79.57 116.78 26.70
C ASP K 1117 78.34 115.93 27.02
N VAL K 1118 77.70 115.46 25.95
CA VAL K 1118 76.61 114.49 26.08
C VAL K 1118 76.81 113.24 25.25
N VAL K 1119 77.65 113.26 24.22
CA VAL K 1119 77.83 112.13 23.31
C VAL K 1119 79.11 111.40 23.70
N ILE K 1120 79.03 110.06 23.78
CA ILE K 1120 80.20 109.27 24.18
C ILE K 1120 81.31 109.37 23.14
N GLY K 1121 80.94 109.39 21.86
CA GLY K 1121 81.93 109.55 20.81
C GLY K 1121 81.69 110.76 19.93
N ILE K 1122 82.55 111.76 20.03
CA ILE K 1122 82.41 113.01 19.28
C ILE K 1122 83.77 113.38 18.71
N VAL K 1123 83.75 114.19 17.65
CA VAL K 1123 84.96 114.61 16.96
C VAL K 1123 84.95 116.14 16.88
N ASN K 1124 86.15 116.73 16.85
CA ASN K 1124 86.32 118.16 16.77
C ASN K 1124 86.48 118.57 15.31
N ASN K 1125 85.71 119.57 14.87
CA ASN K 1125 85.78 120.06 13.51
C ASN K 1125 85.23 121.49 13.50
N THR K 1126 84.98 122.01 12.30
CA THR K 1126 84.47 123.36 12.12
C THR K 1126 83.31 123.35 11.13
N VAL K 1127 82.50 124.41 11.20
CA VAL K 1127 81.33 124.58 10.35
C VAL K 1127 81.62 125.71 9.36
N TYR K 1128 81.16 125.52 8.12
CA TYR K 1128 81.43 126.50 7.06
C TYR K 1128 80.81 127.86 7.38
N ASP K 1129 79.57 127.86 7.90
CA ASP K 1129 78.81 129.06 8.25
C ASP K 1129 78.72 130.02 7.07
N PRO K 1130 77.89 129.74 6.07
CA PRO K 1130 77.88 130.53 4.83
C PRO K 1130 77.25 131.91 4.94
N LEU K 1131 77.02 132.42 6.15
CA LEU K 1131 76.57 133.78 6.34
C LEU K 1131 77.70 134.72 6.71
N GLN K 1132 78.77 134.21 7.33
CA GLN K 1132 79.89 135.05 7.74
C GLN K 1132 80.64 135.69 6.57
N PRO K 1133 81.05 134.98 5.50
CA PRO K 1133 81.80 135.67 4.43
C PRO K 1133 80.96 136.65 3.62
N GLU K 1134 79.64 136.54 3.65
CA GLU K 1134 78.77 137.38 2.83
C GLU K 1134 78.37 138.68 3.51
N LEU K 1135 78.57 138.81 4.83
CA LEU K 1135 78.25 140.06 5.52
C LEU K 1135 79.36 141.09 5.42
N ASP K 1136 80.54 140.70 4.93
CA ASP K 1136 81.67 141.62 4.83
C ASP K 1136 81.47 142.59 3.66
N GLN L 4 25.17 18.14 59.10
CA GLN L 4 24.03 18.49 59.93
C GLN L 4 24.14 19.90 60.47
N CYS L 5 23.02 20.46 60.93
CA CYS L 5 23.01 21.81 61.47
C CYS L 5 21.99 21.88 62.61
N VAL L 6 22.16 22.89 63.46
CA VAL L 6 21.25 23.15 64.56
C VAL L 6 20.64 24.54 64.36
N ASN L 7 19.59 24.80 65.13
CA ASN L 7 18.87 26.07 65.05
C ASN L 7 19.23 26.96 66.23
N LEU L 8 19.22 28.28 65.98
CA LEU L 8 19.49 29.26 67.02
C LEU L 8 18.21 29.64 67.75
N THR L 9 18.38 30.35 68.85
CA THR L 9 17.28 30.85 69.66
C THR L 9 17.12 32.35 69.46
N THR L 10 15.93 32.85 69.82
CA THR L 10 15.64 34.27 69.68
C THR L 10 16.39 35.06 70.75
N ARG L 11 17.11 36.09 70.31
CA ARG L 11 17.88 36.93 71.21
C ARG L 11 17.88 38.35 70.67
N THR L 12 18.47 39.27 71.44
CA THR L 12 18.54 40.67 71.04
C THR L 12 19.76 40.91 70.17
N GLN L 13 19.53 41.47 68.98
CA GLN L 13 20.58 41.79 68.04
C GLN L 13 20.69 43.30 67.89
N LEU L 14 21.57 43.73 66.97
CA LEU L 14 21.72 45.13 66.65
C LEU L 14 21.33 45.38 65.20
N PRO L 15 20.64 46.49 64.90
CA PRO L 15 20.27 46.76 63.52
C PRO L 15 21.50 47.07 62.68
N PRO L 16 21.48 46.73 61.39
CA PRO L 16 22.64 47.04 60.53
C PRO L 16 22.80 48.54 60.34
N ALA L 17 24.06 48.95 60.19
CA ALA L 17 24.41 50.35 59.99
C ALA L 17 24.86 50.58 58.56
N TYR L 18 24.89 51.86 58.17
CA TYR L 18 25.32 52.26 56.84
C TYR L 18 26.51 53.20 56.97
N THR L 19 27.59 52.88 56.29
CA THR L 19 28.80 53.69 56.26
C THR L 19 29.06 54.18 54.84
N ASN L 20 30.13 54.93 54.66
CA ASN L 20 30.46 55.55 53.39
C ASN L 20 31.80 55.04 52.88
N SER L 21 31.86 54.74 51.58
CA SER L 21 33.09 54.31 50.96
C SER L 21 33.96 55.51 50.58
N PHE L 22 35.27 55.29 50.52
CA PHE L 22 36.24 56.33 50.19
C PHE L 22 37.26 55.74 49.23
N THR L 23 37.00 55.86 47.93
CA THR L 23 37.85 55.36 46.85
C THR L 23 38.15 53.88 47.03
N ARG L 24 37.08 53.09 47.08
CA ARG L 24 37.17 51.65 47.29
C ARG L 24 36.46 50.92 46.16
N GLY L 25 36.92 49.71 45.87
CA GLY L 25 36.31 48.89 44.84
C GLY L 25 36.92 49.08 43.48
N VAL L 26 38.24 49.26 43.42
CA VAL L 26 38.98 49.45 42.18
C VAL L 26 39.88 48.25 41.97
N TYR L 27 39.75 47.61 40.80
CA TYR L 27 40.52 46.42 40.46
C TYR L 27 40.98 46.54 39.02
N TYR L 28 41.84 45.61 38.61
CA TYR L 28 42.32 45.57 37.24
C TYR L 28 41.23 44.98 36.34
N PRO L 29 40.73 45.72 35.34
CA PRO L 29 39.66 45.18 34.49
C PRO L 29 40.15 44.25 33.39
N ASP L 30 41.46 44.12 33.20
CA ASP L 30 41.99 43.27 32.14
C ASP L 30 43.39 42.82 32.52
N LYS L 31 43.86 41.77 31.84
CA LYS L 31 45.14 41.14 32.13
C LYS L 31 46.25 41.63 31.22
N VAL L 32 46.21 42.89 30.81
CA VAL L 32 47.25 43.48 29.97
C VAL L 32 48.05 44.48 30.79
N PHE L 33 49.19 44.89 30.25
CA PHE L 33 50.06 45.86 30.90
C PHE L 33 49.95 47.20 30.19
N ARG L 34 49.77 48.26 30.98
CA ARG L 34 49.71 49.62 30.45
C ARG L 34 50.56 50.53 31.31
N SER L 35 51.36 51.37 30.67
CA SER L 35 52.29 52.25 31.36
C SER L 35 52.09 53.69 30.92
N SER L 36 51.89 54.58 31.89
CA SER L 36 51.82 56.03 31.68
C SER L 36 50.72 56.40 30.68
N VAL L 37 49.56 55.75 30.79
CA VAL L 37 48.43 56.03 29.93
C VAL L 37 47.18 56.13 30.80
N LEU L 38 46.22 56.94 30.34
CA LEU L 38 44.95 57.14 31.02
C LEU L 38 43.84 56.66 30.08
N HIS L 39 43.36 55.44 30.31
CA HIS L 39 42.34 54.82 29.47
C HIS L 39 41.09 54.53 30.29
N SER L 40 39.95 54.48 29.60
CA SER L 40 38.66 54.27 30.23
C SER L 40 38.07 52.95 29.76
N THR L 41 37.47 52.21 30.70
CA THR L 41 36.83 50.94 30.41
C THR L 41 35.42 50.93 30.97
N GLN L 42 34.55 50.16 30.33
CA GLN L 42 33.16 50.00 30.76
C GLN L 42 33.00 48.61 31.34
N ASP L 43 33.07 48.53 32.66
CA ASP L 43 32.91 47.27 33.40
C ASP L 43 32.12 47.55 34.67
N LEU L 44 32.13 46.60 35.59
CA LEU L 44 31.40 46.71 36.85
C LEU L 44 32.36 47.15 37.94
N PHE L 45 32.12 48.34 38.49
CA PHE L 45 32.95 48.89 39.56
C PHE L 45 32.06 49.44 40.66
N LEU L 46 32.64 49.55 41.85
CA LEU L 46 31.94 50.17 42.98
C LEU L 46 31.99 51.69 42.82
N PRO L 47 30.85 52.37 42.82
CA PRO L 47 30.87 53.83 42.69
C PRO L 47 31.51 54.50 43.90
N PHE L 48 32.19 55.62 43.63
CA PHE L 48 32.78 56.41 44.71
C PHE L 48 31.69 57.22 45.41
N PHE L 49 31.91 57.44 46.72
CA PHE L 49 30.97 58.17 47.59
C PHE L 49 29.58 57.54 47.55
N SER L 50 29.55 56.21 47.62
CA SER L 50 28.31 55.45 47.53
C SER L 50 27.95 54.87 48.89
N ASN L 51 26.65 54.71 49.13
CA ASN L 51 26.17 54.14 50.38
C ASN L 51 26.43 52.64 50.38
N VAL L 52 27.20 52.17 51.35
CA VAL L 52 27.59 50.78 51.46
C VAL L 52 27.16 50.24 52.82
N THR L 53 26.67 49.01 52.83
CA THR L 53 26.16 48.40 54.05
C THR L 53 27.29 48.04 55.00
N TRP L 54 26.95 47.94 56.28
CA TRP L 54 27.91 47.59 57.33
C TRP L 54 27.27 46.57 58.26
N PHE L 55 27.96 45.45 58.48
CA PHE L 55 27.51 44.40 59.37
C PHE L 55 28.53 44.22 60.48
N HIS L 56 28.06 44.18 61.72
CA HIS L 56 28.93 44.04 62.88
C HIS L 56 29.07 42.56 63.26
N ALA L 57 30.18 42.26 63.94
CA ALA L 57 30.45 40.90 64.40
C ALA L 57 31.02 40.85 65.81
N ILE L 58 31.01 41.95 66.55
CA ILE L 58 31.57 41.97 67.89
C ILE L 58 30.61 41.26 68.85
N HIS L 59 31.16 40.84 69.99
CA HIS L 59 30.38 40.15 71.01
C HIS L 59 29.80 41.12 72.04
N VAL L 60 30.65 41.92 72.66
CA VAL L 60 30.21 42.87 73.67
C VAL L 60 30.04 44.26 73.05
N THR L 66 24.55 43.64 72.78
CA THR L 66 25.56 42.59 72.76
C THR L 66 25.08 41.37 71.98
N LYS L 67 25.98 40.42 71.78
CA LYS L 67 25.71 39.17 71.05
C LYS L 67 25.19 39.46 69.64
N ARG L 68 26.05 40.11 68.85
CA ARG L 68 25.72 40.48 67.48
C ARG L 68 26.13 39.35 66.54
N PHE L 69 25.14 38.78 65.84
CA PHE L 69 25.40 37.70 64.89
C PHE L 69 24.32 37.77 63.81
N ASP L 70 24.65 38.38 62.68
CA ASP L 70 23.73 38.54 61.56
C ASP L 70 24.30 37.82 60.35
N ASN L 71 23.52 36.91 59.78
CA ASN L 71 23.90 36.19 58.56
C ASN L 71 22.73 36.21 57.58
N PRO L 72 22.47 37.35 56.96
CA PRO L 72 21.36 37.43 56.00
C PRO L 72 21.75 36.88 54.64
N VAL L 73 20.74 36.39 53.93
CA VAL L 73 20.95 35.85 52.57
C VAL L 73 20.78 37.03 51.62
N LEU L 74 21.86 37.78 51.44
CA LEU L 74 21.83 38.94 50.58
C LEU L 74 21.77 38.52 49.11
N PRO L 75 21.02 39.24 48.29
CA PRO L 75 20.97 38.89 46.86
C PRO L 75 22.29 39.23 46.16
N PHE L 76 22.70 38.34 45.27
CA PHE L 76 23.94 38.51 44.52
C PHE L 76 23.62 39.23 43.21
N ASN L 77 23.97 40.50 43.13
CA ASN L 77 23.77 41.29 41.93
C ASN L 77 24.95 41.10 40.98
N ASP L 78 25.04 41.92 39.93
CA ASP L 78 26.12 41.84 38.96
C ASP L 78 27.38 42.43 39.60
N GLY L 79 28.08 41.60 40.37
CA GLY L 79 29.30 42.02 41.03
C GLY L 79 29.06 42.53 42.43
N VAL L 80 29.84 42.03 43.39
CA VAL L 80 29.76 42.45 44.78
C VAL L 80 31.14 42.86 45.26
N TYR L 81 31.16 43.66 46.33
CA TYR L 81 32.40 44.14 46.93
C TYR L 81 32.38 43.75 48.41
N PHE L 82 33.32 42.89 48.81
CA PHE L 82 33.39 42.38 50.18
C PHE L 82 34.71 42.82 50.79
N ALA L 83 34.66 43.80 51.68
CA ALA L 83 35.84 44.33 52.35
C ALA L 83 35.75 44.03 53.84
N SER L 84 36.85 43.53 54.40
CA SER L 84 36.91 43.17 55.81
C SER L 84 38.20 43.70 56.42
N THR L 85 38.07 44.37 57.56
CA THR L 85 39.23 44.80 58.35
C THR L 85 39.64 43.71 59.34
N GLU L 86 40.00 42.56 58.77
CA GLU L 86 40.22 41.35 59.55
C GLU L 86 41.47 41.48 60.44
N LYS L 87 41.33 41.04 61.68
CA LYS L 87 42.43 41.05 62.65
C LYS L 87 42.79 39.66 63.13
N SER L 88 41.82 38.87 63.59
CA SER L 88 42.08 37.56 64.17
C SER L 88 41.52 36.41 63.33
N ASN L 89 41.23 36.69 62.05
CA ASN L 89 40.71 35.69 61.10
C ASN L 89 39.41 35.07 61.60
N ILE L 90 38.39 35.92 61.75
CA ILE L 90 37.09 35.45 62.21
C ILE L 90 36.32 34.80 61.08
N ILE L 91 36.18 35.50 59.95
CA ILE L 91 35.47 34.94 58.80
C ILE L 91 36.31 33.88 58.14
N ARG L 92 35.66 32.82 57.66
CA ARG L 92 36.35 31.70 57.03
C ARG L 92 36.10 31.62 55.52
N GLY L 93 34.85 31.68 55.09
CA GLY L 93 34.57 31.56 53.68
C GLY L 93 33.21 32.12 53.33
N TRP L 94 32.80 31.85 52.08
CA TRP L 94 31.54 32.36 51.54
C TRP L 94 30.82 31.23 50.82
N ILE L 95 29.51 31.35 50.71
CA ILE L 95 28.68 30.42 49.96
C ILE L 95 27.90 31.19 48.91
N PHE L 96 27.50 30.47 47.87
CA PHE L 96 26.73 31.06 46.78
C PHE L 96 25.66 30.07 46.34
N GLY L 97 24.63 30.59 45.71
CA GLY L 97 23.56 29.75 45.22
C GLY L 97 22.32 30.58 44.90
N THR L 98 21.26 29.85 44.54
CA THR L 98 19.97 30.46 44.22
C THR L 98 18.89 30.12 45.22
N THR L 99 18.67 28.83 45.49
CA THR L 99 17.66 28.40 46.46
C THR L 99 18.24 27.65 47.65
N LEU L 100 19.44 27.07 47.53
CA LEU L 100 20.12 26.35 48.61
C LEU L 100 19.27 25.22 49.18
N ASP L 101 18.81 24.34 48.28
CA ASP L 101 18.00 23.20 48.68
C ASP L 101 18.43 21.94 47.93
N SER L 102 19.71 21.86 47.55
CA SER L 102 20.27 20.74 46.78
C SER L 102 19.52 20.52 45.46
N LYS L 103 19.13 21.62 44.83
CA LYS L 103 18.46 21.58 43.53
C LYS L 103 19.27 22.21 42.41
N THR L 104 20.04 23.25 42.68
CA THR L 104 20.88 23.91 41.69
C THR L 104 22.34 23.76 42.09
N GLN L 105 23.23 24.11 41.15
CA GLN L 105 24.65 24.02 41.40
C GLN L 105 25.11 25.14 42.33
N SER L 106 25.14 24.87 43.62
CA SER L 106 25.57 25.85 44.60
C SER L 106 27.10 25.86 44.72
N LEU L 107 27.61 26.79 45.51
CA LEU L 107 29.04 27.00 45.65
C LEU L 107 29.43 26.96 47.12
N LEU L 108 30.69 26.60 47.37
CA LEU L 108 31.23 26.59 48.73
C LEU L 108 32.71 26.96 48.63
N ILE L 109 33.01 28.24 48.80
CA ILE L 109 34.37 28.75 48.82
C ILE L 109 34.73 28.92 50.30
N VAL L 110 35.29 27.87 50.89
CA VAL L 110 35.60 27.83 52.31
C VAL L 110 37.10 27.66 52.49
N ASN L 111 37.66 28.37 53.46
CA ASN L 111 39.09 28.38 53.72
C ASN L 111 39.35 27.85 55.13
N ASN L 112 40.20 26.84 55.23
CA ASN L 112 40.60 26.29 56.52
C ASN L 112 42.04 26.71 56.81
N ALA L 113 42.54 26.31 57.98
CA ALA L 113 43.90 26.64 58.38
C ALA L 113 44.96 25.81 57.66
N THR L 114 44.56 24.76 56.94
CA THR L 114 45.51 23.87 56.26
C THR L 114 45.56 24.15 54.76
N ASN L 115 44.41 24.09 54.08
CA ASN L 115 44.38 24.28 52.63
C ASN L 115 43.07 24.96 52.26
N VAL L 116 43.07 25.54 51.06
CA VAL L 116 41.90 26.24 50.52
C VAL L 116 41.21 25.29 49.55
N VAL L 117 39.99 24.88 49.87
CA VAL L 117 39.18 24.04 49.01
C VAL L 117 38.00 24.86 48.51
N ILE L 118 37.74 24.78 47.21
CA ILE L 118 36.62 25.47 46.59
C ILE L 118 35.78 24.40 45.90
N LYS L 119 34.78 23.89 46.61
CA LYS L 119 33.93 22.82 46.13
C LYS L 119 32.61 23.42 45.67
N VAL L 120 32.37 23.40 44.36
CA VAL L 120 31.14 23.93 43.77
C VAL L 120 30.24 22.73 43.51
N CYS L 121 29.39 22.41 44.50
CA CYS L 121 28.52 21.25 44.40
C CYS L 121 27.16 21.56 45.02
N GLU L 122 26.27 20.57 44.96
CA GLU L 122 24.90 20.74 45.45
C GLU L 122 24.81 20.29 46.90
N PHE L 123 25.38 21.12 47.77
CA PHE L 123 25.36 20.85 49.20
C PHE L 123 23.98 21.14 49.79
N GLN L 124 23.67 20.45 50.88
CA GLN L 124 22.42 20.69 51.62
C GLN L 124 22.71 21.79 52.64
N PHE L 125 22.46 23.03 52.23
CA PHE L 125 22.74 24.18 53.09
C PHE L 125 21.62 24.37 54.09
N CYS L 126 21.98 24.52 55.35
CA CYS L 126 21.01 24.71 56.42
C CYS L 126 20.62 26.19 56.50
N ASN L 127 19.89 26.56 57.56
CA ASN L 127 19.44 27.93 57.71
C ASN L 127 20.59 28.88 58.04
N ASP L 128 21.58 28.43 58.80
CA ASP L 128 22.68 29.28 59.25
C ASP L 128 23.96 28.47 59.47
N PRO L 129 24.65 28.12 58.38
CA PRO L 129 25.93 27.42 58.52
C PRO L 129 26.99 28.30 59.18
N PHE L 130 27.85 27.67 59.96
CA PHE L 130 28.87 28.38 60.71
C PHE L 130 30.01 27.43 61.04
N LEU L 131 31.13 28.00 61.45
CA LEU L 131 32.32 27.25 61.86
C LEU L 131 32.45 27.34 63.38
N GLY L 132 32.66 26.20 64.02
CA GLY L 132 32.78 26.12 65.46
C GLY L 132 34.22 25.84 65.88
N VAL L 133 34.72 26.69 66.77
CA VAL L 133 36.07 26.55 67.32
C VAL L 133 35.95 26.28 68.82
N TYR L 134 36.59 25.21 69.27
CA TYR L 134 36.55 24.80 70.66
C TYR L 134 37.94 24.91 71.27
N TYR L 135 37.99 25.35 72.53
CA TYR L 135 39.24 25.54 73.25
C TYR L 135 39.52 24.29 74.09
N HIS L 136 40.64 23.64 73.83
CA HIS L 136 41.01 22.46 74.59
C HIS L 136 41.52 22.84 75.98
N LYS L 137 41.40 21.91 76.91
CA LYS L 137 41.85 22.12 78.28
C LYS L 137 43.33 21.82 78.45
N ASN L 138 43.77 20.64 78.00
CA ASN L 138 45.18 20.28 78.11
C ASN L 138 46.03 21.04 77.11
N ASN L 139 45.48 21.37 75.95
CA ASN L 139 46.21 22.08 74.91
C ASN L 139 45.77 23.55 74.91
N LYS L 140 46.73 24.45 74.99
CA LYS L 140 46.45 25.89 75.00
C LYS L 140 46.47 26.43 73.56
N SER L 141 45.61 25.84 72.73
CA SER L 141 45.49 26.25 71.34
C SER L 141 44.04 26.05 70.90
N TRP L 142 43.63 26.85 69.93
CA TRP L 142 42.26 26.80 69.40
C TRP L 142 42.25 25.99 68.11
N MET L 143 41.31 25.05 68.03
CA MET L 143 41.14 24.22 66.84
C MET L 143 39.67 24.17 66.47
N GLU L 144 39.40 24.00 65.18
CA GLU L 144 38.04 23.91 64.68
C GLU L 144 37.56 22.47 64.77
N SER L 145 36.44 22.27 65.47
CA SER L 145 35.88 20.94 65.67
C SER L 145 34.45 20.81 65.19
N GLU L 146 33.63 21.84 65.38
CA GLU L 146 32.22 21.80 64.95
C GLU L 146 32.16 22.21 63.48
N PHE L 147 32.22 21.20 62.60
CA PHE L 147 32.17 21.42 61.16
C PHE L 147 30.73 21.21 60.70
N ARG L 148 29.92 22.25 60.85
CA ARG L 148 28.51 22.23 60.49
C ARG L 148 28.26 23.32 59.45
N VAL L 149 28.53 23.00 58.18
CA VAL L 149 28.22 23.91 57.08
C VAL L 149 27.30 23.30 56.04
N TYR L 150 27.22 21.97 55.93
CA TYR L 150 26.27 21.31 55.05
C TYR L 150 26.07 19.89 55.56
N SER L 151 25.06 19.22 55.00
CA SER L 151 24.78 17.84 55.36
C SER L 151 25.47 16.87 54.40
N SER L 152 25.14 16.95 53.11
CA SER L 152 25.74 16.09 52.10
C SER L 152 25.57 16.73 50.74
N ALA L 153 26.33 16.22 49.77
CA ALA L 153 26.27 16.65 48.39
C ALA L 153 25.68 15.55 47.52
N ASN L 154 25.21 15.92 46.34
CA ASN L 154 24.59 14.98 45.42
C ASN L 154 25.44 14.73 44.18
N ASN L 155 25.77 15.79 43.44
CA ASN L 155 26.50 15.64 42.17
C ASN L 155 27.00 17.00 41.74
N CYS L 156 28.17 17.00 41.09
CA CYS L 156 28.80 18.23 40.64
C CYS L 156 29.93 17.91 39.67
N THR L 157 30.49 18.97 39.11
CA THR L 157 31.53 18.89 38.08
C THR L 157 32.85 19.49 38.52
N PHE L 158 32.83 20.62 39.22
CA PHE L 158 34.00 21.42 39.51
C PHE L 158 34.46 21.23 40.95
N GLU L 159 35.76 21.01 41.14
CA GLU L 159 36.34 20.92 42.47
C GLU L 159 37.80 21.34 42.36
N TYR L 160 38.13 22.51 42.91
CA TYR L 160 39.46 23.08 42.81
C TYR L 160 40.03 23.33 44.20
N VAL L 161 41.32 23.03 44.36
CA VAL L 161 42.04 23.28 45.60
C VAL L 161 43.12 24.32 45.31
N SER L 162 43.07 25.43 46.03
CA SER L 162 44.00 26.53 45.83
C SER L 162 45.28 26.28 46.63
N GLN L 163 46.16 27.29 46.68
CA GLN L 163 47.39 27.17 47.43
C GLN L 163 47.10 27.18 48.93
N PRO L 164 47.92 26.48 49.73
CA PRO L 164 47.70 26.48 51.17
C PRO L 164 47.91 27.85 51.80
N PHE L 165 47.14 28.12 52.84
CA PHE L 165 47.22 29.39 53.56
C PHE L 165 47.15 29.11 55.06
N LEU L 166 48.04 29.76 55.82
CA LEU L 166 48.10 29.58 57.25
C LEU L 166 47.24 30.63 57.95
N MET L 167 46.60 30.22 59.05
CA MET L 167 45.72 31.10 59.81
C MET L 167 46.03 30.98 61.29
N ASP L 168 45.54 31.96 62.05
CA ASP L 168 45.60 31.95 63.50
C ASP L 168 44.17 31.84 64.04
N LEU L 169 43.92 30.83 64.86
CA LEU L 169 42.59 30.58 65.39
C LEU L 169 42.30 31.33 66.69
N GLU L 170 43.26 32.08 67.21
CA GLU L 170 43.06 32.86 68.42
C GLU L 170 42.23 34.10 68.11
N GLY L 171 41.18 34.33 68.90
CA GLY L 171 40.33 35.49 68.75
C GLY L 171 40.54 36.46 69.91
N LYS L 172 40.69 37.73 69.56
CA LYS L 172 40.95 38.78 70.54
C LYS L 172 39.90 39.89 70.37
N GLN L 173 39.97 40.88 71.26
CA GLN L 173 39.07 42.02 71.24
C GLN L 173 39.79 43.33 70.96
N GLY L 174 41.04 43.29 70.49
CA GLY L 174 41.81 44.48 70.25
C GLY L 174 41.50 45.13 68.91
N ASN L 175 42.27 46.17 68.61
CA ASN L 175 42.10 46.90 67.36
C ASN L 175 42.61 46.07 66.18
N PHE L 176 42.03 46.32 65.01
CA PHE L 176 42.40 45.58 63.81
C PHE L 176 43.76 46.03 63.29
N LYS L 177 44.45 45.11 62.61
CA LYS L 177 45.76 45.38 62.06
C LYS L 177 45.87 45.11 60.55
N ASN L 178 44.89 44.45 59.94
CA ASN L 178 44.93 44.16 58.52
C ASN L 178 43.57 44.46 57.91
N LEU L 179 43.57 44.68 56.59
CA LEU L 179 42.35 44.93 55.83
C LEU L 179 42.35 44.05 54.59
N ARG L 180 41.29 43.27 54.42
CA ARG L 180 41.15 42.37 53.27
C ARG L 180 39.91 42.75 52.48
N GLU L 181 40.08 42.90 51.17
CA GLU L 181 39.00 43.24 50.27
C GLU L 181 38.82 42.13 49.24
N PHE L 182 37.57 41.83 48.90
CA PHE L 182 37.25 40.79 47.94
C PHE L 182 36.18 41.31 46.98
N VAL L 183 36.34 40.98 45.70
CA VAL L 183 35.37 41.34 44.67
C VAL L 183 34.99 40.06 43.92
N PHE L 184 33.69 39.76 43.91
CA PHE L 184 33.17 38.56 43.24
C PHE L 184 32.28 39.02 42.09
N LYS L 185 32.58 38.54 40.89
CA LYS L 185 31.84 38.89 39.69
C LYS L 185 31.44 37.64 38.94
N ASN L 186 30.41 37.77 38.10
CA ASN L 186 29.90 36.67 37.28
C ASN L 186 29.54 37.22 35.90
N ILE L 187 30.48 37.13 34.97
CA ILE L 187 30.25 37.46 33.56
C ILE L 187 30.30 36.16 32.77
N ASP L 188 29.35 36.01 31.83
CA ASP L 188 29.14 34.90 30.90
C ASP L 188 29.48 33.52 31.48
N GLY L 189 29.09 33.30 32.73
CA GLY L 189 29.35 32.05 33.40
C GLY L 189 30.70 31.93 34.07
N TYR L 190 31.52 32.98 34.05
CA TYR L 190 32.86 32.93 34.61
C TYR L 190 32.87 33.71 35.93
N PHE L 191 33.23 33.02 37.02
CA PHE L 191 33.37 33.65 38.32
C PHE L 191 34.75 34.30 38.43
N LYS L 192 34.77 35.53 38.93
CA LYS L 192 35.99 36.31 39.05
C LYS L 192 36.25 36.66 40.51
N ILE L 193 37.50 36.51 40.94
CA ILE L 193 37.90 36.79 42.32
C ILE L 193 39.07 37.77 42.27
N TYR L 194 38.91 38.91 42.94
CA TYR L 194 39.97 39.91 43.06
C TYR L 194 40.18 40.21 44.54
N SER L 195 41.44 40.17 44.98
CA SER L 195 41.74 40.40 46.38
C SER L 195 43.16 40.91 46.54
N LYS L 196 43.38 41.63 47.64
CA LYS L 196 44.71 42.11 48.02
C LYS L 196 44.67 42.47 49.49
N HIS L 197 45.72 42.07 50.21
CA HIS L 197 45.84 42.36 51.63
C HIS L 197 46.59 43.68 51.83
N THR L 198 45.98 44.59 52.59
CA THR L 198 46.56 45.91 52.84
C THR L 198 46.56 46.16 54.34
N PRO L 199 47.72 46.27 54.98
CA PRO L 199 47.74 46.56 56.42
C PRO L 199 47.24 47.97 56.71
N ILE L 200 46.60 48.11 57.88
CA ILE L 200 46.05 49.38 58.32
C ILE L 200 45.86 49.31 59.83
N ASN L 201 45.78 50.48 60.47
CA ASN L 201 45.54 50.58 61.91
C ASN L 201 44.32 51.47 62.10
N LEU L 202 43.14 50.87 62.04
CA LEU L 202 41.88 51.61 62.12
C LEU L 202 40.77 50.65 62.50
N VAL L 203 39.69 51.22 63.04
CA VAL L 203 38.54 50.44 63.46
C VAL L 203 37.43 50.56 62.43
N ARG L 204 36.94 51.78 62.21
CA ARG L 204 35.88 52.05 61.24
C ARG L 204 36.26 53.29 60.44
N ASP L 205 35.38 53.69 59.53
CA ASP L 205 35.54 54.86 58.67
C ASP L 205 36.83 54.75 57.85
N LEU L 206 36.82 53.76 56.94
CA LEU L 206 37.91 53.33 56.07
C LEU L 206 38.69 54.50 55.46
N PRO L 207 40.00 54.39 55.33
CA PRO L 207 40.80 55.52 54.88
C PRO L 207 40.58 55.83 53.41
N GLN L 208 41.04 57.01 53.01
CA GLN L 208 40.89 57.52 51.65
C GLN L 208 42.03 57.10 50.74
N GLY L 209 42.95 56.27 51.21
CA GLY L 209 44.05 55.82 50.38
C GLY L 209 43.60 54.92 49.25
N PHE L 210 44.45 54.81 48.24
CA PHE L 210 44.15 54.07 47.02
C PHE L 210 44.93 52.76 47.00
N SER L 211 44.25 51.67 46.65
CA SER L 211 44.89 50.37 46.54
C SER L 211 44.09 49.53 45.55
N ALA L 212 44.75 49.09 44.49
CA ALA L 212 44.09 48.26 43.48
C ALA L 212 43.97 46.82 43.97
N LEU L 213 43.19 46.03 43.24
CA LEU L 213 42.96 44.63 43.57
C LEU L 213 43.39 43.76 42.39
N GLU L 214 44.21 42.75 42.68
CA GLU L 214 44.72 41.84 41.66
C GLU L 214 44.03 40.48 41.75
N PRO L 215 43.67 39.87 40.63
CA PRO L 215 43.05 38.55 40.68
C PRO L 215 44.04 37.47 41.12
N LEU L 216 43.50 36.44 41.75
CA LEU L 216 44.28 35.29 42.21
C LEU L 216 44.01 34.03 41.41
N VAL L 217 42.73 33.68 41.22
CA VAL L 217 42.36 32.49 40.46
C VAL L 217 40.99 32.73 39.83
N ASP L 218 40.74 32.08 38.70
CA ASP L 218 39.50 32.21 37.97
C ASP L 218 38.69 30.92 38.10
N LEU L 219 37.39 31.07 38.29
CA LEU L 219 36.50 29.93 38.51
C LEU L 219 35.46 29.87 37.40
N PRO L 220 35.57 28.95 36.45
CA PRO L 220 34.61 28.86 35.33
C PRO L 220 33.43 27.93 35.59
N ILE L 221 32.47 28.39 36.41
CA ILE L 221 31.33 27.58 36.76
C ILE L 221 30.39 27.39 35.57
N GLY L 222 30.13 28.46 34.81
CA GLY L 222 29.14 28.40 33.76
C GLY L 222 27.70 28.49 34.22
N ILE L 223 27.47 28.77 35.50
CA ILE L 223 26.12 28.81 36.08
C ILE L 223 25.91 30.17 36.73
N ASN L 224 24.76 30.78 36.46
CA ASN L 224 24.39 32.05 37.07
C ASN L 224 24.17 31.91 38.58
N ILE L 225 24.45 33.00 39.30
CA ILE L 225 24.26 33.08 40.74
C ILE L 225 23.41 34.31 41.04
N THR L 226 22.44 34.16 41.94
CA THR L 226 21.56 35.26 42.32
C THR L 226 21.55 35.59 43.80
N ARG L 227 22.14 34.74 44.65
CA ARG L 227 22.17 34.99 46.09
C ARG L 227 23.52 34.57 46.64
N PHE L 228 23.89 35.16 47.78
CA PHE L 228 25.16 34.84 48.42
C PHE L 228 25.03 35.06 49.93
N GLN L 229 25.94 34.44 50.67
CA GLN L 229 25.93 34.51 52.12
C GLN L 229 27.33 34.22 52.64
N THR L 230 27.74 34.95 53.69
CA THR L 230 29.07 34.82 54.25
C THR L 230 29.04 33.99 55.53
N LEU L 231 30.20 33.41 55.86
CA LEU L 231 30.33 32.51 56.99
C LEU L 231 31.25 33.13 58.04
N LEU L 232 30.92 32.90 59.31
CA LEU L 232 31.70 33.39 60.44
C LEU L 232 32.02 32.23 61.37
N ALA L 233 33.08 32.40 62.15
CA ALA L 233 33.53 31.39 63.10
C ALA L 233 33.47 31.96 64.51
N LEU L 234 32.84 31.22 65.42
CA LEU L 234 32.74 31.59 66.82
C LEU L 234 33.65 30.70 67.66
N HIS L 235 33.89 31.15 68.89
CA HIS L 235 34.80 30.46 69.81
C HIS L 235 34.01 29.90 70.99
N ARG L 236 34.44 28.73 71.47
CA ARG L 236 33.84 28.05 72.62
C ARG L 236 34.91 27.90 73.69
N SER L 237 35.03 28.92 74.55
CA SER L 237 36.02 28.92 75.61
C SER L 237 35.41 28.34 76.88
N TYR L 238 36.14 28.43 78.00
CA TYR L 238 35.64 27.93 79.27
C TYR L 238 34.59 28.85 79.89
N LEU L 239 34.53 30.12 79.46
CA LEU L 239 33.52 31.03 80.00
C LEU L 239 32.12 30.64 79.54
N THR L 240 31.96 30.37 78.25
CA THR L 240 30.66 29.96 77.73
C THR L 240 30.37 28.51 78.13
N PRO L 241 29.10 28.17 78.34
CA PRO L 241 28.76 26.76 78.62
C PRO L 241 29.08 25.81 77.49
N GLY L 242 29.20 26.30 76.25
CA GLY L 242 29.54 25.46 75.12
C GLY L 242 28.38 25.07 74.22
N ASP L 243 27.17 25.56 74.51
CA ASP L 243 26.01 25.29 73.67
C ASP L 243 25.75 26.47 72.75
N SER L 244 25.39 26.16 71.50
CA SER L 244 25.13 27.19 70.50
C SER L 244 23.67 27.64 70.51
N SER L 245 23.19 28.04 71.70
CA SER L 245 21.83 28.54 71.84
C SER L 245 21.81 30.00 72.27
N SER L 246 22.47 30.34 73.38
CA SER L 246 22.51 31.73 73.85
C SER L 246 23.88 32.18 74.31
N GLY L 247 24.84 31.28 74.54
CA GLY L 247 26.15 31.68 75.02
C GLY L 247 27.26 31.39 74.04
N TRP L 248 27.87 32.43 73.48
CA TRP L 248 28.94 32.28 72.53
C TRP L 248 29.73 33.59 72.48
N THR L 249 30.92 33.52 71.89
CA THR L 249 31.75 34.68 71.63
C THR L 249 32.26 34.63 70.20
N ALA L 250 32.43 35.81 69.59
CA ALA L 250 32.84 35.91 68.20
C ALA L 250 34.02 36.85 68.00
N GLY L 251 34.64 37.33 69.07
CA GLY L 251 35.76 38.24 68.93
C GLY L 251 35.30 39.62 68.48
N ALA L 252 36.05 40.21 67.56
CA ALA L 252 35.74 41.52 67.00
C ALA L 252 36.04 41.51 65.52
N ALA L 253 35.03 41.74 64.69
CA ALA L 253 35.20 41.77 63.25
C ALA L 253 34.16 42.68 62.63
N ALA L 254 34.44 43.12 61.41
CA ALA L 254 33.52 44.00 60.69
C ALA L 254 33.76 43.82 59.19
N TYR L 255 32.73 43.40 58.47
CA TYR L 255 32.82 43.18 57.03
C TYR L 255 31.80 44.05 56.31
N TYR L 256 32.22 44.65 55.21
CA TYR L 256 31.39 45.54 54.41
C TYR L 256 30.99 44.86 53.12
N VAL L 257 29.71 44.98 52.76
CA VAL L 257 29.15 44.39 51.56
C VAL L 257 28.64 45.51 50.67
N GLY L 258 29.15 45.58 49.44
CA GLY L 258 28.72 46.59 48.49
C GLY L 258 28.48 45.99 47.13
N TYR L 259 27.58 46.61 46.38
CA TYR L 259 27.17 46.14 45.07
C TYR L 259 27.82 46.98 43.98
N LEU L 260 28.31 46.32 42.94
CA LEU L 260 28.96 46.99 41.82
C LEU L 260 27.92 47.43 40.80
N GLN L 261 28.18 48.57 40.17
CA GLN L 261 27.32 49.13 39.14
C GLN L 261 28.13 49.39 37.88
N PRO L 262 27.53 49.23 36.70
CA PRO L 262 28.28 49.47 35.46
C PRO L 262 28.47 50.94 35.14
N ARG L 263 29.68 51.45 35.37
CA ARG L 263 30.02 52.83 35.08
C ARG L 263 31.39 52.89 34.41
N THR L 264 31.60 53.94 33.61
CA THR L 264 32.90 54.16 32.99
C THR L 264 33.87 54.73 34.02
N PHE L 265 35.05 54.12 34.11
CA PHE L 265 36.08 54.52 35.06
C PHE L 265 37.35 54.86 34.31
N LEU L 266 37.97 55.98 34.67
CA LEU L 266 39.24 56.38 34.09
C LEU L 266 40.37 55.88 34.98
N LEU L 267 41.26 55.06 34.43
CA LEU L 267 42.30 54.38 35.20
C LEU L 267 43.65 55.04 34.95
N LYS L 268 44.37 55.30 36.04
CA LYS L 268 45.70 55.91 35.97
C LYS L 268 46.77 54.83 36.14
N TYR L 269 47.79 54.89 35.30
CA TYR L 269 48.89 53.94 35.35
C TYR L 269 50.21 54.69 35.39
N ASN L 270 51.15 54.18 36.19
CA ASN L 270 52.46 54.78 36.35
C ASN L 270 53.47 54.02 35.48
N GLU L 271 54.75 54.34 35.65
CA GLU L 271 55.80 53.65 34.91
C GLU L 271 55.97 52.20 35.35
N ASN L 272 55.58 51.87 36.59
CA ASN L 272 55.67 50.49 37.07
C ASN L 272 54.45 49.66 36.67
N GLY L 273 53.37 50.28 36.21
CA GLY L 273 52.21 49.56 35.74
C GLY L 273 51.11 49.33 36.75
N THR L 274 51.22 49.91 37.94
CA THR L 274 50.19 49.76 38.97
C THR L 274 49.22 50.94 38.93
N ILE L 275 48.02 50.71 39.45
CA ILE L 275 46.97 51.71 39.44
C ILE L 275 47.18 52.66 40.61
N THR L 276 47.18 53.97 40.33
CA THR L 276 47.39 54.99 41.34
C THR L 276 46.12 55.74 41.71
N ASP L 277 45.30 56.13 40.74
CA ASP L 277 44.04 56.82 41.02
C ASP L 277 43.01 56.41 39.99
N ALA L 278 41.75 56.61 40.35
CA ALA L 278 40.61 56.32 39.48
C ALA L 278 39.64 57.48 39.50
N VAL L 279 39.08 57.82 38.33
CA VAL L 279 38.14 58.92 38.18
C VAL L 279 36.87 58.39 37.52
N ASP L 280 35.73 58.65 38.14
CA ASP L 280 34.44 58.26 37.60
C ASP L 280 33.94 59.32 36.60
N CYS L 281 32.87 58.97 35.88
CA CYS L 281 32.25 59.88 34.95
C CYS L 281 30.81 60.24 35.30
N ALA L 282 30.16 59.50 36.20
CA ALA L 282 28.77 59.76 36.56
C ALA L 282 28.61 60.11 38.04
N LEU L 283 29.68 60.55 38.69
CA LEU L 283 29.65 60.93 40.10
C LEU L 283 29.63 62.44 40.30
N ASP L 284 30.58 63.15 39.70
CA ASP L 284 30.70 64.59 39.84
C ASP L 284 30.88 65.22 38.47
N PRO L 285 30.36 66.44 38.27
CA PRO L 285 30.66 67.16 37.02
C PRO L 285 32.14 67.42 36.82
N LEU L 286 32.88 67.68 37.89
CA LEU L 286 34.33 67.81 37.78
C LEU L 286 34.98 66.50 37.35
N SER L 287 34.52 65.38 37.91
CA SER L 287 35.05 64.08 37.51
C SER L 287 34.67 63.77 36.06
N GLU L 288 33.47 64.15 35.64
CA GLU L 288 33.07 63.96 34.25
C GLU L 288 33.95 64.78 33.31
N THR L 289 34.25 66.03 33.70
CA THR L 289 35.16 66.86 32.91
C THR L 289 36.55 66.26 32.84
N LYS L 290 37.02 65.70 33.96
CA LYS L 290 38.33 65.06 33.98
C LYS L 290 38.37 63.84 33.07
N CYS L 291 37.33 63.01 33.10
CA CYS L 291 37.35 61.77 32.33
C CYS L 291 37.00 61.98 30.86
N THR L 292 36.31 63.06 30.51
CA THR L 292 36.09 63.35 29.10
C THR L 292 37.32 63.91 28.42
N LEU L 293 38.15 64.66 29.16
CA LEU L 293 39.39 65.19 28.60
C LEU L 293 40.53 64.19 28.62
N LYS L 294 40.31 63.01 29.23
CA LYS L 294 41.33 61.96 29.34
C LYS L 294 42.61 62.46 30.01
N SER L 295 42.43 63.30 31.03
CA SER L 295 43.56 63.84 31.77
C SER L 295 43.14 64.13 33.20
N PHE L 296 44.12 64.12 34.11
CA PHE L 296 43.88 64.41 35.51
C PHE L 296 44.00 65.89 35.85
N THR L 297 44.43 66.72 34.90
CA THR L 297 44.61 68.15 35.13
C THR L 297 43.65 68.92 34.24
N VAL L 298 42.87 69.81 34.85
CA VAL L 298 41.89 70.63 34.14
C VAL L 298 42.27 72.10 34.32
N GLU L 299 42.39 72.82 33.22
CA GLU L 299 42.71 74.23 33.26
C GLU L 299 41.44 75.07 33.22
N LYS L 300 41.59 76.37 33.42
CA LYS L 300 40.46 77.28 33.40
C LYS L 300 39.92 77.43 31.99
N GLY L 301 38.60 77.46 31.88
CA GLY L 301 37.94 77.59 30.59
C GLY L 301 36.61 76.86 30.60
N ILE L 302 35.96 76.88 29.43
CA ILE L 302 34.68 76.22 29.25
C ILE L 302 34.92 74.83 28.67
N TYR L 303 34.00 73.91 28.94
CA TYR L 303 34.14 72.54 28.49
C TYR L 303 32.76 71.96 28.20
N GLN L 304 32.72 71.06 27.22
CA GLN L 304 31.50 70.37 26.81
C GLN L 304 31.64 68.90 27.17
N THR L 305 30.69 68.38 27.96
CA THR L 305 30.77 67.02 28.47
C THR L 305 29.68 66.13 27.91
N SER L 306 28.40 66.51 28.08
CA SER L 306 27.29 65.67 27.66
C SER L 306 26.10 66.55 27.33
N ASN L 307 24.98 65.91 27.00
CA ASN L 307 23.77 66.60 26.61
C ASN L 307 22.65 66.33 27.61
N PHE L 308 21.77 67.31 27.77
CA PHE L 308 20.63 67.21 28.68
C PHE L 308 19.37 66.96 27.86
N ARG L 309 18.70 65.85 28.15
CA ARG L 309 17.48 65.47 27.45
C ARG L 309 16.35 65.35 28.47
N VAL L 310 15.23 66.03 28.19
CA VAL L 310 14.05 65.98 29.05
C VAL L 310 13.17 64.85 28.55
N GLN L 311 13.23 63.71 29.23
CA GLN L 311 12.45 62.55 28.82
C GLN L 311 11.02 62.68 29.30
N PRO L 312 10.02 62.62 28.41
CA PRO L 312 8.63 62.66 28.87
C PRO L 312 8.26 61.41 29.64
N THR L 313 7.38 61.57 30.63
CA THR L 313 6.92 60.48 31.47
C THR L 313 5.43 60.19 31.28
N GLU L 314 4.80 60.80 30.28
CA GLU L 314 3.37 60.62 30.05
C GLU L 314 3.08 60.71 28.57
N SER L 315 1.96 60.09 28.17
CA SER L 315 1.54 60.07 26.78
C SER L 315 0.04 60.33 26.72
N ILE L 316 -0.35 61.42 26.07
CA ILE L 316 -1.75 61.82 25.94
C ILE L 316 -2.14 61.77 24.46
N VAL L 317 -3.24 61.06 24.17
CA VAL L 317 -3.74 60.90 22.81
C VAL L 317 -5.25 61.09 22.83
N ARG L 318 -5.74 62.18 22.25
CA ARG L 318 -7.18 62.40 22.06
C ARG L 318 -7.44 62.81 20.61
N PHE L 319 -7.47 61.83 19.70
CA PHE L 319 -8.00 62.08 18.36
C PHE L 319 -9.52 61.90 18.27
N PRO L 320 -10.11 60.77 18.68
CA PRO L 320 -11.52 60.54 18.35
C PRO L 320 -12.47 61.26 19.30
N ASN L 321 -13.69 61.47 18.81
CA ASN L 321 -14.75 62.09 19.58
C ASN L 321 -15.94 61.18 19.79
N ILE L 322 -16.48 60.60 18.71
CA ILE L 322 -17.67 59.77 18.80
C ILE L 322 -17.37 58.30 18.48
N THR L 323 -16.40 58.01 17.62
CA THR L 323 -16.08 56.66 17.15
C THR L 323 -17.32 55.98 16.56
N ASN L 324 -17.81 56.55 15.47
CA ASN L 324 -19.02 56.04 14.82
C ASN L 324 -18.78 54.66 14.21
N LEU L 325 -19.79 53.80 14.33
CA LEU L 325 -19.69 52.45 13.77
C LEU L 325 -19.81 52.48 12.26
N CYS L 326 -19.14 51.50 11.62
CA CYS L 326 -19.27 51.37 10.17
C CYS L 326 -20.37 50.36 9.84
N PRO L 327 -21.03 50.52 8.69
CA PRO L 327 -22.13 49.60 8.33
C PRO L 327 -21.61 48.18 8.11
N PHE L 328 -22.12 47.25 8.93
CA PHE L 328 -21.72 45.86 8.84
C PHE L 328 -22.89 44.90 8.97
N GLY L 329 -24.13 45.37 8.83
CA GLY L 329 -25.28 44.53 9.03
C GLY L 329 -25.56 43.55 7.90
N GLU L 330 -24.85 43.65 6.79
CA GLU L 330 -25.07 42.76 5.66
C GLU L 330 -24.48 41.37 5.88
N VAL L 331 -23.54 41.22 6.83
CA VAL L 331 -23.00 39.90 7.14
C VAL L 331 -23.87 39.13 8.13
N PHE L 332 -24.86 39.78 8.74
CA PHE L 332 -25.79 39.13 9.66
C PHE L 332 -27.21 39.15 9.13
N ASN L 333 -27.71 40.31 8.73
CA ASN L 333 -29.05 40.45 8.17
C ASN L 333 -28.92 40.62 6.66
N ALA L 334 -29.30 39.60 5.91
CA ALA L 334 -29.18 39.62 4.45
C ALA L 334 -30.24 38.71 3.84
N THR L 335 -30.45 38.89 2.54
CA THR L 335 -31.43 38.07 1.83
C THR L 335 -31.02 36.62 1.77
N ARG L 336 -29.73 36.34 1.50
CA ARG L 336 -29.24 34.98 1.43
C ARG L 336 -27.75 34.98 1.71
N PHE L 337 -27.24 33.80 2.06
CA PHE L 337 -25.83 33.61 2.38
C PHE L 337 -25.21 32.64 1.37
N ALA L 338 -23.95 32.28 1.63
CA ALA L 338 -23.21 31.36 0.78
C ALA L 338 -23.11 29.99 1.44
N SER L 339 -22.53 29.04 0.71
CA SER L 339 -22.40 27.67 1.19
C SER L 339 -21.06 27.50 1.90
N VAL L 340 -20.69 26.25 2.20
CA VAL L 340 -19.43 25.99 2.89
C VAL L 340 -18.27 25.70 1.94
N TYR L 341 -18.55 25.24 0.72
CA TYR L 341 -17.47 25.04 -0.24
C TYR L 341 -16.93 26.37 -0.77
N ALA L 342 -17.78 27.40 -0.79
CA ALA L 342 -17.35 28.76 -1.16
C ALA L 342 -18.10 29.72 -0.24
N TRP L 343 -17.47 30.06 0.87
CA TRP L 343 -18.08 30.92 1.88
C TRP L 343 -17.63 32.36 1.70
N ASN L 344 -18.44 33.28 2.22
CA ASN L 344 -18.12 34.70 2.14
C ASN L 344 -16.97 35.03 3.09
N ARG L 345 -15.97 35.74 2.56
CA ARG L 345 -14.84 36.19 3.35
C ARG L 345 -14.90 37.71 3.45
N LYS L 346 -14.92 38.21 4.68
CA LYS L 346 -15.04 39.65 4.95
C LYS L 346 -13.85 40.11 5.76
N ARG L 347 -13.26 41.23 5.35
CA ARG L 347 -12.13 41.83 6.04
C ARG L 347 -12.56 43.16 6.65
N ILE L 348 -12.28 43.32 7.94
CA ILE L 348 -12.61 44.54 8.67
C ILE L 348 -11.35 45.39 8.78
N SER L 349 -11.41 46.62 8.30
CA SER L 349 -10.29 47.55 8.35
C SER L 349 -10.81 48.96 8.60
N ASN L 350 -9.93 49.79 9.17
CA ASN L 350 -10.14 51.20 9.51
C ASN L 350 -11.50 51.52 10.10
N CYS L 351 -12.03 50.60 10.92
CA CYS L 351 -13.34 50.76 11.53
C CYS L 351 -13.28 50.34 12.99
N VAL L 352 -13.91 51.13 13.85
CA VAL L 352 -14.02 50.79 15.26
C VAL L 352 -15.16 49.79 15.44
N ALA L 353 -14.93 48.75 16.26
CA ALA L 353 -15.89 47.69 16.46
C ALA L 353 -16.30 47.64 17.92
N ASP L 354 -17.61 47.65 18.17
CA ASP L 354 -18.17 47.51 19.50
C ASP L 354 -18.87 46.16 19.58
N TYR L 355 -18.38 45.28 20.45
CA TYR L 355 -18.89 43.93 20.58
C TYR L 355 -19.97 43.80 21.65
N SER L 356 -20.31 44.89 22.34
CA SER L 356 -21.37 44.83 23.34
C SER L 356 -22.74 44.68 22.68
N VAL L 357 -22.95 45.37 21.55
CA VAL L 357 -24.20 45.26 20.82
C VAL L 357 -24.33 43.88 20.18
N LEU L 358 -23.20 43.25 19.83
CA LEU L 358 -23.23 41.93 19.23
C LEU L 358 -23.57 40.83 20.23
N TYR L 359 -23.62 41.14 21.53
CA TYR L 359 -23.92 40.15 22.56
C TYR L 359 -25.28 40.34 23.21
N ASN L 360 -25.77 41.58 23.28
CA ASN L 360 -27.04 41.90 23.93
C ASN L 360 -28.26 41.64 23.05
N SER L 361 -28.09 40.90 21.95
CA SER L 361 -29.23 40.57 21.10
C SER L 361 -30.18 39.60 21.78
N ALA L 362 -29.65 38.70 22.61
CA ALA L 362 -30.43 37.69 23.34
C ALA L 362 -31.26 36.83 22.40
N SER L 363 -30.69 36.49 21.24
CA SER L 363 -31.35 35.66 20.25
C SER L 363 -30.48 34.53 19.73
N PHE L 364 -29.17 34.53 19.98
CA PHE L 364 -28.31 33.47 19.50
C PHE L 364 -28.52 32.21 20.31
N SER L 365 -28.59 31.06 19.62
CA SER L 365 -28.73 29.79 20.31
C SER L 365 -27.41 29.31 20.91
N THR L 366 -26.31 29.54 20.20
CA THR L 366 -24.99 29.04 20.61
C THR L 366 -23.94 30.13 20.48
N PHE L 367 -22.88 29.98 21.28
CA PHE L 367 -21.77 30.95 21.28
C PHE L 367 -20.55 30.23 21.85
N LYS L 368 -19.55 29.99 21.01
CA LYS L 368 -18.26 29.47 21.45
C LYS L 368 -17.19 30.46 21.02
N CYS L 369 -16.39 30.91 21.98
CA CYS L 369 -15.40 31.97 21.73
C CYS L 369 -14.16 31.63 22.57
N TYR L 370 -13.20 30.96 21.95
CA TYR L 370 -12.00 30.51 22.62
C TYR L 370 -10.84 31.46 22.37
N GLY L 371 -9.73 31.20 23.05
CA GLY L 371 -8.53 32.01 22.93
C GLY L 371 -8.47 33.24 23.80
N VAL L 372 -9.51 34.07 23.73
CA VAL L 372 -9.62 35.29 24.51
C VAL L 372 -10.87 35.22 25.37
N SER L 373 -10.76 35.71 26.61
CA SER L 373 -11.91 35.71 27.51
C SER L 373 -13.01 36.59 26.93
N PRO L 374 -14.25 36.09 26.85
CA PRO L 374 -15.33 36.87 26.22
C PRO L 374 -15.66 38.17 26.94
N THR L 375 -15.43 38.24 28.25
CA THR L 375 -15.77 39.44 29.01
C THR L 375 -14.72 40.55 28.87
N LYS L 376 -13.53 40.25 28.38
CA LYS L 376 -12.43 41.21 28.33
C LYS L 376 -11.78 41.24 26.95
N LEU L 377 -12.58 41.09 25.89
CA LEU L 377 -12.04 41.23 24.53
C LEU L 377 -12.23 42.62 23.94
N ASN L 378 -13.01 43.47 24.60
CA ASN L 378 -13.25 44.82 24.07
C ASN L 378 -12.03 45.73 24.25
N ASP L 379 -11.39 45.67 25.42
CA ASP L 379 -10.26 46.55 25.68
C ASP L 379 -9.02 46.15 24.88
N LEU L 380 -8.71 44.86 24.84
CA LEU L 380 -7.61 44.38 24.03
C LEU L 380 -7.99 44.39 22.55
N CYS L 381 -7.03 44.74 21.70
CA CYS L 381 -7.28 44.95 20.28
C CYS L 381 -6.23 44.24 19.44
N PHE L 382 -6.59 43.97 18.19
CA PHE L 382 -5.70 43.33 17.22
C PHE L 382 -5.67 44.16 15.95
N THR L 383 -4.92 43.68 14.95
CA THR L 383 -4.75 44.42 13.72
C THR L 383 -5.93 44.24 12.77
N ASN L 384 -6.19 43.01 12.36
CA ASN L 384 -7.23 42.70 11.40
C ASN L 384 -8.22 41.69 11.98
N VAL L 385 -9.48 41.85 11.62
CA VAL L 385 -10.55 40.94 12.03
C VAL L 385 -11.15 40.33 10.77
N TYR L 386 -11.16 39.00 10.70
CA TYR L 386 -11.66 38.28 9.53
C TYR L 386 -13.00 37.66 9.87
N ALA L 387 -13.99 37.90 9.02
CA ALA L 387 -15.34 37.36 9.19
C ALA L 387 -15.61 36.33 8.10
N ASP L 388 -15.90 35.10 8.50
CA ASP L 388 -16.23 34.02 7.59
C ASP L 388 -17.63 33.52 7.92
N SER L 389 -18.54 33.59 6.95
CA SER L 389 -19.94 33.27 7.16
C SER L 389 -20.34 32.10 6.28
N PHE L 390 -21.01 31.11 6.87
CA PHE L 390 -21.52 29.96 6.13
C PHE L 390 -22.67 29.35 6.93
N VAL L 391 -23.45 28.53 6.24
CA VAL L 391 -24.58 27.85 6.85
C VAL L 391 -24.19 26.41 7.17
N ILE L 392 -24.88 25.84 8.15
CA ILE L 392 -24.60 24.47 8.59
C ILE L 392 -25.85 23.92 9.27
N ARG L 393 -25.92 22.61 9.39
CA ARG L 393 -27.06 21.96 10.03
C ARG L 393 -26.94 22.03 11.54
N GLY L 394 -28.01 21.63 12.22
CA GLY L 394 -28.04 21.72 13.68
C GLY L 394 -27.17 20.69 14.38
N ASP L 395 -26.92 19.56 13.73
CA ASP L 395 -26.11 18.51 14.33
C ASP L 395 -24.62 18.66 14.06
N GLU L 396 -24.22 19.60 13.21
CA GLU L 396 -22.83 19.81 12.87
C GLU L 396 -22.22 21.01 13.57
N VAL L 397 -22.98 21.69 14.45
CA VAL L 397 -22.42 22.83 15.19
C VAL L 397 -21.43 22.37 16.24
N ARG L 398 -21.49 21.10 16.68
CA ARG L 398 -20.52 20.56 17.61
C ARG L 398 -19.19 20.24 16.94
N GLN L 399 -19.18 20.07 15.63
CA GLN L 399 -17.95 19.73 14.92
C GLN L 399 -17.00 20.92 14.82
N ILE L 400 -17.52 22.14 14.87
CA ILE L 400 -16.71 23.33 14.69
C ILE L 400 -16.01 23.67 15.99
N ALA L 401 -14.83 23.08 16.19
CA ALA L 401 -14.02 23.30 17.38
C ALA L 401 -12.60 22.85 17.08
N PRO L 402 -11.59 23.46 17.70
CA PRO L 402 -10.20 23.02 17.45
C PRO L 402 -9.93 21.64 18.00
N GLY L 403 -9.66 20.68 17.12
CA GLY L 403 -9.36 19.33 17.53
C GLY L 403 -10.52 18.37 17.37
N GLN L 404 -11.23 18.47 16.24
CA GLN L 404 -12.37 17.61 15.96
C GLN L 404 -12.19 16.91 14.62
N THR L 405 -12.77 15.72 14.51
CA THR L 405 -12.71 14.92 13.29
C THR L 405 -14.12 14.56 12.86
N GLY L 406 -14.37 14.66 11.56
CA GLY L 406 -15.68 14.36 11.01
C GLY L 406 -15.72 14.34 9.50
N LYS L 407 -16.76 14.92 8.91
CA LYS L 407 -16.92 14.96 7.46
C LYS L 407 -17.05 16.36 6.89
N ILE L 408 -17.22 17.38 7.72
CA ILE L 408 -17.40 18.75 7.27
C ILE L 408 -16.18 19.60 7.59
N ALA L 409 -15.67 19.50 8.83
CA ALA L 409 -14.54 20.33 9.25
C ALA L 409 -13.26 19.97 8.50
N ASP L 410 -13.01 18.67 8.30
CA ASP L 410 -11.78 18.24 7.67
C ASP L 410 -11.78 18.42 6.15
N TYR L 411 -12.94 18.74 5.55
CA TYR L 411 -13.04 18.87 4.10
C TYR L 411 -13.39 20.27 3.62
N ASN L 412 -13.94 21.12 4.48
CA ASN L 412 -14.37 22.46 4.08
C ASN L 412 -13.61 23.57 4.78
N TYR L 413 -13.50 23.51 6.11
CA TYR L 413 -12.84 24.56 6.88
C TYR L 413 -12.22 23.93 8.11
N LYS L 414 -10.91 23.72 8.08
CA LYS L 414 -10.21 23.09 9.19
C LYS L 414 -9.89 24.11 10.27
N LEU L 415 -10.03 23.70 11.52
CA LEU L 415 -9.74 24.56 12.66
C LEU L 415 -8.36 24.21 13.23
N PRO L 416 -7.39 25.11 13.17
CA PRO L 416 -6.06 24.80 13.69
C PRO L 416 -6.05 24.82 15.22
N ASP L 417 -4.93 24.34 15.78
CA ASP L 417 -4.77 24.32 17.23
C ASP L 417 -4.71 25.73 17.80
N ASP L 418 -4.00 26.64 17.12
CA ASP L 418 -3.89 28.04 17.55
C ASP L 418 -5.04 28.83 16.92
N PHE L 419 -6.26 28.50 17.34
CA PHE L 419 -7.47 29.13 16.83
C PHE L 419 -7.98 30.11 17.87
N THR L 420 -7.77 31.40 17.63
CA THR L 420 -8.29 32.46 18.48
C THR L 420 -9.56 33.08 17.92
N GLY L 421 -10.23 32.37 17.01
CA GLY L 421 -11.45 32.88 16.43
C GLY L 421 -12.62 32.80 17.39
N CYS L 422 -13.75 33.37 16.95
CA CYS L 422 -14.93 33.49 17.80
C CYS L 422 -16.14 33.12 16.96
N VAL L 423 -16.90 32.13 17.41
CA VAL L 423 -17.95 31.50 16.62
C VAL L 423 -19.31 31.92 17.17
N ILE L 424 -20.16 32.48 16.30
CA ILE L 424 -21.51 32.89 16.64
C ILE L 424 -22.47 32.24 15.65
N ALA L 425 -23.55 31.66 16.17
CA ALA L 425 -24.57 31.09 15.31
C ALA L 425 -25.94 31.25 15.97
N TRP L 426 -26.99 31.19 15.14
CA TRP L 426 -28.35 31.38 15.60
C TRP L 426 -29.31 30.63 14.69
N ASN L 427 -30.54 30.46 15.17
CA ASN L 427 -31.56 29.76 14.40
C ASN L 427 -32.24 30.72 13.43
N SER L 428 -32.26 30.34 12.16
CA SER L 428 -32.88 31.14 11.11
C SER L 428 -33.69 30.24 10.16
N ASN L 429 -34.47 29.34 10.76
CA ASN L 429 -35.26 28.40 9.96
C ASN L 429 -36.38 29.10 9.21
N ASN L 430 -36.91 30.20 9.74
CA ASN L 430 -38.01 30.91 9.12
C ASN L 430 -37.62 31.63 7.83
N LEU L 431 -36.32 31.79 7.56
CA LEU L 431 -35.86 32.49 6.37
C LEU L 431 -34.95 31.64 5.49
N ASP L 432 -34.12 30.78 6.07
CA ASP L 432 -33.18 29.99 5.29
C ASP L 432 -33.79 28.71 4.72
N SER L 433 -35.05 28.41 5.03
CA SER L 433 -35.71 27.22 4.53
C SER L 433 -37.12 27.56 4.08
N LYS L 434 -37.65 26.75 3.17
CA LYS L 434 -38.97 26.97 2.62
C LYS L 434 -39.62 25.63 2.32
N VAL L 435 -40.94 25.66 2.15
CA VAL L 435 -41.69 24.45 1.84
C VAL L 435 -41.35 23.97 0.42
N GLY L 436 -41.49 22.67 0.20
CA GLY L 436 -41.19 22.07 -1.07
C GLY L 436 -39.75 21.62 -1.26
N GLY L 437 -38.87 21.92 -0.30
CA GLY L 437 -37.49 21.50 -0.39
C GLY L 437 -36.55 22.63 -0.79
N ASN L 438 -35.82 23.17 0.18
CA ASN L 438 -34.84 24.23 -0.07
C ASN L 438 -33.48 23.58 -0.27
N TYR L 439 -33.04 23.49 -1.52
CA TYR L 439 -31.79 22.85 -1.88
C TYR L 439 -30.82 23.82 -2.56
N ASN L 440 -30.90 25.10 -2.19
CA ASN L 440 -30.05 26.11 -2.82
C ASN L 440 -28.62 26.09 -2.30
N TYR L 441 -28.36 25.44 -1.16
CA TYR L 441 -27.03 25.40 -0.58
C TYR L 441 -26.39 24.03 -0.82
N LEU L 442 -25.08 24.03 -1.07
CA LEU L 442 -24.33 22.82 -1.37
C LEU L 442 -23.25 22.62 -0.32
N TYR L 443 -22.62 21.43 -0.37
CA TYR L 443 -21.51 21.12 0.52
C TYR L 443 -20.67 20.03 -0.13
N ARG L 444 -19.46 19.87 0.41
CA ARG L 444 -18.51 18.87 -0.08
C ARG L 444 -18.45 17.71 0.91
N LEU L 445 -18.55 16.49 0.38
CA LEU L 445 -18.52 15.28 1.18
C LEU L 445 -17.31 14.39 0.92
N PHE L 446 -16.85 14.33 -0.32
CA PHE L 446 -15.73 13.47 -0.70
C PHE L 446 -14.52 14.32 -1.04
N ARG L 447 -13.34 13.86 -0.62
CA ARG L 447 -12.10 14.55 -0.90
C ARG L 447 -10.96 13.54 -0.93
N LYS L 448 -9.92 13.86 -1.70
CA LYS L 448 -8.79 12.94 -1.84
C LYS L 448 -7.96 12.87 -0.57
N SER L 449 -7.69 14.01 0.06
CA SER L 449 -6.85 14.07 1.25
C SER L 449 -7.24 15.27 2.09
N ASN L 450 -6.50 15.46 3.18
CA ASN L 450 -6.76 16.57 4.09
C ASN L 450 -6.29 17.89 3.48
N LEU L 451 -6.90 18.98 3.93
CA LEU L 451 -6.59 20.31 3.46
C LEU L 451 -6.07 21.18 4.61
N LYS L 452 -5.32 22.22 4.24
CA LYS L 452 -4.78 23.13 5.22
C LYS L 452 -5.91 23.98 5.82
N PRO L 453 -5.74 24.45 7.07
CA PRO L 453 -6.72 25.36 7.64
C PRO L 453 -6.76 26.69 6.92
N PHE L 454 -7.91 27.35 7.02
CA PHE L 454 -8.19 28.64 6.36
C PHE L 454 -7.99 28.56 4.85
N GLU L 455 -8.45 27.46 4.26
CA GLU L 455 -8.33 27.23 2.82
C GLU L 455 -9.71 26.91 2.25
N ARG L 456 -9.99 27.48 1.09
CA ARG L 456 -11.27 27.28 0.41
C ARG L 456 -11.10 26.29 -0.73
N ASP L 457 -12.01 25.31 -0.80
CA ASP L 457 -11.97 24.28 -1.83
C ASP L 457 -13.22 24.43 -2.71
N ILE L 458 -13.00 24.85 -3.97
CA ILE L 458 -14.09 25.04 -4.91
C ILE L 458 -13.96 24.09 -6.11
N SER L 459 -13.14 23.05 -5.98
CA SER L 459 -12.96 22.09 -7.06
C SER L 459 -14.21 21.24 -7.23
N THR L 460 -14.67 21.12 -8.48
CA THR L 460 -15.86 20.35 -8.81
C THR L 460 -15.54 19.03 -9.50
N GLU L 461 -14.29 18.58 -9.42
CA GLU L 461 -13.88 17.33 -10.04
C GLU L 461 -14.46 16.14 -9.30
N PRO L 481 -18.48 14.87 -5.54
CA PRO L 481 -18.23 15.20 -4.13
C PRO L 481 -19.21 16.21 -3.58
N LEU L 482 -19.88 16.96 -4.47
CA LEU L 482 -20.85 17.96 -4.06
C LEU L 482 -22.24 17.34 -4.01
N GLN L 483 -22.90 17.50 -2.87
CA GLN L 483 -24.23 16.94 -2.64
C GLN L 483 -25.15 18.00 -2.05
N SER L 484 -26.45 17.76 -2.20
CA SER L 484 -27.45 18.72 -1.76
C SER L 484 -27.72 18.57 -0.26
N TYR L 485 -28.55 19.47 0.26
CA TYR L 485 -28.96 19.48 1.66
C TYR L 485 -30.31 18.80 1.82
N GLY L 486 -30.77 18.76 3.07
CA GLY L 486 -32.08 18.23 3.38
C GLY L 486 -32.89 19.18 4.25
N PHE L 487 -32.75 20.47 4.00
CA PHE L 487 -33.42 21.48 4.81
C PHE L 487 -34.93 21.43 4.61
N GLN L 488 -35.66 21.60 5.71
CA GLN L 488 -37.12 21.58 5.71
C GLN L 488 -37.63 22.34 6.93
N PRO L 489 -38.61 23.23 6.77
CA PRO L 489 -39.09 24.02 7.93
C PRO L 489 -39.88 23.20 8.94
N THR L 490 -40.25 21.95 8.63
CA THR L 490 -41.05 21.12 9.51
C THR L 490 -40.21 20.11 10.27
N ASN L 491 -38.89 20.27 10.31
CA ASN L 491 -38.02 19.35 11.02
C ASN L 491 -38.01 19.67 12.51
N GLY L 492 -37.14 19.02 13.26
CA GLY L 492 -37.06 19.23 14.69
C GLY L 492 -36.11 20.34 15.08
N VAL L 493 -35.11 20.02 15.91
CA VAL L 493 -34.12 21.00 16.34
C VAL L 493 -32.70 20.62 15.97
N GLY L 494 -32.43 19.36 15.60
CA GLY L 494 -31.10 18.91 15.29
C GLY L 494 -30.68 19.04 13.85
N TYR L 495 -31.54 19.57 12.97
CA TYR L 495 -31.20 19.71 11.56
C TYR L 495 -31.63 21.06 10.98
N GLN L 496 -31.77 22.08 11.83
CA GLN L 496 -32.17 23.40 11.36
C GLN L 496 -31.00 24.11 10.69
N PRO L 497 -31.28 25.04 9.75
CA PRO L 497 -30.20 25.84 9.16
C PRO L 497 -29.67 26.88 10.14
N TYR L 498 -28.40 26.74 10.53
CA TYR L 498 -27.76 27.65 11.45
C TYR L 498 -26.71 28.46 10.71
N ARG L 499 -26.76 29.79 10.85
CA ARG L 499 -25.83 30.69 10.20
C ARG L 499 -24.63 30.90 11.10
N VAL L 500 -23.51 30.27 10.75
CA VAL L 500 -22.30 30.31 11.56
C VAL L 500 -21.36 31.38 11.00
N VAL L 501 -20.95 32.31 11.86
CA VAL L 501 -19.96 33.32 11.50
C VAL L 501 -18.75 33.14 12.40
N VAL L 502 -17.56 33.20 11.80
CA VAL L 502 -16.30 33.01 12.51
C VAL L 502 -15.55 34.33 12.49
N LEU L 503 -15.21 34.83 13.67
CA LEU L 503 -14.55 36.12 13.84
C LEU L 503 -13.13 35.84 14.35
N SER L 504 -12.20 35.64 13.43
CA SER L 504 -10.82 35.35 13.76
C SER L 504 -10.01 36.64 13.87
N PHE L 505 -8.83 36.52 14.47
CA PHE L 505 -7.94 37.65 14.70
C PHE L 505 -6.55 37.33 14.19
N GLU L 506 -5.81 38.37 13.82
CA GLU L 506 -4.47 38.23 13.25
C GLU L 506 -3.44 38.86 14.19
N LEU L 507 -2.28 38.22 14.29
CA LEU L 507 -1.18 38.70 15.12
C LEU L 507 0.02 38.97 14.21
N LEU L 508 0.26 40.25 13.92
CA LEU L 508 1.38 40.65 13.07
C LEU L 508 1.76 42.07 13.41
N HIS L 509 2.96 42.46 12.97
CA HIS L 509 3.57 43.74 13.35
C HIS L 509 2.90 44.86 12.55
N ALA L 510 1.85 45.44 13.14
CA ALA L 510 1.14 46.57 12.54
C ALA L 510 0.34 47.25 13.64
N PRO L 511 0.10 48.56 13.52
CA PRO L 511 -0.78 49.22 14.49
C PRO L 511 -2.21 48.70 14.41
N ALA L 512 -2.88 48.71 15.55
CA ALA L 512 -4.24 48.19 15.65
C ALA L 512 -5.21 49.18 15.04
N THR L 513 -5.44 49.03 13.73
CA THR L 513 -6.38 49.90 13.04
C THR L 513 -7.84 49.53 13.32
N VAL L 514 -8.09 48.31 13.80
CA VAL L 514 -9.44 47.90 14.17
C VAL L 514 -9.48 47.73 15.69
N CYS L 515 -9.85 48.80 16.39
CA CYS L 515 -9.83 48.80 17.84
C CYS L 515 -10.68 49.94 18.36
N GLY L 516 -11.04 49.86 19.63
CA GLY L 516 -11.68 50.96 20.32
C GLY L 516 -10.62 51.93 20.80
N PRO L 517 -10.53 53.09 20.16
CA PRO L 517 -9.41 54.00 20.42
C PRO L 517 -9.58 54.74 21.74
N LYS L 518 -8.53 55.49 22.10
CA LYS L 518 -8.55 56.30 23.30
C LYS L 518 -9.33 57.58 23.01
N LYS L 519 -10.56 57.65 23.52
CA LYS L 519 -11.44 58.76 23.16
C LYS L 519 -10.97 60.07 23.78
N SER L 520 -10.92 60.14 25.11
CA SER L 520 -10.54 61.36 25.78
C SER L 520 -9.80 61.02 27.07
N THR L 521 -8.72 61.75 27.32
CA THR L 521 -7.93 61.64 28.55
C THR L 521 -7.54 63.05 28.96
N ASN L 522 -6.60 63.13 29.91
CA ASN L 522 -6.09 64.44 30.34
C ASN L 522 -5.31 65.10 29.20
N LEU L 523 -5.55 66.41 29.02
CA LEU L 523 -4.84 67.19 28.00
C LEU L 523 -3.81 68.05 28.72
N VAL L 524 -2.65 67.44 28.98
CA VAL L 524 -1.58 68.12 29.70
C VAL L 524 -0.95 69.16 28.80
N LYS L 525 -0.93 70.42 29.26
CA LYS L 525 -0.42 71.53 28.48
C LYS L 525 0.78 72.15 29.18
N ASN L 526 1.63 72.81 28.37
CA ASN L 526 2.83 73.53 28.81
C ASN L 526 3.84 72.62 29.49
N LYS L 527 3.78 71.31 29.22
CA LYS L 527 4.78 70.36 29.68
C LYS L 527 5.20 69.48 28.51
N CYS L 528 6.44 68.97 28.58
CA CYS L 528 6.98 68.14 27.52
C CYS L 528 6.32 66.77 27.59
N VAL L 529 5.32 66.55 26.73
CA VAL L 529 4.55 65.32 26.71
C VAL L 529 4.74 64.62 25.37
N ASN L 530 4.36 63.35 25.33
CA ASN L 530 4.31 62.58 24.10
C ASN L 530 2.87 62.46 23.65
N PHE L 531 2.65 62.54 22.34
CA PHE L 531 1.29 62.51 21.81
C PHE L 531 1.26 61.79 20.48
N ASN L 532 0.08 61.30 20.12
CA ASN L 532 -0.12 60.57 18.87
C ASN L 532 -1.44 60.97 18.23
N PHE L 533 -1.73 62.28 18.18
CA PHE L 533 -2.93 62.75 17.49
C PHE L 533 -2.76 62.55 15.99
N ASN L 534 -3.71 61.82 15.38
CA ASN L 534 -3.74 61.55 13.94
C ASN L 534 -2.46 60.87 13.46
N GLY L 535 -1.86 60.04 14.31
CA GLY L 535 -0.67 59.30 13.93
C GLY L 535 0.63 60.08 13.98
N LEU L 536 0.60 61.32 14.47
CA LEU L 536 1.82 62.13 14.58
C LEU L 536 2.45 61.85 15.94
N THR L 537 3.50 61.04 15.95
CA THR L 537 4.21 60.69 17.18
C THR L 537 5.33 61.72 17.40
N GLY L 538 5.19 62.50 18.46
CA GLY L 538 6.18 63.51 18.78
C GLY L 538 6.20 63.80 20.27
N THR L 539 7.38 64.17 20.77
CA THR L 539 7.57 64.52 22.16
C THR L 539 7.88 66.01 22.26
N GLY L 540 6.99 66.75 22.90
CA GLY L 540 7.19 68.18 23.05
C GLY L 540 6.04 68.81 23.80
N VAL L 541 6.17 70.11 24.03
CA VAL L 541 5.14 70.85 24.76
C VAL L 541 4.00 71.22 23.81
N LEU L 542 2.86 71.59 24.40
CA LEU L 542 1.68 71.99 23.66
C LEU L 542 1.24 73.36 24.18
N THR L 543 1.53 74.40 23.41
CA THR L 543 1.17 75.77 23.78
C THR L 543 -0.08 76.21 23.04
N GLU L 544 -0.72 77.25 23.57
CA GLU L 544 -1.94 77.81 22.99
C GLU L 544 -1.53 78.81 21.91
N SER L 545 -1.76 78.45 20.64
CA SER L 545 -1.39 79.31 19.54
C SER L 545 -2.47 80.36 19.28
N ASN L 546 -2.11 81.36 18.47
CA ASN L 546 -3.02 82.45 18.12
C ASN L 546 -3.35 82.47 16.63
N LYS L 547 -3.04 81.40 15.90
CA LYS L 547 -3.31 81.31 14.48
C LYS L 547 -4.43 80.31 14.23
N LYS L 548 -5.38 80.69 13.39
CA LYS L 548 -6.55 79.88 13.10
C LYS L 548 -6.33 79.07 11.83
N PHE L 549 -6.69 77.79 11.88
CA PHE L 549 -6.51 76.88 10.75
C PHE L 549 -7.77 76.87 9.89
N LEU L 550 -7.57 76.63 8.60
CA LEU L 550 -8.70 76.44 7.69
C LEU L 550 -9.43 75.15 8.06
N PRO L 551 -10.78 75.11 7.94
CA PRO L 551 -11.57 73.97 8.41
C PRO L 551 -11.53 72.74 7.50
N PHE L 552 -10.37 72.46 6.93
CA PHE L 552 -10.16 71.20 6.23
C PHE L 552 -8.79 70.58 6.49
N GLN L 553 -7.97 71.16 7.36
CA GLN L 553 -6.61 70.70 7.60
C GLN L 553 -6.50 70.05 8.97
N GLN L 554 -5.45 69.25 9.13
CA GLN L 554 -5.18 68.54 10.38
C GLN L 554 -3.84 68.89 10.99
N PHE L 555 -2.79 69.05 10.18
CA PHE L 555 -1.45 69.33 10.66
C PHE L 555 -1.01 70.72 10.24
N GLY L 556 0.22 71.07 10.61
CA GLY L 556 0.79 72.35 10.26
C GLY L 556 2.31 72.35 10.28
N ARG L 557 2.93 72.85 9.22
CA ARG L 557 4.38 72.88 9.08
C ARG L 557 4.87 74.33 9.14
N ASP L 558 6.18 74.49 8.97
CA ASP L 558 6.82 75.80 9.06
C ASP L 558 7.75 76.04 7.88
N ILE L 559 8.57 77.10 7.98
CA ILE L 559 9.54 77.40 6.92
C ILE L 559 10.57 76.28 6.84
N ALA L 560 10.97 75.73 7.98
CA ALA L 560 11.92 74.63 8.02
C ALA L 560 11.28 73.28 7.73
N ASP L 561 9.98 73.25 7.43
CA ASP L 561 9.24 72.03 7.09
C ASP L 561 9.33 70.99 8.23
N THR L 562 8.82 71.40 9.39
CA THR L 562 8.72 70.55 10.55
C THR L 562 7.31 70.65 11.11
N THR L 563 6.73 69.52 11.50
CA THR L 563 5.38 69.52 12.03
C THR L 563 5.36 70.13 13.43
N ASP L 564 5.14 71.44 13.50
CA ASP L 564 5.15 72.16 14.76
C ASP L 564 3.77 72.71 15.13
N ALA L 565 2.72 72.28 14.44
CA ALA L 565 1.37 72.75 14.74
C ALA L 565 0.38 71.63 14.43
N VAL L 566 -0.43 71.27 15.41
CA VAL L 566 -1.45 70.24 15.26
C VAL L 566 -2.76 70.77 15.82
N ARG L 567 -3.87 70.24 15.31
CA ARG L 567 -5.20 70.61 15.76
C ARG L 567 -5.80 69.45 16.54
N ASP L 568 -6.25 69.74 17.77
CA ASP L 568 -6.90 68.72 18.57
C ASP L 568 -8.31 68.50 18.06
N PRO L 569 -8.67 67.28 17.66
CA PRO L 569 -10.00 67.04 17.06
C PRO L 569 -11.14 66.94 18.06
N GLN L 570 -10.91 67.24 19.35
CA GLN L 570 -11.98 67.16 20.33
C GLN L 570 -12.94 68.35 20.21
N THR L 571 -12.41 69.57 20.33
CA THR L 571 -13.22 70.77 20.15
C THR L 571 -12.53 71.79 19.24
N LEU L 572 -11.61 71.33 18.39
CA LEU L 572 -10.99 72.12 17.32
C LEU L 572 -10.26 73.36 17.87
N GLU L 573 -9.22 73.08 18.64
CA GLU L 573 -8.29 74.11 19.06
C GLU L 573 -6.91 73.82 18.47
N ILE L 574 -6.15 74.87 18.22
CA ILE L 574 -4.85 74.77 17.55
C ILE L 574 -3.76 74.83 18.61
N LEU L 575 -2.88 73.82 18.60
CA LEU L 575 -1.81 73.69 19.58
C LEU L 575 -0.47 73.63 18.86
N ASP L 576 0.50 74.40 19.33
CA ASP L 576 1.83 74.38 18.77
C ASP L 576 2.65 73.23 19.35
N ILE L 577 3.71 72.86 18.63
CA ILE L 577 4.61 71.79 19.03
C ILE L 577 6.02 72.36 19.13
N THR L 578 6.65 72.18 20.29
CA THR L 578 7.99 72.68 20.52
C THR L 578 8.75 71.64 21.34
N PRO L 579 9.94 71.24 20.89
CA PRO L 579 10.72 70.25 21.65
C PRO L 579 11.17 70.80 22.99
N CYS L 580 11.29 69.90 23.98
CA CYS L 580 11.65 70.27 25.33
C CYS L 580 13.13 70.14 25.63
N SER L 581 13.89 69.42 24.80
CA SER L 581 15.32 69.21 25.01
C SER L 581 16.09 70.10 24.05
N PHE L 582 16.78 71.10 24.60
CA PHE L 582 17.56 72.05 23.82
C PHE L 582 19.00 72.06 24.32
N GLY L 583 19.95 71.85 23.41
CA GLY L 583 21.36 71.97 23.73
C GLY L 583 21.85 70.88 24.69
N GLY L 584 22.93 71.21 25.38
CA GLY L 584 23.54 70.30 26.34
C GLY L 584 23.97 70.98 27.62
N VAL L 585 24.84 70.33 28.38
CA VAL L 585 25.32 70.87 29.63
C VAL L 585 26.76 71.36 29.45
N SER L 586 27.24 72.12 30.42
CA SER L 586 28.62 72.62 30.40
C SER L 586 29.11 72.76 31.83
N VAL L 587 30.43 72.65 32.00
CA VAL L 587 31.06 72.69 33.31
C VAL L 587 32.10 73.81 33.32
N ILE L 588 32.07 74.64 34.35
CA ILE L 588 33.04 75.71 34.53
C ILE L 588 34.02 75.27 35.61
N THR L 589 35.30 75.26 35.27
CA THR L 589 36.36 74.84 36.18
C THR L 589 37.32 75.99 36.41
N PRO L 590 37.53 76.42 37.67
CA PRO L 590 38.52 77.48 37.93
C PRO L 590 39.94 77.09 37.54
N GLY L 591 40.27 75.81 37.58
CA GLY L 591 41.59 75.34 37.22
C GLY L 591 42.24 74.54 38.34
N THR L 592 43.38 73.95 37.99
CA THR L 592 44.12 73.14 38.96
C THR L 592 44.83 74.03 39.97
N ASN L 593 45.00 73.49 41.18
CA ASN L 593 45.70 74.13 42.29
C ASN L 593 45.05 75.46 42.72
N THR L 594 43.80 75.69 42.32
CA THR L 594 43.09 76.91 42.70
C THR L 594 41.81 76.62 43.46
N SER L 595 40.97 75.71 42.96
CA SER L 595 39.71 75.39 43.59
C SER L 595 39.37 73.93 43.33
N ASN L 596 38.24 73.48 43.87
CA ASN L 596 37.78 72.11 43.67
C ASN L 596 36.34 72.10 43.18
N GLN L 597 35.56 73.11 43.58
CA GLN L 597 34.17 73.19 43.18
C GLN L 597 34.06 73.63 41.72
N VAL L 598 32.95 73.23 41.08
CA VAL L 598 32.69 73.56 39.69
C VAL L 598 31.25 74.07 39.57
N ALA L 599 30.99 74.74 38.45
CA ALA L 599 29.67 75.27 38.14
C ALA L 599 29.13 74.59 36.89
N VAL L 600 27.83 74.27 36.91
CA VAL L 600 27.18 73.58 35.81
C VAL L 600 26.35 74.58 35.02
N LEU L 601 26.57 74.62 33.71
CA LEU L 601 25.89 75.55 32.82
C LEU L 601 25.06 74.76 31.81
N TYR L 602 23.82 75.19 31.59
CA TYR L 602 22.95 74.63 30.57
C TYR L 602 22.91 75.56 29.37
N GLN L 603 22.90 74.99 28.17
CA GLN L 603 23.08 75.78 26.96
C GLN L 603 21.82 76.56 26.61
N ASP L 604 20.71 75.86 26.39
CA ASP L 604 19.46 76.49 25.99
C ASP L 604 18.28 75.91 26.77
N VAL L 605 18.51 75.62 28.06
CA VAL L 605 17.48 75.06 28.93
C VAL L 605 17.06 76.14 29.91
N ASN L 606 15.76 76.43 29.95
CA ASN L 606 15.23 77.40 30.90
C ASN L 606 14.95 76.72 32.24
N CYS L 607 15.30 77.42 33.32
CA CYS L 607 15.08 76.90 34.66
C CYS L 607 13.59 76.84 34.99
N ASN L 631 23.53 80.73 43.99
CA ASN L 631 23.09 79.36 43.76
C ASN L 631 22.73 79.16 42.28
N VAL L 632 21.49 79.49 41.93
CA VAL L 632 20.99 79.35 40.57
C VAL L 632 20.73 80.75 40.02
N PHE L 633 21.33 81.06 38.88
CA PHE L 633 21.19 82.34 38.22
C PHE L 633 20.71 82.12 36.80
N GLN L 634 19.62 82.79 36.44
CA GLN L 634 19.05 82.71 35.09
C GLN L 634 19.80 83.69 34.20
N THR L 635 20.84 83.20 33.54
CA THR L 635 21.61 84.03 32.63
C THR L 635 20.94 84.09 31.27
N ARG L 636 21.45 84.97 30.41
CA ARG L 636 20.94 85.07 29.05
C ARG L 636 21.28 83.83 28.23
N ALA L 637 22.42 83.20 28.52
CA ALA L 637 22.89 82.04 27.79
C ALA L 637 22.41 80.72 28.38
N GLY L 638 21.25 80.71 29.06
CA GLY L 638 20.67 79.50 29.59
C GLY L 638 20.53 79.57 31.11
N CYS L 639 20.85 78.45 31.76
CA CYS L 639 20.82 78.35 33.22
C CYS L 639 22.22 78.07 33.74
N LEU L 640 22.66 78.86 34.72
CA LEU L 640 23.94 78.66 35.39
C LEU L 640 23.66 78.38 36.85
N ILE L 641 24.13 77.22 37.33
CA ILE L 641 23.93 76.81 38.71
C ILE L 641 25.29 76.60 39.35
N GLY L 642 25.32 76.72 40.68
CA GLY L 642 26.55 76.58 41.44
C GLY L 642 27.41 77.82 41.50
N ALA L 643 27.02 78.90 40.82
CA ALA L 643 27.77 80.14 40.82
C ALA L 643 26.83 81.29 41.12
N GLU L 644 27.20 82.13 42.10
CA GLU L 644 26.39 83.28 42.45
C GLU L 644 26.60 84.41 41.46
N HIS L 645 25.59 85.29 41.37
CA HIS L 645 25.62 86.43 40.47
C HIS L 645 25.91 87.70 41.26
N VAL L 646 26.86 88.49 40.77
CA VAL L 646 27.27 89.75 41.41
C VAL L 646 27.06 90.88 40.42
N ASN L 647 26.47 91.98 40.90
CA ASN L 647 26.18 93.13 40.04
C ASN L 647 27.44 93.89 39.66
N ASN L 648 28.53 93.72 40.39
CA ASN L 648 29.79 94.38 40.05
C ASN L 648 30.38 93.75 38.80
N SER L 649 31.16 94.54 38.07
CA SER L 649 31.77 94.12 36.81
C SER L 649 33.28 94.26 36.89
N TYR L 650 33.98 93.19 36.53
CA TYR L 650 35.44 93.17 36.44
C TYR L 650 35.85 92.55 35.12
N GLU L 651 37.16 92.48 34.88
CA GLU L 651 37.68 91.75 33.74
C GLU L 651 37.50 90.26 33.94
N CYS L 652 37.10 89.56 32.87
CA CYS L 652 36.76 88.14 32.95
C CYS L 652 37.77 87.32 32.15
N ASP L 653 37.94 86.07 32.58
CA ASP L 653 38.88 85.14 31.97
C ASP L 653 38.23 83.91 31.35
N ILE L 654 37.16 83.40 31.94
CA ILE L 654 36.46 82.20 31.45
C ILE L 654 35.21 82.66 30.72
N PRO L 655 35.15 82.56 29.39
CA PRO L 655 33.96 82.98 28.67
C PRO L 655 32.78 82.06 28.89
N ILE L 656 31.58 82.65 28.86
CA ILE L 656 30.32 81.90 28.93
C ILE L 656 29.44 82.19 27.71
N GLY L 657 29.20 83.45 27.43
CA GLY L 657 28.41 83.86 26.28
C GLY L 657 27.50 85.02 26.63
N ALA L 658 27.11 85.77 25.59
CA ALA L 658 26.18 86.90 25.69
C ALA L 658 26.67 87.96 26.68
N GLY L 659 27.97 88.23 26.67
CA GLY L 659 28.53 89.29 27.47
C GLY L 659 28.67 89.02 28.94
N ILE L 660 28.55 87.76 29.37
CA ILE L 660 28.65 87.37 30.77
C ILE L 660 29.74 86.31 30.88
N CYS L 661 30.61 86.46 31.87
CA CYS L 661 31.70 85.53 32.13
C CYS L 661 31.54 84.92 33.52
N ALA L 662 32.48 84.02 33.85
CA ALA L 662 32.55 83.41 35.17
C ALA L 662 34.00 83.47 35.66
N SER L 663 34.15 83.62 36.97
CA SER L 663 35.49 83.71 37.56
C SER L 663 35.42 83.30 39.02
N TYR L 664 36.58 83.00 39.59
CA TYR L 664 36.72 82.61 40.99
C TYR L 664 37.32 83.79 41.75
N GLN L 665 36.49 84.46 42.54
CA GLN L 665 36.92 85.62 43.32
C GLN L 665 36.35 85.50 44.73
N THR L 666 36.64 86.50 45.55
CA THR L 666 36.15 86.52 46.92
C THR L 666 34.73 87.04 46.99
N SER L 679 34.49 82.83 52.39
CA SER L 679 35.75 82.65 51.67
C SER L 679 35.63 83.11 50.22
N GLN L 680 36.07 82.27 49.30
CA GLN L 680 36.03 82.58 47.87
C GLN L 680 35.25 81.49 47.15
N SER L 681 34.41 81.92 46.20
CA SER L 681 33.58 81.01 45.43
C SER L 681 33.56 81.44 43.98
N ILE L 682 32.83 80.71 43.15
CA ILE L 682 32.70 81.01 41.73
C ILE L 682 31.58 82.03 41.55
N ILE L 683 31.89 83.13 40.87
CA ILE L 683 30.94 84.21 40.65
C ILE L 683 30.72 84.40 39.16
N ALA L 684 29.55 84.96 38.83
CA ALA L 684 29.19 85.27 37.45
C ALA L 684 28.83 86.75 37.37
N TYR L 685 29.32 87.41 36.33
CA TYR L 685 29.13 88.85 36.20
C TYR L 685 29.27 89.25 34.75
N THR L 686 28.75 90.45 34.44
CA THR L 686 28.97 91.04 33.13
C THR L 686 30.42 91.51 33.01
N MET L 687 31.03 91.22 31.86
CA MET L 687 32.43 91.57 31.65
C MET L 687 32.61 93.08 31.55
N SER L 688 33.80 93.54 31.91
CA SER L 688 34.18 94.94 31.80
C SER L 688 34.96 95.13 30.50
N LEU L 689 34.58 96.14 29.72
CA LEU L 689 35.20 96.38 28.43
C LEU L 689 36.52 97.13 28.53
N GLY L 690 36.89 97.57 29.72
CA GLY L 690 38.14 98.28 29.91
C GLY L 690 38.01 99.31 31.02
N ALA L 691 39.06 100.11 31.18
CA ALA L 691 39.08 101.17 32.17
C ALA L 691 38.30 102.36 31.63
N GLU L 692 37.17 102.69 32.27
CA GLU L 692 36.34 103.80 31.84
C GLU L 692 37.02 105.11 32.22
N ASN L 693 37.66 105.74 31.24
CA ASN L 693 38.36 107.00 31.45
C ASN L 693 37.98 107.98 30.36
N SER L 694 38.03 109.27 30.70
CA SER L 694 37.69 110.35 29.78
C SER L 694 38.93 111.18 29.50
N VAL L 695 39.15 111.49 28.22
CA VAL L 695 40.28 112.30 27.79
C VAL L 695 39.78 113.73 27.60
N ALA L 696 40.43 114.68 28.27
CA ALA L 696 40.05 116.08 28.13
C ALA L 696 40.41 116.59 26.74
N TYR L 697 39.45 117.25 26.10
CA TYR L 697 39.62 117.74 24.74
C TYR L 697 39.33 119.24 24.69
N SER L 698 40.17 119.98 23.97
CA SER L 698 40.00 121.40 23.80
C SER L 698 40.62 121.82 22.48
N ASN L 699 40.19 122.98 21.98
CA ASN L 699 40.69 123.50 20.72
C ASN L 699 42.04 124.17 20.84
N ASN L 700 42.53 124.41 22.06
CA ASN L 700 43.83 125.05 22.26
C ASN L 700 44.63 124.34 23.35
N SER L 701 44.45 123.03 23.50
CA SER L 701 45.18 122.24 24.48
C SER L 701 45.75 121.01 23.81
N ILE L 702 47.04 120.75 24.05
CA ILE L 702 47.73 119.62 23.45
C ILE L 702 48.50 118.87 24.54
N ALA L 703 48.82 117.62 24.26
CA ALA L 703 49.65 116.79 25.12
C ALA L 703 50.81 116.25 24.30
N ILE L 704 52.02 116.52 24.76
CA ILE L 704 53.23 116.06 24.09
C ILE L 704 54.12 115.39 25.13
N PRO L 705 54.53 114.14 24.94
CA PRO L 705 55.31 113.45 25.97
C PRO L 705 56.72 114.00 26.11
N THR L 706 57.26 113.82 27.32
CA THR L 706 58.63 114.22 27.62
C THR L 706 59.54 113.05 27.97
N ASN L 707 59.01 111.84 28.09
CA ASN L 707 59.80 110.67 28.42
C ASN L 707 59.24 109.46 27.68
N PHE L 708 60.05 108.42 27.57
CA PHE L 708 59.67 107.23 26.83
C PHE L 708 60.30 106.00 27.48
N THR L 709 59.68 104.85 27.23
CA THR L 709 60.19 103.56 27.69
C THR L 709 60.29 102.60 26.52
N ILE L 710 61.37 101.83 26.49
CA ILE L 710 61.58 100.83 25.45
C ILE L 710 60.96 99.52 25.91
N SER L 711 60.01 99.00 25.13
CA SER L 711 59.27 97.80 25.47
C SER L 711 59.48 96.74 24.39
N VAL L 712 59.42 95.48 24.81
CA VAL L 712 59.60 94.34 23.92
C VAL L 712 58.31 93.52 23.94
N THR L 713 57.77 93.25 22.76
CA THR L 713 56.51 92.53 22.60
C THR L 713 56.78 91.16 21.99
N THR L 714 56.13 90.14 22.55
CA THR L 714 56.31 88.76 22.12
C THR L 714 55.20 88.36 21.16
N GLU L 715 55.57 87.78 20.03
CA GLU L 715 54.61 87.27 19.04
C GLU L 715 55.01 85.85 18.66
N ILE L 716 54.01 84.97 18.59
CA ILE L 716 54.23 83.56 18.30
C ILE L 716 53.53 83.23 16.99
N LEU L 717 54.28 82.70 16.01
CA LEU L 717 53.74 82.35 14.71
C LEU L 717 54.31 81.03 14.22
N PRO L 718 53.49 79.98 14.13
CA PRO L 718 53.98 78.71 13.55
C PRO L 718 54.12 78.82 12.04
N VAL L 719 55.16 78.16 11.52
CA VAL L 719 55.46 78.25 10.10
C VAL L 719 55.47 76.88 9.42
N SER L 720 55.75 75.82 10.17
CA SER L 720 55.92 74.51 9.57
C SER L 720 55.41 73.43 10.53
N MET L 721 54.76 72.42 9.96
CA MET L 721 54.16 71.33 10.72
C MET L 721 54.96 70.04 10.53
N THR L 722 54.58 69.04 11.32
CA THR L 722 55.13 67.70 11.14
C THR L 722 54.56 67.08 9.87
N LYS L 723 55.42 66.38 9.13
CA LYS L 723 55.04 65.78 7.86
C LYS L 723 54.80 64.29 8.05
N THR L 724 53.58 63.84 7.75
CA THR L 724 53.20 62.44 7.87
C THR L 724 52.81 61.90 6.51
N SER L 725 53.17 60.65 6.24
CA SER L 725 52.85 59.97 4.99
C SER L 725 52.02 58.74 5.30
N VAL L 726 50.81 58.68 4.75
CA VAL L 726 49.88 57.58 4.98
C VAL L 726 49.42 57.05 3.63
N ASP L 727 49.43 55.72 3.48
CA ASP L 727 48.94 55.07 2.27
C ASP L 727 47.92 53.99 2.64
N CYS L 728 47.14 53.57 1.65
CA CYS L 728 46.05 52.65 1.89
C CYS L 728 46.51 51.21 2.12
N THR L 729 47.68 50.85 1.58
CA THR L 729 48.05 49.44 1.45
C THR L 729 48.22 48.77 2.80
N MET L 730 48.86 49.46 3.76
CA MET L 730 49.11 48.85 5.06
C MET L 730 48.36 49.54 6.20
N TYR L 731 47.64 50.62 5.94
CA TYR L 731 46.72 51.17 6.94
C TYR L 731 45.38 50.45 6.89
N ILE L 732 44.76 50.40 5.71
CA ILE L 732 43.47 49.73 5.58
C ILE L 732 43.64 48.22 5.62
N CYS L 733 44.53 47.69 4.78
CA CYS L 733 44.79 46.26 4.74
C CYS L 733 45.93 45.90 5.68
N GLY L 734 46.03 44.61 5.98
CA GLY L 734 47.08 44.11 6.85
C GLY L 734 48.10 43.27 6.12
N ASP L 735 48.10 41.96 6.39
CA ASP L 735 49.00 41.02 5.75
C ASP L 735 48.23 39.98 4.94
N SER L 736 47.11 40.38 4.36
CA SER L 736 46.25 39.48 3.60
C SER L 736 46.14 39.98 2.17
N THR L 737 46.22 39.04 1.21
CA THR L 737 46.07 39.40 -0.19
C THR L 737 44.62 39.64 -0.60
N GLU L 738 43.65 39.16 0.20
CA GLU L 738 42.24 39.33 -0.14
C GLU L 738 41.83 40.79 -0.05
N CYS L 739 42.37 41.52 0.94
CA CYS L 739 42.04 42.94 1.07
C CYS L 739 42.65 43.75 -0.07
N SER L 740 43.79 43.33 -0.60
CA SER L 740 44.44 44.08 -1.66
C SER L 740 43.70 43.93 -2.99
N ASN L 741 43.02 42.80 -3.21
CA ASN L 741 42.29 42.60 -4.46
C ASN L 741 41.14 43.58 -4.59
N LEU L 742 40.41 43.83 -3.49
CA LEU L 742 39.31 44.80 -3.52
C LEU L 742 39.79 46.24 -3.51
N LEU L 743 41.08 46.48 -3.24
CA LEU L 743 41.60 47.83 -3.24
C LEU L 743 41.75 48.40 -4.65
N LEU L 744 41.81 47.53 -5.67
CA LEU L 744 41.94 48.01 -7.05
C LEU L 744 40.71 48.78 -7.50
N GLN L 745 39.54 48.50 -6.91
CA GLN L 745 38.35 49.27 -7.23
C GLN L 745 38.39 50.68 -6.66
N TYR L 746 39.26 50.93 -5.68
CA TYR L 746 39.43 52.25 -5.07
C TYR L 746 40.87 52.73 -5.18
N GLY L 747 41.59 52.25 -6.20
CA GLY L 747 42.97 52.68 -6.40
C GLY L 747 43.08 54.13 -6.80
N SER L 748 42.06 54.66 -7.50
CA SER L 748 42.06 56.07 -7.86
C SER L 748 41.88 56.96 -6.63
N PHE L 749 41.14 56.49 -5.63
CA PHE L 749 41.00 57.25 -4.38
C PHE L 749 42.33 57.38 -3.67
N CYS L 750 43.10 56.29 -3.61
CA CYS L 750 44.37 56.32 -2.89
C CYS L 750 45.44 57.09 -3.64
N THR L 751 45.32 57.20 -4.97
CA THR L 751 46.20 58.08 -5.73
C THR L 751 45.98 59.54 -5.34
N GLN L 752 44.71 59.93 -5.14
CA GLN L 752 44.43 61.28 -4.69
C GLN L 752 44.96 61.54 -3.28
N LEU L 753 44.80 60.56 -2.38
CA LEU L 753 45.22 60.75 -1.00
C LEU L 753 46.74 60.75 -0.87
N ASN L 754 47.42 59.88 -1.61
CA ASN L 754 48.88 59.86 -1.57
C ASN L 754 49.47 61.13 -2.15
N ARG L 755 48.87 61.65 -3.22
CA ARG L 755 49.33 62.91 -3.77
C ARG L 755 48.99 64.09 -2.87
N ALA L 756 47.92 63.98 -2.09
CA ALA L 756 47.55 65.04 -1.17
C ALA L 756 48.56 65.17 -0.03
N LEU L 757 48.91 64.04 0.60
CA LEU L 757 49.91 64.07 1.66
C LEU L 757 51.29 64.44 1.13
N THR L 758 51.61 64.02 -0.10
CA THR L 758 52.84 64.48 -0.75
C THR L 758 52.78 65.99 -0.98
N GLY L 759 51.61 66.50 -1.38
CA GLY L 759 51.45 67.93 -1.53
C GLY L 759 51.57 68.69 -0.21
N ILE L 760 51.06 68.09 0.87
CA ILE L 760 51.21 68.69 2.19
C ILE L 760 52.68 68.70 2.61
N ALA L 761 53.38 67.58 2.38
CA ALA L 761 54.77 67.46 2.83
C ALA L 761 55.68 68.46 2.11
N VAL L 762 55.49 68.63 0.80
CA VAL L 762 56.30 69.61 0.08
C VAL L 762 55.89 71.03 0.46
N GLU L 763 54.61 71.24 0.78
CA GLU L 763 54.17 72.57 1.20
C GLU L 763 54.74 72.94 2.57
N GLN L 764 54.79 71.97 3.49
CA GLN L 764 55.40 72.23 4.79
C GLN L 764 56.91 72.43 4.67
N ASP L 765 57.55 71.76 3.70
CA ASP L 765 58.98 71.94 3.51
C ASP L 765 59.29 73.32 2.96
N LYS L 766 58.55 73.77 1.95
CA LYS L 766 58.82 75.06 1.33
C LYS L 766 58.40 76.24 2.21
N ASN L 767 57.56 75.99 3.22
CA ASN L 767 57.17 77.05 4.13
C ASN L 767 58.38 77.54 4.95
N THR L 768 59.27 76.62 5.33
CA THR L 768 60.45 77.00 6.08
C THR L 768 61.42 77.83 5.22
N GLN L 769 61.59 77.43 3.95
CA GLN L 769 62.48 78.19 3.07
C GLN L 769 61.90 79.56 2.73
N GLU L 770 60.58 79.68 2.64
CA GLU L 770 59.98 80.97 2.35
C GLU L 770 60.09 81.96 3.51
N VAL L 771 60.41 81.48 4.71
CA VAL L 771 60.55 82.34 5.88
C VAL L 771 62.02 82.53 6.25
N PHE L 772 62.70 81.44 6.62
CA PHE L 772 64.05 81.57 7.18
C PHE L 772 65.11 81.82 6.12
N ALA L 773 64.90 81.35 4.88
CA ALA L 773 65.90 81.47 3.83
C ALA L 773 65.66 82.72 2.99
N GLN L 774 65.74 83.87 3.65
CA GLN L 774 65.61 85.15 2.95
C GLN L 774 66.94 85.64 2.40
N VAL L 775 68.04 85.39 3.12
CA VAL L 775 69.37 85.84 2.72
C VAL L 775 70.16 84.65 2.20
N LYS L 776 70.96 84.90 1.16
CA LYS L 776 71.80 83.87 0.56
C LYS L 776 73.18 83.79 1.22
N GLN L 777 73.51 84.76 2.07
CA GLN L 777 74.81 84.79 2.74
C GLN L 777 74.61 84.68 4.25
N ILE L 778 75.54 84.00 4.91
CA ILE L 778 75.49 83.79 6.35
C ILE L 778 76.44 84.78 7.01
N TYR L 779 75.89 85.64 7.86
CA TYR L 779 76.68 86.68 8.53
C TYR L 779 77.21 86.15 9.85
N LYS L 780 78.53 86.24 10.04
CA LYS L 780 79.14 85.82 11.28
C LYS L 780 79.11 86.95 12.31
N THR L 781 78.84 86.59 13.56
CA THR L 781 78.82 87.56 14.63
C THR L 781 80.24 88.05 14.89
N PRO L 782 80.49 89.37 14.92
CA PRO L 782 81.83 89.86 15.18
C PRO L 782 82.26 89.54 16.60
N PRO L 783 83.56 89.30 16.83
CA PRO L 783 84.01 88.98 18.20
C PRO L 783 83.88 90.14 19.17
N ILE L 784 83.81 91.38 18.69
CA ILE L 784 83.66 92.53 19.56
C ILE L 784 82.20 92.67 19.94
N LYS L 785 81.92 92.64 21.24
CA LYS L 785 80.56 92.74 21.77
C LYS L 785 80.23 94.13 22.29
N ASP L 786 81.08 95.12 21.99
CA ASP L 786 80.84 96.50 22.43
C ASP L 786 79.94 97.18 21.42
N PHE L 787 78.63 97.14 21.71
CA PHE L 787 77.61 97.74 20.85
C PHE L 787 77.08 99.06 21.41
N GLY L 788 77.93 99.84 22.07
CA GLY L 788 77.48 101.08 22.67
C GLY L 788 76.69 100.92 23.94
N GLY L 789 76.84 99.80 24.64
CA GLY L 789 76.11 99.53 25.86
C GLY L 789 74.94 98.58 25.72
N PHE L 790 74.67 98.09 24.52
CA PHE L 790 73.58 97.15 24.28
C PHE L 790 74.08 95.74 24.55
N ASN L 791 73.41 95.03 25.45
CA ASN L 791 73.77 93.67 25.82
C ASN L 791 73.06 92.70 24.89
N PHE L 792 73.82 91.87 24.17
CA PHE L 792 73.27 90.96 23.19
C PHE L 792 73.63 89.50 23.42
N SER L 793 74.14 89.16 24.61
CA SER L 793 74.47 87.77 24.89
C SER L 793 73.24 86.89 25.02
N GLN L 794 72.07 87.48 25.25
CA GLN L 794 70.86 86.68 25.42
C GLN L 794 70.30 86.17 24.10
N ILE L 795 70.46 86.91 23.02
CA ILE L 795 69.85 86.51 21.74
C ILE L 795 70.92 85.93 20.81
N LEU L 796 72.16 86.39 20.95
CA LEU L 796 73.22 85.81 20.14
C LEU L 796 73.63 84.45 20.69
N PRO L 797 74.02 83.52 19.82
CA PRO L 797 74.47 82.21 20.31
C PRO L 797 75.74 82.31 21.13
N ASP L 798 75.87 81.39 22.10
CA ASP L 798 77.01 81.36 22.99
C ASP L 798 77.88 80.15 22.68
N PRO L 799 79.21 80.31 22.73
CA PRO L 799 80.11 79.19 22.45
C PRO L 799 80.35 78.26 23.63
N SER L 800 79.72 78.52 24.78
CA SER L 800 79.92 77.65 25.94
C SER L 800 79.25 76.29 25.74
N LYS L 801 78.16 76.24 24.99
CA LYS L 801 77.43 75.01 24.75
C LYS L 801 77.67 74.51 23.32
N PRO L 802 77.67 73.20 23.10
CA PRO L 802 77.79 72.68 21.73
C PRO L 802 76.64 73.09 20.82
N SER L 803 75.43 73.26 21.37
CA SER L 803 74.30 73.68 20.57
C SER L 803 74.45 75.14 20.14
N LYS L 804 73.95 75.44 18.95
CA LYS L 804 74.01 76.78 18.39
C LYS L 804 72.83 77.64 18.77
N ARG L 805 71.89 77.12 19.57
CA ARG L 805 70.71 77.88 19.93
C ARG L 805 71.04 78.95 20.97
N SER L 806 70.24 80.02 20.97
CA SER L 806 70.38 81.07 21.96
C SER L 806 69.88 80.57 23.32
N PRO L 807 70.35 81.19 24.41
CA PRO L 807 69.80 80.84 25.73
C PRO L 807 68.30 81.05 25.84
N ILE L 808 67.75 82.08 25.20
CA ILE L 808 66.30 82.22 25.13
C ILE L 808 65.70 81.12 24.25
N GLU L 809 66.39 80.76 23.17
CA GLU L 809 65.93 79.68 22.31
C GLU L 809 65.98 78.34 23.03
N ASP L 810 67.02 78.13 23.86
CA ASP L 810 67.09 76.92 24.67
C ASP L 810 65.94 76.86 25.67
N LEU L 811 65.60 78.00 26.27
CA LEU L 811 64.40 78.07 27.11
C LEU L 811 63.15 77.86 26.28
N LEU L 812 63.13 78.39 25.05
CA LEU L 812 61.99 78.20 24.16
C LEU L 812 61.90 76.76 23.67
N PHE L 813 63.05 76.10 23.46
CA PHE L 813 63.04 74.72 22.99
C PHE L 813 62.48 73.78 24.05
N ASN L 814 62.88 73.96 25.31
CA ASN L 814 62.45 73.07 26.38
C ASN L 814 61.06 73.41 26.92
N LYS L 815 60.51 74.57 26.57
CA LYS L 815 59.19 74.95 27.08
C LYS L 815 58.08 74.15 26.38
N VAL L 816 58.21 73.95 25.07
CA VAL L 816 57.21 73.25 24.29
C VAL L 816 57.63 71.79 24.13
N THR L 817 56.65 70.89 24.20
CA THR L 817 56.91 69.46 24.08
C THR L 817 56.81 69.01 22.62
N ALA L 842 54.72 55.31 20.55
CA ALA L 842 54.81 56.18 19.39
C ALA L 842 53.59 56.01 18.49
N GLN L 843 53.59 56.74 17.37
CA GLN L 843 52.50 56.68 16.40
C GLN L 843 52.95 56.07 15.07
N LYS L 844 54.09 55.39 15.06
CA LYS L 844 54.61 54.75 13.85
C LYS L 844 54.41 53.25 13.84
N PHE L 845 53.86 52.67 14.91
CA PHE L 845 53.62 51.24 14.93
C PHE L 845 52.51 50.84 13.97
N ASN L 846 51.55 51.73 13.72
CA ASN L 846 50.53 51.53 12.70
C ASN L 846 51.01 52.00 11.33
N GLY L 847 52.27 52.40 11.21
CA GLY L 847 52.83 52.82 9.95
C GLY L 847 52.51 54.23 9.52
N LEU L 848 51.96 55.05 10.41
CA LEU L 848 51.74 56.47 10.14
C LEU L 848 53.08 57.20 10.27
N THR L 849 53.93 56.97 9.27
CA THR L 849 55.32 57.40 9.32
C THR L 849 55.44 58.92 9.28
N VAL L 850 56.36 59.46 10.07
CA VAL L 850 56.60 60.89 10.14
C VAL L 850 57.81 61.21 9.27
N LEU L 851 57.59 62.03 8.25
CA LEU L 851 58.68 62.44 7.38
C LEU L 851 59.54 63.47 8.10
N PRO L 852 60.86 63.28 8.17
CA PRO L 852 61.70 64.28 8.83
C PRO L 852 61.73 65.57 8.03
N PRO L 853 61.85 66.72 8.70
CA PRO L 853 61.89 67.99 7.98
C PRO L 853 63.17 68.13 7.17
N LEU L 854 63.07 68.93 6.10
CA LEU L 854 64.23 69.20 5.26
C LEU L 854 65.31 69.93 6.05
N LEU L 855 64.91 70.91 6.85
CA LEU L 855 65.83 71.64 7.71
C LEU L 855 65.59 71.24 9.16
N THR L 856 66.67 70.81 9.83
CA THR L 856 66.56 70.49 11.24
C THR L 856 66.65 71.78 12.07
N ASP L 857 66.72 71.62 13.39
CA ASP L 857 66.74 72.79 14.27
C ASP L 857 68.09 73.50 14.26
N GLU L 858 69.15 72.85 13.78
CA GLU L 858 70.48 73.46 13.85
C GLU L 858 70.63 74.60 12.85
N MET L 859 70.28 74.36 11.57
CA MET L 859 70.41 75.41 10.57
C MET L 859 69.26 76.42 10.61
N ILE L 860 68.12 76.07 11.21
CA ILE L 860 67.12 77.09 11.50
C ILE L 860 67.66 78.08 12.53
N ALA L 861 68.34 77.58 13.56
CA ALA L 861 69.02 78.45 14.50
C ALA L 861 70.16 79.20 13.82
N GLN L 862 70.87 78.55 12.89
CA GLN L 862 71.91 79.23 12.14
C GLN L 862 71.34 80.30 11.21
N TYR L 863 70.14 80.07 10.65
CA TYR L 863 69.49 81.08 9.84
C TYR L 863 69.13 82.30 10.68
N THR L 864 68.63 82.08 11.90
CA THR L 864 68.27 83.20 12.76
C THR L 864 69.50 83.97 13.23
N SER L 865 70.59 83.26 13.54
CA SER L 865 71.81 83.92 13.99
C SER L 865 72.42 84.76 12.87
N ALA L 866 72.38 84.26 11.63
CA ALA L 866 72.84 85.05 10.50
C ALA L 866 71.97 86.27 10.29
N LEU L 867 70.65 86.13 10.45
CA LEU L 867 69.76 87.28 10.39
C LEU L 867 69.98 88.22 11.56
N LEU L 868 70.26 87.66 12.75
CA LEU L 868 70.54 88.50 13.91
C LEU L 868 71.84 89.28 13.73
N ALA L 869 72.87 88.65 13.16
CA ALA L 869 74.13 89.35 12.92
C ALA L 869 73.96 90.44 11.85
N GLY L 870 73.15 90.17 10.84
CA GLY L 870 72.95 91.16 9.79
C GLY L 870 72.20 92.39 10.26
N THR L 871 71.20 92.21 11.12
CA THR L 871 70.36 93.31 11.56
C THR L 871 71.00 94.17 12.65
N ILE L 872 72.11 93.72 13.24
CA ILE L 872 72.81 94.52 14.24
C ILE L 872 74.09 95.12 13.72
N THR L 873 74.63 94.63 12.60
CA THR L 873 75.85 95.17 12.02
C THR L 873 75.63 95.95 10.74
N SER L 874 74.47 95.80 10.10
CA SER L 874 74.17 96.50 8.86
C SER L 874 72.82 97.20 8.84
N GLY L 875 71.89 96.85 9.72
CA GLY L 875 70.59 97.49 9.75
C GLY L 875 69.61 96.92 8.75
N TRP L 876 69.39 97.63 7.65
CA TRP L 876 68.50 97.17 6.59
C TRP L 876 69.18 97.09 5.23
N THR L 877 70.48 97.39 5.16
CA THR L 877 71.19 97.32 3.88
C THR L 877 71.36 95.89 3.41
N PHE L 878 71.52 94.93 4.34
CA PHE L 878 71.68 93.54 3.96
C PHE L 878 70.38 92.92 3.45
N GLY L 879 69.22 93.45 3.86
CA GLY L 879 67.96 92.95 3.37
C GLY L 879 67.52 93.52 2.03
N ALA L 880 68.25 94.49 1.50
CA ALA L 880 67.91 95.10 0.21
C ALA L 880 69.15 95.27 -0.67
N GLY L 881 70.13 94.37 -0.53
CA GLY L 881 71.33 94.44 -1.31
C GLY L 881 72.54 93.98 -0.51
N PRO L 882 73.73 94.40 -0.92
CA PRO L 882 74.94 94.07 -0.17
C PRO L 882 74.95 94.73 1.20
N ALA L 883 75.56 94.04 2.16
CA ALA L 883 75.62 94.53 3.53
C ALA L 883 76.63 95.66 3.66
N LEU L 884 76.22 96.74 4.33
CA LEU L 884 77.07 97.88 4.60
C LEU L 884 77.31 97.96 6.10
N GLN L 885 78.59 98.02 6.49
CA GLN L 885 78.93 98.10 7.90
C GLN L 885 78.48 99.42 8.49
N ILE L 886 77.91 99.35 9.69
CA ILE L 886 77.41 100.54 10.38
C ILE L 886 77.44 100.30 11.88
N PRO L 887 77.87 101.28 12.68
CA PRO L 887 77.81 101.11 14.14
C PRO L 887 76.38 101.11 14.64
N PHE L 888 76.19 100.47 15.79
CA PHE L 888 74.86 100.35 16.37
C PHE L 888 74.22 101.69 16.78
N PRO L 889 74.91 102.64 17.45
CA PRO L 889 74.20 103.87 17.86
C PRO L 889 73.61 104.67 16.71
N MET L 890 74.30 104.78 15.57
CA MET L 890 73.71 105.47 14.43
C MET L 890 72.64 104.65 13.73
N GLN L 891 72.64 103.33 13.91
CA GLN L 891 71.54 102.52 13.42
C GLN L 891 70.26 102.77 14.20
N MET L 892 70.38 103.05 15.51
CA MET L 892 69.20 103.34 16.32
C MET L 892 68.64 104.72 16.03
N ALA L 893 69.49 105.68 15.68
CA ALA L 893 69.03 107.04 15.40
C ALA L 893 68.22 107.12 14.11
N TYR L 894 68.56 106.28 13.13
CA TYR L 894 67.83 106.30 11.86
C TYR L 894 66.40 105.81 12.04
N ARG L 895 66.20 104.77 12.85
CA ARG L 895 64.86 104.30 13.14
C ARG L 895 64.06 105.29 13.97
N PHE L 896 64.75 106.06 14.83
CA PHE L 896 64.10 107.16 15.53
C PHE L 896 63.63 108.22 14.53
N ASN L 897 64.44 108.48 13.51
CA ASN L 897 64.04 109.41 12.45
C ASN L 897 62.88 108.87 11.63
N GLY L 898 62.68 107.55 11.61
CA GLY L 898 61.58 106.96 10.88
C GLY L 898 60.24 107.03 11.58
N ILE L 899 60.23 107.34 12.87
CA ILE L 899 58.98 107.47 13.63
C ILE L 899 58.71 108.93 14.00
N GLY L 900 59.37 109.87 13.33
CA GLY L 900 59.14 111.28 13.57
C GLY L 900 59.91 111.88 14.72
N VAL L 901 60.91 111.18 15.25
CA VAL L 901 61.71 111.67 16.37
C VAL L 901 63.07 112.08 15.84
N THR L 902 63.51 113.28 16.21
CA THR L 902 64.83 113.75 15.81
C THR L 902 65.92 112.91 16.48
N GLN L 903 67.02 112.73 15.76
CA GLN L 903 68.09 111.85 16.22
C GLN L 903 68.95 112.45 17.33
N ASN L 904 68.74 113.72 17.67
CA ASN L 904 69.56 114.37 18.69
C ASN L 904 69.22 113.88 20.10
N VAL L 905 68.06 113.26 20.30
CA VAL L 905 67.65 112.85 21.64
C VAL L 905 68.30 111.53 22.05
N LEU L 906 68.69 110.69 21.10
CA LEU L 906 69.28 109.39 21.43
C LEU L 906 70.64 109.55 22.09
N TYR L 907 71.52 110.37 21.51
CA TYR L 907 72.88 110.48 22.03
C TYR L 907 72.95 111.24 23.34
N GLU L 908 71.91 112.01 23.69
CA GLU L 908 71.91 112.69 24.98
C GLU L 908 71.63 111.73 26.13
N ASN L 909 70.85 110.67 25.88
CA ASN L 909 70.48 109.69 26.90
C ASN L 909 70.65 108.28 26.37
N GLN L 910 71.81 108.01 25.75
CA GLN L 910 72.08 106.69 25.19
C GLN L 910 72.19 105.63 26.28
N LYS L 911 72.74 105.98 27.43
CA LYS L 911 72.83 105.03 28.54
C LYS L 911 71.46 104.66 29.09
N LEU L 912 70.52 105.62 29.10
CA LEU L 912 69.18 105.34 29.58
C LEU L 912 68.45 104.36 28.66
N ILE L 913 68.57 104.55 27.35
CA ILE L 913 67.91 103.65 26.40
C ILE L 913 68.56 102.27 26.41
N ALA L 914 69.89 102.23 26.55
CA ALA L 914 70.59 100.95 26.63
C ALA L 914 70.21 100.19 27.88
N ASN L 915 70.08 100.88 29.01
CA ASN L 915 69.61 100.24 30.24
C ASN L 915 68.16 99.80 30.12
N GLN L 916 67.33 100.60 29.45
CA GLN L 916 65.94 100.20 29.22
C GLN L 916 65.86 98.98 28.32
N PHE L 917 66.72 98.91 27.30
CA PHE L 917 66.75 97.74 26.42
C PHE L 917 67.18 96.49 27.16
N ASN L 918 68.21 96.61 28.01
CA ASN L 918 68.69 95.46 28.77
C ASN L 918 67.67 94.98 29.79
N SER L 919 66.97 95.92 30.43
CA SER L 919 65.91 95.55 31.37
C SER L 919 64.75 94.87 30.66
N ALA L 920 64.40 95.36 29.46
CA ALA L 920 63.33 94.74 28.69
C ALA L 920 63.71 93.34 28.23
N ILE L 921 64.98 93.14 27.88
CA ILE L 921 65.45 91.80 27.51
C ILE L 921 65.37 90.87 28.71
N GLY L 922 65.73 91.36 29.89
CA GLY L 922 65.58 90.56 31.09
C GLY L 922 64.14 90.25 31.44
N LYS L 923 63.22 91.17 31.11
CA LYS L 923 61.81 90.97 31.45
C LYS L 923 61.17 89.89 30.58
N ILE L 924 61.45 89.90 29.27
CA ILE L 924 60.86 88.89 28.39
C ILE L 924 61.45 87.51 28.67
N GLN L 925 62.74 87.45 29.00
CA GLN L 925 63.36 86.18 29.35
C GLN L 925 62.76 85.62 30.64
N ASP L 926 62.50 86.48 31.62
CA ASP L 926 61.87 86.03 32.86
C ASP L 926 60.41 85.65 32.64
N SER L 927 59.70 86.38 31.79
CA SER L 927 58.30 86.09 31.53
C SER L 927 58.14 84.78 30.74
N LEU L 928 59.05 84.53 29.79
CA LEU L 928 58.99 83.29 29.02
C LEU L 928 59.31 82.07 29.86
N SER L 929 60.06 82.23 30.95
CA SER L 929 60.38 81.10 31.81
C SER L 929 59.20 80.67 32.68
N SER L 930 58.19 81.53 32.82
CA SER L 930 57.02 81.20 33.62
C SER L 930 55.99 80.42 32.79
N ALA L 934 51.74 79.04 29.23
CA ALA L 934 52.74 78.70 28.24
C ALA L 934 52.34 79.19 26.85
N LEU L 935 52.96 78.62 25.82
CA LEU L 935 52.65 78.98 24.44
C LEU L 935 51.38 78.27 23.99
N GLY L 936 50.50 79.01 23.32
CA GLY L 936 49.25 78.44 22.83
C GLY L 936 49.29 78.15 21.34
N LYS L 937 49.93 79.04 20.58
CA LYS L 937 50.00 78.86 19.13
C LYS L 937 50.89 77.69 18.76
N LEU L 938 52.02 77.53 19.44
CA LEU L 938 52.96 76.45 19.14
C LEU L 938 52.55 75.12 19.76
N GLN L 939 51.62 75.11 20.71
CA GLN L 939 51.18 73.88 21.35
C GLN L 939 49.90 73.33 20.74
N ASP L 940 49.00 74.18 20.27
CA ASP L 940 47.77 73.71 19.63
C ASP L 940 48.06 73.01 18.31
N VAL L 941 49.07 73.47 17.58
CA VAL L 941 49.38 72.88 16.28
C VAL L 941 49.94 71.47 16.43
N VAL L 942 50.61 71.18 17.53
CA VAL L 942 51.17 69.85 17.76
C VAL L 942 50.14 68.92 18.41
N ASN L 943 49.34 69.44 19.34
CA ASN L 943 48.36 68.60 20.02
C ASN L 943 47.22 68.19 19.08
N GLN L 944 46.86 69.05 18.13
CA GLN L 944 45.80 68.71 17.18
C GLN L 944 46.22 67.55 16.29
N ASN L 945 47.47 67.53 15.84
CA ASN L 945 47.95 66.44 15.00
C ASN L 945 48.06 65.14 15.80
N ALA L 946 48.59 65.21 17.02
CA ALA L 946 48.73 64.02 17.85
C ALA L 946 47.37 63.43 18.19
N GLN L 947 46.38 64.27 18.44
CA GLN L 947 45.02 63.79 18.66
C GLN L 947 44.42 63.22 17.38
N ALA L 948 44.70 63.85 16.23
CA ALA L 948 44.18 63.35 14.96
C ALA L 948 44.83 62.02 14.58
N LEU L 949 46.15 61.90 14.79
CA LEU L 949 46.83 60.63 14.53
C LEU L 949 46.37 59.56 15.51
N ASN L 950 46.06 59.93 16.75
CA ASN L 950 45.48 58.97 17.69
C ASN L 950 44.08 58.56 17.26
N THR L 951 43.32 59.49 16.67
CA THR L 951 41.98 59.18 16.20
C THR L 951 42.01 58.17 15.04
N LEU L 952 43.05 58.24 14.20
CA LEU L 952 43.19 57.25 13.13
C LEU L 952 43.39 55.85 13.69
N VAL L 953 44.15 55.73 14.79
CA VAL L 953 44.33 54.44 15.44
C VAL L 953 43.01 53.93 16.02
N LYS L 954 42.23 54.83 16.62
CA LYS L 954 40.93 54.46 17.18
C LYS L 954 39.95 54.01 16.10
N GLN L 955 40.13 54.45 14.86
CA GLN L 955 39.20 54.08 13.80
C GLN L 955 39.30 52.60 13.44
N LEU L 956 40.51 52.03 13.52
CA LEU L 956 40.69 50.61 13.23
C LEU L 956 40.17 49.71 14.35
N SER L 957 39.83 50.27 15.51
CA SER L 957 39.27 49.50 16.61
C SER L 957 37.75 49.38 16.52
N SER L 958 37.13 49.99 15.52
CA SER L 958 35.69 49.94 15.33
C SER L 958 35.34 48.95 14.22
N ASN L 959 34.12 48.40 14.30
CA ASN L 959 33.68 47.38 13.36
C ASN L 959 33.09 47.93 12.08
N PHE L 960 32.64 49.20 12.10
CA PHE L 960 31.93 49.82 10.98
C PHE L 960 30.71 48.99 10.55
N GLY L 961 29.99 48.47 11.54
CA GLY L 961 28.80 47.68 11.27
C GLY L 961 29.06 46.22 10.95
N ALA L 962 30.29 45.74 11.10
CA ALA L 962 30.63 44.35 10.82
C ALA L 962 30.61 43.56 12.13
N ILE L 963 31.01 42.29 12.05
CA ILE L 963 31.03 41.42 13.21
C ILE L 963 32.38 41.39 13.92
N SER L 964 33.41 41.98 13.32
CA SER L 964 34.74 42.01 13.92
C SER L 964 35.49 43.24 13.44
N SER L 965 36.52 43.61 14.19
CA SER L 965 37.34 44.77 13.86
C SER L 965 38.52 44.41 12.97
N VAL L 966 39.33 43.44 13.40
CA VAL L 966 40.48 43.00 12.62
C VAL L 966 40.00 42.14 11.45
N LEU L 967 40.58 42.39 10.27
CA LEU L 967 40.19 41.63 9.07
C LEU L 967 40.64 40.19 9.11
N ASN L 968 41.62 39.85 9.95
CA ASN L 968 42.11 38.47 10.00
C ASN L 968 41.15 37.55 10.72
N ASP L 969 40.31 38.08 11.62
CA ASP L 969 39.39 37.23 12.38
C ASP L 969 38.27 36.69 11.51
N ILE L 970 37.70 37.54 10.65
CA ILE L 970 36.60 37.10 9.79
C ILE L 970 37.12 36.16 8.70
N LEU L 971 38.35 36.36 8.23
CA LEU L 971 38.91 35.49 7.21
C LEU L 971 39.21 34.10 7.77
N SER L 972 39.71 34.04 9.01
CA SER L 972 40.03 32.76 9.63
C SER L 972 38.78 32.00 10.06
N ARG L 973 37.68 32.70 10.32
CA ARG L 973 36.44 32.07 10.78
C ARG L 973 35.44 31.83 9.67
N LEU L 974 35.29 32.78 8.75
CA LEU L 974 34.32 32.68 7.67
C LEU L 974 35.04 32.60 6.32
N ASP L 975 34.40 31.92 5.37
CA ASP L 975 34.99 31.75 4.06
C ASP L 975 35.00 33.07 3.30
N PRO L 976 36.03 33.31 2.48
CA PRO L 976 36.11 34.56 1.70
C PRO L 976 34.94 34.78 0.75
N PRO L 977 34.34 33.74 0.13
CA PRO L 977 33.11 34.01 -0.63
C PRO L 977 31.97 34.58 0.20
N GLU L 978 31.83 34.19 1.46
CA GLU L 978 30.76 34.70 2.30
C GLU L 978 31.14 35.98 3.03
N ALA L 979 32.40 36.13 3.42
CA ALA L 979 32.87 37.29 4.16
C ALA L 979 33.24 38.46 3.25
N GLU L 980 32.79 38.46 2.00
CA GLU L 980 33.08 39.58 1.11
C GLU L 980 32.31 40.83 1.51
N VAL L 981 31.12 40.67 2.11
CA VAL L 981 30.34 41.83 2.54
C VAL L 981 31.00 42.50 3.72
N GLN L 982 31.49 41.72 4.68
CA GLN L 982 32.11 42.29 5.88
C GLN L 982 33.41 43.00 5.55
N ILE L 983 34.21 42.46 4.64
CA ILE L 983 35.46 43.11 4.28
C ILE L 983 35.21 44.34 3.40
N ASP L 984 34.08 44.36 2.66
CA ASP L 984 33.77 45.51 1.84
C ASP L 984 33.36 46.71 2.68
N ARG L 985 32.55 46.48 3.72
CA ARG L 985 32.16 47.57 4.61
C ARG L 985 33.33 48.02 5.49
N LEU L 986 34.33 47.16 5.69
CA LEU L 986 35.55 47.60 6.35
C LEU L 986 36.39 48.48 5.44
N ILE L 987 36.37 48.21 4.13
CA ILE L 987 37.07 49.06 3.16
C ILE L 987 36.44 50.45 3.13
N THR L 988 35.11 50.51 3.04
CA THR L 988 34.42 51.80 2.96
C THR L 988 34.56 52.58 4.26
N GLY L 989 34.49 51.90 5.40
CA GLY L 989 34.64 52.59 6.67
C GLY L 989 36.04 53.15 6.88
N ARG L 990 37.06 52.40 6.48
CA ARG L 990 38.43 52.87 6.62
C ARG L 990 38.76 53.92 5.55
N LEU L 991 38.14 53.82 4.38
CA LEU L 991 38.31 54.86 3.36
C LEU L 991 37.68 56.18 3.81
N GLN L 992 36.50 56.10 4.44
CA GLN L 992 35.84 57.30 4.93
C GLN L 992 36.64 57.98 6.04
N SER L 993 37.22 57.19 6.95
CA SER L 993 38.03 57.76 8.01
C SER L 993 39.30 58.40 7.46
N LEU L 994 39.94 57.75 6.48
CA LEU L 994 41.15 58.31 5.90
C LEU L 994 40.86 59.54 5.06
N GLN L 995 39.71 59.56 4.37
CA GLN L 995 39.33 60.73 3.58
C GLN L 995 39.07 61.94 4.46
N THR L 996 38.41 61.74 5.61
CA THR L 996 38.16 62.84 6.52
C THR L 996 39.44 63.38 7.12
N TYR L 997 40.38 62.48 7.46
CA TYR L 997 41.67 62.91 7.99
C TYR L 997 42.47 63.69 6.94
N VAL L 998 42.38 63.28 5.67
CA VAL L 998 43.01 64.04 4.60
C VAL L 998 42.37 65.42 4.49
N THR L 999 41.04 65.49 4.59
CA THR L 999 40.36 66.77 4.52
C THR L 999 40.75 67.67 5.69
N GLN L 1000 40.88 67.11 6.88
CA GLN L 1000 41.32 67.89 8.04
C GLN L 1000 42.76 68.36 7.87
N GLN L 1001 43.61 67.54 7.27
CA GLN L 1001 45.01 67.91 7.09
C GLN L 1001 45.18 68.99 6.03
N LEU L 1002 44.39 68.92 4.96
CA LEU L 1002 44.45 69.95 3.92
C LEU L 1002 43.97 71.29 4.45
N ILE L 1003 42.90 71.29 5.26
CA ILE L 1003 42.43 72.53 5.87
C ILE L 1003 43.44 73.05 6.87
N ARG L 1004 44.04 72.15 7.66
CA ARG L 1004 45.09 72.57 8.59
C ARG L 1004 46.30 73.13 7.86
N ALA L 1005 46.67 72.52 6.73
CA ALA L 1005 47.74 73.07 5.91
C ALA L 1005 47.32 74.39 5.26
N ALA L 1006 46.03 74.54 4.96
CA ALA L 1006 45.54 75.82 4.42
C ALA L 1006 45.61 76.92 5.46
N GLU L 1007 45.47 76.59 6.74
CA GLU L 1007 45.64 77.59 7.79
C GLU L 1007 47.12 77.90 8.01
N ILE L 1008 47.99 76.89 7.89
CA ILE L 1008 49.40 77.08 8.16
C ILE L 1008 50.06 77.92 7.07
N ARG L 1009 49.67 77.70 5.81
CA ARG L 1009 50.23 78.50 4.71
C ARG L 1009 49.87 79.97 4.85
N ALA L 1010 48.70 80.28 5.41
CA ALA L 1010 48.37 81.67 5.72
C ALA L 1010 49.22 82.18 6.88
N SER L 1011 49.46 81.34 7.88
CA SER L 1011 50.33 81.72 8.99
C SER L 1011 51.78 81.85 8.53
N ALA L 1012 52.23 80.95 7.64
CA ALA L 1012 53.58 81.04 7.11
C ALA L 1012 53.76 82.27 6.24
N ASN L 1013 52.74 82.61 5.43
CA ASN L 1013 52.80 83.83 4.64
C ASN L 1013 52.81 85.07 5.51
N LEU L 1014 52.02 85.07 6.59
CA LEU L 1014 52.02 86.19 7.51
C LEU L 1014 53.37 86.34 8.22
N ALA L 1015 53.96 85.21 8.63
CA ALA L 1015 55.26 85.27 9.28
C ALA L 1015 56.36 85.69 8.31
N ALA L 1016 56.28 85.23 7.06
CA ALA L 1016 57.27 85.63 6.06
C ALA L 1016 57.17 87.11 5.73
N THR L 1017 55.95 87.64 5.62
CA THR L 1017 55.78 89.06 5.33
C THR L 1017 56.15 89.92 6.54
N LYS L 1018 56.01 89.40 7.76
CA LYS L 1018 56.33 90.19 8.93
C LYS L 1018 57.83 90.47 9.04
N MET L 1019 58.65 89.43 8.93
CA MET L 1019 60.09 89.66 9.09
C MET L 1019 60.73 90.23 7.84
N SER L 1020 60.04 90.17 6.70
CA SER L 1020 60.49 90.93 5.54
C SER L 1020 60.29 92.42 5.74
N GLU L 1021 59.43 92.82 6.67
CA GLU L 1021 59.14 94.21 6.98
C GLU L 1021 59.64 94.63 8.36
N CYS L 1022 59.28 93.88 9.41
CA CYS L 1022 59.69 94.27 10.75
C CYS L 1022 61.18 93.98 10.99
N VAL L 1023 61.68 92.86 10.47
CA VAL L 1023 63.06 92.46 10.74
C VAL L 1023 64.01 93.01 9.70
N LEU L 1024 63.72 92.79 8.42
CA LEU L 1024 64.62 93.23 7.36
C LEU L 1024 64.36 94.68 6.98
N GLY L 1025 64.34 95.57 7.98
CA GLY L 1025 64.07 96.98 7.78
C GLY L 1025 63.08 97.48 8.81
N GLN L 1026 62.59 98.70 8.59
CA GLN L 1026 61.61 99.33 9.46
C GLN L 1026 60.28 99.44 8.72
N SER L 1027 59.22 98.94 9.34
CA SER L 1027 57.89 98.96 8.75
C SER L 1027 57.13 100.18 9.28
N LYS L 1028 56.59 100.99 8.37
CA LYS L 1028 55.79 102.14 8.74
C LYS L 1028 54.35 101.78 9.06
N ARG L 1029 53.96 100.51 8.89
CA ARG L 1029 52.61 100.08 9.21
C ARG L 1029 52.41 100.10 10.72
N VAL L 1030 51.50 100.94 11.18
CA VAL L 1030 51.24 101.11 12.61
C VAL L 1030 50.43 99.93 13.12
N ASP L 1031 50.77 99.46 14.34
CA ASP L 1031 50.11 98.34 14.99
C ASP L 1031 50.19 97.06 14.16
N PHE L 1032 51.31 96.88 13.46
CA PHE L 1032 51.59 95.67 12.70
C PHE L 1032 52.76 94.88 13.25
N CYS L 1033 53.82 95.56 13.69
CA CYS L 1033 54.99 94.91 14.26
C CYS L 1033 55.02 95.04 15.78
N GLY L 1034 53.85 95.07 16.41
CA GLY L 1034 53.72 95.26 17.83
C GLY L 1034 53.05 96.58 18.18
N LYS L 1035 52.63 96.67 19.44
CA LYS L 1035 51.95 97.88 19.92
C LYS L 1035 52.97 99.00 20.13
N GLY L 1036 52.71 100.14 19.49
CA GLY L 1036 53.62 101.28 19.56
C GLY L 1036 54.40 101.44 18.27
N TYR L 1037 55.28 102.45 18.28
CA TYR L 1037 56.12 102.72 17.12
C TYR L 1037 57.23 101.68 17.02
N HIS L 1038 57.21 100.90 15.95
CA HIS L 1038 58.14 99.79 15.80
C HIS L 1038 59.54 100.29 15.49
N LEU L 1039 60.55 99.73 16.18
CA LEU L 1039 61.94 100.05 15.90
C LEU L 1039 62.70 98.82 15.39
N MET L 1040 62.81 97.78 16.21
CA MET L 1040 63.50 96.53 15.90
C MET L 1040 62.53 95.35 15.94
N SER L 1041 63.03 94.23 15.43
CA SER L 1041 62.37 92.94 15.59
C SER L 1041 63.44 91.87 15.44
N PHE L 1042 63.61 91.05 16.47
CA PHE L 1042 64.67 90.05 16.48
C PHE L 1042 64.08 88.66 16.33
N PRO L 1043 64.20 88.03 15.16
CA PRO L 1043 63.63 86.69 14.99
C PRO L 1043 64.50 85.63 15.65
N GLN L 1044 63.84 84.63 16.23
CA GLN L 1044 64.54 83.54 16.90
C GLN L 1044 63.90 82.21 16.50
N SER L 1045 64.72 81.17 16.48
CA SER L 1045 64.26 79.85 16.08
C SER L 1045 63.33 79.26 17.13
N ALA L 1046 62.27 78.61 16.67
CA ALA L 1046 61.31 77.93 17.52
C ALA L 1046 61.01 76.56 16.94
N PRO L 1047 60.67 75.58 17.79
CA PRO L 1047 60.28 74.25 17.29
C PRO L 1047 58.96 74.34 16.53
N HIS L 1048 59.02 74.04 15.23
CA HIS L 1048 57.86 74.08 14.34
C HIS L 1048 57.20 75.46 14.33
N GLY L 1049 58.02 76.50 14.31
CA GLY L 1049 57.49 77.85 14.30
C GLY L 1049 58.62 78.86 14.40
N VAL L 1050 58.22 80.13 14.56
CA VAL L 1050 59.17 81.22 14.74
C VAL L 1050 58.57 82.23 15.70
N VAL L 1051 59.43 82.92 16.45
CA VAL L 1051 59.02 83.97 17.36
C VAL L 1051 59.73 85.26 16.98
N PHE L 1052 59.13 86.37 17.36
CA PHE L 1052 59.67 87.69 17.03
C PHE L 1052 59.77 88.52 18.30
N LEU L 1053 60.97 89.06 18.55
CA LEU L 1053 61.19 89.95 19.69
C LEU L 1053 61.19 91.39 19.18
N HIS L 1054 59.99 91.92 19.00
CA HIS L 1054 59.84 93.28 18.51
C HIS L 1054 60.31 94.27 19.56
N VAL L 1055 60.90 95.37 19.11
CA VAL L 1055 61.28 96.48 19.98
C VAL L 1055 60.47 97.69 19.54
N THR L 1056 59.69 98.23 20.46
CA THR L 1056 58.76 99.32 20.17
C THR L 1056 59.19 100.58 20.90
N TYR L 1057 58.47 101.67 20.62
CA TYR L 1057 58.74 102.98 21.20
C TYR L 1057 57.42 103.55 21.71
N VAL L 1058 57.18 103.42 23.01
CA VAL L 1058 55.96 103.92 23.64
C VAL L 1058 56.36 105.02 24.63
N PRO L 1059 55.65 106.14 24.67
CA PRO L 1059 55.94 107.17 25.67
C PRO L 1059 55.39 106.78 27.04
N ALA L 1060 56.00 107.38 28.07
CA ALA L 1060 55.61 107.10 29.45
C ALA L 1060 55.02 108.32 30.15
N GLN L 1061 55.73 109.45 30.16
CA GLN L 1061 55.30 110.64 30.88
C GLN L 1061 54.80 111.68 29.90
N GLU L 1062 53.66 112.30 30.23
CA GLU L 1062 53.01 113.28 29.37
C GLU L 1062 52.75 114.56 30.16
N LYS L 1063 52.62 115.66 29.42
CA LYS L 1063 52.33 116.97 29.97
C LYS L 1063 51.17 117.60 29.20
N ASN L 1064 50.73 118.77 29.66
CA ASN L 1064 49.75 119.57 28.95
C ASN L 1064 50.32 120.95 28.62
N PHE L 1065 50.10 121.38 27.38
CA PHE L 1065 50.55 122.67 26.89
C PHE L 1065 49.46 123.30 26.05
N THR L 1066 49.49 124.63 25.97
CA THR L 1066 48.57 125.38 25.13
C THR L 1066 49.16 125.53 23.73
N THR L 1067 48.40 125.16 22.72
CA THR L 1067 48.88 125.10 21.35
C THR L 1067 48.11 126.07 20.46
N ALA L 1068 48.77 126.49 19.38
CA ALA L 1068 48.18 127.34 18.36
C ALA L 1068 48.67 126.88 16.99
N PRO L 1069 47.84 127.03 15.95
CA PRO L 1069 48.28 126.58 14.61
C PRO L 1069 49.32 127.50 13.99
N ALA L 1070 49.26 128.80 14.22
CA ALA L 1070 50.15 129.74 13.55
C ALA L 1070 50.52 130.87 14.52
N ILE L 1071 51.61 131.56 14.18
CA ILE L 1071 52.09 132.70 14.94
C ILE L 1071 51.99 133.94 14.07
N CYS L 1072 51.27 134.94 14.55
CA CYS L 1072 51.09 136.20 13.83
C CYS L 1072 52.17 137.18 14.28
N HIS L 1073 53.15 137.42 13.42
CA HIS L 1073 54.29 138.28 13.74
C HIS L 1073 54.11 139.69 13.17
N ASP L 1074 53.99 139.80 11.86
CA ASP L 1074 53.86 141.10 11.18
C ASP L 1074 52.79 141.03 10.10
N GLY L 1075 51.66 140.39 10.42
CA GLY L 1075 50.61 140.19 9.44
C GLY L 1075 50.77 138.94 8.60
N LYS L 1076 51.86 138.20 8.76
CA LYS L 1076 52.09 136.96 8.03
C LYS L 1076 52.05 135.80 9.02
N ALA L 1077 51.29 134.77 8.67
CA ALA L 1077 51.15 133.61 9.55
C ALA L 1077 52.35 132.69 9.41
N HIS L 1078 52.93 132.31 10.54
CA HIS L 1078 54.09 131.42 10.57
C HIS L 1078 53.64 130.00 10.90
N PHE L 1079 53.99 129.06 10.03
CA PHE L 1079 53.61 127.67 10.25
C PHE L 1079 54.85 126.80 10.49
N PRO L 1080 54.78 125.87 11.43
CA PRO L 1080 55.94 125.01 11.68
C PRO L 1080 56.17 124.03 10.53
N ARG L 1081 57.44 123.66 10.36
CA ARG L 1081 57.81 122.74 9.30
C ARG L 1081 57.60 121.29 9.73
N GLU L 1082 58.19 120.90 10.86
CA GLU L 1082 58.04 119.55 11.39
C GLU L 1082 57.50 119.50 12.81
N GLY L 1083 57.49 120.63 13.53
CA GLY L 1083 57.05 120.68 14.90
C GLY L 1083 55.64 121.23 15.04
N VAL L 1084 55.34 121.71 16.23
CA VAL L 1084 54.04 122.31 16.54
C VAL L 1084 54.24 123.32 17.67
N PHE L 1085 53.52 124.43 17.59
CA PHE L 1085 53.67 125.49 18.58
C PHE L 1085 53.05 125.09 19.90
N VAL L 1086 53.82 125.21 20.98
CA VAL L 1086 53.36 124.92 22.33
C VAL L 1086 53.82 126.04 23.26
N SER L 1087 53.11 126.18 24.38
CA SER L 1087 53.44 127.18 25.37
C SER L 1087 53.23 126.61 26.77
N ASN L 1088 54.02 127.09 27.72
CA ASN L 1088 53.92 126.70 29.12
C ASN L 1088 53.23 127.75 29.97
N GLY L 1089 52.57 128.72 29.34
CA GLY L 1089 51.83 129.72 30.08
C GLY L 1089 52.22 131.15 29.75
N THR L 1090 53.51 131.40 29.53
CA THR L 1090 54.00 132.74 29.23
C THR L 1090 54.65 132.83 27.85
N HIS L 1091 55.59 131.95 27.54
CA HIS L 1091 56.31 131.99 26.28
C HIS L 1091 55.97 130.78 25.42
N TRP L 1092 56.11 130.94 24.12
CA TRP L 1092 55.79 129.89 23.16
C TRP L 1092 57.06 129.23 22.63
N PHE L 1093 56.97 127.93 22.37
CA PHE L 1093 58.07 127.16 21.80
C PHE L 1093 57.51 126.24 20.73
N VAL L 1094 58.41 125.60 19.98
CA VAL L 1094 58.04 124.60 18.99
C VAL L 1094 58.75 123.30 19.34
N THR L 1095 57.99 122.20 19.35
CA THR L 1095 58.50 120.88 19.69
C THR L 1095 57.95 119.88 18.68
N GLN L 1096 58.68 118.78 18.51
CA GLN L 1096 58.21 117.70 17.66
C GLN L 1096 57.01 116.99 18.31
N ARG L 1097 56.22 116.33 17.47
CA ARG L 1097 54.97 115.72 17.94
C ARG L 1097 55.19 114.49 18.81
N ASN L 1098 56.41 113.96 18.90
CA ASN L 1098 56.67 112.75 19.67
C ASN L 1098 57.54 112.98 20.89
N PHE L 1099 58.21 114.13 21.01
CA PHE L 1099 59.06 114.40 22.15
C PHE L 1099 59.03 115.89 22.47
N TYR L 1100 59.28 116.22 23.73
CA TYR L 1100 59.28 117.60 24.20
C TYR L 1100 60.69 118.14 24.12
N GLU L 1101 60.98 118.90 23.05
CA GLU L 1101 62.27 119.55 22.86
C GLU L 1101 62.00 121.03 22.59
N PRO L 1102 61.95 121.84 23.64
CA PRO L 1102 61.60 123.26 23.45
C PRO L 1102 62.68 124.02 22.71
N GLN L 1103 62.27 124.77 21.69
CA GLN L 1103 63.17 125.56 20.86
C GLN L 1103 62.61 126.95 20.68
N ILE L 1104 63.51 127.91 20.45
CA ILE L 1104 63.09 129.29 20.20
C ILE L 1104 62.48 129.39 18.81
N ILE L 1105 61.39 130.14 18.71
CA ILE L 1105 60.69 130.33 17.44
C ILE L 1105 61.59 131.14 16.51
N THR L 1106 62.11 130.50 15.47
CA THR L 1106 63.06 131.12 14.55
C THR L 1106 62.51 131.06 13.13
N THR L 1107 63.34 131.48 12.17
CA THR L 1107 62.98 131.48 10.76
C THR L 1107 63.31 130.16 10.08
N ASP L 1108 64.33 129.44 10.56
CA ASP L 1108 64.75 128.20 9.93
C ASP L 1108 63.71 127.10 10.06
N ASN L 1109 62.96 127.08 11.15
CA ASN L 1109 61.99 126.03 11.43
C ASN L 1109 60.55 126.44 11.13
N THR L 1110 60.34 127.62 10.53
CA THR L 1110 59.00 128.10 10.23
C THR L 1110 58.96 128.66 8.82
N PHE L 1111 57.79 128.64 8.21
CA PHE L 1111 57.57 129.22 6.89
C PHE L 1111 56.30 130.05 6.90
N VAL L 1112 56.30 131.11 6.10
CA VAL L 1112 55.18 132.04 6.03
C VAL L 1112 54.35 131.73 4.79
N SER L 1113 53.05 132.01 4.88
CA SER L 1113 52.12 131.75 3.77
C SER L 1113 50.87 132.58 3.99
N GLY L 1114 50.57 133.47 3.04
CA GLY L 1114 49.31 134.18 3.07
C GLY L 1114 49.23 135.25 4.16
N ASN L 1115 48.00 135.67 4.43
CA ASN L 1115 47.71 136.71 5.39
C ASN L 1115 47.43 136.11 6.77
N CYS L 1116 47.57 136.95 7.80
CA CYS L 1116 47.33 136.51 9.17
C CYS L 1116 45.84 136.23 9.40
N ASP L 1117 44.97 137.06 8.84
CA ASP L 1117 43.53 136.97 9.11
C ASP L 1117 42.84 135.99 8.15
N VAL L 1118 43.35 134.77 8.06
CA VAL L 1118 42.74 133.72 7.26
C VAL L 1118 42.37 132.57 8.18
N VAL L 1119 43.11 132.43 9.28
CA VAL L 1119 42.92 131.34 10.22
C VAL L 1119 41.99 131.80 11.34
N ILE L 1120 41.04 130.95 11.71
CA ILE L 1120 40.04 131.31 12.70
C ILE L 1120 40.67 131.51 14.08
N GLY L 1121 41.70 130.72 14.41
CA GLY L 1121 42.37 130.86 15.69
C GLY L 1121 43.86 131.10 15.54
N ILE L 1122 44.36 132.18 16.13
CA ILE L 1122 45.77 132.54 16.03
C ILE L 1122 46.17 133.33 17.27
N VAL L 1123 47.47 133.39 17.53
CA VAL L 1123 48.01 134.12 18.67
C VAL L 1123 49.11 135.06 18.16
N ASN L 1124 49.40 136.07 18.97
CA ASN L 1124 50.40 137.08 18.64
C ASN L 1124 51.71 136.76 19.37
N ASN L 1125 52.81 136.77 18.63
CA ASN L 1125 54.13 136.55 19.20
C ASN L 1125 55.17 137.17 18.27
N THR L 1126 56.44 136.87 18.51
CA THR L 1126 57.53 137.40 17.72
C THR L 1126 58.46 136.27 17.29
N VAL L 1127 59.22 136.54 16.24
CA VAL L 1127 60.19 135.59 15.69
C VAL L 1127 61.59 136.06 16.07
N TYR L 1128 62.44 135.11 16.48
CA TYR L 1128 63.79 135.46 16.91
C TYR L 1128 64.61 136.07 15.79
N ASP L 1129 64.37 135.65 14.53
CA ASP L 1129 65.07 136.12 13.34
C ASP L 1129 66.58 135.97 13.50
N PRO L 1130 67.11 134.75 13.39
CA PRO L 1130 68.55 134.53 13.70
C PRO L 1130 69.50 135.07 12.65
N LEU L 1131 69.02 135.91 11.74
CA LEU L 1131 69.86 136.59 10.78
C LEU L 1131 70.09 138.06 11.11
N GLN L 1132 69.14 138.68 11.82
CA GLN L 1132 69.23 140.11 12.11
C GLN L 1132 70.41 140.50 13.01
N PRO L 1133 70.68 139.85 14.16
CA PRO L 1133 71.79 140.33 15.01
C PRO L 1133 73.17 140.11 14.40
N GLU L 1134 73.32 139.18 13.45
CA GLU L 1134 74.63 138.87 12.91
C GLU L 1134 75.12 139.92 11.91
N LEU L 1135 74.21 140.59 11.22
CA LEU L 1135 74.61 141.59 10.23
C LEU L 1135 75.06 142.91 10.86
N ASP L 1136 74.84 143.10 12.16
CA ASP L 1136 75.27 144.32 12.83
C ASP L 1136 76.78 144.37 12.98
N ASN M 21 -36.60 22.43 26.96
CA ASN M 21 -36.59 21.16 27.67
C ASN M 21 -35.17 20.62 27.84
N PHE M 22 -34.22 21.53 27.99
CA PHE M 22 -32.81 21.17 28.12
C PHE M 22 -32.43 21.20 29.60
N MET M 23 -31.89 20.09 30.10
CA MET M 23 -31.52 19.96 31.50
C MET M 23 -30.10 19.40 31.59
N LEU M 24 -29.47 19.63 32.73
CA LEU M 24 -28.12 19.16 33.00
C LEU M 24 -28.21 18.01 34.00
N THR M 25 -27.82 16.82 33.57
CA THR M 25 -27.85 15.63 34.41
C THR M 25 -26.54 15.54 35.20
N GLN M 26 -26.66 15.53 36.53
CA GLN M 26 -25.50 15.53 37.40
C GLN M 26 -25.65 14.41 38.42
N PRO M 27 -24.58 13.66 38.70
CA PRO M 27 -24.66 12.60 39.72
C PRO M 27 -24.92 13.18 41.10
N HIS M 28 -25.65 12.42 41.91
CA HIS M 28 -26.07 12.89 43.23
C HIS M 28 -24.93 12.81 44.23
N SER M 29 -24.39 11.62 44.44
CA SER M 29 -23.35 11.39 45.43
C SER M 29 -22.09 10.89 44.75
N VAL M 30 -20.98 11.59 44.99
CA VAL M 30 -19.67 11.20 44.50
C VAL M 30 -18.71 11.21 45.69
N SER M 31 -18.16 10.04 46.02
CA SER M 31 -17.42 9.85 47.27
C SER M 31 -16.14 9.09 46.99
N GLU M 32 -14.99 9.73 47.28
CA GLU M 32 -13.68 9.10 47.14
C GLU M 32 -12.80 9.53 48.30
N SER M 33 -11.76 8.75 48.55
CA SER M 33 -10.82 9.04 49.62
C SER M 33 -9.96 10.25 49.26
N PRO M 34 -9.51 11.02 50.26
CA PRO M 34 -8.64 12.16 49.98
C PRO M 34 -7.30 11.74 49.39
N GLY M 35 -6.75 12.61 48.56
CA GLY M 35 -5.46 12.39 47.94
C GLY M 35 -5.51 11.81 46.54
N LYS M 36 -6.67 11.36 46.08
CA LYS M 36 -6.82 10.76 44.76
C LYS M 36 -7.43 11.78 43.80
N THR M 37 -7.77 11.32 42.60
CA THR M 37 -8.40 12.15 41.59
C THR M 37 -9.82 11.65 41.31
N VAL M 38 -10.73 12.58 41.05
CA VAL M 38 -12.13 12.27 40.80
C VAL M 38 -12.58 12.94 39.51
N THR M 39 -13.72 12.48 38.99
CA THR M 39 -14.32 13.03 37.79
C THR M 39 -15.81 13.25 38.06
N ILE M 40 -16.27 14.48 37.84
CA ILE M 40 -17.67 14.85 38.05
C ILE M 40 -18.28 15.19 36.70
N SER M 41 -19.37 14.51 36.35
CA SER M 41 -20.00 14.66 35.05
C SER M 41 -21.18 15.64 35.11
N CYS M 42 -21.53 16.17 33.95
CA CYS M 42 -22.69 17.05 33.80
C CYS M 42 -23.23 16.85 32.40
N THR M 43 -24.26 16.01 32.28
CA THR M 43 -24.76 15.55 30.98
C THR M 43 -25.96 16.39 30.55
N GLY M 44 -25.91 16.89 29.32
CA GLY M 44 -27.04 17.60 28.75
C GLY M 44 -27.94 16.65 27.95
N SER M 45 -29.25 16.88 28.07
CA SER M 45 -30.21 15.96 27.46
C SER M 45 -30.40 16.25 25.98
N SER M 46 -30.90 17.44 25.65
CA SER M 46 -31.21 17.81 24.26
C SER M 46 -30.07 18.60 23.62
N GLY M 47 -29.72 19.74 24.20
CA GLY M 47 -28.66 20.56 23.63
C GLY M 47 -27.29 20.01 23.94
N SER M 48 -26.38 20.22 22.98
CA SER M 48 -25.00 19.77 23.16
C SER M 48 -24.26 20.65 24.15
N ILE M 49 -23.30 20.06 24.85
CA ILE M 49 -22.52 20.80 25.84
C ILE M 49 -21.62 21.82 25.17
N ALA M 50 -21.18 21.56 23.94
CA ALA M 50 -20.33 22.50 23.23
C ALA M 50 -21.10 23.70 22.69
N SER M 51 -22.43 23.68 22.75
CA SER M 51 -23.22 24.79 22.25
C SER M 51 -23.06 26.03 23.12
N ASN M 52 -23.04 25.85 24.45
CA ASN M 52 -23.01 26.96 25.38
C ASN M 52 -21.94 26.73 26.44
N TYR M 53 -21.52 27.81 27.07
CA TYR M 53 -20.53 27.74 28.13
C TYR M 53 -21.11 27.05 29.36
N VAL M 54 -20.26 26.32 30.07
CA VAL M 54 -20.65 25.57 31.27
C VAL M 54 -19.85 26.11 32.45
N GLN M 55 -20.56 26.47 33.52
CA GLN M 55 -19.96 27.06 34.70
C GLN M 55 -20.21 26.16 35.91
N TRP M 56 -19.15 25.87 36.65
CA TRP M 56 -19.23 25.05 37.84
C TRP M 56 -19.17 25.91 39.10
N TYR M 57 -19.90 25.50 40.12
CA TYR M 57 -20.01 26.26 41.36
C TYR M 57 -19.77 25.38 42.56
N GLN M 58 -19.00 25.88 43.52
CA GLN M 58 -18.68 25.17 44.76
C GLN M 58 -19.23 26.00 45.91
N GLN M 59 -20.19 25.45 46.65
CA GLN M 59 -20.94 26.18 47.66
C GLN M 59 -20.80 25.46 49.00
N ARG M 60 -20.33 26.20 50.01
CA ARG M 60 -20.32 25.69 51.37
C ARG M 60 -21.75 25.47 51.85
N PRO M 61 -21.97 24.51 52.75
CA PRO M 61 -23.30 24.39 53.38
C PRO M 61 -23.60 25.61 54.23
N GLY M 62 -24.75 26.23 53.99
CA GLY M 62 -25.12 27.45 54.68
C GLY M 62 -24.26 28.64 54.34
N SER M 63 -23.91 28.82 53.06
CA SER M 63 -23.10 29.94 52.63
C SER M 63 -23.37 30.22 51.16
N ALA M 64 -22.93 31.38 50.71
CA ALA M 64 -23.15 31.78 49.32
C ALA M 64 -22.28 30.94 48.40
N PRO M 65 -22.79 30.57 47.22
CA PRO M 65 -21.98 29.82 46.27
C PRO M 65 -20.83 30.65 45.70
N THR M 66 -19.77 29.95 45.30
CA THR M 66 -18.59 30.57 44.71
C THR M 66 -18.23 29.84 43.43
N THR M 67 -17.94 30.59 42.37
CA THR M 67 -17.57 30.00 41.09
C THR M 67 -16.20 29.36 41.19
N VAL M 68 -16.12 28.05 40.96
CA VAL M 68 -14.85 27.35 41.05
C VAL M 68 -14.12 27.29 39.70
N ILE M 69 -14.86 27.33 38.59
CA ILE M 69 -14.25 27.33 37.26
C ILE M 69 -15.30 27.83 36.28
N TYR M 70 -14.82 28.44 35.19
CA TYR M 70 -15.71 28.91 34.13
C TYR M 70 -14.91 28.99 32.83
N GLU M 71 -15.64 29.07 31.72
CA GLU M 71 -15.15 29.01 30.35
C GLU M 71 -14.54 27.66 29.99
N ASP M 72 -14.75 26.63 30.84
CA ASP M 72 -14.54 25.22 30.56
C ASP M 72 -13.07 24.79 30.48
N ASN M 73 -12.13 25.74 30.48
CA ASN M 73 -10.72 25.35 30.48
C ASN M 73 -9.82 26.25 31.32
N GLN M 74 -10.34 27.33 31.91
CA GLN M 74 -9.51 28.29 32.62
C GLN M 74 -10.04 28.49 34.03
N ARG M 75 -9.11 28.71 34.98
CA ARG M 75 -9.39 28.80 36.40
C ARG M 75 -9.40 30.25 36.85
N PRO M 76 -10.37 30.63 37.68
CA PRO M 76 -10.36 31.97 38.27
C PRO M 76 -9.22 32.14 39.25
N SER M 77 -8.80 33.39 39.41
CA SER M 77 -7.70 33.70 40.31
C SER M 77 -8.15 33.54 41.76
N GLY M 78 -7.55 32.58 42.46
CA GLY M 78 -7.90 32.31 43.84
C GLY M 78 -8.05 30.84 44.15
N VAL M 79 -8.52 30.07 43.17
CA VAL M 79 -8.69 28.63 43.32
C VAL M 79 -7.38 27.94 42.94
N PRO M 80 -7.09 26.76 43.48
CA PRO M 80 -5.86 26.06 43.10
C PRO M 80 -5.93 25.51 41.69
N ASP M 81 -4.80 24.99 41.24
CA ASP M 81 -4.67 24.41 39.90
C ASP M 81 -5.30 23.02 39.80
N ARG M 82 -5.74 22.45 40.92
CA ARG M 82 -6.31 21.11 40.91
C ARG M 82 -7.69 21.05 40.26
N PHE M 83 -8.39 22.16 40.17
CA PHE M 83 -9.72 22.19 39.56
C PHE M 83 -9.56 22.30 38.04
N SER M 84 -9.85 21.22 37.32
CA SER M 84 -9.73 21.18 35.88
C SER M 84 -11.04 20.68 35.26
N GLY M 85 -11.47 21.33 34.19
CA GLY M 85 -12.67 20.95 33.48
C GLY M 85 -12.35 20.52 32.06
N SER M 86 -13.03 19.49 31.58
CA SER M 86 -12.86 18.97 30.23
C SER M 86 -14.21 18.80 29.57
N ILE M 87 -14.22 18.96 28.25
CA ILE M 87 -15.44 18.89 27.45
C ILE M 87 -15.26 17.86 26.36
N ASP M 88 -16.16 16.87 26.31
CA ASP M 88 -16.24 15.90 25.23
C ASP M 88 -17.65 15.92 24.61
N SER M 89 -17.79 16.64 23.50
CA SER M 89 -19.10 16.88 22.90
C SER M 89 -19.71 15.63 22.27
N SER M 90 -18.95 14.55 22.12
CA SER M 90 -19.51 13.32 21.57
C SER M 90 -20.53 12.70 22.52
N SER M 91 -20.22 12.68 23.81
CA SER M 91 -21.11 12.10 24.81
C SER M 91 -22.03 13.11 25.47
N ASN M 92 -21.86 14.41 25.16
CA ASN M 92 -22.69 15.50 25.70
C ASN M 92 -22.68 15.52 27.22
N SER M 93 -21.52 15.28 27.82
CA SER M 93 -21.35 15.29 29.27
C SER M 93 -20.21 16.22 29.63
N ALA M 94 -20.51 17.26 30.41
CA ALA M 94 -19.48 18.19 30.86
C ALA M 94 -18.75 17.58 32.06
N SER M 95 -17.43 17.48 31.95
CA SER M 95 -16.62 16.80 32.95
C SER M 95 -15.77 17.79 33.72
N LEU M 96 -15.69 17.57 35.04
CA LEU M 96 -14.85 18.38 35.93
C LEU M 96 -13.94 17.44 36.69
N THR M 97 -12.65 17.47 36.36
CA THR M 97 -11.67 16.58 36.97
C THR M 97 -11.00 17.29 38.15
N ILE M 98 -11.11 16.70 39.33
CA ILE M 98 -10.57 17.25 40.56
C ILE M 98 -9.61 16.23 41.17
N SER M 99 -8.39 16.68 41.50
CA SER M 99 -7.36 15.80 42.02
C SER M 99 -6.81 16.36 43.33
N GLY M 100 -6.32 15.46 44.18
CA GLY M 100 -5.76 15.85 45.45
C GLY M 100 -6.81 16.36 46.42
N LEU M 101 -7.69 15.48 46.88
CA LEU M 101 -8.82 15.90 47.69
C LEU M 101 -8.38 16.30 49.09
N LYS M 102 -9.02 17.35 49.62
CA LYS M 102 -8.70 17.86 50.95
C LYS M 102 -9.96 17.98 51.78
N THR M 103 -9.84 18.59 52.97
CA THR M 103 -11.00 18.74 53.85
C THR M 103 -11.94 19.82 53.34
N GLU M 104 -11.39 20.95 52.87
CA GLU M 104 -12.20 22.09 52.45
C GLU M 104 -12.96 21.85 51.16
N ASP M 105 -12.68 20.76 50.44
CA ASP M 105 -13.36 20.46 49.19
C ASP M 105 -14.74 19.83 49.39
N GLU M 106 -15.12 19.54 50.63
CA GLU M 106 -16.41 18.91 50.92
C GLU M 106 -17.55 19.91 50.74
N ALA M 107 -18.17 19.92 49.57
CA ALA M 107 -19.22 20.87 49.27
C ALA M 107 -20.07 20.33 48.12
N ASP M 108 -21.12 21.08 47.78
CA ASP M 108 -21.96 20.76 46.64
C ASP M 108 -21.36 21.33 45.36
N TYR M 109 -21.60 20.63 44.26
CA TYR M 109 -21.10 21.04 42.95
C TYR M 109 -22.28 21.13 41.98
N TYR M 110 -22.46 22.30 41.38
CA TYR M 110 -23.53 22.53 40.41
C TYR M 110 -22.94 23.04 39.10
N CYS M 111 -23.45 22.54 37.99
CA CYS M 111 -23.05 22.99 36.67
C CYS M 111 -24.16 23.85 36.05
N GLN M 112 -23.76 24.85 35.29
CA GLN M 112 -24.66 25.83 34.72
C GLN M 112 -24.60 25.79 33.20
N SER M 113 -25.72 26.09 32.56
CA SER M 113 -25.77 26.25 31.11
C SER M 113 -26.63 27.48 30.81
N TYR M 114 -26.95 27.67 29.53
CA TYR M 114 -27.70 28.86 29.12
C TYR M 114 -28.91 28.49 28.27
N ASP M 115 -28.80 27.38 27.53
CA ASP M 115 -29.80 26.96 26.54
C ASP M 115 -30.10 28.08 25.55
N SER M 116 -31.25 28.71 25.70
CA SER M 116 -31.64 29.84 24.85
C SER M 116 -32.45 30.81 25.71
N SER M 117 -31.77 31.83 26.24
CA SER M 117 -32.38 32.86 27.10
C SER M 117 -33.03 32.26 28.34
N ASN M 118 -32.48 31.15 28.85
CA ASN M 118 -33.06 30.51 30.03
C ASN M 118 -31.96 29.71 30.72
N VAL M 119 -31.39 30.28 31.78
CA VAL M 119 -30.28 29.65 32.48
C VAL M 119 -30.76 28.39 33.17
N VAL M 120 -30.07 27.28 32.93
CA VAL M 120 -30.42 25.98 33.49
C VAL M 120 -29.23 25.48 34.31
N PHE M 121 -29.50 25.12 35.57
CA PHE M 121 -28.47 24.64 36.47
C PHE M 121 -28.44 23.11 36.47
N GLY M 122 -27.53 22.55 37.29
CA GLY M 122 -27.35 21.12 37.36
C GLY M 122 -28.04 20.50 38.58
N GLY M 123 -28.02 19.17 38.61
CA GLY M 123 -28.65 18.45 39.71
C GLY M 123 -27.96 18.66 41.04
N GLY M 124 -26.63 18.59 41.06
CA GLY M 124 -25.89 18.77 42.28
C GLY M 124 -25.08 17.55 42.69
N THR M 125 -23.76 17.70 42.76
CA THR M 125 -22.86 16.62 43.17
C THR M 125 -22.35 16.90 44.57
N LYS M 126 -22.52 15.93 45.47
CA LYS M 126 -22.08 16.04 46.85
C LYS M 126 -20.73 15.33 46.97
N LEU M 127 -19.68 16.10 47.23
CA LEU M 127 -18.35 15.54 47.41
C LEU M 127 -18.20 15.02 48.83
N THR M 128 -17.81 13.75 48.98
CA THR M 128 -17.72 13.13 50.32
C THR M 128 -16.42 12.33 50.44
N VAL M 129 -15.85 12.28 51.65
CA VAL M 129 -14.61 11.47 51.90
C VAL M 129 -14.96 9.99 51.76
N LEU M 130 -16.14 9.59 52.26
CA LEU M 130 -16.58 8.17 52.16
C LEU M 130 -16.14 7.60 50.81
N GLY M 138 -13.13 10.66 57.56
CA GLY M 138 -12.15 9.92 58.39
C GLY M 138 -12.83 9.25 59.58
N GLN M 139 -14.14 9.05 59.52
CA GLN M 139 -14.90 8.41 60.63
C GLN M 139 -14.29 8.82 61.98
N PRO M 140 -14.34 10.12 62.36
CA PRO M 140 -13.73 10.57 63.61
C PRO M 140 -14.53 10.03 64.80
N LYS M 141 -14.40 8.73 65.09
CA LYS M 141 -15.21 8.13 66.15
C LYS M 141 -14.84 8.72 67.51
N ALA M 142 -15.87 9.00 68.31
CA ALA M 142 -15.67 9.64 69.60
C ALA M 142 -16.74 9.17 70.58
N ALA M 143 -16.47 9.38 71.86
CA ALA M 143 -17.36 8.95 72.92
C ALA M 143 -18.47 9.96 73.14
N PRO M 144 -19.74 9.54 73.18
CA PRO M 144 -20.84 10.50 73.36
C PRO M 144 -20.97 11.02 74.78
N SER M 145 -20.22 12.08 75.09
CA SER M 145 -20.31 12.69 76.42
C SER M 145 -21.69 13.28 76.64
N VAL M 146 -22.30 12.92 77.77
CA VAL M 146 -23.68 13.31 78.09
C VAL M 146 -23.67 14.03 79.43
N THR M 147 -24.30 15.20 79.48
CA THR M 147 -24.48 15.97 80.70
C THR M 147 -25.96 16.25 80.91
N LEU M 148 -26.37 16.35 82.17
CA LEU M 148 -27.76 16.55 82.54
C LEU M 148 -27.90 17.74 83.46
N PHE M 149 -29.06 18.41 83.37
CA PHE M 149 -29.40 19.52 84.22
C PHE M 149 -30.82 19.34 84.75
N PRO M 150 -31.04 19.54 86.04
CA PRO M 150 -32.41 19.56 86.56
C PRO M 150 -33.10 20.86 86.16
N PRO M 151 -34.44 20.91 86.22
CA PRO M 151 -35.13 22.18 85.95
C PRO M 151 -34.73 23.25 86.95
N SER M 152 -34.58 24.47 86.44
CA SER M 152 -34.07 25.57 87.26
C SER M 152 -35.13 26.03 88.26
N SER M 153 -34.65 26.72 89.30
CA SER M 153 -35.57 27.30 90.28
C SER M 153 -36.39 28.42 89.67
N GLU M 154 -35.80 29.20 88.75
CA GLU M 154 -36.53 30.28 88.10
C GLU M 154 -37.65 29.76 87.20
N GLU M 155 -37.51 28.56 86.67
CA GLU M 155 -38.57 27.96 85.87
C GLU M 155 -39.74 27.52 86.74
N LEU M 156 -39.53 27.31 88.04
CA LEU M 156 -40.55 26.69 88.88
C LEU M 156 -41.71 27.62 89.14
N GLN M 157 -41.45 28.91 89.41
CA GLN M 157 -42.55 29.83 89.68
C GLN M 157 -43.32 30.22 88.43
N ALA M 158 -42.81 29.89 87.24
CA ALA M 158 -43.54 30.10 86.00
C ALA M 158 -44.43 28.92 85.65
N ASN M 159 -44.62 27.99 86.59
CA ASN M 159 -45.45 26.79 86.40
C ASN M 159 -44.97 25.96 85.22
N LYS M 160 -43.64 25.86 85.07
CA LYS M 160 -43.03 25.09 84.00
C LYS M 160 -41.87 24.29 84.56
N ALA M 161 -41.52 23.21 83.85
CA ALA M 161 -40.37 22.39 84.21
C ALA M 161 -39.92 21.65 82.95
N THR M 162 -38.62 21.64 82.70
CA THR M 162 -38.07 20.99 81.52
C THR M 162 -36.72 20.36 81.86
N LEU M 163 -36.59 19.07 81.55
CA LEU M 163 -35.34 18.35 81.72
C LEU M 163 -34.62 18.30 80.38
N VAL M 164 -33.35 18.69 80.36
CA VAL M 164 -32.57 18.81 79.14
C VAL M 164 -31.49 17.74 79.14
N CYS M 165 -31.49 16.91 78.09
CA CYS M 165 -30.47 15.90 77.87
C CYS M 165 -29.63 16.30 76.67
N LEU M 166 -28.31 16.26 76.83
CA LEU M 166 -27.38 16.77 75.83
C LEU M 166 -26.41 15.68 75.42
N ILE M 167 -26.26 15.49 74.11
CA ILE M 167 -25.29 14.56 73.54
C ILE M 167 -24.36 15.36 72.63
N SER M 168 -23.06 15.26 72.88
CA SER M 168 -22.10 16.05 72.12
C SER M 168 -20.82 15.26 71.94
N ASP M 169 -20.05 15.66 70.91
CA ASP M 169 -18.74 15.10 70.59
C ASP M 169 -18.82 13.59 70.35
N PHE M 170 -19.69 13.21 69.40
CA PHE M 170 -19.90 11.80 69.10
C PHE M 170 -19.94 11.60 67.59
N TYR M 171 -19.65 10.36 67.20
CA TYR M 171 -19.69 9.89 65.81
C TYR M 171 -19.89 8.38 65.83
N PRO M 172 -20.79 7.84 64.99
CA PRO M 172 -21.66 8.50 64.00
C PRO M 172 -22.85 9.21 64.63
N GLY M 173 -23.57 10.01 63.85
CA GLY M 173 -24.73 10.71 64.34
C GLY M 173 -26.00 9.86 64.33
N ALA M 174 -25.96 8.73 65.03
CA ALA M 174 -27.11 7.83 65.15
C ALA M 174 -27.26 7.49 66.64
N VAL M 175 -28.02 8.31 67.36
CA VAL M 175 -28.23 8.13 68.78
C VAL M 175 -29.73 8.07 69.06
N THR M 176 -30.09 7.33 70.09
CA THR M 176 -31.47 7.25 70.57
C THR M 176 -31.54 7.71 72.01
N VAL M 177 -32.67 8.31 72.38
CA VAL M 177 -32.87 8.87 73.71
C VAL M 177 -34.08 8.20 74.34
N ALA M 178 -34.02 7.96 75.64
CA ALA M 178 -35.11 7.33 76.37
C ALA M 178 -35.10 7.88 77.80
N TRP M 179 -36.02 8.79 78.09
CA TRP M 179 -36.13 9.35 79.43
C TRP M 179 -36.65 8.30 80.40
N LYS M 180 -36.24 8.42 81.66
CA LYS M 180 -36.64 7.49 82.71
C LYS M 180 -37.09 8.26 83.93
N ALA M 181 -38.22 7.85 84.51
CA ALA M 181 -38.71 8.36 85.78
C ALA M 181 -38.47 7.25 86.81
N ASP M 182 -37.32 7.32 87.48
CA ASP M 182 -36.83 6.32 88.42
C ASP M 182 -36.60 4.99 87.71
N SER M 183 -37.67 4.31 87.31
CA SER M 183 -37.56 3.09 86.52
C SER M 183 -38.52 3.03 85.34
N SER M 184 -39.55 3.88 85.29
CA SER M 184 -40.54 3.86 84.21
C SER M 184 -40.09 4.78 83.08
N PRO M 185 -40.09 4.30 81.84
CA PRO M 185 -39.74 5.17 80.71
C PRO M 185 -40.78 6.26 80.50
N VAL M 186 -40.31 7.40 80.00
CA VAL M 186 -41.13 8.57 79.77
C VAL M 186 -41.13 8.88 78.28
N LYS M 187 -42.33 9.01 77.69
CA LYS M 187 -42.48 9.34 76.29
C LYS M 187 -43.25 10.62 76.03
N ALA M 188 -44.19 10.99 76.91
CA ALA M 188 -44.96 12.21 76.72
C ALA M 188 -44.09 13.43 77.02
N GLY M 189 -44.17 14.43 76.14
CA GLY M 189 -43.39 15.64 76.31
C GLY M 189 -41.93 15.52 75.93
N VAL M 190 -41.52 14.43 75.30
CA VAL M 190 -40.13 14.20 74.93
C VAL M 190 -39.88 14.84 73.57
N GLU M 191 -38.93 15.78 73.51
CA GLU M 191 -38.54 16.41 72.27
C GLU M 191 -37.03 16.30 72.13
N THR M 192 -36.57 15.78 71.00
CA THR M 192 -35.15 15.58 70.75
C THR M 192 -34.76 16.25 69.44
N THR M 193 -33.46 16.50 69.29
CA THR M 193 -32.91 17.16 68.12
C THR M 193 -32.07 16.19 67.31
N THR M 194 -32.10 16.34 65.99
CA THR M 194 -31.26 15.54 65.12
C THR M 194 -29.79 15.91 65.33
N PRO M 195 -28.87 14.96 65.16
CA PRO M 195 -27.44 15.28 65.30
C PRO M 195 -26.99 16.32 64.29
N SER M 196 -26.12 17.23 64.73
CA SER M 196 -25.60 18.30 63.91
C SER M 196 -24.09 18.38 64.06
N LYS M 197 -23.40 18.64 62.96
CA LYS M 197 -21.94 18.63 62.94
C LYS M 197 -21.38 19.77 63.79
N GLN M 198 -20.35 19.46 64.57
CA GLN M 198 -19.68 20.45 65.41
C GLN M 198 -18.49 21.04 64.65
N SER M 199 -17.70 21.88 65.34
CA SER M 199 -16.52 22.46 64.72
C SER M 199 -15.36 21.48 64.64
N ASN M 200 -15.33 20.48 65.53
CA ASN M 200 -14.25 19.50 65.59
C ASN M 200 -14.62 18.19 64.91
N ASN M 201 -15.40 18.25 63.83
CA ASN M 201 -15.80 17.13 62.99
C ASN M 201 -16.64 16.09 63.73
N LYS M 202 -17.14 16.41 64.91
CA LYS M 202 -18.02 15.52 65.66
C LYS M 202 -19.46 16.00 65.53
N TYR M 203 -20.37 15.34 66.23
CA TYR M 203 -21.79 15.68 66.19
C TYR M 203 -22.27 16.14 67.56
N ALA M 204 -23.38 16.87 67.56
CA ALA M 204 -24.01 17.36 68.77
C ALA M 204 -25.51 17.13 68.68
N ALA M 205 -26.13 16.85 69.83
CA ALA M 205 -27.56 16.56 69.87
C ALA M 205 -28.12 17.03 71.21
N SER M 206 -29.44 17.15 71.25
CA SER M 206 -30.14 17.59 72.45
C SER M 206 -31.44 16.83 72.60
N SER M 207 -31.95 16.80 73.83
CA SER M 207 -33.22 16.18 74.14
C SER M 207 -33.88 16.94 75.27
N TYR M 208 -35.17 17.25 75.12
CA TYR M 208 -35.90 18.05 76.09
C TYR M 208 -37.15 17.30 76.53
N LEU M 209 -37.45 17.38 77.83
CA LEU M 209 -38.60 16.71 78.42
C LEU M 209 -39.44 17.75 79.16
N SER M 210 -40.52 18.21 78.51
CA SER M 210 -41.45 19.11 79.17
C SER M 210 -42.21 18.38 80.27
N LEU M 211 -42.36 19.03 81.42
CA LEU M 211 -42.95 18.38 82.58
C LEU M 211 -43.60 19.44 83.47
N THR M 212 -44.55 18.99 84.28
CA THR M 212 -45.16 19.88 85.26
C THR M 212 -44.31 19.93 86.53
N PRO M 213 -44.35 21.04 87.27
CA PRO M 213 -43.59 21.10 88.54
C PRO M 213 -44.01 20.07 89.56
N GLU M 214 -45.30 19.68 89.58
CA GLU M 214 -45.74 18.67 90.53
C GLU M 214 -45.18 17.30 90.20
N GLN M 215 -45.08 16.96 88.91
CA GLN M 215 -44.53 15.67 88.51
C GLN M 215 -43.02 15.60 88.69
N TRP M 216 -42.34 16.75 88.72
CA TRP M 216 -40.89 16.75 88.94
C TRP M 216 -40.55 16.28 90.35
N LYS M 217 -41.34 16.69 91.34
CA LYS M 217 -41.12 16.27 92.73
C LYS M 217 -41.85 14.98 93.08
N SER M 218 -42.69 14.45 92.17
CA SER M 218 -43.41 13.22 92.47
C SER M 218 -42.47 12.02 92.46
N HIS M 219 -41.57 11.95 91.49
CA HIS M 219 -40.61 10.86 91.39
C HIS M 219 -39.34 11.21 92.16
N ARG M 220 -38.67 10.16 92.66
CA ARG M 220 -37.46 10.37 93.44
C ARG M 220 -36.32 10.90 92.57
N SER M 221 -36.17 10.36 91.36
CA SER M 221 -35.08 10.79 90.48
C SER M 221 -35.53 10.67 89.04
N TYR M 222 -34.89 11.46 88.18
CA TYR M 222 -35.10 11.43 86.74
C TYR M 222 -33.75 11.22 86.06
N SER M 223 -33.70 10.27 85.13
CA SER M 223 -32.46 9.92 84.46
C SER M 223 -32.69 9.85 82.95
N CYS M 224 -31.65 10.24 82.20
CA CYS M 224 -31.64 10.18 80.75
C CYS M 224 -30.59 9.17 80.30
N GLN M 225 -30.99 8.22 79.47
CA GLN M 225 -30.12 7.18 78.97
C GLN M 225 -29.88 7.39 77.48
N VAL M 226 -28.61 7.41 77.09
CA VAL M 226 -28.21 7.59 75.70
C VAL M 226 -27.48 6.34 75.23
N THR M 227 -28.00 5.71 74.18
CA THR M 227 -27.41 4.51 73.61
C THR M 227 -26.72 4.87 72.31
N HIS M 228 -25.44 4.51 72.20
CA HIS M 228 -24.65 4.84 71.01
C HIS M 228 -23.64 3.73 70.78
N GLU M 229 -23.73 3.07 69.61
CA GLU M 229 -22.86 1.97 69.22
C GLU M 229 -22.90 0.83 70.25
N GLY M 230 -24.08 0.56 70.79
CA GLY M 230 -24.27 -0.47 71.79
C GLY M 230 -24.03 -0.02 73.22
N SER M 231 -23.02 0.81 73.43
CA SER M 231 -22.72 1.31 74.77
C SER M 231 -23.78 2.31 75.21
N THR M 232 -24.02 2.35 76.52
CA THR M 232 -25.02 3.23 77.11
C THR M 232 -24.36 4.09 78.18
N VAL M 233 -24.57 5.40 78.08
CA VAL M 233 -24.07 6.36 79.07
C VAL M 233 -25.29 6.95 79.78
N GLU M 234 -25.34 6.78 81.11
CA GLU M 234 -26.49 7.17 81.89
C GLU M 234 -26.08 8.11 83.01
N LYS M 235 -26.80 9.22 83.14
CA LYS M 235 -26.67 10.14 84.26
C LYS M 235 -28.04 10.33 84.89
N THR M 236 -28.05 10.82 86.13
CA THR M 236 -29.29 11.02 86.85
C THR M 236 -29.26 12.35 87.58
N VAL M 237 -30.45 12.91 87.81
CA VAL M 237 -30.63 14.13 88.58
C VAL M 237 -31.77 13.90 89.58
N ALA M 238 -31.74 14.67 90.65
CA ALA M 238 -32.73 14.58 91.71
C ALA M 238 -33.13 15.98 92.15
N PRO M 239 -34.37 16.16 92.64
CA PRO M 239 -34.77 17.47 93.16
C PRO M 239 -34.09 17.79 94.48
N THR M 240 -33.11 18.71 94.43
CA THR M 240 -32.36 19.09 95.62
C THR M 240 -32.41 20.60 95.83
N GLN N 20 -13.90 47.23 46.51
CA GLN N 20 -14.69 46.45 45.55
C GLN N 20 -16.18 46.79 45.67
N VAL N 21 -17.02 45.79 45.42
CA VAL N 21 -18.47 45.96 45.48
C VAL N 21 -19.06 44.80 46.25
N GLN N 22 -20.22 45.03 46.87
CA GLN N 22 -20.90 44.01 47.65
C GLN N 22 -22.41 44.15 47.44
N LEU N 23 -23.13 43.07 47.70
CA LEU N 23 -24.57 43.01 47.51
C LEU N 23 -25.25 42.64 48.82
N GLN N 24 -26.30 43.38 49.16
CA GLN N 24 -27.05 43.16 50.40
C GLN N 24 -28.53 43.06 50.08
N GLU N 25 -29.15 41.99 50.57
CA GLU N 25 -30.58 41.79 50.40
C GLU N 25 -31.35 42.32 51.60
N SER N 26 -32.62 42.64 51.37
CA SER N 26 -33.50 43.13 52.43
C SER N 26 -34.89 42.55 52.19
N GLY N 27 -35.88 43.09 52.90
CA GLY N 27 -37.23 42.60 52.81
C GLY N 27 -37.52 41.55 53.86
N PRO N 28 -38.80 41.31 54.15
CA PRO N 28 -39.16 40.31 55.16
C PRO N 28 -38.82 38.89 54.70
N GLY N 29 -38.44 38.07 55.66
CA GLY N 29 -38.15 36.67 55.42
C GLY N 29 -39.32 35.74 55.53
N LEU N 30 -40.52 36.26 55.80
CA LEU N 30 -41.72 35.46 55.95
C LEU N 30 -42.80 35.97 55.01
N VAL N 31 -43.59 35.06 54.46
CA VAL N 31 -44.71 35.40 53.59
C VAL N 31 -45.76 34.32 53.70
N LYS N 32 -47.02 34.73 53.84
CA LYS N 32 -48.11 33.77 53.86
C LYS N 32 -48.42 33.29 52.45
N PRO N 33 -49.00 32.09 52.30
CA PRO N 33 -49.29 31.57 50.97
C PRO N 33 -50.30 32.43 50.22
N SER N 34 -50.17 32.40 48.88
CA SER N 34 -51.05 33.13 47.96
C SER N 34 -51.03 34.64 48.19
N GLU N 35 -49.82 35.18 48.40
CA GLU N 35 -49.64 36.62 48.47
C GLU N 35 -48.51 37.06 47.55
N THR N 36 -48.10 38.33 47.66
CA THR N 36 -47.03 38.89 46.85
C THR N 36 -45.75 38.99 47.66
N LEU N 37 -44.66 38.47 47.11
CA LEU N 37 -43.36 38.52 47.75
C LEU N 37 -42.65 39.82 47.36
N SER N 38 -41.90 40.38 48.31
CA SER N 38 -41.18 41.64 48.08
C SER N 38 -39.79 41.50 48.67
N LEU N 39 -38.82 41.17 47.81
CA LEU N 39 -37.41 41.08 48.19
C LEU N 39 -36.61 42.06 47.36
N THR N 40 -35.83 42.91 48.05
CA THR N 40 -35.03 43.94 47.41
C THR N 40 -33.56 43.67 47.68
N CYS N 41 -32.73 43.74 46.64
CA CYS N 41 -31.30 43.57 46.75
C CYS N 41 -30.61 44.90 46.46
N THR N 42 -29.78 45.35 47.39
CA THR N 42 -29.11 46.64 47.28
C THR N 42 -27.63 46.44 46.91
N VAL N 43 -27.08 47.42 46.20
CA VAL N 43 -25.71 47.38 45.74
C VAL N 43 -24.98 48.59 46.31
N SER N 44 -23.86 48.34 46.98
CA SER N 44 -23.02 49.40 47.54
C SER N 44 -21.59 49.20 47.04
N GLY N 45 -20.96 50.31 46.63
CA GLY N 45 -19.63 50.27 46.06
C GLY N 45 -19.59 50.24 44.55
N GLY N 46 -20.72 50.45 43.89
CA GLY N 46 -20.76 50.45 42.44
C GLY N 46 -22.04 51.11 41.96
N SER N 47 -22.20 51.13 40.64
CA SER N 47 -23.37 51.73 40.00
C SER N 47 -24.10 50.70 39.16
N VAL N 48 -25.43 50.73 39.23
CA VAL N 48 -26.25 49.77 38.51
C VAL N 48 -26.16 50.02 37.00
N SER N 49 -26.30 51.28 36.58
CA SER N 49 -26.39 51.58 35.17
C SER N 49 -25.05 51.47 34.46
N SER N 50 -23.95 51.83 35.13
CA SER N 50 -22.66 51.87 34.46
C SER N 50 -22.13 50.47 34.19
N GLY N 51 -21.33 50.36 33.12
CA GLY N 51 -20.70 49.11 32.75
C GLY N 51 -21.54 48.20 31.88
N GLY N 52 -22.78 48.56 31.57
CA GLY N 52 -23.66 47.71 30.80
C GLY N 52 -23.93 46.40 31.52
N TYR N 53 -24.29 46.48 32.79
CA TYR N 53 -24.28 45.34 33.68
C TYR N 53 -25.68 44.74 33.83
N PHE N 54 -25.74 43.42 33.92
CA PHE N 54 -26.98 42.69 34.10
C PHE N 54 -27.21 42.37 35.57
N TRP N 55 -28.45 41.99 35.90
CA TRP N 55 -28.81 41.61 37.26
C TRP N 55 -29.78 40.43 37.21
N SER N 56 -29.64 39.51 38.16
CA SER N 56 -30.44 38.30 38.15
C SER N 56 -30.68 37.83 39.58
N TRP N 57 -31.70 36.97 39.73
CA TRP N 57 -32.08 36.39 41.00
C TRP N 57 -32.02 34.87 40.92
N ILE N 58 -31.51 34.24 41.98
CA ILE N 58 -31.40 32.79 42.05
C ILE N 58 -31.87 32.33 43.42
N ARG N 59 -32.76 31.34 43.44
CA ARG N 59 -33.23 30.73 44.68
C ARG N 59 -32.68 29.30 44.79
N GLN N 60 -32.58 28.82 46.02
CA GLN N 60 -32.08 27.47 46.26
C GLN N 60 -32.82 26.84 47.44
N PRO N 61 -33.62 25.80 47.20
CA PRO N 61 -34.29 25.12 48.30
C PRO N 61 -33.29 24.40 49.18
N PRO N 62 -33.59 24.21 50.47
CA PRO N 62 -32.68 23.46 51.35
C PRO N 62 -32.61 22.00 50.94
N GLY N 63 -31.39 21.53 50.68
CA GLY N 63 -31.18 20.16 50.24
C GLY N 63 -31.40 19.93 48.76
N LYS N 64 -31.67 20.97 47.99
CA LYS N 64 -31.89 20.85 46.55
C LYS N 64 -30.92 21.73 45.80
N GLY N 65 -30.93 21.60 44.46
CA GLY N 65 -30.03 22.37 43.64
C GLY N 65 -30.48 23.79 43.42
N LEU N 66 -29.58 24.58 42.82
CA LEU N 66 -29.90 25.97 42.52
C LEU N 66 -30.92 26.07 41.39
N GLU N 67 -31.82 27.04 41.50
CA GLU N 67 -32.86 27.26 40.52
C GLU N 67 -32.78 28.71 40.04
N TRP N 68 -32.79 28.89 38.72
CA TRP N 68 -32.73 30.22 38.11
C TRP N 68 -34.14 30.79 37.99
N ILE N 69 -34.31 32.01 38.48
CA ILE N 69 -35.62 32.67 38.47
C ILE N 69 -35.73 33.55 37.24
N GLY N 70 -34.84 34.53 37.12
CA GLY N 70 -34.87 35.43 35.99
C GLY N 70 -33.68 36.37 36.03
N CYS N 71 -33.49 37.08 34.93
CA CYS N 71 -32.41 38.04 34.79
C CYS N 71 -32.96 39.34 34.20
N ILE N 72 -32.29 40.45 34.52
CA ILE N 72 -32.73 41.77 34.07
C ILE N 72 -31.52 42.61 33.68
N TYR N 73 -31.79 43.60 32.84
CA TYR N 73 -30.85 44.64 32.46
C TYR N 73 -31.23 45.93 33.18
N TYR N 74 -30.37 46.95 33.10
CA TYR N 74 -30.74 48.23 33.70
C TYR N 74 -31.81 48.94 32.86
N SER N 75 -32.02 48.52 31.62
CA SER N 75 -33.15 48.94 30.82
C SER N 75 -34.32 47.98 31.07
N GLY N 76 -35.34 48.04 30.22
CA GLY N 76 -36.51 47.22 30.38
C GLY N 76 -36.39 45.78 29.92
N SER N 77 -35.24 45.37 29.41
CA SER N 77 -35.07 44.00 28.95
C SER N 77 -35.05 43.03 30.13
N THR N 78 -35.76 41.91 29.97
CA THR N 78 -35.83 40.90 31.01
C THR N 78 -36.20 39.56 30.38
N ASN N 79 -35.93 38.49 31.14
CA ASN N 79 -36.30 37.14 30.75
C ASN N 79 -36.59 36.32 32.00
N TYR N 80 -37.48 35.34 31.85
CA TYR N 80 -37.95 34.56 32.98
C TYR N 80 -37.92 33.07 32.67
N ASN N 81 -37.80 32.27 33.71
CA ASN N 81 -37.90 30.82 33.60
C ASN N 81 -39.31 30.44 33.15
N PRO N 82 -39.46 29.57 32.14
CA PRO N 82 -40.82 29.14 31.75
C PRO N 82 -41.57 28.44 32.86
N SER N 83 -40.88 27.77 33.78
CA SER N 83 -41.54 27.21 34.94
C SER N 83 -42.06 28.29 35.87
N LEU N 84 -41.39 29.46 35.89
CA LEU N 84 -41.80 30.59 36.70
C LEU N 84 -42.34 31.74 35.86
N LYS N 85 -42.75 31.45 34.62
CA LYS N 85 -43.23 32.48 33.71
C LYS N 85 -44.57 33.04 34.19
N SER N 86 -44.79 34.32 33.90
CA SER N 86 -46.00 35.08 34.25
C SER N 86 -46.24 35.17 35.75
N ARG N 87 -45.18 34.95 36.54
CA ARG N 87 -45.25 35.11 37.99
C ARG N 87 -44.14 35.99 38.56
N VAL N 88 -43.12 36.32 37.78
CA VAL N 88 -41.96 37.08 38.26
C VAL N 88 -42.07 38.50 37.72
N THR N 89 -41.99 39.47 38.62
CA THR N 89 -42.00 40.89 38.27
C THR N 89 -40.80 41.55 38.93
N ILE N 90 -39.79 41.89 38.14
CA ILE N 90 -38.55 42.49 38.64
C ILE N 90 -38.39 43.86 38.02
N SER N 91 -38.08 44.85 38.86
CA SER N 91 -37.93 46.24 38.43
C SER N 91 -36.62 46.80 38.98
N VAL N 92 -36.06 47.76 38.25
CA VAL N 92 -34.79 48.39 38.60
C VAL N 92 -35.00 49.89 38.71
N ASP N 93 -34.61 50.46 39.85
CA ASP N 93 -34.58 51.91 40.03
C ASP N 93 -33.14 52.38 40.19
N THR N 94 -32.72 53.28 39.30
CA THR N 94 -31.33 53.75 39.29
C THR N 94 -31.06 54.77 40.40
N SER N 95 -32.09 55.50 40.83
CA SER N 95 -31.90 56.55 41.82
C SER N 95 -31.42 55.99 43.15
N LYS N 96 -32.01 54.89 43.59
CA LYS N 96 -31.59 54.25 44.84
C LYS N 96 -30.48 53.23 44.64
N ASP N 97 -30.14 52.93 43.38
CA ASP N 97 -29.08 51.97 43.02
C ASP N 97 -29.35 50.59 43.63
N GLN N 98 -30.48 50.02 43.23
CA GLN N 98 -30.88 48.69 43.69
C GLN N 98 -31.86 48.11 42.68
N PHE N 99 -32.18 46.83 42.87
CA PHE N 99 -33.16 46.13 42.06
C PHE N 99 -33.97 45.20 42.94
N SER N 100 -35.27 45.11 42.67
CA SER N 100 -36.20 44.36 43.49
C SER N 100 -36.98 43.38 42.63
N LEU N 101 -37.39 42.26 43.25
CA LEU N 101 -38.16 41.23 42.59
C LEU N 101 -39.49 41.04 43.32
N LYS N 102 -40.56 40.90 42.53
CA LYS N 102 -41.89 40.64 43.07
C LYS N 102 -42.40 39.31 42.54
N LEU N 103 -42.80 38.43 43.45
CA LEU N 103 -43.32 37.11 43.11
C LEU N 103 -44.79 37.04 43.49
N SER N 104 -45.60 36.49 42.59
CA SER N 104 -47.04 36.39 42.78
C SER N 104 -47.46 34.93 42.89
N SER N 105 -48.52 34.70 43.67
CA SER N 105 -49.08 33.36 43.91
C SER N 105 -48.04 32.41 44.49
N VAL N 106 -47.47 32.83 45.64
CA VAL N 106 -46.47 32.00 46.31
C VAL N 106 -47.15 30.83 46.99
N THR N 107 -46.47 29.68 46.98
CA THR N 107 -46.98 28.44 47.58
C THR N 107 -45.98 27.92 48.60
N ALA N 108 -46.36 26.81 49.24
CA ALA N 108 -45.49 26.20 50.25
C ALA N 108 -44.27 25.53 49.64
N ALA N 109 -44.29 25.26 48.34
CA ALA N 109 -43.14 24.67 47.66
C ALA N 109 -42.11 25.71 47.23
N ASP N 110 -42.36 26.98 47.47
CA ASP N 110 -41.45 28.05 47.10
C ASP N 110 -40.45 28.39 48.21
N THR N 111 -40.42 27.62 49.29
CA THR N 111 -39.50 27.86 50.40
C THR N 111 -38.08 27.56 49.93
N ALA N 112 -37.32 28.63 49.67
CA ALA N 112 -35.97 28.49 49.16
C ALA N 112 -35.12 29.65 49.66
N VAL N 113 -33.81 29.45 49.65
CA VAL N 113 -32.87 30.49 50.05
C VAL N 113 -32.60 31.37 48.83
N TYR N 114 -33.04 32.62 48.90
CA TYR N 114 -32.98 33.52 47.76
C TYR N 114 -31.66 34.27 47.74
N TYR N 115 -30.98 34.22 46.60
CA TYR N 115 -29.74 34.96 46.38
C TYR N 115 -29.95 35.93 45.23
N CYS N 116 -29.67 37.21 45.47
CA CYS N 116 -29.56 38.16 44.37
C CYS N 116 -28.17 38.01 43.76
N ALA N 117 -28.12 37.85 42.44
CA ALA N 117 -26.91 37.39 41.76
C ALA N 117 -26.30 38.53 40.97
N ARG N 118 -25.02 38.81 41.24
CA ARG N 118 -24.24 39.76 40.46
C ARG N 118 -23.51 39.00 39.36
N GLN N 119 -23.76 39.39 38.10
CA GLN N 119 -23.14 38.71 36.98
C GLN N 119 -23.04 39.64 35.79
N LEU N 120 -21.98 39.45 35.00
CA LEU N 120 -21.69 40.25 33.81
C LEU N 120 -22.10 39.54 32.52
N TRP N 121 -21.60 38.32 32.32
CA TRP N 121 -21.84 37.59 31.08
C TRP N 121 -23.12 36.76 31.24
N LEU N 122 -24.09 37.00 30.35
CA LEU N 122 -25.37 36.31 30.44
C LEU N 122 -25.22 34.82 30.24
N ARG N 123 -24.22 34.39 29.47
CA ARG N 123 -23.93 32.98 29.28
C ARG N 123 -22.80 32.50 30.17
N GLY N 124 -22.27 33.36 31.03
CA GLY N 124 -21.12 33.03 31.85
C GLY N 124 -21.44 32.67 33.28
N ARG N 125 -20.80 33.35 34.22
CA ARG N 125 -20.84 32.99 35.63
C ARG N 125 -21.34 34.15 36.49
N PHE N 126 -21.75 33.80 37.71
CA PHE N 126 -22.13 34.78 38.73
C PHE N 126 -20.91 34.95 39.64
N ASP N 127 -20.11 35.96 39.36
CA ASP N 127 -18.83 36.13 40.06
C ASP N 127 -19.04 36.50 41.53
N TYR N 128 -19.95 37.42 41.81
CA TYR N 128 -20.21 37.88 43.16
C TYR N 128 -21.59 37.44 43.60
N TRP N 129 -21.67 36.81 44.77
CA TRP N 129 -22.92 36.30 45.31
C TRP N 129 -23.24 37.02 46.62
N GLY N 130 -24.45 37.53 46.73
CA GLY N 130 -24.91 38.09 47.98
C GLY N 130 -25.27 37.01 48.99
N GLN N 131 -25.39 37.43 50.24
CA GLN N 131 -25.75 36.50 51.31
C GLN N 131 -27.19 36.02 51.13
N GLY N 132 -27.42 34.75 51.45
CA GLY N 132 -28.73 34.16 51.24
C GLY N 132 -29.72 34.42 52.35
N THR N 133 -30.85 35.05 52.01
CA THR N 133 -31.92 35.30 52.96
C THR N 133 -32.88 34.13 52.96
N LEU N 134 -33.25 33.67 54.16
CA LEU N 134 -34.15 32.54 54.31
C LEU N 134 -35.60 33.00 54.15
N VAL N 135 -36.31 32.43 53.19
CA VAL N 135 -37.71 32.74 52.93
C VAL N 135 -38.54 31.55 53.38
N THR N 136 -39.43 31.79 54.34
CA THR N 136 -40.28 30.74 54.92
C THR N 136 -41.73 31.04 54.57
N VAL N 137 -42.32 30.19 53.74
CA VAL N 137 -43.74 30.30 53.39
C VAL N 137 -44.49 29.41 54.36
N SER N 138 -44.86 29.98 55.50
CA SER N 138 -45.60 29.22 56.54
C SER N 138 -46.20 30.19 57.56
N SER N 139 -46.49 29.70 58.77
CA SER N 139 -47.05 30.57 59.85
C SER N 139 -46.35 30.25 61.17
N ALA N 140 -45.94 31.28 61.92
CA ALA N 140 -45.25 31.07 63.22
C ALA N 140 -45.81 32.05 64.26
N SER N 141 -45.97 31.58 65.50
CA SER N 141 -46.42 32.46 66.61
C SER N 141 -45.20 33.16 67.23
N THR N 142 -45.00 34.44 66.90
CA THR N 142 -43.81 35.19 67.40
C THR N 142 -44.09 35.72 68.80
N LYS N 143 -43.99 34.86 69.82
CA LYS N 143 -44.17 35.32 71.22
C LYS N 143 -42.78 35.40 71.87
N GLY N 144 -42.63 36.20 72.93
CA GLY N 144 -41.33 36.35 73.53
C GLY N 144 -40.78 35.04 74.07
N PRO N 145 -39.46 34.91 74.08
CA PRO N 145 -38.86 33.66 74.56
C PRO N 145 -38.80 33.60 76.08
N SER N 146 -38.67 32.37 76.57
CA SER N 146 -38.51 32.10 78.00
C SER N 146 -37.15 31.48 78.21
N VAL N 147 -36.27 32.20 78.91
CA VAL N 147 -34.90 31.78 79.13
C VAL N 147 -34.76 31.26 80.56
N PHE N 148 -34.24 30.04 80.69
CA PHE N 148 -34.05 29.40 81.99
C PHE N 148 -32.60 28.97 82.12
N PRO N 149 -31.98 29.22 83.29
CA PRO N 149 -30.59 28.79 83.48
C PRO N 149 -30.49 27.28 83.62
N LEU N 150 -29.29 26.78 83.30
CA LEU N 150 -28.95 25.36 83.47
C LEU N 150 -27.82 25.29 84.49
N ALA N 151 -28.19 25.07 85.74
CA ALA N 151 -27.22 25.10 86.83
C ALA N 151 -26.37 23.83 86.83
N PRO N 152 -25.05 23.93 86.72
CA PRO N 152 -24.21 22.74 86.81
C PRO N 152 -24.13 22.23 88.23
N SER N 153 -23.82 20.94 88.35
CA SER N 153 -23.71 20.29 89.65
C SER N 153 -22.64 19.20 89.57
N SER N 154 -22.57 18.37 90.61
CA SER N 154 -21.60 17.28 90.63
C SER N 154 -21.95 16.19 89.62
N LYS N 155 -23.25 15.97 89.39
CA LYS N 155 -23.68 14.97 88.41
C LYS N 155 -23.68 15.50 86.98
N SER N 156 -23.44 16.79 86.79
CA SER N 156 -23.40 17.39 85.46
C SER N 156 -22.01 17.44 84.86
N THR N 157 -21.00 16.92 85.54
CA THR N 157 -19.63 16.91 85.06
C THR N 157 -19.13 15.48 84.97
N SER N 158 -18.26 15.23 83.99
CA SER N 158 -17.66 13.92 83.75
C SER N 158 -16.16 14.12 83.55
N GLY N 159 -15.40 14.05 84.64
CA GLY N 159 -13.96 14.22 84.58
C GLY N 159 -13.50 15.58 85.04
N GLY N 160 -12.48 16.13 84.38
CA GLY N 160 -11.95 17.43 84.72
C GLY N 160 -12.65 18.62 84.11
N THR N 161 -13.71 18.39 83.34
CA THR N 161 -14.46 19.45 82.69
C THR N 161 -15.93 19.39 83.10
N ALA N 162 -16.60 20.53 83.01
CA ALA N 162 -18.00 20.66 83.38
C ALA N 162 -18.76 21.35 82.26
N ALA N 163 -20.08 21.23 82.31
CA ALA N 163 -20.95 21.81 81.29
C ALA N 163 -22.00 22.70 81.95
N LEU N 164 -22.33 23.79 81.27
CA LEU N 164 -23.36 24.71 81.73
C LEU N 164 -23.96 25.40 80.52
N GLY N 165 -25.17 25.92 80.69
CA GLY N 165 -25.85 26.55 79.58
C GLY N 165 -27.09 27.29 80.01
N CYS N 166 -27.92 27.62 79.03
CA CYS N 166 -29.17 28.34 79.25
C CYS N 166 -30.27 27.67 78.46
N LEU N 167 -31.30 27.21 79.15
CA LEU N 167 -32.47 26.66 78.46
C LEU N 167 -33.29 27.81 77.87
N VAL N 168 -33.60 27.70 76.58
CA VAL N 168 -34.23 28.78 75.84
C VAL N 168 -35.53 28.25 75.23
N LYS N 169 -36.56 29.11 75.22
CA LYS N 169 -37.84 28.76 74.65
C LYS N 169 -38.21 29.75 73.56
N ASP N 170 -37.27 29.97 72.63
CA ASP N 170 -37.53 30.82 71.48
C ASP N 170 -38.69 30.29 70.65
N TYR N 171 -39.55 31.21 70.19
CA TYR N 171 -40.75 30.87 69.45
C TYR N 171 -40.70 31.32 68.00
N PHE N 172 -39.49 31.55 67.47
CA PHE N 172 -39.29 31.86 66.07
C PHE N 172 -38.48 30.76 65.40
N PRO N 173 -38.72 30.48 64.12
CA PRO N 173 -38.00 29.38 63.46
C PRO N 173 -36.49 29.58 63.37
N GLU N 174 -35.99 30.80 63.49
CA GLU N 174 -34.56 31.02 63.43
C GLU N 174 -33.89 30.47 64.69
N PRO N 175 -32.67 29.95 64.56
CA PRO N 175 -31.89 29.58 65.75
C PRO N 175 -31.48 30.83 66.52
N VAL N 176 -32.03 30.98 67.73
CA VAL N 176 -31.85 32.22 68.49
C VAL N 176 -30.38 32.38 68.89
N THR N 177 -29.89 33.62 68.80
CA THR N 177 -28.50 33.92 69.08
C THR N 177 -28.28 33.95 70.59
N VAL N 178 -27.61 32.93 71.11
CA VAL N 178 -27.25 32.89 72.52
C VAL N 178 -25.74 33.07 72.64
N SER N 179 -25.30 34.32 72.81
CA SER N 179 -23.89 34.62 72.92
C SER N 179 -23.45 34.60 74.38
N TRP N 180 -22.24 34.10 74.61
CA TRP N 180 -21.71 33.94 75.96
C TRP N 180 -20.72 35.06 76.24
N ASN N 181 -20.99 35.81 77.32
CA ASN N 181 -20.16 36.95 77.75
C ASN N 181 -19.99 37.97 76.62
N SER N 182 -21.10 38.25 75.93
CA SER N 182 -21.13 39.16 74.78
C SER N 182 -20.14 38.74 73.69
N GLY N 183 -20.08 37.43 73.43
CA GLY N 183 -19.21 36.90 72.40
C GLY N 183 -17.77 36.67 72.83
N ALA N 184 -17.45 36.86 74.11
CA ALA N 184 -16.08 36.63 74.57
C ALA N 184 -15.74 35.14 74.57
N LEU N 185 -16.70 34.30 74.90
CA LEU N 185 -16.50 32.85 74.94
C LEU N 185 -17.06 32.23 73.67
N THR N 186 -16.18 31.61 72.88
CA THR N 186 -16.59 30.97 71.63
C THR N 186 -16.15 29.51 71.60
N SER N 187 -15.04 29.20 72.27
CA SER N 187 -14.54 27.83 72.31
C SER N 187 -15.43 26.98 73.21
N GLY N 188 -15.84 25.82 72.70
CA GLY N 188 -16.71 24.94 73.43
C GLY N 188 -18.18 25.30 73.41
N VAL N 189 -18.56 26.37 72.70
CA VAL N 189 -19.94 26.81 72.62
C VAL N 189 -20.62 26.06 71.48
N HIS N 190 -21.72 25.38 71.79
CA HIS N 190 -22.47 24.60 70.82
C HIS N 190 -23.88 25.16 70.71
N THR N 191 -24.29 25.49 69.48
CA THR N 191 -25.63 25.98 69.19
C THR N 191 -26.43 24.87 68.52
N PHE N 192 -27.61 24.57 69.07
CA PHE N 192 -28.38 23.46 68.54
C PHE N 192 -29.57 23.99 67.72
N PRO N 193 -29.93 23.28 66.64
CA PRO N 193 -31.10 23.69 65.86
C PRO N 193 -32.40 23.53 66.64
N ALA N 194 -33.36 24.39 66.32
CA ALA N 194 -34.65 24.36 66.98
C ALA N 194 -35.49 23.18 66.49
N VAL N 195 -36.35 22.68 67.37
CA VAL N 195 -37.29 21.62 67.05
C VAL N 195 -38.68 22.06 67.48
N LEU N 196 -39.69 21.59 66.74
CA LEU N 196 -41.06 21.91 67.07
C LEU N 196 -41.51 21.14 68.31
N GLN N 197 -42.19 21.83 69.22
CA GLN N 197 -42.68 21.20 70.43
C GLN N 197 -43.96 20.43 70.14
N SER N 198 -44.65 20.00 71.19
CA SER N 198 -45.89 19.25 71.01
C SER N 198 -47.01 20.12 70.46
N SER N 199 -46.99 21.42 70.75
CA SER N 199 -48.03 22.34 70.29
C SER N 199 -47.37 23.58 69.66
N GLY N 200 -47.01 23.48 68.40
CA GLY N 200 -46.61 24.64 67.62
C GLY N 200 -45.25 25.24 67.93
N LEU N 201 -45.01 25.56 69.20
CA LEU N 201 -43.87 26.37 69.60
C LEU N 201 -42.56 25.59 69.43
N TYR N 202 -41.45 26.31 69.62
CA TYR N 202 -40.11 25.77 69.43
C TYR N 202 -39.32 25.83 70.72
N SER N 203 -38.18 25.14 70.74
CA SER N 203 -37.29 25.13 71.89
C SER N 203 -35.91 24.69 71.45
N LEU N 204 -34.89 25.24 72.09
CA LEU N 204 -33.50 24.87 71.84
C LEU N 204 -32.68 25.24 73.08
N SER N 205 -31.37 25.03 72.98
CA SER N 205 -30.46 25.37 74.06
C SER N 205 -29.09 25.68 73.48
N SER N 206 -28.24 26.30 74.31
CA SER N 206 -26.86 26.59 73.96
C SER N 206 -26.01 26.42 75.19
N VAL N 207 -24.94 25.63 75.09
CA VAL N 207 -24.10 25.28 76.22
C VAL N 207 -22.63 25.51 75.88
N VAL N 208 -21.83 25.63 76.94
CA VAL N 208 -20.38 25.80 76.82
C VAL N 208 -19.71 24.89 77.84
N THR N 209 -18.61 24.25 77.42
CA THR N 209 -17.86 23.34 78.27
C THR N 209 -16.70 24.09 78.90
N VAL N 210 -16.65 24.10 80.23
CA VAL N 210 -15.62 24.82 80.98
C VAL N 210 -15.01 23.89 82.01
N PRO N 211 -13.77 24.11 82.44
CA PRO N 211 -13.22 23.30 83.53
C PRO N 211 -13.97 23.53 84.84
N SER N 212 -14.01 22.48 85.67
CA SER N 212 -14.74 22.54 86.92
C SER N 212 -14.10 23.47 87.94
N SER N 213 -12.83 23.82 87.76
CA SER N 213 -12.17 24.72 88.69
C SER N 213 -12.71 26.14 88.60
N SER N 214 -13.14 26.56 87.41
CA SER N 214 -13.65 27.90 87.18
C SER N 214 -15.17 27.99 87.35
N LEU N 215 -15.76 27.10 88.14
CA LEU N 215 -17.21 27.13 88.34
C LEU N 215 -17.62 28.25 89.30
N GLY N 216 -17.07 28.23 90.51
CA GLY N 216 -17.39 29.23 91.51
C GLY N 216 -16.55 30.48 91.47
N THR N 217 -15.62 30.60 90.52
CA THR N 217 -14.76 31.76 90.42
C THR N 217 -14.98 32.59 89.16
N GLN N 218 -15.67 32.04 88.16
CA GLN N 218 -15.93 32.74 86.91
C GLN N 218 -17.43 32.85 86.69
N THR N 219 -17.89 34.04 86.29
CA THR N 219 -19.29 34.30 86.03
C THR N 219 -19.58 34.12 84.56
N TYR N 220 -20.59 33.32 84.25
CA TYR N 220 -20.99 33.04 82.87
C TYR N 220 -22.40 33.57 82.65
N ILE N 221 -22.55 34.48 81.70
CA ILE N 221 -23.83 35.11 81.38
C ILE N 221 -24.13 34.86 79.91
N CYS N 222 -25.32 34.34 79.63
CA CYS N 222 -25.79 34.10 78.27
C CYS N 222 -26.68 35.26 77.82
N ASN N 223 -26.49 35.68 76.57
CA ASN N 223 -27.24 36.79 76.00
C ASN N 223 -28.16 36.27 74.91
N VAL N 224 -29.46 36.24 75.20
CA VAL N 224 -30.47 35.72 74.28
C VAL N 224 -31.16 36.91 73.61
N ASN N 225 -31.17 36.92 72.28
CA ASN N 225 -31.71 38.02 71.51
C ASN N 225 -32.75 37.49 70.53
N HIS N 226 -34.00 37.91 70.71
CA HIS N 226 -35.11 37.55 69.83
C HIS N 226 -35.51 38.81 69.06
N LYS N 227 -34.93 38.96 67.86
CA LYS N 227 -35.17 40.18 67.09
C LYS N 227 -36.62 40.36 66.64
N PRO N 228 -37.32 39.36 66.08
CA PRO N 228 -38.73 39.58 65.72
C PRO N 228 -39.63 39.94 66.89
N SER N 229 -39.38 39.39 68.08
CA SER N 229 -40.16 39.74 69.26
C SER N 229 -39.61 40.94 70.00
N ASN N 230 -38.43 41.44 69.60
CA ASN N 230 -37.77 42.59 70.22
C ASN N 230 -37.56 42.38 71.72
N THR N 231 -36.97 41.24 72.06
CA THR N 231 -36.72 40.87 73.45
C THR N 231 -35.26 40.43 73.59
N LYS N 232 -34.53 41.08 74.49
CA LYS N 232 -33.16 40.72 74.82
C LYS N 232 -33.12 40.32 76.29
N VAL N 233 -32.71 39.09 76.56
CA VAL N 233 -32.70 38.54 77.91
C VAL N 233 -31.27 38.10 78.24
N ASP N 234 -30.74 38.60 79.34
CA ASP N 234 -29.44 38.20 79.86
C ASP N 234 -29.66 37.38 81.13
N LYS N 235 -29.18 36.13 81.13
CA LYS N 235 -29.38 35.22 82.23
C LYS N 235 -28.02 34.72 82.73
N LYS N 236 -27.77 34.89 84.03
CA LYS N 236 -26.54 34.42 84.64
C LYS N 236 -26.64 32.93 84.96
N VAL N 237 -25.52 32.23 84.81
CA VAL N 237 -25.44 30.80 85.10
C VAL N 237 -24.58 30.62 86.34
N GLU N 238 -25.15 29.96 87.35
CA GLU N 238 -24.50 29.71 88.63
C GLU N 238 -24.66 28.25 88.98
N PRO N 239 -23.76 27.70 89.80
CA PRO N 239 -23.95 26.32 90.27
C PRO N 239 -25.20 26.19 91.12
N LYS N 240 -25.78 24.98 91.09
CA LYS N 240 -27.04 24.73 91.78
C LYS N 240 -26.88 24.84 93.29
N SER N 241 -27.83 25.52 93.92
CA SER N 241 -27.87 25.67 95.37
C SER N 241 -28.93 24.72 95.91
N CYS N 242 -28.50 23.76 96.73
CA CYS N 242 -29.43 22.78 97.29
C CYS N 242 -30.29 23.41 98.37
N ASP N 243 -31.60 23.20 98.29
CA ASP N 243 -32.53 23.74 99.26
C ASP N 243 -33.39 22.64 99.87
N ASN O 21 41.11 -15.31 24.65
CA ASN O 21 40.61 -16.29 23.68
C ASN O 21 39.77 -15.60 22.61
N PHE O 22 40.26 -14.47 22.11
CA PHE O 22 39.59 -13.71 21.07
C PHE O 22 40.39 -13.79 19.78
N MET O 23 39.74 -14.21 18.70
CA MET O 23 40.39 -14.36 17.41
C MET O 23 39.49 -13.81 16.32
N LEU O 24 40.11 -13.37 15.22
CA LEU O 24 39.41 -12.77 14.10
C LEU O 24 39.27 -13.80 12.99
N THR O 25 38.02 -14.10 12.61
CA THR O 25 37.73 -15.08 11.57
C THR O 25 37.73 -14.38 10.21
N GLN O 26 38.59 -14.83 9.31
CA GLN O 26 38.76 -14.21 8.01
C GLN O 26 38.70 -15.29 6.93
N PRO O 27 38.03 -15.02 5.81
CA PRO O 27 38.01 -15.99 4.71
C PRO O 27 39.41 -16.19 4.13
N HIS O 28 39.76 -17.47 3.92
CA HIS O 28 41.11 -17.78 3.46
C HIS O 28 41.30 -17.46 1.99
N SER O 29 40.29 -17.72 1.16
CA SER O 29 40.39 -17.56 -0.28
C SER O 29 39.22 -16.75 -0.79
N VAL O 30 39.50 -15.66 -1.48
CA VAL O 30 38.48 -14.80 -2.10
C VAL O 30 38.93 -14.50 -3.52
N SER O 31 38.07 -14.78 -4.50
CA SER O 31 38.36 -14.53 -5.90
C SER O 31 37.24 -13.71 -6.52
N GLU O 32 37.61 -12.76 -7.39
CA GLU O 32 36.64 -11.91 -8.05
C GLU O 32 37.23 -11.38 -9.35
N SER O 33 36.40 -11.26 -10.37
CA SER O 33 36.83 -10.72 -11.65
C SER O 33 37.12 -9.22 -11.52
N PRO O 34 38.02 -8.68 -12.34
CA PRO O 34 38.30 -7.25 -12.30
C PRO O 34 37.10 -6.41 -12.69
N GLY O 35 37.01 -5.22 -12.10
CA GLY O 35 35.94 -4.28 -12.39
C GLY O 35 34.68 -4.47 -11.58
N LYS O 36 34.61 -5.48 -10.71
CA LYS O 36 33.43 -5.77 -9.92
C LYS O 36 33.67 -5.36 -8.47
N THR O 37 32.67 -5.64 -7.63
CA THR O 37 32.70 -5.29 -6.21
C THR O 37 32.71 -6.56 -5.38
N VAL O 38 33.65 -6.63 -4.43
CA VAL O 38 33.78 -7.79 -3.55
C VAL O 38 33.88 -7.29 -2.11
N THR O 39 33.40 -8.13 -1.17
CA THR O 39 33.38 -7.79 0.24
C THR O 39 34.20 -8.81 1.01
N ILE O 40 35.15 -8.33 1.82
CA ILE O 40 35.99 -9.17 2.65
C ILE O 40 35.56 -8.98 4.11
N SER O 41 35.28 -10.07 4.79
CA SER O 41 34.76 -10.05 6.15
C SER O 41 35.86 -10.32 7.17
N CYS O 42 35.59 -9.95 8.42
CA CYS O 42 36.50 -10.22 9.54
C CYS O 42 35.64 -10.32 10.80
N THR O 43 35.36 -11.55 11.23
CA THR O 43 34.44 -11.82 12.31
C THR O 43 35.19 -12.11 13.60
N GLY O 44 34.79 -11.44 14.68
CA GLY O 44 35.35 -11.72 15.99
C GLY O 44 34.55 -12.77 16.73
N SER O 45 35.26 -13.59 17.51
CA SER O 45 34.63 -14.72 18.17
C SER O 45 33.93 -14.31 19.47
N SER O 46 34.72 -13.82 20.44
CA SER O 46 34.18 -13.47 21.75
C SER O 46 33.83 -11.99 21.86
N GLY O 47 34.81 -11.11 21.68
CA GLY O 47 34.56 -9.69 21.79
C GLY O 47 33.82 -9.14 20.59
N SER O 48 33.08 -8.06 20.83
CA SER O 48 32.34 -7.40 19.75
C SER O 48 33.32 -6.69 18.82
N ILE O 49 32.93 -6.60 17.54
CA ILE O 49 33.82 -6.02 16.54
C ILE O 49 33.90 -4.50 16.66
N ALA O 50 32.98 -3.88 17.38
CA ALA O 50 33.02 -2.44 17.62
C ALA O 50 33.73 -2.08 18.91
N SER O 51 34.25 -3.06 19.65
CA SER O 51 34.93 -2.78 20.91
C SER O 51 36.25 -2.06 20.67
N ASN O 52 37.04 -2.53 19.71
CA ASN O 52 38.36 -1.96 19.44
C ASN O 52 38.48 -1.65 17.95
N TYR O 53 39.44 -0.77 17.64
CA TYR O 53 39.67 -0.35 16.26
C TYR O 53 40.23 -1.52 15.44
N VAL O 54 39.81 -1.60 14.19
CA VAL O 54 40.22 -2.69 13.30
C VAL O 54 40.97 -2.09 12.12
N GLN O 55 42.15 -2.63 11.84
CA GLN O 55 43.03 -2.13 10.79
C GLN O 55 43.26 -3.22 9.75
N TRP O 56 43.13 -2.85 8.48
CA TRP O 56 43.35 -3.77 7.37
C TRP O 56 44.70 -3.51 6.73
N TYR O 57 45.45 -4.57 6.50
CA TYR O 57 46.79 -4.49 5.93
C TYR O 57 46.83 -5.25 4.62
N GLN O 58 47.34 -4.59 3.56
CA GLN O 58 47.50 -5.20 2.25
C GLN O 58 48.99 -5.40 2.02
N GLN O 59 49.43 -6.67 2.04
CA GLN O 59 50.83 -7.02 1.98
C GLN O 59 51.13 -7.73 0.67
N ARG O 60 52.04 -7.17 -0.11
CA ARG O 60 52.50 -7.83 -1.33
C ARG O 60 53.37 -9.04 -0.98
N PRO O 61 53.39 -10.06 -1.84
CA PRO O 61 54.29 -11.19 -1.60
C PRO O 61 55.76 -10.75 -1.69
N GLY O 62 56.53 -11.14 -0.68
CA GLY O 62 57.91 -10.72 -0.59
C GLY O 62 58.08 -9.23 -0.36
N SER O 63 57.20 -8.63 0.43
CA SER O 63 57.26 -7.20 0.71
C SER O 63 56.64 -6.93 2.07
N ALA O 64 56.97 -5.76 2.62
CA ALA O 64 56.43 -5.38 3.91
C ALA O 64 54.95 -5.01 3.79
N PRO O 65 54.14 -5.32 4.80
CA PRO O 65 52.72 -4.93 4.76
C PRO O 65 52.55 -3.41 4.79
N THR O 66 51.48 -2.95 4.15
CA THR O 66 51.16 -1.54 4.06
C THR O 66 49.72 -1.32 4.49
N THR O 67 49.50 -0.35 5.36
CA THR O 67 48.15 -0.07 5.85
C THR O 67 47.31 0.61 4.77
N VAL O 68 46.07 0.16 4.63
CA VAL O 68 45.16 0.71 3.63
C VAL O 68 43.91 1.33 4.23
N ILE O 69 43.65 1.17 5.53
CA ILE O 69 42.48 1.77 6.16
C ILE O 69 42.76 1.94 7.64
N TYR O 70 42.03 2.86 8.27
CA TYR O 70 42.17 3.14 9.70
C TYR O 70 40.86 3.71 10.20
N GLU O 71 40.58 3.47 11.49
CA GLU O 71 39.36 3.90 12.18
C GLU O 71 38.08 3.34 11.54
N ASP O 72 38.23 2.27 10.76
CA ASP O 72 37.15 1.47 10.17
C ASP O 72 36.39 2.20 9.06
N ASN O 73 36.65 3.49 8.87
CA ASN O 73 36.01 4.23 7.80
C ASN O 73 36.91 5.25 7.10
N GLN O 74 38.15 5.42 7.56
CA GLN O 74 39.02 6.48 7.05
C GLN O 74 40.17 5.88 6.27
N ARG O 75 40.36 6.37 5.04
CA ARG O 75 41.44 5.94 4.16
C ARG O 75 42.66 6.84 4.35
N PRO O 76 43.83 6.27 4.61
CA PRO O 76 45.03 7.11 4.74
C PRO O 76 45.43 7.72 3.41
N SER O 77 46.25 8.77 3.50
CA SER O 77 46.70 9.48 2.31
C SER O 77 47.62 8.61 1.48
N GLY O 78 47.18 8.30 0.25
CA GLY O 78 47.98 7.48 -0.65
C GLY O 78 47.20 6.34 -1.27
N VAL O 79 46.31 5.72 -0.51
CA VAL O 79 45.50 4.61 -1.00
C VAL O 79 44.33 5.17 -1.79
N PRO O 80 43.78 4.42 -2.76
CA PRO O 80 42.60 4.91 -3.48
C PRO O 80 41.36 4.89 -2.60
N ASP O 81 40.34 5.63 -3.06
CA ASP O 81 39.07 5.72 -2.34
C ASP O 81 38.26 4.43 -2.35
N ARG O 82 38.64 3.45 -3.18
CA ARG O 82 37.89 2.21 -3.26
C ARG O 82 38.01 1.36 -2.01
N PHE O 83 39.07 1.55 -1.22
CA PHE O 83 39.27 0.79 0.01
C PHE O 83 38.33 1.33 1.08
N SER O 84 37.07 0.92 1.00
CA SER O 84 36.02 1.36 1.91
C SER O 84 35.69 0.25 2.88
N GLY O 85 35.61 0.58 4.16
CA GLY O 85 35.32 -0.39 5.20
C GLY O 85 34.03 -0.06 5.92
N SER O 86 33.29 -1.10 6.30
CA SER O 86 32.04 -0.95 7.03
C SER O 86 32.04 -1.92 8.21
N ILE O 87 31.31 -1.55 9.26
CA ILE O 87 31.26 -2.31 10.50
C ILE O 87 29.85 -2.83 10.68
N ASP O 88 29.72 -4.16 10.76
CA ASP O 88 28.45 -4.82 11.08
C ASP O 88 28.61 -5.37 12.50
N SER O 89 28.30 -4.52 13.48
CA SER O 89 28.52 -4.88 14.88
C SER O 89 27.50 -5.88 15.39
N SER O 90 26.33 -5.96 14.76
CA SER O 90 25.32 -6.94 15.19
C SER O 90 25.80 -8.36 14.97
N SER O 91 26.47 -8.61 13.84
CA SER O 91 27.03 -9.93 13.54
C SER O 91 28.47 -10.07 14.01
N ASN O 92 29.02 -9.04 14.67
CA ASN O 92 30.40 -9.03 15.16
C ASN O 92 31.40 -9.27 14.04
N SER O 93 31.14 -8.69 12.87
CA SER O 93 31.95 -8.87 11.68
C SER O 93 32.40 -7.53 11.15
N ALA O 94 33.70 -7.42 10.83
CA ALA O 94 34.25 -6.24 10.19
C ALA O 94 34.34 -6.49 8.69
N SER O 95 33.80 -5.56 7.90
CA SER O 95 33.71 -5.72 6.46
C SER O 95 34.60 -4.70 5.76
N LEU O 96 35.27 -5.14 4.70
CA LEU O 96 36.09 -4.29 3.86
C LEU O 96 35.62 -4.45 2.42
N THR O 97 35.09 -3.38 1.84
CA THR O 97 34.52 -3.41 0.50
C THR O 97 35.56 -2.93 -0.51
N ILE O 98 35.77 -3.72 -1.56
CA ILE O 98 36.70 -3.40 -2.63
C ILE O 98 35.91 -3.24 -3.92
N SER O 99 36.08 -2.11 -4.60
CA SER O 99 35.40 -1.82 -5.85
C SER O 99 36.43 -1.53 -6.93
N GLY O 100 36.17 -2.03 -8.13
CA GLY O 100 37.11 -1.84 -9.22
C GLY O 100 38.40 -2.62 -9.04
N LEU O 101 38.30 -3.95 -9.11
CA LEU O 101 39.46 -4.81 -8.91
C LEU O 101 40.45 -4.62 -10.05
N LYS O 102 41.74 -4.57 -9.71
CA LYS O 102 42.80 -4.35 -10.68
C LYS O 102 43.87 -5.44 -10.51
N THR O 103 44.93 -5.32 -11.31
CA THR O 103 46.02 -6.30 -11.25
C THR O 103 46.83 -6.16 -9.98
N GLU O 104 47.14 -4.92 -9.58
CA GLU O 104 47.99 -4.68 -8.42
C GLU O 104 47.31 -4.98 -7.09
N ASP O 105 46.00 -5.24 -7.11
CA ASP O 105 45.27 -5.53 -5.88
C ASP O 105 45.50 -6.95 -5.36
N GLU O 106 46.21 -7.79 -6.11
CA GLU O 106 46.46 -9.17 -5.69
C GLU O 106 47.46 -9.20 -4.54
N ALA O 107 46.96 -9.22 -3.31
CA ALA O 107 47.82 -9.22 -2.13
C ALA O 107 47.05 -9.79 -0.95
N ASP O 108 47.79 -10.14 0.10
CA ASP O 108 47.20 -10.69 1.30
C ASP O 108 46.55 -9.59 2.13
N TYR O 109 45.36 -9.88 2.66
CA TYR O 109 44.61 -8.94 3.48
C TYR O 109 44.48 -9.51 4.89
N TYR O 110 44.89 -8.74 5.89
CA TYR O 110 44.79 -9.13 7.29
C TYR O 110 44.08 -8.03 8.08
N CYS O 111 43.21 -8.42 8.98
CA CYS O 111 42.52 -7.50 9.87
C CYS O 111 43.11 -7.59 11.27
N GLN O 112 43.19 -6.45 11.95
CA GLN O 112 43.86 -6.32 13.24
C GLN O 112 42.85 -6.01 14.33
N SER O 113 43.14 -6.46 15.55
CA SER O 113 42.38 -6.09 16.73
C SER O 113 43.34 -5.81 17.87
N TYR O 114 42.79 -5.47 19.04
CA TYR O 114 43.62 -5.14 20.19
C TYR O 114 43.20 -5.93 21.43
N ASP O 115 41.92 -6.34 21.47
CA ASP O 115 41.34 -7.07 22.58
C ASP O 115 41.55 -6.35 23.91
N SER O 116 42.48 -6.85 24.73
CA SER O 116 42.84 -6.23 26.01
C SER O 116 44.36 -6.37 26.15
N SER O 117 45.09 -5.35 25.68
CA SER O 117 46.56 -5.30 25.73
C SER O 117 47.20 -6.50 25.04
N ASN O 118 46.57 -7.00 23.96
CA ASN O 118 47.10 -8.16 23.23
C ASN O 118 46.59 -8.06 21.79
N VAL O 119 47.46 -7.58 20.90
CA VAL O 119 47.08 -7.39 19.50
C VAL O 119 46.86 -8.74 18.84
N VAL O 120 45.70 -8.90 18.21
CA VAL O 120 45.33 -10.14 17.53
C VAL O 120 45.07 -9.82 16.06
N PHE O 121 45.71 -10.56 15.17
CA PHE O 121 45.58 -10.36 13.73
C PHE O 121 44.56 -11.32 13.14
N GLY O 122 44.27 -11.13 11.85
CA GLY O 122 43.28 -11.94 11.18
C GLY O 122 43.87 -13.18 10.53
N GLY O 123 42.97 -14.03 10.03
CA GLY O 123 43.41 -15.26 9.38
C GLY O 123 44.15 -15.01 8.07
N GLY O 124 43.63 -14.11 7.25
CA GLY O 124 44.29 -13.79 5.99
C GLY O 124 43.45 -14.06 4.76
N THR O 125 43.20 -13.01 3.97
CA THR O 125 42.46 -13.11 2.72
C THR O 125 43.37 -12.72 1.58
N LYS O 126 43.52 -13.61 0.59
CA LYS O 126 44.31 -13.34 -0.59
C LYS O 126 43.38 -12.95 -1.74
N LEU O 127 43.59 -11.76 -2.29
CA LEU O 127 42.81 -11.29 -3.43
C LEU O 127 43.27 -12.00 -4.69
N THR O 128 42.36 -12.72 -5.33
CA THR O 128 42.66 -13.48 -6.54
C THR O 128 41.96 -12.83 -7.73
N VAL O 129 42.74 -12.55 -8.78
CA VAL O 129 42.21 -11.92 -9.98
C VAL O 129 41.43 -12.96 -10.79
N LEU O 130 40.40 -12.50 -11.50
CA LEU O 130 39.46 -13.34 -12.25
C LEU O 130 38.86 -14.45 -11.38
N GLY O 138 45.54 -16.55 -23.48
CA GLY O 138 46.45 -15.57 -22.90
C GLY O 138 47.71 -16.19 -22.33
N GLN O 139 47.57 -17.39 -21.77
CA GLN O 139 48.71 -18.10 -21.20
C GLN O 139 49.53 -18.75 -22.30
N PRO O 140 50.82 -18.40 -22.45
CA PRO O 140 51.61 -19.01 -23.52
C PRO O 140 52.03 -20.45 -23.23
N LYS O 141 51.51 -21.39 -24.01
CA LYS O 141 51.89 -22.79 -23.91
C LYS O 141 53.11 -23.04 -24.80
N ALA O 142 54.14 -23.66 -24.23
CA ALA O 142 55.38 -23.86 -24.95
C ALA O 142 56.03 -25.17 -24.52
N ALA O 143 56.91 -25.68 -25.39
CA ALA O 143 57.69 -26.88 -25.13
C ALA O 143 58.89 -26.55 -24.26
N PRO O 144 59.30 -27.47 -23.38
CA PRO O 144 60.41 -27.18 -22.47
C PRO O 144 61.76 -27.26 -23.17
N SER O 145 62.59 -26.24 -22.92
CA SER O 145 63.98 -26.28 -23.36
C SER O 145 64.78 -27.14 -22.40
N VAL O 146 65.50 -28.13 -22.95
CA VAL O 146 66.20 -29.13 -22.16
C VAL O 146 67.69 -28.93 -22.32
N THR O 147 68.40 -28.82 -21.20
CA THR O 147 69.85 -28.67 -21.17
C THR O 147 70.44 -29.67 -20.18
N LEU O 148 71.50 -30.34 -20.59
CA LEU O 148 72.19 -31.32 -19.75
C LEU O 148 73.62 -30.86 -19.48
N PHE O 149 74.07 -31.09 -18.25
CA PHE O 149 75.39 -30.66 -17.80
C PHE O 149 76.13 -31.84 -17.21
N PRO O 150 77.29 -32.20 -17.76
CA PRO O 150 78.09 -33.28 -17.17
C PRO O 150 78.74 -32.83 -15.87
N PRO O 151 79.14 -33.76 -15.01
CA PRO O 151 79.84 -33.38 -13.77
C PRO O 151 81.16 -32.70 -14.06
N SER O 152 81.52 -31.74 -13.21
CA SER O 152 82.73 -30.97 -13.38
C SER O 152 83.94 -31.73 -12.85
N SER O 153 85.12 -31.28 -13.30
CA SER O 153 86.37 -31.89 -12.83
C SER O 153 86.65 -31.54 -11.37
N GLU O 154 86.24 -30.35 -10.94
CA GLU O 154 86.42 -29.97 -9.54
C GLU O 154 85.56 -30.85 -8.62
N GLU O 155 84.34 -31.17 -9.05
CA GLU O 155 83.50 -32.07 -8.27
C GLU O 155 84.08 -33.49 -8.25
N LEU O 156 84.69 -33.91 -9.37
CA LEU O 156 85.31 -35.24 -9.41
C LEU O 156 86.49 -35.33 -8.46
N GLN O 157 87.25 -34.25 -8.31
CA GLN O 157 88.35 -34.22 -7.36
C GLN O 157 87.87 -34.27 -5.91
N ALA O 158 86.60 -33.91 -5.66
CA ALA O 158 86.00 -34.00 -4.35
C ALA O 158 85.28 -35.33 -4.11
N ASN O 159 85.55 -36.32 -4.97
CA ASN O 159 84.95 -37.67 -4.88
C ASN O 159 83.42 -37.60 -4.96
N LYS O 160 82.90 -36.70 -5.79
CA LYS O 160 81.48 -36.54 -5.99
C LYS O 160 81.19 -36.39 -7.48
N ALA O 161 79.94 -36.66 -7.84
CA ALA O 161 79.48 -36.49 -9.22
C ALA O 161 77.99 -36.20 -9.21
N THR O 162 77.56 -35.29 -10.08
CA THR O 162 76.16 -34.90 -10.15
C THR O 162 75.78 -34.62 -11.58
N LEU O 163 74.66 -35.18 -12.01
CA LEU O 163 74.09 -34.91 -13.33
C LEU O 163 72.88 -34.00 -13.16
N VAL O 164 72.89 -32.87 -13.87
CA VAL O 164 71.85 -31.83 -13.72
C VAL O 164 71.09 -31.73 -15.04
N CYS O 165 69.78 -31.91 -14.97
CA CYS O 165 68.90 -31.82 -16.13
C CYS O 165 67.97 -30.63 -15.94
N LEU O 166 67.87 -29.77 -16.95
CA LEU O 166 67.19 -28.49 -16.84
C LEU O 166 65.91 -28.51 -17.65
N ILE O 167 64.82 -28.04 -17.04
CA ILE O 167 63.52 -27.92 -17.68
C ILE O 167 63.04 -26.50 -17.50
N SER O 168 62.87 -25.77 -18.61
CA SER O 168 62.50 -24.36 -18.51
C SER O 168 61.62 -23.99 -19.70
N ASP O 169 60.85 -22.91 -19.50
CA ASP O 169 59.99 -22.31 -20.53
C ASP O 169 58.96 -23.32 -21.06
N PHE O 170 58.11 -23.79 -20.15
CA PHE O 170 57.12 -24.79 -20.50
C PHE O 170 55.79 -24.49 -19.84
N TYR O 171 54.72 -25.06 -20.42
CA TYR O 171 53.35 -24.99 -19.93
C TYR O 171 52.61 -26.18 -20.51
N PRO O 172 51.79 -26.90 -19.72
CA PRO O 172 51.49 -26.72 -18.29
C PRO O 172 52.59 -27.20 -17.36
N GLY O 173 52.54 -26.84 -16.09
CA GLY O 173 53.56 -27.24 -15.14
C GLY O 173 53.43 -28.67 -14.67
N ALA O 174 53.52 -29.62 -15.60
CA ALA O 174 53.43 -31.06 -15.29
C ALA O 174 54.42 -31.78 -16.21
N VAL O 175 55.63 -32.00 -15.70
CA VAL O 175 56.68 -32.69 -16.44
C VAL O 175 57.19 -33.86 -15.60
N THR O 176 57.51 -34.96 -16.27
CA THR O 176 58.09 -36.13 -15.62
C THR O 176 59.51 -36.33 -16.13
N VAL O 177 60.38 -36.82 -15.26
CA VAL O 177 61.79 -37.01 -15.57
C VAL O 177 62.15 -38.48 -15.38
N ALA O 178 63.07 -38.96 -16.22
CA ALA O 178 63.52 -40.35 -16.14
C ALA O 178 64.97 -40.40 -16.62
N TRP O 179 65.89 -40.50 -15.67
CA TRP O 179 67.30 -40.62 -16.01
C TRP O 179 67.59 -41.98 -16.63
N LYS O 180 68.57 -42.00 -17.53
CA LYS O 180 68.96 -43.22 -18.23
C LYS O 180 70.47 -43.38 -18.20
N ALA O 181 70.92 -44.60 -17.90
CA ALA O 181 72.32 -44.97 -18.00
C ALA O 181 72.45 -45.82 -19.26
N ASP O 182 72.81 -45.17 -20.37
CA ASP O 182 72.91 -45.77 -21.71
C ASP O 182 71.54 -46.27 -22.17
N SER O 183 71.05 -47.34 -21.54
CA SER O 183 69.71 -47.85 -21.83
C SER O 183 68.92 -48.22 -20.59
N SER O 184 69.54 -48.32 -19.43
CA SER O 184 68.85 -48.70 -18.19
C SER O 184 68.37 -47.46 -17.45
N PRO O 185 67.12 -47.42 -17.02
CA PRO O 185 66.64 -46.27 -16.25
C PRO O 185 67.31 -46.20 -14.88
N VAL O 186 67.46 -44.97 -14.39
CA VAL O 186 68.12 -44.69 -13.12
C VAL O 186 67.11 -44.04 -12.19
N LYS O 187 66.98 -44.59 -10.98
CA LYS O 187 66.10 -44.05 -9.96
C LYS O 187 66.79 -43.70 -8.66
N ALA O 188 67.90 -44.36 -8.33
CA ALA O 188 68.62 -44.06 -7.10
C ALA O 188 69.37 -42.74 -7.24
N GLY O 189 69.25 -41.88 -6.23
CA GLY O 189 69.90 -40.59 -6.24
C GLY O 189 69.25 -39.55 -7.11
N VAL O 190 68.05 -39.81 -7.63
CA VAL O 190 67.35 -38.88 -8.50
C VAL O 190 66.58 -37.89 -7.65
N GLU O 191 66.87 -36.60 -7.84
CA GLU O 191 66.16 -35.53 -7.15
C GLU O 191 65.64 -34.53 -8.19
N THR O 192 64.35 -34.24 -8.14
CA THR O 192 63.71 -33.35 -9.09
C THR O 192 63.00 -32.22 -8.34
N THR O 193 62.76 -31.12 -9.06
CA THR O 193 62.13 -29.94 -8.51
C THR O 193 60.74 -29.74 -9.10
N THR O 194 59.82 -29.27 -8.27
CA THR O 194 58.48 -28.95 -8.74
C THR O 194 58.53 -27.72 -9.65
N PRO O 195 57.65 -27.65 -10.65
CA PRO O 195 57.64 -26.49 -11.56
C PRO O 195 57.32 -25.19 -10.81
N SER O 196 58.00 -24.12 -11.21
CA SER O 196 57.81 -22.80 -10.63
C SER O 196 57.71 -21.77 -11.74
N LYS O 197 56.82 -20.80 -11.56
CA LYS O 197 56.53 -19.82 -12.61
C LYS O 197 57.72 -18.91 -12.85
N GLN O 198 57.99 -18.61 -14.12
CA GLN O 198 59.06 -17.72 -14.51
C GLN O 198 58.53 -16.29 -14.67
N SER O 199 59.41 -15.40 -15.14
CA SER O 199 59.01 -14.01 -15.36
C SER O 199 58.19 -13.84 -16.63
N ASN O 200 58.39 -14.72 -17.61
CA ASN O 200 57.68 -14.64 -18.89
C ASN O 200 56.47 -15.56 -18.93
N ASN O 201 55.80 -15.75 -17.79
CA ASN O 201 54.58 -16.54 -17.59
C ASN O 201 54.79 -18.03 -17.76
N LYS O 202 55.98 -18.49 -18.12
CA LYS O 202 56.25 -19.91 -18.30
C LYS O 202 56.72 -20.51 -16.96
N TYR O 203 57.11 -21.78 -16.98
CA TYR O 203 57.53 -22.48 -15.79
C TYR O 203 58.97 -22.98 -15.94
N ALA O 204 59.56 -23.34 -14.80
CA ALA O 204 60.94 -23.80 -14.76
C ALA O 204 61.05 -24.96 -13.76
N ALA O 205 61.97 -25.88 -14.04
CA ALA O 205 62.17 -27.05 -13.20
C ALA O 205 63.59 -27.57 -13.39
N SER O 206 64.00 -28.47 -12.50
CA SER O 206 65.32 -29.07 -12.58
C SER O 206 65.27 -30.49 -12.05
N SER O 207 66.26 -31.28 -12.47
CA SER O 207 66.43 -32.65 -12.01
C SER O 207 67.90 -32.89 -11.73
N TYR O 208 68.20 -33.47 -10.57
CA TYR O 208 69.57 -33.73 -10.16
C TYR O 208 69.77 -35.21 -9.89
N LEU O 209 70.88 -35.75 -10.40
CA LEU O 209 71.21 -37.17 -10.26
C LEU O 209 72.53 -37.28 -9.50
N SER O 210 72.46 -37.61 -8.23
CA SER O 210 73.67 -37.87 -7.45
C SER O 210 74.30 -39.18 -7.88
N LEU O 211 75.62 -39.17 -8.06
CA LEU O 211 76.32 -40.34 -8.56
C LEU O 211 77.74 -40.35 -8.01
N THR O 212 78.34 -41.54 -8.03
CA THR O 212 79.74 -41.72 -7.67
C THR O 212 80.64 -41.47 -8.88
N PRO O 213 81.89 -41.05 -8.66
CA PRO O 213 82.81 -40.88 -9.80
C PRO O 213 83.07 -42.18 -10.57
N GLU O 214 83.03 -43.32 -9.89
CA GLU O 214 83.24 -44.59 -10.59
C GLU O 214 82.05 -44.93 -11.48
N GLN O 215 80.84 -44.65 -11.02
CA GLN O 215 79.65 -44.97 -11.81
C GLN O 215 79.50 -44.04 -13.01
N TRP O 216 80.05 -42.83 -12.93
CA TRP O 216 79.97 -41.90 -14.06
C TRP O 216 80.76 -42.41 -15.26
N LYS O 217 81.95 -42.98 -15.02
CA LYS O 217 82.77 -43.53 -16.10
C LYS O 217 82.48 -44.99 -16.38
N SER O 218 81.65 -45.65 -15.57
CA SER O 218 81.33 -47.06 -15.81
C SER O 218 80.46 -47.21 -17.06
N HIS O 219 79.46 -46.35 -17.22
CA HIS O 219 78.59 -46.37 -18.38
C HIS O 219 79.17 -45.53 -19.50
N ARG O 220 78.85 -45.91 -20.73
CA ARG O 220 79.35 -45.19 -21.90
C ARG O 220 78.77 -43.79 -21.98
N SER O 221 77.48 -43.63 -21.70
CA SER O 221 76.82 -42.34 -21.79
C SER O 221 75.63 -42.30 -20.85
N TYR O 222 75.21 -41.07 -20.53
CA TYR O 222 74.03 -40.82 -19.70
C TYR O 222 73.10 -39.87 -20.44
N SER O 223 71.80 -39.97 -20.14
CA SER O 223 70.82 -39.14 -20.83
C SER O 223 69.67 -38.82 -19.89
N CYS O 224 69.05 -37.67 -20.13
CA CYS O 224 67.85 -37.24 -19.42
C CYS O 224 66.73 -37.05 -20.43
N GLN O 225 65.62 -37.77 -20.24
CA GLN O 225 64.48 -37.70 -21.13
C GLN O 225 63.39 -36.87 -20.46
N VAL O 226 63.22 -35.64 -20.92
CA VAL O 226 62.16 -34.76 -20.44
C VAL O 226 60.98 -34.91 -21.39
N THR O 227 59.86 -35.43 -20.88
CA THR O 227 58.66 -35.64 -21.68
C THR O 227 57.60 -34.66 -21.21
N HIS O 228 57.09 -33.86 -22.15
CA HIS O 228 56.07 -32.87 -21.86
C HIS O 228 55.12 -32.79 -23.04
N GLU O 229 53.83 -32.56 -22.73
CA GLU O 229 52.68 -32.66 -23.63
C GLU O 229 52.77 -33.85 -24.58
N GLY O 230 53.26 -34.98 -24.07
CA GLY O 230 53.45 -36.16 -24.90
C GLY O 230 54.77 -36.19 -25.64
N SER O 231 55.21 -35.04 -26.14
CA SER O 231 56.47 -34.96 -26.87
C SER O 231 57.65 -35.19 -25.93
N THR O 232 58.62 -35.99 -26.40
CA THR O 232 59.81 -36.32 -25.63
C THR O 232 61.00 -35.59 -26.22
N VAL O 233 61.68 -34.80 -25.39
CA VAL O 233 62.91 -34.11 -25.76
C VAL O 233 64.04 -34.72 -24.94
N GLU O 234 65.02 -35.30 -25.64
CA GLU O 234 66.09 -36.06 -25.00
C GLU O 234 67.44 -35.49 -25.39
N LYS O 235 68.29 -35.25 -24.39
CA LYS O 235 69.68 -34.90 -24.59
C LYS O 235 70.54 -35.99 -23.96
N THR O 236 71.82 -36.03 -24.36
CA THR O 236 72.75 -37.04 -23.86
C THR O 236 74.07 -36.38 -23.48
N VAL O 237 74.77 -37.01 -22.54
CA VAL O 237 76.09 -36.58 -22.11
C VAL O 237 77.03 -37.79 -22.13
N ALA O 238 78.31 -37.52 -22.27
CA ALA O 238 79.34 -38.55 -22.28
C ALA O 238 80.55 -38.06 -21.52
N PRO O 239 81.30 -38.96 -20.87
CA PRO O 239 82.52 -38.54 -20.19
C PRO O 239 83.64 -38.23 -21.18
N THR O 240 83.93 -36.93 -21.34
CA THR O 240 84.98 -36.51 -22.26
C THR O 240 86.04 -35.68 -21.54
N GLN P 20 61.96 11.78 6.51
CA GLN P 20 61.06 10.97 7.33
C GLN P 20 61.85 10.10 8.30
N VAL P 21 61.29 8.93 8.63
CA VAL P 21 61.92 8.00 9.54
C VAL P 21 61.94 6.62 8.87
N GLN P 22 62.92 5.81 9.26
CA GLN P 22 63.10 4.48 8.66
C GLN P 22 63.57 3.52 9.73
N LEU P 23 63.07 2.29 9.68
CA LEU P 23 63.46 1.23 10.61
C LEU P 23 64.14 0.12 9.82
N GLN P 24 65.34 -0.25 10.26
CA GLN P 24 66.14 -1.27 9.60
C GLN P 24 66.57 -2.32 10.61
N GLU P 25 66.35 -3.58 10.28
CA GLU P 25 66.73 -4.70 11.13
C GLU P 25 68.18 -5.08 10.90
N SER P 26 68.74 -5.82 11.85
CA SER P 26 70.09 -6.34 11.75
C SER P 26 70.14 -7.68 12.48
N GLY P 27 71.35 -8.20 12.68
CA GLY P 27 71.55 -9.47 13.33
C GLY P 27 71.55 -10.62 12.35
N PRO P 28 72.02 -11.78 12.79
CA PRO P 28 72.08 -12.94 11.91
C PRO P 28 70.68 -13.47 11.58
N GLY P 29 70.55 -14.02 10.37
CA GLY P 29 69.31 -14.61 9.93
C GLY P 29 69.12 -16.05 10.36
N LEU P 30 69.95 -16.56 11.26
CA LEU P 30 69.92 -17.94 11.69
C LEU P 30 69.95 -18.02 13.21
N VAL P 31 69.20 -18.97 13.76
CA VAL P 31 69.29 -19.32 15.18
C VAL P 31 69.09 -20.82 15.31
N LYS P 32 69.96 -21.46 16.08
CA LYS P 32 69.85 -22.89 16.31
C LYS P 32 68.71 -23.18 17.28
N PRO P 33 68.12 -24.37 17.23
CA PRO P 33 67.06 -24.72 18.18
C PRO P 33 67.59 -24.76 19.61
N SER P 34 66.70 -24.43 20.55
CA SER P 34 67.01 -24.36 21.98
C SER P 34 68.17 -23.40 22.25
N GLU P 35 68.20 -22.28 21.53
CA GLU P 35 69.23 -21.27 21.71
C GLU P 35 68.60 -19.90 21.90
N THR P 36 69.41 -18.85 21.90
CA THR P 36 68.96 -17.49 22.12
C THR P 36 69.02 -16.70 20.82
N LEU P 37 67.91 -16.04 20.48
CA LEU P 37 67.83 -15.19 19.30
C LEU P 37 68.18 -13.76 19.68
N SER P 38 68.88 -13.07 18.78
CA SER P 38 69.32 -11.70 19.01
C SER P 38 69.19 -10.91 17.71
N LEU P 39 68.06 -10.21 17.55
CA LEU P 39 67.82 -9.35 16.40
C LEU P 39 67.59 -7.92 16.87
N THR P 40 68.27 -6.97 16.25
CA THR P 40 68.17 -5.56 16.60
C THR P 40 67.63 -4.79 15.40
N CYS P 41 66.64 -3.93 15.66
CA CYS P 41 66.07 -3.04 14.65
C CYS P 41 66.55 -1.63 14.91
N THR P 42 67.34 -1.09 13.98
CA THR P 42 67.91 0.24 14.15
C THR P 42 67.01 1.30 13.55
N VAL P 43 67.18 2.53 14.04
CA VAL P 43 66.32 3.66 13.68
C VAL P 43 67.19 4.76 13.08
N SER P 44 66.76 5.31 11.96
CA SER P 44 67.42 6.43 11.32
C SER P 44 66.38 7.49 10.96
N GLY P 45 66.75 8.76 11.13
CA GLY P 45 65.84 9.85 10.83
C GLY P 45 64.88 10.21 11.94
N GLY P 46 65.04 9.65 13.13
CA GLY P 46 64.16 9.96 14.24
C GLY P 46 64.83 9.64 15.56
N SER P 47 64.09 9.91 16.64
CA SER P 47 64.56 9.67 17.99
C SER P 47 63.59 8.74 18.72
N VAL P 48 64.15 7.83 19.52
CA VAL P 48 63.34 6.83 20.20
C VAL P 48 62.45 7.46 21.26
N SER P 49 63.03 8.34 22.09
CA SER P 49 62.30 8.88 23.24
C SER P 49 61.27 9.93 22.83
N SER P 50 61.53 10.69 21.77
CA SER P 50 60.62 11.75 21.38
C SER P 50 59.49 11.21 20.52
N GLY P 51 58.33 11.87 20.62
CA GLY P 51 57.15 11.52 19.86
C GLY P 51 56.09 10.77 20.65
N GLY P 52 56.50 10.06 21.69
CA GLY P 52 55.54 9.32 22.52
C GLY P 52 54.84 8.19 21.80
N TYR P 53 55.55 7.46 20.95
CA TYR P 53 55.01 6.34 20.19
C TYR P 53 55.56 5.04 20.76
N PHE P 54 55.20 3.93 20.10
CA PHE P 54 55.49 2.60 20.61
C PHE P 54 56.21 1.78 19.55
N TRP P 55 57.00 0.81 20.03
CA TRP P 55 57.74 -0.12 19.18
C TRP P 55 57.15 -1.51 19.34
N SER P 56 56.95 -2.22 18.24
CA SER P 56 56.37 -3.55 18.26
C SER P 56 57.10 -4.45 17.28
N TRP P 57 57.18 -5.74 17.63
CA TRP P 57 57.74 -6.77 16.78
C TRP P 57 56.63 -7.68 16.30
N ILE P 58 56.59 -7.94 14.99
CA ILE P 58 55.56 -8.76 14.38
C ILE P 58 56.23 -9.76 13.44
N ARG P 59 55.86 -11.03 13.57
CA ARG P 59 56.41 -12.09 12.75
C ARG P 59 55.33 -12.65 11.81
N GLN P 60 55.79 -13.22 10.71
CA GLN P 60 54.88 -13.81 9.72
C GLN P 60 55.52 -15.04 9.10
N PRO P 61 55.00 -16.24 9.38
CA PRO P 61 55.52 -17.43 8.73
C PRO P 61 55.22 -17.43 7.25
N PRO P 62 56.04 -18.09 6.43
CA PRO P 62 55.76 -18.14 4.98
C PRO P 62 54.49 -18.92 4.70
N GLY P 63 53.55 -18.27 4.03
CA GLY P 63 52.26 -18.87 3.74
C GLY P 63 51.24 -18.78 4.86
N LYS P 64 51.57 -18.09 5.95
CA LYS P 64 50.67 -17.95 7.09
C LYS P 64 50.45 -16.47 7.39
N GLY P 65 49.50 -16.21 8.29
CA GLY P 65 49.16 -14.85 8.64
C GLY P 65 50.17 -14.20 9.58
N LEU P 66 50.01 -12.89 9.75
CA LEU P 66 50.86 -12.15 10.67
C LEU P 66 50.56 -12.54 12.12
N GLU P 67 51.61 -12.61 12.92
CA GLU P 67 51.50 -12.95 14.34
C GLU P 67 52.16 -11.84 15.16
N TRP P 68 51.45 -11.36 16.17
CA TRP P 68 51.96 -10.31 17.04
C TRP P 68 52.80 -10.93 18.16
N ILE P 69 54.01 -10.42 18.34
CA ILE P 69 54.93 -10.94 19.35
C ILE P 69 54.80 -10.12 20.63
N GLY P 70 55.07 -8.83 20.54
CA GLY P 70 54.98 -7.98 21.70
C GLY P 70 55.23 -6.54 21.31
N CYS P 71 54.99 -5.64 22.27
CA CYS P 71 55.18 -4.22 22.09
C CYS P 71 55.96 -3.66 23.27
N ILE P 72 56.66 -2.54 23.02
CA ILE P 72 57.44 -1.88 24.05
C ILE P 72 57.30 -0.36 23.93
N TYR P 73 57.52 0.32 25.04
CA TYR P 73 57.64 1.76 25.13
C TYR P 73 59.11 2.12 25.29
N TYR P 74 59.43 3.41 25.22
CA TYR P 74 60.82 3.77 25.49
C TYR P 74 61.13 3.74 26.98
N SER P 75 60.12 3.59 27.83
CA SER P 75 60.31 3.23 29.24
C SER P 75 60.26 1.71 29.35
N GLY P 76 60.12 1.21 30.58
CA GLY P 76 60.12 -0.22 30.83
C GLY P 76 58.81 -0.94 30.64
N SER P 77 57.80 -0.30 30.05
CA SER P 77 56.50 -0.92 29.87
C SER P 77 56.55 -1.95 28.75
N THR P 78 56.16 -3.20 29.06
CA THR P 78 56.15 -4.28 28.09
C THR P 78 54.85 -5.05 28.20
N ASN P 79 54.41 -5.59 27.05
CA ASN P 79 53.28 -6.51 26.99
C ASN P 79 53.58 -7.56 25.93
N TYR P 80 53.22 -8.82 26.24
CA TYR P 80 53.58 -9.95 25.40
C TYR P 80 52.36 -10.80 25.09
N ASN P 81 52.44 -11.52 23.97
CA ASN P 81 51.43 -12.48 23.59
C ASN P 81 51.38 -13.60 24.63
N PRO P 82 50.20 -13.97 25.14
CA PRO P 82 50.13 -15.12 26.07
C PRO P 82 50.61 -16.42 25.46
N SER P 83 50.49 -16.61 24.14
CA SER P 83 51.07 -17.78 23.50
C SER P 83 52.59 -17.71 23.47
N LEU P 84 53.15 -16.50 23.51
CA LEU P 84 54.59 -16.29 23.52
C LEU P 84 55.07 -15.72 24.87
N LYS P 85 54.28 -15.90 25.93
CA LYS P 85 54.63 -15.35 27.23
C LYS P 85 55.81 -16.12 27.83
N SER P 86 56.60 -15.41 28.66
CA SER P 86 57.76 -15.94 29.37
C SER P 86 58.86 -16.41 28.42
N ARG P 87 58.86 -15.93 27.17
CA ARG P 87 59.93 -16.22 26.23
C ARG P 87 60.41 -15.01 25.46
N VAL P 88 59.71 -13.88 25.52
CA VAL P 88 60.07 -12.68 24.77
C VAL P 88 60.73 -11.70 25.71
N THR P 89 61.95 -11.28 25.38
CA THR P 89 62.70 -10.30 26.15
C THR P 89 63.13 -9.18 25.21
N ILE P 90 62.54 -8.00 25.35
CA ILE P 90 62.81 -6.87 24.47
C ILE P 90 63.31 -5.71 25.33
N SER P 91 64.39 -5.08 24.89
CA SER P 91 65.01 -3.98 25.62
C SER P 91 65.28 -2.82 24.67
N VAL P 92 65.29 -1.61 25.21
CA VAL P 92 65.48 -0.38 24.45
C VAL P 92 66.68 0.37 25.01
N ASP P 93 67.63 0.71 24.14
CA ASP P 93 68.77 1.55 24.49
C ASP P 93 68.67 2.87 23.73
N THR P 94 68.51 3.96 24.47
CA THR P 94 68.31 5.27 23.85
C THR P 94 69.61 5.82 23.26
N SER P 95 70.75 5.46 23.85
CA SER P 95 72.03 5.98 23.39
C SER P 95 72.34 5.56 21.96
N LYS P 96 72.03 4.31 21.62
CA LYS P 96 72.27 3.78 20.28
C LYS P 96 71.09 4.00 19.33
N ASP P 97 69.98 4.56 19.83
CA ASP P 97 68.79 4.87 19.04
C ASP P 97 68.25 3.64 18.30
N GLN P 98 68.06 2.56 19.06
CA GLN P 98 67.58 1.31 18.49
C GLN P 98 66.89 0.52 19.61
N PHE P 99 66.39 -0.67 19.25
CA PHE P 99 65.76 -1.55 20.21
C PHE P 99 65.91 -2.99 19.71
N SER P 100 66.09 -3.92 20.65
CA SER P 100 66.40 -5.30 20.33
C SER P 100 65.44 -6.24 21.05
N LEU P 101 65.21 -7.39 20.43
CA LEU P 101 64.36 -8.44 20.99
C LEU P 101 65.17 -9.71 21.15
N LYS P 102 64.99 -10.37 22.30
CA LYS P 102 65.66 -11.63 22.59
C LYS P 102 64.61 -12.72 22.78
N LEU P 103 64.80 -13.84 22.09
CA LEU P 103 63.87 -14.97 22.13
C LEU P 103 64.59 -16.18 22.71
N SER P 104 63.90 -16.91 23.57
CA SER P 104 64.45 -18.08 24.24
C SER P 104 63.65 -19.32 23.88
N SER P 105 64.34 -20.46 23.82
CA SER P 105 63.75 -21.77 23.52
C SER P 105 63.03 -21.75 22.17
N VAL P 106 63.78 -21.39 21.13
CA VAL P 106 63.24 -21.36 19.78
C VAL P 106 63.21 -22.77 19.22
N THR P 107 62.19 -23.06 18.44
CA THR P 107 61.98 -24.38 17.84
C THR P 107 61.87 -24.25 16.33
N ALA P 108 61.68 -25.39 15.66
CA ALA P 108 61.58 -25.41 14.21
C ALA P 108 60.28 -24.79 13.71
N ALA P 109 59.30 -24.59 14.58
CA ALA P 109 58.04 -23.95 14.20
C ALA P 109 58.11 -22.43 14.26
N ASP P 110 59.25 -21.87 14.64
CA ASP P 110 59.43 -20.42 14.74
C ASP P 110 59.99 -19.80 13.48
N THR P 111 60.03 -20.54 12.38
CA THR P 111 60.51 -20.01 11.10
C THR P 111 59.51 -19.00 10.57
N ALA P 112 59.84 -17.72 10.67
CA ALA P 112 58.94 -16.66 10.24
C ALA P 112 59.77 -15.46 9.79
N VAL P 113 59.13 -14.61 8.99
CA VAL P 113 59.75 -13.37 8.54
C VAL P 113 59.45 -12.29 9.57
N TYR P 114 60.50 -11.69 10.12
CA TYR P 114 60.38 -10.79 11.26
C TYR P 114 60.37 -9.35 10.78
N TYR P 115 59.41 -8.57 11.28
CA TYR P 115 59.24 -7.17 10.93
C TYR P 115 59.26 -6.32 12.19
N CYS P 116 60.01 -5.22 12.14
CA CYS P 116 59.96 -4.20 13.18
C CYS P 116 59.21 -2.99 12.65
N ALA P 117 58.25 -2.49 13.43
CA ALA P 117 57.37 -1.41 12.99
C ALA P 117 57.07 -0.49 14.16
N ARG P 118 57.09 0.82 13.88
CA ARG P 118 56.72 1.80 14.88
C ARG P 118 55.21 1.82 15.05
N GLN P 119 54.72 1.46 16.23
CA GLN P 119 53.29 1.41 16.50
C GLN P 119 52.79 2.85 16.69
N LEU P 120 52.05 3.36 15.72
CA LEU P 120 51.60 4.75 15.77
C LEU P 120 50.56 4.95 16.87
N TRP P 121 49.62 4.02 17.00
CA TRP P 121 48.61 4.08 18.05
C TRP P 121 48.46 2.68 18.60
N LEU P 122 48.27 2.58 19.93
CA LEU P 122 48.37 1.29 20.61
C LEU P 122 47.36 0.29 20.07
N ARG P 123 46.13 0.71 19.87
CA ARG P 123 45.10 -0.13 19.27
C ARG P 123 44.94 0.11 17.78
N GLY P 124 45.85 0.88 17.18
CA GLY P 124 45.72 1.26 15.79
C GLY P 124 46.69 0.58 14.85
N ARG P 125 47.16 1.31 13.86
CA ARG P 125 47.96 0.76 12.79
C ARG P 125 49.45 1.06 12.98
N PHE P 126 50.26 0.25 12.33
CA PHE P 126 51.71 0.46 12.26
C PHE P 126 51.99 1.16 10.95
N ASP P 127 52.20 2.48 11.02
CA ASP P 127 52.25 3.30 9.81
C ASP P 127 53.43 2.94 8.92
N TYR P 128 54.59 2.67 9.51
CA TYR P 128 55.78 2.32 8.77
C TYR P 128 56.21 0.90 9.12
N TRP P 129 56.46 0.09 8.10
CA TRP P 129 56.93 -1.29 8.28
C TRP P 129 58.33 -1.41 7.70
N GLY P 130 59.25 -1.98 8.48
CA GLY P 130 60.57 -2.26 7.99
C GLY P 130 60.59 -3.48 7.08
N GLN P 131 61.70 -3.63 6.35
CA GLN P 131 61.86 -4.79 5.48
C GLN P 131 62.02 -6.06 6.31
N GLY P 132 61.48 -7.15 5.79
CA GLY P 132 61.44 -8.39 6.56
C GLY P 132 62.64 -9.29 6.39
N THR P 133 63.34 -9.55 7.49
CA THR P 133 64.45 -10.50 7.48
C THR P 133 63.92 -11.91 7.66
N LEU P 134 64.57 -12.86 7.00
CA LEU P 134 64.15 -14.26 7.01
C LEU P 134 64.94 -15.02 8.07
N VAL P 135 64.23 -15.77 8.91
CA VAL P 135 64.82 -16.55 9.99
C VAL P 135 64.44 -18.01 9.78
N THR P 136 65.44 -18.89 9.76
CA THR P 136 65.25 -20.32 9.56
C THR P 136 65.81 -21.08 10.75
N VAL P 137 65.02 -22.02 11.27
CA VAL P 137 65.41 -22.85 12.40
C VAL P 137 65.28 -24.31 11.99
N SER P 138 66.35 -25.09 12.22
CA SER P 138 66.34 -26.51 11.93
C SER P 138 67.36 -27.20 12.83
N SER P 139 67.05 -28.44 13.22
CA SER P 139 67.77 -29.13 14.28
C SER P 139 68.88 -30.01 13.70
N ALA P 140 69.93 -29.35 13.21
CA ALA P 140 71.15 -30.01 12.79
C ALA P 140 72.25 -28.97 12.66
N SER P 141 73.49 -29.45 12.65
CA SER P 141 74.63 -28.55 12.48
C SER P 141 74.70 -28.04 11.04
N THR P 142 75.02 -26.76 10.89
CA THR P 142 75.03 -26.14 9.57
C THR P 142 76.17 -26.66 8.72
N LYS P 143 75.87 -26.90 7.44
CA LYS P 143 76.82 -27.44 6.48
C LYS P 143 77.03 -26.43 5.37
N GLY P 144 78.29 -26.22 4.99
CA GLY P 144 78.62 -25.31 3.93
C GLY P 144 78.27 -25.87 2.56
N PRO P 145 77.95 -24.98 1.61
CA PRO P 145 77.61 -25.43 0.27
C PRO P 145 78.84 -25.82 -0.54
N SER P 146 78.62 -26.69 -1.51
CA SER P 146 79.66 -27.14 -2.42
C SER P 146 79.28 -26.66 -3.82
N VAL P 147 79.94 -25.61 -4.29
CA VAL P 147 79.63 -24.99 -5.58
C VAL P 147 80.50 -25.64 -6.64
N PHE P 148 79.86 -26.17 -7.69
CA PHE P 148 80.55 -26.80 -8.80
C PHE P 148 80.20 -26.12 -10.11
N PRO P 149 81.17 -25.90 -10.99
CA PRO P 149 80.86 -25.28 -12.28
C PRO P 149 80.06 -26.21 -13.17
N LEU P 150 79.25 -25.61 -14.04
CA LEU P 150 78.42 -26.34 -15.00
C LEU P 150 78.88 -25.90 -16.39
N ALA P 151 79.76 -26.68 -16.99
CA ALA P 151 80.42 -26.28 -18.23
C ALA P 151 79.49 -26.50 -19.41
N PRO P 152 79.19 -25.47 -20.20
CA PRO P 152 78.43 -25.68 -21.43
C PRO P 152 79.28 -26.33 -22.51
N SER P 153 78.61 -26.93 -23.48
CA SER P 153 79.26 -27.62 -24.59
C SER P 153 78.30 -27.65 -25.77
N SER P 154 78.64 -28.48 -26.77
CA SER P 154 77.78 -28.60 -27.95
C SER P 154 76.44 -29.24 -27.62
N LYS P 155 76.42 -30.17 -26.67
CA LYS P 155 75.18 -30.78 -26.21
C LYS P 155 74.36 -29.86 -25.32
N SER P 156 74.92 -28.73 -24.89
CA SER P 156 74.24 -27.81 -24.00
C SER P 156 73.48 -26.70 -24.73
N THR P 157 73.50 -26.68 -26.06
CA THR P 157 72.82 -25.66 -26.83
C THR P 157 71.79 -26.28 -27.76
N SER P 158 70.69 -25.57 -27.95
CA SER P 158 69.61 -25.98 -28.85
C SER P 158 69.28 -24.79 -29.74
N GLY P 159 69.98 -24.68 -30.87
CA GLY P 159 69.78 -23.57 -31.77
C GLY P 159 70.83 -22.50 -31.63
N GLY P 160 70.42 -21.24 -31.72
CA GLY P 160 71.33 -20.12 -31.60
C GLY P 160 71.68 -19.68 -30.20
N THR P 161 71.13 -20.34 -29.19
CA THR P 161 71.37 -19.98 -27.79
C THR P 161 71.84 -21.19 -27.02
N ALA P 162 72.65 -20.94 -25.99
CA ALA P 162 73.16 -21.98 -25.11
C ALA P 162 72.72 -21.69 -23.67
N ALA P 163 73.16 -22.54 -22.75
CA ALA P 163 72.83 -22.38 -21.34
C ALA P 163 74.03 -22.74 -20.49
N LEU P 164 74.13 -22.08 -19.34
CA LEU P 164 75.20 -22.32 -18.39
C LEU P 164 74.71 -21.93 -17.00
N GLY P 165 75.34 -22.50 -15.98
CA GLY P 165 74.91 -22.23 -14.63
C GLY P 165 75.93 -22.68 -13.61
N CYS P 166 75.47 -22.75 -12.36
CA CYS P 166 76.27 -23.24 -11.25
C CYS P 166 75.40 -24.14 -10.38
N LEU P 167 76.03 -25.14 -9.77
CA LEU P 167 75.34 -26.14 -8.96
C LEU P 167 75.63 -25.91 -7.49
N VAL P 168 74.58 -25.82 -6.68
CA VAL P 168 74.68 -25.70 -5.24
C VAL P 168 74.18 -27.02 -4.64
N LYS P 169 75.07 -27.77 -4.01
CA LYS P 169 74.76 -29.10 -3.52
C LYS P 169 75.27 -29.26 -2.10
N ASP P 170 74.49 -29.96 -1.27
CA ASP P 170 74.85 -30.33 0.10
C ASP P 170 75.11 -29.08 0.97
N TYR P 171 74.06 -28.29 1.11
CA TYR P 171 74.11 -27.09 1.94
C TYR P 171 73.00 -27.15 2.99
N PHE P 172 73.20 -26.42 4.08
CA PHE P 172 72.27 -26.45 5.20
C PHE P 172 72.37 -25.19 6.05
N PRO P 173 71.25 -24.50 6.33
CA PRO P 173 69.93 -24.64 5.73
C PRO P 173 69.58 -23.53 4.74
N GLU P 174 68.33 -23.48 4.31
CA GLU P 174 67.86 -22.47 3.38
C GLU P 174 67.91 -21.09 4.03
N PRO P 175 68.02 -20.01 3.23
CA PRO P 175 68.11 -19.95 1.76
C PRO P 175 69.51 -19.64 1.24
N VAL P 176 69.68 -19.77 -0.08
CA VAL P 176 70.89 -19.34 -0.77
C VAL P 176 70.48 -18.49 -1.97
N THR P 177 71.20 -17.39 -2.17
CA THR P 177 70.96 -16.52 -3.31
C THR P 177 72.17 -16.56 -4.24
N VAL P 178 71.91 -16.59 -5.55
CA VAL P 178 72.94 -16.66 -6.57
C VAL P 178 72.79 -15.44 -7.48
N SER P 179 73.89 -14.71 -7.66
CA SER P 179 73.92 -13.54 -8.54
C SER P 179 75.00 -13.74 -9.59
N TRP P 180 74.71 -13.29 -10.81
CA TRP P 180 75.61 -13.46 -11.94
C TRP P 180 76.30 -12.14 -12.25
N ASN P 181 77.64 -12.18 -12.29
CA ASN P 181 78.48 -11.00 -12.52
C ASN P 181 78.17 -9.88 -11.54
N SER P 182 78.04 -10.25 -10.26
CA SER P 182 77.70 -9.32 -9.17
C SER P 182 76.37 -8.60 -9.45
N GLY P 183 75.40 -9.33 -9.97
CA GLY P 183 74.09 -8.78 -10.26
C GLY P 183 73.96 -8.06 -11.57
N ALA P 184 75.02 -8.00 -12.38
CA ALA P 184 74.93 -7.31 -13.67
C ALA P 184 74.12 -8.10 -14.70
N LEU P 185 74.01 -9.41 -14.53
CA LEU P 185 73.26 -10.26 -15.46
C LEU P 185 71.99 -10.71 -14.75
N THR P 186 70.83 -10.28 -15.26
CA THR P 186 69.55 -10.62 -14.66
C THR P 186 68.62 -11.26 -15.69
N SER P 187 68.81 -10.91 -16.96
CA SER P 187 67.95 -11.46 -18.01
C SER P 187 68.31 -12.92 -18.27
N GLY P 188 67.29 -13.78 -18.25
CA GLY P 188 67.47 -15.19 -18.47
C GLY P 188 67.93 -15.97 -17.25
N VAL P 189 68.14 -15.31 -16.12
CA VAL P 189 68.59 -15.99 -14.90
C VAL P 189 67.40 -16.65 -14.23
N HIS P 190 67.51 -17.96 -13.99
CA HIS P 190 66.45 -18.74 -13.36
C HIS P 190 67.00 -19.41 -12.11
N THR P 191 66.51 -18.98 -10.95
CA THR P 191 66.88 -19.57 -9.67
C THR P 191 65.81 -20.56 -9.25
N PHE P 192 66.18 -21.83 -9.10
CA PHE P 192 65.21 -22.86 -8.79
C PHE P 192 65.06 -23.04 -7.28
N PRO P 193 63.85 -23.41 -6.82
CA PRO P 193 63.66 -23.66 -5.39
C PRO P 193 64.41 -24.88 -4.93
N ALA P 194 64.74 -24.90 -3.63
CA ALA P 194 65.49 -26.00 -3.05
C ALA P 194 64.62 -27.25 -2.95
N VAL P 195 65.28 -28.41 -2.99
CA VAL P 195 64.62 -29.69 -2.83
C VAL P 195 65.40 -30.51 -1.80
N LEU P 196 64.68 -31.27 -0.99
CA LEU P 196 65.32 -32.09 0.03
C LEU P 196 66.03 -33.28 -0.62
N GLN P 197 67.30 -33.47 -0.26
CA GLN P 197 68.08 -34.58 -0.78
C GLN P 197 67.69 -35.87 -0.05
N SER P 198 68.39 -36.96 -0.40
CA SER P 198 68.13 -38.24 0.25
C SER P 198 68.62 -38.25 1.69
N SER P 199 69.61 -37.42 2.02
CA SER P 199 70.21 -37.39 3.36
C SER P 199 70.28 -35.95 3.87
N GLY P 200 69.19 -35.46 4.44
CA GLY P 200 69.21 -34.23 5.23
C GLY P 200 69.34 -32.92 4.47
N LEU P 201 70.39 -32.80 3.66
CA LEU P 201 70.76 -31.52 3.08
C LEU P 201 69.85 -31.19 1.89
N TYR P 202 70.06 -30.02 1.30
CA TYR P 202 69.29 -29.54 0.16
C TYR P 202 70.18 -29.44 -1.08
N SER P 203 69.57 -29.07 -2.21
CA SER P 203 70.29 -28.90 -3.46
C SER P 203 69.45 -28.06 -4.41
N LEU P 204 70.12 -27.18 -5.15
CA LEU P 204 69.48 -26.39 -6.19
C LEU P 204 70.53 -25.94 -7.20
N SER P 205 70.11 -25.13 -8.16
CA SER P 205 71.00 -24.58 -9.16
C SER P 205 70.44 -23.27 -9.67
N SER P 206 71.31 -22.47 -10.29
CA SER P 206 70.91 -21.22 -10.91
C SER P 206 71.58 -21.13 -12.27
N VAL P 207 70.78 -21.01 -13.33
CA VAL P 207 71.28 -21.04 -14.70
C VAL P 207 70.80 -19.80 -15.44
N VAL P 208 71.51 -19.47 -16.52
CA VAL P 208 71.19 -18.32 -17.36
C VAL P 208 71.33 -18.73 -18.82
N THR P 209 70.39 -18.28 -19.65
CA THR P 209 70.40 -18.57 -21.07
C THR P 209 71.14 -17.47 -21.82
N VAL P 210 72.13 -17.87 -22.63
CA VAL P 210 72.96 -16.92 -23.37
C VAL P 210 73.17 -17.43 -24.78
N PRO P 211 73.28 -16.51 -25.74
CA PRO P 211 73.72 -16.92 -27.08
C PRO P 211 75.12 -17.52 -27.06
N SER P 212 75.32 -18.51 -27.94
CA SER P 212 76.57 -19.27 -27.97
C SER P 212 77.72 -18.49 -28.58
N SER P 213 77.47 -17.32 -29.17
CA SER P 213 78.55 -16.56 -29.80
C SER P 213 79.52 -16.01 -28.75
N SER P 214 79.02 -15.63 -27.58
CA SER P 214 79.83 -15.04 -26.52
C SER P 214 80.26 -16.07 -25.47
N LEU P 215 80.33 -17.34 -25.86
CA LEU P 215 80.72 -18.38 -24.91
C LEU P 215 82.21 -18.29 -24.57
N GLY P 216 83.05 -18.11 -25.59
CA GLY P 216 84.49 -18.06 -25.41
C GLY P 216 85.10 -16.68 -25.38
N THR P 217 84.29 -15.62 -25.35
CA THR P 217 84.81 -14.26 -25.35
C THR P 217 84.49 -13.47 -24.09
N GLN P 218 83.56 -13.93 -23.26
CA GLN P 218 83.18 -13.23 -22.04
C GLN P 218 83.12 -14.23 -20.89
N THR P 219 83.51 -13.78 -19.70
CA THR P 219 83.63 -14.65 -18.54
C THR P 219 82.35 -14.64 -17.73
N TYR P 220 81.86 -15.83 -17.38
CA TYR P 220 80.67 -15.99 -16.56
C TYR P 220 81.10 -16.42 -15.16
N ILE P 221 80.77 -15.61 -14.16
CA ILE P 221 81.09 -15.88 -12.77
C ILE P 221 79.80 -15.83 -11.96
N CYS P 222 79.53 -16.88 -11.20
CA CYS P 222 78.38 -16.94 -10.31
C CYS P 222 78.81 -16.67 -8.87
N ASN P 223 77.94 -15.98 -8.13
CA ASN P 223 78.22 -15.57 -6.75
C ASN P 223 77.20 -16.24 -5.85
N VAL P 224 77.62 -17.24 -5.09
CA VAL P 224 76.74 -18.02 -4.22
C VAL P 224 76.90 -17.51 -2.79
N ASN P 225 75.79 -17.12 -2.18
CA ASN P 225 75.78 -16.63 -0.80
C ASN P 225 74.96 -17.58 0.07
N HIS P 226 75.54 -17.99 1.19
CA HIS P 226 74.90 -18.93 2.11
C HIS P 226 75.06 -18.45 3.55
N LYS P 227 74.62 -17.22 3.84
CA LYS P 227 74.66 -16.73 5.22
C LYS P 227 74.05 -17.68 6.28
N PRO P 228 73.12 -18.59 5.95
CA PRO P 228 72.86 -19.68 6.91
C PRO P 228 74.09 -20.53 7.25
N SER P 229 75.09 -20.62 6.36
CA SER P 229 76.33 -21.31 6.69
C SER P 229 77.56 -20.57 6.15
N ASN P 230 77.48 -19.24 6.07
CA ASN P 230 78.59 -18.36 5.67
C ASN P 230 79.14 -18.79 4.30
N THR P 231 80.46 -18.66 4.12
CA THR P 231 81.22 -19.16 2.97
C THR P 231 80.81 -18.57 1.63
N LYS P 232 81.12 -17.29 1.41
CA LYS P 232 81.00 -16.67 0.09
C LYS P 232 81.96 -17.34 -0.88
N VAL P 233 81.41 -17.87 -1.97
CA VAL P 233 82.15 -18.66 -2.94
C VAL P 233 81.91 -18.07 -4.33
N ASP P 234 83.01 -17.83 -5.06
CA ASP P 234 82.94 -17.36 -6.44
C ASP P 234 83.46 -18.46 -7.36
N LYS P 235 82.64 -18.85 -8.33
CA LYS P 235 82.99 -19.91 -9.27
C LYS P 235 82.82 -19.41 -10.69
N LYS P 236 83.88 -19.49 -11.48
CA LYS P 236 83.83 -19.10 -12.89
C LYS P 236 83.28 -20.23 -13.74
N VAL P 237 82.56 -19.85 -14.80
CA VAL P 237 81.95 -20.81 -15.73
C VAL P 237 82.68 -20.71 -17.05
N GLU P 238 83.20 -21.84 -17.51
CA GLU P 238 83.96 -21.94 -18.75
C GLU P 238 83.43 -23.10 -19.58
N PRO P 239 83.60 -23.05 -20.90
CA PRO P 239 83.21 -24.21 -21.73
C PRO P 239 84.04 -25.44 -21.41
N LYS P 240 83.42 -26.61 -21.58
CA LYS P 240 84.05 -27.87 -21.23
C LYS P 240 85.22 -28.16 -22.17
N SER P 241 86.32 -28.64 -21.58
CA SER P 241 87.51 -29.04 -22.32
C SER P 241 87.63 -30.56 -22.28
N CYS P 242 87.73 -31.18 -23.45
CA CYS P 242 87.82 -32.63 -23.53
C CYS P 242 89.18 -33.11 -23.05
N ASP P 243 89.17 -34.10 -22.18
CA ASP P 243 90.42 -34.66 -21.63
C ASP P 243 90.50 -36.16 -21.87
N ASN Q 21 1.91 8.50 -52.76
CA ASN Q 21 0.70 7.81 -52.32
C ASN Q 21 0.55 7.88 -50.81
N PHE Q 22 1.10 8.93 -50.20
CA PHE Q 22 1.06 9.12 -48.76
C PHE Q 22 -0.10 10.05 -48.41
N MET Q 23 -0.99 9.57 -47.55
CA MET Q 23 -2.15 10.34 -47.11
C MET Q 23 -2.26 10.28 -45.60
N LEU Q 24 -2.87 11.32 -45.03
CA LEU Q 24 -3.06 11.43 -43.59
C LEU Q 24 -4.49 11.07 -43.24
N THR Q 25 -4.65 10.07 -42.38
CA THR Q 25 -5.97 9.59 -41.97
C THR Q 25 -6.42 10.34 -40.73
N GLN Q 26 -7.52 11.07 -40.84
CA GLN Q 26 -8.06 11.88 -39.76
C GLN Q 26 -9.52 11.50 -39.52
N PRO Q 27 -9.94 11.38 -38.26
CA PRO Q 27 -11.37 11.13 -37.99
C PRO Q 27 -12.24 12.28 -38.48
N HIS Q 28 -13.38 11.92 -39.06
CA HIS Q 28 -14.24 12.92 -39.69
C HIS Q 28 -15.00 13.73 -38.65
N SER Q 29 -15.47 13.08 -37.58
CA SER Q 29 -16.29 13.74 -36.57
C SER Q 29 -15.85 13.29 -35.19
N VAL Q 30 -15.48 14.25 -34.35
CA VAL Q 30 -15.12 14.01 -32.96
C VAL Q 30 -15.90 15.00 -32.10
N SER Q 31 -16.63 14.48 -31.11
CA SER Q 31 -17.49 15.29 -30.26
C SER Q 31 -17.18 15.00 -28.80
N GLU Q 32 -17.15 16.06 -27.99
CA GLU Q 32 -16.86 15.94 -26.57
C GLU Q 32 -17.48 17.11 -25.84
N SER Q 33 -18.00 16.86 -24.64
CA SER Q 33 -18.57 17.91 -23.82
C SER Q 33 -17.48 18.88 -23.36
N PRO Q 34 -17.83 20.16 -23.17
CA PRO Q 34 -16.83 21.13 -22.71
C PRO Q 34 -16.31 20.81 -21.31
N GLY Q 35 -15.05 21.15 -21.09
CA GLY Q 35 -14.41 20.92 -19.81
C GLY Q 35 -13.72 19.58 -19.66
N LYS Q 36 -13.82 18.70 -20.65
CA LYS Q 36 -13.21 17.37 -20.60
C LYS Q 36 -11.99 17.33 -21.50
N THR Q 37 -11.38 16.14 -21.59
CA THR Q 37 -10.16 15.93 -22.36
C THR Q 37 -10.47 15.00 -23.53
N VAL Q 38 -10.07 15.42 -24.74
CA VAL Q 38 -10.30 14.64 -25.95
C VAL Q 38 -9.00 14.58 -26.73
N THR Q 39 -8.85 13.53 -27.54
CA THR Q 39 -7.64 13.30 -28.34
C THR Q 39 -8.03 13.16 -29.81
N ILE Q 40 -7.38 13.94 -30.66
CA ILE Q 40 -7.60 13.91 -32.10
C ILE Q 40 -6.38 13.27 -32.76
N SER Q 41 -6.62 12.26 -33.60
CA SER Q 41 -5.56 11.49 -34.22
C SER Q 41 -5.33 11.93 -35.67
N CYS Q 42 -4.15 11.58 -36.19
CA CYS Q 42 -3.82 11.83 -37.59
C CYS Q 42 -2.82 10.75 -38.01
N THR Q 43 -3.32 9.73 -38.71
CA THR Q 43 -2.54 8.53 -39.03
C THR Q 43 -1.99 8.64 -40.45
N GLY Q 44 -0.68 8.38 -40.59
CA GLY Q 44 -0.06 8.34 -41.90
C GLY Q 44 -0.14 6.94 -42.51
N SER Q 45 -0.31 6.90 -43.83
CA SER Q 45 -0.52 5.63 -44.52
C SER Q 45 0.79 4.91 -44.80
N SER Q 46 1.66 5.50 -45.63
CA SER Q 46 2.89 4.85 -46.06
C SER Q 46 4.10 5.35 -45.28
N GLY Q 47 4.37 6.65 -45.32
CA GLY Q 47 5.50 7.19 -44.60
C GLY Q 47 5.24 7.27 -43.12
N SER Q 48 6.32 7.15 -42.34
CA SER Q 48 6.22 7.22 -40.90
C SER Q 48 5.89 8.65 -40.46
N ILE Q 49 5.09 8.76 -39.40
CA ILE Q 49 4.62 10.06 -38.94
C ILE Q 49 5.75 10.90 -38.34
N ALA Q 50 6.81 10.25 -37.84
CA ALA Q 50 7.94 10.97 -37.27
C ALA Q 50 8.93 11.44 -38.31
N SER Q 51 8.75 11.08 -39.59
CA SER Q 51 9.69 11.50 -40.62
C SER Q 51 9.57 12.99 -40.91
N ASN Q 52 8.35 13.50 -41.00
CA ASN Q 52 8.12 14.89 -41.39
C ASN Q 52 7.32 15.61 -40.32
N TYR Q 53 7.44 16.94 -40.32
CA TYR Q 53 6.73 17.77 -39.36
C TYR Q 53 5.23 17.71 -39.60
N VAL Q 54 4.46 17.67 -38.51
CA VAL Q 54 3.01 17.61 -38.56
C VAL Q 54 2.45 18.87 -37.91
N GLN Q 55 1.59 19.57 -38.64
CA GLN Q 55 1.06 20.85 -38.20
C GLN Q 55 -0.46 20.81 -38.23
N TRP Q 56 -1.09 21.29 -37.16
CA TRP Q 56 -2.53 21.33 -37.03
C TRP Q 56 -3.05 22.74 -37.24
N TYR Q 57 -4.15 22.86 -37.98
CA TYR Q 57 -4.77 24.14 -38.28
C TYR Q 57 -6.18 24.16 -37.74
N GLN Q 58 -6.52 25.20 -37.00
CA GLN Q 58 -7.87 25.39 -36.46
C GLN Q 58 -8.56 26.48 -37.28
N GLN Q 59 -9.52 26.08 -38.10
CA GLN Q 59 -10.18 26.98 -39.05
C GLN Q 59 -11.64 27.16 -38.65
N ARG Q 60 -12.03 28.40 -38.40
CA ARG Q 60 -13.43 28.71 -38.16
C ARG Q 60 -14.22 28.61 -39.46
N PRO Q 61 -15.51 28.27 -39.39
CA PRO Q 61 -16.34 28.28 -40.60
C PRO Q 61 -16.46 29.69 -41.16
N GLY Q 62 -16.31 29.80 -42.48
CA GLY Q 62 -16.33 31.10 -43.12
C GLY Q 62 -15.19 32.01 -42.72
N SER Q 63 -14.01 31.43 -42.49
CA SER Q 63 -12.85 32.20 -42.07
C SER Q 63 -11.59 31.49 -42.52
N ALA Q 64 -10.49 32.24 -42.57
CA ALA Q 64 -9.22 31.68 -42.99
C ALA Q 64 -8.66 30.76 -41.89
N PRO Q 65 -7.99 29.68 -42.27
CA PRO Q 65 -7.38 28.80 -41.27
C PRO Q 65 -6.26 29.49 -40.51
N THR Q 66 -6.07 29.07 -39.26
CA THR Q 66 -5.05 29.62 -38.38
C THR Q 66 -4.25 28.48 -37.76
N THR Q 67 -2.93 28.62 -37.73
CA THR Q 67 -2.08 27.60 -37.15
C THR Q 67 -2.29 27.54 -35.65
N VAL Q 68 -2.60 26.34 -35.14
CA VAL Q 68 -2.83 26.16 -33.71
C VAL Q 68 -1.66 25.46 -33.02
N ILE Q 69 -0.82 24.71 -33.75
CA ILE Q 69 0.35 24.07 -33.17
C ILE Q 69 1.29 23.73 -34.32
N TYR Q 70 2.58 23.59 -34.00
CA TYR Q 70 3.58 23.22 -34.99
C TYR Q 70 4.74 22.53 -34.29
N GLU Q 71 5.60 21.89 -35.10
CA GLU Q 71 6.79 21.18 -34.65
C GLU Q 71 6.49 20.02 -33.73
N ASP Q 72 5.21 19.61 -33.63
CA ASP Q 72 4.70 18.47 -32.87
C ASP Q 72 4.72 18.68 -31.36
N ASN Q 73 5.40 19.74 -30.88
CA ASN Q 73 5.34 20.09 -29.47
C ASN Q 73 5.31 21.59 -29.21
N GLN Q 74 5.38 22.44 -30.23
CA GLN Q 74 5.55 23.87 -30.05
C GLN Q 74 4.24 24.61 -30.31
N ARG Q 75 3.81 25.42 -29.33
CA ARG Q 75 2.60 26.19 -29.46
C ARG Q 75 2.91 27.63 -29.86
N PRO Q 76 2.16 28.20 -30.79
CA PRO Q 76 2.37 29.60 -31.16
C PRO Q 76 1.98 30.55 -30.03
N SER Q 77 2.59 31.72 -30.06
CA SER Q 77 2.31 32.74 -29.06
C SER Q 77 0.92 33.35 -29.32
N GLY Q 78 0.00 33.14 -28.38
CA GLY Q 78 -1.34 33.66 -28.51
C GLY Q 78 -2.42 32.63 -28.25
N VAL Q 79 -2.16 31.38 -28.66
CA VAL Q 79 -3.12 30.30 -28.44
C VAL Q 79 -3.00 29.84 -26.99
N PRO Q 80 -4.05 29.28 -26.40
CA PRO Q 80 -3.95 28.77 -25.03
C PRO Q 80 -3.05 27.54 -24.94
N ASP Q 81 -2.65 27.23 -23.71
CA ASP Q 81 -1.73 26.13 -23.45
C ASP Q 81 -2.37 24.77 -23.65
N ARG Q 82 -3.70 24.70 -23.69
CA ARG Q 82 -4.40 23.42 -23.77
C ARG Q 82 -4.16 22.70 -25.10
N PHE Q 83 -3.80 23.43 -26.16
CA PHE Q 83 -3.54 22.83 -27.46
C PHE Q 83 -2.16 22.18 -27.42
N SER Q 84 -2.12 20.91 -27.06
CA SER Q 84 -0.88 20.14 -26.96
C SER Q 84 -0.96 18.91 -27.84
N GLY Q 85 0.14 18.59 -28.52
CA GLY Q 85 0.20 17.48 -29.42
C GLY Q 85 1.29 16.49 -29.04
N SER Q 86 1.10 15.23 -29.44
CA SER Q 86 2.07 14.18 -29.17
C SER Q 86 2.18 13.29 -30.40
N ILE Q 87 3.33 12.64 -30.54
CA ILE Q 87 3.63 11.78 -31.68
C ILE Q 87 3.96 10.38 -31.17
N ASP Q 88 3.27 9.38 -31.69
CA ASP Q 88 3.57 7.97 -31.44
C ASP Q 88 3.97 7.29 -32.76
N SER Q 89 5.28 7.20 -32.99
CA SER Q 89 5.81 6.73 -34.26
C SER Q 89 5.62 5.23 -34.46
N SER Q 90 5.33 4.49 -33.39
CA SER Q 90 5.11 3.05 -33.53
C SER Q 90 3.84 2.75 -34.31
N SER Q 91 2.77 3.50 -34.06
CA SER Q 91 1.49 3.30 -34.74
C SER Q 91 1.31 4.24 -35.93
N ASN Q 92 2.32 5.04 -36.27
CA ASN Q 92 2.30 5.94 -37.43
C ASN Q 92 1.15 6.93 -37.36
N SER Q 93 0.96 7.54 -36.19
CA SER Q 93 -0.15 8.46 -35.98
C SER Q 93 0.34 9.74 -35.31
N ALA Q 94 -0.39 10.83 -35.54
CA ALA Q 94 -0.14 12.11 -34.91
C ALA Q 94 -1.33 12.45 -34.02
N SER Q 95 -1.07 12.66 -32.73
CA SER Q 95 -2.12 12.85 -31.74
C SER Q 95 -2.12 14.29 -31.25
N LEU Q 96 -3.29 14.91 -31.26
CA LEU Q 96 -3.49 16.26 -30.72
C LEU Q 96 -4.45 16.16 -29.54
N THR Q 97 -4.01 16.62 -28.38
CA THR Q 97 -4.78 16.51 -27.15
C THR Q 97 -5.36 17.88 -26.77
N ILE Q 98 -6.66 17.90 -26.52
CA ILE Q 98 -7.37 19.12 -26.13
C ILE Q 98 -7.96 18.89 -24.74
N SER Q 99 -7.63 19.78 -23.80
CA SER Q 99 -8.12 19.70 -22.43
C SER Q 99 -8.93 20.95 -22.12
N GLY Q 100 -10.12 20.74 -21.54
CA GLY Q 100 -10.98 21.86 -21.20
C GLY Q 100 -11.56 22.55 -22.44
N LEU Q 101 -12.46 21.86 -23.13
CA LEU Q 101 -13.07 22.41 -24.33
C LEU Q 101 -13.93 23.62 -23.99
N LYS Q 102 -13.95 24.59 -24.90
CA LYS Q 102 -14.68 25.84 -24.73
C LYS Q 102 -15.59 26.06 -25.94
N THR Q 103 -16.29 27.19 -25.93
CA THR Q 103 -17.21 27.51 -27.02
C THR Q 103 -16.48 27.79 -28.31
N GLU Q 104 -15.39 28.55 -28.25
CA GLU Q 104 -14.65 28.93 -29.45
C GLU Q 104 -13.84 27.78 -30.05
N ASP Q 105 -13.76 26.65 -29.36
CA ASP Q 105 -13.03 25.49 -29.87
C ASP Q 105 -13.79 24.75 -30.97
N GLU Q 106 -15.04 25.12 -31.24
CA GLU Q 106 -15.82 24.46 -32.28
C GLU Q 106 -15.34 24.88 -33.67
N ALA Q 107 -14.36 24.17 -34.21
CA ALA Q 107 -13.78 24.51 -35.49
C ALA Q 107 -13.19 23.26 -36.13
N ASP Q 108 -12.91 23.35 -37.43
CA ASP Q 108 -12.32 22.24 -38.17
C ASP Q 108 -10.82 22.16 -37.92
N TYR Q 109 -10.33 20.93 -37.80
CA TYR Q 109 -8.91 20.67 -37.55
C TYR Q 109 -8.35 19.81 -38.68
N TYR Q 110 -7.23 20.25 -39.25
CA TYR Q 110 -6.56 19.53 -40.32
C TYR Q 110 -5.08 19.38 -39.98
N CYS Q 111 -4.53 18.20 -40.25
CA CYS Q 111 -3.12 17.93 -40.01
C CYS Q 111 -2.37 17.96 -41.34
N GLN Q 112 -1.18 18.57 -41.33
CA GLN Q 112 -0.40 18.83 -42.52
C GLN Q 112 0.88 18.00 -42.50
N SER Q 113 1.30 17.54 -43.68
CA SER Q 113 2.55 16.82 -43.86
C SER Q 113 3.28 17.38 -45.08
N TYR Q 114 4.44 16.81 -45.38
CA TYR Q 114 5.26 17.30 -46.49
C TYR Q 114 5.67 16.17 -47.43
N ASP Q 115 5.79 14.95 -46.90
CA ASP Q 115 6.22 13.78 -47.64
C ASP Q 115 7.55 14.01 -48.35
N SER Q 116 7.51 14.20 -49.66
CA SER Q 116 8.71 14.50 -50.46
C SER Q 116 8.30 15.53 -51.52
N SER Q 117 8.48 16.81 -51.18
CA SER Q 117 8.16 17.94 -52.06
C SER Q 117 6.71 17.94 -52.51
N ASN Q 118 5.80 17.45 -51.66
CA ASN Q 118 4.37 17.41 -51.98
C ASN Q 118 3.59 17.47 -50.68
N VAL Q 119 3.09 18.66 -50.33
CA VAL Q 119 2.39 18.85 -49.07
C VAL Q 119 1.06 18.12 -49.11
N VAL Q 120 0.81 17.30 -48.10
CA VAL Q 120 -0.41 16.50 -47.98
C VAL Q 120 -1.12 16.90 -46.70
N PHE Q 121 -2.40 17.25 -46.81
CA PHE Q 121 -3.20 17.65 -45.66
C PHE Q 121 -3.99 16.46 -45.13
N GLY Q 122 -4.77 16.72 -44.08
CA GLY Q 122 -5.53 15.68 -43.42
C GLY Q 122 -7.00 15.66 -43.85
N GLY Q 123 -7.70 14.63 -43.38
CA GLY Q 123 -9.11 14.48 -43.72
C GLY Q 123 -9.99 15.57 -43.14
N GLY Q 124 -9.78 15.90 -41.86
CA GLY Q 124 -10.55 16.95 -41.23
C GLY Q 124 -11.39 16.50 -40.05
N THR Q 125 -11.10 17.06 -38.87
CA THR Q 125 -11.85 16.78 -37.65
C THR Q 125 -12.46 18.07 -37.14
N LYS Q 126 -13.75 18.06 -36.88
CA LYS Q 126 -14.47 19.23 -36.38
C LYS Q 126 -15.08 18.90 -35.02
N LEU Q 127 -15.04 19.89 -34.12
CA LEU Q 127 -15.73 19.76 -32.84
C LEU Q 127 -17.23 19.92 -33.07
N THR Q 128 -18.01 18.94 -32.62
CA THR Q 128 -19.42 18.84 -33.00
C THR Q 128 -20.37 19.33 -31.91
N VAL Q 129 -20.28 18.74 -30.72
CA VAL Q 129 -21.22 19.06 -29.65
C VAL Q 129 -20.63 20.16 -28.77
N LEU Q 130 -21.50 20.83 -28.04
CA LEU Q 130 -21.11 21.92 -27.16
C LEU Q 130 -22.10 22.07 -26.00
N GLY Q 138 -32.23 21.05 -24.90
CA GLY Q 138 -31.48 22.29 -24.78
C GLY Q 138 -31.85 23.31 -25.83
N GLN Q 139 -32.67 22.90 -26.79
CA GLN Q 139 -33.12 23.79 -27.87
C GLN Q 139 -34.63 23.93 -27.82
N PRO Q 140 -35.16 25.07 -27.39
CA PRO Q 140 -36.61 25.23 -27.29
C PRO Q 140 -37.28 25.37 -28.64
N LYS Q 141 -38.57 25.05 -28.66
CA LYS Q 141 -39.38 25.20 -29.86
C LYS Q 141 -39.79 26.66 -30.05
N ALA Q 142 -40.28 26.96 -31.25
CA ALA Q 142 -40.66 28.34 -31.57
C ALA Q 142 -41.85 28.31 -32.54
N ALA Q 143 -42.57 29.43 -32.56
CA ALA Q 143 -43.80 29.55 -33.34
C ALA Q 143 -43.47 29.86 -34.80
N PRO Q 144 -44.06 29.15 -35.76
CA PRO Q 144 -43.74 29.38 -37.17
C PRO Q 144 -44.45 30.58 -37.78
N SER Q 145 -43.86 31.77 -37.63
CA SER Q 145 -44.40 32.97 -38.25
C SER Q 145 -44.33 32.86 -39.78
N VAL Q 146 -45.43 33.17 -40.44
CA VAL Q 146 -45.57 33.01 -41.88
C VAL Q 146 -45.98 34.34 -42.50
N THR Q 147 -45.28 34.76 -43.55
CA THR Q 147 -45.59 35.97 -44.28
C THR Q 147 -45.74 35.66 -45.76
N LEU Q 148 -46.60 36.43 -46.44
CA LEU Q 148 -46.87 36.23 -47.86
C LEU Q 148 -46.84 37.57 -48.59
N PHE Q 149 -46.41 37.51 -49.85
CA PHE Q 149 -46.42 38.65 -50.76
C PHE Q 149 -46.96 38.24 -52.11
N PRO Q 150 -47.77 39.09 -52.75
CA PRO Q 150 -48.20 38.83 -54.12
C PRO Q 150 -47.12 39.24 -55.11
N PRO Q 151 -47.19 38.79 -56.36
CA PRO Q 151 -46.20 39.24 -57.35
C PRO Q 151 -46.30 40.73 -57.60
N SER Q 152 -45.14 41.35 -57.84
CA SER Q 152 -45.08 42.79 -58.08
C SER Q 152 -45.57 43.12 -59.48
N SER Q 153 -45.95 44.39 -59.66
CA SER Q 153 -46.38 44.83 -60.98
C SER Q 153 -45.23 44.87 -61.97
N GLU Q 154 -44.00 45.10 -61.49
CA GLU Q 154 -42.84 45.05 -62.36
C GLU Q 154 -42.60 43.65 -62.90
N GLU Q 155 -42.80 42.63 -62.06
CA GLU Q 155 -42.67 41.25 -62.52
C GLU Q 155 -43.76 40.91 -63.53
N LEU Q 156 -44.99 41.39 -63.30
CA LEU Q 156 -46.08 41.13 -64.24
C LEU Q 156 -45.83 41.79 -65.59
N GLN Q 157 -45.17 42.95 -65.60
CA GLN Q 157 -44.80 43.59 -66.86
C GLN Q 157 -43.72 42.80 -67.60
N ALA Q 158 -42.98 41.94 -66.91
CA ALA Q 158 -41.98 41.07 -67.52
C ALA Q 158 -42.54 39.70 -67.88
N ASN Q 159 -43.87 39.57 -67.92
CA ASN Q 159 -44.56 38.31 -68.25
C ASN Q 159 -44.17 37.18 -67.31
N LYS Q 160 -43.97 37.52 -66.03
CA LYS Q 160 -43.64 36.54 -65.00
C LYS Q 160 -44.48 36.82 -63.76
N ALA Q 161 -44.63 35.79 -62.93
CA ALA Q 161 -45.35 35.91 -61.68
C ALA Q 161 -44.80 34.87 -60.71
N THR Q 162 -44.50 35.30 -59.48
CA THR Q 162 -43.94 34.40 -58.48
C THR Q 162 -44.48 34.76 -57.10
N LEU Q 163 -44.96 33.75 -56.38
CA LEU Q 163 -45.41 33.89 -55.01
C LEU Q 163 -44.34 33.36 -54.07
N VAL Q 164 -44.04 34.13 -53.02
CA VAL Q 164 -42.99 33.78 -52.06
C VAL Q 164 -43.65 33.54 -50.71
N CYS Q 165 -43.47 32.34 -50.16
CA CYS Q 165 -43.94 31.99 -48.83
C CYS Q 165 -42.72 31.80 -47.93
N LEU Q 166 -42.72 32.44 -46.77
CA LEU Q 166 -41.57 32.47 -45.88
C LEU Q 166 -41.94 31.88 -44.53
N ILE Q 167 -41.08 31.01 -44.01
CA ILE Q 167 -41.26 30.40 -42.70
C ILE Q 167 -40.01 30.73 -41.89
N SER Q 168 -40.19 31.42 -40.77
CA SER Q 168 -39.05 31.93 -40.02
C SER Q 168 -39.33 31.88 -38.53
N ASP Q 169 -38.24 31.90 -37.76
CA ASP Q 169 -38.27 31.93 -36.29
C ASP Q 169 -39.05 30.76 -35.71
N PHE Q 170 -38.73 29.56 -36.20
CA PHE Q 170 -39.46 28.36 -35.81
C PHE Q 170 -38.49 27.26 -35.41
N TYR Q 171 -39.00 26.31 -34.61
CA TYR Q 171 -38.29 25.10 -34.25
C TYR Q 171 -39.33 24.08 -33.84
N PRO Q 172 -39.20 22.80 -34.25
CA PRO Q 172 -38.12 22.16 -35.04
C PRO Q 172 -38.09 22.54 -36.51
N GLY Q 173 -36.93 22.39 -37.15
CA GLY Q 173 -36.79 22.70 -38.55
C GLY Q 173 -37.27 21.59 -39.46
N ALA Q 174 -38.56 21.25 -39.36
CA ALA Q 174 -39.19 20.23 -40.20
C ALA Q 174 -40.62 20.73 -40.50
N VAL Q 175 -40.77 21.42 -41.62
CA VAL Q 175 -42.05 22.00 -42.01
C VAL Q 175 -42.42 21.49 -43.39
N THR Q 176 -43.73 21.44 -43.64
CA THR Q 176 -44.27 21.03 -44.92
C THR Q 176 -45.11 22.17 -45.49
N VAL Q 177 -44.86 22.53 -46.73
CA VAL Q 177 -45.55 23.64 -47.40
C VAL Q 177 -46.52 23.06 -48.43
N ALA Q 178 -47.63 23.77 -48.64
CA ALA Q 178 -48.64 23.34 -49.61
C ALA Q 178 -49.34 24.58 -50.12
N TRP Q 179 -49.06 24.96 -51.36
CA TRP Q 179 -49.71 26.11 -51.97
C TRP Q 179 -51.18 25.80 -52.29
N LYS Q 180 -51.99 26.85 -52.32
CA LYS Q 180 -53.43 26.72 -52.57
C LYS Q 180 -53.85 27.79 -53.57
N ALA Q 181 -54.32 27.35 -54.74
CA ALA Q 181 -54.95 28.24 -55.71
C ALA Q 181 -56.45 28.15 -55.51
N ASP Q 182 -57.04 29.17 -54.86
CA ASP Q 182 -58.41 29.16 -54.37
C ASP Q 182 -58.54 27.94 -53.46
N SER Q 183 -59.40 26.97 -53.76
CA SER Q 183 -59.50 25.74 -52.99
C SER Q 183 -58.70 24.60 -53.60
N SER Q 184 -57.92 24.86 -54.66
CA SER Q 184 -57.18 23.83 -55.37
C SER Q 184 -55.71 23.90 -55.03
N PRO Q 185 -55.10 22.85 -54.50
CA PRO Q 185 -53.66 22.87 -54.23
C PRO Q 185 -52.85 22.86 -55.52
N VAL Q 186 -51.62 23.36 -55.40
CA VAL Q 186 -50.70 23.48 -56.53
C VAL Q 186 -49.41 22.74 -56.20
N LYS Q 187 -48.96 21.89 -57.12
CA LYS Q 187 -47.65 21.25 -57.02
C LYS Q 187 -46.69 21.64 -58.13
N ALA Q 188 -47.19 22.06 -59.29
CA ALA Q 188 -46.33 22.46 -60.39
C ALA Q 188 -45.71 23.83 -60.13
N GLY Q 189 -44.41 23.95 -60.34
CA GLY Q 189 -43.72 25.20 -60.13
C GLY Q 189 -43.43 25.52 -58.68
N VAL Q 190 -43.65 24.59 -57.77
CA VAL Q 190 -43.45 24.81 -56.34
C VAL Q 190 -41.98 24.54 -56.02
N GLU Q 191 -41.30 25.54 -55.45
CA GLU Q 191 -39.92 25.39 -55.02
C GLU Q 191 -39.81 25.86 -53.58
N THR Q 192 -39.21 25.03 -52.73
CA THR Q 192 -39.05 25.33 -51.31
C THR Q 192 -37.59 25.16 -50.91
N THR Q 193 -37.23 25.79 -49.80
CA THR Q 193 -35.87 25.76 -49.29
C THR Q 193 -35.80 24.95 -48.00
N THR Q 194 -34.69 24.24 -47.81
CA THR Q 194 -34.48 23.50 -46.58
C THR Q 194 -34.31 24.47 -45.41
N PRO Q 195 -34.76 24.09 -44.22
CA PRO Q 195 -34.61 24.97 -43.05
C PRO Q 195 -33.14 25.24 -42.72
N SER Q 196 -32.87 26.49 -42.34
CA SER Q 196 -31.53 26.93 -41.99
C SER Q 196 -31.57 27.69 -40.68
N LYS Q 197 -30.55 27.47 -39.84
CA LYS Q 197 -30.51 28.08 -38.52
C LYS Q 197 -30.29 29.59 -38.63
N GLN Q 198 -31.00 30.34 -37.78
CA GLN Q 198 -30.93 31.79 -37.77
C GLN Q 198 -29.94 32.28 -36.71
N SER Q 199 -29.85 33.60 -36.58
CA SER Q 199 -28.99 34.21 -35.56
C SER Q 199 -29.61 34.15 -34.17
N ASN Q 200 -30.95 34.14 -34.08
CA ASN Q 200 -31.63 34.08 -32.80
C ASN Q 200 -31.92 32.65 -32.36
N ASN Q 201 -31.09 31.69 -32.77
CA ASN Q 201 -31.16 30.29 -32.38
C ASN Q 201 -32.50 29.65 -32.80
N LYS Q 202 -33.03 30.08 -33.94
CA LYS Q 202 -34.22 29.49 -34.54
C LYS Q 202 -33.89 29.10 -35.98
N TYR Q 203 -34.91 28.66 -36.72
CA TYR Q 203 -34.76 28.22 -38.09
C TYR Q 203 -35.51 29.13 -39.04
N ALA Q 204 -35.10 29.09 -40.31
CA ALA Q 204 -35.70 29.89 -41.36
C ALA Q 204 -35.89 29.04 -42.60
N ALA Q 205 -36.97 29.32 -43.34
CA ALA Q 205 -37.31 28.55 -44.53
C ALA Q 205 -38.03 29.46 -45.52
N SER Q 206 -38.14 28.98 -46.76
CA SER Q 206 -38.78 29.74 -47.82
C SER Q 206 -39.51 28.79 -48.76
N SER Q 207 -40.45 29.36 -49.52
CA SER Q 207 -41.19 28.61 -50.52
C SER Q 207 -41.54 29.55 -51.66
N TYR Q 208 -41.40 29.06 -52.89
CA TYR Q 208 -41.62 29.86 -54.08
C TYR Q 208 -42.56 29.13 -55.03
N LEU Q 209 -43.44 29.89 -55.69
CA LEU Q 209 -44.42 29.36 -56.63
C LEU Q 209 -44.35 30.19 -57.91
N SER Q 210 -43.69 29.66 -58.93
CA SER Q 210 -43.61 30.35 -60.22
C SER Q 210 -44.90 30.14 -60.99
N LEU Q 211 -45.42 31.23 -61.57
CA LEU Q 211 -46.69 31.19 -62.27
C LEU Q 211 -46.65 32.12 -63.47
N THR Q 212 -47.57 31.89 -64.40
CA THR Q 212 -47.79 32.82 -65.50
C THR Q 212 -48.68 33.97 -65.02
N PRO Q 213 -48.58 35.13 -65.68
CA PRO Q 213 -49.48 36.25 -65.31
C PRO Q 213 -50.96 35.93 -65.46
N GLU Q 214 -51.32 35.08 -66.44
CA GLU Q 214 -52.73 34.71 -66.60
C GLU Q 214 -53.19 33.83 -65.44
N GLN Q 215 -52.32 32.93 -64.96
CA GLN Q 215 -52.71 32.04 -63.88
C GLN Q 215 -52.87 32.77 -62.55
N TRP Q 216 -52.11 33.85 -62.34
CA TRP Q 216 -52.20 34.58 -61.08
C TRP Q 216 -53.55 35.30 -60.97
N LYS Q 217 -54.05 35.86 -62.06
CA LYS Q 217 -55.37 36.46 -62.07
C LYS Q 217 -56.49 35.45 -62.31
N SER Q 218 -56.16 34.22 -62.74
CA SER Q 218 -57.19 33.23 -62.98
C SER Q 218 -57.89 32.82 -61.69
N HIS Q 219 -57.13 32.71 -60.60
CA HIS Q 219 -57.68 32.34 -59.31
C HIS Q 219 -57.93 33.60 -58.48
N ARG Q 220 -59.06 33.60 -57.75
CA ARG Q 220 -59.45 34.78 -56.99
C ARG Q 220 -58.49 35.06 -55.85
N SER Q 221 -57.95 34.02 -55.21
CA SER Q 221 -57.01 34.21 -54.12
C SER Q 221 -56.01 33.06 -54.12
N TYR Q 222 -54.86 33.31 -53.51
CA TYR Q 222 -53.82 32.31 -53.33
C TYR Q 222 -53.45 32.23 -51.85
N SER Q 223 -53.32 31.01 -51.34
CA SER Q 223 -53.05 30.79 -49.93
C SER Q 223 -51.87 29.84 -49.76
N CYS Q 224 -51.01 30.14 -48.79
CA CYS Q 224 -49.90 29.27 -48.41
C CYS Q 224 -50.18 28.69 -47.04
N GLN Q 225 -50.24 27.36 -46.95
CA GLN Q 225 -50.50 26.67 -45.70
C GLN Q 225 -49.21 26.03 -45.20
N VAL Q 226 -48.88 26.29 -43.93
CA VAL Q 226 -47.66 25.80 -43.31
C VAL Q 226 -48.04 24.91 -42.15
N THR Q 227 -47.57 23.66 -42.17
CA THR Q 227 -47.83 22.71 -41.11
C THR Q 227 -46.56 22.54 -40.27
N HIS Q 228 -46.68 22.74 -38.97
CA HIS Q 228 -45.53 22.67 -38.07
C HIS Q 228 -46.01 22.18 -36.71
N GLU Q 229 -45.57 20.97 -36.34
CA GLU Q 229 -45.93 20.33 -35.07
C GLU Q 229 -47.45 20.22 -34.91
N GLY Q 230 -48.12 19.89 -36.00
CA GLY Q 230 -49.57 19.74 -36.01
C GLY Q 230 -50.35 21.02 -36.26
N SER Q 231 -49.92 22.12 -35.63
CA SER Q 231 -50.58 23.40 -35.83
C SER Q 231 -50.32 23.93 -37.24
N THR Q 232 -51.33 24.56 -37.81
CA THR Q 232 -51.26 25.10 -39.16
C THR Q 232 -51.46 26.61 -39.12
N VAL Q 233 -50.52 27.33 -39.73
CA VAL Q 233 -50.60 28.78 -39.87
C VAL Q 233 -50.85 29.09 -41.33
N GLU Q 234 -51.95 29.78 -41.61
CA GLU Q 234 -52.41 30.01 -42.97
C GLU Q 234 -52.51 31.51 -43.26
N LYS Q 235 -51.89 31.94 -44.35
CA LYS Q 235 -52.02 33.30 -44.85
C LYS Q 235 -52.56 33.24 -46.28
N THR Q 236 -53.22 34.32 -46.70
CA THR Q 236 -53.81 34.39 -48.02
C THR Q 236 -53.54 35.75 -48.64
N VAL Q 237 -53.42 35.75 -49.97
CA VAL Q 237 -53.27 36.98 -50.76
C VAL Q 237 -54.23 36.93 -51.93
N ALA Q 238 -54.54 38.11 -52.47
CA ALA Q 238 -55.44 38.23 -53.61
C ALA Q 238 -54.90 39.29 -54.56
N PRO Q 239 -55.18 39.16 -55.86
CA PRO Q 239 -54.77 40.22 -56.81
C PRO Q 239 -55.58 41.49 -56.62
N THR Q 240 -54.92 42.53 -56.10
CA THR Q 240 -55.60 43.81 -55.87
C THR Q 240 -54.85 44.94 -56.57
N GLN R 20 3.09 44.86 -39.90
CA GLN R 20 3.40 43.50 -40.34
C GLN R 20 3.18 43.36 -41.83
N VAL R 21 2.81 42.15 -42.27
CA VAL R 21 2.56 41.85 -43.67
C VAL R 21 1.18 41.20 -43.77
N GLN R 22 0.53 41.40 -44.92
CA GLN R 22 -0.79 40.86 -45.16
C GLN R 22 -0.89 40.37 -46.59
N LEU R 23 -1.85 39.47 -46.83
CA LEU R 23 -2.08 38.89 -48.14
C LEU R 23 -3.51 39.20 -48.58
N GLN R 24 -3.66 39.69 -49.81
CA GLN R 24 -4.97 39.98 -50.39
C GLN R 24 -5.05 39.37 -51.77
N GLU R 25 -6.19 38.75 -52.08
CA GLU R 25 -6.41 38.11 -53.36
C GLU R 25 -7.32 38.96 -54.24
N SER R 26 -7.24 38.69 -55.54
CA SER R 26 -8.07 39.37 -56.53
C SER R 26 -8.36 38.41 -57.67
N GLY R 27 -8.84 38.95 -58.79
CA GLY R 27 -9.18 38.14 -59.93
C GLY R 27 -10.67 37.81 -59.97
N PRO R 28 -11.16 37.37 -61.13
CA PRO R 28 -12.59 37.07 -61.26
C PRO R 28 -12.96 35.78 -60.55
N GLY R 29 -14.03 35.84 -59.75
CA GLY R 29 -14.51 34.64 -59.09
C GLY R 29 -15.05 33.60 -60.05
N LEU R 30 -15.82 34.05 -61.04
CA LEU R 30 -16.39 33.14 -62.01
C LEU R 30 -15.30 32.56 -62.91
N VAL R 31 -15.40 31.26 -63.19
CA VAL R 31 -14.53 30.59 -64.14
C VAL R 31 -15.38 29.62 -64.96
N LYS R 32 -15.15 29.61 -66.27
CA LYS R 32 -15.88 28.78 -67.22
C LYS R 32 -15.18 27.44 -67.37
N PRO R 33 -15.93 26.36 -67.64
CA PRO R 33 -15.28 25.06 -67.89
C PRO R 33 -14.37 25.10 -69.11
N SER R 34 -13.28 24.34 -69.02
CA SER R 34 -12.34 24.12 -70.12
C SER R 34 -11.70 25.41 -70.61
N GLU R 35 -11.36 26.30 -69.68
CA GLU R 35 -10.56 27.48 -70.01
C GLU R 35 -9.68 27.81 -68.81
N THR R 36 -9.05 28.98 -68.85
CA THR R 36 -7.96 29.32 -67.93
C THR R 36 -8.47 30.16 -66.76
N LEU R 37 -8.13 29.74 -65.55
CA LEU R 37 -8.38 30.52 -64.34
C LEU R 37 -7.24 31.52 -64.12
N SER R 38 -7.59 32.69 -63.57
CA SER R 38 -6.61 33.74 -63.29
C SER R 38 -6.89 34.29 -61.89
N LEU R 39 -6.07 33.90 -60.93
CA LEU R 39 -6.17 34.40 -59.56
C LEU R 39 -4.83 35.00 -59.15
N THR R 40 -4.87 36.24 -58.65
CA THR R 40 -3.67 36.97 -58.25
C THR R 40 -3.76 37.29 -56.77
N CYS R 41 -2.68 37.00 -56.03
CA CYS R 41 -2.56 37.34 -54.62
C CYS R 41 -1.46 38.38 -54.46
N THR R 42 -1.79 39.51 -53.85
CA THR R 42 -0.86 40.62 -53.68
C THR R 42 -0.28 40.63 -52.28
N VAL R 43 0.82 41.36 -52.12
CA VAL R 43 1.54 41.46 -50.86
C VAL R 43 1.53 42.92 -50.42
N SER R 44 1.12 43.15 -49.18
CA SER R 44 1.10 44.49 -48.60
C SER R 44 1.90 44.47 -47.29
N GLY R 45 2.80 45.44 -47.15
CA GLY R 45 3.63 45.53 -45.96
C GLY R 45 4.85 44.64 -45.96
N GLY R 46 5.22 44.07 -47.11
CA GLY R 46 6.38 43.21 -47.19
C GLY R 46 6.89 43.15 -48.61
N SER R 47 7.99 42.41 -48.78
CA SER R 47 8.63 42.23 -50.07
C SER R 47 8.72 40.74 -50.40
N VAL R 48 8.46 40.42 -51.67
CA VAL R 48 8.46 39.03 -52.10
C VAL R 48 9.88 38.45 -52.07
N SER R 49 10.85 39.18 -52.61
CA SER R 49 12.19 38.62 -52.79
C SER R 49 12.94 38.53 -51.46
N SER R 50 12.84 39.55 -50.62
CA SER R 50 13.61 39.59 -49.38
C SER R 50 13.05 38.62 -48.35
N GLY R 51 13.94 38.08 -47.52
CA GLY R 51 13.58 37.20 -46.44
C GLY R 51 13.77 35.73 -46.74
N GLY R 52 13.82 35.34 -48.01
CA GLY R 52 14.03 33.94 -48.37
C GLY R 52 12.92 33.01 -47.95
N TYR R 53 11.67 33.41 -48.15
CA TYR R 53 10.52 32.60 -47.80
C TYR R 53 9.87 32.05 -49.08
N PHE R 54 8.72 31.39 -48.90
CA PHE R 54 8.04 30.72 -50.00
C PHE R 54 6.60 31.20 -50.08
N TRP R 55 6.01 31.06 -51.26
CA TRP R 55 4.60 31.32 -51.50
C TRP R 55 3.91 30.04 -51.96
N SER R 56 2.61 29.94 -51.68
CA SER R 56 1.85 28.78 -52.09
C SER R 56 0.39 29.14 -52.27
N TRP R 57 -0.35 28.27 -52.94
CA TRP R 57 -1.79 28.37 -53.10
C TRP R 57 -2.43 27.11 -52.53
N ILE R 58 -3.42 27.30 -51.66
CA ILE R 58 -4.15 26.19 -51.05
C ILE R 58 -5.64 26.45 -51.22
N ARG R 59 -6.34 25.49 -51.80
CA ARG R 59 -7.78 25.58 -52.02
C ARG R 59 -8.52 24.67 -51.05
N GLN R 60 -9.78 25.01 -50.80
CA GLN R 60 -10.63 24.25 -49.89
C GLN R 60 -12.06 24.20 -50.39
N PRO R 61 -12.54 23.03 -50.82
CA PRO R 61 -13.94 22.92 -51.22
C PRO R 61 -14.86 23.09 -50.04
N PRO R 62 -16.08 23.58 -50.25
CA PRO R 62 -17.03 23.75 -49.13
C PRO R 62 -17.45 22.39 -48.58
N GLY R 63 -17.24 22.21 -47.27
CA GLY R 63 -17.53 20.95 -46.63
C GLY R 63 -16.47 19.88 -46.77
N LYS R 64 -15.33 20.19 -47.39
CA LYS R 64 -14.25 19.25 -47.58
C LYS R 64 -12.97 19.79 -46.97
N GLY R 65 -11.94 18.94 -46.92
CA GLY R 65 -10.68 19.32 -46.34
C GLY R 65 -9.85 20.20 -47.26
N LEU R 66 -8.77 20.75 -46.68
CA LEU R 66 -7.86 21.60 -47.44
C LEU R 66 -7.08 20.77 -48.45
N GLU R 67 -6.84 21.35 -49.62
CA GLU R 67 -6.10 20.71 -50.69
C GLU R 67 -4.93 21.59 -51.10
N TRP R 68 -3.74 20.99 -51.17
CA TRP R 68 -2.54 21.71 -51.56
C TRP R 68 -2.39 21.69 -53.07
N ILE R 69 -2.19 22.88 -53.66
CA ILE R 69 -2.08 23.01 -55.10
C ILE R 69 -0.62 23.00 -55.52
N GLY R 70 0.15 23.97 -55.01
CA GLY R 70 1.56 24.05 -55.34
C GLY R 70 2.23 25.14 -54.55
N CYS R 71 3.56 25.17 -54.66
CA CYS R 71 4.38 26.15 -53.97
C CYS R 71 5.36 26.77 -54.96
N ILE R 72 5.76 28.02 -54.67
CA ILE R 72 6.70 28.73 -55.53
C ILE R 72 7.73 29.46 -54.67
N TYR R 73 8.89 29.70 -55.25
CA TYR R 73 9.94 30.55 -54.72
C TYR R 73 9.91 31.87 -55.48
N TYR R 74 10.67 32.86 -55.00
CA TYR R 74 10.76 34.07 -55.79
C TYR R 74 11.64 33.90 -57.02
N SER R 75 12.38 32.80 -57.11
CA SER R 75 13.03 32.37 -58.33
C SER R 75 12.09 31.44 -59.09
N GLY R 76 12.61 30.73 -60.08
CA GLY R 76 11.80 29.85 -60.91
C GLY R 76 11.52 28.47 -60.36
N SER R 77 11.81 28.22 -59.08
CA SER R 77 11.58 26.91 -58.51
C SER R 77 10.09 26.69 -58.26
N THR R 78 9.56 25.59 -58.80
CA THR R 78 8.15 25.27 -58.66
C THR R 78 7.99 23.78 -58.36
N ASN R 79 6.95 23.45 -57.60
CA ASN R 79 6.55 22.07 -57.35
C ASN R 79 5.03 22.02 -57.24
N TYR R 80 4.44 20.98 -57.83
CA TYR R 80 2.99 20.88 -57.94
C TYR R 80 2.51 19.53 -57.43
N ASN R 81 1.23 19.51 -57.05
CA ASN R 81 0.56 18.28 -56.65
C ASN R 81 0.49 17.33 -57.85
N PRO R 82 0.84 16.05 -57.69
CA PRO R 82 0.67 15.11 -58.81
C PRO R 82 -0.76 14.97 -59.29
N SER R 83 -1.75 15.18 -58.40
CA SER R 83 -3.14 15.20 -58.84
C SER R 83 -3.43 16.42 -59.71
N LEU R 84 -2.74 17.53 -59.45
CA LEU R 84 -2.89 18.76 -60.22
C LEU R 84 -1.69 19.03 -61.13
N LYS R 85 -0.91 18.00 -61.44
CA LYS R 85 0.28 18.16 -62.26
C LYS R 85 -0.10 18.49 -63.70
N SER R 86 0.75 19.30 -64.34
CA SER R 86 0.60 19.76 -65.72
C SER R 86 -0.66 20.59 -65.93
N ARG R 87 -1.22 21.13 -64.85
CA ARG R 87 -2.37 22.03 -64.93
C ARG R 87 -2.18 23.32 -64.17
N VAL R 88 -1.09 23.47 -63.42
CA VAL R 88 -0.86 24.64 -62.56
C VAL R 88 0.28 25.45 -63.16
N THR R 89 0.03 26.73 -63.40
CA THR R 89 1.03 27.67 -63.91
C THR R 89 1.03 28.89 -63.00
N ILE R 90 2.04 28.99 -62.14
CA ILE R 90 2.16 30.08 -61.18
C ILE R 90 3.42 30.87 -61.50
N SER R 91 3.29 32.19 -61.52
CA SER R 91 4.40 33.09 -61.84
C SER R 91 4.50 34.18 -60.80
N VAL R 92 5.71 34.70 -60.61
CA VAL R 92 6.01 35.72 -59.62
C VAL R 92 6.65 36.91 -60.33
N ASP R 93 6.07 38.09 -60.13
CA ASP R 93 6.65 39.35 -60.62
C ASP R 93 7.00 40.24 -59.43
N THR R 94 8.30 40.53 -59.29
CA THR R 94 8.78 41.30 -58.14
C THR R 94 8.46 42.78 -58.28
N SER R 95 8.35 43.29 -59.51
CA SER R 95 8.10 44.71 -59.72
C SER R 95 6.74 45.13 -59.17
N LYS R 96 5.72 44.30 -59.38
CA LYS R 96 4.38 44.61 -58.89
C LYS R 96 4.12 44.09 -57.49
N ASP R 97 5.06 43.34 -56.91
CA ASP R 97 4.98 42.81 -55.54
C ASP R 97 3.73 41.96 -55.35
N GLN R 98 3.63 40.91 -56.18
CA GLN R 98 2.50 40.01 -56.13
C GLN R 98 2.90 38.70 -56.82
N PHE R 99 2.00 37.73 -56.76
CA PHE R 99 2.19 36.46 -57.46
C PHE R 99 0.82 35.93 -57.89
N SER R 100 0.78 35.33 -59.07
CA SER R 100 -0.46 34.89 -59.68
C SER R 100 -0.37 33.42 -60.07
N LEU R 101 -1.52 32.75 -60.05
CA LEU R 101 -1.61 31.34 -60.42
C LEU R 101 -2.61 31.18 -61.55
N LYS R 102 -2.28 30.33 -62.52
CA LYS R 102 -3.14 30.03 -63.64
C LYS R 102 -3.50 28.55 -63.64
N LEU R 103 -4.79 28.26 -63.71
CA LEU R 103 -5.31 26.90 -63.73
C LEU R 103 -5.98 26.63 -65.07
N SER R 104 -5.61 25.52 -65.70
CA SER R 104 -6.10 25.17 -67.03
C SER R 104 -6.94 23.91 -66.98
N SER R 105 -7.91 23.84 -67.91
CA SER R 105 -8.81 22.69 -68.05
C SER R 105 -9.58 22.42 -66.76
N VAL R 106 -10.22 23.45 -66.23
CA VAL R 106 -10.97 23.34 -64.99
C VAL R 106 -12.32 22.68 -65.26
N THR R 107 -12.73 21.80 -64.36
CA THR R 107 -14.02 21.14 -64.42
C THR R 107 -14.90 21.59 -63.25
N ALA R 108 -16.13 21.09 -63.22
CA ALA R 108 -17.12 21.51 -62.23
C ALA R 108 -16.77 21.07 -60.82
N ALA R 109 -15.81 20.17 -60.64
CA ALA R 109 -15.39 19.70 -59.31
C ALA R 109 -14.34 20.60 -58.68
N ASP R 110 -13.94 21.69 -59.36
CA ASP R 110 -12.91 22.58 -58.87
C ASP R 110 -13.46 23.73 -58.04
N THR R 111 -14.74 23.68 -57.66
CA THR R 111 -15.34 24.72 -56.82
C THR R 111 -14.74 24.63 -55.43
N ALA R 112 -13.85 25.56 -55.09
CA ALA R 112 -13.15 25.53 -53.82
C ALA R 112 -12.81 26.95 -53.41
N VAL R 113 -12.53 27.13 -52.12
CA VAL R 113 -12.15 28.42 -51.58
C VAL R 113 -10.63 28.51 -51.59
N TYR R 114 -10.10 29.43 -52.39
CA TYR R 114 -8.65 29.52 -52.62
C TYR R 114 -8.01 30.46 -51.60
N TYR R 115 -6.86 30.02 -51.07
CA TYR R 115 -6.11 30.80 -50.10
C TYR R 115 -4.66 30.93 -50.57
N CYS R 116 -4.09 32.12 -50.39
CA CYS R 116 -2.67 32.35 -50.56
C CYS R 116 -2.05 32.61 -49.19
N ALA R 117 -0.94 31.95 -48.90
CA ALA R 117 -0.36 31.97 -47.56
C ALA R 117 1.16 32.08 -47.64
N ARG R 118 1.72 32.88 -46.74
CA ARG R 118 3.18 33.02 -46.63
C ARG R 118 3.75 31.80 -45.93
N GLN R 119 4.83 31.25 -46.50
CA GLN R 119 5.49 30.06 -45.98
C GLN R 119 6.83 30.44 -45.37
N LEU R 120 6.91 30.44 -44.05
CA LEU R 120 8.19 30.67 -43.39
C LEU R 120 9.08 29.43 -43.49
N TRP R 121 8.48 28.23 -43.46
CA TRP R 121 9.21 26.98 -43.52
C TRP R 121 8.50 26.07 -44.50
N LEU R 122 9.26 25.57 -45.50
CA LEU R 122 8.65 24.85 -46.63
C LEU R 122 7.93 23.59 -46.17
N ARG R 123 8.57 22.79 -45.33
CA ARG R 123 7.95 21.59 -44.78
C ARG R 123 7.26 21.85 -43.45
N GLY R 124 7.18 23.11 -43.03
CA GLY R 124 6.56 23.45 -41.76
C GLY R 124 5.12 23.88 -41.90
N ARG R 125 4.84 25.17 -41.66
CA ARG R 125 3.48 25.68 -41.64
C ARG R 125 3.44 27.06 -42.28
N PHE R 126 2.22 27.60 -42.39
CA PHE R 126 1.99 28.93 -42.93
C PHE R 126 1.55 29.82 -41.78
N ASP R 127 2.30 30.90 -41.53
CA ASP R 127 2.00 31.77 -40.41
C ASP R 127 0.79 32.66 -40.69
N TYR R 128 0.67 33.17 -41.91
CA TYR R 128 -0.39 34.10 -42.28
C TYR R 128 -1.21 33.51 -43.41
N TRP R 129 -2.54 33.54 -43.25
CA TRP R 129 -3.46 33.05 -44.26
C TRP R 129 -4.31 34.21 -44.76
N GLY R 130 -4.36 34.38 -46.08
CA GLY R 130 -5.19 35.41 -46.67
C GLY R 130 -6.66 35.02 -46.67
N GLN R 131 -7.50 36.03 -46.92
CA GLN R 131 -8.94 35.81 -46.96
C GLN R 131 -9.31 35.01 -48.22
N GLY R 132 -10.11 33.98 -48.05
CA GLY R 132 -10.44 33.07 -49.13
C GLY R 132 -11.51 33.58 -50.08
N THR R 133 -11.19 33.64 -51.37
CA THR R 133 -12.15 34.04 -52.38
C THR R 133 -12.92 32.82 -52.86
N LEU R 134 -14.20 33.02 -53.17
CA LEU R 134 -15.09 31.96 -53.61
C LEU R 134 -15.19 31.97 -55.12
N VAL R 135 -14.97 30.81 -55.74
CA VAL R 135 -15.08 30.65 -57.18
C VAL R 135 -16.32 29.83 -57.49
N THR R 136 -16.73 29.87 -58.76
CA THR R 136 -17.92 29.15 -59.21
C THR R 136 -17.72 28.66 -60.62
N VAL R 137 -17.92 27.36 -60.84
CA VAL R 137 -17.87 26.74 -62.16
C VAL R 137 -18.97 25.67 -62.23
N SER R 138 -20.04 25.97 -62.97
CA SER R 138 -21.16 25.03 -63.05
C SER R 138 -21.47 24.56 -64.47
N SER R 139 -21.81 25.46 -65.40
CA SER R 139 -22.38 25.01 -66.66
C SER R 139 -21.96 25.84 -67.88
N ALA R 140 -20.88 26.62 -67.78
CA ALA R 140 -20.40 27.47 -68.87
C ALA R 140 -21.48 28.42 -69.38
N SER R 141 -22.28 28.95 -68.47
CA SER R 141 -23.34 29.90 -68.80
C SER R 141 -23.42 30.96 -67.71
N THR R 142 -24.01 32.10 -68.06
CA THR R 142 -24.01 33.25 -67.17
C THR R 142 -25.21 34.13 -67.51
N LYS R 143 -26.16 34.23 -66.58
CA LYS R 143 -27.37 35.02 -66.78
C LYS R 143 -27.59 35.94 -65.60
N GLY R 144 -28.03 37.16 -65.88
CA GLY R 144 -28.28 38.15 -64.86
C GLY R 144 -29.52 37.86 -64.03
N PRO R 145 -29.54 38.39 -62.81
CA PRO R 145 -30.69 38.18 -61.93
C PRO R 145 -31.83 39.13 -62.25
N SER R 146 -33.03 38.73 -61.83
CA SER R 146 -34.24 39.53 -61.98
C SER R 146 -34.80 39.81 -60.59
N VAL R 147 -34.59 41.04 -60.11
CA VAL R 147 -34.99 41.43 -58.77
C VAL R 147 -36.41 41.99 -58.82
N PHE R 148 -37.29 41.42 -58.00
CA PHE R 148 -38.67 41.85 -57.89
C PHE R 148 -38.99 42.24 -56.46
N PRO R 149 -39.61 43.40 -56.23
CA PRO R 149 -39.94 43.79 -54.86
C PRO R 149 -41.05 42.94 -54.27
N LEU R 150 -41.05 42.83 -52.95
CA LEU R 150 -42.07 42.11 -52.20
C LEU R 150 -42.82 43.12 -51.35
N ALA R 151 -43.94 43.61 -51.88
CA ALA R 151 -44.66 44.70 -51.24
C ALA R 151 -45.42 44.19 -50.02
N PRO R 152 -45.20 44.75 -48.84
CA PRO R 152 -46.01 44.37 -47.68
C PRO R 152 -47.42 44.94 -47.77
N SER R 153 -48.34 44.30 -47.05
CA SER R 153 -49.73 44.72 -47.05
C SER R 153 -50.32 44.39 -45.68
N SER R 154 -51.65 44.51 -45.58
CA SER R 154 -52.33 44.19 -44.32
C SER R 154 -52.27 42.69 -44.01
N LYS R 155 -52.33 41.84 -45.04
CA LYS R 155 -52.23 40.41 -44.84
C LYS R 155 -50.79 39.92 -44.68
N SER R 156 -49.81 40.80 -44.86
CA SER R 156 -48.40 40.43 -44.74
C SER R 156 -47.84 40.65 -43.35
N THR R 157 -48.64 41.15 -42.41
CA THR R 157 -48.20 41.40 -41.05
C THR R 157 -49.02 40.57 -40.07
N SER R 158 -48.36 40.16 -38.99
CA SER R 158 -49.00 39.36 -37.93
C SER R 158 -48.65 40.02 -36.59
N GLY R 159 -49.49 40.97 -36.17
CA GLY R 159 -49.28 41.68 -34.93
C GLY R 159 -48.74 43.07 -35.13
N GLY R 160 -47.83 43.49 -34.26
CA GLY R 160 -47.22 44.81 -34.33
C GLY R 160 -46.04 44.95 -35.26
N THR R 161 -45.66 43.87 -35.96
CA THR R 161 -44.52 43.90 -36.85
C THR R 161 -44.93 43.39 -38.22
N ALA R 162 -44.25 43.89 -39.25
CA ALA R 162 -44.50 43.52 -40.63
C ALA R 162 -43.22 42.97 -41.26
N ALA R 163 -43.34 42.48 -42.48
CA ALA R 163 -42.22 41.92 -43.21
C ALA R 163 -42.22 42.43 -44.65
N LEU R 164 -41.02 42.63 -45.18
CA LEU R 164 -40.85 43.08 -46.56
C LEU R 164 -39.50 42.58 -47.07
N GLY R 165 -39.35 42.55 -48.38
CA GLY R 165 -38.11 42.06 -48.95
C GLY R 165 -38.07 42.18 -50.45
N CYS R 166 -37.14 41.45 -51.06
CA CYS R 166 -36.97 41.40 -52.49
C CYS R 166 -36.73 39.96 -52.92
N LEU R 167 -37.16 39.65 -54.13
CA LEU R 167 -37.05 38.30 -54.68
C LEU R 167 -35.95 38.28 -55.74
N VAL R 168 -34.99 37.39 -55.58
CA VAL R 168 -33.93 37.17 -56.56
C VAL R 168 -34.27 35.89 -57.31
N LYS R 169 -34.66 36.02 -58.57
CA LYS R 169 -35.14 34.90 -59.37
C LYS R 169 -34.44 34.86 -60.71
N ASP R 170 -34.21 33.64 -61.19
CA ASP R 170 -33.65 33.38 -62.53
C ASP R 170 -32.27 34.03 -62.70
N TYR R 171 -31.32 33.56 -61.90
CA TYR R 171 -29.95 34.01 -61.96
C TYR R 171 -29.01 32.81 -62.06
N PHE R 172 -27.84 33.04 -62.65
CA PHE R 172 -26.84 32.00 -62.82
C PHE R 172 -25.46 32.61 -63.01
N PRO R 173 -24.43 32.07 -62.33
CA PRO R 173 -24.48 31.08 -61.25
C PRO R 173 -24.26 31.68 -59.86
N GLU R 174 -24.07 30.80 -58.87
CA GLU R 174 -23.92 31.21 -57.48
C GLU R 174 -22.64 32.03 -57.30
N PRO R 175 -22.60 32.92 -56.28
CA PRO R 175 -23.68 33.34 -55.38
C PRO R 175 -24.14 34.78 -55.61
N VAL R 176 -25.09 35.26 -54.81
CA VAL R 176 -25.48 36.66 -54.81
C VAL R 176 -25.34 37.19 -53.38
N THR R 177 -25.00 38.46 -53.27
CA THR R 177 -24.93 39.15 -51.99
C THR R 177 -26.01 40.22 -51.96
N VAL R 178 -26.89 40.16 -50.96
CA VAL R 178 -27.99 41.09 -50.81
C VAL R 178 -27.80 41.85 -49.51
N SER R 179 -27.83 43.18 -49.59
CA SER R 179 -27.68 44.05 -48.44
C SER R 179 -28.82 45.04 -48.40
N TRP R 180 -29.18 45.47 -47.19
CA TRP R 180 -30.29 46.39 -46.98
C TRP R 180 -29.76 47.74 -46.54
N ASN R 181 -30.16 48.79 -47.27
CA ASN R 181 -29.74 50.17 -47.01
C ASN R 181 -28.22 50.31 -46.98
N SER R 182 -27.55 49.65 -47.93
CA SER R 182 -26.09 49.61 -48.02
C SER R 182 -25.46 49.08 -46.75
N GLY R 183 -26.06 48.05 -46.17
CA GLY R 183 -25.56 47.42 -44.96
C GLY R 183 -25.94 48.09 -43.67
N ALA R 184 -26.72 49.17 -43.72
CA ALA R 184 -27.11 49.85 -42.48
C ALA R 184 -28.13 49.06 -41.69
N LEU R 185 -28.94 48.24 -42.36
CA LEU R 185 -29.97 47.43 -41.71
C LEU R 185 -29.49 45.98 -41.69
N THR R 186 -29.25 45.46 -40.49
CA THR R 186 -28.77 44.09 -40.34
C THR R 186 -29.65 43.30 -39.38
N SER R 187 -30.32 43.99 -38.46
CA SER R 187 -31.18 43.32 -37.50
C SER R 187 -32.46 42.83 -38.18
N GLY R 188 -32.77 41.56 -38.00
CA GLY R 188 -33.93 40.95 -38.62
C GLY R 188 -33.74 40.55 -40.06
N VAL R 189 -32.56 40.76 -40.64
CA VAL R 189 -32.31 40.41 -42.03
C VAL R 189 -31.99 38.93 -42.12
N HIS R 190 -32.74 38.20 -42.94
CA HIS R 190 -32.55 36.77 -43.12
C HIS R 190 -32.19 36.51 -44.59
N THR R 191 -31.06 35.86 -44.81
CA THR R 191 -30.63 35.47 -46.14
C THR R 191 -30.85 33.97 -46.31
N PHE R 192 -31.58 33.59 -47.35
CA PHE R 192 -31.90 32.18 -47.50
C PHE R 192 -31.02 31.53 -48.56
N PRO R 193 -30.66 30.27 -48.36
CA PRO R 193 -29.89 29.55 -49.40
C PRO R 193 -30.73 29.34 -50.65
N ALA R 194 -30.06 29.36 -51.80
CA ALA R 194 -30.73 29.18 -53.07
C ALA R 194 -31.06 27.71 -53.30
N VAL R 195 -32.10 27.49 -54.11
CA VAL R 195 -32.52 26.15 -54.51
C VAL R 195 -32.63 26.12 -56.03
N LEU R 196 -32.42 24.94 -56.60
CA LEU R 196 -32.54 24.76 -58.03
C LEU R 196 -33.99 24.88 -58.47
N GLN R 197 -34.21 25.57 -59.58
CA GLN R 197 -35.55 25.71 -60.14
C GLN R 197 -35.89 24.50 -61.01
N SER R 198 -37.01 24.56 -61.70
CA SER R 198 -37.38 23.48 -62.60
C SER R 198 -36.53 23.45 -63.87
N SER R 199 -35.90 24.57 -64.22
CA SER R 199 -35.09 24.66 -65.44
C SER R 199 -33.79 25.39 -65.12
N GLY R 200 -32.80 24.64 -64.63
CA GLY R 200 -31.44 25.14 -64.55
C GLY R 200 -31.12 26.18 -63.50
N LEU R 201 -31.81 27.30 -63.52
CA LEU R 201 -31.43 28.47 -62.74
C LEU R 201 -31.82 28.29 -61.27
N TYR R 202 -31.44 29.27 -60.45
CA TYR R 202 -31.72 29.24 -59.02
C TYR R 202 -32.69 30.37 -58.65
N SER R 203 -33.03 30.44 -57.37
CA SER R 203 -33.91 31.46 -56.85
C SER R 203 -33.73 31.57 -55.34
N LEU R 204 -33.81 32.79 -54.82
CA LEU R 204 -33.74 33.03 -53.38
C LEU R 204 -34.42 34.36 -53.07
N SER R 205 -34.42 34.73 -51.80
CA SER R 205 -34.96 36.00 -51.35
C SER R 205 -34.25 36.43 -50.07
N SER R 206 -34.39 37.71 -49.75
CA SER R 206 -33.86 38.27 -48.51
C SER R 206 -34.87 39.25 -47.95
N VAL R 207 -35.23 39.07 -46.68
CA VAL R 207 -36.28 39.85 -46.04
C VAL R 207 -35.80 40.35 -44.68
N VAL R 208 -36.48 41.38 -44.19
CA VAL R 208 -36.20 41.97 -42.89
C VAL R 208 -37.52 42.24 -42.18
N THR R 209 -37.56 41.97 -40.89
CA THR R 209 -38.77 42.19 -40.08
C THR R 209 -38.72 43.59 -39.46
N VAL R 210 -39.79 44.36 -39.67
CA VAL R 210 -39.85 45.73 -39.17
C VAL R 210 -41.24 45.99 -38.61
N PRO R 211 -41.33 46.82 -37.57
CA PRO R 211 -42.64 47.28 -37.12
C PRO R 211 -43.37 48.05 -38.20
N SER R 212 -44.70 47.89 -38.22
CA SER R 212 -45.54 48.47 -39.26
C SER R 212 -45.70 49.98 -39.14
N SER R 213 -45.25 50.58 -38.04
CA SER R 213 -45.40 52.02 -37.86
C SER R 213 -44.54 52.81 -38.85
N SER R 214 -43.37 52.28 -39.21
CA SER R 214 -42.46 52.94 -40.13
C SER R 214 -42.58 52.41 -41.55
N LEU R 215 -43.74 51.86 -41.91
CA LEU R 215 -43.92 51.33 -43.26
C LEU R 215 -43.99 52.45 -44.29
N GLY R 216 -44.80 53.48 -44.00
CA GLY R 216 -44.98 54.59 -44.91
C GLY R 216 -44.12 55.80 -44.66
N THR R 217 -43.19 55.73 -43.71
CA THR R 217 -42.33 56.87 -43.39
C THR R 217 -40.85 56.62 -43.66
N GLN R 218 -40.45 55.40 -43.97
CA GLN R 218 -39.06 55.07 -44.23
C GLN R 218 -38.95 54.29 -45.53
N THR R 219 -37.85 54.51 -46.24
CA THR R 219 -37.63 53.89 -47.55
C THR R 219 -36.69 52.69 -47.41
N TYR R 220 -37.12 51.54 -47.90
CA TYR R 220 -36.36 50.30 -47.85
C TYR R 220 -35.89 49.96 -49.25
N ILE R 221 -34.58 49.86 -49.44
CA ILE R 221 -33.97 49.54 -50.72
C ILE R 221 -33.10 48.30 -50.54
N CYS R 222 -33.29 47.31 -51.40
CA CYS R 222 -32.48 46.10 -51.39
C CYS R 222 -31.38 46.22 -52.43
N ASN R 223 -30.15 45.89 -52.02
CA ASN R 223 -28.98 45.99 -52.88
C ASN R 223 -28.52 44.57 -53.22
N VAL R 224 -28.98 44.07 -54.36
CA VAL R 224 -28.61 42.73 -54.83
C VAL R 224 -27.42 42.86 -55.76
N ASN R 225 -26.31 42.24 -55.38
CA ASN R 225 -25.08 42.26 -56.16
C ASN R 225 -24.77 40.87 -56.66
N HIS R 226 -24.42 40.76 -57.94
CA HIS R 226 -24.15 39.48 -58.59
C HIS R 226 -22.84 39.62 -59.37
N LYS R 227 -21.72 39.30 -58.73
CA LYS R 227 -20.43 39.39 -59.43
C LYS R 227 -20.30 38.38 -60.58
N PRO R 228 -20.91 37.13 -60.56
CA PRO R 228 -20.89 36.29 -61.77
C PRO R 228 -21.39 36.97 -63.04
N SER R 229 -22.63 37.45 -63.01
CA SER R 229 -23.30 38.02 -64.17
C SER R 229 -23.18 39.54 -64.24
N ASN R 230 -22.15 40.10 -63.61
CA ASN R 230 -21.85 41.54 -63.48
C ASN R 230 -23.09 42.43 -63.58
N THR R 231 -24.02 42.21 -62.66
CA THR R 231 -25.30 42.93 -62.65
C THR R 231 -25.59 43.37 -61.22
N LYS R 232 -25.55 44.67 -60.97
CA LYS R 232 -25.96 45.25 -59.71
C LYS R 232 -27.33 45.89 -59.87
N VAL R 233 -28.21 45.63 -58.90
CA VAL R 233 -29.60 46.11 -58.96
C VAL R 233 -30.03 46.61 -57.59
N ASP R 234 -30.52 47.85 -57.54
CA ASP R 234 -31.12 48.43 -56.35
C ASP R 234 -32.61 48.61 -56.61
N LYS R 235 -33.44 48.02 -55.75
CA LYS R 235 -34.88 48.06 -55.89
C LYS R 235 -35.50 48.59 -54.60
N LYS R 236 -36.31 49.63 -54.72
CA LYS R 236 -37.01 50.18 -53.56
C LYS R 236 -38.22 49.33 -53.20
N VAL R 237 -38.47 49.19 -51.90
CA VAL R 237 -39.59 48.41 -51.40
C VAL R 237 -40.62 49.38 -50.83
N GLU R 238 -41.85 49.30 -51.34
CA GLU R 238 -42.95 50.16 -50.94
C GLU R 238 -44.18 49.31 -50.65
N PRO R 239 -45.09 49.81 -49.81
CA PRO R 239 -46.34 49.09 -49.58
C PRO R 239 -47.17 48.97 -50.84
N LYS R 240 -47.93 47.88 -50.94
CA LYS R 240 -48.71 47.60 -52.14
C LYS R 240 -49.83 48.62 -52.30
N SER R 241 -50.02 49.08 -53.54
CA SER R 241 -51.10 49.99 -53.89
C SER R 241 -52.15 49.21 -54.67
N CYS R 242 -53.39 49.26 -54.17
CA CYS R 242 -54.48 48.52 -54.82
C CYS R 242 -54.87 49.20 -56.13
N ASP R 243 -54.98 48.40 -57.19
CA ASP R 243 -55.36 48.92 -58.50
C ASP R 243 -56.58 48.20 -59.05
C1 NAG S . -40.49 -120.42 -24.29
C2 NAG S . -40.57 -121.82 -24.91
C3 NAG S . -39.46 -122.71 -24.37
C4 NAG S . -38.10 -122.05 -24.57
C5 NAG S . -38.12 -120.65 -23.96
C6 NAG S . -36.83 -119.88 -24.21
C7 NAG S . -42.87 -122.42 -25.55
C8 NAG S . -44.14 -123.08 -25.12
N2 NAG S . -41.88 -122.42 -24.66
O3 NAG S . -39.48 -123.97 -25.04
O4 NAG S . -37.09 -122.82 -23.93
O5 NAG S . -39.18 -119.88 -24.53
O6 NAG S . -36.51 -119.85 -25.60
O7 NAG S . -42.75 -121.89 -26.65
C1 NAG S . -36.24 -123.41 -24.95
C2 NAG S . -34.90 -123.78 -24.31
C3 NAG S . -34.00 -124.46 -25.34
C4 NAG S . -34.71 -125.65 -25.97
C5 NAG S . -36.07 -125.22 -26.54
C6 NAG S . -36.88 -126.37 -27.07
C7 NAG S . -34.19 -122.36 -22.45
C8 NAG S . -33.48 -121.09 -22.06
N2 NAG S . -34.24 -122.60 -23.76
O3 NAG S . -32.80 -124.90 -24.71
O4 NAG S . -33.92 -126.19 -27.02
O5 NAG S . -36.85 -124.59 -25.51
O6 NAG S . -37.84 -126.82 -26.12
O7 NAG S . -34.68 -123.11 -21.62
C1 NAG T . -22.91 -118.69 -11.13
C2 NAG T . -22.46 -120.11 -11.48
C3 NAG T . -20.95 -120.17 -11.68
C4 NAG T . -20.51 -119.12 -12.70
C5 NAG T . -21.03 -117.74 -12.30
C6 NAG T . -20.75 -116.67 -13.32
C7 NAG T . -23.99 -121.79 -10.53
C8 NAG T . -24.26 -122.71 -9.38
N2 NAG T . -22.88 -121.06 -10.46
O3 NAG T . -20.58 -121.46 -12.13
O4 NAG T . -19.09 -119.09 -12.75
O5 NAG T . -22.47 -117.78 -12.15
O6 NAG T . -19.95 -115.62 -12.77
O7 NAG T . -24.76 -121.71 -11.49
C1 NAG T . -18.65 -119.50 -14.06
C2 NAG T . -17.18 -119.11 -14.22
C3 NAG T . -16.65 -119.57 -15.57
C4 NAG T . -16.90 -121.06 -15.76
C5 NAG T . -18.36 -121.39 -15.54
C6 NAG T . -18.65 -122.86 -15.59
C7 NAG T . -16.71 -117.08 -12.90
C8 NAG T . -16.57 -115.59 -12.93
N2 NAG T . -17.00 -117.67 -14.06
O3 NAG T . -15.26 -119.29 -15.65
O4 NAG T . -16.52 -121.45 -17.08
O5 NAG T . -18.77 -120.92 -14.23
O6 NAG T . -17.70 -123.61 -14.84
O7 NAG T . -16.55 -117.73 -11.88
C1 NAG U . -58.33 -128.94 -31.06
C2 NAG U . -58.59 -130.04 -32.08
C3 NAG U . -59.16 -131.28 -31.39
C4 NAG U . -58.26 -131.71 -30.25
C5 NAG U . -57.98 -130.53 -29.31
C6 NAG U . -56.96 -130.85 -28.24
C7 NAG U . -59.07 -129.20 -34.35
C8 NAG U . -60.13 -128.77 -35.31
N2 NAG U . -59.49 -129.58 -33.14
O3 NAG U . -59.28 -132.33 -32.34
O4 NAG U . -58.89 -132.75 -29.51
O5 NAG U . -57.46 -129.42 -30.05
O6 NAG U . -55.84 -131.55 -28.78
O7 NAG U . -57.87 -129.22 -34.66
C1 NAG U . -58.19 -134.00 -29.67
C2 NAG U . -59.00 -135.09 -28.96
C3 NAG U . -58.30 -136.45 -29.13
C4 NAG U . -58.05 -136.73 -30.60
C5 NAG U . -57.28 -135.58 -31.25
C6 NAG U . -57.10 -135.75 -32.74
C7 NAG U . -60.37 -134.54 -27.00
C8 NAG U . -60.37 -134.24 -25.53
N2 NAG U . -59.17 -134.77 -27.55
O3 NAG U . -59.11 -137.47 -28.56
O4 NAG U . -57.28 -137.93 -30.74
O5 NAG U . -58.00 -134.35 -31.05
O6 NAG U . -57.18 -134.49 -33.41
O7 NAG U . -61.40 -134.58 -27.67
C1 NAG V . -78.29 -123.96 -29.32
C2 NAG V . -78.77 -123.42 -30.68
C3 NAG V . -80.21 -122.93 -30.56
C4 NAG V . -81.10 -124.01 -29.98
C5 NAG V . -80.54 -124.51 -28.65
C6 NAG V . -81.31 -125.67 -28.07
C7 NAG V . -77.32 -122.40 -32.38
C8 NAG V . -76.45 -121.23 -32.71
N2 NAG V . -77.89 -122.37 -31.16
O3 NAG V . -80.67 -122.54 -31.85
O4 NAG V . -82.41 -123.50 -29.77
O5 NAG V . -79.18 -124.96 -28.85
O6 NAG V . -80.86 -126.91 -28.58
O7 NAG V . -77.49 -123.33 -33.15
C1 NAG V . -83.32 -124.11 -30.71
C2 NAG V . -84.75 -123.98 -30.18
C3 NAG V . -85.75 -124.57 -31.17
C4 NAG V . -85.55 -123.94 -32.55
C5 NAG V . -84.10 -124.06 -32.99
C6 NAG V . -83.81 -123.36 -34.30
C7 NAG V . -84.80 -123.98 -27.73
C8 NAG V . -84.95 -124.81 -26.48
N2 NAG V . -84.88 -124.64 -28.88
O3 NAG V . -87.07 -124.34 -30.72
O4 NAG V . -86.39 -124.59 -33.51
O5 NAG V . -83.24 -123.48 -32.01
O6 NAG V . -82.75 -122.43 -34.16
O7 NAG V . -84.61 -122.77 -27.67
C1 NAG W . -81.40 -99.72 -12.37
C2 NAG W . -82.76 -100.29 -12.75
C3 NAG W . -83.06 -100.02 -14.23
C4 NAG W . -82.91 -98.53 -14.55
C5 NAG W . -81.54 -98.04 -14.09
C6 NAG W . -81.35 -96.55 -14.26
C7 NAG W . -83.55 -102.23 -11.47
C8 NAG W . -83.50 -103.73 -11.33
N2 NAG W . -82.83 -101.71 -12.48
O3 NAG W . -84.38 -100.46 -14.53
O4 NAG W . -83.05 -98.32 -15.95
O5 NAG W . -81.35 -98.32 -12.70
O6 NAG W . -82.50 -95.83 -13.83
O7 NAG W . -84.22 -101.53 -10.72
C1 NAG W . -84.27 -97.62 -16.22
C2 NAG W . -84.20 -97.02 -17.62
C3 NAG W . -85.51 -96.31 -17.96
C4 NAG W . -86.69 -97.24 -17.75
C5 NAG W . -86.67 -97.84 -16.34
C6 NAG W . -87.75 -98.87 -16.12
C7 NAG W . -81.94 -96.44 -18.37
C8 NAG W . -80.88 -95.37 -18.40
N2 NAG W . -83.07 -96.11 -17.75
O3 NAG W . -85.47 -95.86 -19.30
O4 NAG W . -87.91 -96.53 -17.94
O5 NAG W . -85.41 -98.49 -16.11
O6 NAG W . -87.29 -100.18 -16.40
O7 NAG W . -81.78 -97.53 -18.90
C1 NAG X . -72.57 -91.79 -30.70
C2 NAG X . -73.66 -92.18 -31.71
C3 NAG X . -73.77 -91.11 -32.80
C4 NAG X . -73.97 -89.74 -32.18
C5 NAG X . -72.87 -89.45 -31.17
C6 NAG X . -73.07 -88.15 -30.42
C7 NAG X . -73.94 -94.62 -31.84
C8 NAG X . -73.55 -95.87 -32.57
N2 NAG X . -73.39 -93.49 -32.30
O3 NAG X . -74.86 -91.43 -33.66
O4 NAG X . -73.94 -88.75 -33.21
O5 NAG X . -72.85 -90.49 -30.18
O6 NAG X . -72.11 -87.18 -30.80
O7 NAG X . -74.72 -94.63 -30.89
C1 NAG X . -75.23 -88.12 -33.32
C2 NAG X . -75.09 -86.86 -34.18
C3 NAG X . -76.45 -86.18 -34.35
C4 NAG X . -77.46 -87.18 -34.91
C5 NAG X . -77.51 -88.42 -34.03
C6 NAG X . -78.41 -89.51 -34.60
C7 NAG X . -72.84 -85.87 -33.94
C8 NAG X . -72.01 -84.86 -33.22
N2 NAG X . -74.14 -85.94 -33.57
O3 NAG X . -76.32 -85.08 -35.24
O4 NAG X . -78.76 -86.58 -34.95
O5 NAG X . -76.20 -89.00 -33.93
O6 NAG X . -78.40 -89.50 -36.01
O7 NAG X . -72.38 -86.60 -34.81
C1 NAG Y . -88.64 -114.60 0.57
C2 NAG Y . -90.03 -114.25 0.06
C3 NAG Y . -90.84 -115.52 -0.18
C4 NAG Y . -90.08 -116.47 -1.10
C5 NAG Y . -88.69 -116.73 -0.54
C6 NAG Y . -87.83 -117.59 -1.45
C7 NAG Y . -90.79 -112.04 0.84
C8 NAG Y . -91.55 -111.30 1.89
N2 NAG Y . -90.73 -113.37 0.99
O3 NAG Y . -92.10 -115.17 -0.77
O4 NAG Y . -90.79 -117.70 -1.20
O5 NAG Y . -88.00 -115.49 -0.35
O6 NAG Y . -87.77 -117.04 -2.76
O7 NAG Y . -90.27 -111.47 -0.12
C1 NAG Y . -91.26 -117.90 -2.56
C2 NAG Y . -92.04 -119.21 -2.62
C3 NAG Y . -92.58 -119.43 -4.04
C4 NAG Y . -93.37 -118.22 -4.50
C5 NAG Y . -92.53 -116.96 -4.36
C6 NAG Y . -93.30 -115.70 -4.71
C7 NAG Y . -91.27 -120.83 -0.96
C8 NAG Y . -90.36 -122.00 -0.70
N2 NAG Y . -91.23 -120.33 -2.20
O3 NAG Y . -93.41 -120.59 -4.04
O4 NAG Y . -93.74 -118.38 -5.87
O5 NAG Y . -92.08 -116.81 -3.01
O6 NAG Y . -94.70 -115.92 -4.72
O7 NAG Y . -92.01 -120.38 -0.10
C1 NAG Z . -80.70 -124.15 17.09
C2 NAG Z . -81.85 -123.97 18.08
C3 NAG Z . -81.72 -124.96 19.23
C4 NAG Z . -81.60 -126.38 18.69
C5 NAG Z . -80.44 -126.47 17.69
C6 NAG Z . -80.31 -127.82 17.04
C7 NAG Z . -82.90 -121.76 18.29
C8 NAG Z . -82.78 -120.40 18.90
N2 NAG Z . -81.90 -122.61 18.58
O3 NAG Z . -82.85 -124.86 20.08
O4 NAG Z . -81.36 -127.30 19.77
O5 NAG Z . -80.64 -125.51 16.65
O6 NAG Z . -80.91 -127.83 15.75
O7 NAG Z . -83.83 -122.08 17.57
C1 NAG Z . -82.54 -128.13 19.93
C2 NAG Z . -82.12 -129.45 20.56
C3 NAG Z . -83.34 -130.34 20.79
C4 NAG Z . -84.40 -129.58 21.58
C5 NAG Z . -84.73 -128.26 20.91
C6 NAG Z . -85.69 -127.40 21.72
C7 NAG Z . -79.82 -130.07 19.96
C8 NAG Z . -78.96 -130.85 19.00
N2 NAG Z . -81.14 -130.14 19.74
O3 NAG Z . -82.96 -131.52 21.49
O4 NAG Z . -85.59 -130.36 21.68
O5 NAG Z . -83.53 -127.48 20.75
O6 NAG Z . -85.18 -126.09 21.89
O7 NAG Z . -79.35 -129.41 20.87
C1 NAG AA . -52.36 -115.84 21.40
C2 NAG AA . -52.67 -116.96 22.39
C3 NAG AA . -53.66 -116.47 23.46
C4 NAG AA . -53.14 -115.20 24.12
C5 NAG AA . -52.81 -114.15 23.05
C6 NAG AA . -52.17 -112.90 23.63
C7 NAG AA . -52.47 -119.20 21.41
C8 NAG AA . -53.18 -120.32 20.70
N2 NAG AA . -53.21 -118.12 21.70
O3 NAG AA . -53.85 -117.49 24.43
O4 NAG AA . -54.12 -114.67 25.00
O5 NAG AA . -51.87 -114.69 22.11
O6 NAG AA . -51.19 -113.22 24.59
O7 NAG AA . -51.28 -119.27 21.71
C1 NAG AA . -53.67 -114.84 26.36
C2 NAG AA . -54.40 -113.81 27.24
C3 NAG AA . -53.99 -113.98 28.70
C4 NAG AA . -54.21 -115.42 29.15
C5 NAG AA . -53.50 -116.38 28.20
C6 NAG AA . -53.78 -117.84 28.51
C7 NAG AA . -55.05 -111.68 26.21
C8 NAG AA . -54.60 -110.30 25.81
N2 NAG AA . -54.13 -112.45 26.79
O3 NAG AA . -54.75 -113.10 29.51
O4 NAG AA . -53.70 -115.61 30.46
O5 NAG AA . -53.95 -116.16 26.85
O6 NAG AA . -54.81 -118.36 27.69
O7 NAG AA . -56.20 -112.07 26.02
C1 NAG BA . -63.80 -98.40 27.33
C2 NAG BA . -64.87 -98.86 28.31
C3 NAG BA . -65.31 -97.71 29.20
C4 NAG BA . -64.11 -97.06 29.87
C5 NAG BA . -63.06 -96.68 28.83
C6 NAG BA . -61.78 -96.15 29.43
C7 NAG BA . -66.19 -100.73 27.39
C8 NAG BA . -67.43 -101.12 26.64
N2 NAG BA . -66.02 -99.42 27.60
O3 NAG BA . -66.23 -98.18 30.18
O4 NAG BA . -64.53 -95.89 30.57
O5 NAG BA . -62.70 -97.83 28.05
O6 NAG BA . -61.67 -94.74 29.28
O7 NAG BA . -65.39 -101.56 27.80
C1 NAG BA . -64.33 -96.06 31.99
C2 NAG BA . -64.50 -94.70 32.66
C3 NAG BA . -64.32 -94.83 34.17
C4 NAG BA . -65.27 -95.89 34.73
C5 NAG BA . -65.08 -97.21 33.97
C6 NAG BA . -66.07 -98.27 34.38
C7 NAG BA . -63.88 -92.84 31.18
C8 NAG BA . -62.77 -91.92 30.74
N2 NAG BA . -63.55 -93.73 32.13
O3 NAG BA . -64.59 -93.57 34.79
O4 NAG BA . -65.00 -96.11 36.12
O5 NAG BA . -65.26 -97.00 32.57
O6 NAG BA . -67.30 -97.71 34.80
O7 NAG BA . -65.00 -92.78 30.70
C1 NAG CA . -49.20 -135.09 13.77
C2 NAG CA . -48.92 -135.94 15.01
C3 NAG CA . -49.88 -137.13 15.06
C4 NAG CA . -51.33 -136.64 14.96
C5 NAG CA . -51.51 -135.75 13.74
C6 NAG CA . -52.88 -135.12 13.66
C7 NAG CA . -46.58 -135.84 15.76
C8 NAG CA . -45.23 -136.44 15.65
N2 NAG CA . -47.54 -136.41 15.02
O3 NAG CA . -49.69 -137.85 16.27
O4 NAG CA . -52.20 -137.76 14.87
O5 NAG CA . -50.57 -134.66 13.78
O6 NAG CA . -53.02 -134.06 14.60
O7 NAG CA . -46.81 -134.86 16.48
C1 NAG CA . -53.03 -137.86 16.04
C2 NAG CA . -54.01 -139.02 15.85
C3 NAG CA . -54.88 -139.19 17.10
C4 NAG CA . -54.01 -139.33 18.33
C5 NAG CA . -53.02 -138.17 18.43
C6 NAG CA . -52.04 -138.31 19.58
C7 NAG CA . -54.78 -139.59 13.59
C8 NAG CA . -55.70 -139.22 12.47
N2 NAG CA . -54.84 -138.80 14.67
O3 NAG CA . -55.71 -140.33 16.94
O4 NAG CA . -54.83 -139.35 19.50
O5 NAG CA . -52.24 -138.09 17.23
O6 NAG CA . -51.91 -139.67 19.97
O7 NAG CA . -54.02 -140.55 13.52
C1 NAG DA . -43.65 -142.62 -4.57
C2 NAG DA . -42.26 -143.22 -4.33
C3 NAG DA . -41.64 -143.67 -5.65
C4 NAG DA . -42.57 -144.61 -6.40
C5 NAG DA . -43.93 -143.95 -6.58
C6 NAG DA . -44.96 -144.86 -7.21
C7 NAG DA . -40.96 -142.44 -2.40
C8 NAG DA . -40.08 -141.36 -1.87
N2 NAG DA . -41.40 -142.27 -3.66
O3 NAG DA . -40.40 -144.31 -5.39
O4 NAG DA . -42.03 -144.95 -7.66
O5 NAG DA . -44.46 -143.56 -5.29
O6 NAG DA . -45.86 -145.38 -6.24
O7 NAG DA . -41.27 -143.42 -1.74
C1 NAG DA . -41.65 -146.34 -7.65
C2 NAG DA . -41.64 -146.87 -9.09
C3 NAG DA . -41.18 -148.32 -9.11
C4 NAG DA . -39.84 -148.47 -8.40
C5 NAG DA . -39.91 -147.88 -7.00
C6 NAG DA . -38.57 -147.88 -6.28
C7 NAG DA . -43.30 -145.70 -10.47
C8 NAG DA . -44.70 -145.73 -11.01
N2 NAG DA . -42.95 -146.74 -9.69
O3 NAG DA . -41.07 -148.77 -10.46
O4 NAG DA . -39.49 -149.85 -8.31
O5 NAG DA . -40.34 -146.51 -7.06
O6 NAG DA . -38.19 -146.57 -5.91
O7 NAG DA . -42.53 -144.79 -10.71
C1 NAG EA . 36.97 123.87 -4.98
C2 NAG EA . 36.63 125.32 -5.30
C3 NAG EA . 35.54 125.84 -4.35
C4 NAG EA . 34.34 124.90 -4.38
C5 NAG EA . 34.77 123.47 -4.10
C6 NAG EA . 33.65 122.47 -4.21
C7 NAG EA . 38.52 126.53 -6.28
C8 NAG EA . 39.71 127.40 -6.01
N2 NAG EA . 37.81 126.17 -5.21
O3 NAG EA . 35.16 127.15 -4.73
O4 NAG EA . 33.39 125.31 -3.39
O5 NAG EA . 35.78 123.08 -5.03
O6 NAG EA . 32.99 122.57 -5.47
O7 NAG EA . 38.23 126.17 -7.41
C1 NAG EA . 32.22 125.85 -4.05
C2 NAG EA . 31.04 125.78 -3.07
C3 NAG EA . 29.79 126.37 -3.71
C4 NAG EA . 30.07 127.78 -4.22
C5 NAG EA . 31.29 127.77 -5.14
C6 NAG EA . 31.70 129.16 -5.59
C7 NAG EA . 31.12 123.94 -1.44
C8 NAG EA . 30.79 122.51 -1.18
N2 NAG EA . 30.79 124.41 -2.65
O3 NAG EA . 28.74 126.40 -2.76
O4 NAG EA . 28.95 128.28 -4.93
O5 NAG EA . 32.42 127.21 -4.46
O6 NAG EA . 32.77 129.66 -4.80
O7 NAG EA . 31.66 124.65 -0.60
C1 NAG FA . 24.81 117.54 11.92
C2 NAG FA . 24.13 118.85 12.31
C3 NAG FA . 22.71 118.58 12.82
C4 NAG FA . 21.92 117.75 11.81
C5 NAG FA . 22.71 116.49 11.44
C6 NAG FA . 22.05 115.68 10.34
C7 NAG FA . 25.75 120.55 13.02
C8 NAG FA . 26.46 121.18 14.17
N2 NAG FA . 24.89 119.57 13.31
O3 NAG FA . 22.04 119.81 13.05
O4 NAG FA . 20.67 117.38 12.37
O5 NAG FA . 24.01 116.84 10.96
O6 NAG FA . 21.60 114.42 10.83
O7 NAG FA . 25.94 120.92 11.86
C1 NAG FA . 19.60 118.00 11.62
C2 NAG FA . 18.29 117.32 12.01
C3 NAG FA . 17.12 117.97 11.27
C4 NAG FA . 17.12 119.48 11.50
C5 NAG FA . 18.47 120.07 11.14
C6 NAG FA . 18.58 121.54 11.46
C7 NAG FA . 18.63 114.99 12.66
C8 NAG FA . 18.63 113.55 12.21
N2 NAG FA . 18.34 115.90 11.74
O3 NAG FA . 15.89 117.40 11.73
O4 NAG FA . 16.11 120.08 10.69
O5 NAG FA . 19.51 119.41 11.88
O6 NAG FA . 17.94 121.85 12.69
O7 NAG FA . 18.89 115.30 13.83
C1 NAG GA . 52.19 134.41 -14.71
C2 NAG GA . 51.46 135.51 -15.47
C3 NAG GA . 52.07 136.87 -15.13
C4 NAG GA . 52.11 137.09 -13.63
C5 NAG GA . 52.78 135.90 -12.93
C6 NAG GA . 52.71 135.98 -11.42
C7 NAG GA . 50.46 134.76 -17.58
C8 NAG GA . 50.67 134.58 -19.05
N2 NAG GA . 51.49 135.27 -16.91
O3 NAG GA . 51.31 137.90 -15.76
O4 NAG GA . 52.84 138.27 -13.34
O5 NAG GA . 52.14 134.68 -13.30
O6 NAG GA . 51.40 136.34 -10.98
O7 NAG GA . 49.41 134.46 -17.03
C1 NAG GA . 51.98 139.29 -12.80
C2 NAG GA . 52.80 140.57 -12.64
C3 NAG GA . 51.91 141.70 -12.11
C4 NAG GA . 50.68 141.88 -12.99
C5 NAG GA . 49.95 140.55 -13.14
C6 NAG GA . 48.79 140.62 -14.10
C7 NAG GA . 55.21 140.45 -12.17
C8 NAG GA . 56.25 140.19 -11.13
N2 NAG GA . 53.94 140.36 -11.76
O3 NAG GA . 52.66 142.91 -12.07
O4 NAG GA . 49.81 142.84 -12.41
O5 NAG GA . 50.85 139.55 -13.66
O6 NAG GA . 48.64 139.42 -14.84
O7 NAG GA . 55.49 140.72 -13.34
C1 NAG HA . 71.45 129.84 -20.58
C2 NAG HA . 71.46 129.68 -22.10
C3 NAG HA . 72.83 129.22 -22.58
C4 NAG HA . 73.92 130.15 -22.06
C5 NAG HA . 73.82 130.30 -20.54
C6 NAG HA . 74.79 131.30 -19.97
C7 NAG HA . 69.51 129.06 -23.46
C8 NAG HA . 68.53 127.97 -23.79
N2 NAG HA . 70.43 128.75 -22.54
O3 NAG HA . 72.85 129.18 -24.00
O4 NAG HA . 75.21 129.65 -22.40
O5 NAG HA . 72.50 130.74 -20.19
O6 NAG HA . 74.25 132.61 -19.99
O7 NAG HA . 69.47 130.16 -24.00
C1 NAG HA . 75.80 130.51 -23.40
C2 NAG HA . 77.31 130.30 -23.39
C3 NAG HA . 77.97 131.15 -24.47
C4 NAG HA . 77.34 130.88 -25.83
C5 NAG HA . 75.82 131.06 -25.75
C6 NAG HA . 75.11 130.68 -27.03
C7 NAG HA . 78.13 129.70 -21.16
C8 NAG HA . 78.70 130.20 -19.86
N2 NAG HA . 77.87 130.62 -22.09
O3 NAG HA . 79.37 130.87 -24.52
O4 NAG HA . 77.86 131.77 -26.81
O5 NAG HA . 75.29 130.21 -24.71
O6 NAG HA . 74.09 129.71 -26.79
O7 NAG HA . 77.90 128.50 -21.34
C1 NAG IA . 78.55 102.29 -11.99
C2 NAG IA . 79.77 102.97 -12.61
C3 NAG IA . 79.59 103.09 -14.13
C4 NAG IA . 79.28 101.73 -14.75
C5 NAG IA . 78.09 101.10 -14.03
C6 NAG IA . 77.79 99.69 -14.51
C7 NAG IA . 81.00 104.56 -11.20
C8 NAG IA . 81.07 105.96 -10.69
N2 NAG IA . 79.98 104.28 -12.02
O3 NAG IA . 80.78 103.63 -14.70
O4 NAG IA . 78.97 101.89 -16.13
O5 NAG IA . 78.35 101.01 -12.62
O6 NAG IA . 78.98 98.91 -14.60
O7 NAG IA . 81.84 103.71 -10.89
C1 NAG IA . 80.03 101.31 -16.92
C2 NAG IA . 79.50 101.07 -18.34
C3 NAG IA . 80.60 100.50 -19.22
C4 NAG IA . 81.83 101.40 -19.18
C5 NAG IA . 82.27 101.63 -17.73
C6 NAG IA . 83.41 102.61 -17.62
C7 NAG IA . 77.09 100.61 -18.45
C8 NAG IA . 76.02 99.55 -18.40
N2 NAG IA . 78.35 100.18 -18.32
O3 NAG IA . 80.13 100.40 -20.56
O4 NAG IA . 82.90 100.79 -19.90
O5 NAG IA . 81.18 102.17 -16.97
O6 NAG IA . 82.94 103.93 -17.39
O7 NAG IA . 76.82 101.80 -18.58
C1 NAG JA . 64.12 98.82 -27.96
C2 NAG JA . 64.86 99.48 -29.13
C3 NAG JA . 64.58 98.72 -30.43
C4 NAG JA . 64.89 97.24 -30.26
C5 NAG JA . 64.15 96.67 -29.05
C6 NAG JA . 64.51 95.24 -28.75
C7 NAG JA . 65.19 101.88 -28.73
C8 NAG JA . 64.65 103.26 -28.97
N2 NAG JA . 64.48 100.88 -29.26
O3 NAG JA . 65.37 99.28 -31.47
O4 NAG JA . 64.50 96.54 -31.44
O5 NAG JA . 64.49 97.43 -27.88
O6 NAG JA . 63.43 94.37 -29.01
O7 NAG JA . 66.22 101.68 -28.11
C1 NAG JA . 65.67 96.01 -32.10
C2 NAG JA . 65.20 94.99 -33.14
C3 NAG JA . 66.41 94.43 -33.90
C4 NAG JA . 67.25 95.56 -34.48
C5 NAG JA . 67.61 96.56 -33.39
C6 NAG JA . 68.35 97.77 -33.92
C7 NAG JA . 63.11 93.90 -32.46
C8 NAG JA . 62.50 92.72 -31.78
N2 NAG JA . 64.45 93.91 -32.53
O3 NAG JA . 65.96 93.57 -34.94
O4 NAG JA . 68.44 95.04 -35.06
O5 NAG JA . 66.43 97.05 -32.74
O6 NAG JA . 67.87 98.13 -35.22
O7 NAG JA . 62.43 94.81 -32.92
C1 NAG KA . 90.16 113.74 1.31
C2 NAG KA . 91.23 114.16 0.30
C3 NAG KA . 91.71 115.59 0.59
C4 NAG KA . 90.53 116.55 0.65
C5 NAG KA . 89.49 116.03 1.65
C6 NAG KA . 88.23 116.87 1.68
C7 NAG KA . 92.50 112.25 -0.57
C8 NAG KA . 93.71 111.39 -0.40
N2 NAG KA . 92.36 113.24 0.32
O3 NAG KA . 92.62 116.00 -0.42
O4 NAG KA . 90.98 117.84 1.05
O5 NAG KA . 89.09 114.70 1.30
O6 NAG KA . 87.68 117.03 0.37
O7 NAG KA . 91.69 112.06 -1.47
C1 NAG KA . 90.78 118.78 -0.02
C2 NAG KA . 91.32 120.15 0.43
C3 NAG KA . 91.17 121.17 -0.69
C4 NAG KA . 91.81 120.67 -1.97
C5 NAG KA . 91.26 119.28 -2.33
C6 NAG KA . 91.95 118.67 -3.53
C7 NAG KA . 91.15 120.45 2.86
C8 NAG KA . 90.32 120.97 3.99
N2 NAG KA . 90.64 120.60 1.64
O3 NAG KA . 91.77 122.40 -0.28
O4 NAG KA . 91.55 121.57 -3.04
O5 NAG KA . 91.45 118.38 -1.23
O6 NAG KA . 93.17 119.33 -3.83
O7 NAG KA . 92.24 119.92 3.05
C1 NAG LA . 88.22 118.66 21.28
C2 NAG LA . 89.47 118.04 21.94
C3 NAG LA . 89.37 118.14 23.45
C4 NAG LA . 89.11 119.58 23.88
C5 NAG LA . 87.88 120.12 23.17
C6 NAG LA . 87.61 121.58 23.46
C7 NAG LA . 90.65 116.25 20.75
C8 NAG LA . 90.68 114.79 20.42
N2 NAG LA . 89.64 116.66 21.52
O3 NAG LA . 90.57 117.66 24.03
O4 NAG LA . 88.92 119.65 25.29
O5 NAG LA . 88.05 120.01 21.75
O6 NAG LA . 88.10 122.41 22.42
O7 NAG LA . 91.51 117.03 20.34
C1 NAG LA . 90.04 120.32 25.89
C2 NAG LA . 89.60 120.97 27.20
C3 NAG LA . 90.78 121.65 27.88
C4 NAG LA . 91.95 120.69 28.04
C5 NAG LA . 92.30 120.05 26.69
C6 NAG LA . 93.36 118.98 26.81
C7 NAG LA . 87.23 121.59 27.14
C8 NAG LA . 86.24 122.69 26.87
N2 NAG LA . 88.51 121.91 26.98
O3 NAG LA . 90.38 122.15 29.16
O4 NAG LA . 93.09 121.36 28.55
O5 NAG LA . 91.14 119.42 26.13
O6 NAG LA . 92.97 117.78 26.16
O7 NAG LA . 86.87 120.47 27.49
C1 NAG MA . 62.31 108.54 32.09
C2 NAG MA . 62.96 109.40 33.18
C3 NAG MA . 64.21 108.70 33.72
C4 NAG MA . 63.87 107.29 34.18
C5 NAG MA . 63.18 106.51 33.05
C6 NAG MA . 62.70 105.15 33.47
C7 NAG MA . 62.56 111.80 32.89
C8 NAG MA . 63.07 113.08 32.28
N2 NAG MA . 63.30 110.71 32.66
O3 NAG MA . 64.73 109.45 34.82
O4 NAG MA . 65.05 106.60 34.56
O5 NAG MA . 62.02 107.24 32.61
O6 NAG MA . 62.07 105.18 34.74
O7 NAG MA . 61.53 111.76 33.55
C1 NAG MA . 65.06 106.40 35.99
C2 NAG MA . 65.97 105.22 36.31
C3 NAG MA . 66.05 105.01 37.82
C4 NAG MA . 66.46 106.30 38.52
C5 NAG MA . 65.53 107.45 38.11
C6 NAG MA . 65.97 108.78 38.66
C7 NAG MA . 66.18 103.43 34.64
C8 NAG MA . 65.55 102.19 34.08
N2 NAG MA . 65.51 104.00 35.65
O3 NAG MA . 66.99 103.98 38.12
O4 NAG MA . 66.40 106.13 39.93
O5 NAG MA . 65.53 107.57 36.68
O6 NAG MA . 66.72 109.53 37.71
O7 NAG MA . 67.22 103.90 34.19
C1 NAG NA . 74.23 90.59 29.68
C2 NAG NA . 75.42 90.88 30.59
C3 NAG NA . 75.90 89.60 31.25
C4 NAG NA . 74.76 88.88 31.96
C5 NAG NA . 73.58 88.69 31.00
C6 NAG NA . 72.35 88.12 31.67
C7 NAG NA . 76.69 92.83 29.81
C8 NAG NA . 77.86 93.30 29.00
N2 NAG NA . 76.51 91.50 29.85
O3 NAG NA . 76.93 89.90 32.19
O4 NAG NA . 75.19 87.61 32.43
O5 NAG NA . 73.19 89.95 30.44
O6 NAG NA . 72.15 86.77 31.30
O7 NAG NA . 75.97 93.61 30.42
C1 NAG NA . 75.15 87.57 33.87
C2 NAG NA . 75.34 86.12 34.32
C3 NAG NA . 75.34 86.02 35.83
C4 NAG NA . 76.37 86.97 36.42
C5 NAG NA . 76.16 88.39 35.90
C6 NAG NA . 77.22 89.36 36.35
C7 NAG NA . 74.49 84.53 32.64
C8 NAG NA . 73.31 83.71 32.20
N2 NAG NA . 74.30 85.26 33.74
O3 NAG NA . 75.62 84.69 36.23
O4 NAG NA . 76.27 86.98 37.85
O5 NAG NA . 76.18 88.39 34.46
O6 NAG NA . 78.48 88.71 36.52
O7 NAG NA . 75.56 84.53 32.03
C1 NAG OA . 57.79 128.97 30.81
C2 NAG OA . 57.97 129.49 32.24
C3 NAG OA . 58.96 130.66 32.27
C4 NAG OA . 60.27 130.25 31.60
C5 NAG OA . 60.01 129.70 30.20
C6 NAG OA . 61.25 129.16 29.53
C7 NAG OA . 55.98 129.11 33.64
C8 NAG OA . 54.69 129.69 34.14
N2 NAG OA . 56.69 129.89 32.81
O3 NAG OA . 59.19 131.04 33.62
O4 NAG OA . 61.12 131.39 31.50
O5 NAG OA . 59.07 128.61 30.27
O6 NAG OA . 61.64 127.92 30.09
O7 NAG OA . 56.38 128.00 33.97
C1 NAG OA . 62.27 131.23 32.35
C2 NAG OA . 63.20 132.43 32.15
C3 NAG OA . 64.41 132.31 33.06
C4 NAG OA . 63.99 132.12 34.51
C5 NAG OA . 63.03 130.93 34.61
C6 NAG OA . 62.46 130.75 36.00
C7 NAG OA . 63.25 133.56 29.97
C8 NAG OA . 63.76 133.53 28.57
N2 NAG OA . 63.61 132.54 30.76
O3 NAG OA . 65.21 133.49 32.95
O4 NAG OA . 65.12 131.88 35.33
O5 NAG OA . 61.91 131.13 33.73
O6 NAG OA . 62.52 131.96 36.76
O7 NAG OA . 62.54 134.48 30.39
C1 NAG PA . 47.16 140.61 17.56
C2 NAG PA . 45.94 141.07 18.37
C3 NAG PA . 44.96 141.81 17.46
C4 NAG PA . 45.66 142.94 16.72
C5 NAG PA . 46.87 142.39 15.97
C6 NAG PA . 47.68 143.47 15.28
C7 NAG PA . 45.28 139.81 20.35
C8 NAG PA . 44.56 138.59 20.87
N2 NAG PA . 45.30 139.96 19.03
O3 NAG PA . 43.89 142.32 18.24
O4 NAG PA . 44.76 143.56 15.80
O5 NAG PA . 47.75 141.73 16.88
O6 NAG PA . 48.87 143.77 16.01
O7 NAG PA . 45.82 140.60 21.11
C1 NAG PA . 44.45 144.89 16.28
C2 NAG PA . 44.03 145.76 15.09
C3 NAG PA . 43.65 147.15 15.57
C4 NAG PA . 42.60 147.08 16.67
C5 NAG PA . 43.08 146.16 17.80
C6 NAG PA . 42.04 145.94 18.87
C7 NAG PA . 45.12 145.03 13.02
C8 NAG PA . 46.28 145.23 12.08
N2 NAG PA . 45.08 145.83 14.09
O3 NAG PA . 43.15 147.90 14.47
O4 NAG PA . 42.36 148.38 17.21
O5 NAG PA . 43.41 144.87 17.26
O6 NAG PA . 41.72 144.56 19.01
O7 NAG PA . 44.26 144.18 12.81
C1 NAG QA . -5.52 -65.41 -47.89
C2 NAG QA . -6.47 -66.49 -48.41
C3 NAG QA . -6.31 -66.65 -49.92
C4 NAG QA . -6.47 -65.31 -50.62
C5 NAG QA . -5.52 -64.27 -50.01
C6 NAG QA . -5.72 -62.89 -50.58
C7 NAG QA . -7.16 -68.32 -46.93
C8 NAG QA . -6.78 -69.63 -46.32
N2 NAG QA . -6.25 -67.75 -47.74
O3 NAG QA . -7.28 -67.57 -50.40
O4 NAG QA . -6.19 -65.44 -52.01
O5 NAG QA . -5.74 -64.18 -48.60
O6 NAG QA . -6.01 -61.95 -49.56
O7 NAG QA . -8.26 -67.80 -46.73
C1 NAG RA . 28.04 -58.41 -32.14
C2 NAG RA . 29.34 -57.73 -31.70
C3 NAG RA . 29.08 -56.85 -30.48
C4 NAG RA . 27.96 -55.86 -30.77
C5 NAG RA . 26.71 -56.61 -31.25
C6 NAG RA . 25.60 -55.67 -31.68
C7 NAG RA . 31.63 -58.61 -31.84
C8 NAG RA . 32.56 -59.71 -31.44
N2 NAG RA . 30.37 -58.72 -31.40
O3 NAG RA . 30.27 -56.14 -30.15
O4 NAG RA . 27.64 -55.14 -29.58
O5 NAG RA . 27.04 -57.40 -32.40
O6 NAG RA . 25.91 -54.31 -31.37
O7 NAG RA . 32.00 -57.66 -32.52
C1 NAG SA . 17.51 -38.56 -23.13
C2 NAG SA . 16.30 -38.45 -24.07
C3 NAG SA . 15.08 -37.93 -23.29
C4 NAG SA . 14.83 -38.80 -22.06
C5 NAG SA . 16.09 -38.86 -21.21
C6 NAG SA . 15.96 -39.78 -20.02
C7 NAG SA . 15.92 -37.62 -26.35
C8 NAG SA . 16.36 -36.65 -27.41
N2 NAG SA . 16.59 -37.58 -25.20
O3 NAG SA . 13.92 -37.96 -24.13
O4 NAG SA . 13.77 -38.23 -21.29
O5 NAG SA . 17.17 -39.38 -21.99
O6 NAG SA . 17.11 -39.75 -19.19
O7 NAG SA . 14.99 -38.40 -26.54
C1 NAG TA . 2.95 -43.78 -28.10
C2 NAG TA . 2.71 -42.58 -27.18
C3 NAG TA . 1.28 -42.58 -26.67
C4 NAG TA . 0.30 -42.64 -27.84
C5 NAG TA . 0.63 -43.82 -28.75
C6 NAG TA . -0.23 -43.87 -29.99
C7 NAG TA . 4.77 -41.85 -26.05
C8 NAG TA . 5.62 -41.98 -24.82
N2 NAG TA . 3.66 -42.58 -26.07
O3 NAG TA . 1.05 -41.40 -25.91
O4 NAG TA . -1.03 -42.77 -27.35
O5 NAG TA . 2.00 -43.74 -29.18
O6 NAG TA . 0.39 -43.16 -31.06
O7 NAG TA . 5.07 -41.10 -26.98
C1 NAG UA . 5.27 -86.14 -16.29
C2 NAG UA . 6.77 -86.44 -16.21
C3 NAG UA . 7.11 -87.69 -17.02
C4 NAG UA . 6.23 -88.85 -16.60
C5 NAG UA . 4.75 -88.46 -16.67
C6 NAG UA . 3.82 -89.53 -16.15
C7 NAG UA . 8.32 -84.58 -15.83
C8 NAG UA . 9.07 -83.44 -16.46
N2 NAG UA . 7.56 -85.30 -16.65
O3 NAG UA . 8.47 -88.01 -16.84
O4 NAG UA . 6.45 -89.96 -17.46
O5 NAG UA . 4.51 -87.29 -15.87
O6 NAG UA . 4.44 -90.30 -15.13
O7 NAG UA . 8.41 -84.84 -14.64
C1 NAG VA . -46.25 -33.07 -46.71
C2 NAG VA . -47.40 -32.79 -45.72
C3 NAG VA . -48.55 -32.08 -46.44
C4 NAG VA . -48.06 -30.84 -47.17
C5 NAG VA . -46.88 -31.20 -48.09
C6 NAG VA . -46.24 -29.98 -48.72
C7 NAG VA . -48.09 -34.13 -43.78
C8 NAG VA . -47.79 -32.92 -42.94
N2 NAG VA . -47.87 -34.01 -45.10
O3 NAG VA . -49.53 -31.69 -45.48
O4 NAG VA . -49.11 -30.29 -47.96
O5 NAG VA . -45.86 -31.85 -47.34
O6 NAG VA . -44.88 -30.25 -49.00
O7 NAG VA . -48.50 -35.18 -43.28
C1 NAG WA . -38.43 -4.65 -37.02
C2 NAG WA . -37.97 -3.64 -38.10
C3 NAG WA . -37.69 -4.35 -39.43
C4 NAG WA . -36.77 -5.56 -39.21
C5 NAG WA . -37.37 -6.45 -38.15
C6 NAG WA . -36.56 -7.71 -37.89
C7 NAG WA . -40.19 -2.67 -38.67
C8 NAG WA . -40.97 -1.40 -38.79
N2 NAG WA . -38.92 -2.55 -38.28
O3 NAG WA . -37.10 -3.43 -40.34
O4 NAG WA . -36.61 -6.28 -40.43
O5 NAG WA . -37.47 -5.73 -36.92
O6 NAG WA . -35.27 -7.40 -37.39
O7 NAG WA . -40.70 -3.76 -38.92
C1 NAG XA . -39.21 -65.63 -43.68
C2 NAG XA . -40.74 -65.71 -43.72
C3 NAG XA . -41.22 -66.00 -45.14
C4 NAG XA . -40.64 -64.98 -46.11
C5 NAG XA . -39.12 -64.92 -45.98
C6 NAG XA . -38.48 -63.85 -46.83
C7 NAG XA . -42.15 -66.47 -41.86
C8 NAG XA . -42.54 -67.63 -40.99
N2 NAG XA . -41.23 -66.71 -42.79
O3 NAG XA . -42.64 -65.95 -45.18
O4 NAG XA . -40.98 -65.34 -47.45
O5 NAG XA . -38.76 -64.64 -44.62
O6 NAG XA . -38.03 -62.76 -46.04
O7 NAG XA . -42.64 -65.35 -41.71
C1 NAG YA . -40.76 -87.16 -49.72
C2 NAG YA . -40.29 -86.03 -50.63
C3 NAG YA . -41.47 -85.18 -51.07
C4 NAG YA . -42.55 -86.06 -51.71
C5 NAG YA . -42.93 -87.19 -50.75
C6 NAG YA . -43.91 -88.16 -51.36
C7 NAG YA . -38.03 -85.10 -50.37
C8 NAG YA . -37.13 -84.20 -49.56
N2 NAG YA . -39.29 -85.21 -49.96
O3 NAG YA . -41.03 -84.20 -52.00
O4 NAG YA . -43.71 -85.27 -51.99
O5 NAG YA . -41.76 -87.93 -50.39
O6 NAG YA . -44.92 -87.49 -52.10
O7 NAG YA . -37.61 -85.71 -51.36
C1 NAG ZA . -69.79 -109.99 -34.37
C2 NAG ZA . -71.09 -110.76 -34.20
C3 NAG ZA . -71.61 -111.21 -35.57
C4 NAG ZA . -71.72 -110.02 -36.51
C5 NAG ZA . -70.39 -109.27 -36.58
C6 NAG ZA . -70.47 -108.01 -37.41
C7 NAG ZA . -71.39 -111.96 -32.08
C8 NAG ZA . -71.11 -113.21 -31.31
N2 NAG ZA . -70.91 -111.91 -33.32
O3 NAG ZA . -72.87 -111.84 -35.41
O4 NAG ZA . -72.07 -110.47 -37.82
O5 NAG ZA . -69.98 -108.88 -35.27
O6 NAG ZA . -71.14 -106.97 -36.71
O7 NAG ZA . -72.02 -111.01 -31.59
C1 NAG AB . -54.46 -114.59 -35.18
C2 NAG AB . -53.04 -114.14 -35.53
C3 NAG AB . -52.98 -112.62 -35.64
C4 NAG AB . -54.03 -112.11 -36.62
C5 NAG AB . -55.40 -112.63 -36.24
C6 NAG AB . -56.48 -112.27 -37.24
C7 NAG AB . -51.33 -115.70 -34.74
C8 NAG AB . -50.39 -116.06 -33.62
N2 NAG AB . -52.08 -114.62 -34.54
O3 NAG AB . -51.68 -112.23 -36.07
O4 NAG AB . -54.05 -110.69 -36.61
O5 NAG AB . -55.39 -114.07 -36.16
O6 NAG AB . -56.39 -113.08 -38.41
O7 NAG AB . -51.38 -116.36 -35.76
C1 NAG BB . -74.06 -31.64 -2.48
C2 NAG BB . -73.99 -33.00 -1.77
C3 NAG BB . -73.53 -32.83 -0.33
C4 NAG BB . -72.23 -32.04 -0.28
C5 NAG BB . -72.36 -30.73 -1.03
C6 NAG BB . -71.05 -29.96 -1.11
C7 NAG BB . -75.41 -35.00 -1.94
C8 NAG BB . -76.81 -35.53 -1.97
N2 NAG BB . -75.28 -33.67 -1.82
O3 NAG BB . -73.37 -34.10 0.28
O4 NAG BB . -71.87 -31.78 1.08
O5 NAG BB . -72.78 -30.97 -2.38
O6 NAG BB . -70.42 -30.15 -2.37
O7 NAG BB . -74.43 -35.74 -2.03
C1 NAG CB . -64.49 -10.58 -33.34
C2 NAG CB . -64.26 -9.47 -34.36
C3 NAG CB . -62.78 -9.39 -34.70
C4 NAG CB . -61.94 -9.22 -33.45
C5 NAG CB . -62.27 -10.31 -32.44
C6 NAG CB . -61.59 -10.10 -31.11
C7 NAG CB . -65.75 -8.68 -36.14
C8 NAG CB . -66.53 -9.06 -37.36
N2 NAG CB . -65.07 -9.66 -35.55
O3 NAG CB . -62.57 -8.29 -35.59
O4 NAG CB . -60.56 -9.27 -33.77
O5 NAG CB . -63.68 -10.34 -32.17
O6 NAG CB . -61.94 -11.11 -30.18
O7 NAG CB . -65.73 -7.52 -35.71
C1 NAG DB . -45.40 -5.54 -19.80
C2 NAG DB . -44.19 -6.44 -19.54
C3 NAG DB . -43.98 -6.63 -18.04
C4 NAG DB . -43.91 -5.27 -17.34
C5 NAG DB . -45.13 -4.43 -17.69
C6 NAG DB . -45.07 -3.03 -17.12
C7 NAG DB . -43.48 -8.20 -21.10
C8 NAG DB . -43.80 -9.56 -21.67
N2 NAG DB . -44.35 -7.73 -20.20
O3 NAG DB . -42.79 -7.35 -17.81
O4 NAG DB . -43.87 -5.47 -15.93
O5 NAG DB . -45.23 -4.29 -19.12
O6 NAG DB . -46.28 -2.68 -16.48
O7 NAG DB . -42.49 -7.57 -21.44
C1 NAG EB . -47.41 -17.91 -8.92
C2 NAG EB . -46.28 -16.98 -8.47
C3 NAG EB . -45.68 -17.46 -7.15
C4 NAG EB . -46.76 -17.65 -6.11
C5 NAG EB . -47.84 -18.59 -6.63
C6 NAG EB . -49.00 -18.73 -5.67
C7 NAG EB . -45.27 -15.95 -10.46
C8 NAG EB . -44.13 -16.00 -11.44
N2 NAG EB . -45.25 -16.88 -9.50
O3 NAG EB . -44.71 -16.52 -6.70
O4 NAG EB . -46.19 -18.20 -4.92
O5 NAG EB . -48.37 -18.07 -7.85
O6 NAG EB . -50.24 -18.59 -6.35
O7 NAG EB . -46.16 -15.12 -10.54
C1 NAG FB . -63.23 -48.98 -35.18
C2 NAG FB . -64.71 -48.86 -35.54
C3 NAG FB . -65.31 -50.25 -35.75
C4 NAG FB . -64.49 -51.03 -36.78
C5 NAG FB . -63.03 -51.06 -36.37
C6 NAG FB . -62.14 -51.72 -37.42
C7 NAG FB . -66.09 -46.99 -34.73
C8 NAG FB . -66.79 -46.39 -33.56
N2 NAG FB . -65.44 -48.14 -34.51
O3 NAG FB . -66.65 -50.12 -36.20
O4 NAG FB . -64.99 -52.36 -36.87
O5 NAG FB . -62.54 -49.72 -36.20
O6 NAG FB . -62.09 -50.95 -38.61
O7 NAG FB . -66.11 -46.47 -35.84
C1 NAG GB . -44.23 -35.79 39.78
C2 NAG GB . -44.17 -37.12 40.54
C3 NAG GB . -45.55 -37.47 41.07
C4 NAG GB . -46.10 -36.32 41.91
C5 NAG GB . -46.08 -35.02 41.11
C6 NAG GB . -46.51 -33.82 41.92
C7 NAG GB . -42.48 -38.76 39.83
C8 NAG GB . -41.63 -38.25 40.96
N2 NAG GB . -43.68 -38.18 39.67
O3 NAG GB . -45.47 -38.64 41.87
O4 NAG GB . -47.45 -36.61 42.30
O5 NAG GB . -44.75 -34.77 40.64
O6 NAG GB . -45.41 -33.27 42.64
O7 NAG GB . -42.09 -39.66 39.08
C1 NAG HB . -33.74 -15.14 51.53
C2 NAG HB . -34.34 -14.24 50.44
C3 NAG HB . -35.87 -14.37 50.40
C4 NAG HB . -36.27 -15.83 50.30
C5 NAG HB . -35.63 -16.64 51.43
C6 NAG HB . -35.92 -18.12 51.33
C7 NAG HB . -34.22 -12.05 51.63
C8 NAG HB . -33.69 -10.65 51.54
N2 NAG HB . -33.94 -12.84 50.58
O3 NAG HB . -36.38 -13.64 49.30
O4 NAG HB . -37.70 -15.96 50.38
O5 NAG HB . -34.20 -16.48 51.36
O6 NAG HB . -34.94 -18.79 50.55
O7 NAG HB . -34.86 -12.44 52.61
C1 NAG IB . -64.98 -54.19 20.43
C2 NAG IB . -64.80 -55.23 21.53
C3 NAG IB . -66.01 -55.24 22.47
C4 NAG IB . -66.27 -53.84 23.00
C5 NAG IB . -66.40 -52.85 21.85
C6 NAG IB . -66.55 -51.42 22.31
C7 NAG IB . -63.62 -57.38 21.38
C8 NAG IB . -63.55 -58.71 20.68
N2 NAG IB . -64.59 -56.55 20.96
O3 NAG IB . -65.77 -56.13 23.55
O4 NAG IB . -67.48 -53.83 23.76
O5 NAG IB . -65.22 -52.90 21.03
O6 NAG IB . -65.33 -50.70 22.19
O7 NAG IB . -62.85 -57.08 22.27
C1 NAG JB . -81.92 -65.76 15.38
C2 NAG JB . -80.61 -65.30 16.02
C3 NAG JB . -80.74 -63.86 16.50
C4 NAG JB . -81.20 -62.96 15.36
C5 NAG JB . -82.47 -63.50 14.74
C6 NAG JB . -82.92 -62.73 13.52
C7 NAG JB . -79.18 -66.98 17.10
C8 NAG JB . -78.95 -67.81 18.32
N2 NAG JB . -80.25 -66.17 17.12
O3 NAG JB . -79.47 -63.41 16.99
O4 NAG JB . -81.43 -61.64 15.84
O5 NAG JB . -82.28 -64.86 14.32
O6 NAG JB . -82.58 -61.36 13.63
O7 NAG JB . -78.44 -67.04 16.13
C1 NAG KB . -77.94 -107.63 19.13
C2 NAG KB . -77.98 -109.05 19.71
C3 NAG KB . -79.21 -109.22 20.60
C4 NAG KB . -79.25 -108.13 21.67
C5 NAG KB . -79.15 -106.75 21.02
C6 NAG KB . -79.08 -105.63 22.02
C7 NAG KB . -76.92 -110.80 18.35
C8 NAG KB . -77.10 -111.77 17.22
N2 NAG KB . -77.98 -110.05 18.65
O3 NAG KB . -79.16 -110.50 21.22
O4 NAG KB . -80.46 -108.23 22.41
O5 NAG KB . -77.98 -106.67 20.21
O6 NAG KB . -77.80 -105.58 22.65
O7 NAG KB . -75.86 -110.71 18.96
C1 NAG LB . -84.25 -101.00 6.71
C2 NAG LB . -84.14 -99.60 6.11
C3 NAG LB . -83.51 -98.64 7.12
C4 NAG LB . -84.30 -98.66 8.42
C5 NAG LB . -84.40 -100.09 8.95
C6 NAG LB . -85.26 -100.20 10.19
C7 NAG LB . -83.75 -99.05 3.75
C8 NAG LB . -82.81 -99.17 2.58
N2 NAG LB . -83.34 -99.62 4.88
O3 NAG LB . -83.51 -97.32 6.57
O4 NAG LB . -83.66 -97.84 9.39
O5 NAG LB . -84.99 -100.93 7.95
O6 NAG LB . -86.21 -101.26 10.06
O7 NAG LB . -84.81 -98.45 3.66
C1 NAG MB . -8.46 -71.55 43.10
C2 NAG MB . -8.71 -73.07 43.01
C3 NAG MB . -7.84 -73.81 44.01
C4 NAG MB . -6.37 -73.43 43.85
C5 NAG MB . -6.22 -71.91 43.91
C6 NAG MB . -4.81 -71.45 43.63
C7 NAG MB . -10.92 -73.80 42.23
C8 NAG MB . -12.34 -74.08 42.62
N2 NAG MB . -10.11 -73.37 43.21
O3 NAG MB . -8.00 -75.21 43.83
O4 NAG MB . -5.59 -74.02 44.88
O5 NAG MB . -7.06 -71.29 42.93
O6 NAG MB . -4.79 -70.33 42.76
O7 NAG MB . -10.52 -73.96 41.08
C1 NAG NB . -22.36 -40.81 61.95
C2 NAG NB . -22.21 -40.19 60.55
C3 NAG NB . -22.36 -38.68 60.62
C4 NAG NB . -23.65 -38.29 61.34
C5 NAG NB . -23.72 -38.99 62.69
C6 NAG NB . -25.02 -38.72 63.41
C7 NAG NB . -20.84 -41.01 58.68
C8 NAG NB . -19.46 -41.34 58.21
N2 NAG NB . -20.94 -40.56 59.94
O3 NAG NB . -22.35 -38.13 59.30
O4 NAG NB . -23.69 -36.88 61.53
O5 NAG NB . -23.62 -40.41 62.52
O6 NAG NB . -24.89 -37.70 64.39
O7 NAG NB . -21.82 -41.15 57.96
C1 NAG OB . -12.92 -27.98 41.57
C2 NAG OB . -11.41 -27.85 41.33
C3 NAG OB . -11.07 -28.32 39.92
C4 NAG OB . -11.62 -29.71 39.66
C5 NAG OB . -13.12 -29.75 39.96
C6 NAG OB . -13.72 -31.14 39.82
C7 NAG OB . -10.02 -26.18 42.46
C8 NAG OB . -9.67 -24.73 42.56
N2 NAG OB . -10.95 -26.50 41.56
O3 NAG OB . -9.65 -28.31 39.74
O4 NAG OB . -11.42 -30.06 38.29
O5 NAG OB . -13.35 -29.34 41.31
O6 NAG OB . -15.10 -31.14 40.13
O7 NAG OB . -9.48 -27.03 43.17
C1 NAG PB . -9.82 -42.53 33.13
C2 NAG PB . -10.12 -41.71 31.87
C3 NAG PB . -8.87 -40.93 31.46
C4 NAG PB . -8.34 -40.09 32.63
C5 NAG PB . -8.10 -40.98 33.84
C6 NAG PB . -7.69 -40.21 35.07
C7 NAG PB . -11.81 -42.48 30.28
C8 NAG PB . -12.11 -43.43 29.16
N2 NAG PB . -10.58 -42.55 30.79
O3 NAG PB . -9.19 -40.08 30.36
O4 NAG PB . -7.13 -39.45 32.26
O5 NAG PB . -9.32 -41.67 34.18
O6 NAG PB . -8.65 -39.21 35.41
O7 NAG PB . -12.64 -41.69 30.70
C1 NAG QB . -46.10 -65.68 43.56
C2 NAG QB . -46.91 -64.80 44.50
C3 NAG QB . -47.92 -65.62 45.28
C4 NAG QB . -48.78 -66.44 44.33
C5 NAG QB . -47.91 -67.27 43.40
C6 NAG QB . -48.70 -68.02 42.35
C7 NAG QB . -46.24 -62.79 45.75
C8 NAG QB . -45.24 -62.20 46.70
N2 NAG QB . -46.03 -64.07 45.40
O3 NAG QB . -48.73 -64.76 46.07
O4 NAG QB . -49.64 -67.31 45.07
O5 NAG QB . -47.00 -66.42 42.70
O6 NAG QB . -48.17 -69.31 42.11
O7 NAG QB . -47.19 -62.15 45.32
C1 NAG RB . 20.21 -68.17 -4.01
C2 NAG RB . 20.41 -69.21 -5.13
C3 NAG RB . 20.79 -70.56 -4.52
C4 NAG RB . 21.99 -70.41 -3.60
C5 NAG RB . 21.74 -69.33 -2.55
C6 NAG RB . 22.94 -69.04 -1.69
C7 NAG RB . 19.12 -68.88 -7.20
C8 NAG RB . 20.34 -68.22 -7.76
N2 NAG RB . 19.21 -69.33 -5.94
O3 NAG RB . 21.09 -71.48 -5.55
O4 NAG RB . 22.27 -71.64 -2.94
O5 NAG RB . 21.40 -68.09 -3.20
O6 NAG RB . 23.99 -68.43 -2.43
O7 NAG RB . 18.09 -69.01 -7.85
C1 NAG SB . 33.38 -43.09 -7.54
C2 NAG SB . 34.46 -44.14 -7.22
C3 NAG SB . 34.76 -44.17 -5.72
C4 NAG SB . 35.07 -42.78 -5.21
C5 NAG SB . 33.96 -41.81 -5.59
C6 NAG SB . 34.26 -40.38 -5.19
C7 NAG SB . 33.05 -46.19 -7.35
C8 NAG SB . 32.92 -47.53 -8.01
N2 NAG SB . 34.12 -45.46 -7.73
O3 NAG SB . 35.85 -45.05 -5.47
O4 NAG SB . 35.20 -42.81 -3.78
O5 NAG SB . 33.77 -41.82 -7.01
O6 NAG SB . 35.29 -39.83 -6.00
O7 NAG SB . 32.24 -45.80 -6.52
C1 NAG TB . -2.92 -85.84 12.72
C2 NAG TB . -2.69 -86.83 11.59
C3 NAG TB . -1.73 -87.94 12.05
C4 NAG TB . -0.46 -87.34 12.61
C5 NAG TB . -0.77 -86.33 13.70
C6 NAG TB . 0.44 -85.59 14.21
C7 NAG TB . -4.23 -87.56 9.83
C8 NAG TB . -5.57 -88.18 9.52
N2 NAG TB . -3.93 -87.41 11.13
O3 NAG TB . -1.42 -88.79 10.94
O4 NAG TB . 0.38 -88.36 13.16
O5 NAG TB . -1.67 -85.33 13.19
O6 NAG TB . 0.51 -84.27 13.71
O7 NAG TB . -3.46 -87.22 8.94
C1 NAG UB . -11.71 -103.88 21.90
C2 NAG UB . -10.45 -103.12 22.36
C3 NAG UB . -9.34 -103.32 21.35
C4 NAG UB . -9.09 -104.79 21.09
C5 NAG UB . -10.39 -105.48 20.69
C6 NAG UB . -10.25 -106.97 20.54
C7 NAG UB . -10.64 -101.11 23.74
C8 NAG UB . -10.98 -99.64 23.77
N2 NAG UB . -10.74 -101.71 22.56
O3 NAG UB . -8.15 -102.71 21.85
O4 NAG UB . -8.14 -104.95 20.05
O5 NAG UB . -11.39 -105.26 21.70
O6 NAG UB . -9.00 -107.32 19.97
O7 NAG UB . -10.31 -101.70 24.76
C1 NAG VB . -32.75 -130.29 -0.50
C2 NAG VB . -33.10 -131.50 -1.36
C3 NAG VB . -32.26 -132.71 -0.95
C4 NAG VB . -30.78 -132.35 -0.98
C5 NAG VB . -30.50 -131.11 -0.14
C6 NAG VB . -29.08 -130.63 -0.24
C7 NAG VB . -35.41 -131.49 -2.20
C8 NAG VB . -36.82 -131.88 -1.93
N2 NAG VB . -34.52 -131.81 -1.25
O3 NAG VB . -32.52 -133.79 -1.82
O4 NAG VB . -30.00 -133.44 -0.47
O5 NAG VB . -31.33 -130.03 -0.59
O6 NAG VB . -28.83 -129.98 -1.47
O7 NAG VB . -35.08 -130.90 -3.22
C1 NAG WB . -37.83 -125.08 13.90
C2 NAG WB . -36.91 -126.20 13.34
C3 NAG WB . -36.15 -126.88 14.47
C4 NAG WB . -35.39 -125.86 15.31
C5 NAG WB . -36.37 -124.83 15.85
C6 NAG WB . -35.69 -123.73 16.62
C7 NAG WB . -37.18 -127.86 11.55
C8 NAG WB . -38.13 -128.83 10.90
N2 NAG WB . -37.68 -127.17 12.59
O3 NAG WB . -35.23 -127.83 13.93
O4 NAG WB . -34.73 -126.51 16.39
O5 NAG WB . -37.05 -124.20 14.76
O6 NAG WB . -34.80 -122.99 15.80
O7 NAG WB . -36.03 -127.71 11.16
C1 NAG XB . -6.08 75.19 -29.18
C2 NAG XB . -5.28 76.39 -29.68
C3 NAG XB . -5.90 76.93 -30.97
C4 NAG XB . -6.02 75.81 -32.00
C5 NAG XB . -6.79 74.63 -31.41
C6 NAG XB . -6.84 73.44 -32.34
C7 NAG XB . -4.08 77.83 -28.09
C8 NAG XB . -4.21 78.92 -27.07
N2 NAG XB . -5.23 77.44 -28.67
O3 NAG XB . -5.08 77.97 -31.48
O4 NAG XB . -6.70 76.28 -33.15
O5 NAG XB . -6.14 74.18 -30.20
O6 NAG XB . -6.29 72.27 -31.72
O7 NAG XB . -3.01 77.32 -28.37
C1 NAG YB . -33.25 63.42 -5.91
C2 NAG YB . -34.39 62.62 -5.28
C3 NAG YB . -33.83 61.47 -4.46
C4 NAG YB . -32.89 60.62 -5.32
C5 NAG YB . -31.82 61.48 -5.95
C6 NAG YB . -30.94 60.72 -6.91
C7 NAG YB . -36.57 63.38 -4.46
C8 NAG YB . -37.28 64.33 -3.55
N2 NAG YB . -35.23 63.47 -4.47
O3 NAG YB . -34.90 60.67 -3.98
O4 NAG YB . -32.29 59.61 -4.51
O5 NAG YB . -32.42 62.54 -6.70
O6 NAG YB . -31.21 59.33 -6.89
O7 NAG YB . -37.17 62.57 -5.15
C1 NAG ZB . -21.42 42.29 -5.80
C2 NAG ZB . -20.56 42.45 -7.07
C3 NAG ZB . -19.19 41.81 -6.86
C4 NAG ZB . -18.53 42.34 -5.60
C5 NAG ZB . -19.47 42.15 -4.41
C6 NAG ZB . -18.91 42.76 -3.13
C7 NAG ZB . -20.95 42.23 -9.49
C8 NAG ZB . -21.75 41.53 -10.55
N2 NAG ZB . -21.23 41.87 -8.23
O3 NAG ZB . -18.36 42.07 -7.99
O4 NAG ZB . -17.31 41.64 -5.35
O5 NAG ZB . -20.71 42.81 -4.67
O6 NAG ZB . -19.76 42.48 -2.02
O7 NAG ZB . -20.10 43.06 -9.76
C1 NAG AC . -8.92 49.07 -13.65
C2 NAG AC . -8.46 47.69 -13.17
C3 NAG AC . -6.94 47.61 -13.16
C4 NAG AC . -6.37 47.99 -14.52
C5 NAG AC . -6.91 49.36 -14.96
C6 NAG AC . -6.49 49.73 -16.36
C7 NAG AC . -10.09 46.63 -11.67
C8 NAG AC . -10.50 46.43 -10.24
N2 NAG AC . -9.00 47.40 -11.85
O3 NAG AC . -6.53 46.30 -12.81
O4 NAG AC . -4.95 48.05 -14.45
O5 NAG AC . -8.35 49.34 -14.95
O6 NAG AC . -7.43 49.29 -17.32
O7 NAG AC . -10.70 46.13 -12.60
C1 NAG BC . -5.50 87.10 8.29
C2 NAG BC . -6.58 87.14 9.37
C3 NAG BC . -6.82 88.58 9.82
C4 NAG BC . -5.51 89.24 10.24
C5 NAG BC . -4.48 89.10 9.13
C6 NAG BC . -3.11 89.62 9.53
C7 NAG BC . -8.30 85.39 9.40
C8 NAG BC . -9.59 84.92 8.79
N2 NAG BC . -7.81 86.53 8.91
O3 NAG BC . -7.75 88.59 10.90
O4 NAG BC . -5.73 90.61 10.53
O5 NAG BC . -4.30 87.72 8.78
O6 NAG BC . -2.88 89.46 10.92
O7 NAG BC . -7.74 84.77 10.28
C1 NAG CC . 30.40 45.54 -47.02
C2 NAG CC . 31.76 45.22 -47.69
C3 NAG CC . 31.57 44.94 -49.21
C4 NAG CC . 30.54 43.84 -49.42
C5 NAG CC . 29.23 44.27 -48.76
C6 NAG CC . 28.13 43.23 -48.88
C7 NAG CC . 33.98 46.00 -46.97
C8 NAG CC . 34.25 44.57 -46.60
N2 NAG CC . 32.75 46.25 -47.48
O3 NAG CC . 32.83 44.56 -49.78
O4 NAG CC . 30.33 43.58 -50.80
O5 NAG CC . 29.42 44.51 -47.35
O6 NAG CC . 28.17 42.64 -50.17
O7 NAG CC . 34.81 46.87 -46.83
C1 NAG DC . 26.20 17.91 -53.45
C2 NAG DC . 26.03 19.39 -53.08
C3 NAG DC . 24.76 19.96 -53.71
C4 NAG DC . 24.72 19.68 -55.20
C5 NAG DC . 24.92 18.20 -55.47
C6 NAG DC . 25.00 17.86 -56.94
C7 NAG DC . 25.19 19.12 -50.75
C8 NAG DC . 25.44 19.50 -49.32
N2 NAG DC . 26.06 19.62 -51.64
O3 NAG DC . 24.69 21.35 -53.46
O4 NAG DC . 23.47 20.09 -55.75
O5 NAG DC . 26.15 17.75 -54.87
O6 NAG DC . 26.35 17.68 -57.36
O7 NAG DC . 24.26 18.39 -51.07
C1 NAG EC . 27.23 75.54 -35.80
C2 NAG EC . 28.67 75.68 -36.30
C3 NAG EC . 28.69 76.33 -37.67
C4 NAG EC . 27.79 75.56 -38.64
C5 NAG EC . 26.39 75.43 -38.06
C6 NAG EC . 25.47 74.57 -38.90
C7 NAG EC . 30.62 76.01 -34.84
C8 NAG EC . 31.32 76.93 -33.89
N2 NAG EC . 29.47 76.45 -35.35
O3 NAG EC . 30.02 76.35 -38.17
O4 NAG EC . 27.71 76.25 -39.88
O5 NAG EC . 26.46 74.81 -36.76
O6 NAG EC . 25.24 73.31 -38.31
O7 NAG EC . 31.08 74.91 -35.14
C1 NAG FC . 27.80 97.94 -36.53
C2 NAG FC . 27.00 97.05 -37.49
C3 NAG FC . 27.95 96.38 -38.49
C4 NAG FC . 28.82 97.41 -39.19
C5 NAG FC . 29.53 98.29 -38.17
C6 NAG FC . 30.31 99.42 -38.79
C7 NAG FC . 24.90 96.01 -36.79
C8 NAG FC . 24.27 94.91 -35.99
N2 NAG FC . 26.24 96.05 -36.77
O3 NAG FC . 27.19 95.65 -39.45
O4 NAG FC . 29.78 96.77 -40.02
O5 NAG FC . 28.57 98.89 -37.28
O6 NAG FC . 31.00 99.00 -39.95
O7 NAG FC . 24.23 96.82 -37.42
C1 NAG GC . 61.14 117.27 -25.97
C2 NAG GC . 62.47 118.02 -26.03
C3 NAG GC . 62.57 118.81 -27.34
C4 NAG GC . 62.33 117.89 -28.54
C5 NAG GC . 61.01 117.15 -28.37
C6 NAG GC . 60.77 116.13 -29.46
C7 NAG GC . 63.48 118.66 -23.89
C8 NAG GC . 63.52 119.68 -22.79
N2 NAG GC . 62.63 118.91 -24.89
O3 NAG GC . 63.86 119.40 -27.44
O4 NAG GC . 62.29 118.65 -29.73
O5 NAG GC . 61.00 116.44 -27.13
O6 NAG GC . 61.57 114.98 -29.28
O7 NAG GC . 64.19 117.66 -23.87
C1 NAG HC . 46.57 121.40 -20.78
C2 NAG HC . 45.09 120.99 -20.77
C3 NAG HC . 44.95 119.54 -21.22
C4 NAG HC . 45.61 119.33 -22.57
C5 NAG HC . 47.06 119.80 -22.52
C6 NAG HC . 47.74 119.75 -23.87
C7 NAG HC . 43.78 122.24 -19.11
C8 NAG HC . 43.26 122.28 -17.71
N2 NAG HC . 44.52 121.18 -19.44
O3 NAG HC . 43.55 119.22 -21.30
O4 NAG HC . 45.57 117.95 -22.92
O5 NAG HC . 47.11 121.18 -22.09
O6 NAG HC . 47.33 120.81 -24.72
O7 NAG HC . 43.54 123.14 -19.92
C1 NAG IC . 71.56 33.66 -17.23
C2 NAG IC . 71.79 34.81 -16.24
C3 NAG IC . 71.81 34.27 -14.81
C4 NAG IC . 70.54 33.47 -14.53
C5 NAG IC . 70.35 32.38 -15.59
C6 NAG IC . 69.06 31.61 -15.44
C7 NAG IC . 73.19 36.83 -16.35
C8 NAG IC . 74.52 37.39 -16.70
N2 NAG IC . 73.04 35.52 -16.52
O3 NAG IC . 71.89 35.35 -13.89
O4 NAG IC . 70.62 32.87 -13.25
O5 NAG IC . 70.35 32.96 -16.90
O6 NAG IC . 68.09 32.06 -16.38
O7 NAG IC . 72.27 37.54 -15.94
C1 NAG JC . 51.94 20.57 -47.73
C2 NAG JC . 51.34 19.73 -48.86
C3 NAG JC . 49.83 19.70 -48.75
C4 NAG JC . 49.41 19.20 -47.37
C5 NAG JC . 50.08 20.02 -46.28
C6 NAG JC . 49.84 19.47 -44.89
C7 NAG JC . 52.16 19.45 -51.16
C8 NAG JC . 52.55 20.14 -52.44
N2 NAG JC . 51.75 20.25 -50.16
O3 NAG JC . 49.30 18.85 -49.75
O4 NAG JC . 48.00 19.28 -47.22
O5 NAG JC . 51.51 20.03 -46.46
O6 NAG JC . 50.52 20.22 -43.90
O7 NAG JC . 52.23 18.24 -51.04
C1 NAG KC . 38.29 11.82 -30.64
C2 NAG KC . 37.27 12.59 -29.79
C3 NAG KC . 37.53 12.36 -28.31
C4 NAG KC . 37.58 10.87 -28.00
C5 NAG KC . 38.58 10.16 -28.91
C6 NAG KC . 38.58 8.66 -28.75
C7 NAG KC . 36.20 14.70 -30.43
C8 NAG KC . 36.41 16.15 -30.73
N2 NAG KC . 37.29 14.01 -30.11
O3 NAG KC . 36.52 12.98 -27.55
O4 NAG KC . 37.95 10.66 -26.64
O5 NAG KC . 38.26 10.42 -30.29
O6 NAG KC . 39.90 8.17 -28.49
O7 NAG KC . 35.09 14.18 -30.49
C1 NAG LC . 43.68 21.03 -18.19
C2 NAG LC . 42.71 19.97 -17.66
C3 NAG LC . 42.56 20.11 -16.14
C4 NAG LC . 43.93 20.07 -15.46
C5 NAG LC . 44.83 21.14 -16.06
C6 NAG LC . 46.24 21.09 -15.52
C7 NAG LC . 41.08 19.44 -19.42
C8 NAG LC . 39.70 19.69 -19.94
N2 NAG LC . 41.41 20.10 -18.30
O3 NAG LC . 41.75 19.05 -15.65
O4 NAG LC . 43.79 20.31 -14.07
O5 NAG LC . 44.93 20.94 -17.48
O6 NAG LC . 47.21 21.16 -16.57
O7 NAG LC . 41.86 18.68 -19.98
C1 NAG MC . 51.90 58.16 -39.61
C2 NAG MC . 53.19 58.18 -40.44
C3 NAG MC . 53.76 59.60 -40.48
C4 NAG MC . 52.71 60.58 -40.98
C5 NAG MC . 51.44 60.46 -40.13
C6 NAG MC . 50.31 61.31 -40.66
C7 NAG MC . 54.67 56.22 -40.59
C8 NAG MC . 55.68 55.37 -39.88
N2 NAG MC . 54.18 57.25 -39.90
O3 NAG MC . 54.90 59.62 -41.34
O4 NAG MC . 53.20 61.91 -40.89
O5 NAG MC . 50.97 59.10 -40.15
O6 NAG MC . 49.85 60.87 -41.92
O7 NAG MC . 54.32 55.99 -41.75
C1 NAG NC . 57.15 25.80 31.83
C2 NAG NC . 57.38 26.84 32.93
C3 NAG NC . 58.86 27.15 33.06
C4 NAG NC . 59.65 25.87 33.29
C5 NAG NC . 59.34 24.86 32.19
C6 NAG NC . 59.99 23.52 32.42
C7 NAG NC . 55.54 28.44 33.36
C8 NAG NC . 55.12 27.54 34.48
N2 NAG NC . 56.62 28.06 32.65
O3 NAG NC . 59.06 28.04 34.16
O4 NAG NC . 61.04 26.14 33.29
O5 NAG NC . 57.92 24.62 32.12
O6 NAG NC . 59.36 22.80 33.48
O7 NAG NC . 54.94 29.47 33.10
C1 NAG OC . 42.23 4.51 39.14
C2 NAG OC . 43.26 5.01 38.11
C3 NAG OC . 44.28 3.92 37.78
C4 NAG OC . 44.90 3.36 39.04
C5 NAG OC . 43.81 2.86 39.98
C6 NAG OC . 44.34 2.36 41.30
C7 NAG OC . 41.88 4.81 36.05
C8 NAG OC . 41.33 5.56 34.87
N2 NAG OC . 42.63 5.53 36.90
O3 NAG OC . 45.30 4.46 36.93
O4 NAG OC . 45.77 2.27 38.72
O5 NAG OC . 42.91 3.94 40.28
O6 NAG OC . 44.61 3.42 42.19
O7 NAG OC . 41.63 3.62 36.22
C1 NAG PC . 71.17 49.53 12.13
C2 NAG PC . 71.39 50.26 13.45
C3 NAG PC . 72.83 50.07 13.93
C4 NAG PC . 73.19 48.60 13.99
C5 NAG PC . 72.90 47.93 12.65
C6 NAG PC . 73.12 46.43 12.68
C7 NAG PC . 70.32 52.34 14.21
C8 NAG PC . 70.10 53.80 13.92
N2 NAG PC . 71.07 51.68 13.32
O3 NAG PC . 72.98 50.66 15.22
O4 NAG PC . 74.56 48.44 14.32
O5 NAG PC . 71.52 48.14 12.29
O6 NAG PC . 71.89 45.73 12.78
O7 NAG PC . 69.86 51.80 15.20
C1 NAG QC . 86.21 64.80 5.39
C2 NAG QC . 86.45 63.29 5.55
C3 NAG QC . 86.49 62.93 7.04
C4 NAG QC . 87.51 63.79 7.78
C5 NAG QC . 87.23 65.28 7.51
C6 NAG QC . 88.27 66.19 8.12
C7 NAG QC . 85.68 61.77 3.79
C8 NAG QC . 84.51 61.05 3.21
N2 NAG QC . 85.43 62.52 4.87
O3 NAG QC . 86.84 61.55 7.17
O4 NAG QC . 87.45 63.54 9.17
O5 NAG QC . 87.22 65.53 6.10
O6 NAG QC . 88.85 65.62 9.29
O7 NAG QC . 86.80 61.69 3.31
C1 NAG RC . 85.48 102.08 19.97
C2 NAG RC . 85.78 103.31 20.83
C3 NAG RC . 87.23 103.28 21.32
C4 NAG RC . 87.54 101.95 22.01
C5 NAG RC . 87.18 100.78 21.09
C6 NAG RC . 87.35 99.43 21.75
C7 NAG RC . 84.44 105.30 20.35
C8 NAG RC . 84.31 106.54 19.51
N2 NAG RC . 85.51 104.54 20.11
O3 NAG RC . 87.46 104.36 22.22
O4 NAG RC . 88.93 101.88 22.33
O5 NAG RC . 85.80 100.88 20.69
O6 NAG RC . 86.36 99.22 22.74
O7 NAG RC . 83.60 105.01 21.21
C1 NAG SC . 87.34 98.97 5.15
C2 NAG SC . 87.03 97.80 4.20
C3 NAG SC . 86.70 96.54 5.00
C4 NAG SC . 87.82 96.23 5.99
C5 NAG SC . 88.08 97.45 6.88
C6 NAG SC . 89.25 97.25 7.81
C7 NAG SC . 85.92 97.77 2.02
C8 NAG SC . 84.71 98.18 1.23
N2 NAG SC . 85.94 98.12 3.30
O3 NAG SC . 86.52 95.44 4.11
O4 NAG SC . 87.46 95.12 6.80
O5 NAG SC . 88.38 98.58 6.07
O6 NAG SC . 90.25 98.24 7.60
O7 NAG SC . 86.83 97.13 1.50
C1 NAG TC . 22.71 55.80 53.47
C2 NAG TC . 22.97 57.28 53.75
C3 NAG TC . 22.46 57.66 55.14
C4 NAG TC . 21.00 57.25 55.30
C5 NAG TC . 20.82 55.77 54.96
C6 NAG TC . 19.37 55.33 54.98
C7 NAG TC . 24.87 58.32 52.61
C8 NAG TC . 26.36 58.56 52.63
N2 NAG TC . 24.39 57.60 53.62
O3 NAG TC . 22.60 59.05 55.33
O4 NAG TC . 20.58 57.48 56.64
O5 NAG TC . 21.32 55.51 53.65
O6 NAG TC . 19.07 54.52 53.86
O7 NAG TC . 24.16 58.76 51.71
C1 NAG UC . 40.38 21.64 57.43
C2 NAG UC . 39.77 21.44 56.02
C3 NAG UC . 39.85 19.98 55.62
C4 NAG UC . 41.27 19.46 55.75
C5 NAG UC . 41.81 19.74 57.15
C6 NAG UC . 43.26 19.33 57.32
C7 NAG UC . 37.94 22.74 55.03
C8 NAG UC . 36.51 23.13 55.13
N2 NAG UC . 38.39 21.92 55.99
O3 NAG UC . 39.41 19.85 54.26
O4 NAG UC . 41.31 18.06 55.49
O5 NAG UC . 41.73 21.14 57.43
O6 NAG UC . 43.37 18.06 57.94
O7 NAG UC . 38.67 23.15 54.13
C1 NAG VC . 25.00 14.97 38.06
C2 NAG VC . 23.52 14.70 38.37
C3 NAG VC . 22.65 15.30 37.27
C4 NAG VC . 22.98 16.78 37.08
C5 NAG VC . 24.48 16.99 36.89
C6 NAG VC . 24.88 18.44 36.84
C7 NAG VC . 22.92 12.74 39.71
C8 NAG VC . 22.70 11.26 39.72
N2 NAG VC . 23.27 13.29 38.53
O3 NAG VC . 21.27 15.14 37.62
O4 NAG VC . 22.28 17.30 35.96
O5 NAG VC . 25.21 16.39 37.96
O6 NAG VC . 26.28 18.60 36.82
O7 NAG VC . 22.78 13.43 40.72
C1 NAG WC . 19.69 31.21 35.47
C2 NAG WC . 19.63 30.71 34.02
C3 NAG WC . 18.35 29.94 33.77
C4 NAG WC . 18.19 28.81 34.79
C5 NAG WC . 18.27 29.37 36.20
C6 NAG WC . 18.25 28.29 37.26
C7 NAG WC . 20.80 31.96 32.26
C8 NAG WC . 20.76 33.16 31.37
N2 NAG WC . 19.76 31.82 33.10
O3 NAG WC . 18.37 29.40 32.45
O4 NAG WC . 16.93 28.17 34.60
O5 NAG WC . 19.51 30.08 36.38
O6 NAG WC . 19.17 27.25 36.97
O7 NAG WC . 21.73 31.16 32.23
C1 NAG XC . 58.45 51.98 40.89
C2 NAG XC . 59.46 50.89 41.24
C3 NAG XC . 60.69 51.50 41.90
C4 NAG XC . 61.27 52.61 41.02
C5 NAG XC . 60.19 53.63 40.68
C6 NAG XC . 60.68 54.69 39.71
C7 NAG XC . 59.12 48.59 42.00
C8 NAG XC . 58.43 47.69 42.98
N2 NAG XC . 58.87 49.88 42.11
O3 NAG XC . 61.67 50.49 42.12
O4 NAG XC . 62.35 53.26 41.70
O5 NAG XC . 59.08 52.98 40.06
O6 NAG XC . 60.15 55.97 40.05
O7 NAG XC . 59.90 48.13 41.15
C1 NAG YC . -17.11 66.46 20.08
C2 NAG YC . -17.80 67.47 19.17
C3 NAG YC . -18.44 68.57 20.00
C4 NAG YC . -19.37 67.97 21.05
C5 NAG YC . -18.63 66.93 21.88
C6 NAG YC . -19.53 66.21 22.86
C7 NAG YC . -16.89 67.77 16.89
C8 NAG YC . -17.99 66.86 16.43
N2 NAG YC . -16.86 68.03 18.21
O3 NAG YC . -19.17 69.45 19.14
O4 NAG YC . -19.84 69.00 21.91
O5 NAG YC . -18.06 65.93 21.02
O6 NAG YC . -20.37 65.26 22.19
O7 NAG YC . -16.09 68.26 16.11
C1 NAG ZC . -30.97 40.86 12.29
C2 NAG ZC . -31.98 41.87 12.86
C3 NAG ZC . -32.14 41.70 14.37
C4 NAG ZC . -32.44 40.25 14.72
C5 NAG ZC . -31.40 39.32 14.10
C6 NAG ZC . -31.71 37.86 14.31
C7 NAG ZC . -30.54 43.90 12.88
C8 NAG ZC . -30.42 45.31 12.40
N2 NAG ZC . -31.65 43.25 12.51
O3 NAG ZC . -33.17 42.55 14.85
O4 NAG ZC . -32.44 40.07 16.13
O5 NAG ZC . -31.35 39.53 12.68
O6 NAG ZC . -32.82 37.43 13.53
O7 NAG ZC . -29.66 43.37 13.57
C1 NAG AD . 11.32 79.94 32.28
C2 NAG AD . 10.78 81.17 31.56
C3 NAG AD . 10.07 82.09 32.55
C4 NAG AD . 9.00 81.32 33.32
C5 NAG AD . 9.60 80.08 33.97
C6 NAG AD . 8.57 79.21 34.64
C7 NAG AD . 11.73 82.36 29.63
C8 NAG AD . 12.94 83.07 29.08
N2 NAG AD . 11.85 81.88 30.88
O3 NAG AD . 9.47 83.18 31.84
O4 NAG AD . 8.43 82.15 34.32
O5 NAG AD . 10.24 79.28 32.97
O6 NAG AD . 8.30 78.04 33.87
O7 NAG AD . 10.71 82.22 28.98
C1 NAG BD . 23.35 95.44 42.37
C2 NAG BD . 22.27 94.55 42.99
C3 NAG BD . 20.90 94.94 42.47
C4 NAG BD . 20.65 96.43 42.67
C5 NAG BD . 21.79 97.24 42.06
C6 NAG BD . 21.67 98.72 42.32
C7 NAG BD . 22.78 92.26 43.70
C8 NAG BD . 23.03 90.85 43.26
N2 NAG BD . 22.54 93.14 42.74
O3 NAG BD . 19.89 94.18 43.14
O4 NAG BD . 19.42 96.81 42.05
O5 NAG BD . 23.04 96.81 42.62
O6 NAG BD . 20.31 99.15 42.29
O7 NAG BD . 22.80 92.58 44.89
C1 NAG CD . 37.58 127.23 21.64
C2 NAG CD . 37.68 128.65 21.07
C3 NAG CD . 37.05 129.65 22.03
C4 NAG CD . 35.62 129.23 22.38
C5 NAG CD . 35.60 127.80 22.89
C6 NAG CD . 34.20 127.29 23.13
C7 NAG CD . 39.59 128.96 19.57
C8 NAG CD . 41.04 129.35 19.47
N2 NAG CD . 39.06 129.00 20.80
O3 NAG CD . 37.06 130.94 21.44
O4 NAG CD . 35.09 130.10 23.37
O5 NAG CD . 36.20 126.92 21.92
O6 NAG CD . 33.50 127.09 21.91
O7 NAG CD . 38.95 128.62 18.59
C1 NAG DD . 46.61 118.85 32.02
C2 NAG DD . 45.62 120.04 32.07
C3 NAG DD . 45.27 120.40 33.51
C4 NAG DD . 44.77 119.19 34.27
C5 NAG DD . 45.82 118.08 34.21
C6 NAG DD . 45.36 116.80 34.86
C7 NAG DD . 45.40 122.10 30.75
C8 NAG DD . 46.14 123.23 30.09
N2 NAG DD . 46.16 121.19 31.38
O3 NAG DD . 44.28 121.43 33.52
O4 NAG DD . 44.51 119.52 35.62
O5 NAG DD . 46.10 117.76 32.84
O6 NAG DD . 44.22 116.26 34.21
O7 NAG DD . 44.17 122.01 30.71
#